data_7D6N
#
_entry.id   7D6N
#
_cell.length_a   175.988
_cell.length_b   235.181
_cell.length_c   327.433
_cell.angle_alpha   90.000
_cell.angle_beta   90.000
_cell.angle_gamma   90.000
#
_symmetry.space_group_name_H-M   'P 21 21 21'
#
loop_
_entity.id
_entity.type
_entity.pdbx_description
1 polymer 'Tick-borne encephalitis virus RNA-dependent RNA polymerase'
2 non-polymer 'ZINC ION'
3 non-polymer 'MAGNESIUM ION'
#
_entity_poly.entity_id   1
_entity_poly.type   'polypeptide(L)'
_entity_poly.pdbx_seq_one_letter_code
;MCVVLAEDKVKEKDVQERISALREQYGETWHMDREHPYRTWQYWGSYRTAPTGSAASLINGVVKLLSWPWNAREDVVRMA
MTDTTAFGQQRVFKEKVDTKAQEPQPGTKVIMRAVNDWILERLARKSKPRMCSREEFIAKVKSNAALGAWSDEQNRWSSA
KEAVEDPAFWQLVDEERERHLAGRCAHCVYNMMGKREKKLGEFGVAKGSRAIWYMWLGSRFLEFEALGFLNEDHWASRGS
SGSGVEGISLNYLGWYLKGLSTLEGGLFYADDTAGWDTKVTNADLEDEEQLLRYMEGEHKQLAATIMQKAYHAKVVKVAR
PSRDGGCVMDVITRRDQRGSGQVVTYALNTLTNIKVQLIRMMEGEGVIEASDAHNPRLLRVERWLRDHGEERLGRMLVSG
DDCVVRPVDDRFSRALYFLNDMAKTRKDIGEWEHSVGFSNWEEVPFCSHHFHELVMKDGRALIVPCRDQDELVGRARVSP
GCGWSVRETACLSKAYGQMWLLSYFHRRDLRTLGLAICSAVPIDWVPTGRTTWSIHASGAWMTTEDMLDVWNRVWILDNP
FMHSKEKIVEWRDVPYLPKSHDMLCSSLVGRKERAEWAKNIWGAVEKVRKMIGQEKFKDYLSCMDRHDGSSSHHHHHH
;
_entity_poly.pdbx_strand_id   A,B,E,D,C,F,G,J,I,H
#
# COMPACT_ATOMS: atom_id res chain seq x y z
N ASP A 8 -42.39 -67.94 14.32
CA ASP A 8 -43.67 -67.66 13.67
C ASP A 8 -44.30 -66.37 14.22
N LYS A 9 -45.18 -65.78 13.41
CA LYS A 9 -45.95 -64.59 13.74
C LYS A 9 -47.16 -64.95 14.62
N VAL A 10 -47.80 -63.93 15.22
CA VAL A 10 -49.01 -64.12 16.03
C VAL A 10 -50.26 -63.61 15.32
N LYS A 11 -50.27 -62.33 14.95
CA LYS A 11 -51.36 -61.74 14.19
C LYS A 11 -50.97 -61.80 12.73
N GLU A 12 -51.87 -62.28 11.86
CA GLU A 12 -51.57 -62.24 10.43
C GLU A 12 -52.76 -62.61 9.54
N LYS A 13 -52.57 -62.38 8.24
CA LYS A 13 -53.52 -62.60 7.16
C LYS A 13 -53.90 -64.10 7.08
N ASP A 14 -54.85 -64.46 6.17
CA ASP A 14 -55.49 -65.79 6.21
C ASP A 14 -55.91 -66.46 4.88
N VAL A 15 -56.90 -65.93 4.18
CA VAL A 15 -57.51 -66.69 3.08
C VAL A 15 -57.76 -65.66 2.00
N GLN A 16 -57.44 -64.41 2.33
CA GLN A 16 -57.57 -63.30 1.41
C GLN A 16 -56.32 -63.21 0.55
N GLU A 17 -55.18 -63.52 1.19
CA GLU A 17 -53.91 -63.64 0.49
C GLU A 17 -53.86 -64.81 -0.50
N ARG A 18 -54.78 -65.80 -0.41
CA ARG A 18 -54.65 -67.06 -1.17
C ARG A 18 -54.67 -66.85 -2.68
N ILE A 19 -55.77 -66.32 -3.22
CA ILE A 19 -55.87 -66.15 -4.68
C ILE A 19 -54.69 -65.35 -5.20
N SER A 20 -54.17 -64.42 -4.37
CA SER A 20 -53.10 -63.50 -4.73
C SER A 20 -51.74 -64.20 -4.67
N ALA A 21 -51.43 -64.87 -3.53
CA ALA A 21 -50.23 -65.70 -3.47
C ALA A 21 -50.30 -66.84 -4.49
N LEU A 22 -51.49 -67.33 -4.81
CA LEU A 22 -51.59 -68.48 -5.70
C LEU A 22 -51.45 -68.05 -7.15
N ARG A 23 -50.69 -67.00 -7.46
CA ARG A 23 -50.06 -66.94 -8.76
C ARG A 23 -48.60 -67.46 -8.59
N GLU A 24 -48.47 -68.76 -8.80
CA GLU A 24 -47.17 -69.35 -9.06
C GLU A 24 -47.09 -69.31 -10.60
N GLN A 25 -46.78 -68.09 -11.10
CA GLN A 25 -46.34 -67.80 -12.46
C GLN A 25 -44.84 -67.64 -12.54
N TYR A 26 -44.18 -67.60 -11.39
CA TYR A 26 -42.77 -67.93 -11.27
C TYR A 26 -42.65 -69.39 -10.84
N GLY A 27 -43.48 -70.26 -11.41
CA GLY A 27 -43.49 -71.64 -10.98
C GLY A 27 -42.22 -72.39 -11.35
N GLU A 28 -41.56 -72.02 -12.47
CA GLU A 28 -40.33 -72.68 -12.86
C GLU A 28 -39.34 -72.73 -11.71
N THR A 29 -39.29 -71.67 -10.91
CA THR A 29 -38.29 -71.52 -9.86
C THR A 29 -38.91 -71.50 -8.47
N TRP A 30 -40.19 -71.80 -8.33
CA TRP A 30 -40.82 -71.70 -7.03
C TRP A 30 -40.21 -72.71 -6.08
N HIS A 31 -40.09 -72.35 -4.81
CA HIS A 31 -39.60 -73.32 -3.84
C HIS A 31 -39.86 -72.78 -2.44
N MET A 32 -39.26 -73.40 -1.44
CA MET A 32 -39.59 -72.97 -0.08
C MET A 32 -38.35 -73.08 0.81
N ASP A 33 -37.77 -71.93 1.14
CA ASP A 33 -36.46 -71.85 1.79
C ASP A 33 -36.66 -72.01 3.28
N ARG A 34 -36.43 -73.20 3.82
CA ARG A 34 -36.64 -73.40 5.25
C ARG A 34 -35.73 -72.49 6.08
N GLU A 35 -34.65 -71.98 5.48
CA GLU A 35 -33.73 -71.13 6.20
C GLU A 35 -34.06 -69.64 6.03
N HIS A 36 -35.36 -69.29 6.05
CA HIS A 36 -35.74 -67.93 5.73
C HIS A 36 -35.75 -67.05 6.99
N PRO A 37 -35.57 -65.74 6.82
CA PRO A 37 -35.31 -64.89 7.96
C PRO A 37 -36.52 -64.33 8.68
N TYR A 38 -37.71 -64.38 8.06
CA TYR A 38 -38.81 -63.51 8.47
C TYR A 38 -39.45 -63.99 9.76
N ARG A 39 -39.82 -63.03 10.61
CA ARG A 39 -40.27 -63.36 11.95
C ARG A 39 -41.68 -62.86 12.25
N THR A 40 -41.95 -61.57 12.09
CA THR A 40 -43.32 -61.09 12.23
C THR A 40 -44.02 -60.97 10.89
N TRP A 41 -43.34 -61.34 9.80
CA TRP A 41 -43.97 -61.48 8.51
C TRP A 41 -44.16 -62.99 8.27
N GLN A 42 -44.95 -63.34 7.28
CA GLN A 42 -45.27 -64.75 7.05
C GLN A 42 -44.66 -65.20 5.72
N TYR A 43 -43.85 -66.27 5.77
CA TYR A 43 -43.12 -66.76 4.60
C TYR A 43 -44.02 -67.71 3.82
N TRP A 44 -44.22 -67.42 2.53
CA TRP A 44 -45.05 -68.22 1.63
C TRP A 44 -44.28 -68.81 0.45
N GLY A 45 -42.96 -68.72 0.43
CA GLY A 45 -42.21 -69.23 -0.71
C GLY A 45 -41.41 -68.17 -1.41
N SER A 46 -40.73 -68.58 -2.48
CA SER A 46 -39.74 -67.73 -3.14
C SER A 46 -39.35 -68.30 -4.49
N TYR A 47 -38.68 -67.48 -5.29
CA TYR A 47 -38.37 -67.85 -6.67
C TYR A 47 -37.17 -67.05 -7.20
N ARG A 48 -36.43 -67.65 -8.14
CA ARG A 48 -35.20 -67.04 -8.63
C ARG A 48 -35.54 -65.79 -9.41
N THR A 49 -34.79 -64.73 -9.14
CA THR A 49 -34.96 -63.43 -9.79
C THR A 49 -33.57 -62.91 -10.15
N ALA A 50 -33.54 -62.06 -11.18
CA ALA A 50 -32.29 -61.45 -11.60
C ALA A 50 -31.70 -60.60 -10.48
N PRO A 51 -30.43 -60.81 -10.10
CA PRO A 51 -29.83 -60.00 -9.04
C PRO A 51 -29.50 -58.59 -9.52
N THR A 52 -29.87 -57.61 -8.71
CA THR A 52 -29.74 -56.23 -9.10
C THR A 52 -29.40 -55.41 -7.87
N GLY A 53 -28.95 -54.19 -8.10
CA GLY A 53 -28.58 -53.27 -7.04
C GLY A 53 -27.08 -53.08 -6.93
N SER A 54 -26.68 -52.05 -6.18
CA SER A 54 -25.26 -51.84 -5.98
C SER A 54 -25.00 -51.08 -4.69
N ALA A 55 -23.79 -51.24 -4.17
CA ALA A 55 -23.36 -50.52 -2.97
C ALA A 55 -22.34 -49.44 -3.28
N ALA A 56 -21.76 -49.46 -4.50
CA ALA A 56 -20.79 -48.47 -4.92
C ALA A 56 -21.50 -47.21 -5.34
N SER A 57 -20.96 -46.08 -4.92
CA SER A 57 -21.57 -44.78 -5.19
C SER A 57 -21.18 -44.25 -6.57
N LEU A 58 -22.17 -43.67 -7.26
CA LEU A 58 -21.96 -42.97 -8.52
C LEU A 58 -22.06 -41.47 -8.26
N ILE A 59 -21.07 -40.72 -8.75
CA ILE A 59 -20.98 -39.29 -8.46
C ILE A 59 -21.28 -38.51 -9.73
N ASN A 60 -22.20 -37.53 -9.62
CA ASN A 60 -22.46 -36.59 -10.71
C ASN A 60 -21.22 -35.72 -10.95
N GLY A 61 -20.67 -35.81 -12.16
CA GLY A 61 -19.41 -35.15 -12.43
C GLY A 61 -19.50 -33.64 -12.59
N VAL A 62 -20.60 -33.11 -13.13
CA VAL A 62 -20.64 -31.67 -13.31
C VAL A 62 -20.77 -30.99 -11.95
N VAL A 63 -21.56 -31.58 -11.05
CA VAL A 63 -21.67 -31.00 -9.73
C VAL A 63 -20.37 -31.18 -8.97
N LYS A 64 -19.68 -32.32 -9.16
CA LYS A 64 -18.37 -32.48 -8.53
C LYS A 64 -17.42 -31.39 -9.00
N LEU A 65 -17.35 -31.17 -10.33
CA LEU A 65 -16.46 -30.16 -10.88
C LEU A 65 -16.74 -28.77 -10.33
N LEU A 66 -18.00 -28.47 -10.07
CA LEU A 66 -18.29 -27.09 -9.72
C LEU A 66 -18.28 -26.81 -8.21
N SER A 67 -18.23 -27.85 -7.37
CA SER A 67 -18.37 -27.71 -5.91
C SER A 67 -17.29 -28.52 -5.20
N TRP A 68 -16.03 -28.22 -5.52
CA TRP A 68 -14.90 -29.05 -5.12
C TRP A 68 -14.47 -28.93 -3.64
N PRO A 69 -14.85 -27.88 -2.90
CA PRO A 69 -14.52 -27.89 -1.47
C PRO A 69 -15.37 -28.84 -0.68
N TRP A 70 -16.49 -29.27 -1.26
CA TRP A 70 -17.40 -30.20 -0.60
C TRP A 70 -16.91 -31.63 -0.70
N ASN A 71 -15.74 -31.85 -1.30
CA ASN A 71 -15.06 -33.13 -1.20
C ASN A 71 -14.66 -33.40 0.24
N ALA A 72 -14.00 -32.41 0.86
CA ALA A 72 -13.50 -32.55 2.22
C ALA A 72 -14.63 -32.88 3.19
N ARG A 73 -15.75 -32.17 3.09
CA ARG A 73 -16.81 -32.31 4.07
C ARG A 73 -17.36 -33.76 4.06
N GLU A 74 -17.76 -34.23 5.25
CA GLU A 74 -18.03 -35.64 5.48
C GLU A 74 -19.51 -36.02 5.29
N ASP A 75 -20.44 -35.14 5.70
CA ASP A 75 -21.87 -35.40 5.55
C ASP A 75 -22.40 -35.11 4.14
N VAL A 76 -21.52 -34.65 3.23
CA VAL A 76 -21.85 -34.52 1.81
C VAL A 76 -21.42 -35.76 1.01
N VAL A 77 -20.85 -36.78 1.67
CA VAL A 77 -20.50 -38.04 1.01
C VAL A 77 -21.38 -39.22 1.44
N ARG A 78 -22.01 -39.18 2.61
CA ARG A 78 -22.80 -40.31 3.12
C ARG A 78 -24.17 -40.45 2.44
N MET A 79 -24.55 -39.53 1.53
CA MET A 79 -25.81 -39.65 0.81
C MET A 79 -25.77 -40.73 -0.26
N ALA A 80 -24.58 -41.00 -0.81
CA ALA A 80 -24.34 -42.18 -1.65
C ALA A 80 -23.62 -43.27 -0.87
N MET A 81 -23.81 -43.31 0.43
CA MET A 81 -23.61 -44.51 1.23
C MET A 81 -24.85 -45.40 1.20
N THR A 82 -25.50 -45.49 0.03
CA THR A 82 -26.71 -46.27 -0.18
C THR A 82 -26.37 -47.73 -0.46
N ASP A 83 -27.42 -48.53 -0.67
CA ASP A 83 -27.25 -49.98 -0.79
C ASP A 83 -28.56 -50.51 -1.36
N THR A 84 -28.64 -50.56 -2.68
CA THR A 84 -29.77 -51.18 -3.35
C THR A 84 -29.54 -52.67 -3.55
N THR A 85 -28.55 -53.25 -2.90
CA THR A 85 -28.33 -54.66 -3.12
C THR A 85 -29.25 -55.45 -2.22
N ALA A 86 -29.71 -56.60 -2.73
CA ALA A 86 -30.57 -57.50 -1.98
C ALA A 86 -30.01 -57.75 -0.58
N PHE A 87 -28.72 -58.02 -0.50
CA PHE A 87 -28.11 -58.22 0.81
C PHE A 87 -28.33 -57.01 1.70
N GLY A 88 -28.13 -55.82 1.15
CA GLY A 88 -28.29 -54.62 1.96
C GLY A 88 -29.74 -54.38 2.33
N GLN A 89 -30.62 -54.36 1.33
CA GLN A 89 -32.04 -54.17 1.59
C GLN A 89 -32.55 -55.17 2.62
N GLN A 90 -32.01 -56.39 2.59
CA GLN A 90 -32.38 -57.38 3.58
C GLN A 90 -31.98 -56.92 4.98
N ARG A 91 -30.78 -56.33 5.12
CA ARG A 91 -30.36 -55.86 6.44
C ARG A 91 -31.28 -54.77 6.96
N VAL A 92 -31.65 -53.82 6.10
CA VAL A 92 -32.54 -52.73 6.52
C VAL A 92 -33.86 -53.33 6.99
N PHE A 93 -34.44 -54.20 6.15
CA PHE A 93 -35.68 -54.88 6.47
C PHE A 93 -35.61 -55.60 7.82
N LYS A 94 -34.56 -56.38 8.05
CA LYS A 94 -34.50 -57.10 9.32
C LYS A 94 -34.29 -56.15 10.52
N GLU A 95 -33.87 -54.91 10.31
CA GLU A 95 -33.68 -54.04 11.48
C GLU A 95 -34.88 -53.14 11.75
N LYS A 96 -35.52 -52.65 10.68
CA LYS A 96 -36.55 -51.63 10.78
C LYS A 96 -37.95 -52.09 10.35
N VAL A 97 -38.09 -53.01 9.39
CA VAL A 97 -39.42 -53.43 8.92
C VAL A 97 -40.00 -54.68 9.60
N ASP A 98 -39.18 -55.60 10.09
CA ASP A 98 -39.72 -56.86 10.60
C ASP A 98 -39.95 -56.77 12.11
N THR A 99 -40.93 -55.95 12.49
CA THR A 99 -41.43 -55.99 13.86
C THR A 99 -42.94 -55.92 13.87
N LYS A 100 -43.51 -55.89 15.08
CA LYS A 100 -44.95 -55.70 15.22
C LYS A 100 -45.25 -54.67 16.30
N ALA A 101 -45.94 -53.61 15.91
CA ALA A 101 -46.31 -52.56 16.84
C ALA A 101 -47.25 -53.09 17.90
N GLN A 102 -47.10 -52.58 19.13
CA GLN A 102 -48.02 -52.92 20.21
C GLN A 102 -49.34 -52.22 19.98
N GLU A 103 -50.37 -52.98 19.67
CA GLU A 103 -51.67 -52.39 19.44
C GLU A 103 -52.19 -51.78 20.73
N PRO A 104 -53.02 -50.76 20.62
CA PRO A 104 -53.43 -50.01 21.82
C PRO A 104 -54.53 -50.72 22.60
N GLN A 105 -54.60 -50.38 23.88
CA GLN A 105 -55.60 -50.97 24.77
C GLN A 105 -57.02 -50.54 24.36
N PRO A 106 -58.04 -51.26 24.85
CA PRO A 106 -59.38 -51.09 24.27
C PRO A 106 -60.00 -49.72 24.50
N GLY A 107 -59.76 -49.11 25.66
CA GLY A 107 -60.26 -47.76 25.87
C GLY A 107 -59.67 -46.79 24.86
N THR A 108 -58.33 -46.80 24.73
CA THR A 108 -57.65 -46.03 23.70
C THR A 108 -58.32 -46.18 22.35
N LYS A 109 -58.56 -47.43 21.93
CA LYS A 109 -59.20 -47.68 20.64
C LYS A 109 -60.53 -46.97 20.54
N VAL A 110 -61.21 -46.78 21.67
CA VAL A 110 -62.51 -46.12 21.62
C VAL A 110 -62.33 -44.62 21.41
N ILE A 111 -61.39 -44.00 22.13
CA ILE A 111 -61.06 -42.61 21.89
C ILE A 111 -60.61 -42.39 20.46
N MET A 112 -59.76 -43.29 19.97
CA MET A 112 -59.28 -43.20 18.60
C MET A 112 -60.42 -43.18 17.59
N ARG A 113 -61.35 -44.13 17.71
CA ARG A 113 -62.48 -44.14 16.78
C ARG A 113 -63.33 -42.88 16.91
N ALA A 114 -63.43 -42.34 18.13
CA ALA A 114 -64.24 -41.15 18.31
C ALA A 114 -63.65 -39.99 17.51
N VAL A 115 -62.37 -39.69 17.78
CA VAL A 115 -61.66 -38.62 17.09
C VAL A 115 -61.60 -38.86 15.59
N ASN A 116 -61.25 -40.10 15.18
CA ASN A 116 -61.16 -40.45 13.76
C ASN A 116 -62.46 -40.16 13.01
N ASP A 117 -63.58 -40.61 13.56
CA ASP A 117 -64.85 -40.49 12.85
C ASP A 117 -65.29 -39.05 12.83
N TRP A 118 -64.97 -38.31 13.90
CA TRP A 118 -65.17 -36.86 13.90
C TRP A 118 -64.44 -36.21 12.73
N ILE A 119 -63.24 -36.69 12.41
CA ILE A 119 -62.42 -36.04 11.39
C ILE A 119 -62.97 -36.34 10.01
N LEU A 120 -63.24 -37.62 9.71
CA LEU A 120 -63.83 -37.94 8.40
C LEU A 120 -65.17 -37.27 8.20
N GLU A 121 -65.93 -37.08 9.28
CA GLU A 121 -67.22 -36.43 9.14
C GLU A 121 -67.01 -35.04 8.60
N ARG A 122 -66.13 -34.29 9.27
CA ARG A 122 -65.74 -32.96 8.83
C ARG A 122 -65.34 -32.96 7.37
N LEU A 123 -64.35 -33.79 7.02
CA LEU A 123 -63.84 -33.84 5.66
C LEU A 123 -64.94 -34.14 4.67
N ALA A 124 -65.82 -35.08 5.01
CA ALA A 124 -66.79 -35.57 4.05
C ALA A 124 -67.82 -34.51 3.68
N ARG A 125 -68.32 -33.75 4.67
CA ARG A 125 -69.30 -32.72 4.38
C ARG A 125 -68.78 -31.68 3.37
N LYS A 126 -67.47 -31.44 3.30
CA LYS A 126 -66.98 -30.48 2.31
C LYS A 126 -67.03 -31.04 0.88
N SER A 127 -66.61 -32.29 0.70
CA SER A 127 -66.55 -32.91 -0.63
C SER A 127 -66.75 -34.40 -0.44
N LYS A 128 -67.76 -34.96 -1.09
CA LYS A 128 -68.09 -36.35 -0.85
C LYS A 128 -67.03 -37.25 -1.47
N PRO A 129 -66.88 -38.49 -0.96
CA PRO A 129 -66.10 -39.50 -1.68
C PRO A 129 -66.56 -39.64 -3.12
N ARG A 130 -65.69 -40.12 -3.99
CA ARG A 130 -66.05 -40.24 -5.39
C ARG A 130 -65.07 -41.17 -6.08
N MET A 131 -65.56 -41.79 -7.13
CA MET A 131 -64.74 -42.59 -8.02
C MET A 131 -64.00 -41.67 -9.00
N CYS A 132 -62.85 -42.13 -9.52
CA CYS A 132 -62.13 -41.36 -10.52
C CYS A 132 -62.04 -42.08 -11.86
N SER A 133 -61.94 -41.26 -12.92
CA SER A 133 -62.13 -41.73 -14.28
C SER A 133 -60.83 -42.18 -14.91
N ARG A 134 -60.96 -43.14 -15.82
CA ARG A 134 -59.80 -43.51 -16.64
C ARG A 134 -59.20 -42.30 -17.34
N GLU A 135 -60.06 -41.40 -17.87
CA GLU A 135 -59.56 -40.22 -18.58
C GLU A 135 -58.67 -39.35 -17.68
N GLU A 136 -58.89 -39.36 -16.37
CA GLU A 136 -58.07 -38.63 -15.40
C GLU A 136 -56.74 -39.35 -15.17
N PHE A 137 -56.80 -40.66 -14.87
CA PHE A 137 -55.59 -41.46 -14.77
C PHE A 137 -54.73 -41.26 -16.00
N ILE A 138 -55.36 -41.13 -17.16
CA ILE A 138 -54.66 -40.92 -18.41
C ILE A 138 -53.91 -39.60 -18.36
N ALA A 139 -54.65 -38.52 -18.07
CA ALA A 139 -54.03 -37.20 -17.92
C ALA A 139 -52.84 -37.26 -16.96
N LYS A 140 -53.06 -37.76 -15.73
CA LYS A 140 -51.94 -37.76 -14.77
C LYS A 140 -50.77 -38.58 -15.29
N VAL A 141 -51.04 -39.72 -15.91
CA VAL A 141 -49.93 -40.50 -16.47
C VAL A 141 -49.22 -39.65 -17.53
N LYS A 142 -50.00 -39.04 -18.45
CA LYS A 142 -49.50 -38.23 -19.58
C LYS A 142 -48.84 -36.94 -19.13
N SER A 143 -48.66 -36.74 -17.83
CA SER A 143 -47.86 -35.63 -17.32
C SER A 143 -46.73 -36.12 -16.44
N ASN A 144 -46.36 -37.39 -16.57
CA ASN A 144 -45.16 -37.95 -15.93
C ASN A 144 -45.15 -37.76 -14.42
N GLN A 154 -47.33 -58.32 -17.92
CA GLN A 154 -47.06 -57.51 -16.73
C GLN A 154 -46.06 -56.43 -17.10
N ASN A 155 -45.28 -56.74 -18.14
CA ASN A 155 -44.32 -55.80 -18.70
C ASN A 155 -44.21 -56.02 -20.20
N ARG A 156 -45.34 -55.85 -20.91
CA ARG A 156 -45.38 -55.92 -22.37
C ARG A 156 -45.30 -54.54 -23.04
N TRP A 157 -44.95 -53.49 -22.29
CA TRP A 157 -44.93 -52.09 -22.81
C TRP A 157 -43.67 -51.27 -22.43
N SER A 159 -43.09 -47.92 -21.44
CA SER A 159 -43.38 -46.67 -20.73
C SER A 159 -44.66 -46.74 -19.92
N ALA A 160 -44.99 -45.63 -19.25
CA ALA A 160 -46.30 -45.44 -18.63
C ALA A 160 -47.29 -44.88 -19.62
N LYS A 161 -46.91 -43.82 -20.34
CA LYS A 161 -47.72 -43.33 -21.44
C LYS A 161 -47.99 -44.46 -22.43
N GLU A 162 -46.98 -45.29 -22.70
CA GLU A 162 -47.16 -46.40 -23.63
C GLU A 162 -48.25 -47.35 -23.14
N ALA A 163 -48.28 -47.65 -21.84
CA ALA A 163 -49.17 -48.70 -21.35
C ALA A 163 -50.64 -48.28 -21.44
N VAL A 164 -50.93 -47.04 -21.09
CA VAL A 164 -52.31 -46.58 -20.96
C VAL A 164 -52.97 -46.39 -22.31
N GLU A 165 -52.22 -46.56 -23.39
CA GLU A 165 -52.75 -46.52 -24.75
C GLU A 165 -53.20 -47.89 -25.23
N ASP A 166 -52.36 -48.91 -25.02
CA ASP A 166 -52.63 -50.27 -25.49
C ASP A 166 -53.88 -50.83 -24.82
N PRO A 167 -54.96 -51.09 -25.56
CA PRO A 167 -56.19 -51.57 -24.92
C PRO A 167 -56.04 -52.92 -24.24
N ALA A 168 -54.98 -53.67 -24.56
CA ALA A 168 -54.70 -54.88 -23.80
C ALA A 168 -54.45 -54.55 -22.34
N PHE A 169 -53.80 -53.42 -22.08
CA PHE A 169 -53.59 -52.95 -20.70
C PHE A 169 -54.94 -52.81 -19.98
N TRP A 170 -55.82 -51.98 -20.54
CA TRP A 170 -57.12 -51.80 -19.93
C TRP A 170 -57.88 -53.12 -19.85
N GLN A 171 -57.74 -53.98 -20.86
CA GLN A 171 -58.38 -55.30 -20.77
C GLN A 171 -57.85 -56.09 -19.58
N LEU A 172 -56.63 -55.79 -19.13
CA LEU A 172 -56.08 -56.47 -17.96
C LEU A 172 -56.70 -55.92 -16.68
N VAL A 173 -56.76 -54.58 -16.54
CA VAL A 173 -57.32 -53.99 -15.34
C VAL A 173 -58.79 -54.41 -15.21
N ASP A 174 -59.49 -54.47 -16.35
CA ASP A 174 -60.87 -54.92 -16.41
C ASP A 174 -61.05 -56.28 -15.74
N GLU A 175 -60.12 -57.19 -15.99
CA GLU A 175 -60.18 -58.51 -15.39
C GLU A 175 -60.05 -58.43 -13.87
N GLU A 176 -58.99 -57.77 -13.40
CA GLU A 176 -58.80 -57.65 -11.96
C GLU A 176 -59.90 -56.76 -11.36
N ARG A 177 -60.34 -55.71 -12.08
CA ARG A 177 -61.40 -54.85 -11.54
C ARG A 177 -62.64 -55.68 -11.23
N GLU A 178 -63.06 -56.48 -12.22
CA GLU A 178 -64.21 -57.36 -12.08
C GLU A 178 -64.04 -58.31 -10.91
N ARG A 179 -62.80 -58.74 -10.65
CA ARG A 179 -62.54 -59.53 -9.46
C ARG A 179 -62.79 -58.71 -8.19
N HIS A 180 -62.34 -57.44 -8.18
CA HIS A 180 -62.51 -56.60 -7.00
C HIS A 180 -63.98 -56.38 -6.72
N LEU A 181 -64.76 -56.08 -7.77
CA LEU A 181 -66.22 -55.98 -7.60
C LEU A 181 -66.78 -57.21 -6.91
N ALA A 182 -66.24 -58.40 -7.24
CA ALA A 182 -66.68 -59.62 -6.60
C ALA A 182 -66.13 -59.75 -5.17
N GLY A 183 -65.16 -58.93 -4.78
CA GLY A 183 -64.55 -59.03 -3.48
C GLY A 183 -63.31 -59.94 -3.32
N ARG A 184 -62.58 -60.19 -4.39
CA ARG A 184 -61.29 -60.87 -4.30
C ARG A 184 -60.32 -60.08 -5.16
N CYS A 185 -59.01 -60.25 -4.91
CA CYS A 185 -58.07 -59.89 -5.96
C CYS A 185 -56.88 -60.84 -5.99
N ALA A 186 -56.27 -60.89 -7.17
CA ALA A 186 -55.25 -61.82 -7.55
C ALA A 186 -53.92 -61.15 -7.92
N HIS A 187 -53.86 -59.79 -8.03
CA HIS A 187 -52.71 -59.10 -8.60
C HIS A 187 -52.14 -57.96 -7.77
N CYS A 188 -52.56 -57.76 -6.51
CA CYS A 188 -52.40 -56.41 -5.97
C CYS A 188 -51.31 -56.59 -4.93
N VAL A 189 -50.10 -56.76 -5.46
CA VAL A 189 -48.93 -57.12 -4.68
C VAL A 189 -47.96 -55.96 -4.68
N TYR A 190 -47.15 -55.92 -3.64
CA TYR A 190 -46.16 -54.89 -3.40
C TYR A 190 -44.79 -55.40 -3.79
N ASN A 191 -44.03 -54.55 -4.45
CA ASN A 191 -42.59 -54.73 -4.61
C ASN A 191 -41.92 -53.82 -3.59
N MET A 192 -41.33 -54.39 -2.54
CA MET A 192 -40.83 -53.57 -1.42
C MET A 192 -39.84 -52.44 -1.79
N TRP A 213 -41.58 -49.90 -1.51
CA TRP A 213 -42.88 -50.56 -1.28
C TRP A 213 -44.00 -50.07 -2.27
N TYR A 214 -43.98 -50.55 -3.54
CA TYR A 214 -44.83 -50.03 -4.62
C TYR A 214 -45.35 -51.16 -5.54
N MET A 215 -46.25 -50.79 -6.46
CA MET A 215 -46.98 -51.70 -7.36
C MET A 215 -46.88 -51.34 -8.84
N TRP A 216 -47.63 -52.06 -9.68
CA TRP A 216 -47.61 -51.91 -11.13
C TRP A 216 -48.87 -51.21 -11.62
N LEU A 217 -48.81 -50.68 -12.85
CA LEU A 217 -49.84 -49.75 -13.36
C LEU A 217 -51.26 -50.22 -13.13
N GLY A 218 -51.54 -51.49 -13.41
CA GLY A 218 -52.89 -52.01 -13.27
C GLY A 218 -53.48 -51.77 -11.91
N SER A 219 -52.84 -52.32 -10.88
CA SER A 219 -53.33 -52.09 -9.52
C SER A 219 -53.18 -50.64 -9.12
N ARG A 220 -52.22 -49.91 -9.68
CA ARG A 220 -52.16 -48.50 -9.30
C ARG A 220 -53.37 -47.74 -9.80
N PHE A 221 -53.91 -48.11 -10.97
CA PHE A 221 -55.15 -47.47 -11.41
C PHE A 221 -56.32 -47.84 -10.51
N LEU A 222 -56.38 -49.08 -10.06
CA LEU A 222 -57.49 -49.49 -9.20
C LEU A 222 -57.51 -48.71 -7.89
N GLU A 223 -56.34 -48.49 -7.28
CA GLU A 223 -56.24 -47.59 -6.14
C GLU A 223 -56.78 -46.22 -6.50
N PHE A 224 -56.20 -45.61 -7.53
CA PHE A 224 -56.59 -44.27 -7.96
C PHE A 224 -58.09 -44.14 -8.19
N GLU A 225 -58.71 -45.21 -8.67
CA GLU A 225 -60.14 -45.15 -8.93
C GLU A 225 -60.93 -45.09 -7.63
N ALA A 226 -60.73 -46.08 -6.76
CA ALA A 226 -61.45 -46.09 -5.49
C ALA A 226 -61.06 -44.90 -4.61
N LEU A 227 -59.78 -44.82 -4.20
CA LEU A 227 -59.38 -43.86 -3.18
C LEU A 227 -58.72 -42.61 -3.72
N GLY A 228 -58.55 -42.48 -5.03
CA GLY A 228 -57.82 -41.33 -5.51
C GLY A 228 -58.50 -40.02 -5.22
N PHE A 229 -59.79 -40.04 -4.85
CA PHE A 229 -60.45 -38.78 -4.51
C PHE A 229 -59.72 -38.08 -3.38
N LEU A 230 -59.18 -38.84 -2.40
CA LEU A 230 -58.44 -38.21 -1.30
C LEU A 230 -57.38 -37.25 -1.81
N ASN A 231 -56.67 -37.62 -2.87
CA ASN A 231 -55.65 -36.74 -3.43
C ASN A 231 -56.25 -35.70 -4.36
N GLU A 232 -57.10 -36.13 -5.28
CA GLU A 232 -57.55 -35.23 -6.34
C GLU A 232 -58.59 -34.24 -5.85
N ASP A 233 -59.21 -34.50 -4.70
CA ASP A 233 -60.18 -33.60 -4.10
C ASP A 233 -59.61 -33.02 -2.81
N HIS A 234 -58.30 -33.17 -2.61
CA HIS A 234 -57.53 -32.41 -1.65
C HIS A 234 -58.11 -32.53 -0.25
N TRP A 235 -58.21 -33.77 0.20
CA TRP A 235 -58.75 -34.01 1.53
C TRP A 235 -57.76 -33.63 2.59
N ALA A 236 -56.48 -33.61 2.27
CA ALA A 236 -55.47 -33.24 3.23
C ALA A 236 -55.06 -31.77 3.13
N SER A 237 -55.82 -30.94 2.41
CA SER A 237 -55.49 -29.52 2.34
C SER A 237 -55.85 -28.83 3.65
N ARG A 238 -55.36 -27.59 3.80
CA ARG A 238 -55.70 -26.83 5.01
C ARG A 238 -57.16 -26.42 5.06
N GLY A 239 -57.77 -26.15 3.90
CA GLY A 239 -59.18 -25.84 3.90
C GLY A 239 -60.03 -27.02 4.32
N SER A 240 -59.61 -28.23 3.95
CA SER A 240 -60.48 -29.37 4.18
C SER A 240 -60.26 -30.00 5.54
N SER A 241 -59.01 -30.23 5.93
CA SER A 241 -58.70 -30.95 7.15
C SER A 241 -58.33 -30.03 8.30
N GLY A 242 -58.34 -28.72 8.09
CA GLY A 242 -58.00 -27.81 9.16
C GLY A 242 -56.53 -27.66 9.52
N SER A 243 -55.83 -28.77 9.68
CA SER A 243 -54.42 -28.72 10.02
C SER A 243 -53.47 -29.32 9.00
N GLY A 244 -53.98 -29.97 7.96
CA GLY A 244 -53.14 -30.33 6.83
C GLY A 244 -52.59 -29.11 6.13
N VAL A 245 -51.56 -29.35 5.32
CA VAL A 245 -50.92 -28.27 4.56
C VAL A 245 -50.73 -28.67 3.09
N GLU A 246 -51.40 -29.75 2.65
CA GLU A 246 -51.29 -30.16 1.26
C GLU A 246 -51.63 -29.03 0.30
N GLY A 247 -50.79 -28.88 -0.73
CA GLY A 247 -50.92 -27.81 -1.70
C GLY A 247 -50.08 -26.57 -1.44
N ILE A 248 -49.54 -26.40 -0.24
CA ILE A 248 -48.69 -25.27 0.07
C ILE A 248 -47.24 -25.66 -0.23
N SER A 249 -46.54 -24.84 -1.02
CA SER A 249 -45.15 -25.19 -1.26
C SER A 249 -44.28 -24.79 -0.09
N LEU A 250 -43.08 -25.38 -0.03
CA LEU A 250 -42.05 -24.88 0.88
C LEU A 250 -41.97 -23.37 0.87
N ASN A 251 -42.26 -22.76 -0.27
CA ASN A 251 -42.01 -21.34 -0.36
C ASN A 251 -43.06 -20.53 0.39
N TYR A 252 -44.21 -21.11 0.71
CA TYR A 252 -45.21 -20.41 1.52
C TYR A 252 -45.41 -20.99 2.91
N LEU A 253 -44.90 -22.20 3.18
CA LEU A 253 -45.12 -22.83 4.47
C LEU A 253 -44.69 -21.91 5.60
N GLY A 254 -43.63 -21.13 5.40
CA GLY A 254 -43.14 -20.30 6.48
C GLY A 254 -44.19 -19.34 6.99
N TRP A 255 -45.05 -18.84 6.10
CA TRP A 255 -46.09 -17.95 6.57
C TRP A 255 -46.99 -18.65 7.56
N TYR A 256 -47.18 -19.95 7.40
CA TYR A 256 -48.10 -20.68 8.27
C TYR A 256 -47.46 -20.91 9.62
N LEU A 257 -46.23 -21.44 9.62
CA LEU A 257 -45.47 -21.46 10.86
C LEU A 257 -45.56 -20.15 11.60
N LYS A 258 -45.22 -19.04 10.93
CA LYS A 258 -45.23 -17.76 11.63
C LYS A 258 -46.62 -17.44 12.16
N GLY A 259 -47.66 -17.71 11.38
CA GLY A 259 -49.01 -17.40 11.85
C GLY A 259 -49.38 -18.10 13.14
N LEU A 260 -48.89 -19.34 13.32
CA LEU A 260 -49.08 -20.06 14.56
C LEU A 260 -48.51 -19.33 15.77
N SER A 261 -47.50 -18.48 15.60
CA SER A 261 -46.94 -17.87 16.79
C SER A 261 -47.87 -16.83 17.36
N THR A 262 -48.81 -16.34 16.57
CA THR A 262 -49.72 -15.33 17.10
C THR A 262 -50.78 -15.93 18.01
N LEU A 263 -50.93 -17.25 18.06
CA LEU A 263 -51.97 -17.80 18.93
C LEU A 263 -51.53 -17.80 20.39
N GLU A 264 -52.53 -17.83 21.27
CA GLU A 264 -52.27 -18.05 22.68
C GLU A 264 -51.90 -19.51 22.85
N GLY A 265 -51.03 -19.80 23.77
CA GLY A 265 -50.77 -21.20 24.06
C GLY A 265 -49.36 -21.41 24.53
N GLY A 266 -48.91 -22.65 24.41
CA GLY A 266 -47.62 -23.05 24.94
C GLY A 266 -46.52 -22.97 23.91
N LEU A 267 -45.50 -23.79 24.10
CA LEU A 267 -44.43 -23.81 23.12
C LEU A 267 -44.86 -24.47 21.81
N PHE A 268 -44.07 -24.23 20.76
CA PHE A 268 -44.16 -25.06 19.57
C PHE A 268 -43.59 -26.43 19.91
N TYR A 269 -44.28 -27.49 19.52
CA TYR A 269 -43.78 -28.84 19.70
C TYR A 269 -43.63 -29.47 18.33
N ALA A 270 -42.56 -30.22 18.14
CA ALA A 270 -42.33 -30.76 16.80
C ALA A 270 -41.63 -32.11 16.87
N ASP A 271 -42.11 -32.97 17.77
CA ASP A 271 -41.59 -34.32 17.90
C ASP A 271 -41.82 -35.08 16.60
N ASP A 272 -40.94 -36.03 16.34
CA ASP A 272 -41.00 -36.83 15.13
C ASP A 272 -41.16 -38.27 15.55
N THR A 273 -41.98 -39.01 14.84
CA THR A 273 -42.12 -40.41 15.15
C THR A 273 -41.07 -41.22 14.42
N ALA A 274 -40.34 -42.02 15.18
CA ALA A 274 -39.44 -43.03 14.67
C ALA A 274 -40.15 -43.99 13.71
N GLY A 275 -39.87 -43.92 12.42
CA GLY A 275 -40.35 -44.91 11.47
C GLY A 275 -41.86 -45.06 11.35
N TRP A 276 -42.56 -43.94 11.19
CA TRP A 276 -44.02 -43.93 11.20
C TRP A 276 -44.65 -45.12 10.49
N ASP A 277 -44.25 -45.41 9.26
CA ASP A 277 -45.02 -46.38 8.51
C ASP A 277 -45.03 -47.75 9.19
N THR A 278 -43.99 -48.09 9.94
CA THR A 278 -44.04 -49.38 10.60
C THR A 278 -44.78 -49.34 11.91
N LYS A 279 -45.33 -48.19 12.29
CA LYS A 279 -46.10 -48.10 13.52
C LYS A 279 -47.59 -47.84 13.25
N VAL A 280 -48.00 -47.83 11.99
CA VAL A 280 -49.41 -47.75 11.65
C VAL A 280 -50.05 -49.07 12.07
N THR A 281 -50.79 -49.06 13.18
CA THR A 281 -51.28 -50.32 13.74
C THR A 281 -52.57 -50.75 13.05
N ASN A 282 -53.08 -51.90 13.49
CA ASN A 282 -54.34 -52.41 12.96
C ASN A 282 -55.49 -51.54 13.37
N ALA A 283 -55.47 -51.08 14.62
CA ALA A 283 -56.41 -50.05 15.07
C ALA A 283 -56.39 -48.88 14.09
N ASP A 284 -55.21 -48.37 13.79
CA ASP A 284 -55.08 -47.28 12.84
C ASP A 284 -55.75 -47.63 11.53
N LEU A 285 -55.41 -48.79 10.95
CA LEU A 285 -55.97 -49.14 9.65
C LEU A 285 -57.48 -49.29 9.70
N GLU A 286 -57.99 -49.98 10.74
CA GLU A 286 -59.44 -50.11 10.92
C GLU A 286 -60.12 -48.74 10.99
N ASP A 287 -59.57 -47.80 11.78
CA ASP A 287 -60.09 -46.43 11.78
C ASP A 287 -60.20 -45.85 10.38
N GLU A 288 -59.19 -46.01 9.53
CA GLU A 288 -59.29 -45.39 8.21
C GLU A 288 -60.24 -46.10 7.29
N GLU A 289 -60.53 -47.38 7.56
CA GLU A 289 -61.55 -48.08 6.79
C GLU A 289 -62.95 -47.53 7.04
N GLN A 290 -63.14 -46.76 8.12
CA GLN A 290 -64.38 -46.02 8.29
C GLN A 290 -64.61 -45.00 7.20
N LEU A 291 -63.64 -44.72 6.37
CA LEU A 291 -63.96 -43.93 5.21
C LEU A 291 -64.97 -44.64 4.31
N LEU A 292 -65.05 -45.98 4.39
CA LEU A 292 -65.90 -46.74 3.47
C LEU A 292 -67.37 -46.38 3.65
N ARG A 293 -67.76 -46.05 4.89
CA ARG A 293 -69.15 -45.77 5.24
C ARG A 293 -69.73 -44.65 4.38
N TYR A 294 -68.91 -43.71 3.93
CA TYR A 294 -69.43 -42.59 3.19
C TYR A 294 -69.57 -42.90 1.72
N MET A 295 -69.39 -44.17 1.32
CA MET A 295 -69.52 -44.60 -0.08
C MET A 295 -70.64 -45.61 -0.25
N GLU A 296 -70.99 -45.85 -1.51
CA GLU A 296 -72.05 -46.80 -1.81
C GLU A 296 -71.85 -47.36 -3.21
N GLY A 297 -72.67 -48.33 -3.57
CA GLY A 297 -72.63 -48.82 -4.93
C GLY A 297 -71.32 -49.53 -5.22
N GLU A 298 -70.98 -49.59 -6.51
CA GLU A 298 -69.72 -50.19 -6.93
C GLU A 298 -68.53 -49.49 -6.28
N HIS A 299 -68.66 -48.20 -6.01
CA HIS A 299 -67.57 -47.45 -5.40
C HIS A 299 -67.22 -47.97 -4.02
N LYS A 300 -68.22 -48.29 -3.20
CA LYS A 300 -67.94 -48.86 -1.91
C LYS A 300 -67.24 -50.20 -2.04
N GLN A 301 -67.55 -50.96 -3.09
CA GLN A 301 -66.94 -52.29 -3.19
C GLN A 301 -65.50 -52.16 -3.66
N LEU A 302 -65.32 -51.58 -4.85
CA LEU A 302 -64.02 -51.22 -5.40
C LEU A 302 -63.08 -50.69 -4.30
N ALA A 303 -63.59 -49.79 -3.47
CA ALA A 303 -62.78 -49.22 -2.39
C ALA A 303 -62.47 -50.24 -1.34
N ALA A 304 -63.44 -51.04 -0.93
CA ALA A 304 -63.18 -51.90 0.22
C ALA A 304 -62.18 -52.99 -0.12
N THR A 305 -62.20 -53.53 -1.34
CA THR A 305 -61.19 -54.51 -1.70
C THR A 305 -59.79 -53.88 -1.56
N ILE A 306 -59.57 -52.72 -2.19
CA ILE A 306 -58.31 -51.99 -1.99
C ILE A 306 -58.02 -51.79 -0.51
N MET A 307 -58.98 -51.23 0.25
CA MET A 307 -58.65 -50.91 1.63
C MET A 307 -58.41 -52.14 2.51
N GLN A 308 -59.11 -53.26 2.31
CA GLN A 308 -58.87 -54.33 3.27
C GLN A 308 -58.25 -55.58 2.67
N LYS A 309 -58.12 -55.70 1.36
CA LYS A 309 -57.31 -56.75 0.76
C LYS A 309 -55.90 -56.25 0.45
N ALA A 310 -55.78 -55.39 -0.57
CA ALA A 310 -54.49 -54.81 -0.94
C ALA A 310 -53.75 -54.21 0.24
N TYR A 311 -54.40 -53.35 1.04
CA TYR A 311 -53.71 -52.60 2.08
C TYR A 311 -53.66 -53.31 3.42
N HIS A 312 -54.69 -54.08 3.78
CA HIS A 312 -54.69 -54.68 5.11
C HIS A 312 -54.35 -56.16 5.09
N ALA A 313 -54.34 -56.79 3.92
CA ALA A 313 -53.88 -58.17 3.77
C ALA A 313 -52.78 -58.15 2.72
N LYS A 314 -51.59 -57.72 3.13
CA LYS A 314 -50.57 -57.34 2.19
C LYS A 314 -49.78 -58.55 1.73
N VAL A 315 -49.49 -58.58 0.44
CA VAL A 315 -48.63 -59.59 -0.15
C VAL A 315 -47.45 -58.82 -0.76
N VAL A 316 -46.25 -59.08 -0.25
CA VAL A 316 -45.06 -58.31 -0.58
C VAL A 316 -44.00 -59.20 -1.21
N LYS A 317 -43.37 -58.68 -2.27
CA LYS A 317 -42.22 -59.30 -2.94
C LYS A 317 -40.95 -58.63 -2.41
N VAL A 318 -40.05 -59.41 -1.84
CA VAL A 318 -38.82 -58.90 -1.26
C VAL A 318 -37.67 -59.68 -1.87
N ALA A 319 -36.63 -58.98 -2.31
CA ALA A 319 -35.49 -59.75 -2.78
C ALA A 319 -34.59 -60.16 -1.61
N ARG A 320 -33.79 -61.21 -1.83
CA ARG A 320 -32.91 -61.79 -0.82
C ARG A 320 -31.85 -62.57 -1.55
N PRO A 321 -30.59 -62.54 -1.11
CA PRO A 321 -29.55 -63.33 -1.79
C PRO A 321 -29.73 -64.83 -1.57
N SER A 322 -29.60 -65.59 -2.66
CA SER A 322 -29.64 -67.05 -2.59
C SER A 322 -28.23 -67.59 -2.34
N ARG A 323 -28.19 -68.78 -1.75
CA ARG A 323 -26.94 -69.49 -1.46
C ARG A 323 -26.30 -70.13 -2.70
N ASP A 324 -26.58 -69.67 -3.94
CA ASP A 324 -25.98 -70.30 -5.10
C ASP A 324 -25.45 -69.29 -6.11
N GLY A 325 -25.27 -68.03 -5.69
CA GLY A 325 -24.67 -67.02 -6.53
C GLY A 325 -25.64 -66.11 -7.23
N GLY A 326 -26.93 -66.24 -6.94
CA GLY A 326 -27.96 -65.48 -7.62
C GLY A 326 -28.95 -64.95 -6.61
N CYS A 327 -30.14 -64.64 -7.05
CA CYS A 327 -31.07 -63.93 -6.19
C CYS A 327 -32.44 -64.58 -6.19
N VAL A 328 -33.00 -64.78 -5.01
CA VAL A 328 -34.34 -65.28 -4.85
C VAL A 328 -35.27 -64.11 -4.50
N MET A 329 -36.57 -64.27 -4.75
CA MET A 329 -37.60 -63.33 -4.29
C MET A 329 -38.54 -64.03 -3.34
N ASP A 330 -38.61 -63.55 -2.11
CA ASP A 330 -39.55 -64.08 -1.13
C ASP A 330 -40.92 -63.43 -1.31
N VAL A 331 -41.97 -64.16 -0.93
CA VAL A 331 -43.34 -63.65 -0.92
C VAL A 331 -43.79 -63.70 0.52
N ILE A 332 -44.07 -62.54 1.11
CA ILE A 332 -44.39 -62.48 2.53
C ILE A 332 -45.73 -61.78 2.69
N THR A 333 -46.34 -61.95 3.87
CA THR A 333 -47.61 -61.30 4.15
C THR A 333 -47.61 -60.74 5.55
N ARG A 334 -48.54 -59.81 5.80
CA ARG A 334 -48.81 -59.29 7.13
C ARG A 334 -50.06 -58.43 7.08
N ARG A 335 -50.51 -57.99 8.26
CA ARG A 335 -51.72 -57.21 8.36
C ARG A 335 -51.44 -55.71 8.49
N ASP A 336 -50.78 -55.28 9.57
CA ASP A 336 -50.61 -53.86 9.89
C ASP A 336 -49.45 -53.24 9.11
N GLN A 337 -49.11 -52.00 9.47
CA GLN A 337 -48.06 -51.19 8.87
C GLN A 337 -48.60 -50.54 7.60
N ARG A 338 -48.01 -49.41 7.17
CA ARG A 338 -48.39 -48.79 5.90
C ARG A 338 -47.35 -49.02 4.83
N GLY A 339 -47.77 -49.57 3.71
CA GLY A 339 -46.94 -49.56 2.52
C GLY A 339 -46.66 -48.13 2.12
N SER A 340 -45.38 -47.77 2.02
CA SER A 340 -45.01 -46.39 1.75
C SER A 340 -45.38 -45.92 0.34
N GLY A 341 -45.60 -46.84 -0.60
CA GLY A 341 -45.90 -46.43 -1.95
C GLY A 341 -47.31 -46.75 -2.36
N GLN A 342 -48.24 -46.60 -1.44
CA GLN A 342 -49.67 -46.70 -1.76
C GLN A 342 -50.11 -45.38 -2.34
N VAL A 343 -51.11 -45.40 -3.22
CA VAL A 343 -51.55 -44.16 -3.87
C VAL A 343 -51.96 -43.11 -2.83
N VAL A 344 -52.43 -43.51 -1.66
CA VAL A 344 -52.91 -42.50 -0.71
C VAL A 344 -52.23 -42.56 0.66
N THR A 345 -50.96 -42.97 0.67
CA THR A 345 -50.18 -42.94 1.91
C THR A 345 -50.10 -41.53 2.50
N TYR A 346 -49.83 -40.50 1.68
CA TYR A 346 -49.71 -39.16 2.23
C TYR A 346 -50.99 -38.74 2.93
N ALA A 347 -52.13 -38.83 2.21
CA ALA A 347 -53.41 -38.43 2.78
C ALA A 347 -53.69 -39.21 4.05
N LEU A 348 -53.69 -40.54 3.97
CA LEU A 348 -54.04 -41.32 5.16
C LEU A 348 -53.10 -41.00 6.32
N ASN A 349 -51.79 -40.89 6.06
CA ASN A 349 -50.88 -40.60 7.16
C ASN A 349 -51.18 -39.24 7.75
N THR A 350 -51.59 -38.28 6.93
CA THR A 350 -51.96 -36.97 7.47
C THR A 350 -53.17 -37.10 8.36
N LEU A 351 -54.28 -37.60 7.82
CA LEU A 351 -55.48 -37.80 8.63
C LEU A 351 -55.16 -38.57 9.91
N THR A 352 -54.53 -39.76 9.79
CA THR A 352 -54.18 -40.54 10.97
C THR A 352 -53.30 -39.76 11.96
N ASN A 353 -52.39 -38.94 11.46
CA ASN A 353 -51.50 -38.28 12.41
C ASN A 353 -52.19 -37.08 13.04
N ILE A 354 -53.05 -36.39 12.29
CA ILE A 354 -53.96 -35.40 12.88
C ILE A 354 -54.64 -35.99 14.11
N LYS A 355 -55.23 -37.19 13.94
CA LYS A 355 -55.96 -37.84 15.02
C LYS A 355 -55.05 -38.07 16.21
N VAL A 356 -53.86 -38.64 15.97
CA VAL A 356 -52.89 -38.87 17.05
C VAL A 356 -52.59 -37.55 17.79
N GLN A 357 -52.34 -36.46 17.07
CA GLN A 357 -52.03 -35.23 17.78
C GLN A 357 -53.24 -34.69 18.52
N LEU A 358 -54.41 -34.75 17.90
CA LEU A 358 -55.64 -34.32 18.56
C LEU A 358 -55.86 -35.07 19.88
N ILE A 359 -55.51 -36.37 19.94
CA ILE A 359 -55.61 -37.13 21.17
C ILE A 359 -54.57 -36.66 22.18
N ARG A 360 -53.34 -36.47 21.72
CA ARG A 360 -52.31 -36.01 22.64
C ARG A 360 -52.71 -34.68 23.25
N MET A 361 -53.36 -33.82 22.45
CA MET A 361 -53.86 -32.55 22.97
C MET A 361 -54.82 -32.78 24.11
N MET A 362 -55.77 -33.70 23.90
CA MET A 362 -56.76 -34.03 24.93
C MET A 362 -56.11 -34.50 26.22
N GLU A 363 -55.20 -35.48 26.12
CA GLU A 363 -54.54 -35.94 27.35
C GLU A 363 -53.88 -34.79 28.10
N GLY A 364 -53.21 -33.89 27.39
CA GLY A 364 -52.47 -32.87 28.08
C GLY A 364 -53.35 -31.81 28.67
N GLU A 365 -54.51 -31.57 28.06
CA GLU A 365 -55.45 -30.61 28.61
C GLU A 365 -56.17 -31.17 29.83
N GLY A 366 -56.27 -32.49 29.91
CA GLY A 366 -56.96 -33.17 30.99
C GLY A 366 -58.24 -33.85 30.58
N VAL A 367 -58.61 -33.78 29.31
CA VAL A 367 -59.86 -34.41 28.91
C VAL A 367 -59.80 -35.92 29.06
N ILE A 368 -58.65 -36.55 28.82
CA ILE A 368 -58.52 -37.98 29.06
C ILE A 368 -57.29 -38.21 29.92
N GLU A 369 -57.25 -39.39 30.57
CA GLU A 369 -56.10 -39.80 31.37
C GLU A 369 -55.98 -41.30 31.32
N ALA A 370 -54.90 -41.80 31.96
CA ALA A 370 -54.51 -43.19 31.76
C ALA A 370 -55.63 -44.14 32.14
N SER A 371 -56.51 -43.72 33.07
CA SER A 371 -57.73 -44.44 33.37
C SER A 371 -58.47 -44.82 32.09
N ASP A 372 -58.63 -43.86 31.17
CA ASP A 372 -59.53 -44.06 30.02
C ASP A 372 -59.03 -45.13 29.09
N ALA A 373 -57.78 -45.53 29.22
CA ALA A 373 -57.32 -46.67 28.44
C ALA A 373 -58.15 -47.90 28.77
N HIS A 374 -58.65 -48.03 30.02
CA HIS A 374 -59.45 -49.19 30.48
C HIS A 374 -60.95 -48.97 30.24
N ASN A 375 -61.56 -48.05 30.97
CA ASN A 375 -62.98 -47.75 30.76
C ASN A 375 -63.09 -46.28 30.35
N PRO A 376 -63.22 -46.00 29.08
CA PRO A 376 -63.08 -44.62 28.61
C PRO A 376 -64.31 -43.78 28.82
N ARG A 377 -64.08 -42.50 29.09
CA ARG A 377 -65.15 -41.53 29.30
C ARG A 377 -65.53 -40.88 27.97
N LEU A 378 -66.15 -41.68 27.09
CA LEU A 378 -66.38 -41.23 25.71
C LEU A 378 -67.13 -39.90 25.62
N LEU A 379 -68.19 -39.70 26.41
CA LEU A 379 -68.90 -38.42 26.36
C LEU A 379 -67.97 -37.24 26.62
N ARG A 380 -66.93 -37.47 27.40
CA ARG A 380 -65.94 -36.43 27.68
C ARG A 380 -65.17 -36.03 26.42
N VAL A 381 -64.80 -37.00 25.58
CA VAL A 381 -64.03 -36.62 24.39
C VAL A 381 -64.97 -36.00 23.35
N GLU A 382 -66.21 -36.50 23.27
CA GLU A 382 -67.11 -35.98 22.24
C GLU A 382 -67.52 -34.54 22.55
N ARG A 383 -67.56 -34.15 23.83
CA ARG A 383 -67.85 -32.76 24.16
C ARG A 383 -66.71 -31.88 23.68
N TRP A 384 -65.48 -32.23 24.09
CA TRP A 384 -64.27 -31.53 23.67
C TRP A 384 -64.22 -31.32 22.16
N LEU A 385 -64.63 -32.33 21.38
CA LEU A 385 -64.61 -32.13 19.93
C LEU A 385 -65.68 -31.15 19.51
N ARG A 386 -66.88 -31.28 20.08
CA ARG A 386 -67.97 -30.37 19.78
C ARG A 386 -67.58 -28.95 20.12
N ASP A 387 -66.84 -28.78 21.21
CA ASP A 387 -66.59 -27.45 21.74
C ASP A 387 -65.26 -26.88 21.33
N HIS A 388 -64.25 -27.71 21.06
CA HIS A 388 -62.93 -27.18 20.75
C HIS A 388 -62.25 -27.75 19.52
N GLY A 389 -62.78 -28.81 18.90
CA GLY A 389 -62.08 -29.49 17.84
C GLY A 389 -61.66 -28.55 16.73
N GLU A 390 -62.61 -27.79 16.21
CA GLU A 390 -62.27 -26.87 15.13
C GLU A 390 -61.13 -25.95 15.50
N GLU A 391 -61.12 -25.46 16.74
CA GLU A 391 -60.03 -24.58 17.11
C GLU A 391 -58.74 -25.35 17.25
N ARG A 392 -58.77 -26.54 17.84
CA ARG A 392 -57.50 -27.24 17.98
C ARG A 392 -56.94 -27.57 16.62
N LEU A 393 -57.82 -27.79 15.63
CA LEU A 393 -57.35 -28.15 14.29
C LEU A 393 -56.45 -27.06 13.73
N GLY A 394 -56.79 -25.79 13.97
CA GLY A 394 -56.00 -24.74 13.39
C GLY A 394 -54.74 -24.43 14.11
N ARG A 395 -54.47 -25.15 15.19
CA ARG A 395 -53.30 -24.97 16.04
C ARG A 395 -52.11 -25.80 15.58
N MET A 396 -52.24 -26.54 14.48
CA MET A 396 -51.20 -27.46 14.07
C MET A 396 -51.05 -27.48 12.55
N LEU A 397 -49.82 -27.75 12.11
CA LEU A 397 -49.48 -28.03 10.72
C LEU A 397 -49.12 -29.52 10.67
N VAL A 398 -49.80 -30.30 9.83
CA VAL A 398 -49.53 -31.74 9.77
C VAL A 398 -49.38 -32.13 8.33
N SER A 399 -48.25 -32.69 7.98
CA SER A 399 -48.00 -33.08 6.61
C SER A 399 -47.49 -34.51 6.69
N GLY A 400 -48.32 -35.45 6.29
CA GLY A 400 -47.94 -36.84 6.50
C GLY A 400 -47.57 -37.11 7.95
N ASP A 401 -46.41 -37.67 8.18
CA ASP A 401 -46.03 -38.03 9.53
C ASP A 401 -45.36 -36.90 10.27
N ASP A 402 -45.14 -35.75 9.64
CA ASP A 402 -44.54 -34.61 10.32
C ASP A 402 -45.64 -33.70 10.85
N CYS A 403 -45.43 -33.16 12.04
CA CYS A 403 -46.30 -32.11 12.56
C CYS A 403 -45.46 -30.96 13.11
N VAL A 404 -46.15 -29.83 13.25
CA VAL A 404 -45.82 -28.74 14.16
C VAL A 404 -47.10 -28.51 14.93
N VAL A 405 -47.01 -28.50 16.26
CA VAL A 405 -48.18 -28.44 17.13
C VAL A 405 -48.01 -27.27 18.10
N ARG A 406 -49.02 -26.45 18.24
CA ARG A 406 -48.94 -25.37 19.22
C ARG A 406 -50.07 -25.53 20.24
N PRO A 407 -49.84 -26.32 21.29
CA PRO A 407 -50.91 -26.65 22.23
C PRO A 407 -51.26 -25.49 23.15
N VAL A 408 -52.42 -25.61 23.82
CA VAL A 408 -52.89 -24.50 24.66
C VAL A 408 -51.98 -24.23 25.83
N ASP A 409 -51.18 -25.19 26.26
CA ASP A 409 -50.12 -24.94 27.24
C ASP A 409 -49.22 -26.16 27.28
N ASP A 410 -48.10 -26.02 27.98
CA ASP A 410 -47.01 -26.98 27.80
C ASP A 410 -47.18 -28.26 28.59
N ARG A 411 -48.34 -28.46 29.23
CA ARG A 411 -48.66 -29.78 29.75
C ARG A 411 -48.48 -30.86 28.67
N PHE A 412 -48.74 -30.48 27.40
CA PHE A 412 -48.45 -31.29 26.23
C PHE A 412 -47.11 -32.01 26.31
N SER A 413 -46.06 -31.40 26.91
CA SER A 413 -44.75 -32.06 27.01
C SER A 413 -44.86 -33.40 27.72
N ARG A 414 -45.51 -33.41 28.88
CA ARG A 414 -45.58 -34.60 29.70
C ARG A 414 -46.64 -35.58 29.21
N ALA A 415 -47.49 -35.18 28.27
CA ALA A 415 -48.66 -35.98 27.90
C ALA A 415 -48.27 -37.16 26.99
N LEU A 416 -47.65 -38.16 27.58
CA LEU A 416 -47.13 -39.23 26.73
C LEU A 416 -47.87 -40.55 26.78
N TYR A 417 -48.90 -40.70 27.64
CA TYR A 417 -49.51 -42.01 27.82
C TYR A 417 -50.16 -42.51 26.54
N PHE A 418 -51.13 -41.78 26.00
CA PHE A 418 -51.80 -42.28 24.82
C PHE A 418 -50.91 -42.23 23.59
N LEU A 419 -49.89 -41.38 23.58
CA LEU A 419 -48.97 -41.40 22.46
C LEU A 419 -48.19 -42.70 22.43
N ASN A 420 -47.59 -43.07 23.57
CA ASN A 420 -46.89 -44.33 23.61
C ASN A 420 -47.86 -45.50 23.45
N ASP A 421 -49.08 -45.38 23.96
CA ASP A 421 -50.00 -46.51 23.87
C ASP A 421 -50.36 -46.79 22.41
N MET A 422 -50.54 -45.72 21.62
CA MET A 422 -50.87 -45.81 20.21
C MET A 422 -49.70 -46.23 19.33
N ALA A 423 -48.51 -46.41 19.92
CA ALA A 423 -47.25 -46.89 19.34
C ALA A 423 -46.44 -45.78 18.66
N LYS A 424 -46.91 -44.53 18.66
CA LYS A 424 -46.21 -43.46 17.95
C LYS A 424 -45.02 -42.99 18.79
N THR A 425 -44.08 -43.91 18.97
CA THR A 425 -42.89 -43.69 19.78
C THR A 425 -42.00 -42.59 19.18
N ARG A 426 -41.74 -41.55 19.97
CA ARG A 426 -40.95 -40.41 19.51
C ARG A 426 -39.49 -40.78 19.21
N LYS A 427 -38.91 -40.17 18.17
CA LYS A 427 -37.52 -40.39 17.81
C LYS A 427 -36.57 -39.75 18.79
N ASP A 428 -35.48 -40.45 19.09
CA ASP A 428 -34.31 -39.86 19.77
C ASP A 428 -34.71 -39.14 21.05
N ILE A 429 -35.34 -39.88 21.96
CA ILE A 429 -35.74 -39.38 23.28
C ILE A 429 -36.23 -40.57 24.09
N GLY A 430 -36.09 -40.50 25.42
CA GLY A 430 -36.59 -41.59 26.25
C GLY A 430 -38.10 -41.72 26.15
N GLU A 431 -38.57 -42.98 26.22
CA GLU A 431 -40.00 -43.24 26.05
C GLU A 431 -40.87 -42.36 26.94
N TRP A 432 -40.43 -42.07 28.15
CA TRP A 432 -41.26 -41.33 29.08
C TRP A 432 -40.65 -39.98 29.43
N GLU A 433 -39.66 -39.56 28.64
CA GLU A 433 -38.95 -38.31 28.82
C GLU A 433 -39.73 -37.17 28.20
N HIS A 434 -39.83 -36.05 28.92
CA HIS A 434 -40.67 -34.95 28.45
C HIS A 434 -40.23 -34.42 27.11
N SER A 435 -41.20 -33.99 26.30
CA SER A 435 -40.90 -33.45 24.98
C SER A 435 -40.44 -32.02 25.14
N VAL A 436 -39.36 -31.66 24.43
CA VAL A 436 -38.79 -30.32 24.46
C VAL A 436 -39.36 -29.49 23.32
N GLY A 437 -39.71 -28.24 23.63
CA GLY A 437 -40.39 -27.37 22.68
C GLY A 437 -39.60 -26.14 22.33
N PHE A 438 -40.20 -25.22 21.60
CA PHE A 438 -39.49 -24.05 21.08
C PHE A 438 -40.37 -22.84 21.21
N SER A 439 -39.82 -21.71 21.64
CA SER A 439 -40.63 -20.50 21.61
C SER A 439 -40.41 -19.67 20.35
N ASN A 440 -39.30 -19.86 19.65
CA ASN A 440 -39.09 -19.15 18.41
C ASN A 440 -39.53 -20.02 17.21
N TRP A 441 -40.57 -19.57 16.50
CA TRP A 441 -40.97 -20.29 15.29
C TRP A 441 -39.86 -20.42 14.28
N GLU A 442 -38.90 -19.50 14.26
CA GLU A 442 -37.83 -19.66 13.30
C GLU A 442 -36.89 -20.81 13.65
N GLU A 443 -37.14 -21.53 14.73
CA GLU A 443 -36.34 -22.67 15.14
C GLU A 443 -37.10 -24.00 15.01
N VAL A 444 -38.39 -23.95 14.73
CA VAL A 444 -39.24 -25.11 14.59
C VAL A 444 -38.95 -25.81 13.27
N PRO A 445 -38.60 -27.09 13.30
CA PRO A 445 -38.39 -27.83 12.07
C PRO A 445 -39.67 -28.42 11.51
N PHE A 446 -39.76 -28.37 10.17
CA PHE A 446 -40.94 -28.88 9.49
C PHE A 446 -40.53 -29.28 8.10
N CYS A 447 -40.87 -30.50 7.70
CA CYS A 447 -40.65 -30.92 6.34
C CYS A 447 -39.18 -30.74 5.96
N SER A 448 -38.29 -31.07 6.89
CA SER A 448 -36.85 -31.05 6.67
C SER A 448 -36.31 -29.64 6.56
N HIS A 449 -37.02 -28.63 7.02
CA HIS A 449 -36.60 -27.26 6.85
C HIS A 449 -36.81 -26.47 8.12
N HIS A 450 -36.18 -25.30 8.15
CA HIS A 450 -36.51 -24.25 9.09
C HIS A 450 -36.97 -23.08 8.24
N PHE A 451 -37.57 -22.09 8.85
CA PHE A 451 -38.02 -20.96 8.05
C PHE A 451 -37.57 -19.66 8.71
N HIS A 452 -36.96 -18.79 7.91
CA HIS A 452 -36.45 -17.51 8.38
C HIS A 452 -37.15 -16.40 7.67
N GLU A 453 -37.24 -15.25 8.34
CA GLU A 453 -37.86 -14.10 7.74
C GLU A 453 -36.76 -13.18 7.25
N LEU A 454 -36.86 -12.78 5.98
CA LEU A 454 -35.98 -11.83 5.32
C LEU A 454 -36.77 -10.62 4.89
N VAL A 455 -36.15 -9.45 5.02
CA VAL A 455 -36.76 -8.23 4.52
C VAL A 455 -35.96 -7.75 3.33
N MET A 456 -36.63 -7.47 2.23
CA MET A 456 -35.90 -7.14 1.03
C MET A 456 -35.40 -5.70 1.07
N LYS A 457 -34.71 -5.29 0.01
CA LYS A 457 -34.27 -3.91 -0.07
C LYS A 457 -35.45 -2.95 -0.14
N ASP A 458 -36.61 -3.38 -0.59
CA ASP A 458 -37.73 -2.47 -0.77
C ASP A 458 -38.67 -2.51 0.39
N GLY A 459 -38.34 -3.25 1.45
CA GLY A 459 -39.14 -3.26 2.65
C GLY A 459 -40.15 -4.39 2.74
N ARG A 460 -40.32 -5.21 1.70
CA ARG A 460 -41.25 -6.33 1.73
C ARG A 460 -40.58 -7.54 2.37
N ALA A 461 -41.36 -8.32 3.09
CA ALA A 461 -40.83 -9.45 3.84
C ALA A 461 -41.01 -10.76 3.09
N LEU A 462 -40.00 -11.60 3.17
CA LEU A 462 -40.07 -12.94 2.63
C LEU A 462 -39.90 -13.88 3.81
N ILE A 463 -40.48 -15.07 3.73
CA ILE A 463 -40.17 -16.10 4.71
C ILE A 463 -39.68 -17.28 3.92
N VAL A 464 -38.41 -17.61 4.08
CA VAL A 464 -37.77 -18.55 3.16
C VAL A 464 -37.43 -19.88 3.82
N PRO A 465 -37.54 -20.98 3.07
CA PRO A 465 -37.20 -22.30 3.61
C PRO A 465 -35.70 -22.49 3.58
N CYS A 466 -35.15 -22.96 4.68
CA CYS A 466 -33.72 -23.16 4.82
C CYS A 466 -33.42 -24.63 5.17
N ARG A 467 -32.19 -25.05 4.90
CA ARG A 467 -31.80 -26.45 5.09
C ARG A 467 -30.29 -26.50 5.13
N ASP A 468 -29.76 -27.61 5.63
CA ASP A 468 -28.30 -27.75 5.69
C ASP A 468 -27.70 -27.68 4.30
N GLN A 469 -26.77 -26.74 4.10
CA GLN A 469 -26.14 -26.59 2.79
C GLN A 469 -25.43 -27.87 2.36
N ASP A 470 -24.78 -28.54 3.30
CA ASP A 470 -24.05 -29.76 2.94
C ASP A 470 -25.01 -30.87 2.58
N GLU A 471 -26.20 -30.89 3.18
CA GLU A 471 -27.18 -31.91 2.84
C GLU A 471 -27.73 -31.70 1.44
N LEU A 472 -27.79 -30.46 0.98
CA LEU A 472 -28.42 -30.19 -0.32
C LEU A 472 -27.44 -30.37 -1.45
N VAL A 473 -26.19 -29.92 -1.27
CA VAL A 473 -25.16 -30.21 -2.27
C VAL A 473 -24.92 -31.71 -2.38
N GLY A 474 -24.92 -32.41 -1.24
CA GLY A 474 -24.57 -33.81 -1.23
C GLY A 474 -25.54 -34.67 -2.01
N ARG A 475 -26.84 -34.37 -1.92
CA ARG A 475 -27.79 -35.11 -2.73
C ARG A 475 -27.59 -34.82 -4.21
N ALA A 476 -27.17 -33.60 -4.55
CA ALA A 476 -26.94 -33.25 -5.95
C ALA A 476 -25.72 -33.95 -6.51
N ARG A 477 -24.72 -34.24 -5.66
CA ARG A 477 -23.56 -34.99 -6.11
C ARG A 477 -23.83 -36.47 -6.33
N VAL A 478 -25.02 -36.99 -6.10
CA VAL A 478 -25.30 -38.40 -6.27
C VAL A 478 -25.98 -38.61 -7.62
N SER A 479 -25.37 -39.45 -8.46
CA SER A 479 -25.94 -39.74 -9.77
C SER A 479 -26.96 -40.85 -9.66
N PRO A 480 -28.04 -40.80 -10.46
CA PRO A 480 -29.09 -41.82 -10.40
C PRO A 480 -28.56 -43.23 -10.61
N CYS A 482 -25.53 -45.38 -13.28
CA CYS A 482 -24.63 -45.28 -14.43
C CYS A 482 -25.40 -45.48 -15.75
N GLY A 483 -24.72 -45.25 -16.87
CA GLY A 483 -25.41 -45.17 -18.13
C GLY A 483 -26.05 -43.82 -18.37
N TRP A 484 -25.72 -42.84 -17.55
CA TRP A 484 -26.18 -41.47 -17.72
C TRP A 484 -25.12 -40.72 -18.50
N SER A 485 -25.48 -40.25 -19.70
CA SER A 485 -24.57 -39.57 -20.62
C SER A 485 -24.27 -38.17 -20.12
N VAL A 486 -23.19 -37.59 -20.66
CA VAL A 486 -22.79 -36.25 -20.24
C VAL A 486 -23.93 -35.27 -20.36
N ARG A 487 -24.82 -35.46 -21.35
CA ARG A 487 -25.95 -34.55 -21.46
C ARG A 487 -26.98 -34.84 -20.37
N GLU A 488 -27.31 -36.11 -20.13
CA GLU A 488 -28.34 -36.42 -19.15
C GLU A 488 -27.89 -35.98 -17.76
N THR A 489 -26.60 -36.12 -17.45
CA THR A 489 -26.13 -35.69 -16.14
C THR A 489 -26.04 -34.17 -16.03
N ALA A 490 -25.75 -33.48 -17.13
CA ALA A 490 -25.83 -32.02 -17.11
C ALA A 490 -27.25 -31.54 -16.84
N CYS A 491 -28.24 -32.19 -17.45
CA CYS A 491 -29.63 -31.80 -17.29
C CYS A 491 -30.08 -32.01 -15.86
N LEU A 492 -29.70 -33.12 -15.25
CA LEU A 492 -30.03 -33.35 -13.85
C LEU A 492 -29.45 -32.27 -12.97
N SER A 493 -28.27 -31.80 -13.30
CA SER A 493 -27.68 -30.78 -12.47
C SER A 493 -28.43 -29.45 -12.59
N LYS A 494 -28.79 -29.06 -13.80
CA LYS A 494 -29.60 -27.86 -13.96
C LYS A 494 -30.85 -27.93 -13.10
N ALA A 495 -31.49 -29.10 -13.03
CA ALA A 495 -32.63 -29.26 -12.14
C ALA A 495 -32.28 -28.82 -10.72
N TYR A 496 -31.19 -29.36 -10.16
CA TYR A 496 -30.80 -28.96 -8.82
C TYR A 496 -30.49 -27.46 -8.75
N GLY A 497 -29.74 -26.96 -9.72
CA GLY A 497 -29.37 -25.55 -9.72
C GLY A 497 -30.59 -24.65 -9.77
N GLN A 498 -31.51 -24.94 -10.69
CA GLN A 498 -32.73 -24.14 -10.82
C GLN A 498 -33.49 -24.16 -9.52
N MET A 499 -33.57 -25.33 -8.87
CA MET A 499 -34.33 -25.43 -7.62
C MET A 499 -33.68 -24.61 -6.53
N TRP A 500 -32.35 -24.67 -6.46
CA TRP A 500 -31.63 -23.88 -5.47
C TRP A 500 -31.95 -22.40 -5.63
N LEU A 501 -32.12 -21.95 -6.86
CA LEU A 501 -32.45 -20.55 -7.07
C LEU A 501 -33.87 -20.22 -6.62
N LEU A 502 -34.82 -21.17 -6.66
CA LEU A 502 -36.17 -20.85 -6.17
C LEU A 502 -36.25 -20.78 -4.67
N SER A 503 -35.54 -21.65 -3.98
CA SER A 503 -35.80 -21.84 -2.56
C SER A 503 -34.64 -21.51 -1.66
N TYR A 504 -33.41 -21.54 -2.15
CA TYR A 504 -32.25 -21.27 -1.33
C TYR A 504 -31.38 -20.19 -1.94
N PHE A 505 -31.99 -19.29 -2.72
CA PHE A 505 -31.30 -18.09 -3.18
C PHE A 505 -30.66 -17.30 -2.05
N HIS A 506 -31.14 -17.46 -0.81
CA HIS A 506 -30.68 -16.68 0.32
C HIS A 506 -29.41 -17.24 0.95
N ARG A 507 -28.86 -18.28 0.38
CA ARG A 507 -27.61 -18.92 0.79
C ARG A 507 -26.54 -18.54 -0.21
N ARG A 508 -25.60 -17.66 0.17
CA ARG A 508 -24.52 -17.28 -0.73
C ARG A 508 -23.93 -18.44 -1.51
N ASP A 509 -23.47 -19.46 -0.81
CA ASP A 509 -22.80 -20.56 -1.52
C ASP A 509 -23.72 -21.14 -2.60
N LEU A 510 -25.00 -21.30 -2.28
CA LEU A 510 -25.90 -21.97 -3.21
C LEU A 510 -26.32 -21.08 -4.39
N ARG A 511 -26.56 -19.78 -4.16
CA ARG A 511 -26.81 -18.90 -5.29
C ARG A 511 -25.67 -18.96 -6.28
N THR A 512 -24.44 -18.77 -5.78
CA THR A 512 -23.25 -18.91 -6.59
C THR A 512 -23.23 -20.23 -7.33
N LEU A 513 -23.45 -21.32 -6.61
CA LEU A 513 -23.31 -22.63 -7.21
C LEU A 513 -24.43 -22.90 -8.21
N GLY A 514 -25.62 -22.38 -7.99
CA GLY A 514 -26.71 -22.60 -8.91
C GLY A 514 -26.59 -21.73 -10.13
N LEU A 515 -26.15 -20.48 -9.93
CA LEU A 515 -25.85 -19.60 -11.05
C LEU A 515 -24.74 -20.16 -11.92
N ALA A 516 -23.69 -20.72 -11.30
CA ALA A 516 -22.64 -21.37 -12.08
C ALA A 516 -23.16 -22.56 -12.87
N ILE A 517 -24.02 -23.37 -12.27
CA ILE A 517 -24.52 -24.56 -12.97
C ILE A 517 -25.33 -24.12 -14.18
N CYS A 518 -26.13 -23.06 -14.01
CA CYS A 518 -26.90 -22.57 -15.13
C CYS A 518 -26.04 -21.89 -16.17
N SER A 519 -24.85 -21.44 -15.81
CA SER A 519 -23.96 -20.88 -16.82
C SER A 519 -23.14 -21.94 -17.52
N ALA A 520 -23.18 -23.17 -17.02
CA ALA A 520 -22.39 -24.25 -17.59
C ALA A 520 -23.22 -25.26 -18.34
N VAL A 521 -24.54 -25.18 -18.26
CA VAL A 521 -25.43 -26.11 -18.96
C VAL A 521 -26.17 -25.34 -20.05
N PRO A 522 -26.32 -25.92 -21.25
CA PRO A 522 -26.94 -25.20 -22.38
C PRO A 522 -28.29 -24.58 -22.06
N ILE A 523 -28.54 -23.43 -22.69
CA ILE A 523 -29.74 -22.65 -22.42
C ILE A 523 -30.99 -23.48 -22.63
N ASP A 524 -31.08 -24.19 -23.74
CA ASP A 524 -32.29 -24.92 -24.12
C ASP A 524 -32.27 -26.38 -23.69
N TRP A 525 -31.34 -26.81 -22.86
CA TRP A 525 -31.50 -28.13 -22.28
C TRP A 525 -32.49 -27.97 -21.14
N VAL A 526 -33.72 -28.40 -21.42
CA VAL A 526 -34.73 -28.62 -20.41
C VAL A 526 -34.18 -29.50 -19.28
N PRO A 527 -34.37 -29.12 -18.03
CA PRO A 527 -33.96 -29.98 -16.92
C PRO A 527 -34.82 -31.23 -16.77
N THR A 528 -34.21 -32.30 -16.23
CA THR A 528 -34.87 -33.59 -15.96
C THR A 528 -34.35 -34.18 -14.65
N GLY A 529 -35.20 -34.93 -13.97
CA GLY A 529 -34.75 -35.75 -12.85
C GLY A 529 -35.36 -35.40 -11.52
N ARG A 530 -35.30 -36.30 -10.53
CA ARG A 530 -35.87 -36.01 -9.22
C ARG A 530 -34.88 -35.22 -8.37
N THR A 531 -35.27 -34.01 -8.00
CA THR A 531 -34.50 -33.16 -7.09
C THR A 531 -34.95 -33.24 -5.63
N THR A 532 -36.25 -33.46 -5.39
CA THR A 532 -36.74 -33.68 -4.04
C THR A 532 -37.88 -34.70 -4.09
N TRP A 533 -38.14 -35.28 -2.91
CA TRP A 533 -39.23 -36.22 -2.72
C TRP A 533 -40.37 -35.65 -1.88
N SER A 534 -40.19 -34.45 -1.31
CA SER A 534 -41.25 -33.75 -0.59
C SER A 534 -42.45 -33.50 -1.49
N ILE A 535 -43.65 -33.52 -0.89
CA ILE A 535 -44.81 -33.26 -1.72
C ILE A 535 -45.15 -31.78 -1.60
N HIS A 536 -44.17 -30.99 -1.15
CA HIS A 536 -44.24 -29.54 -1.22
C HIS A 536 -43.29 -28.99 -2.28
N ALA A 537 -42.64 -29.86 -3.05
CA ALA A 537 -41.92 -29.49 -4.26
C ALA A 537 -42.86 -28.80 -5.25
N SER A 538 -42.61 -27.51 -5.55
CA SER A 538 -43.28 -26.90 -6.70
C SER A 538 -42.98 -27.70 -7.97
N GLY A 539 -41.72 -28.09 -8.17
CA GLY A 539 -41.21 -28.46 -9.47
C GLY A 539 -41.16 -27.32 -10.45
N ALA A 540 -41.45 -26.09 -9.99
CA ALA A 540 -41.57 -24.90 -10.82
C ALA A 540 -40.27 -24.55 -11.52
N TRP A 541 -39.18 -25.19 -11.12
CA TRP A 541 -37.84 -24.99 -11.65
C TRP A 541 -37.46 -25.94 -12.79
N MET A 542 -38.34 -26.89 -13.15
CA MET A 542 -38.06 -27.83 -14.23
C MET A 542 -38.48 -27.23 -15.57
N THR A 543 -38.44 -25.91 -15.64
CA THR A 543 -38.69 -25.13 -16.83
C THR A 543 -37.36 -24.74 -17.49
N THR A 544 -37.46 -24.23 -18.69
CA THR A 544 -36.34 -23.51 -19.27
C THR A 544 -36.63 -22.01 -19.33
N GLU A 545 -37.57 -21.54 -18.52
CA GLU A 545 -37.84 -20.10 -18.45
C GLU A 545 -36.72 -19.44 -17.66
N ASP A 546 -36.67 -18.09 -17.67
CA ASP A 546 -35.66 -17.39 -16.87
C ASP A 546 -35.86 -17.64 -15.37
N MET A 547 -34.78 -17.91 -14.63
CA MET A 547 -35.02 -18.27 -13.23
C MET A 547 -35.46 -17.06 -12.40
N LEU A 548 -34.95 -15.86 -12.69
CA LEU A 548 -35.55 -14.67 -12.07
C LEU A 548 -37.01 -14.56 -12.41
N ASP A 549 -37.38 -14.88 -13.63
CA ASP A 549 -38.77 -14.67 -13.95
C ASP A 549 -39.64 -15.61 -13.16
N VAL A 550 -39.19 -16.85 -12.91
CA VAL A 550 -40.03 -17.76 -12.13
C VAL A 550 -40.01 -17.31 -10.67
N TRP A 551 -38.87 -16.80 -10.20
CA TRP A 551 -38.77 -16.22 -8.86
C TRP A 551 -39.87 -15.20 -8.60
N ASN A 552 -39.96 -14.15 -9.45
CA ASN A 552 -41.05 -13.19 -9.30
C ASN A 552 -42.41 -13.88 -9.35
N ARG A 553 -42.56 -14.88 -10.19
CA ARG A 553 -43.86 -15.54 -10.27
C ARG A 553 -44.23 -16.15 -8.93
N VAL A 554 -43.29 -16.86 -8.28
CA VAL A 554 -43.70 -17.61 -7.10
C VAL A 554 -43.61 -16.74 -5.85
N TRP A 555 -42.59 -15.88 -5.74
CA TRP A 555 -42.35 -15.11 -4.53
C TRP A 555 -43.16 -13.83 -4.48
N ILE A 556 -43.67 -13.37 -5.62
CA ILE A 556 -44.37 -12.10 -5.65
C ILE A 556 -45.73 -12.20 -6.35
N LEU A 557 -45.72 -12.51 -7.63
CA LEU A 557 -46.97 -12.48 -8.40
C LEU A 557 -47.98 -13.45 -7.84
N ASP A 558 -47.59 -14.71 -7.65
CA ASP A 558 -48.53 -15.73 -7.21
C ASP A 558 -48.53 -15.91 -5.70
N ASN A 559 -47.54 -15.37 -4.98
CA ASN A 559 -47.50 -15.41 -3.52
C ASN A 559 -48.69 -14.69 -2.88
N PRO A 560 -49.59 -15.43 -2.22
CA PRO A 560 -50.79 -14.77 -1.67
C PRO A 560 -50.49 -13.89 -0.49
N PHE A 561 -49.30 -14.00 0.09
CA PHE A 561 -48.91 -13.13 1.18
C PHE A 561 -48.17 -11.87 0.74
N MET A 562 -47.99 -11.65 -0.55
CA MET A 562 -47.41 -10.40 -1.04
C MET A 562 -48.52 -9.46 -1.46
N HIS A 563 -48.81 -8.42 -0.66
CA HIS A 563 -49.83 -7.45 -1.08
C HIS A 563 -49.35 -6.66 -2.29
N SER A 564 -48.20 -6.00 -2.18
CA SER A 564 -47.60 -5.30 -3.31
C SER A 564 -46.99 -6.26 -4.32
N LYS A 565 -47.29 -6.04 -5.62
CA LYS A 565 -46.84 -6.95 -6.68
C LYS A 565 -45.77 -6.36 -7.58
N GLU A 566 -44.94 -5.45 -7.09
CA GLU A 566 -43.88 -4.88 -7.93
C GLU A 566 -42.79 -5.94 -8.13
N LYS A 567 -42.49 -6.27 -9.39
CA LYS A 567 -41.48 -7.29 -9.67
C LYS A 567 -40.07 -6.79 -9.36
N ILE A 568 -39.18 -7.71 -9.09
CA ILE A 568 -37.78 -7.39 -8.86
C ILE A 568 -37.02 -7.63 -10.14
N VAL A 569 -36.04 -6.76 -10.43
CA VAL A 569 -35.40 -6.71 -11.75
C VAL A 569 -34.08 -7.47 -11.82
N GLU A 570 -33.31 -7.51 -10.76
CA GLU A 570 -32.04 -8.22 -10.84
C GLU A 570 -31.73 -9.01 -9.58
N TRP A 571 -30.93 -10.07 -9.74
CA TRP A 571 -30.57 -10.90 -8.60
C TRP A 571 -29.88 -10.11 -7.50
N ARG A 572 -29.28 -8.98 -7.82
CA ARG A 572 -28.66 -8.14 -6.80
C ARG A 572 -29.68 -7.60 -5.81
N ASP A 573 -30.96 -7.67 -6.11
CA ASP A 573 -32.04 -7.14 -5.28
C ASP A 573 -32.83 -8.21 -4.54
N VAL A 574 -32.39 -9.46 -4.64
CA VAL A 574 -33.01 -10.57 -3.93
C VAL A 574 -32.16 -10.83 -2.69
N PRO A 575 -32.72 -10.78 -1.49
CA PRO A 575 -31.92 -10.81 -0.27
C PRO A 575 -31.19 -12.10 0.00
N TYR A 576 -30.41 -12.08 1.08
CA TYR A 576 -29.59 -13.18 1.55
C TYR A 576 -29.93 -13.40 3.03
N LEU A 577 -29.63 -14.58 3.58
CA LEU A 577 -29.72 -14.60 5.02
C LEU A 577 -28.65 -13.69 5.58
N PRO A 578 -28.82 -13.25 6.82
CA PRO A 578 -27.69 -12.67 7.55
C PRO A 578 -26.51 -13.63 7.55
N LYS A 579 -25.31 -13.08 7.34
CA LYS A 579 -24.10 -13.90 7.14
C LYS A 579 -23.86 -14.86 8.31
N SER A 580 -24.24 -14.46 9.54
CA SER A 580 -24.09 -15.33 10.70
C SER A 580 -24.89 -16.61 10.49
N HIS A 581 -26.15 -16.46 10.09
CA HIS A 581 -27.01 -17.60 9.80
C HIS A 581 -26.42 -18.46 8.68
N ASP A 582 -25.90 -17.83 7.61
CA ASP A 582 -25.29 -18.57 6.50
C ASP A 582 -24.24 -19.54 7.02
N MET A 583 -23.17 -19.03 7.64
CA MET A 583 -22.14 -19.88 8.27
C MET A 583 -22.74 -20.94 9.21
N LEU A 584 -23.73 -20.56 10.02
CA LEU A 584 -24.26 -21.46 11.06
C LEU A 584 -25.02 -22.64 10.46
N CYS A 585 -25.73 -22.44 9.34
CA CYS A 585 -26.39 -23.57 8.67
C CYS A 585 -25.40 -24.34 7.79
N SER A 586 -24.12 -24.32 8.19
CA SER A 586 -23.02 -25.07 7.56
C SER A 586 -22.63 -24.47 6.19
N SER A 587 -22.45 -23.15 6.16
CA SER A 587 -21.92 -22.50 4.96
C SER A 587 -20.39 -22.48 5.01
N LEU A 588 -19.80 -22.57 3.81
CA LEU A 588 -18.37 -22.42 3.65
C LEU A 588 -17.91 -20.97 3.73
N VAL A 589 -18.84 -20.01 3.63
CA VAL A 589 -18.55 -18.58 3.78
C VAL A 589 -17.61 -18.36 4.95
N GLY A 590 -16.43 -17.80 4.67
CA GLY A 590 -15.39 -17.66 5.68
C GLY A 590 -14.07 -18.29 5.27
N ARG A 591 -14.05 -19.61 5.07
CA ARG A 591 -12.81 -20.33 4.86
C ARG A 591 -12.09 -19.89 3.60
N LYS A 592 -10.76 -20.09 3.60
CA LYS A 592 -10.00 -19.95 2.37
C LYS A 592 -10.57 -20.85 1.28
N GLU A 593 -11.07 -22.03 1.68
CA GLU A 593 -11.74 -22.95 0.77
C GLU A 593 -12.83 -22.22 -0.03
N ARG A 594 -13.89 -21.76 0.65
CA ARG A 594 -14.98 -21.10 -0.06
C ARG A 594 -14.50 -19.86 -0.80
N ALA A 595 -13.65 -19.06 -0.17
CA ALA A 595 -13.13 -17.88 -0.84
C ALA A 595 -12.43 -18.27 -2.15
N GLU A 596 -11.50 -19.22 -2.09
CA GLU A 596 -10.77 -19.59 -3.31
C GLU A 596 -11.65 -20.36 -4.28
N TRP A 597 -12.66 -21.06 -3.79
CA TRP A 597 -13.59 -21.72 -4.70
C TRP A 597 -14.35 -20.67 -5.49
N ALA A 598 -14.86 -19.66 -4.80
CA ALA A 598 -15.61 -18.60 -5.46
C ALA A 598 -14.77 -17.89 -6.52
N LYS A 599 -13.50 -17.61 -6.22
CA LYS A 599 -12.63 -16.98 -7.21
C LYS A 599 -12.54 -17.85 -8.47
N ASN A 600 -12.04 -19.06 -8.32
CA ASN A 600 -11.70 -19.90 -9.47
C ASN A 600 -12.89 -20.63 -10.05
N ILE A 601 -14.11 -20.12 -9.89
CA ILE A 601 -15.24 -20.96 -10.23
C ILE A 601 -15.55 -20.87 -11.71
N TRP A 602 -15.13 -19.80 -12.37
CA TRP A 602 -15.39 -19.76 -13.80
C TRP A 602 -14.56 -20.80 -14.53
N GLY A 603 -13.32 -21.03 -14.07
CA GLY A 603 -12.53 -22.10 -14.64
C GLY A 603 -13.28 -23.41 -14.65
N ALA A 604 -14.01 -23.69 -13.57
CA ALA A 604 -14.82 -24.88 -13.51
C ALA A 604 -15.90 -24.82 -14.57
N VAL A 605 -16.58 -23.68 -14.66
CA VAL A 605 -17.69 -23.57 -15.60
C VAL A 605 -17.21 -23.81 -17.02
N GLU A 606 -16.06 -23.22 -17.39
CA GLU A 606 -15.54 -23.40 -18.73
C GLU A 606 -15.21 -24.87 -19.03
N LYS A 607 -14.68 -25.60 -18.05
CA LYS A 607 -14.43 -27.02 -18.23
C LYS A 607 -15.71 -27.77 -18.59
N VAL A 608 -16.80 -27.49 -17.88
CA VAL A 608 -18.05 -28.19 -18.14
C VAL A 608 -18.55 -27.86 -19.54
N ARG A 609 -18.37 -26.61 -19.97
CA ARG A 609 -18.77 -26.19 -21.31
C ARG A 609 -17.97 -26.94 -22.35
N LYS A 610 -16.64 -26.89 -22.24
CA LYS A 610 -15.77 -27.65 -23.13
C LYS A 610 -16.14 -29.12 -23.10
N MET A 611 -16.39 -29.67 -21.91
CA MET A 611 -16.88 -31.04 -21.81
C MET A 611 -18.13 -31.27 -22.63
N ILE A 612 -19.01 -30.28 -22.71
CA ILE A 612 -20.32 -30.46 -23.32
C ILE A 612 -20.33 -30.13 -24.81
N GLY A 613 -19.50 -29.19 -25.24
CA GLY A 613 -19.41 -29.00 -26.68
C GLY A 613 -19.90 -27.68 -27.19
N GLN A 614 -20.22 -27.65 -28.48
CA GLN A 614 -20.58 -26.40 -29.15
C GLN A 614 -22.09 -26.24 -28.98
N GLU A 615 -22.48 -25.67 -27.85
CA GLU A 615 -23.89 -25.42 -27.56
C GLU A 615 -24.08 -23.96 -27.15
N LYS A 616 -25.32 -23.54 -26.92
CA LYS A 616 -25.57 -22.14 -26.57
C LYS A 616 -25.55 -21.97 -25.05
N PHE A 617 -24.57 -21.24 -24.55
CA PHE A 617 -24.41 -20.95 -23.14
C PHE A 617 -24.71 -19.48 -22.89
N LYS A 618 -25.08 -19.15 -21.67
CA LYS A 618 -25.25 -17.75 -21.31
C LYS A 618 -24.55 -17.52 -19.97
N ASP A 619 -24.32 -16.27 -19.62
CA ASP A 619 -23.50 -15.96 -18.44
C ASP A 619 -24.35 -15.37 -17.31
N TYR A 620 -24.78 -16.25 -16.40
CA TYR A 620 -25.54 -15.83 -15.23
C TYR A 620 -24.70 -15.59 -14.00
N LEU A 621 -23.48 -16.11 -13.94
CA LEU A 621 -22.67 -15.87 -12.77
C LEU A 621 -22.33 -14.39 -12.65
N SER A 622 -22.03 -13.74 -13.76
CA SER A 622 -21.54 -12.36 -13.71
C SER A 622 -22.58 -11.37 -13.26
N CYS A 623 -23.85 -11.74 -13.36
CA CYS A 623 -24.90 -10.83 -12.96
C CYS A 623 -25.02 -10.88 -11.44
N MET A 624 -23.91 -11.09 -10.77
CA MET A 624 -23.77 -10.87 -9.34
C MET A 624 -22.93 -9.63 -9.08
N ASP A 625 -23.07 -8.61 -9.95
CA ASP A 625 -22.16 -7.48 -10.10
C ASP A 625 -20.70 -7.95 -9.99
N ARG A 626 -20.36 -8.96 -10.80
CA ARG A 626 -19.03 -9.58 -10.77
C ARG A 626 -18.50 -9.83 -12.18
N ASP B 8 -55.61 -26.57 55.60
CA ASP B 8 -54.38 -27.05 54.98
C ASP B 8 -53.16 -26.18 55.32
N LYS B 9 -53.42 -24.94 55.77
CA LYS B 9 -52.40 -23.96 56.16
C LYS B 9 -52.29 -23.92 57.69
N VAL B 10 -51.41 -23.05 58.20
CA VAL B 10 -51.25 -22.83 59.63
C VAL B 10 -51.56 -21.38 60.03
N LYS B 11 -51.16 -20.41 59.20
CA LYS B 11 -51.61 -19.03 59.38
C LYS B 11 -52.68 -18.69 58.37
N GLU B 12 -53.86 -18.33 58.86
CA GLU B 12 -55.05 -18.11 58.05
C GLU B 12 -55.67 -16.76 58.39
N LYS B 13 -56.63 -16.39 57.58
CA LYS B 13 -57.44 -15.21 57.79
C LYS B 13 -58.72 -15.70 58.47
N ASP B 14 -59.74 -14.86 58.60
CA ASP B 14 -60.94 -15.33 59.29
C ASP B 14 -62.34 -14.95 58.76
N VAL B 15 -62.65 -13.67 58.58
CA VAL B 15 -64.09 -13.43 58.52
C VAL B 15 -64.07 -12.03 57.93
N GLN B 16 -62.85 -11.56 57.74
CA GLN B 16 -62.51 -10.35 57.00
C GLN B 16 -62.55 -10.62 55.52
N GLU B 17 -62.59 -11.90 55.16
CA GLU B 17 -62.77 -12.38 53.81
C GLU B 17 -64.24 -12.52 53.42
N ARG B 18 -65.13 -12.81 54.38
CA ARG B 18 -66.49 -13.29 54.08
C ARG B 18 -67.22 -12.41 53.06
N ILE B 19 -67.39 -11.11 53.34
CA ILE B 19 -68.10 -10.25 52.40
C ILE B 19 -67.42 -10.28 51.03
N SER B 20 -66.08 -10.08 51.01
CA SER B 20 -65.30 -10.25 49.79
C SER B 20 -65.46 -11.67 49.21
N ALA B 21 -65.02 -12.70 49.95
CA ALA B 21 -65.02 -14.08 49.44
C ALA B 21 -66.43 -14.54 49.03
N LEU B 22 -67.44 -13.66 49.21
CA LEU B 22 -68.85 -13.96 48.95
C LEU B 22 -69.39 -12.90 47.99
N ARG B 23 -68.81 -12.85 46.82
CA ARG B 23 -69.40 -12.13 45.72
C ARG B 23 -69.22 -13.19 44.61
N GLU B 24 -69.94 -14.28 44.84
CA GLU B 24 -70.33 -15.21 43.79
C GLU B 24 -71.34 -14.48 42.90
N GLN B 25 -70.84 -13.43 42.25
CA GLN B 25 -71.31 -12.92 41.00
C GLN B 25 -70.73 -13.75 39.86
N TYR B 26 -69.71 -14.55 40.17
CA TYR B 26 -69.12 -15.59 39.34
C TYR B 26 -69.76 -16.93 39.67
N GLY B 27 -71.03 -16.88 40.13
CA GLY B 27 -71.69 -18.05 40.66
C GLY B 27 -72.11 -19.04 39.60
N GLU B 28 -72.13 -18.62 38.33
CA GLU B 28 -72.51 -19.54 37.27
C GLU B 28 -71.65 -20.77 37.32
N THR B 29 -70.33 -20.56 37.39
CA THR B 29 -69.42 -21.68 37.33
C THR B 29 -68.68 -21.89 38.63
N TRP B 30 -69.08 -21.19 39.69
CA TRP B 30 -68.46 -21.42 40.96
C TRP B 30 -68.47 -22.92 41.27
N HIS B 31 -67.32 -23.43 41.70
CA HIS B 31 -67.23 -24.81 42.17
C HIS B 31 -66.12 -24.92 43.19
N MET B 32 -65.69 -26.15 43.48
CA MET B 32 -64.85 -26.38 44.64
C MET B 32 -63.92 -27.54 44.30
N ASP B 33 -62.80 -27.21 43.67
CA ASP B 33 -61.90 -28.23 43.10
C ASP B 33 -61.12 -28.90 44.22
N ARG B 34 -61.63 -30.04 44.70
CA ARG B 34 -61.01 -30.79 45.78
C ARG B 34 -59.54 -31.14 45.46
N GLU B 35 -59.14 -30.97 44.20
CA GLU B 35 -57.75 -31.21 43.85
C GLU B 35 -57.00 -29.94 43.44
N HIS B 36 -56.88 -28.96 44.34
CA HIS B 36 -56.14 -27.72 44.12
C HIS B 36 -54.73 -27.83 44.69
N PRO B 37 -53.85 -26.87 44.39
CA PRO B 37 -52.45 -27.03 44.82
C PRO B 37 -52.03 -26.20 46.03
N TYR B 38 -52.90 -25.29 46.49
CA TYR B 38 -52.49 -24.30 47.47
C TYR B 38 -52.21 -24.91 48.84
N ARG B 39 -51.01 -24.70 49.34
CA ARG B 39 -50.59 -25.29 50.58
C ARG B 39 -50.39 -24.27 51.70
N THR B 40 -49.96 -23.06 51.39
CA THR B 40 -49.91 -22.02 52.40
C THR B 40 -50.90 -20.91 52.11
N TRP B 41 -51.75 -21.09 51.14
CA TRP B 41 -52.82 -20.14 50.87
C TRP B 41 -54.11 -20.90 51.09
N GLN B 42 -55.13 -20.21 51.54
CA GLN B 42 -56.41 -20.84 51.83
C GLN B 42 -57.32 -20.73 50.61
N TYR B 43 -57.90 -21.87 50.21
CA TYR B 43 -58.73 -21.99 49.01
C TYR B 43 -60.20 -21.79 49.33
N TRP B 44 -60.89 -21.06 48.49
CA TRP B 44 -62.30 -20.82 48.70
C TRP B 44 -63.19 -21.22 47.53
N GLY B 45 -62.62 -21.73 46.45
CA GLY B 45 -63.40 -22.10 45.27
C GLY B 45 -62.83 -21.50 44.00
N SER B 46 -63.36 -22.01 42.89
CA SER B 46 -62.86 -21.78 41.54
C SER B 46 -64.02 -21.43 40.61
N TYR B 47 -63.75 -20.68 39.56
CA TYR B 47 -64.78 -20.41 38.58
C TYR B 47 -64.16 -20.23 37.20
N ARG B 48 -64.74 -20.87 36.16
CA ARG B 48 -64.10 -20.95 34.84
C ARG B 48 -63.97 -19.57 34.18
N THR B 49 -62.97 -19.47 33.30
CA THR B 49 -62.66 -18.20 32.66
C THR B 49 -61.97 -18.43 31.32
N ALA B 50 -61.78 -17.32 30.61
CA ALA B 50 -61.13 -17.21 29.31
C ALA B 50 -59.68 -17.63 29.43
N PRO B 51 -59.24 -18.77 28.87
CA PRO B 51 -57.81 -19.07 28.87
C PRO B 51 -57.06 -18.00 28.09
N THR B 52 -55.89 -17.65 28.60
CA THR B 52 -55.14 -16.50 28.15
C THR B 52 -53.65 -16.83 28.24
N GLY B 53 -52.83 -16.00 27.60
CA GLY B 53 -51.39 -16.08 27.75
C GLY B 53 -50.71 -16.85 26.63
N SER B 54 -49.40 -16.67 26.52
CA SER B 54 -48.67 -17.42 25.52
C SER B 54 -47.26 -17.68 26.03
N ALA B 55 -46.61 -18.65 25.38
CA ALA B 55 -45.24 -19.03 25.67
C ALA B 55 -44.31 -18.74 24.50
N ALA B 56 -44.86 -18.61 23.30
CA ALA B 56 -44.07 -18.27 22.13
C ALA B 56 -43.64 -16.84 22.26
N SER B 57 -42.42 -16.57 21.81
CA SER B 57 -41.86 -15.24 21.84
C SER B 57 -42.22 -14.47 20.56
N LEU B 58 -42.56 -13.19 20.75
CA LEU B 58 -42.81 -12.25 19.66
C LEU B 58 -41.71 -11.18 19.63
N ILE B 59 -41.13 -10.95 18.47
CA ILE B 59 -40.00 -10.06 18.39
C ILE B 59 -40.39 -8.74 17.72
N ASN B 60 -39.86 -7.66 18.24
CA ASN B 60 -39.88 -6.35 17.62
C ASN B 60 -39.18 -6.41 16.28
N GLY B 61 -39.96 -6.30 15.22
CA GLY B 61 -39.40 -6.36 13.89
C GLY B 61 -38.39 -5.26 13.63
N VAL B 62 -38.69 -4.02 14.00
CA VAL B 62 -37.76 -3.00 13.55
C VAL B 62 -36.52 -2.99 14.45
N VAL B 63 -36.62 -3.47 15.67
CA VAL B 63 -35.41 -3.53 16.47
C VAL B 63 -34.51 -4.65 15.99
N LYS B 64 -35.10 -5.79 15.60
CA LYS B 64 -34.27 -6.91 15.18
C LYS B 64 -33.51 -6.55 13.91
N LEU B 65 -34.17 -5.88 12.97
CA LEU B 65 -33.53 -5.51 11.72
C LEU B 65 -32.35 -4.56 11.95
N LEU B 66 -32.43 -3.67 12.94
CA LEU B 66 -31.31 -2.76 13.16
C LEU B 66 -30.24 -3.35 14.09
N SER B 67 -30.58 -4.29 14.96
CA SER B 67 -29.65 -4.90 15.91
C SER B 67 -29.25 -6.35 15.54
N TRP B 68 -29.14 -6.67 14.23
CA TRP B 68 -29.06 -8.06 13.76
C TRP B 68 -27.87 -8.91 14.20
N PRO B 69 -26.76 -8.37 14.72
CA PRO B 69 -25.71 -9.28 15.21
C PRO B 69 -26.05 -9.82 16.57
N TRP B 70 -27.09 -9.31 17.18
CA TRP B 70 -27.53 -9.80 18.48
C TRP B 70 -28.48 -10.98 18.36
N ASN B 71 -28.72 -11.46 17.14
CA ASN B 71 -29.59 -12.64 16.95
C ASN B 71 -29.02 -13.86 17.66
N ALA B 72 -27.72 -14.11 17.50
CA ALA B 72 -27.10 -15.32 18.06
C ALA B 72 -27.13 -15.31 19.58
N ARG B 73 -26.82 -14.16 20.20
CA ARG B 73 -26.58 -14.09 21.64
C ARG B 73 -27.72 -14.70 22.45
N GLU B 74 -27.35 -15.46 23.47
CA GLU B 74 -28.33 -16.14 24.31
C GLU B 74 -28.80 -15.29 25.49
N ASP B 75 -28.21 -14.11 25.71
CA ASP B 75 -28.71 -13.19 26.73
C ASP B 75 -29.68 -12.15 26.19
N VAL B 76 -29.77 -12.00 24.87
CA VAL B 76 -30.80 -11.15 24.26
C VAL B 76 -31.98 -11.98 23.75
N VAL B 77 -31.79 -13.29 23.52
CA VAL B 77 -32.82 -14.15 22.93
C VAL B 77 -33.56 -14.99 23.97
N ARG B 78 -32.97 -15.22 25.15
CA ARG B 78 -33.66 -15.86 26.27
C ARG B 78 -34.44 -14.86 27.11
N MET B 79 -34.42 -13.58 26.74
CA MET B 79 -35.26 -12.57 27.37
C MET B 79 -36.67 -12.61 26.83
N ALA B 80 -36.95 -13.55 25.94
CA ALA B 80 -38.21 -13.69 25.25
C ALA B 80 -39.13 -14.71 25.90
N MET B 81 -38.55 -15.68 26.59
CA MET B 81 -39.22 -16.81 27.20
C MET B 81 -39.99 -16.39 28.46
N THR B 82 -40.95 -15.47 28.32
CA THR B 82 -41.90 -15.17 29.38
C THR B 82 -43.14 -16.00 29.07
N ASP B 83 -43.31 -17.07 29.84
CA ASP B 83 -44.51 -17.89 29.79
C ASP B 83 -45.58 -17.20 30.60
N THR B 84 -46.63 -16.71 29.95
CA THR B 84 -47.73 -16.09 30.68
C THR B 84 -49.03 -16.87 30.50
N THR B 85 -48.91 -18.17 30.26
CA THR B 85 -50.07 -19.02 30.25
C THR B 85 -50.42 -19.32 31.68
N ALA B 86 -51.69 -19.58 31.94
CA ALA B 86 -52.09 -19.96 33.29
C ALA B 86 -51.18 -21.04 33.83
N PHE B 87 -50.89 -22.06 33.00
CA PHE B 87 -50.00 -23.12 33.45
C PHE B 87 -48.61 -22.60 33.78
N GLY B 88 -48.15 -21.59 33.06
CA GLY B 88 -46.85 -21.01 33.33
C GLY B 88 -46.92 -20.23 34.63
N GLN B 89 -47.86 -19.29 34.69
CA GLN B 89 -48.07 -18.53 35.91
C GLN B 89 -48.21 -19.44 37.12
N GLN B 90 -48.95 -20.54 36.98
CA GLN B 90 -49.09 -21.48 38.09
C GLN B 90 -47.74 -22.02 38.55
N ARG B 91 -46.88 -22.45 37.62
CA ARG B 91 -45.57 -22.97 38.00
C ARG B 91 -44.79 -21.96 38.82
N VAL B 92 -44.92 -20.67 38.55
CA VAL B 92 -44.14 -19.69 39.29
C VAL B 92 -44.75 -19.46 40.66
N PHE B 93 -46.08 -19.26 40.70
CA PHE B 93 -46.79 -19.17 41.98
C PHE B 93 -46.44 -20.33 42.90
N LYS B 94 -46.48 -21.55 42.39
CA LYS B 94 -46.24 -22.71 43.24
C LYS B 94 -44.83 -22.69 43.80
N GLU B 95 -43.85 -22.21 43.04
CA GLU B 95 -42.48 -22.29 43.50
C GLU B 95 -41.99 -21.04 44.21
N LYS B 96 -42.50 -19.86 43.87
CA LYS B 96 -41.98 -18.65 44.48
C LYS B 96 -42.95 -17.99 45.46
N VAL B 97 -44.27 -18.15 45.30
CA VAL B 97 -45.23 -17.44 46.13
C VAL B 97 -45.92 -18.33 47.16
N ASP B 98 -46.04 -19.63 46.92
CA ASP B 98 -46.74 -20.49 47.86
C ASP B 98 -45.78 -20.99 48.92
N THR B 99 -45.21 -20.04 49.66
CA THR B 99 -44.44 -20.30 50.86
C THR B 99 -44.98 -19.45 52.00
N LYS B 100 -44.44 -19.66 53.21
CA LYS B 100 -44.74 -18.80 54.35
C LYS B 100 -43.48 -18.39 55.09
N ALA B 101 -43.17 -17.09 55.08
CA ALA B 101 -42.00 -16.61 55.80
C ALA B 101 -42.04 -17.01 57.26
N GLN B 102 -40.89 -17.40 57.82
CA GLN B 102 -40.83 -17.64 59.24
C GLN B 102 -40.85 -16.33 59.99
N GLU B 103 -41.84 -16.14 60.85
CA GLU B 103 -41.99 -14.87 61.55
C GLU B 103 -40.91 -14.69 62.61
N PRO B 104 -40.49 -13.47 62.86
CA PRO B 104 -39.35 -13.26 63.74
C PRO B 104 -39.67 -13.61 65.19
N GLN B 105 -38.61 -13.95 65.92
CA GLN B 105 -38.71 -14.16 67.34
C GLN B 105 -39.22 -12.88 68.02
N PRO B 106 -39.75 -13.00 69.24
CA PRO B 106 -40.49 -11.88 69.80
C PRO B 106 -39.61 -10.74 70.24
N GLY B 107 -38.38 -11.03 70.68
CA GLY B 107 -37.43 -9.95 70.92
C GLY B 107 -37.16 -9.16 69.65
N THR B 108 -36.89 -9.88 68.56
CA THR B 108 -36.73 -9.25 67.26
C THR B 108 -37.90 -8.32 67.00
N LYS B 109 -39.12 -8.86 67.13
CA LYS B 109 -40.34 -8.10 66.86
C LYS B 109 -40.33 -6.81 67.66
N VAL B 110 -39.88 -6.88 68.91
CA VAL B 110 -39.84 -5.71 69.77
C VAL B 110 -38.88 -4.69 69.22
N ILE B 111 -37.69 -5.14 68.80
CA ILE B 111 -36.68 -4.23 68.24
C ILE B 111 -37.19 -3.61 66.96
N MET B 112 -37.87 -4.43 66.14
CA MET B 112 -38.47 -4.01 64.89
C MET B 112 -39.43 -2.85 65.12
N ARG B 113 -40.47 -3.09 65.95
CA ARG B 113 -41.45 -2.06 66.25
C ARG B 113 -40.79 -0.81 66.83
N ALA B 114 -39.73 -1.02 67.61
CA ALA B 114 -38.99 0.12 68.14
C ALA B 114 -38.44 0.97 67.01
N VAL B 115 -37.79 0.35 66.05
CA VAL B 115 -37.20 1.12 64.96
C VAL B 115 -38.31 1.75 64.11
N ASN B 116 -39.27 0.94 63.66
CA ASN B 116 -40.41 1.42 62.88
C ASN B 116 -41.02 2.69 63.45
N ASP B 117 -41.36 2.66 64.75
CA ASP B 117 -42.01 3.80 65.37
C ASP B 117 -41.12 5.03 65.32
N TRP B 118 -39.80 4.83 65.50
CA TRP B 118 -38.85 5.94 65.35
C TRP B 118 -38.96 6.54 63.95
N ILE B 119 -39.00 5.67 62.93
CA ILE B 119 -39.12 6.10 61.54
C ILE B 119 -40.40 6.89 61.32
N LEU B 120 -41.56 6.27 61.60
CA LEU B 120 -42.84 6.93 61.37
C LEU B 120 -42.97 8.24 62.14
N GLU B 121 -42.45 8.31 63.37
CA GLU B 121 -42.55 9.54 64.13
C GLU B 121 -41.79 10.66 63.45
N ARG B 122 -40.54 10.40 63.09
CA ARG B 122 -39.73 11.36 62.33
C ARG B 122 -40.48 11.83 61.10
N LEU B 123 -41.12 10.89 60.41
CA LEU B 123 -41.84 11.19 59.18
C LEU B 123 -43.03 12.09 59.45
N ALA B 124 -43.98 11.61 60.26
CA ALA B 124 -45.17 12.39 60.60
C ALA B 124 -44.83 13.77 61.14
N ARG B 125 -43.74 13.90 61.90
CA ARG B 125 -43.37 15.22 62.38
C ARG B 125 -42.89 16.15 61.27
N LYS B 126 -42.77 15.69 60.02
CA LYS B 126 -42.51 16.56 58.87
C LYS B 126 -43.79 16.90 58.11
N SER B 127 -44.58 15.88 57.79
CA SER B 127 -45.90 16.01 57.19
C SER B 127 -46.84 15.09 57.96
N LYS B 128 -47.93 15.65 58.48
CA LYS B 128 -48.97 14.81 59.05
C LYS B 128 -49.62 13.97 57.94
N PRO B 129 -49.99 12.72 58.22
CA PRO B 129 -50.81 11.98 57.27
C PRO B 129 -52.06 12.78 56.95
N ARG B 130 -52.38 12.87 55.66
CA ARG B 130 -53.59 13.56 55.27
C ARG B 130 -54.44 12.65 54.41
N MET B 131 -55.47 13.21 53.79
CA MET B 131 -56.32 12.45 52.88
C MET B 131 -56.15 13.06 51.51
N CYS B 132 -56.52 12.32 50.48
CA CYS B 132 -56.35 12.82 49.11
C CYS B 132 -57.71 12.94 48.44
N SER B 133 -57.83 13.99 47.61
CA SER B 133 -59.10 14.39 47.06
C SER B 133 -59.42 13.60 45.80
N ARG B 134 -60.70 13.61 45.42
CA ARG B 134 -61.08 13.04 44.14
C ARG B 134 -60.46 13.84 43.00
N GLU B 135 -60.39 15.16 43.16
CA GLU B 135 -59.76 15.99 42.14
C GLU B 135 -58.32 15.58 41.94
N GLU B 136 -57.59 15.39 43.04
CA GLU B 136 -56.23 14.88 42.96
C GLU B 136 -56.19 13.54 42.23
N PHE B 137 -57.09 12.61 42.58
CA PHE B 137 -57.16 11.31 41.92
C PHE B 137 -57.48 11.47 40.46
N ILE B 138 -58.47 12.31 40.15
CA ILE B 138 -58.87 12.49 38.76
C ILE B 138 -57.78 13.23 38.01
N ALA B 139 -57.28 14.33 38.57
CA ALA B 139 -56.12 14.99 38.00
C ALA B 139 -54.96 14.01 37.84
N LYS B 140 -54.91 12.96 38.66
CA LYS B 140 -53.74 12.10 38.53
C LYS B 140 -53.84 11.26 37.26
N VAL B 141 -55.06 10.95 36.81
CA VAL B 141 -55.19 10.15 35.59
C VAL B 141 -54.94 11.04 34.37
N LYS B 142 -53.73 11.66 34.30
CA LYS B 142 -53.25 12.30 33.07
C LYS B 142 -52.33 11.38 32.31
N SER B 143 -52.90 10.72 31.31
CA SER B 143 -52.20 9.78 30.45
C SER B 143 -51.45 8.77 31.35
N ASN B 144 -52.24 7.92 32.02
CA ASN B 144 -51.67 6.92 32.91
C ASN B 144 -52.35 5.54 32.78
N GLN B 154 -64.31 -4.04 36.79
CA GLN B 154 -64.64 -2.74 36.20
C GLN B 154 -66.05 -2.82 35.58
N ASN B 155 -66.04 -2.96 34.23
CA ASN B 155 -67.18 -3.07 33.33
C ASN B 155 -67.95 -1.74 33.16
N ARG B 156 -67.37 -0.78 32.46
CA ARG B 156 -68.03 0.50 32.13
C ARG B 156 -67.61 0.94 30.73
N SER B 159 -61.30 2.75 29.49
CA SER B 159 -60.34 3.80 29.82
C SER B 159 -60.52 4.37 31.22
N ALA B 160 -59.48 5.05 31.71
CA ALA B 160 -59.47 5.60 33.06
C ALA B 160 -60.14 6.97 33.13
N LYS B 161 -59.81 7.87 32.18
CA LYS B 161 -60.55 9.11 32.03
C LYS B 161 -62.00 8.87 31.62
N GLU B 162 -62.28 7.72 31.00
CA GLU B 162 -63.67 7.38 30.68
C GLU B 162 -64.48 7.21 31.95
N ALA B 163 -64.12 6.24 32.79
CA ALA B 163 -64.93 5.90 33.95
C ALA B 163 -64.90 7.01 34.99
N VAL B 164 -63.73 7.62 35.22
CA VAL B 164 -63.64 8.80 36.08
C VAL B 164 -64.76 9.80 35.82
N GLU B 165 -64.93 10.19 34.56
CA GLU B 165 -65.85 11.28 34.23
C GLU B 165 -67.31 10.83 34.33
N ASP B 166 -67.59 9.56 34.04
CA ASP B 166 -68.92 8.97 34.17
C ASP B 166 -69.38 8.97 35.62
N PRO B 167 -70.54 9.57 35.93
CA PRO B 167 -70.96 9.67 37.33
C PRO B 167 -71.45 8.36 37.92
N ALA B 168 -71.54 7.30 37.13
CA ALA B 168 -71.94 6.01 37.68
C ALA B 168 -70.78 5.32 38.38
N PHE B 169 -69.54 5.61 37.94
CA PHE B 169 -68.33 5.12 38.59
C PHE B 169 -68.35 5.43 40.08
N TRP B 170 -68.40 6.72 40.41
CA TRP B 170 -68.41 7.12 41.81
C TRP B 170 -69.62 6.59 42.56
N GLN B 171 -70.74 6.34 41.86
CA GLN B 171 -71.86 5.66 42.50
C GLN B 171 -71.37 4.36 43.11
N LEU B 172 -70.56 3.61 42.35
CA LEU B 172 -69.92 2.40 42.87
C LEU B 172 -68.94 2.75 43.99
N VAL B 173 -68.07 3.73 43.75
CA VAL B 173 -67.06 4.13 44.74
C VAL B 173 -67.71 4.43 46.08
N ASP B 174 -68.83 5.13 46.06
CA ASP B 174 -69.49 5.50 47.31
C ASP B 174 -70.09 4.28 47.99
N GLU B 175 -70.72 3.40 47.22
CA GLU B 175 -71.37 2.24 47.80
C GLU B 175 -70.41 1.46 48.69
N GLU B 176 -69.13 1.35 48.27
CA GLU B 176 -68.15 0.59 49.02
C GLU B 176 -67.39 1.44 50.04
N ARG B 177 -67.21 2.75 49.77
CA ARG B 177 -66.56 3.61 50.77
C ARG B 177 -67.38 3.66 52.06
N GLU B 178 -68.70 3.45 51.99
CA GLU B 178 -69.49 3.39 53.22
C GLU B 178 -69.25 2.09 53.96
N ARG B 179 -69.11 1.00 53.23
CA ARG B 179 -68.74 -0.26 53.86
C ARG B 179 -67.41 -0.12 54.60
N HIS B 180 -66.46 0.59 53.98
CA HIS B 180 -65.15 0.81 54.58
C HIS B 180 -65.29 1.61 55.86
N LEU B 181 -66.07 2.69 55.81
CA LEU B 181 -66.34 3.50 57.00
C LEU B 181 -66.94 2.69 58.13
N ALA B 182 -67.70 1.65 57.78
CA ALA B 182 -68.26 0.74 58.75
C ALA B 182 -67.34 -0.43 59.05
N GLY B 183 -66.10 -0.40 58.56
CA GLY B 183 -65.18 -1.48 58.79
C GLY B 183 -65.44 -2.76 58.03
N ARG B 184 -66.17 -2.73 56.93
CA ARG B 184 -66.23 -3.94 56.12
C ARG B 184 -65.76 -3.62 54.70
N CYS B 185 -65.58 -4.70 53.92
CA CYS B 185 -65.09 -4.63 52.55
C CYS B 185 -65.76 -5.69 51.71
N ALA B 186 -66.20 -5.28 50.53
CA ALA B 186 -66.86 -6.15 49.58
C ALA B 186 -66.14 -6.31 48.26
N HIS B 187 -65.35 -5.34 47.82
CA HIS B 187 -64.83 -5.38 46.45
C HIS B 187 -63.32 -5.33 46.33
N CYS B 188 -62.59 -5.08 47.41
CA CYS B 188 -61.15 -4.83 47.29
C CYS B 188 -60.41 -6.17 47.35
N VAL B 189 -60.36 -6.83 46.18
CA VAL B 189 -59.72 -8.12 45.93
C VAL B 189 -58.73 -8.00 44.76
N TYR B 190 -57.68 -8.83 44.76
CA TYR B 190 -56.54 -8.71 43.86
C TYR B 190 -56.54 -9.76 42.75
N ASN B 191 -56.22 -9.32 41.52
CA ASN B 191 -55.93 -10.21 40.40
C ASN B 191 -54.42 -10.32 40.26
N MET B 192 -53.87 -11.51 40.53
CA MET B 192 -52.42 -11.65 40.63
C MET B 192 -51.74 -11.49 39.28
N MET B 193 -52.24 -12.19 38.26
CA MET B 193 -51.71 -12.11 36.89
C MET B 193 -50.26 -12.58 36.88
N TYR B 214 -53.19 -6.57 40.49
CA TYR B 214 -54.03 -5.64 39.71
C TYR B 214 -55.40 -5.46 40.38
N MET B 215 -56.10 -4.35 40.08
CA MET B 215 -57.30 -3.98 40.83
C MET B 215 -58.24 -3.13 39.98
N TRP B 216 -59.48 -3.08 40.47
CA TRP B 216 -60.60 -2.27 39.98
C TRP B 216 -60.50 -0.83 40.48
N LEU B 217 -60.66 0.13 39.55
CA LEU B 217 -60.48 1.56 39.82
C LEU B 217 -61.04 2.07 41.14
N GLY B 218 -62.23 1.61 41.52
CA GLY B 218 -62.81 2.03 42.78
C GLY B 218 -61.86 1.73 43.90
N SER B 219 -61.61 0.43 44.11
CA SER B 219 -60.70 -0.04 45.15
C SER B 219 -59.40 0.74 45.13
N ARG B 220 -58.82 0.91 43.95
CA ARG B 220 -57.59 1.68 43.88
C ARG B 220 -57.81 3.12 44.29
N PHE B 221 -58.94 3.72 43.94
CA PHE B 221 -59.20 5.06 44.44
C PHE B 221 -59.23 5.06 45.96
N LEU B 222 -60.06 4.20 46.53
CA LEU B 222 -60.19 4.10 47.98
C LEU B 222 -58.82 4.03 48.64
N GLU B 223 -57.93 3.20 48.09
CA GLU B 223 -56.52 3.15 48.46
C GLU B 223 -55.87 4.54 48.39
N PHE B 224 -55.90 5.13 47.19
CA PHE B 224 -55.30 6.44 46.98
C PHE B 224 -55.78 7.48 48.01
N GLU B 225 -57.05 7.43 48.38
CA GLU B 225 -57.57 8.34 49.39
C GLU B 225 -56.81 8.17 50.69
N ALA B 226 -56.85 6.95 51.24
CA ALA B 226 -56.40 6.67 52.60
C ALA B 226 -54.88 6.73 52.75
N LEU B 227 -54.14 6.06 51.87
CA LEU B 227 -52.70 6.01 51.98
C LEU B 227 -52.00 6.79 50.87
N GLY B 228 -52.74 7.33 49.91
CA GLY B 228 -52.07 8.06 48.85
C GLY B 228 -51.09 9.11 49.31
N PHE B 229 -51.26 9.62 50.52
CA PHE B 229 -50.37 10.68 50.97
C PHE B 229 -48.93 10.24 50.97
N LEU B 230 -48.69 8.91 51.10
CA LEU B 230 -47.31 8.42 51.16
C LEU B 230 -46.58 8.76 49.88
N ASN B 231 -47.32 8.85 48.78
CA ASN B 231 -46.80 9.14 47.47
C ASN B 231 -46.84 10.63 47.17
N GLU B 232 -48.00 11.27 47.26
CA GLU B 232 -48.11 12.70 46.93
C GLU B 232 -47.26 13.57 47.83
N ASP B 233 -47.21 13.23 49.12
CA ASP B 233 -46.42 13.97 50.09
C ASP B 233 -45.00 13.40 50.18
N HIS B 234 -44.68 12.42 49.32
CA HIS B 234 -43.30 11.95 49.08
C HIS B 234 -42.62 11.52 50.36
N TRP B 235 -43.27 10.64 51.10
CA TRP B 235 -42.65 10.18 52.33
C TRP B 235 -41.36 9.42 52.08
N ALA B 236 -41.10 8.96 50.84
CA ALA B 236 -39.92 8.16 50.58
C ALA B 236 -38.81 8.97 49.92
N SER B 237 -38.88 10.28 49.96
CA SER B 237 -37.80 11.11 49.43
C SER B 237 -36.62 11.17 50.40
N ARG B 238 -35.43 11.48 49.85
CA ARG B 238 -34.27 11.77 50.71
C ARG B 238 -34.64 12.80 51.78
N GLY B 239 -35.32 13.87 51.39
CA GLY B 239 -35.60 14.92 52.35
C GLY B 239 -36.47 14.43 53.49
N SER B 240 -37.59 13.78 53.15
CA SER B 240 -38.45 13.23 54.18
C SER B 240 -37.75 12.11 54.94
N SER B 241 -37.40 11.02 54.26
CA SER B 241 -37.05 9.79 54.95
C SER B 241 -35.56 9.67 55.27
N GLY B 242 -34.76 10.62 54.85
CA GLY B 242 -33.36 10.47 55.15
C GLY B 242 -32.53 9.55 54.29
N SER B 243 -33.01 8.36 54.01
CA SER B 243 -32.28 7.45 53.15
C SER B 243 -33.04 6.96 51.92
N GLY B 244 -34.30 7.34 51.74
CA GLY B 244 -34.95 7.08 50.46
C GLY B 244 -34.34 7.90 49.35
N VAL B 245 -34.66 7.53 48.10
CA VAL B 245 -34.21 8.34 46.95
C VAL B 245 -35.34 8.62 45.95
N GLU B 246 -36.59 8.50 46.42
CA GLU B 246 -37.72 8.72 45.53
C GLU B 246 -37.66 10.10 44.94
N GLY B 247 -38.00 10.18 43.66
CA GLY B 247 -37.97 11.41 42.92
C GLY B 247 -36.68 11.73 42.23
N ILE B 248 -35.64 10.90 42.38
CA ILE B 248 -34.33 11.15 41.77
C ILE B 248 -34.23 10.28 40.51
N SER B 249 -33.93 10.87 39.35
CA SER B 249 -33.87 9.99 38.18
C SER B 249 -32.56 9.22 38.15
N LEU B 250 -32.57 8.08 37.45
CA LEU B 250 -31.33 7.39 37.17
C LEU B 250 -30.23 8.36 36.78
N ASN B 251 -30.58 9.38 36.04
CA ASN B 251 -29.56 10.24 35.51
C ASN B 251 -28.82 11.03 36.57
N TYR B 252 -29.32 11.07 37.81
CA TYR B 252 -28.64 11.79 38.89
C TYR B 252 -28.24 10.94 40.08
N LEU B 253 -28.80 9.73 40.21
CA LEU B 253 -28.51 8.87 41.35
C LEU B 253 -27.03 8.74 41.63
N GLY B 254 -26.20 8.65 40.59
CA GLY B 254 -24.82 8.34 40.82
C GLY B 254 -24.06 9.41 41.56
N TRP B 255 -24.56 10.64 41.57
CA TRP B 255 -23.94 11.66 42.41
C TRP B 255 -24.10 11.29 43.89
N TYR B 256 -25.27 10.82 44.27
CA TYR B 256 -25.52 10.35 45.62
C TYR B 256 -24.63 9.15 45.95
N LEU B 257 -24.48 8.22 45.02
CA LEU B 257 -23.54 7.12 45.25
C LEU B 257 -22.14 7.63 45.54
N LYS B 258 -21.59 8.50 44.69
CA LYS B 258 -20.26 9.03 44.96
C LYS B 258 -20.22 9.80 46.27
N GLY B 259 -21.35 10.32 46.73
CA GLY B 259 -21.39 10.98 48.01
C GLY B 259 -21.06 10.05 49.16
N LEU B 260 -21.66 8.87 49.16
CA LEU B 260 -21.38 7.92 50.23
C LEU B 260 -19.89 7.58 50.35
N SER B 261 -19.09 7.75 49.29
CA SER B 261 -17.70 7.36 49.41
C SER B 261 -16.93 8.33 50.28
N THR B 262 -17.41 9.57 50.39
CA THR B 262 -16.73 10.53 51.25
C THR B 262 -16.98 10.29 52.73
N LEU B 263 -18.04 9.60 53.10
CA LEU B 263 -18.21 9.31 54.52
C LEU B 263 -17.09 8.41 55.00
N GLU B 264 -16.79 8.51 56.28
CA GLU B 264 -15.97 7.53 56.97
C GLU B 264 -16.83 6.31 57.21
N GLY B 265 -16.24 5.12 57.10
CA GLY B 265 -17.03 3.92 57.22
C GLY B 265 -16.25 2.73 56.72
N GLY B 266 -16.97 1.64 56.49
CA GLY B 266 -16.38 0.46 55.90
C GLY B 266 -16.67 0.39 54.41
N LEU B 267 -16.76 -0.84 53.90
CA LEU B 267 -17.05 -1.03 52.50
C LEU B 267 -18.48 -0.62 52.18
N PHE B 268 -18.77 -0.56 50.89
CA PHE B 268 -20.12 -0.42 50.40
C PHE B 268 -20.73 -1.81 50.43
N TYR B 269 -21.92 -1.93 50.98
CA TYR B 269 -22.63 -3.19 50.99
C TYR B 269 -23.89 -3.00 50.17
N ALA B 270 -24.24 -4.01 49.36
CA ALA B 270 -25.44 -3.92 48.54
C ALA B 270 -26.02 -5.32 48.27
N ASP B 271 -26.38 -6.02 49.35
CA ASP B 271 -27.06 -7.30 49.20
C ASP B 271 -28.47 -7.10 48.66
N ASP B 272 -28.92 -8.01 47.85
CA ASP B 272 -30.25 -7.92 47.28
C ASP B 272 -31.01 -9.09 47.88
N THR B 273 -32.27 -8.85 48.23
CA THR B 273 -33.08 -9.89 48.85
C THR B 273 -33.86 -10.62 47.77
N ALA B 274 -33.99 -11.92 47.93
CA ALA B 274 -34.64 -12.76 46.95
C ALA B 274 -36.14 -12.68 47.13
N GLY B 275 -36.83 -11.91 46.31
CA GLY B 275 -38.26 -12.00 46.38
C GLY B 275 -38.77 -11.39 47.67
N TRP B 276 -38.30 -10.17 47.91
CA TRP B 276 -38.79 -9.34 48.99
C TRP B 276 -40.28 -9.49 49.24
N ASP B 277 -41.10 -9.32 48.21
CA ASP B 277 -42.53 -9.20 48.47
C ASP B 277 -43.10 -10.46 49.13
N THR B 278 -42.55 -11.64 48.84
CA THR B 278 -43.02 -12.82 49.56
C THR B 278 -42.53 -12.87 50.99
N LYS B 279 -41.54 -12.06 51.33
CA LYS B 279 -40.91 -12.14 52.64
C LYS B 279 -41.28 -10.98 53.56
N VAL B 280 -42.18 -10.10 53.12
CA VAL B 280 -42.80 -9.14 54.03
C VAL B 280 -43.65 -9.91 55.05
N THR B 281 -43.31 -9.82 56.33
CA THR B 281 -43.96 -10.66 57.33
C THR B 281 -45.17 -9.98 57.98
N ASN B 282 -45.90 -10.76 58.77
CA ASN B 282 -46.97 -10.19 59.59
C ASN B 282 -46.39 -9.15 60.53
N ALA B 283 -45.26 -9.48 61.17
CA ALA B 283 -44.49 -8.48 61.89
C ALA B 283 -44.34 -7.24 61.05
N ASP B 284 -43.71 -7.39 59.88
CA ASP B 284 -43.47 -6.23 59.03
C ASP B 284 -44.79 -5.52 58.69
N LEU B 285 -45.90 -6.25 58.57
CA LEU B 285 -47.13 -5.54 58.22
C LEU B 285 -47.70 -4.79 59.40
N GLU B 286 -47.72 -5.43 60.57
CA GLU B 286 -48.28 -4.79 61.76
C GLU B 286 -47.46 -3.56 62.17
N ASP B 287 -46.14 -3.56 61.96
CA ASP B 287 -45.35 -2.33 62.05
C ASP B 287 -45.92 -1.24 61.16
N GLU B 288 -46.26 -1.59 59.92
CA GLU B 288 -46.73 -0.59 58.96
C GLU B 288 -48.07 -0.03 59.38
N GLU B 289 -48.86 -0.83 60.08
CA GLU B 289 -50.19 -0.40 60.48
C GLU B 289 -50.15 0.69 61.54
N GLN B 290 -49.00 0.90 62.17
CA GLN B 290 -48.88 1.98 63.13
C GLN B 290 -49.00 3.32 62.42
N LEU B 291 -49.14 3.30 61.09
CA LEU B 291 -49.49 4.54 60.40
C LEU B 291 -50.79 5.11 60.96
N LEU B 292 -51.71 4.20 61.37
CA LEU B 292 -53.04 4.60 61.79
C LEU B 292 -53.00 5.47 63.03
N ARG B 293 -52.01 5.25 63.89
CA ARG B 293 -51.79 6.06 65.08
C ARG B 293 -51.66 7.54 64.79
N TYR B 294 -51.28 7.92 63.57
CA TYR B 294 -51.09 9.32 63.21
C TYR B 294 -52.25 9.83 62.38
N MET B 295 -53.40 9.17 62.46
CA MET B 295 -54.57 9.53 61.68
C MET B 295 -55.74 9.66 62.62
N GLU B 296 -56.75 10.42 62.21
CA GLU B 296 -57.95 10.57 63.02
C GLU B 296 -59.17 10.68 62.13
N GLY B 297 -60.33 10.56 62.75
CA GLY B 297 -61.57 10.86 62.08
C GLY B 297 -61.97 9.79 61.09
N GLU B 298 -62.72 10.21 60.07
CA GLU B 298 -63.04 9.35 58.93
C GLU B 298 -61.79 8.63 58.46
N HIS B 299 -60.80 9.45 58.08
CA HIS B 299 -59.47 9.06 57.62
C HIS B 299 -58.98 7.77 58.27
N LYS B 300 -58.80 7.82 59.58
CA LYS B 300 -58.31 6.66 60.31
C LYS B 300 -59.15 5.43 60.03
N GLN B 301 -60.46 5.56 59.88
CA GLN B 301 -61.18 4.33 59.62
C GLN B 301 -61.04 3.90 58.16
N LEU B 302 -61.08 4.85 57.23
CA LEU B 302 -60.75 4.58 55.84
C LEU B 302 -59.41 3.84 55.70
N ALA B 303 -58.35 4.42 56.25
CA ALA B 303 -57.02 3.80 56.18
C ALA B 303 -56.99 2.42 56.82
N ALA B 304 -57.55 2.30 58.02
CA ALA B 304 -57.52 1.02 58.71
C ALA B 304 -58.23 -0.07 57.94
N THR B 305 -59.10 0.27 57.00
CA THR B 305 -59.78 -0.82 56.31
C THR B 305 -58.97 -1.33 55.15
N ILE B 306 -58.41 -0.41 54.35
CA ILE B 306 -57.38 -0.78 53.38
C ILE B 306 -56.32 -1.62 54.06
N MET B 307 -55.66 -1.04 55.08
CA MET B 307 -54.43 -1.61 55.62
C MET B 307 -54.65 -2.94 56.28
N GLN B 308 -55.81 -3.20 56.85
CA GLN B 308 -55.95 -4.44 57.57
C GLN B 308 -57.08 -5.34 57.10
N LYS B 309 -57.96 -4.87 56.23
CA LYS B 309 -58.80 -5.79 55.47
C LYS B 309 -58.23 -6.06 54.08
N ALA B 310 -57.96 -5.01 53.30
CA ALA B 310 -57.49 -5.16 51.92
C ALA B 310 -56.07 -5.70 51.87
N TYR B 311 -55.15 -5.07 52.61
CA TYR B 311 -53.74 -5.43 52.59
C TYR B 311 -53.43 -6.65 53.46
N HIS B 312 -54.00 -6.74 54.65
CA HIS B 312 -53.56 -7.76 55.59
C HIS B 312 -54.50 -8.96 55.66
N ALA B 313 -55.65 -8.92 54.99
CA ALA B 313 -56.56 -10.07 54.90
C ALA B 313 -56.85 -10.35 53.44
N LYS B 314 -55.78 -10.70 52.71
CA LYS B 314 -55.79 -10.66 51.25
C LYS B 314 -56.76 -11.67 50.68
N VAL B 315 -57.64 -11.19 49.81
CA VAL B 315 -58.43 -12.03 48.91
C VAL B 315 -57.87 -11.80 47.53
N VAL B 316 -57.50 -12.87 46.83
CA VAL B 316 -56.80 -12.71 45.56
C VAL B 316 -57.15 -13.86 44.62
N LYS B 317 -57.43 -13.50 43.37
CA LYS B 317 -57.69 -14.46 42.31
C LYS B 317 -56.42 -14.74 41.51
N VAL B 318 -56.24 -16.00 41.14
CA VAL B 318 -55.07 -16.45 40.41
C VAL B 318 -55.51 -17.56 39.45
N ALA B 319 -55.00 -17.51 38.22
CA ALA B 319 -55.47 -18.44 37.20
C ALA B 319 -54.79 -19.79 37.30
N ARG B 320 -55.47 -20.81 36.82
CA ARG B 320 -54.91 -22.14 36.91
C ARG B 320 -55.62 -22.94 35.86
N PRO B 321 -54.92 -23.76 35.09
CA PRO B 321 -55.59 -24.48 33.99
C PRO B 321 -56.54 -25.55 34.52
N SER B 322 -57.75 -25.58 33.94
CA SER B 322 -58.78 -26.56 34.28
C SER B 322 -58.52 -27.91 33.61
N ARG B 323 -58.63 -28.98 34.39
CA ARG B 323 -58.60 -30.32 33.80
C ARG B 323 -59.64 -30.47 32.69
N ASP B 324 -60.77 -29.81 32.84
CA ASP B 324 -61.90 -30.05 31.94
C ASP B 324 -61.88 -29.01 30.82
N GLY B 325 -60.84 -29.13 29.97
CA GLY B 325 -60.82 -28.51 28.65
C GLY B 325 -60.28 -27.08 28.54
N GLY B 326 -60.17 -26.33 29.66
CA GLY B 326 -59.91 -24.90 29.55
C GLY B 326 -59.21 -24.18 30.71
N CYS B 327 -59.91 -23.28 31.39
CA CYS B 327 -59.21 -22.46 32.36
C CYS B 327 -60.13 -22.05 33.51
N VAL B 328 -59.61 -22.10 34.73
CA VAL B 328 -60.34 -21.68 35.92
C VAL B 328 -59.56 -20.59 36.64
N MET B 329 -60.22 -19.92 37.57
CA MET B 329 -59.55 -19.01 38.47
C MET B 329 -59.93 -19.31 39.91
N ASP B 330 -58.91 -19.47 40.73
CA ASP B 330 -59.06 -19.76 42.13
C ASP B 330 -59.14 -18.47 42.92
N VAL B 331 -60.06 -18.45 43.88
CA VAL B 331 -60.19 -17.36 44.84
C VAL B 331 -59.49 -17.83 46.11
N ILE B 332 -58.38 -17.18 46.48
CA ILE B 332 -57.57 -17.66 47.59
C ILE B 332 -57.22 -16.51 48.51
N THR B 333 -56.89 -16.86 49.76
CA THR B 333 -56.61 -15.87 50.80
C THR B 333 -55.32 -16.20 51.56
N ARG B 334 -54.81 -15.16 52.19
CA ARG B 334 -53.51 -15.17 52.84
C ARG B 334 -53.47 -14.02 53.82
N ARG B 335 -52.60 -14.16 54.81
CA ARG B 335 -52.46 -13.10 55.78
C ARG B 335 -51.30 -12.16 55.42
N ASP B 336 -50.08 -12.70 55.28
CA ASP B 336 -48.91 -11.87 55.05
C ASP B 336 -48.52 -11.72 53.59
N GLN B 337 -47.23 -11.54 53.36
CA GLN B 337 -46.69 -11.22 52.05
C GLN B 337 -47.15 -9.84 51.63
N ARG B 338 -46.59 -9.30 50.57
CA ARG B 338 -47.06 -8.01 50.07
C ARG B 338 -47.58 -8.18 48.67
N GLY B 339 -48.78 -7.68 48.41
CA GLY B 339 -49.21 -7.55 47.03
C GLY B 339 -48.34 -6.55 46.32
N SER B 340 -47.87 -6.86 45.10
CA SER B 340 -47.03 -5.91 44.38
C SER B 340 -47.85 -4.82 43.71
N GLY B 341 -49.16 -5.04 43.55
CA GLY B 341 -49.99 -4.05 42.88
C GLY B 341 -50.20 -2.78 43.68
N GLN B 342 -50.26 -2.87 45.00
CA GLN B 342 -50.88 -1.85 45.84
C GLN B 342 -50.33 -0.46 45.57
N VAL B 343 -51.19 0.55 45.77
CA VAL B 343 -50.86 1.93 45.47
C VAL B 343 -49.61 2.38 46.20
N VAL B 344 -49.28 1.77 47.32
CA VAL B 344 -48.16 2.27 48.12
C VAL B 344 -47.08 1.21 48.32
N THR B 345 -47.04 0.18 47.46
CA THR B 345 -46.02 -0.85 47.59
C THR B 345 -44.62 -0.26 47.63
N TYR B 346 -44.30 0.68 46.75
CA TYR B 346 -42.95 1.23 46.77
C TYR B 346 -42.66 1.93 48.08
N ALA B 347 -43.57 2.77 48.56
CA ALA B 347 -43.23 3.55 49.76
C ALA B 347 -43.19 2.66 51.00
N LEU B 348 -44.16 1.75 51.13
CA LEU B 348 -44.13 0.85 52.29
C LEU B 348 -42.88 -0.01 52.23
N ASN B 349 -42.47 -0.41 51.02
CA ASN B 349 -41.28 -1.25 50.90
C ASN B 349 -40.03 -0.45 51.28
N THR B 350 -39.97 0.80 50.86
CA THR B 350 -38.82 1.62 51.23
C THR B 350 -38.71 1.77 52.74
N LEU B 351 -39.79 2.24 53.39
CA LEU B 351 -39.77 2.38 54.85
C LEU B 351 -39.43 1.08 55.55
N THR B 352 -40.11 -0.01 55.19
CA THR B 352 -39.83 -1.26 55.87
C THR B 352 -38.40 -1.73 55.64
N ASN B 353 -37.84 -1.42 54.46
CA ASN B 353 -36.47 -1.84 54.20
C ASN B 353 -35.46 -0.91 54.86
N ILE B 354 -35.81 0.36 55.02
CA ILE B 354 -34.99 1.25 55.84
C ILE B 354 -34.89 0.70 57.26
N LYS B 355 -35.99 0.20 57.80
CA LYS B 355 -35.96 -0.35 59.14
C LYS B 355 -35.03 -1.56 59.21
N VAL B 356 -35.17 -2.50 58.26
CA VAL B 356 -34.31 -3.69 58.22
C VAL B 356 -32.82 -3.30 58.23
N GLN B 357 -32.46 -2.28 57.46
CA GLN B 357 -31.05 -2.00 57.35
C GLN B 357 -30.55 -1.30 58.59
N LEU B 358 -31.38 -0.44 59.15
CA LEU B 358 -31.07 0.21 60.42
C LEU B 358 -30.89 -0.82 61.52
N ILE B 359 -31.75 -1.84 61.54
CA ILE B 359 -31.57 -2.95 62.47
C ILE B 359 -30.24 -3.61 62.22
N ARG B 360 -29.98 -4.00 60.97
CA ARG B 360 -28.74 -4.75 60.72
C ARG B 360 -27.53 -3.95 61.11
N MET B 361 -27.53 -2.65 60.82
CA MET B 361 -26.46 -1.79 61.29
C MET B 361 -26.18 -2.02 62.76
N MET B 362 -27.23 -1.96 63.58
CA MET B 362 -27.09 -2.13 65.02
C MET B 362 -26.44 -3.46 65.37
N GLU B 363 -26.93 -4.56 64.79
CA GLU B 363 -26.36 -5.87 65.09
C GLU B 363 -24.85 -5.85 64.90
N GLY B 364 -24.38 -5.28 63.79
CA GLY B 364 -22.96 -5.20 63.57
C GLY B 364 -22.26 -4.17 64.44
N GLU B 365 -22.95 -3.10 64.83
CA GLU B 365 -22.30 -2.09 65.65
C GLU B 365 -22.16 -2.53 67.09
N GLY B 366 -22.91 -3.54 67.52
CA GLY B 366 -22.86 -4.04 68.87
C GLY B 366 -24.08 -3.69 69.67
N VAL B 367 -24.96 -2.88 69.11
CA VAL B 367 -26.12 -2.43 69.87
C VAL B 367 -27.03 -3.60 70.23
N ILE B 368 -27.16 -4.59 69.35
CA ILE B 368 -27.96 -5.78 69.65
C ILE B 368 -27.15 -7.00 69.23
N GLU B 369 -27.61 -8.17 69.67
CA GLU B 369 -26.98 -9.42 69.27
C GLU B 369 -27.97 -10.56 69.43
N ALA B 370 -27.58 -11.74 69.01
CA ALA B 370 -28.58 -12.80 68.84
C ALA B 370 -29.36 -13.07 70.11
N SER B 371 -28.77 -12.84 71.28
CA SER B 371 -29.55 -13.07 72.49
C SER B 371 -30.70 -12.08 72.61
N ASP B 372 -30.62 -10.92 71.96
CA ASP B 372 -31.70 -9.96 72.07
C ASP B 372 -32.96 -10.41 71.36
N ALA B 373 -32.90 -11.49 70.59
CA ALA B 373 -34.10 -12.06 70.03
C ALA B 373 -34.97 -12.67 71.10
N HIS B 374 -34.40 -13.01 72.25
CA HIS B 374 -35.18 -13.50 73.39
C HIS B 374 -35.46 -12.40 74.40
N ASN B 375 -34.44 -11.74 74.91
CA ASN B 375 -34.67 -10.68 75.88
C ASN B 375 -34.16 -9.37 75.28
N PRO B 376 -35.01 -8.61 74.61
CA PRO B 376 -34.53 -7.45 73.84
C PRO B 376 -34.03 -6.32 74.74
N ARG B 377 -32.79 -5.91 74.53
CA ARG B 377 -32.26 -4.75 75.24
C ARG B 377 -32.76 -3.42 74.64
N LEU B 378 -34.07 -3.26 74.66
CA LEU B 378 -34.70 -2.16 73.96
C LEU B 378 -34.17 -0.77 74.34
N LEU B 379 -33.62 -0.59 75.53
CA LEU B 379 -33.07 0.73 75.86
C LEU B 379 -31.75 1.00 75.16
N ARG B 380 -31.09 -0.06 74.68
CA ARG B 380 -29.92 0.11 73.84
C ARG B 380 -30.30 0.61 72.45
N VAL B 381 -31.39 0.07 71.87
CA VAL B 381 -31.75 0.54 70.54
C VAL B 381 -32.34 1.94 70.63
N GLU B 382 -33.12 2.20 71.68
CA GLU B 382 -33.70 3.51 71.84
C GLU B 382 -32.60 4.53 71.99
N ARG B 383 -31.53 4.15 72.69
CA ARG B 383 -30.45 5.10 72.89
C ARG B 383 -29.71 5.34 71.58
N TRP B 384 -29.48 4.27 70.80
CA TRP B 384 -28.79 4.36 69.52
C TRP B 384 -29.56 5.22 68.51
N LEU B 385 -30.86 4.95 68.34
CA LEU B 385 -31.66 5.78 67.46
C LEU B 385 -31.58 7.24 67.87
N ARG B 386 -31.69 7.51 69.16
CA ARG B 386 -31.64 8.88 69.68
C ARG B 386 -30.35 9.60 69.32
N ASP B 387 -29.18 8.92 69.42
CA ASP B 387 -27.91 9.62 69.20
C ASP B 387 -27.26 9.32 67.87
N HIS B 388 -27.79 8.39 67.09
CA HIS B 388 -27.09 8.02 65.88
C HIS B 388 -28.01 7.89 64.68
N GLY B 389 -29.33 7.92 64.88
CA GLY B 389 -30.24 7.55 63.81
C GLY B 389 -30.18 8.51 62.65
N GLU B 390 -30.26 9.81 62.94
CA GLU B 390 -30.27 10.75 61.85
C GLU B 390 -28.97 10.71 61.07
N GLU B 391 -27.86 10.40 61.73
CA GLU B 391 -26.63 10.20 60.95
C GLU B 391 -26.68 8.89 60.18
N ARG B 392 -27.04 7.80 60.85
CA ARG B 392 -27.10 6.51 60.18
C ARG B 392 -28.01 6.54 58.96
N LEU B 393 -29.02 7.41 58.97
CA LEU B 393 -29.96 7.43 57.86
C LEU B 393 -29.28 7.83 56.57
N GLY B 394 -28.33 8.76 56.63
CA GLY B 394 -27.73 9.23 55.42
C GLY B 394 -26.59 8.40 54.90
N ARG B 395 -26.32 7.28 55.57
CA ARG B 395 -25.33 6.32 55.16
C ARG B 395 -25.84 5.37 54.11
N MET B 396 -27.13 5.38 53.82
CA MET B 396 -27.72 4.38 52.95
C MET B 396 -28.57 5.05 51.86
N LEU B 397 -28.74 4.31 50.76
CA LEU B 397 -29.59 4.68 49.64
C LEU B 397 -30.59 3.53 49.53
N VAL B 398 -31.88 3.81 49.77
CA VAL B 398 -32.90 2.76 49.82
C VAL B 398 -34.02 3.13 48.86
N SER B 399 -34.37 2.19 48.00
CA SER B 399 -35.42 2.41 47.02
C SER B 399 -36.16 1.08 46.94
N GLY B 400 -37.42 1.06 47.36
CA GLY B 400 -38.07 -0.23 47.44
C GLY B 400 -37.22 -1.20 48.20
N ASP B 401 -37.03 -2.39 47.63
CA ASP B 401 -36.34 -3.48 48.30
C ASP B 401 -34.86 -3.52 48.00
N ASP B 402 -34.35 -2.54 47.25
CA ASP B 402 -32.95 -2.45 46.88
C ASP B 402 -32.32 -1.46 47.85
N CYS B 403 -31.06 -1.68 48.22
CA CYS B 403 -30.40 -0.66 49.03
C CYS B 403 -28.92 -0.63 48.74
N VAL B 404 -28.29 0.46 49.15
CA VAL B 404 -26.85 0.61 49.21
C VAL B 404 -26.52 1.12 50.59
N VAL B 405 -25.78 0.36 51.38
CA VAL B 405 -25.46 0.71 52.77
C VAL B 405 -23.97 0.98 52.88
N ARG B 406 -23.60 2.06 53.54
CA ARG B 406 -22.19 2.35 53.85
C ARG B 406 -22.03 2.37 55.36
N PRO B 407 -21.82 1.21 56.01
CA PRO B 407 -21.84 1.13 57.48
C PRO B 407 -20.68 1.78 58.18
N VAL B 408 -20.64 1.69 59.52
CA VAL B 408 -19.59 2.35 60.30
C VAL B 408 -18.27 1.60 60.16
N ASP B 409 -18.31 0.31 59.86
CA ASP B 409 -17.14 -0.51 59.61
C ASP B 409 -17.64 -1.89 59.22
N ASP B 410 -16.71 -2.72 58.77
CA ASP B 410 -17.13 -3.90 58.05
C ASP B 410 -17.63 -5.01 58.95
N ARG B 411 -17.92 -4.73 60.23
CA ARG B 411 -18.60 -5.72 61.07
C ARG B 411 -19.97 -6.07 60.50
N PHE B 412 -20.57 -5.10 59.80
CA PHE B 412 -21.75 -5.25 58.96
C PHE B 412 -21.69 -6.51 58.12
N SER B 413 -20.50 -6.87 57.64
CA SER B 413 -20.35 -8.05 56.80
C SER B 413 -20.93 -9.30 57.45
N ARG B 414 -20.61 -9.54 58.74
CA ARG B 414 -21.01 -10.74 59.48
C ARG B 414 -22.36 -10.59 60.20
N ALA B 415 -22.93 -9.39 60.26
CA ALA B 415 -24.18 -9.14 60.97
C ALA B 415 -25.42 -9.75 60.30
N LEU B 416 -25.51 -11.07 60.32
CA LEU B 416 -26.59 -11.72 59.62
C LEU B 416 -27.71 -12.25 60.48
N TYR B 417 -27.55 -12.29 61.81
CA TYR B 417 -28.54 -12.99 62.65
C TYR B 417 -29.94 -12.37 62.53
N PHE B 418 -30.07 -11.06 62.80
CA PHE B 418 -31.40 -10.45 62.71
C PHE B 418 -31.88 -10.32 61.26
N LEU B 419 -30.98 -10.11 60.30
CA LEU B 419 -31.38 -10.15 58.90
C LEU B 419 -32.07 -11.45 58.58
N ASN B 420 -31.44 -12.57 58.92
CA ASN B 420 -32.11 -13.84 58.69
C ASN B 420 -33.38 -13.99 59.53
N ASP B 421 -33.39 -13.48 60.76
CA ASP B 421 -34.57 -13.68 61.61
C ASP B 421 -35.79 -12.97 61.04
N MET B 422 -35.62 -11.74 60.53
CA MET B 422 -36.78 -11.11 59.91
C MET B 422 -37.14 -11.69 58.56
N ALA B 423 -36.53 -12.84 58.20
CA ALA B 423 -36.82 -13.63 57.01
C ALA B 423 -36.30 -12.98 55.74
N LYS B 424 -35.67 -11.81 55.84
CA LYS B 424 -35.20 -11.05 54.69
C LYS B 424 -33.88 -11.61 54.17
N THR B 425 -33.96 -12.83 53.60
CA THR B 425 -32.78 -13.62 53.25
C THR B 425 -32.03 -13.09 52.03
N ARG B 426 -30.71 -12.93 52.17
CA ARG B 426 -29.88 -12.49 51.04
C ARG B 426 -29.90 -13.52 49.92
N LYS B 427 -29.98 -13.06 48.66
CA LYS B 427 -30.00 -14.03 47.57
C LYS B 427 -28.61 -14.35 47.04
N ASP B 428 -28.44 -15.58 46.59
CA ASP B 428 -27.20 -16.04 45.95
C ASP B 428 -26.01 -15.95 46.90
N ILE B 429 -26.17 -16.53 48.08
CA ILE B 429 -25.11 -16.58 49.07
C ILE B 429 -25.59 -17.43 50.23
N GLY B 430 -24.66 -18.13 50.87
CA GLY B 430 -25.05 -18.96 51.98
C GLY B 430 -25.68 -18.14 53.09
N GLU B 431 -26.71 -18.71 53.70
CA GLU B 431 -27.41 -18.05 54.79
C GLU B 431 -26.46 -17.40 55.77
N TRP B 432 -25.45 -18.13 56.23
CA TRP B 432 -24.60 -17.62 57.30
C TRP B 432 -23.25 -17.15 56.79
N GLU B 433 -23.16 -16.92 55.48
CA GLU B 433 -21.94 -16.59 54.78
C GLU B 433 -21.73 -15.09 54.77
N HIS B 434 -20.54 -14.64 55.17
CA HIS B 434 -20.26 -13.20 55.21
C HIS B 434 -20.62 -12.52 53.89
N SER B 435 -21.20 -11.32 53.98
CA SER B 435 -21.52 -10.51 52.81
C SER B 435 -20.26 -9.90 52.22
N VAL B 436 -20.21 -9.77 50.89
CA VAL B 436 -19.05 -9.18 50.21
C VAL B 436 -19.28 -7.70 49.92
N GLY B 437 -18.27 -6.88 50.25
CA GLY B 437 -18.38 -5.45 50.14
C GLY B 437 -17.74 -4.93 48.86
N PHE B 438 -17.76 -3.61 48.70
CA PHE B 438 -17.17 -2.96 47.54
C PHE B 438 -16.39 -1.76 48.00
N SER B 439 -15.08 -1.79 47.77
CA SER B 439 -14.25 -0.64 48.10
C SER B 439 -14.52 0.54 47.17
N ASN B 440 -15.01 0.28 45.96
CA ASN B 440 -15.12 1.26 44.88
C ASN B 440 -16.59 1.59 44.60
N TRP B 441 -16.97 2.85 44.82
CA TRP B 441 -18.38 3.19 44.61
C TRP B 441 -18.82 2.95 43.18
N GLU B 442 -17.89 3.04 42.23
CA GLU B 442 -18.27 2.80 40.86
C GLU B 442 -18.67 1.35 40.62
N GLU B 443 -18.18 0.41 41.45
CA GLU B 443 -18.46 -1.01 41.26
C GLU B 443 -19.68 -1.51 42.05
N VAL B 444 -20.38 -0.61 42.72
CA VAL B 444 -21.57 -0.94 43.52
C VAL B 444 -22.77 -0.95 42.59
N PRO B 445 -23.65 -1.94 42.71
CA PRO B 445 -24.89 -1.96 41.94
C PRO B 445 -26.09 -1.38 42.67
N PHE B 446 -26.84 -0.57 41.97
CA PHE B 446 -28.06 -0.01 42.55
C PHE B 446 -29.12 0.18 41.46
N CYS B 447 -30.33 -0.27 41.73
CA CYS B 447 -31.39 -0.10 40.79
C CYS B 447 -30.99 -0.64 39.42
N SER B 448 -30.38 -1.82 39.41
CA SER B 448 -29.96 -2.50 38.17
C SER B 448 -28.92 -1.72 37.38
N HIS B 449 -28.16 -0.85 37.99
CA HIS B 449 -27.16 -0.14 37.22
C HIS B 449 -25.88 -0.10 38.02
N HIS B 450 -24.79 0.21 37.34
CA HIS B 450 -23.60 0.70 37.98
C HIS B 450 -23.48 2.14 37.59
N PHE B 451 -22.52 2.86 38.18
CA PHE B 451 -22.38 4.28 37.89
C PHE B 451 -20.91 4.59 37.68
N HIS B 452 -20.62 5.35 36.63
CA HIS B 452 -19.25 5.69 36.28
C HIS B 452 -19.13 7.18 36.14
N GLU B 453 -17.97 7.71 36.52
CA GLU B 453 -17.68 9.11 36.35
C GLU B 453 -17.03 9.27 34.99
N LEU B 454 -17.45 10.30 34.27
CA LEU B 454 -17.08 10.57 32.89
C LEU B 454 -16.65 12.01 32.82
N VAL B 455 -15.50 12.32 32.24
CA VAL B 455 -15.08 13.71 32.10
C VAL B 455 -15.21 14.15 30.65
N MET B 456 -15.93 15.24 30.40
CA MET B 456 -16.14 15.67 29.03
C MET B 456 -14.95 16.51 28.53
N LYS B 457 -14.87 16.62 27.20
CA LYS B 457 -13.86 17.40 26.49
C LYS B 457 -13.66 18.72 27.20
N ASP B 458 -14.74 19.34 27.69
CA ASP B 458 -14.62 20.65 28.31
C ASP B 458 -14.30 20.60 29.80
N GLY B 459 -13.99 19.43 30.35
CA GLY B 459 -13.52 19.33 31.71
C GLY B 459 -14.59 19.05 32.75
N ARG B 460 -15.84 19.44 32.48
CA ARG B 460 -16.95 19.05 33.34
C ARG B 460 -17.07 17.53 33.47
N ALA B 461 -17.65 17.08 34.58
CA ALA B 461 -17.73 15.66 34.84
C ALA B 461 -19.19 15.21 34.94
N LEU B 462 -19.41 13.98 34.52
CA LEU B 462 -20.73 13.37 34.46
C LEU B 462 -20.69 12.05 35.20
N ILE B 463 -21.78 11.70 35.87
CA ILE B 463 -21.89 10.36 36.45
C ILE B 463 -23.04 9.68 35.74
N VAL B 464 -22.72 8.64 34.99
CA VAL B 464 -23.74 8.13 34.08
C VAL B 464 -24.12 6.73 34.48
N PRO B 465 -25.39 6.35 34.31
CA PRO B 465 -25.83 5.00 34.66
C PRO B 465 -25.49 4.05 33.54
N CYS B 466 -25.17 2.82 33.92
CA CYS B 466 -24.69 1.85 32.95
C CYS B 466 -25.28 0.51 33.34
N ARG B 467 -25.75 -0.24 32.36
CA ARG B 467 -26.37 -1.55 32.53
C ARG B 467 -25.81 -2.46 31.46
N ASP B 468 -26.11 -3.74 31.55
CA ASP B 468 -25.60 -4.64 30.53
C ASP B 468 -26.20 -4.29 29.19
N GLN B 469 -25.33 -4.20 28.18
CA GLN B 469 -25.79 -3.83 26.86
C GLN B 469 -26.75 -4.86 26.30
N ASP B 470 -26.37 -6.13 26.41
CA ASP B 470 -27.17 -7.22 25.87
C ASP B 470 -28.52 -7.30 26.53
N GLU B 471 -28.60 -6.93 27.80
CA GLU B 471 -29.88 -7.01 28.46
C GLU B 471 -30.74 -5.81 28.09
N LEU B 472 -30.10 -4.68 27.79
CA LEU B 472 -30.82 -3.48 27.35
C LEU B 472 -31.47 -3.70 26.00
N VAL B 473 -30.66 -4.11 25.02
CA VAL B 473 -31.15 -4.44 23.68
C VAL B 473 -32.23 -5.51 23.76
N GLY B 474 -31.93 -6.61 24.47
CA GLY B 474 -32.84 -7.71 24.69
C GLY B 474 -34.23 -7.24 25.02
N ARG B 475 -34.38 -6.35 25.99
CA ARG B 475 -35.72 -5.95 26.38
C ARG B 475 -36.42 -5.17 25.27
N ALA B 476 -35.66 -4.42 24.47
CA ALA B 476 -36.27 -3.71 23.35
C ALA B 476 -36.64 -4.65 22.22
N ARG B 477 -35.84 -5.71 22.01
CA ARG B 477 -36.15 -6.68 20.96
C ARG B 477 -37.39 -7.50 21.27
N VAL B 478 -37.64 -7.81 22.53
CA VAL B 478 -38.68 -8.80 22.80
C VAL B 478 -39.94 -8.07 23.23
N SER B 479 -40.68 -7.57 22.27
CA SER B 479 -41.76 -6.72 22.74
C SER B 479 -43.07 -6.95 22.01
N PRO B 480 -44.18 -6.36 22.50
CA PRO B 480 -45.43 -6.27 21.74
C PRO B 480 -45.44 -5.07 20.78
N GLY B 483 -50.75 -1.83 17.28
CA GLY B 483 -51.37 -3.04 17.78
C GLY B 483 -50.91 -4.28 17.06
N TRP B 484 -49.68 -4.73 17.38
CA TRP B 484 -48.95 -5.71 16.55
C TRP B 484 -48.78 -5.15 15.14
N SER B 485 -48.62 -3.83 15.08
CA SER B 485 -48.68 -3.02 13.87
C SER B 485 -47.32 -2.44 13.54
N VAL B 486 -47.07 -2.20 12.25
CA VAL B 486 -45.79 -1.56 11.90
C VAL B 486 -45.66 -0.21 12.59
N ARG B 487 -46.67 0.63 12.48
CA ARG B 487 -46.54 1.96 13.04
C ARG B 487 -46.40 1.92 14.55
N GLU B 488 -47.17 1.05 15.22
CA GLU B 488 -47.06 0.96 16.67
C GLU B 488 -45.69 0.43 17.09
N THR B 489 -45.17 -0.58 16.38
CA THR B 489 -43.85 -1.11 16.67
C THR B 489 -42.77 -0.03 16.55
N ALA B 490 -42.71 0.62 15.38
CA ALA B 490 -41.80 1.73 15.16
C ALA B 490 -41.83 2.71 16.32
N CYS B 491 -43.02 3.15 16.70
CA CYS B 491 -43.19 4.09 17.80
C CYS B 491 -42.63 3.54 19.10
N LEU B 492 -42.90 2.27 19.41
CA LEU B 492 -42.24 1.66 20.57
C LEU B 492 -40.73 1.68 20.42
N SER B 493 -40.24 1.34 19.24
CA SER B 493 -38.80 1.32 19.05
C SER B 493 -38.18 2.68 19.23
N LYS B 494 -38.85 3.73 18.73
CA LYS B 494 -38.36 5.09 18.97
C LYS B 494 -38.20 5.35 20.46
N ALA B 495 -39.21 4.99 21.26
CA ALA B 495 -39.11 5.14 22.71
C ALA B 495 -37.83 4.53 23.28
N TYR B 496 -37.53 3.30 22.91
CA TYR B 496 -36.29 2.72 23.44
C TYR B 496 -35.07 3.43 22.91
N GLY B 497 -35.07 3.74 21.60
CA GLY B 497 -33.98 4.51 21.01
C GLY B 497 -33.75 5.82 21.74
N GLN B 498 -34.82 6.61 21.92
CA GLN B 498 -34.71 7.90 22.59
C GLN B 498 -34.21 7.72 24.01
N MET B 499 -34.59 6.62 24.65
CA MET B 499 -34.17 6.44 26.04
C MET B 499 -32.70 6.10 26.08
N TRP B 500 -32.25 5.19 25.23
CA TRP B 500 -30.83 4.88 25.20
C TRP B 500 -30.01 6.13 24.91
N LEU B 501 -30.51 6.99 24.01
CA LEU B 501 -29.78 8.22 23.69
C LEU B 501 -29.63 9.12 24.89
N LEU B 502 -30.58 9.05 25.84
CA LEU B 502 -30.53 9.95 26.99
C LEU B 502 -29.78 9.38 28.18
N SER B 503 -29.83 8.09 28.43
CA SER B 503 -29.17 7.57 29.63
C SER B 503 -27.97 6.67 29.36
N TYR B 504 -27.85 6.10 28.18
CA TYR B 504 -26.75 5.21 27.85
C TYR B 504 -26.01 5.68 26.60
N PHE B 505 -26.06 6.99 26.32
CA PHE B 505 -25.27 7.60 25.26
C PHE B 505 -23.80 7.23 25.34
N HIS B 506 -23.30 6.81 26.49
CA HIS B 506 -21.87 6.65 26.63
C HIS B 506 -21.39 5.32 26.08
N ARG B 507 -22.32 4.43 25.75
CA ARG B 507 -22.01 3.13 25.17
C ARG B 507 -22.03 3.23 23.64
N ARG B 508 -20.90 2.91 23.00
CA ARG B 508 -20.79 3.15 21.57
C ARG B 508 -21.90 2.47 20.80
N ASP B 509 -22.09 1.17 21.01
CA ASP B 509 -23.09 0.46 20.23
C ASP B 509 -24.49 0.99 20.47
N LEU B 510 -24.79 1.43 21.70
CA LEU B 510 -26.14 1.92 21.98
C LEU B 510 -26.42 3.29 21.37
N ARG B 511 -25.45 4.21 21.37
CA ARG B 511 -25.70 5.48 20.70
C ARG B 511 -25.88 5.26 19.21
N THR B 512 -25.04 4.42 18.61
CA THR B 512 -25.23 4.03 17.22
C THR B 512 -26.63 3.48 16.99
N LEU B 513 -27.01 2.47 17.77
CA LEU B 513 -28.32 1.88 17.60
C LEU B 513 -29.41 2.93 17.84
N GLY B 514 -29.23 3.79 18.83
CA GLY B 514 -30.24 4.80 19.08
C GLY B 514 -30.41 5.75 17.92
N LEU B 515 -29.29 6.28 17.43
CA LEU B 515 -29.36 7.22 16.32
C LEU B 515 -29.92 6.56 15.08
N ALA B 516 -29.60 5.28 14.85
CA ALA B 516 -30.18 4.60 13.69
C ALA B 516 -31.69 4.44 13.82
N ILE B 517 -32.18 4.04 14.99
CA ILE B 517 -33.63 3.92 15.18
C ILE B 517 -34.29 5.26 14.86
N CYS B 518 -33.74 6.35 15.39
CA CYS B 518 -34.34 7.66 15.17
C CYS B 518 -34.25 8.06 13.71
N SER B 519 -33.24 7.58 13.01
CA SER B 519 -33.24 7.84 11.58
C SER B 519 -34.20 6.95 10.81
N ALA B 520 -34.76 5.92 11.42
CA ALA B 520 -35.66 5.03 10.69
C ALA B 520 -37.13 5.26 10.99
N VAL B 521 -37.46 5.96 12.06
CA VAL B 521 -38.84 6.22 12.44
C VAL B 521 -39.21 7.66 12.11
N PRO B 522 -40.39 7.89 11.55
CA PRO B 522 -40.76 9.25 11.17
C PRO B 522 -40.56 10.27 12.29
N ILE B 523 -40.21 11.47 11.87
CA ILE B 523 -39.84 12.56 12.78
C ILE B 523 -41.02 12.92 13.66
N ASP B 524 -42.19 13.07 13.06
CA ASP B 524 -43.38 13.56 13.72
C ASP B 524 -44.13 12.47 14.44
N TRP B 525 -43.63 11.25 14.42
CA TRP B 525 -44.33 10.17 15.10
C TRP B 525 -43.97 10.19 16.56
N VAL B 526 -44.98 10.24 17.41
CA VAL B 526 -44.75 10.32 18.85
C VAL B 526 -44.39 8.93 19.36
N PRO B 527 -43.38 8.81 20.21
CA PRO B 527 -43.09 7.53 20.87
C PRO B 527 -44.19 7.12 21.86
N THR B 528 -44.42 5.80 21.95
CA THR B 528 -45.48 5.22 22.78
C THR B 528 -44.98 3.94 23.44
N GLY B 529 -45.40 3.70 24.68
CA GLY B 529 -45.09 2.45 25.36
C GLY B 529 -44.17 2.55 26.56
N ARG B 530 -44.17 1.52 27.41
CA ARG B 530 -43.29 1.48 28.57
C ARG B 530 -41.97 0.86 28.15
N THR B 531 -40.88 1.62 28.28
CA THR B 531 -39.53 1.09 28.05
C THR B 531 -38.94 0.47 29.30
N THR B 532 -39.30 0.97 30.49
CA THR B 532 -38.88 0.37 31.75
C THR B 532 -39.97 0.57 32.78
N TRP B 533 -39.74 0.02 33.98
CA TRP B 533 -40.69 0.06 35.08
C TRP B 533 -40.17 0.82 36.30
N SER B 534 -38.85 1.10 36.37
CA SER B 534 -38.23 1.74 37.54
C SER B 534 -38.91 3.05 37.90
N ILE B 535 -38.90 3.37 39.20
CA ILE B 535 -39.48 4.59 39.74
C ILE B 535 -38.53 5.74 39.45
N HIS B 536 -37.41 5.44 38.81
CA HIS B 536 -36.44 6.47 38.48
C HIS B 536 -36.40 6.79 37.00
N ALA B 537 -37.21 6.10 36.20
CA ALA B 537 -37.37 6.38 34.78
C ALA B 537 -37.84 7.82 34.55
N SER B 538 -36.96 8.66 33.98
CA SER B 538 -37.31 10.06 33.71
C SER B 538 -38.63 10.13 32.94
N GLY B 539 -38.82 9.20 32.01
CA GLY B 539 -39.72 9.39 30.89
C GLY B 539 -39.36 10.54 29.96
N ALA B 540 -38.30 11.32 30.25
CA ALA B 540 -38.02 12.55 29.51
C ALA B 540 -37.96 12.31 28.02
N TRP B 541 -37.73 11.08 27.61
CA TRP B 541 -37.50 10.66 26.24
C TRP B 541 -38.77 10.38 25.44
N MET B 542 -39.95 10.47 26.06
CA MET B 542 -41.18 10.16 25.32
C MET B 542 -41.70 11.40 24.60
N THR B 543 -40.78 12.05 23.93
CA THR B 543 -40.94 13.36 23.33
C THR B 543 -40.70 13.26 21.82
N THR B 544 -41.01 14.35 21.14
CA THR B 544 -40.70 14.50 19.73
C THR B 544 -39.76 15.68 19.56
N GLU B 545 -39.33 16.26 20.67
CA GLU B 545 -38.30 17.27 20.70
C GLU B 545 -36.97 16.69 20.22
N ASP B 546 -36.03 17.57 19.83
CA ASP B 546 -34.71 17.08 19.45
C ASP B 546 -34.02 16.44 20.64
N MET B 547 -33.45 15.27 20.42
CA MET B 547 -32.94 14.51 21.54
C MET B 547 -31.65 15.09 22.11
N LEU B 548 -30.86 15.85 21.33
CA LEU B 548 -29.81 16.64 21.97
C LEU B 548 -30.36 17.76 22.83
N ASP B 549 -31.58 18.15 22.63
CA ASP B 549 -31.98 19.23 23.49
C ASP B 549 -32.49 18.69 24.81
N VAL B 550 -33.16 17.53 24.79
CA VAL B 550 -33.51 16.90 26.05
C VAL B 550 -32.22 16.52 26.78
N TRP B 551 -31.24 15.97 26.06
CA TRP B 551 -29.96 15.66 26.69
C TRP B 551 -29.38 16.89 27.38
N ASN B 552 -29.27 18.03 26.69
CA ASN B 552 -28.70 19.21 27.37
C ASN B 552 -29.54 19.60 28.56
N ARG B 553 -30.85 19.39 28.49
CA ARG B 553 -31.68 19.90 29.56
C ARG B 553 -31.50 19.08 30.82
N VAL B 554 -31.46 17.76 30.68
CA VAL B 554 -31.29 16.89 31.83
C VAL B 554 -29.83 16.88 32.30
N TRP B 555 -28.87 16.65 31.43
CA TRP B 555 -27.51 16.50 31.92
C TRP B 555 -26.85 17.80 32.30
N ILE B 556 -27.39 18.94 31.90
CA ILE B 556 -26.69 20.20 32.14
C ILE B 556 -27.62 21.23 32.78
N LEU B 557 -28.66 21.62 32.05
CA LEU B 557 -29.49 22.74 32.44
C LEU B 557 -30.22 22.50 33.75
N ASP B 558 -31.04 21.47 33.80
CA ASP B 558 -31.79 21.13 35.01
C ASP B 558 -31.01 20.23 35.98
N ASN B 559 -29.74 19.97 35.72
CA ASN B 559 -28.99 19.03 36.55
C ASN B 559 -28.32 19.79 37.66
N PRO B 560 -28.69 19.56 38.92
CA PRO B 560 -28.19 20.39 40.02
C PRO B 560 -26.75 20.15 40.38
N PHE B 561 -26.04 19.27 39.69
CA PHE B 561 -24.63 19.10 40.01
C PHE B 561 -23.74 19.75 38.97
N MET B 562 -24.29 20.65 38.16
CA MET B 562 -23.57 21.25 37.04
C MET B 562 -23.45 22.75 37.28
N HIS B 563 -22.31 23.22 37.81
CA HIS B 563 -22.18 24.65 38.03
C HIS B 563 -22.30 25.41 36.71
N SER B 564 -21.35 25.20 35.78
CA SER B 564 -21.39 25.78 34.44
C SER B 564 -22.55 25.21 33.64
N LYS B 565 -23.46 26.06 33.20
CA LYS B 565 -24.64 25.56 32.50
C LYS B 565 -24.57 25.82 31.00
N GLU B 566 -23.38 25.73 30.43
CA GLU B 566 -23.25 25.97 29.00
C GLU B 566 -23.57 24.70 28.23
N LYS B 567 -24.37 24.85 27.16
CA LYS B 567 -24.91 23.71 26.45
C LYS B 567 -23.87 23.05 25.55
N ILE B 568 -24.25 21.95 24.95
CA ILE B 568 -23.37 21.15 24.11
C ILE B 568 -23.98 21.08 22.73
N VAL B 569 -23.18 21.30 21.70
CA VAL B 569 -23.73 21.55 20.38
C VAL B 569 -23.81 20.32 19.49
N GLU B 570 -22.86 19.41 19.60
CA GLU B 570 -22.72 18.29 18.70
C GLU B 570 -22.83 17.00 19.51
N TRP B 571 -23.54 15.99 19.00
CA TRP B 571 -23.44 14.69 19.66
C TRP B 571 -21.98 14.30 19.77
N ARG B 572 -21.17 14.71 18.79
CA ARG B 572 -19.74 14.43 18.79
C ARG B 572 -19.08 14.85 20.10
N ASP B 573 -19.68 15.79 20.82
CA ASP B 573 -19.09 16.38 22.01
C ASP B 573 -19.36 15.54 23.26
N VAL B 574 -20.55 14.97 23.35
CA VAL B 574 -20.94 14.04 24.41
C VAL B 574 -19.92 12.91 24.49
N PRO B 575 -19.43 12.55 25.68
CA PRO B 575 -18.30 11.62 25.76
C PRO B 575 -18.70 10.16 25.75
N TYR B 576 -17.73 9.26 25.76
CA TYR B 576 -17.97 7.81 25.79
C TYR B 576 -17.34 7.21 27.04
N LEU B 577 -17.76 6.00 27.39
CA LEU B 577 -17.01 5.25 28.37
C LEU B 577 -15.64 4.96 27.77
N PRO B 578 -14.63 4.68 28.59
CA PRO B 578 -13.38 4.17 28.03
C PRO B 578 -13.61 2.85 27.30
N LYS B 579 -13.03 2.73 26.09
CA LYS B 579 -13.29 1.56 25.24
C LYS B 579 -13.06 0.25 25.98
N SER B 580 -12.24 0.25 27.03
CA SER B 580 -12.16 -0.88 27.94
C SER B 580 -13.52 -1.16 28.58
N HIS B 581 -14.05 -0.17 29.32
CA HIS B 581 -15.30 -0.34 30.05
C HIS B 581 -16.43 -0.74 29.11
N ASP B 582 -16.45 -0.19 27.89
CA ASP B 582 -17.47 -0.54 26.89
C ASP B 582 -17.44 -2.04 26.60
N MET B 583 -16.26 -2.56 26.23
CA MET B 583 -16.12 -3.99 25.89
C MET B 583 -16.38 -4.89 27.10
N LEU B 584 -16.02 -4.45 28.30
CA LEU B 584 -16.17 -5.22 29.54
C LEU B 584 -17.54 -5.06 30.18
N CYS B 585 -18.54 -4.58 29.44
CA CYS B 585 -19.93 -4.51 29.87
C CYS B 585 -20.83 -5.10 28.79
N SER B 586 -20.35 -6.19 28.19
CA SER B 586 -21.04 -6.91 27.11
C SER B 586 -21.17 -6.07 25.84
N SER B 587 -20.21 -5.16 25.58
CA SER B 587 -20.16 -4.62 24.23
C SER B 587 -19.44 -5.56 23.28
N LEU B 588 -19.74 -5.35 22.03
CA LEU B 588 -19.06 -5.92 20.89
C LEU B 588 -18.42 -4.80 20.08
N VAL B 589 -17.90 -3.79 20.78
CA VAL B 589 -17.05 -2.77 20.17
C VAL B 589 -15.65 -3.37 19.98
N GLY B 590 -15.49 -4.17 18.91
CA GLY B 590 -14.25 -4.83 18.58
C GLY B 590 -14.48 -6.05 17.70
N ARG B 591 -15.46 -6.86 18.09
CA ARG B 591 -15.90 -8.01 17.31
C ARG B 591 -15.98 -7.69 15.83
N LYS B 592 -15.60 -8.67 15.01
CA LYS B 592 -15.76 -8.52 13.57
C LYS B 592 -17.24 -8.39 13.21
N GLU B 593 -18.11 -9.05 13.97
CA GLU B 593 -19.54 -8.95 13.69
C GLU B 593 -20.02 -7.52 13.79
N ARG B 594 -19.76 -6.85 14.92
CA ARG B 594 -20.21 -5.47 15.06
C ARG B 594 -19.53 -4.55 14.05
N ALA B 595 -18.24 -4.77 13.78
CA ALA B 595 -17.60 -3.96 12.75
C ALA B 595 -18.40 -4.00 11.45
N GLU B 596 -18.91 -5.19 11.09
CA GLU B 596 -19.75 -5.32 9.89
C GLU B 596 -21.14 -4.73 10.12
N TRP B 597 -21.71 -4.95 11.31
CA TRP B 597 -23.00 -4.34 11.65
C TRP B 597 -22.96 -2.84 11.46
N ALA B 598 -21.93 -2.20 12.03
CA ALA B 598 -21.89 -0.74 12.05
C ALA B 598 -21.58 -0.15 10.67
N LYS B 599 -20.89 -0.88 9.80
CA LYS B 599 -20.69 -0.36 8.46
C LYS B 599 -21.98 -0.38 7.65
N ASN B 600 -22.73 -1.48 7.73
CA ASN B 600 -23.93 -1.65 6.92
C ASN B 600 -25.20 -1.34 7.68
N ILE B 601 -25.12 -0.49 8.70
CA ILE B 601 -26.36 -0.31 9.42
C ILE B 601 -27.26 0.62 8.67
N TRP B 602 -26.69 1.51 7.85
CA TRP B 602 -27.58 2.38 7.09
C TRP B 602 -28.52 1.56 6.21
N GLY B 603 -28.07 0.42 5.72
CA GLY B 603 -28.92 -0.39 4.88
C GLY B 603 -30.14 -0.90 5.60
N ALA B 604 -30.03 -1.15 6.89
CA ALA B 604 -31.21 -1.51 7.67
C ALA B 604 -32.13 -0.32 7.83
N VAL B 605 -31.55 0.83 8.19
CA VAL B 605 -32.32 2.07 8.32
C VAL B 605 -33.18 2.27 7.11
N GLU B 606 -32.61 2.00 5.93
CA GLU B 606 -33.33 2.15 4.68
C GLU B 606 -34.49 1.17 4.57
N LYS B 607 -34.21 -0.12 4.82
CA LYS B 607 -35.25 -1.14 4.82
C LYS B 607 -36.42 -0.77 5.73
N VAL B 608 -36.13 -0.35 6.96
CA VAL B 608 -37.21 0.04 7.86
C VAL B 608 -37.99 1.20 7.27
N ARG B 609 -37.26 2.19 6.74
CA ARG B 609 -37.90 3.36 6.13
C ARG B 609 -38.81 2.95 4.99
N LYS B 610 -38.33 2.05 4.12
CA LYS B 610 -39.17 1.62 3.00
C LYS B 610 -40.39 0.89 3.50
N MET B 611 -40.19 0.07 4.54
CA MET B 611 -41.29 -0.67 5.16
C MET B 611 -42.32 0.24 5.81
N ILE B 612 -41.87 1.38 6.35
CA ILE B 612 -42.80 2.26 7.03
C ILE B 612 -43.60 3.08 6.02
N GLY B 613 -43.00 3.44 4.89
CA GLY B 613 -43.70 4.09 3.81
C GLY B 613 -43.12 5.47 3.51
N GLN B 614 -44.01 6.42 3.27
CA GLN B 614 -43.65 7.73 2.76
C GLN B 614 -43.91 8.77 3.84
N GLU B 615 -42.93 8.94 4.74
CA GLU B 615 -43.05 9.86 5.87
C GLU B 615 -41.82 10.75 5.92
N LYS B 616 -41.81 11.71 6.85
CA LYS B 616 -40.69 12.64 6.96
C LYS B 616 -39.63 11.97 7.84
N PHE B 617 -38.48 11.63 7.27
CA PHE B 617 -37.36 11.11 8.04
C PHE B 617 -36.23 12.12 8.07
N LYS B 618 -35.38 12.02 9.08
CA LYS B 618 -34.17 12.82 9.14
C LYS B 618 -33.02 11.84 9.39
N ASP B 619 -31.80 12.33 9.24
CA ASP B 619 -30.63 11.47 9.15
C ASP B 619 -29.73 11.78 10.33
N TYR B 620 -30.02 11.14 11.47
CA TYR B 620 -29.26 11.38 12.69
C TYR B 620 -28.00 10.56 12.76
N LEU B 621 -27.92 9.47 12.02
CA LEU B 621 -26.72 8.67 12.04
C LEU B 621 -25.51 9.48 11.59
N SER B 622 -25.70 10.45 10.70
CA SER B 622 -24.57 11.08 10.03
C SER B 622 -23.77 12.02 10.90
N CYS B 623 -24.34 12.51 12.00
CA CYS B 623 -23.55 13.17 13.03
C CYS B 623 -22.91 12.10 13.93
N MET B 624 -21.86 11.46 13.41
CA MET B 624 -21.18 10.41 14.19
C MET B 624 -19.77 10.21 13.71
N ASP C 8 15.43 -79.77 12.34
CA ASP C 8 14.44 -79.20 13.26
C ASP C 8 13.01 -79.21 12.66
N LYS C 9 12.91 -79.12 11.33
CA LYS C 9 11.65 -78.93 10.62
C LYS C 9 10.78 -80.20 10.63
N VAL C 10 9.52 -80.04 10.20
CA VAL C 10 8.60 -81.16 10.05
C VAL C 10 8.15 -81.35 8.59
N LYS C 11 8.40 -80.39 7.68
CA LYS C 11 8.07 -80.51 6.26
C LYS C 11 9.34 -80.25 5.45
N GLU C 12 10.10 -81.29 5.09
CA GLU C 12 11.45 -81.18 4.54
C GLU C 12 11.60 -81.70 3.13
N LYS C 13 12.66 -81.25 2.46
CA LYS C 13 13.11 -81.75 1.15
C LYS C 13 13.88 -83.06 1.38
N ASP C 14 14.43 -83.68 0.31
CA ASP C 14 15.05 -85.02 0.47
C ASP C 14 16.34 -85.31 -0.35
N VAL C 15 16.22 -85.51 -1.67
CA VAL C 15 17.30 -86.10 -2.47
C VAL C 15 17.42 -85.27 -3.74
N GLN C 16 16.38 -84.48 -4.02
CA GLN C 16 16.48 -83.51 -5.10
C GLN C 16 17.32 -82.29 -4.69
N GLU C 17 17.52 -82.09 -3.38
CA GLU C 17 18.50 -81.12 -2.89
C GLU C 17 19.94 -81.61 -3.07
N ARG C 18 20.20 -82.92 -2.92
CA ARG C 18 21.56 -83.45 -2.74
C ARG C 18 22.49 -83.08 -3.89
N ILE C 19 22.08 -83.31 -5.13
CA ILE C 19 22.95 -82.98 -6.27
C ILE C 19 23.22 -81.47 -6.32
N SER C 20 22.22 -80.65 -5.95
CA SER C 20 22.35 -79.18 -5.87
C SER C 20 23.35 -78.80 -4.77
N ALA C 21 23.01 -79.13 -3.50
CA ALA C 21 23.87 -78.82 -2.35
C ALA C 21 25.22 -79.50 -2.45
N LEU C 22 25.39 -80.42 -3.43
CA LEU C 22 26.62 -81.17 -3.66
C LEU C 22 27.68 -80.27 -4.30
N ARG C 23 27.43 -78.97 -4.40
CA ARG C 23 28.54 -78.07 -4.63
C ARG C 23 28.98 -77.70 -3.21
N GLU C 24 29.97 -78.42 -2.72
CA GLU C 24 30.73 -78.03 -1.54
C GLU C 24 32.06 -77.66 -2.17
N GLN C 25 31.97 -77.09 -3.37
CA GLN C 25 33.10 -76.56 -4.12
C GLN C 25 33.19 -75.06 -3.79
N TYR C 26 33.11 -74.82 -2.48
CA TYR C 26 33.37 -73.63 -1.69
C TYR C 26 34.08 -74.29 -0.50
N GLY C 27 34.65 -75.47 -0.76
CA GLY C 27 35.08 -76.38 0.30
C GLY C 27 36.21 -75.87 1.15
N GLU C 28 37.05 -74.98 0.59
CA GLU C 28 38.14 -74.37 1.34
C GLU C 28 37.69 -73.81 2.69
N THR C 29 36.44 -73.32 2.78
CA THR C 29 35.89 -72.83 4.05
C THR C 29 34.59 -73.49 4.46
N TRP C 30 34.11 -74.49 3.74
CA TRP C 30 32.86 -75.12 4.11
C TRP C 30 32.96 -75.68 5.52
N HIS C 31 31.97 -75.39 6.36
CA HIS C 31 31.96 -76.01 7.68
C HIS C 31 30.52 -76.22 8.10
N MET C 32 30.30 -76.35 9.40
CA MET C 32 28.97 -76.75 9.84
C MET C 32 28.61 -76.24 11.23
N ASP C 33 28.15 -75.00 11.28
CA ASP C 33 27.78 -74.31 12.52
C ASP C 33 26.73 -75.07 13.31
N ARG C 34 27.09 -75.52 14.51
CA ARG C 34 26.09 -76.11 15.39
C ARG C 34 25.21 -75.07 16.07
N GLU C 35 25.45 -73.79 15.84
CA GLU C 35 24.71 -72.71 16.52
C GLU C 35 23.91 -71.87 15.55
N HIS C 36 23.41 -72.49 14.47
CA HIS C 36 22.61 -71.82 13.46
C HIS C 36 21.16 -71.66 13.93
N PRO C 37 20.44 -70.66 13.40
CA PRO C 37 19.16 -70.26 13.98
C PRO C 37 17.92 -70.81 13.29
N TYR C 38 18.08 -71.69 12.31
CA TYR C 38 16.96 -72.02 11.47
C TYR C 38 16.06 -73.05 12.13
N ARG C 39 14.76 -72.75 12.14
CA ARG C 39 13.76 -73.68 12.67
C ARG C 39 13.09 -74.47 11.55
N THR C 40 12.46 -73.80 10.60
CA THR C 40 11.70 -74.49 9.56
C THR C 40 12.41 -74.56 8.22
N TRP C 41 13.58 -73.96 8.11
CA TRP C 41 14.44 -74.30 7.00
C TRP C 41 15.39 -75.41 7.45
N GLN C 42 16.13 -75.99 6.50
CA GLN C 42 17.11 -77.02 6.81
C GLN C 42 18.52 -76.49 6.62
N TYR C 43 19.38 -76.65 7.63
CA TYR C 43 20.77 -76.23 7.52
C TYR C 43 21.59 -77.32 6.83
N TRP C 44 22.44 -76.93 5.88
CA TRP C 44 23.29 -77.87 5.18
C TRP C 44 24.76 -77.49 5.28
N GLY C 45 25.10 -76.43 5.98
CA GLY C 45 26.48 -75.99 6.03
C GLY C 45 26.64 -74.52 5.70
N SER C 46 27.64 -73.90 6.31
CA SER C 46 28.01 -72.53 6.02
C SER C 46 29.26 -72.50 5.14
N TYR C 47 29.64 -71.32 4.68
CA TYR C 47 30.91 -71.14 4.00
C TYR C 47 31.23 -69.66 4.03
N ARG C 48 32.51 -69.33 4.12
CA ARG C 48 32.92 -67.95 4.38
C ARG C 48 32.77 -67.14 3.11
N THR C 49 32.27 -65.90 3.26
CA THR C 49 32.14 -64.93 2.18
C THR C 49 32.63 -63.59 2.66
N ALA C 50 32.83 -62.69 1.69
CA ALA C 50 33.23 -61.32 1.96
C ALA C 50 32.08 -60.56 2.61
N PRO C 51 32.27 -59.95 3.78
CA PRO C 51 31.15 -59.26 4.41
C PRO C 51 30.79 -58.05 3.58
N THR C 52 29.49 -57.79 3.46
CA THR C 52 29.04 -56.73 2.61
C THR C 52 27.76 -56.13 3.19
N GLY C 53 27.46 -54.92 2.76
CA GLY C 53 26.21 -54.27 3.08
C GLY C 53 26.32 -53.30 4.25
N SER C 54 25.46 -52.29 4.26
CA SER C 54 25.56 -51.19 5.21
C SER C 54 24.18 -50.89 5.80
N ALA C 55 24.20 -50.18 6.92
CA ALA C 55 23.00 -49.66 7.56
C ALA C 55 23.04 -48.16 7.75
N ALA C 56 24.05 -47.48 7.21
CA ALA C 56 24.10 -46.02 7.19
C ALA C 56 23.44 -45.54 5.92
N SER C 57 22.64 -44.50 6.03
CA SER C 57 21.95 -43.94 4.89
C SER C 57 22.87 -43.02 4.11
N LEU C 58 23.02 -43.29 2.82
CA LEU C 58 23.79 -42.45 1.91
C LEU C 58 22.77 -41.68 1.06
N ILE C 59 22.68 -40.36 1.24
CA ILE C 59 21.60 -39.58 0.64
C ILE C 59 22.09 -38.90 -0.62
N ASN C 60 21.25 -38.94 -1.65
CA ASN C 60 21.50 -38.27 -2.93
C ASN C 60 21.80 -36.79 -2.75
N GLY C 61 22.98 -36.39 -3.21
CA GLY C 61 23.37 -35.00 -3.08
C GLY C 61 22.43 -34.03 -3.78
N VAL C 62 22.14 -34.27 -5.07
CA VAL C 62 21.47 -33.22 -5.82
C VAL C 62 20.00 -33.12 -5.40
N VAL C 63 19.36 -34.27 -5.15
CA VAL C 63 17.98 -34.21 -4.72
C VAL C 63 17.86 -33.56 -3.34
N LYS C 64 18.86 -33.72 -2.47
CA LYS C 64 18.80 -33.04 -1.18
C LYS C 64 18.91 -31.54 -1.35
N LEU C 65 19.78 -31.08 -2.25
CA LEU C 65 19.94 -29.66 -2.51
C LEU C 65 18.63 -29.01 -2.97
N LEU C 66 17.84 -29.70 -3.79
CA LEU C 66 16.69 -29.10 -4.43
C LEU C 66 15.37 -29.35 -3.71
N SER C 67 15.41 -29.86 -2.48
CA SER C 67 14.16 -30.14 -1.78
C SER C 67 14.38 -30.12 -0.26
N TRP C 68 15.25 -29.21 0.22
CA TRP C 68 15.74 -29.12 1.60
C TRP C 68 14.63 -29.01 2.66
N PRO C 69 13.40 -28.57 2.33
CA PRO C 69 12.30 -28.75 3.27
C PRO C 69 12.25 -30.14 3.86
N TRP C 70 12.21 -31.13 3.00
CA TRP C 70 11.98 -32.51 3.40
C TRP C 70 13.10 -33.09 4.26
N ASN C 71 14.18 -32.35 4.56
CA ASN C 71 15.15 -32.85 5.53
C ASN C 71 14.47 -33.09 6.89
N ALA C 72 13.75 -32.08 7.40
CA ALA C 72 13.05 -32.13 8.69
C ALA C 72 11.71 -32.84 8.52
N ARG C 73 11.80 -34.15 8.23
CA ARG C 73 10.63 -34.92 7.83
C ARG C 73 10.95 -36.39 8.11
N GLU C 74 10.31 -36.98 9.12
CA GLU C 74 10.48 -38.40 9.43
C GLU C 74 9.66 -39.29 8.50
N ASP C 75 9.59 -38.91 7.22
CA ASP C 75 8.88 -39.65 6.18
C ASP C 75 9.80 -39.85 4.97
N VAL C 76 10.79 -38.96 4.81
CA VAL C 76 11.86 -39.14 3.82
C VAL C 76 13.10 -39.80 4.43
N VAL C 77 13.19 -39.93 5.76
CA VAL C 77 14.27 -40.63 6.43
C VAL C 77 13.85 -41.99 6.98
N ARG C 78 12.54 -42.31 6.96
CA ARG C 78 12.08 -43.67 7.14
C ARG C 78 12.48 -44.57 5.98
N MET C 79 12.77 -43.99 4.81
CA MET C 79 13.28 -44.72 3.65
C MET C 79 14.79 -44.91 3.70
N ALA C 80 15.49 -44.02 4.41
CA ALA C 80 16.94 -44.12 4.62
C ALA C 80 17.29 -45.42 5.33
N MET C 81 16.56 -45.72 6.41
CA MET C 81 16.77 -46.90 7.23
C MET C 81 16.43 -48.19 6.47
N THR C 82 17.41 -48.68 5.73
CA THR C 82 17.39 -50.01 5.14
C THR C 82 18.72 -50.68 5.44
N ASP C 83 18.66 -51.75 6.23
CA ASP C 83 19.83 -52.41 6.76
C ASP C 83 20.13 -53.59 5.84
N THR C 84 21.22 -53.51 5.09
CA THR C 84 21.58 -54.62 4.24
C THR C 84 22.80 -55.38 4.76
N THR C 85 23.11 -55.22 6.04
CA THR C 85 24.19 -56.01 6.62
C THR C 85 23.67 -57.42 6.85
N ALA C 86 24.59 -58.39 6.84
CA ALA C 86 24.15 -59.76 7.06
C ALA C 86 23.36 -59.87 8.34
N PHE C 87 23.71 -59.07 9.33
CA PHE C 87 22.92 -59.04 10.55
C PHE C 87 21.53 -58.50 10.30
N GLY C 88 21.40 -57.59 9.34
CA GLY C 88 20.10 -57.04 9.01
C GLY C 88 19.21 -58.06 8.32
N GLN C 89 19.63 -58.49 7.13
CA GLN C 89 19.04 -59.64 6.45
C GLN C 89 18.63 -60.70 7.47
N GLN C 90 19.60 -61.21 8.24
CA GLN C 90 19.31 -62.25 9.21
C GLN C 90 18.12 -61.92 10.11
N ARG C 91 18.11 -60.73 10.70
CA ARG C 91 17.02 -60.41 11.63
C ARG C 91 15.68 -60.31 10.92
N VAL C 92 15.68 -59.89 9.65
CA VAL C 92 14.45 -59.84 8.88
C VAL C 92 13.98 -61.25 8.56
N PHE C 93 14.92 -62.09 8.12
CA PHE C 93 14.65 -63.50 7.83
C PHE C 93 13.97 -64.18 9.00
N LYS C 94 14.63 -64.23 10.16
CA LYS C 94 14.09 -64.93 11.33
C LYS C 94 12.69 -64.45 11.68
N GLU C 95 12.39 -63.18 11.45
CA GLU C 95 11.10 -62.68 11.90
C GLU C 95 10.01 -62.96 10.87
N LYS C 96 10.30 -62.81 9.58
CA LYS C 96 9.26 -62.83 8.56
C LYS C 96 9.29 -64.06 7.64
N VAL C 97 10.45 -64.69 7.41
CA VAL C 97 10.58 -65.75 6.41
C VAL C 97 10.71 -67.15 7.01
N ASP C 98 11.26 -67.29 8.21
CA ASP C 98 11.46 -68.62 8.80
C ASP C 98 10.19 -69.02 9.56
N THR C 99 9.15 -69.27 8.79
CA THR C 99 7.92 -69.81 9.36
C THR C 99 7.39 -70.89 8.43
N LYS C 100 6.35 -71.56 8.88
CA LYS C 100 5.60 -72.50 8.06
C LYS C 100 4.14 -72.11 8.08
N ALA C 101 3.59 -71.81 6.91
CA ALA C 101 2.15 -71.69 6.79
C ALA C 101 1.47 -73.01 7.15
N GLN C 102 0.37 -72.94 7.90
CA GLN C 102 -0.47 -74.12 8.07
C GLN C 102 -1.03 -74.56 6.74
N GLU C 103 -0.92 -75.85 6.42
CA GLU C 103 -1.41 -76.21 5.09
C GLU C 103 -2.92 -76.39 5.10
N PRO C 104 -3.61 -76.23 3.96
CA PRO C 104 -5.08 -76.20 4.02
C PRO C 104 -5.64 -77.60 4.26
N GLN C 105 -6.92 -77.64 4.67
CA GLN C 105 -7.62 -78.91 4.88
C GLN C 105 -7.84 -79.71 3.59
N PRO C 106 -8.27 -80.98 3.66
CA PRO C 106 -8.27 -81.77 2.44
C PRO C 106 -9.36 -81.33 1.48
N GLY C 107 -10.48 -80.83 2.00
CA GLY C 107 -11.58 -80.42 1.16
C GLY C 107 -11.24 -79.08 0.56
N THR C 108 -10.76 -78.18 1.41
CA THR C 108 -10.15 -76.94 0.93
C THR C 108 -9.25 -77.27 -0.26
N LYS C 109 -8.42 -78.30 -0.10
CA LYS C 109 -7.45 -78.65 -1.13
C LYS C 109 -8.12 -79.07 -2.42
N VAL C 110 -9.26 -79.78 -2.30
CA VAL C 110 -10.02 -80.19 -3.50
C VAL C 110 -10.56 -78.97 -4.23
N ILE C 111 -11.32 -78.14 -3.49
CA ILE C 111 -11.88 -76.89 -4.00
C ILE C 111 -10.79 -76.10 -4.73
N MET C 112 -9.61 -76.01 -4.10
CA MET C 112 -8.47 -75.35 -4.71
C MET C 112 -8.13 -75.95 -6.08
N ARG C 113 -7.89 -77.28 -6.15
CA ARG C 113 -7.53 -77.86 -7.45
C ARG C 113 -8.69 -77.78 -8.42
N ALA C 114 -9.91 -77.77 -7.89
CA ALA C 114 -11.10 -77.58 -8.71
C ALA C 114 -11.06 -76.23 -9.42
N VAL C 115 -11.01 -75.15 -8.63
CA VAL C 115 -10.98 -73.79 -9.19
C VAL C 115 -9.76 -73.62 -10.08
N ASN C 116 -8.58 -73.96 -9.55
CA ASN C 116 -7.31 -73.87 -10.29
C ASN C 116 -7.42 -74.48 -11.68
N ASP C 117 -7.90 -75.73 -11.75
CA ASP C 117 -7.90 -76.47 -13.01
C ASP C 117 -8.81 -75.78 -14.03
N TRP C 118 -9.97 -75.28 -13.55
CA TRP C 118 -10.84 -74.41 -14.35
C TRP C 118 -10.03 -73.31 -15.02
N ILE C 119 -9.14 -72.68 -14.24
CA ILE C 119 -8.36 -71.54 -14.72
C ILE C 119 -7.33 -71.97 -15.74
N LEU C 120 -6.50 -72.96 -15.36
CA LEU C 120 -5.46 -73.41 -16.27
C LEU C 120 -6.05 -73.88 -17.59
N GLU C 121 -7.15 -74.66 -17.53
CA GLU C 121 -7.79 -75.09 -18.76
C GLU C 121 -8.17 -73.89 -19.61
N ARG C 122 -8.89 -72.95 -19.01
CA ARG C 122 -9.35 -71.77 -19.72
C ARG C 122 -8.21 -71.06 -20.46
N LEU C 123 -7.05 -70.89 -19.82
CA LEU C 123 -6.03 -70.16 -20.57
C LEU C 123 -5.29 -71.06 -21.53
N ALA C 124 -5.14 -72.35 -21.20
CA ALA C 124 -4.57 -73.27 -22.18
C ALA C 124 -5.37 -73.22 -23.47
N ARG C 125 -6.70 -73.34 -23.37
CA ARG C 125 -7.56 -73.32 -24.53
C ARG C 125 -7.40 -72.02 -25.35
N LYS C 126 -6.89 -70.96 -24.73
CA LYS C 126 -6.68 -69.70 -25.44
C LYS C 126 -5.26 -69.58 -26.00
N SER C 127 -4.28 -70.23 -25.38
CA SER C 127 -2.91 -70.35 -25.87
C SER C 127 -2.24 -71.53 -25.19
N LYS C 128 -1.56 -72.41 -26.02
CA LYS C 128 -1.01 -73.58 -25.34
C LYS C 128 0.42 -73.30 -24.87
N PRO C 129 0.83 -73.95 -23.78
CA PRO C 129 2.21 -73.84 -23.31
C PRO C 129 3.20 -74.11 -24.44
N ARG C 130 4.28 -73.33 -24.45
CA ARG C 130 5.31 -73.49 -25.47
C ARG C 130 6.67 -73.24 -24.84
N MET C 131 7.72 -73.59 -25.57
CA MET C 131 9.08 -73.26 -25.17
C MET C 131 9.44 -71.88 -25.73
N CYS C 132 10.54 -71.31 -25.25
CA CYS C 132 11.02 -70.04 -25.80
C CYS C 132 12.46 -70.20 -26.23
N SER C 133 12.75 -69.69 -27.42
CA SER C 133 14.05 -69.90 -28.04
C SER C 133 15.13 -69.08 -27.33
N ARG C 134 16.39 -69.37 -27.67
CA ARG C 134 17.47 -68.54 -27.17
C ARG C 134 17.47 -67.18 -27.84
N GLU C 135 16.93 -67.07 -29.07
CA GLU C 135 16.79 -65.76 -29.71
C GLU C 135 15.97 -64.83 -28.86
N GLU C 136 14.83 -65.33 -28.36
CA GLU C 136 14.04 -64.57 -27.41
C GLU C 136 14.90 -64.11 -26.24
N PHE C 137 15.55 -65.07 -25.56
CA PHE C 137 16.32 -64.72 -24.38
C PHE C 137 17.43 -63.73 -24.69
N ILE C 138 18.05 -63.86 -25.87
CA ILE C 138 19.12 -62.92 -26.22
C ILE C 138 18.54 -61.52 -26.36
N ALA C 139 17.34 -61.42 -26.94
CA ALA C 139 16.73 -60.13 -27.22
C ALA C 139 16.39 -59.39 -25.92
N LYS C 140 15.80 -60.11 -24.96
CA LYS C 140 15.53 -59.54 -23.64
C LYS C 140 16.79 -58.95 -23.02
N VAL C 141 17.90 -59.69 -23.11
CA VAL C 141 19.17 -59.29 -22.50
C VAL C 141 19.66 -57.96 -23.07
N LYS C 142 19.57 -57.79 -24.39
CA LYS C 142 19.94 -56.51 -25.01
C LYS C 142 19.27 -55.36 -24.29
N SER C 143 17.95 -55.43 -24.12
CA SER C 143 17.19 -54.43 -23.37
C SER C 143 17.70 -54.26 -21.94
N GLN C 154 28.09 -67.31 -11.28
CA GLN C 154 28.45 -66.85 -12.62
C GLN C 154 29.73 -65.99 -12.50
N ASN C 155 30.89 -66.60 -12.76
CA ASN C 155 32.15 -65.86 -12.72
C ASN C 155 32.89 -65.97 -14.05
N SER C 158 31.25 -58.42 -16.60
CA SER C 158 30.52 -57.61 -17.58
C SER C 158 29.00 -57.73 -17.40
N SER C 159 28.24 -57.22 -18.36
CA SER C 159 26.79 -57.33 -18.35
C SER C 159 26.36 -58.66 -18.97
N ALA C 160 25.08 -58.95 -18.81
CA ALA C 160 24.51 -60.11 -19.48
C ALA C 160 24.62 -60.00 -20.99
N LYS C 161 24.73 -58.78 -21.53
CA LYS C 161 24.98 -58.61 -22.94
C LYS C 161 26.24 -59.35 -23.36
N GLU C 162 27.31 -59.18 -22.59
CA GLU C 162 28.57 -59.88 -22.90
C GLU C 162 28.44 -61.37 -22.63
N ALA C 163 27.79 -61.74 -21.52
CA ALA C 163 27.80 -63.13 -21.08
C ALA C 163 27.18 -64.07 -22.11
N VAL C 164 26.28 -63.55 -22.96
CA VAL C 164 25.56 -64.43 -23.88
C VAL C 164 26.25 -64.54 -25.23
N GLU C 165 27.25 -63.70 -25.52
CA GLU C 165 28.00 -63.78 -26.76
C GLU C 165 29.07 -64.87 -26.70
N ASP C 166 29.75 -64.98 -25.55
CA ASP C 166 30.77 -66.01 -25.35
C ASP C 166 30.12 -67.39 -25.34
N PRO C 167 30.49 -68.28 -26.27
CA PRO C 167 29.81 -69.59 -26.33
C PRO C 167 30.17 -70.54 -25.20
N ALA C 168 31.07 -70.14 -24.30
CA ALA C 168 31.38 -70.99 -23.15
C ALA C 168 30.23 -70.97 -22.16
N PHE C 169 29.70 -69.78 -21.85
CA PHE C 169 28.51 -69.68 -21.02
C PHE C 169 27.37 -70.54 -21.55
N TRP C 170 27.20 -70.59 -22.88
CA TRP C 170 26.17 -71.43 -23.44
C TRP C 170 26.47 -72.90 -23.25
N GLN C 171 27.72 -73.33 -23.48
CA GLN C 171 28.08 -74.73 -23.18
C GLN C 171 27.72 -75.09 -21.74
N LEU C 172 27.87 -74.12 -20.82
CA LEU C 172 27.42 -74.32 -19.44
C LEU C 172 25.93 -74.64 -19.36
N VAL C 173 25.13 -73.87 -20.10
CA VAL C 173 23.68 -74.09 -20.12
C VAL C 173 23.38 -75.54 -20.49
N ASP C 174 23.90 -75.98 -21.65
CA ASP C 174 23.64 -77.34 -22.10
C ASP C 174 24.00 -78.37 -21.02
N GLU C 175 25.10 -78.12 -20.30
CA GLU C 175 25.49 -79.02 -19.22
C GLU C 175 24.35 -79.18 -18.22
N GLU C 176 23.77 -78.06 -17.78
CA GLU C 176 22.70 -78.19 -16.79
C GLU C 176 21.38 -78.54 -17.49
N ARG C 177 21.23 -78.12 -18.75
CA ARG C 177 20.06 -78.50 -19.52
C ARG C 177 19.93 -80.01 -19.66
N GLU C 178 21.04 -80.68 -19.99
CA GLU C 178 21.01 -82.13 -20.12
C GLU C 178 20.73 -82.78 -18.77
N ARG C 179 21.13 -82.13 -17.69
CA ARG C 179 20.84 -82.68 -16.38
C ARG C 179 19.36 -82.51 -16.06
N HIS C 180 18.76 -81.40 -16.50
CA HIS C 180 17.33 -81.19 -16.28
C HIS C 180 16.52 -82.23 -17.05
N LEU C 181 16.86 -82.46 -18.33
CA LEU C 181 16.20 -83.51 -19.10
C LEU C 181 16.28 -84.83 -18.36
N ALA C 182 17.42 -85.12 -17.74
CA ALA C 182 17.57 -86.32 -16.93
C ALA C 182 16.69 -86.30 -15.68
N GLY C 183 16.40 -85.12 -15.16
CA GLY C 183 15.63 -85.05 -13.93
C GLY C 183 16.51 -84.75 -12.74
N ARG C 184 17.57 -83.99 -12.96
CA ARG C 184 18.48 -83.65 -11.88
C ARG C 184 18.89 -82.20 -12.07
N CYS C 185 19.08 -81.51 -10.96
CA CYS C 185 19.50 -80.11 -10.91
C CYS C 185 20.87 -80.01 -10.26
N ALA C 186 21.75 -79.21 -10.86
CA ALA C 186 23.05 -78.97 -10.24
C ALA C 186 23.28 -77.53 -9.80
N HIS C 187 22.76 -76.55 -10.55
CA HIS C 187 23.15 -75.15 -10.36
C HIS C 187 22.01 -74.16 -10.11
N CYS C 188 20.77 -74.62 -9.95
CA CYS C 188 19.65 -73.69 -9.85
C CYS C 188 19.44 -73.40 -8.37
N VAL C 189 20.07 -72.34 -7.89
CA VAL C 189 20.18 -72.09 -6.46
C VAL C 189 19.88 -70.60 -6.24
N TYR C 190 19.19 -70.29 -5.14
CA TYR C 190 18.71 -68.92 -4.93
C TYR C 190 19.59 -68.15 -3.95
N ASN C 191 19.69 -66.85 -4.16
CA ASN C 191 20.67 -66.07 -3.44
C ASN C 191 20.10 -65.15 -2.38
N MET C 192 18.81 -64.80 -2.42
CA MET C 192 18.18 -64.08 -1.29
C MET C 192 18.97 -62.81 -0.91
N MET C 193 19.41 -62.07 -1.95
CA MET C 193 20.22 -60.85 -1.76
C MET C 193 19.47 -59.77 -0.96
N ILE C 212 12.64 -65.07 -1.17
CA ILE C 212 13.65 -66.12 -1.26
C ILE C 212 14.21 -66.31 -2.66
N TRP C 213 14.69 -65.26 -3.34
CA TRP C 213 15.12 -65.55 -4.70
C TRP C 213 16.02 -64.46 -5.30
N TYR C 214 16.78 -64.93 -6.32
CA TYR C 214 17.77 -64.30 -7.22
C TYR C 214 18.50 -65.48 -7.89
N MET C 215 19.05 -65.31 -9.10
CA MET C 215 19.68 -66.44 -9.80
C MET C 215 20.71 -65.90 -10.80
N TRP C 216 21.51 -66.82 -11.33
CA TRP C 216 22.59 -66.54 -12.28
C TRP C 216 22.17 -66.91 -13.69
N LEU C 217 22.74 -66.17 -14.66
CA LEU C 217 22.20 -66.08 -16.02
C LEU C 217 21.80 -67.41 -16.62
N GLY C 218 22.69 -68.40 -16.59
CA GLY C 218 22.37 -69.67 -17.21
C GLY C 218 21.14 -70.31 -16.61
N SER C 219 21.01 -70.23 -15.29
CA SER C 219 19.87 -70.87 -14.64
C SER C 219 18.58 -70.10 -14.89
N ARG C 220 18.66 -68.79 -15.03
CA ARG C 220 17.47 -68.02 -15.36
C ARG C 220 16.96 -68.41 -16.74
N PHE C 221 17.87 -68.54 -17.72
CA PHE C 221 17.44 -68.96 -19.06
C PHE C 221 16.72 -70.30 -19.01
N LEU C 222 17.19 -71.21 -18.16
CA LEU C 222 16.56 -72.50 -18.12
C LEU C 222 15.11 -72.39 -17.68
N GLU C 223 14.88 -71.60 -16.62
CA GLU C 223 13.52 -71.27 -16.19
C GLU C 223 12.74 -70.54 -17.28
N PHE C 224 13.38 -69.56 -17.93
CA PHE C 224 12.72 -68.79 -18.97
C PHE C 224 12.34 -69.66 -20.16
N GLU C 225 13.19 -70.63 -20.51
CA GLU C 225 12.89 -71.47 -21.65
C GLU C 225 11.69 -72.35 -21.36
N ALA C 226 11.59 -72.84 -20.13
CA ALA C 226 10.54 -73.77 -19.74
C ALA C 226 9.23 -73.05 -19.42
N LEU C 227 9.25 -72.18 -18.42
CA LEU C 227 8.02 -71.56 -17.96
C LEU C 227 7.82 -70.16 -18.52
N GLY C 228 8.76 -69.66 -19.33
CA GLY C 228 8.70 -68.25 -19.69
C GLY C 228 7.60 -67.89 -20.65
N PHE C 229 6.87 -68.87 -21.17
CA PHE C 229 5.69 -68.51 -21.96
C PHE C 229 4.71 -67.72 -21.12
N LEU C 230 4.59 -68.07 -19.82
CA LEU C 230 3.69 -67.34 -18.93
C LEU C 230 3.90 -65.83 -19.04
N ASN C 231 5.15 -65.39 -19.15
CA ASN C 231 5.38 -63.97 -19.39
C ASN C 231 5.24 -63.65 -20.86
N GLU C 232 5.88 -64.42 -21.73
CA GLU C 232 6.02 -63.97 -23.11
C GLU C 232 4.71 -64.08 -23.88
N ASP C 233 3.85 -65.02 -23.48
CA ASP C 233 2.51 -65.21 -24.03
C ASP C 233 1.45 -64.49 -23.20
N HIS C 234 1.85 -63.69 -22.20
CA HIS C 234 0.95 -62.83 -21.44
C HIS C 234 -0.19 -63.61 -20.79
N TRP C 235 0.16 -64.61 -19.99
CA TRP C 235 -0.90 -65.38 -19.37
C TRP C 235 -1.57 -64.58 -18.26
N ALA C 236 -0.89 -63.61 -17.68
CA ALA C 236 -1.53 -62.76 -16.69
C ALA C 236 -2.09 -61.49 -17.32
N SER C 237 -2.06 -61.40 -18.66
CA SER C 237 -2.74 -60.33 -19.37
C SER C 237 -4.20 -60.26 -18.97
N ARG C 238 -4.78 -59.05 -18.96
CA ARG C 238 -6.21 -58.98 -18.67
C ARG C 238 -7.00 -59.80 -19.68
N GLY C 239 -6.63 -59.67 -20.97
CA GLY C 239 -7.35 -60.36 -22.04
C GLY C 239 -7.39 -61.87 -21.88
N SER C 240 -6.36 -62.45 -21.27
CA SER C 240 -6.22 -63.90 -21.15
C SER C 240 -6.72 -64.44 -19.81
N SER C 241 -6.51 -63.70 -18.74
CA SER C 241 -6.83 -64.20 -17.42
C SER C 241 -8.12 -63.62 -16.87
N GLY C 242 -8.66 -62.58 -17.52
CA GLY C 242 -9.89 -61.96 -17.07
C GLY C 242 -9.72 -60.98 -15.97
N SER C 243 -9.08 -61.41 -14.87
CA SER C 243 -8.84 -60.57 -13.71
C SER C 243 -7.46 -59.90 -13.72
N GLY C 244 -6.53 -60.37 -14.56
CA GLY C 244 -5.18 -59.87 -14.54
C GLY C 244 -5.09 -58.45 -15.07
N VAL C 245 -3.90 -57.85 -14.92
CA VAL C 245 -3.66 -56.49 -15.42
C VAL C 245 -2.26 -56.36 -16.00
N GLU C 246 -1.57 -57.48 -16.21
CA GLU C 246 -0.30 -57.45 -16.90
C GLU C 246 -0.40 -56.64 -18.18
N GLY C 247 0.55 -55.72 -18.36
CA GLY C 247 0.64 -54.90 -19.53
C GLY C 247 0.00 -53.53 -19.36
N ILE C 248 -1.02 -53.41 -18.52
CA ILE C 248 -1.63 -52.12 -18.29
C ILE C 248 -0.63 -51.23 -17.55
N SER C 249 -0.28 -50.11 -18.18
CA SER C 249 0.59 -49.13 -17.56
C SER C 249 -0.08 -48.51 -16.35
N LEU C 250 0.72 -48.10 -15.37
CA LEU C 250 0.13 -47.54 -14.17
C LEU C 250 -0.66 -46.28 -14.50
N ASN C 251 -0.24 -45.55 -15.54
CA ASN C 251 -0.95 -44.39 -16.06
C ASN C 251 -2.30 -44.71 -16.70
N TYR C 252 -2.66 -45.99 -16.85
CA TYR C 252 -3.96 -46.35 -17.44
C TYR C 252 -4.85 -47.14 -16.49
N LEU C 253 -4.28 -47.74 -15.44
CA LEU C 253 -5.04 -48.60 -14.54
C LEU C 253 -6.30 -47.91 -14.02
N GLY C 254 -6.21 -46.63 -13.69
CA GLY C 254 -7.35 -45.98 -13.09
C GLY C 254 -8.61 -46.10 -13.93
N TRP C 255 -8.47 -46.14 -15.24
CA TRP C 255 -9.65 -46.37 -16.06
C TRP C 255 -10.25 -47.74 -15.74
N TYR C 256 -9.41 -48.72 -15.40
CA TYR C 256 -9.92 -50.05 -15.05
C TYR C 256 -10.59 -50.03 -13.69
N LEU C 257 -9.97 -49.36 -12.69
CA LEU C 257 -10.63 -49.18 -11.40
C LEU C 257 -11.99 -48.52 -11.53
N LYS C 258 -12.05 -47.40 -12.22
CA LYS C 258 -13.31 -46.68 -12.33
C LYS C 258 -14.35 -47.51 -13.07
N GLY C 259 -13.92 -48.33 -14.03
CA GLY C 259 -14.86 -49.20 -14.71
C GLY C 259 -15.60 -50.13 -13.77
N LEU C 260 -14.88 -50.74 -12.83
CA LEU C 260 -15.54 -51.61 -11.86
C LEU C 260 -16.72 -50.94 -11.16
N SER C 261 -16.69 -49.62 -10.96
CA SER C 261 -17.77 -49.00 -10.19
C SER C 261 -19.12 -49.18 -10.88
N THR C 262 -19.12 -49.26 -12.21
CA THR C 262 -20.36 -49.41 -12.96
C THR C 262 -20.98 -50.82 -12.85
N LEU C 263 -20.42 -51.71 -12.07
CA LEU C 263 -20.97 -53.05 -11.95
C LEU C 263 -22.00 -53.07 -10.83
N GLU C 264 -23.08 -53.81 -11.05
CA GLU C 264 -23.98 -54.07 -9.95
C GLU C 264 -23.24 -54.95 -8.96
N GLY C 265 -23.25 -54.60 -7.68
CA GLY C 265 -22.53 -55.41 -6.71
C GLY C 265 -22.42 -54.72 -5.35
N GLY C 266 -21.52 -55.23 -4.52
CA GLY C 266 -21.27 -54.68 -3.20
C GLY C 266 -20.21 -53.60 -3.26
N LEU C 267 -19.50 -53.41 -2.15
CA LEU C 267 -18.38 -52.47 -2.11
C LEU C 267 -17.13 -53.00 -2.83
N PHE C 268 -16.14 -52.12 -2.90
CA PHE C 268 -14.80 -52.47 -3.32
C PHE C 268 -14.09 -53.09 -2.14
N TYR C 269 -13.32 -54.14 -2.39
CA TYR C 269 -12.49 -54.76 -1.37
C TYR C 269 -11.06 -54.82 -1.88
N ALA C 270 -10.11 -54.47 -1.03
CA ALA C 270 -8.72 -54.42 -1.44
C ALA C 270 -7.86 -54.84 -0.25
N ASP C 271 -8.24 -55.96 0.36
CA ASP C 271 -7.43 -56.55 1.42
C ASP C 271 -6.07 -56.89 0.83
N ASP C 272 -5.03 -56.64 1.61
CA ASP C 272 -3.66 -56.91 1.21
C ASP C 272 -3.15 -58.00 2.12
N THR C 273 -2.56 -59.04 1.54
CA THR C 273 -2.10 -60.14 2.36
C THR C 273 -0.73 -59.85 2.98
N ALA C 274 -0.61 -60.08 4.28
CA ALA C 274 0.64 -60.04 5.03
C ALA C 274 1.74 -60.97 4.47
N GLY C 275 2.71 -60.41 3.77
CA GLY C 275 3.80 -61.22 3.27
C GLY C 275 3.34 -62.40 2.46
N TRP C 276 2.79 -62.13 1.27
CA TRP C 276 2.20 -63.19 0.44
C TRP C 276 3.14 -64.37 0.25
N ASP C 277 4.28 -64.15 -0.39
CA ASP C 277 5.19 -65.23 -0.79
C ASP C 277 5.48 -66.23 0.32
N THR C 278 5.41 -65.83 1.58
CA THR C 278 5.68 -66.83 2.59
C THR C 278 4.47 -67.70 2.91
N LYS C 279 3.28 -67.34 2.43
CA LYS C 279 2.11 -68.16 2.62
C LYS C 279 1.77 -68.99 1.40
N VAL C 280 2.60 -68.97 0.35
CA VAL C 280 2.29 -69.83 -0.78
C VAL C 280 2.58 -71.24 -0.30
N THR C 281 1.52 -72.01 -0.05
CA THR C 281 1.68 -73.30 0.60
C THR C 281 2.08 -74.36 -0.40
N ASN C 282 2.30 -75.56 0.14
CA ASN C 282 2.65 -76.71 -0.69
C ASN C 282 1.49 -77.07 -1.59
N ALA C 283 0.28 -77.05 -1.01
CA ALA C 283 -0.97 -77.09 -1.75
C ALA C 283 -0.95 -76.16 -2.95
N ASP C 284 -0.76 -74.87 -2.68
CA ASP C 284 -0.65 -73.87 -3.73
C ASP C 284 0.35 -74.29 -4.79
N LEU C 285 1.50 -74.85 -4.38
CA LEU C 285 2.53 -75.15 -5.37
C LEU C 285 2.16 -76.34 -6.24
N GLU C 286 1.62 -77.40 -5.63
CA GLU C 286 1.17 -78.54 -6.40
C GLU C 286 0.11 -78.15 -7.41
N ASP C 287 -0.88 -77.34 -6.99
CA ASP C 287 -1.86 -76.85 -7.96
C ASP C 287 -1.18 -76.19 -9.15
N GLU C 288 -0.23 -75.30 -8.89
CA GLU C 288 0.51 -74.66 -9.97
C GLU C 288 1.18 -75.71 -10.84
N GLU C 289 1.66 -76.79 -10.20
CA GLU C 289 2.44 -77.80 -10.86
C GLU C 289 1.58 -78.57 -11.88
N GLN C 290 0.28 -78.71 -11.60
CA GLN C 290 -0.62 -79.35 -12.56
C GLN C 290 -0.66 -78.58 -13.90
N LEU C 291 0.10 -77.49 -14.03
CA LEU C 291 0.40 -76.84 -15.31
C LEU C 291 1.23 -77.72 -16.22
N LEU C 292 1.73 -78.84 -15.70
CA LEU C 292 2.58 -79.72 -16.51
C LEU C 292 1.76 -80.55 -17.48
N ARG C 293 0.50 -80.85 -17.13
CA ARG C 293 -0.44 -81.52 -18.01
C ARG C 293 -0.77 -80.75 -19.29
N TYR C 294 -0.15 -79.63 -19.63
CA TYR C 294 -0.42 -78.96 -20.91
C TYR C 294 0.85 -78.86 -21.73
N MET C 295 1.81 -79.75 -21.45
CA MET C 295 3.11 -79.80 -22.12
C MET C 295 3.41 -81.24 -22.53
N GLU C 296 4.33 -81.38 -23.49
CA GLU C 296 4.65 -82.70 -24.00
C GLU C 296 6.12 -82.79 -24.36
N GLY C 297 6.74 -83.89 -23.94
CA GLY C 297 8.03 -84.28 -24.50
C GLY C 297 9.19 -83.66 -23.75
N GLU C 298 10.05 -82.94 -24.47
CA GLU C 298 11.15 -82.23 -23.82
C GLU C 298 10.60 -81.22 -22.81
N HIS C 299 9.70 -80.35 -23.27
CA HIS C 299 9.07 -79.34 -22.45
C HIS C 299 8.65 -79.90 -21.12
N LYS C 300 7.70 -80.82 -21.13
CA LYS C 300 7.14 -81.29 -19.88
C LYS C 300 8.22 -81.84 -18.94
N GLN C 301 9.45 -82.05 -19.42
CA GLN C 301 10.50 -82.49 -18.50
C GLN C 301 11.34 -81.32 -18.01
N LEU C 302 11.95 -80.54 -18.94
CA LEU C 302 12.65 -79.32 -18.54
C LEU C 302 11.83 -78.51 -17.53
N ALA C 303 10.52 -78.44 -17.75
CA ALA C 303 9.62 -77.70 -16.86
C ALA C 303 9.34 -78.45 -15.57
N ALA C 304 9.02 -79.74 -15.67
CA ALA C 304 8.83 -80.51 -14.45
C ALA C 304 10.05 -80.43 -13.55
N THR C 305 11.24 -80.31 -14.14
CA THR C 305 12.44 -80.16 -13.33
C THR C 305 12.43 -78.81 -12.64
N ILE C 306 12.26 -77.74 -13.42
CA ILE C 306 12.24 -76.39 -12.87
C ILE C 306 11.17 -76.25 -11.79
N MET C 307 9.94 -76.65 -12.10
CA MET C 307 8.88 -76.50 -11.11
C MET C 307 9.10 -77.39 -9.89
N GLN C 308 9.53 -78.64 -10.08
CA GLN C 308 9.62 -79.58 -8.97
C GLN C 308 10.98 -79.64 -8.30
N LYS C 309 12.06 -79.33 -9.03
CA LYS C 309 13.38 -79.28 -8.42
C LYS C 309 13.66 -77.85 -7.93
N ALA C 310 13.84 -76.92 -8.87
CA ALA C 310 14.20 -75.55 -8.50
C ALA C 310 13.14 -74.88 -7.63
N TYR C 311 11.88 -74.81 -8.10
CA TYR C 311 10.86 -74.02 -7.42
C TYR C 311 10.34 -74.72 -6.17
N HIS C 312 10.24 -76.04 -6.17
CA HIS C 312 9.57 -76.75 -5.08
C HIS C 312 10.52 -77.52 -4.14
N ALA C 313 11.81 -77.62 -4.46
CA ALA C 313 12.82 -78.16 -3.52
C ALA C 313 13.98 -77.18 -3.53
N LYS C 314 13.87 -76.15 -2.69
CA LYS C 314 14.67 -74.94 -2.78
C LYS C 314 15.98 -75.09 -2.03
N VAL C 315 17.06 -74.67 -2.67
CA VAL C 315 18.38 -74.54 -2.06
C VAL C 315 18.72 -73.05 -2.05
N VAL C 316 18.86 -72.47 -0.86
CA VAL C 316 18.96 -71.02 -0.71
C VAL C 316 20.24 -70.64 0.04
N LYS C 317 20.95 -69.66 -0.50
CA LYS C 317 22.13 -69.06 0.09
C LYS C 317 21.70 -67.86 0.91
N VAL C 318 21.90 -67.92 2.23
CA VAL C 318 21.54 -66.84 3.14
C VAL C 318 22.78 -66.42 3.92
N ALA C 319 23.09 -65.13 3.89
CA ALA C 319 24.22 -64.66 4.66
C ALA C 319 23.83 -64.45 6.12
N ARG C 320 24.79 -64.70 7.01
CA ARG C 320 24.69 -64.48 8.46
C ARG C 320 26.07 -64.04 8.94
N PRO C 321 26.13 -63.22 9.98
CA PRO C 321 27.45 -62.85 10.51
C PRO C 321 28.09 -63.97 11.32
N SER C 322 29.36 -64.27 11.00
CA SER C 322 30.19 -65.21 11.74
C SER C 322 30.57 -64.64 13.11
N ARG C 323 31.27 -65.44 13.91
CA ARG C 323 31.65 -65.06 15.27
C ARG C 323 33.14 -64.75 15.39
N ASP C 324 33.78 -64.46 14.27
CA ASP C 324 35.21 -64.15 14.25
C ASP C 324 35.51 -62.89 13.44
N GLY C 325 34.52 -62.00 13.32
CA GLY C 325 34.62 -60.80 12.53
C GLY C 325 34.51 -60.99 11.03
N GLY C 326 33.44 -61.65 10.59
CA GLY C 326 33.26 -61.85 9.16
C GLY C 326 31.89 -62.42 8.86
N CYS C 327 31.63 -62.60 7.58
CA CYS C 327 30.38 -63.20 7.12
C CYS C 327 30.53 -64.68 6.87
N VAL C 328 29.41 -65.37 6.94
CA VAL C 328 29.33 -66.73 6.46
C VAL C 328 28.03 -66.90 5.68
N MET C 329 28.06 -67.63 4.58
CA MET C 329 26.85 -67.94 3.82
C MET C 329 26.29 -69.27 4.27
N ASP C 330 25.05 -69.29 4.71
CA ASP C 330 24.38 -70.55 5.03
C ASP C 330 23.69 -71.14 3.80
N VAL C 331 23.65 -72.45 3.74
CA VAL C 331 22.97 -73.16 2.67
C VAL C 331 21.79 -73.85 3.32
N ILE C 332 20.59 -73.36 3.03
CA ILE C 332 19.37 -73.87 3.66
C ILE C 332 18.42 -74.34 2.58
N THR C 333 17.48 -75.20 2.99
CA THR C 333 16.50 -75.79 2.05
C THR C 333 15.10 -75.79 2.65
N ARG C 334 14.12 -75.94 1.76
CA ARG C 334 12.72 -75.71 2.11
C ARG C 334 11.82 -76.25 1.02
N ARG C 335 10.61 -76.64 1.42
CA ARG C 335 9.66 -77.18 0.43
C ARG C 335 8.76 -76.07 -0.14
N ASP C 336 8.02 -75.34 0.70
CA ASP C 336 7.05 -74.38 0.19
C ASP C 336 7.58 -72.94 0.21
N GLN C 337 6.67 -71.96 0.16
CA GLN C 337 6.92 -70.53 -0.03
C GLN C 337 7.37 -70.30 -1.45
N ARG C 338 7.44 -69.04 -1.86
CA ARG C 338 7.86 -68.71 -3.21
C ARG C 338 9.13 -67.89 -3.18
N GLY C 339 10.02 -68.13 -4.13
CA GLY C 339 11.09 -67.18 -4.37
C GLY C 339 10.51 -65.95 -5.05
N SER C 340 10.86 -64.76 -4.57
CA SER C 340 10.32 -63.53 -5.16
C SER C 340 10.91 -63.20 -6.52
N GLY C 341 12.13 -63.69 -6.82
CA GLY C 341 12.78 -63.40 -8.08
C GLY C 341 12.77 -64.54 -9.09
N GLN C 342 11.91 -65.52 -8.89
CA GLN C 342 11.64 -66.53 -9.91
C GLN C 342 11.16 -65.83 -11.19
N VAL C 343 11.56 -66.36 -12.35
CA VAL C 343 11.24 -65.71 -13.62
C VAL C 343 9.73 -65.53 -13.76
N VAL C 344 8.95 -66.39 -13.13
CA VAL C 344 7.50 -66.30 -13.31
C VAL C 344 6.80 -66.16 -11.97
N THR C 345 7.43 -65.47 -11.02
CA THR C 345 6.76 -65.19 -9.76
C THR C 345 5.51 -64.35 -9.95
N TYR C 346 5.59 -63.32 -10.79
CA TYR C 346 4.43 -62.46 -10.96
C TYR C 346 3.27 -63.25 -11.54
N ALA C 347 3.53 -63.98 -12.62
CA ALA C 347 2.47 -64.73 -13.28
C ALA C 347 1.86 -65.77 -12.34
N LEU C 348 2.70 -66.62 -11.78
CA LEU C 348 2.22 -67.63 -10.85
C LEU C 348 1.49 -67.00 -9.68
N ASN C 349 1.97 -65.84 -9.22
CA ASN C 349 1.32 -65.21 -8.07
C ASN C 349 -0.04 -64.64 -8.45
N THR C 350 -0.11 -63.99 -9.61
CA THR C 350 -1.37 -63.53 -10.17
C THR C 350 -2.38 -64.66 -10.24
N LEU C 351 -2.12 -65.66 -11.10
CA LEU C 351 -2.96 -66.84 -11.20
C LEU C 351 -3.39 -67.39 -9.84
N THR C 352 -2.46 -67.74 -8.96
CA THR C 352 -2.88 -68.30 -7.68
C THR C 352 -3.75 -67.32 -6.88
N ASN C 353 -3.55 -66.00 -7.05
CA ASN C 353 -4.37 -65.05 -6.31
C ASN C 353 -5.77 -64.93 -6.89
N ILE C 354 -5.87 -64.90 -8.22
CA ILE C 354 -7.17 -65.05 -8.90
C ILE C 354 -7.92 -66.26 -8.34
N LYS C 355 -7.20 -67.36 -8.11
CA LYS C 355 -7.84 -68.54 -7.53
C LYS C 355 -8.31 -68.27 -6.11
N VAL C 356 -7.43 -67.74 -5.26
CA VAL C 356 -7.83 -67.42 -3.90
C VAL C 356 -9.09 -66.56 -3.88
N GLN C 357 -9.18 -65.60 -4.78
CA GLN C 357 -10.29 -64.68 -4.63
C GLN C 357 -11.57 -65.28 -5.24
N LEU C 358 -11.48 -66.02 -6.35
CA LEU C 358 -12.65 -66.78 -6.80
C LEU C 358 -13.21 -67.64 -5.69
N ILE C 359 -12.34 -68.20 -4.84
CA ILE C 359 -12.82 -69.05 -3.77
C ILE C 359 -13.54 -68.23 -2.73
N ARG C 360 -13.05 -67.03 -2.45
CA ARG C 360 -13.67 -66.25 -1.36
C ARG C 360 -15.04 -65.73 -1.76
N MET C 361 -15.18 -65.20 -2.99
CA MET C 361 -16.52 -64.92 -3.52
C MET C 361 -17.42 -66.10 -3.22
N MET C 362 -16.98 -67.26 -3.66
CA MET C 362 -17.77 -68.46 -3.55
C MET C 362 -18.10 -68.79 -2.08
N GLU C 363 -17.20 -68.52 -1.13
CA GLU C 363 -17.61 -68.70 0.27
C GLU C 363 -18.77 -67.76 0.60
N GLY C 364 -18.63 -66.48 0.28
CA GLY C 364 -19.66 -65.58 0.73
C GLY C 364 -20.89 -65.53 -0.16
N GLU C 365 -20.88 -66.25 -1.26
CA GLU C 365 -22.05 -66.31 -2.12
C GLU C 365 -22.98 -67.46 -1.76
N GLY C 366 -22.63 -68.28 -0.77
CA GLY C 366 -23.40 -69.45 -0.38
C GLY C 366 -22.88 -70.77 -0.92
N VAL C 367 -22.09 -70.74 -2.00
CA VAL C 367 -21.64 -71.94 -2.71
C VAL C 367 -20.75 -72.86 -1.89
N ILE C 368 -20.26 -72.42 -0.72
CA ILE C 368 -19.26 -73.17 0.01
C ILE C 368 -19.42 -72.79 1.48
N GLU C 369 -19.43 -73.77 2.38
CA GLU C 369 -20.08 -73.51 3.66
C GLU C 369 -19.23 -73.93 4.86
N ALA C 370 -17.90 -73.96 4.70
CA ALA C 370 -16.99 -74.20 5.82
C ALA C 370 -17.05 -75.62 6.33
N SER C 371 -18.27 -76.16 6.39
CA SER C 371 -18.43 -77.58 6.64
C SER C 371 -17.84 -78.42 5.51
N ASP C 372 -17.94 -77.97 4.27
CA ASP C 372 -17.32 -78.75 3.20
C ASP C 372 -15.85 -78.43 3.03
N ALA C 373 -15.22 -77.93 4.11
CA ALA C 373 -13.76 -77.85 4.14
C ALA C 373 -13.14 -79.22 4.32
N HIS C 374 -13.86 -80.14 4.97
CA HIS C 374 -13.37 -81.50 5.13
C HIS C 374 -14.27 -82.53 4.46
N ASN C 375 -15.36 -82.13 3.82
CA ASN C 375 -16.08 -83.03 2.91
C ASN C 375 -16.74 -82.24 1.81
N PRO C 376 -16.03 -82.00 0.72
CA PRO C 376 -16.40 -80.93 -0.22
C PRO C 376 -17.61 -81.28 -1.07
N ARG C 377 -18.57 -80.37 -1.10
CA ARG C 377 -19.65 -80.41 -2.07
C ARG C 377 -19.15 -80.04 -3.48
N LEU C 378 -18.10 -80.71 -3.95
CA LEU C 378 -17.44 -80.35 -5.21
C LEU C 378 -18.40 -79.98 -6.35
N LEU C 379 -19.61 -80.53 -6.34
CA LEU C 379 -20.49 -80.23 -7.46
C LEU C 379 -20.93 -78.77 -7.42
N ARG C 380 -21.15 -78.23 -6.22
CA ARG C 380 -21.50 -76.83 -6.07
C ARG C 380 -20.48 -75.94 -6.77
N VAL C 381 -19.19 -76.19 -6.51
CA VAL C 381 -18.16 -75.27 -7.03
C VAL C 381 -17.97 -75.49 -8.53
N GLU C 382 -18.34 -76.65 -9.04
CA GLU C 382 -18.25 -76.86 -10.48
C GLU C 382 -19.38 -76.15 -11.20
N ARG C 383 -20.57 -76.11 -10.58
CA ARG C 383 -21.70 -75.39 -11.15
C ARG C 383 -21.43 -73.90 -11.16
N TRP C 384 -21.10 -73.36 -9.98
CA TRP C 384 -20.70 -71.96 -9.85
C TRP C 384 -19.70 -71.56 -10.92
N LEU C 385 -18.69 -72.40 -11.15
CA LEU C 385 -17.63 -72.05 -12.07
C LEU C 385 -18.15 -71.94 -13.49
N ARG C 386 -19.00 -72.89 -13.90
CA ARG C 386 -19.40 -72.99 -15.30
C ARG C 386 -20.48 -71.97 -15.64
N ASP C 387 -21.37 -71.75 -14.68
CA ASP C 387 -22.50 -70.85 -14.87
C ASP C 387 -22.07 -69.40 -14.69
N HIS C 388 -21.80 -69.03 -13.44
CA HIS C 388 -21.43 -67.68 -13.06
C HIS C 388 -19.96 -67.34 -13.43
N GLY C 389 -19.04 -68.30 -13.39
CA GLY C 389 -17.60 -68.02 -13.21
C GLY C 389 -16.98 -66.92 -14.05
N GLU C 390 -17.11 -67.05 -15.35
CA GLU C 390 -16.45 -66.10 -16.22
C GLU C 390 -16.88 -64.65 -15.97
N GLU C 391 -18.12 -64.36 -15.55
CA GLU C 391 -18.36 -62.95 -15.26
C GLU C 391 -17.67 -62.54 -13.97
N ARG C 392 -17.46 -63.49 -13.05
CA ARG C 392 -16.74 -63.13 -11.83
C ARG C 392 -15.31 -62.70 -12.14
N LEU C 393 -14.72 -63.22 -13.21
CA LEU C 393 -13.36 -62.82 -13.51
C LEU C 393 -13.25 -61.31 -13.67
N GLY C 394 -14.26 -60.68 -14.23
CA GLY C 394 -14.13 -59.28 -14.55
C GLY C 394 -14.49 -58.32 -13.47
N ARG C 395 -14.82 -58.83 -12.28
CA ARG C 395 -15.01 -57.99 -11.10
C ARG C 395 -13.73 -57.82 -10.28
N MET C 396 -12.64 -58.47 -10.66
CA MET C 396 -11.37 -58.38 -9.96
C MET C 396 -10.32 -57.69 -10.81
N LEU C 397 -9.43 -57.00 -10.11
CA LEU C 397 -8.21 -56.46 -10.69
C LEU C 397 -7.10 -57.18 -9.94
N VAL C 398 -6.38 -58.09 -10.60
CA VAL C 398 -5.36 -58.86 -9.89
C VAL C 398 -4.00 -58.66 -10.53
N SER C 399 -3.03 -58.21 -9.73
CA SER C 399 -1.67 -57.96 -10.18
C SER C 399 -0.78 -58.53 -9.09
N GLY C 400 -0.03 -59.58 -9.40
CA GLY C 400 0.62 -60.35 -8.36
C GLY C 400 -0.24 -60.58 -7.12
N ASP C 401 0.29 -60.24 -5.95
CA ASP C 401 -0.46 -60.49 -4.72
C ASP C 401 -1.36 -59.34 -4.37
N ASP C 402 -1.63 -58.43 -5.29
CA ASP C 402 -2.50 -57.30 -5.00
C ASP C 402 -3.77 -57.45 -5.80
N CYS C 403 -4.91 -57.20 -5.15
CA CYS C 403 -6.18 -57.26 -5.84
C CYS C 403 -7.07 -56.10 -5.45
N VAL C 404 -7.94 -55.75 -6.39
CA VAL C 404 -9.19 -55.03 -6.15
C VAL C 404 -10.29 -56.00 -6.57
N VAL C 405 -11.18 -56.33 -5.64
CA VAL C 405 -12.30 -57.22 -5.93
C VAL C 405 -13.61 -56.48 -5.70
N ARG C 406 -14.60 -56.76 -6.54
CA ARG C 406 -15.91 -56.10 -6.49
C ARG C 406 -16.97 -57.19 -6.46
N PRO C 407 -17.29 -57.72 -5.29
CA PRO C 407 -18.11 -58.92 -5.21
C PRO C 407 -19.55 -58.67 -5.55
N VAL C 408 -20.37 -59.71 -5.40
CA VAL C 408 -21.80 -59.63 -5.72
C VAL C 408 -22.56 -58.88 -4.65
N ASP C 409 -22.16 -59.01 -3.38
CA ASP C 409 -22.71 -58.20 -2.31
C ASP C 409 -21.76 -58.27 -1.13
N ASP C 410 -22.04 -57.46 -0.11
CA ASP C 410 -21.07 -57.33 0.96
C ASP C 410 -21.07 -58.50 1.91
N ARG C 411 -21.58 -59.66 1.50
CA ARG C 411 -21.34 -60.85 2.29
C ARG C 411 -19.85 -61.20 2.28
N PHE C 412 -19.19 -60.89 1.17
CA PHE C 412 -17.75 -61.10 0.98
C PHE C 412 -16.91 -60.55 2.11
N SER C 413 -17.42 -59.60 2.87
CA SER C 413 -16.61 -59.04 3.94
C SER C 413 -16.50 -59.95 5.14
N ARG C 414 -17.39 -60.95 5.25
CA ARG C 414 -17.41 -61.91 6.34
C ARG C 414 -16.91 -63.28 5.91
N ALA C 415 -16.76 -63.52 4.60
CA ALA C 415 -16.30 -64.80 4.07
C ALA C 415 -14.83 -65.12 4.36
N LEU C 416 -14.44 -65.23 5.63
CA LEU C 416 -13.04 -65.43 5.94
C LEU C 416 -12.68 -66.84 6.35
N TYR C 417 -13.57 -67.83 6.18
CA TYR C 417 -13.15 -69.16 6.60
C TYR C 417 -12.12 -69.73 5.65
N PHE C 418 -12.40 -69.69 4.35
CA PHE C 418 -11.46 -70.34 3.47
C PHE C 418 -10.25 -69.45 3.18
N LEU C 419 -10.38 -68.15 3.41
CA LEU C 419 -9.20 -67.32 3.25
C LEU C 419 -8.21 -67.59 4.37
N ASN C 420 -8.69 -67.73 5.60
CA ASN C 420 -7.77 -68.10 6.67
C ASN C 420 -7.28 -69.54 6.57
N ASP C 421 -7.95 -70.39 5.81
CA ASP C 421 -7.52 -71.78 5.72
C ASP C 421 -6.40 -71.97 4.71
N MET C 422 -6.47 -71.31 3.55
CA MET C 422 -5.31 -71.32 2.65
C MET C 422 -4.18 -70.40 3.12
N ALA C 423 -4.16 -70.02 4.40
CA ALA C 423 -3.10 -69.29 5.09
C ALA C 423 -2.92 -67.86 4.60
N LYS C 424 -3.73 -67.38 3.66
CA LYS C 424 -3.59 -66.04 3.10
C LYS C 424 -4.16 -64.99 4.08
N THR C 425 -3.51 -64.91 5.24
CA THR C 425 -3.95 -64.02 6.31
C THR C 425 -3.95 -62.55 5.89
N ARG C 426 -5.10 -61.91 6.02
CA ARG C 426 -5.20 -60.48 5.77
C ARG C 426 -4.35 -59.72 6.79
N LYS C 427 -3.60 -58.73 6.32
CA LYS C 427 -2.76 -57.94 7.23
C LYS C 427 -3.49 -56.75 7.85
N ASP C 428 -3.03 -56.40 9.06
CA ASP C 428 -3.48 -55.22 9.80
C ASP C 428 -4.98 -55.27 10.07
N ILE C 429 -5.44 -56.43 10.53
CA ILE C 429 -6.84 -56.64 10.89
C ILE C 429 -6.93 -58.02 11.53
N GLY C 430 -7.77 -58.16 12.57
CA GLY C 430 -7.91 -59.45 13.21
C GLY C 430 -8.24 -60.61 12.29
N GLU C 431 -7.86 -61.83 12.67
CA GLU C 431 -8.03 -62.98 11.79
C GLU C 431 -9.48 -63.20 11.40
N TRP C 432 -10.43 -62.90 12.29
CA TRP C 432 -11.84 -63.14 12.01
C TRP C 432 -12.63 -61.86 11.92
N GLU C 433 -11.94 -60.71 12.01
CA GLU C 433 -12.57 -59.40 11.91
C GLU C 433 -13.01 -59.14 10.47
N HIS C 434 -14.20 -58.58 10.32
CA HIS C 434 -14.78 -58.42 8.99
C HIS C 434 -13.99 -57.43 8.15
N SER C 435 -13.94 -57.71 6.85
CA SER C 435 -13.23 -56.79 5.97
C SER C 435 -13.97 -55.47 5.94
N VAL C 436 -13.26 -54.43 5.50
CA VAL C 436 -13.79 -53.08 5.38
C VAL C 436 -13.72 -52.67 3.93
N GLY C 437 -14.86 -52.30 3.34
CA GLY C 437 -14.92 -51.98 1.94
C GLY C 437 -14.80 -50.50 1.66
N PHE C 438 -15.01 -50.13 0.41
CA PHE C 438 -14.98 -48.75 0.00
C PHE C 438 -16.10 -48.56 -1.00
N SER C 439 -16.82 -47.44 -0.92
CA SER C 439 -17.83 -47.19 -1.94
C SER C 439 -17.30 -46.34 -3.08
N ASN C 440 -16.32 -45.49 -2.83
CA ASN C 440 -15.82 -44.59 -3.86
C ASN C 440 -14.58 -45.21 -4.52
N TRP C 441 -14.65 -45.51 -5.83
CA TRP C 441 -13.48 -46.10 -6.48
C TRP C 441 -12.24 -45.24 -6.30
N GLU C 442 -12.42 -43.94 -6.11
CA GLU C 442 -11.25 -43.11 -5.96
C GLU C 442 -10.58 -43.31 -4.61
N GLU C 443 -11.23 -43.93 -3.64
CA GLU C 443 -10.58 -44.19 -2.36
C GLU C 443 -9.99 -45.60 -2.28
N VAL C 444 -10.11 -46.41 -3.33
CA VAL C 444 -9.57 -47.78 -3.35
C VAL C 444 -8.08 -47.72 -3.65
N PRO C 445 -7.26 -48.40 -2.85
CA PRO C 445 -5.82 -48.53 -3.12
C PRO C 445 -5.49 -49.74 -3.97
N PHE C 446 -4.47 -49.54 -4.81
CA PHE C 446 -4.06 -50.57 -5.75
C PHE C 446 -2.67 -50.29 -6.27
N CYS C 447 -1.80 -51.29 -6.22
CA CYS C 447 -0.43 -51.14 -6.68
C CYS C 447 0.21 -49.90 -6.05
N SER C 448 0.00 -49.77 -4.75
CA SER C 448 0.59 -48.70 -3.95
C SER C 448 0.18 -47.34 -4.46
N HIS C 449 -1.06 -47.21 -4.88
CA HIS C 449 -1.50 -45.99 -5.52
C HIS C 449 -2.99 -45.82 -5.31
N HIS C 450 -3.43 -44.58 -5.29
CA HIS C 450 -4.84 -44.28 -5.46
C HIS C 450 -5.03 -43.68 -6.85
N PHE C 451 -6.27 -43.54 -7.30
CA PHE C 451 -6.47 -42.94 -8.61
C PHE C 451 -7.57 -41.90 -8.54
N HIS C 452 -7.29 -40.72 -9.07
CA HIS C 452 -8.23 -39.63 -9.07
C HIS C 452 -8.51 -39.21 -10.50
N GLU C 453 -9.74 -38.74 -10.73
CA GLU C 453 -10.13 -38.25 -12.04
C GLU C 453 -9.83 -36.77 -12.11
N LEU C 454 -9.40 -36.33 -13.29
CA LEU C 454 -8.91 -34.97 -13.50
C LEU C 454 -9.48 -34.49 -14.83
N VAL C 455 -10.15 -33.35 -14.83
CA VAL C 455 -10.63 -32.77 -16.08
C VAL C 455 -9.66 -31.66 -16.50
N MET C 456 -9.18 -31.74 -17.75
CA MET C 456 -8.31 -30.69 -18.27
C MET C 456 -9.11 -29.48 -18.74
N LYS C 457 -8.39 -28.36 -18.95
CA LYS C 457 -9.02 -27.15 -19.48
C LYS C 457 -9.74 -27.43 -20.79
N ASP C 458 -9.16 -28.25 -21.68
CA ASP C 458 -9.88 -28.52 -22.93
C ASP C 458 -11.07 -29.44 -22.74
N GLY C 459 -11.33 -29.90 -21.52
CA GLY C 459 -12.53 -30.64 -21.22
C GLY C 459 -12.38 -32.13 -21.23
N ARG C 460 -11.20 -32.65 -21.54
CA ARG C 460 -10.99 -34.09 -21.53
C ARG C 460 -10.60 -34.59 -20.15
N ALA C 461 -10.82 -35.87 -19.93
CA ALA C 461 -10.68 -36.46 -18.62
C ALA C 461 -9.42 -37.32 -18.54
N LEU C 462 -8.72 -37.21 -17.42
CA LEU C 462 -7.54 -37.99 -17.10
C LEU C 462 -7.84 -38.72 -15.81
N ILE C 463 -7.27 -39.91 -15.66
CA ILE C 463 -7.34 -40.61 -14.39
C ILE C 463 -5.89 -40.89 -14.00
N VAL C 464 -5.40 -40.15 -13.02
CA VAL C 464 -3.97 -40.11 -12.76
C VAL C 464 -3.67 -40.96 -11.53
N PRO C 465 -2.49 -41.54 -11.40
CA PRO C 465 -2.15 -42.27 -10.19
C PRO C 465 -1.55 -41.33 -9.15
N CYS C 466 -1.75 -41.68 -7.89
CA CYS C 466 -1.31 -40.77 -6.86
C CYS C 466 -0.73 -41.60 -5.72
N ARG C 467 0.10 -40.96 -4.93
CA ARG C 467 0.89 -41.65 -3.92
C ARG C 467 1.47 -40.59 -3.01
N ASP C 468 1.80 -40.99 -1.79
CA ASP C 468 2.22 -40.01 -0.79
C ASP C 468 3.45 -39.27 -1.26
N GLN C 469 3.34 -37.93 -1.27
CA GLN C 469 4.42 -37.10 -1.82
C GLN C 469 5.72 -37.36 -1.09
N ASP C 470 5.66 -37.48 0.24
CA ASP C 470 6.88 -37.60 1.02
C ASP C 470 7.48 -39.01 0.88
N GLU C 471 6.66 -40.04 0.65
CA GLU C 471 7.26 -41.33 0.33
C GLU C 471 7.96 -41.29 -1.02
N LEU C 472 7.47 -40.48 -1.95
CA LEU C 472 8.02 -40.41 -3.30
C LEU C 472 9.38 -39.71 -3.30
N VAL C 473 9.45 -38.54 -2.66
CA VAL C 473 10.70 -37.79 -2.58
C VAL C 473 11.70 -38.55 -1.72
N GLY C 474 11.22 -39.14 -0.62
CA GLY C 474 12.09 -39.94 0.21
C GLY C 474 12.83 -40.99 -0.58
N ARG C 475 12.15 -41.61 -1.54
CA ARG C 475 12.82 -42.67 -2.27
C ARG C 475 13.89 -42.10 -3.20
N ALA C 476 13.69 -40.89 -3.69
CA ALA C 476 14.68 -40.29 -4.58
C ALA C 476 15.91 -39.83 -3.79
N ARG C 477 15.69 -39.31 -2.57
CA ARG C 477 16.76 -38.90 -1.67
C ARG C 477 17.70 -40.04 -1.24
N VAL C 478 17.48 -41.26 -1.69
CA VAL C 478 18.30 -42.40 -1.28
C VAL C 478 19.25 -42.75 -2.41
N SER C 479 20.55 -42.71 -2.10
CA SER C 479 21.57 -43.01 -3.10
C SER C 479 21.82 -44.51 -3.13
N PRO C 480 21.88 -45.12 -4.31
CA PRO C 480 21.87 -46.60 -4.38
C PRO C 480 23.19 -47.24 -3.98
N GLY C 481 24.27 -46.47 -3.91
CA GLY C 481 25.58 -46.99 -3.58
C GLY C 481 26.59 -45.90 -3.28
N CYS C 482 27.56 -46.23 -2.43
CA CYS C 482 28.68 -45.34 -2.17
C CYS C 482 29.56 -45.22 -3.41
N GLY C 483 30.26 -44.09 -3.51
CA GLY C 483 31.15 -43.88 -4.64
C GLY C 483 30.47 -43.58 -5.96
N TRP C 484 29.14 -43.51 -5.99
CA TRP C 484 28.47 -42.91 -7.13
C TRP C 484 29.02 -41.49 -7.28
N SER C 485 29.33 -41.10 -8.52
CA SER C 485 29.94 -39.79 -8.76
C SER C 485 28.87 -38.72 -8.97
N VAL C 486 29.32 -37.46 -8.94
CA VAL C 486 28.38 -36.37 -9.18
C VAL C 486 27.68 -36.58 -10.51
N ARG C 487 28.38 -37.08 -11.52
CA ARG C 487 27.71 -37.30 -12.78
C ARG C 487 26.63 -38.36 -12.66
N GLU C 488 26.96 -39.51 -12.07
CA GLU C 488 25.96 -40.57 -12.01
C GLU C 488 24.84 -40.29 -11.00
N THR C 489 25.10 -39.56 -9.91
CA THR C 489 23.93 -39.33 -9.07
C THR C 489 23.02 -38.29 -9.70
N ALA C 490 23.57 -37.39 -10.53
CA ALA C 490 22.73 -36.47 -11.28
C ALA C 490 21.84 -37.23 -12.23
N CYS C 491 22.43 -38.16 -12.98
CA CYS C 491 21.68 -39.00 -13.91
C CYS C 491 20.55 -39.74 -13.20
N LEU C 492 20.79 -40.21 -11.98
CA LEU C 492 19.72 -40.89 -11.27
C LEU C 492 18.63 -39.92 -10.84
N SER C 493 18.98 -38.71 -10.47
CA SER C 493 17.96 -37.75 -10.13
C SER C 493 17.15 -37.32 -11.33
N LYS C 494 17.77 -37.24 -12.50
CA LYS C 494 16.97 -37.03 -13.69
C LYS C 494 15.96 -38.17 -13.84
N ALA C 495 16.40 -39.42 -13.70
CA ALA C 495 15.47 -40.55 -13.80
C ALA C 495 14.26 -40.35 -12.91
N TYR C 496 14.46 -39.94 -11.66
CA TYR C 496 13.32 -39.69 -10.80
C TYR C 496 12.51 -38.49 -11.30
N GLY C 497 13.19 -37.40 -11.65
CA GLY C 497 12.51 -36.18 -12.03
C GLY C 497 11.58 -36.36 -13.24
N GLN C 498 12.07 -37.05 -14.26
CA GLN C 498 11.23 -37.36 -15.42
C GLN C 498 10.09 -38.28 -15.05
N MET C 499 10.34 -39.24 -14.16
CA MET C 499 9.25 -40.11 -13.77
C MET C 499 8.17 -39.31 -13.07
N TRP C 500 8.56 -38.44 -12.16
CA TRP C 500 7.57 -37.59 -11.52
C TRP C 500 6.80 -36.80 -12.55
N LEU C 501 7.53 -36.16 -13.48
CA LEU C 501 6.88 -35.35 -14.51
C LEU C 501 5.84 -36.13 -15.28
N LEU C 502 6.06 -37.44 -15.48
CA LEU C 502 5.16 -38.21 -16.33
C LEU C 502 3.92 -38.69 -15.59
N SER C 503 4.04 -39.17 -14.36
CA SER C 503 2.90 -39.76 -13.67
C SER C 503 2.40 -38.97 -12.47
N TYR C 504 3.20 -38.06 -11.93
CA TYR C 504 2.73 -37.27 -10.80
C TYR C 504 2.77 -35.78 -11.09
N PHE C 505 2.75 -35.42 -12.38
CA PHE C 505 2.64 -34.03 -12.81
C PHE C 505 1.54 -33.25 -12.11
N HIS C 506 0.56 -33.95 -11.54
CA HIS C 506 -0.61 -33.30 -10.99
C HIS C 506 -0.37 -32.86 -9.56
N ARG C 507 0.82 -33.06 -9.04
CA ARG C 507 1.16 -32.58 -7.71
C ARG C 507 1.97 -31.31 -7.87
N ARG C 508 1.49 -30.23 -7.28
CA ARG C 508 2.17 -28.96 -7.41
C ARG C 508 3.66 -29.11 -7.05
N ASP C 509 3.95 -29.59 -5.84
CA ASP C 509 5.34 -29.66 -5.41
C ASP C 509 6.20 -30.59 -6.28
N LEU C 510 5.65 -31.72 -6.75
CA LEU C 510 6.46 -32.66 -7.52
C LEU C 510 6.82 -32.11 -8.89
N ARG C 511 5.89 -31.44 -9.56
CA ARG C 511 6.19 -30.83 -10.85
C ARG C 511 7.28 -29.79 -10.72
N THR C 512 7.17 -28.92 -9.73
CA THR C 512 8.28 -28.02 -9.46
C THR C 512 9.60 -28.78 -9.32
N LEU C 513 9.62 -29.77 -8.43
CA LEU C 513 10.85 -30.48 -8.14
C LEU C 513 11.39 -31.17 -9.37
N GLY C 514 10.50 -31.85 -10.10
CA GLY C 514 10.91 -32.52 -11.32
C GLY C 514 11.50 -31.57 -12.34
N LEU C 515 10.84 -30.42 -12.53
CA LEU C 515 11.33 -29.43 -13.50
C LEU C 515 12.66 -28.82 -13.05
N ALA C 516 12.76 -28.42 -11.77
CA ALA C 516 14.03 -27.98 -11.25
C ALA C 516 15.14 -28.99 -11.51
N ILE C 517 14.88 -30.28 -11.25
CA ILE C 517 15.91 -31.29 -11.45
C ILE C 517 16.36 -31.29 -12.90
N CYS C 518 15.39 -31.27 -13.82
CA CYS C 518 15.74 -31.23 -15.23
C CYS C 518 16.46 -29.95 -15.63
N SER C 519 16.30 -28.87 -14.87
CA SER C 519 17.07 -27.67 -15.19
C SER C 519 18.46 -27.69 -14.59
N ALA C 520 18.72 -28.57 -13.63
CA ALA C 520 20.02 -28.64 -12.97
C ALA C 520 20.93 -29.72 -13.55
N VAL C 521 20.41 -30.58 -14.42
CA VAL C 521 21.14 -31.70 -15.00
C VAL C 521 21.28 -31.53 -16.49
N PRO C 522 22.46 -31.80 -17.06
CA PRO C 522 22.66 -31.59 -18.50
C PRO C 522 21.63 -32.30 -19.38
N ILE C 523 21.32 -31.62 -20.49
CA ILE C 523 20.32 -32.09 -21.44
C ILE C 523 20.70 -33.41 -22.09
N ASP C 524 21.97 -33.56 -22.45
CA ASP C 524 22.37 -34.77 -23.14
C ASP C 524 22.71 -35.91 -22.20
N TRP C 525 22.53 -35.71 -20.90
CA TRP C 525 22.81 -36.78 -19.95
C TRP C 525 21.61 -37.69 -19.85
N VAL C 526 21.85 -38.96 -20.13
CA VAL C 526 20.77 -39.93 -20.24
C VAL C 526 20.50 -40.50 -18.85
N PRO C 527 19.22 -40.57 -18.44
CA PRO C 527 18.88 -41.10 -17.11
C PRO C 527 19.26 -42.58 -16.91
N THR C 528 19.63 -42.91 -15.66
CA THR C 528 20.07 -44.28 -15.32
C THR C 528 19.46 -44.74 -13.99
N GLY C 529 19.33 -46.06 -13.86
CA GLY C 529 18.93 -46.67 -12.61
C GLY C 529 17.43 -46.93 -12.53
N ARG C 530 17.05 -47.84 -11.63
CA ARG C 530 15.64 -48.12 -11.39
C ARG C 530 15.09 -47.10 -10.39
N THR C 531 13.97 -46.47 -10.76
CA THR C 531 13.24 -45.55 -9.90
C THR C 531 11.99 -46.19 -9.31
N THR C 532 11.70 -47.43 -9.67
CA THR C 532 10.51 -48.11 -9.17
C THR C 532 10.65 -49.60 -9.49
N TRP C 533 10.26 -50.43 -8.54
CA TRP C 533 10.28 -51.88 -8.73
C TRP C 533 8.95 -52.40 -9.29
N SER C 534 7.85 -51.66 -9.16
CA SER C 534 6.53 -52.10 -9.63
C SER C 534 6.56 -52.50 -11.09
N ILE C 535 5.91 -53.64 -11.39
CA ILE C 535 5.87 -54.17 -12.75
C ILE C 535 5.02 -53.33 -13.69
N HIS C 536 4.34 -52.31 -13.17
CA HIS C 536 3.52 -51.41 -13.98
C HIS C 536 4.27 -50.14 -14.38
N ALA C 537 5.56 -50.06 -14.12
CA ALA C 537 6.38 -48.94 -14.54
C ALA C 537 6.68 -49.06 -16.03
N SER C 538 6.23 -48.07 -16.82
CA SER C 538 6.55 -48.08 -18.23
C SER C 538 8.04 -47.90 -18.48
N GLY C 539 8.70 -47.12 -17.61
CA GLY C 539 10.05 -46.67 -17.88
C GLY C 539 10.16 -45.58 -18.91
N ALA C 540 9.06 -45.19 -19.58
CA ALA C 540 9.10 -44.25 -20.69
C ALA C 540 9.89 -42.99 -20.38
N TRP C 541 10.17 -42.75 -19.10
CA TRP C 541 10.85 -41.57 -18.59
C TRP C 541 12.37 -41.71 -18.61
N MET C 542 12.91 -42.87 -19.00
CA MET C 542 14.37 -43.02 -19.06
C MET C 542 14.89 -42.69 -20.45
N THR C 543 14.36 -41.61 -21.01
CA THR C 543 14.77 -41.00 -22.26
C THR C 543 15.54 -39.73 -21.95
N THR C 544 16.04 -39.10 -23.01
CA THR C 544 16.41 -37.69 -22.96
C THR C 544 15.53 -36.87 -23.91
N GLU C 545 14.40 -37.43 -24.34
CA GLU C 545 13.44 -36.73 -25.17
C GLU C 545 12.72 -35.68 -24.33
N ASP C 546 12.12 -34.68 -25.01
CA ASP C 546 11.33 -33.68 -24.30
C ASP C 546 10.21 -34.34 -23.48
N MET C 547 10.10 -33.98 -22.21
CA MET C 547 9.13 -34.68 -21.38
C MET C 547 7.68 -34.38 -21.80
N LEU C 548 7.39 -33.14 -22.23
CA LEU C 548 6.05 -32.89 -22.76
C LEU C 548 5.75 -33.79 -23.94
N ASP C 549 6.70 -33.93 -24.85
CA ASP C 549 6.53 -34.86 -25.94
C ASP C 549 6.11 -36.22 -25.42
N VAL C 550 6.90 -36.79 -24.50
CA VAL C 550 6.53 -38.13 -24.04
C VAL C 550 5.23 -38.08 -23.21
N TRP C 551 4.99 -36.98 -22.48
CA TRP C 551 3.71 -36.80 -21.79
C TRP C 551 2.53 -36.99 -22.74
N ASN C 552 2.51 -36.18 -23.82
CA ASN C 552 1.44 -36.25 -24.81
C ASN C 552 1.33 -37.60 -25.46
N ARG C 553 2.44 -38.35 -25.53
CA ARG C 553 2.34 -39.60 -26.23
C ARG C 553 1.69 -40.64 -25.35
N VAL C 554 1.94 -40.57 -24.04
CA VAL C 554 1.35 -41.54 -23.16
C VAL C 554 -0.06 -41.14 -22.67
N TRP C 555 -0.35 -39.86 -22.49
CA TRP C 555 -1.66 -39.47 -22.01
C TRP C 555 -2.67 -39.23 -23.13
N ILE C 556 -2.22 -39.13 -24.37
CA ILE C 556 -3.12 -38.75 -25.45
C ILE C 556 -2.92 -39.69 -26.63
N LEU C 557 -1.72 -39.70 -27.19
CA LEU C 557 -1.51 -40.41 -28.45
C LEU C 557 -1.76 -41.89 -28.29
N ASP C 558 -0.99 -42.55 -27.44
CA ASP C 558 -1.11 -43.97 -27.17
C ASP C 558 -2.19 -44.30 -26.15
N ASN C 559 -2.88 -43.28 -25.61
CA ASN C 559 -3.90 -43.54 -24.60
C ASN C 559 -5.19 -44.09 -25.21
N PRO C 560 -5.50 -45.36 -24.95
CA PRO C 560 -6.69 -45.96 -25.56
C PRO C 560 -7.98 -45.33 -25.09
N PHE C 561 -7.98 -44.63 -23.95
CA PHE C 561 -9.19 -44.09 -23.36
C PHE C 561 -9.42 -42.64 -23.72
N MET C 562 -8.61 -42.11 -24.62
CA MET C 562 -8.69 -40.71 -25.00
C MET C 562 -9.06 -40.67 -26.48
N HIS C 563 -10.31 -40.37 -26.78
CA HIS C 563 -10.80 -40.48 -28.15
C HIS C 563 -10.65 -39.18 -28.92
N SER C 564 -9.82 -38.27 -28.45
CA SER C 564 -9.48 -37.03 -29.14
C SER C 564 -8.00 -36.80 -28.96
N LYS C 565 -7.24 -36.81 -30.06
CA LYS C 565 -5.79 -36.78 -29.94
C LYS C 565 -5.18 -35.42 -30.20
N GLU C 566 -5.93 -34.35 -30.02
CA GLU C 566 -5.33 -33.02 -30.01
C GLU C 566 -4.26 -32.97 -28.92
N LYS C 567 -3.10 -32.36 -29.22
CA LYS C 567 -1.99 -32.43 -28.28
C LYS C 567 -1.90 -31.14 -27.43
N ILE C 568 -1.02 -31.16 -26.43
CA ILE C 568 -0.93 -30.11 -25.42
C ILE C 568 0.37 -29.38 -25.63
N VAL C 569 0.32 -28.05 -25.85
CA VAL C 569 1.57 -27.36 -26.21
C VAL C 569 2.43 -27.02 -25.01
N GLU C 570 1.86 -26.81 -23.82
CA GLU C 570 2.76 -26.42 -22.75
C GLU C 570 2.27 -26.90 -21.39
N TRP C 571 3.24 -27.08 -20.48
CA TRP C 571 2.93 -27.64 -19.18
C TRP C 571 1.84 -26.85 -18.48
N ARG C 572 1.81 -25.53 -18.68
CA ARG C 572 0.78 -24.68 -18.09
C ARG C 572 -0.64 -25.18 -18.38
N ASP C 573 -0.80 -26.06 -19.36
CA ASP C 573 -2.09 -26.61 -19.77
C ASP C 573 -2.39 -27.98 -19.17
N VAL C 574 -1.38 -28.68 -18.67
CA VAL C 574 -1.60 -29.94 -17.97
C VAL C 574 -2.23 -29.64 -16.61
N PRO C 575 -3.31 -30.32 -16.22
CA PRO C 575 -4.02 -29.93 -14.99
C PRO C 575 -3.26 -30.21 -13.70
N TYR C 576 -3.90 -29.88 -12.58
CA TYR C 576 -3.37 -30.18 -11.26
C TYR C 576 -4.43 -30.93 -10.47
N LEU C 577 -4.04 -31.43 -9.40
CA LEU C 577 -5.00 -32.00 -8.49
C LEU C 577 -5.59 -30.85 -7.68
N PRO C 578 -6.89 -30.89 -7.37
CA PRO C 578 -7.51 -29.81 -6.58
C PRO C 578 -6.65 -29.44 -5.37
N LYS C 579 -6.36 -28.13 -5.22
CA LYS C 579 -5.39 -27.70 -4.21
C LYS C 579 -5.69 -28.28 -2.84
N SER C 580 -6.97 -28.54 -2.56
CA SER C 580 -7.38 -29.20 -1.32
C SER C 580 -6.92 -30.65 -1.29
N HIS C 581 -7.09 -31.37 -2.40
CA HIS C 581 -6.57 -32.74 -2.55
C HIS C 581 -5.05 -32.80 -2.56
N ASP C 582 -4.36 -31.69 -2.87
CA ASP C 582 -2.88 -31.71 -2.93
C ASP C 582 -2.28 -31.79 -1.54
N MET C 583 -2.90 -31.12 -0.54
CA MET C 583 -2.37 -31.10 0.82
C MET C 583 -2.88 -32.23 1.72
N LEU C 584 -4.00 -32.87 1.38
CA LEU C 584 -4.39 -34.06 2.13
C LEU C 584 -3.51 -35.24 1.73
N CYS C 585 -3.06 -35.26 0.49
CA CYS C 585 -2.21 -36.33 -0.05
C CYS C 585 -0.72 -35.98 0.14
N SER C 586 -0.38 -35.66 1.41
CA SER C 586 0.87 -35.04 1.82
C SER C 586 0.97 -33.61 1.30
N SER C 587 2.13 -33.25 0.74
CA SER C 587 2.43 -31.91 0.22
C SER C 587 2.60 -30.84 1.29
N LEU C 588 3.13 -29.71 0.85
CA LEU C 588 3.34 -28.52 1.63
C LEU C 588 2.45 -27.37 1.17
N VAL C 589 2.38 -27.14 -0.15
CA VAL C 589 1.47 -26.23 -0.87
C VAL C 589 1.27 -24.89 -0.13
N GLY C 590 0.32 -24.81 0.84
CA GLY C 590 0.30 -23.72 1.84
C GLY C 590 1.63 -23.46 2.61
N ARG C 591 1.87 -24.19 3.72
CA ARG C 591 3.12 -24.26 4.48
C ARG C 591 4.19 -23.27 4.04
N LYS C 592 4.33 -22.16 4.77
CA LYS C 592 5.33 -21.15 4.45
C LYS C 592 6.73 -21.75 4.24
N GLU C 593 7.04 -22.84 4.94
CA GLU C 593 8.28 -23.58 4.69
C GLU C 593 8.46 -23.91 3.19
N ARG C 594 7.36 -24.20 2.49
CA ARG C 594 7.46 -24.49 1.05
C ARG C 594 7.51 -23.22 0.22
N ALA C 595 6.60 -22.27 0.50
CA ALA C 595 6.63 -21.02 -0.25
C ALA C 595 8.03 -20.44 -0.26
N GLU C 596 8.76 -20.55 0.86
CA GLU C 596 10.16 -20.18 0.89
C GLU C 596 10.98 -21.04 -0.07
N TRP C 597 10.83 -22.36 0.02
CA TRP C 597 11.53 -23.29 -0.88
C TRP C 597 11.30 -22.94 -2.36
N ALA C 598 10.04 -22.97 -2.80
CA ALA C 598 9.69 -22.73 -4.19
C ALA C 598 9.99 -21.31 -4.64
N LYS C 599 10.19 -20.36 -3.73
CA LYS C 599 10.70 -19.05 -4.10
C LYS C 599 12.14 -19.15 -4.63
N ASN C 600 13.11 -19.45 -3.75
CA ASN C 600 14.51 -19.49 -4.17
C ASN C 600 14.96 -20.89 -4.60
N ILE C 601 14.07 -21.70 -5.20
CA ILE C 601 14.54 -23.00 -5.69
C ILE C 601 15.57 -22.82 -6.80
N TRP C 602 15.48 -21.73 -7.55
CA TRP C 602 16.44 -21.52 -8.62
C TRP C 602 17.83 -21.29 -8.07
N GLY C 603 17.94 -20.80 -6.83
CA GLY C 603 19.24 -20.72 -6.20
C GLY C 603 19.88 -22.09 -6.06
N ALA C 604 19.06 -23.12 -5.89
CA ALA C 604 19.57 -24.48 -5.73
C ALA C 604 19.96 -25.07 -7.07
N VAL C 605 19.14 -24.81 -8.10
CA VAL C 605 19.46 -25.30 -9.44
C VAL C 605 20.85 -24.84 -9.85
N GLU C 606 21.16 -23.55 -9.62
CA GLU C 606 22.46 -23.01 -9.99
C GLU C 606 23.59 -23.71 -9.26
N LYS C 607 23.45 -23.86 -7.93
CA LYS C 607 24.42 -24.63 -7.16
C LYS C 607 24.68 -25.99 -7.79
N VAL C 608 23.62 -26.76 -8.05
CA VAL C 608 23.84 -28.07 -8.66
C VAL C 608 24.58 -27.93 -9.99
N ARG C 609 24.33 -26.85 -10.73
CA ARG C 609 24.97 -26.71 -12.04
C ARG C 609 26.45 -26.43 -11.89
N LYS C 610 26.79 -25.42 -11.07
CA LYS C 610 28.20 -25.13 -10.79
C LYS C 610 28.91 -26.37 -10.27
N MET C 611 28.26 -27.09 -9.37
CA MET C 611 28.74 -28.39 -8.92
C MET C 611 29.00 -29.34 -10.09
N ILE C 612 28.08 -29.40 -11.05
CA ILE C 612 28.19 -30.42 -12.10
C ILE C 612 29.30 -30.04 -13.07
N GLY C 613 29.34 -28.78 -13.49
CA GLY C 613 30.34 -28.43 -14.47
C GLY C 613 29.84 -27.46 -15.53
N GLN C 614 30.67 -27.30 -16.56
CA GLN C 614 30.37 -26.45 -17.71
C GLN C 614 29.73 -27.36 -18.74
N GLU C 615 28.39 -27.45 -18.69
CA GLU C 615 27.63 -28.37 -19.53
C GLU C 615 26.42 -27.64 -20.08
N LYS C 616 25.63 -28.36 -20.89
CA LYS C 616 24.52 -27.75 -21.60
C LYS C 616 23.25 -27.92 -20.77
N PHE C 617 22.69 -26.80 -20.31
CA PHE C 617 21.54 -26.78 -19.44
C PHE C 617 20.43 -25.99 -20.10
N LYS C 618 19.20 -26.43 -19.94
CA LYS C 618 18.07 -25.62 -20.35
C LYS C 618 17.22 -25.30 -19.11
N ASP C 619 16.36 -24.28 -19.23
CA ASP C 619 15.60 -23.74 -18.10
C ASP C 619 14.13 -24.15 -18.19
N TYR C 620 13.85 -25.35 -17.73
CA TYR C 620 12.49 -25.85 -17.75
C TYR C 620 11.63 -25.23 -16.66
N LEU C 621 12.23 -24.58 -15.68
CA LEU C 621 11.40 -24.07 -14.60
C LEU C 621 10.49 -22.93 -15.05
N SER C 622 10.96 -22.07 -15.95
CA SER C 622 10.27 -20.82 -16.19
C SER C 622 8.98 -21.00 -16.96
N CYS C 623 8.86 -22.06 -17.75
CA CYS C 623 7.55 -22.42 -18.25
C CYS C 623 6.67 -22.96 -17.12
N MET C 624 6.30 -22.10 -16.17
CA MET C 624 5.29 -22.38 -15.16
C MET C 624 4.88 -21.06 -14.51
N ASP C 625 3.87 -21.14 -13.65
CA ASP C 625 3.37 -19.95 -12.95
C ASP C 625 3.68 -20.00 -11.44
N LYS D 9 38.29 -46.78 54.01
CA LYS D 9 38.63 -47.02 52.60
C LYS D 9 39.21 -48.42 52.40
N VAL D 10 38.88 -49.05 51.27
CA VAL D 10 39.22 -50.45 51.03
C VAL D 10 40.51 -50.59 50.22
N LYS D 11 40.72 -49.75 49.21
CA LYS D 11 41.97 -49.75 48.45
C LYS D 11 42.79 -48.50 48.70
N GLU D 12 44.06 -48.68 49.03
CA GLU D 12 44.92 -47.60 49.50
C GLU D 12 46.34 -47.72 48.95
N LYS D 13 47.06 -46.60 48.98
CA LYS D 13 48.50 -46.55 48.74
C LYS D 13 49.23 -46.99 50.02
N ASP D 14 50.56 -46.82 50.09
CA ASP D 14 51.34 -47.39 51.21
C ASP D 14 52.57 -46.59 51.67
N VAL D 15 53.69 -46.66 50.95
CA VAL D 15 54.93 -46.01 51.37
C VAL D 15 55.49 -45.15 50.27
N GLN D 16 54.86 -45.16 49.10
CA GLN D 16 55.16 -44.28 48.00
C GLN D 16 54.47 -42.94 48.18
N GLU D 17 53.74 -42.79 49.29
CA GLU D 17 53.10 -41.54 49.68
C GLU D 17 53.84 -40.85 50.83
N ARG D 18 54.95 -41.41 51.33
CA ARG D 18 55.52 -40.92 52.58
C ARG D 18 56.49 -39.76 52.35
N ILE D 19 57.56 -40.01 51.61
CA ILE D 19 58.46 -38.91 51.25
C ILE D 19 57.68 -37.74 50.62
N SER D 20 56.54 -38.02 49.94
CA SER D 20 55.64 -36.95 49.52
C SER D 20 54.87 -36.36 50.73
N ALA D 21 54.04 -37.18 51.40
CA ALA D 21 53.23 -36.64 52.50
C ALA D 21 54.10 -36.12 53.65
N LEU D 22 55.30 -36.69 53.84
CA LEU D 22 56.21 -36.22 54.89
C LEU D 22 56.99 -35.03 54.34
N ARG D 23 56.26 -33.92 54.20
CA ARG D 23 56.88 -32.60 54.09
C ARG D 23 55.92 -31.64 54.81
N GLU D 24 56.24 -31.40 56.09
CA GLU D 24 55.59 -30.33 56.83
C GLU D 24 56.43 -29.10 56.57
N GLN D 25 56.23 -28.57 55.37
CA GLN D 25 56.38 -27.16 55.09
C GLN D 25 55.24 -26.37 55.73
N TYR D 26 54.18 -27.06 56.15
CA TYR D 26 53.01 -26.44 56.76
C TYR D 26 52.76 -26.97 58.17
N GLY D 27 53.78 -27.56 58.79
CA GLY D 27 53.59 -28.12 60.11
C GLY D 27 53.09 -27.13 61.15
N GLU D 28 53.38 -25.84 60.94
CA GLU D 28 52.92 -24.83 61.89
C GLU D 28 51.43 -25.02 62.17
N THR D 29 50.62 -25.05 61.12
CA THR D 29 49.18 -25.24 61.25
C THR D 29 48.74 -26.69 61.09
N TRP D 30 49.65 -27.61 60.79
CA TRP D 30 49.25 -28.98 60.44
C TRP D 30 48.50 -29.71 61.55
N HIS D 31 47.18 -29.82 61.46
CA HIS D 31 46.44 -30.58 62.44
C HIS D 31 45.94 -31.87 61.81
N MET D 32 44.95 -32.50 62.45
CA MET D 32 44.44 -33.76 61.94
C MET D 32 42.95 -33.86 62.26
N ASP D 33 42.16 -33.13 61.47
CA ASP D 33 40.70 -33.06 61.63
C ASP D 33 40.07 -34.44 61.66
N ARG D 34 39.40 -34.77 62.76
CA ARG D 34 38.80 -36.08 62.87
C ARG D 34 37.38 -36.13 62.33
N GLU D 35 36.86 -35.05 61.74
CA GLU D 35 35.51 -35.03 61.20
C GLU D 35 35.54 -34.81 59.69
N HIS D 36 36.52 -35.42 59.01
CA HIS D 36 36.69 -35.17 57.58
C HIS D 36 35.72 -36.04 56.76
N PRO D 37 35.38 -35.61 55.55
CA PRO D 37 34.34 -36.29 54.78
C PRO D 37 34.79 -37.44 53.90
N TYR D 38 36.06 -37.81 53.87
CA TYR D 38 36.52 -38.66 52.78
C TYR D 38 36.21 -40.12 53.05
N ARG D 39 35.67 -40.80 52.03
CA ARG D 39 35.24 -42.18 52.06
C ARG D 39 36.14 -43.10 51.25
N THR D 40 36.47 -42.76 50.01
CA THR D 40 37.34 -43.60 49.20
C THR D 40 38.74 -43.03 49.03
N TRP D 41 39.02 -41.86 49.57
CA TRP D 41 40.37 -41.33 49.59
C TRP D 41 40.88 -41.45 51.02
N GLN D 42 42.16 -41.76 51.17
CA GLN D 42 42.78 -41.75 52.48
C GLN D 42 43.05 -40.32 52.90
N TYR D 43 42.79 -40.02 54.17
CA TYR D 43 43.04 -38.71 54.75
C TYR D 43 44.35 -38.76 55.52
N TRP D 44 45.19 -37.74 55.34
CA TRP D 44 46.46 -37.70 56.06
C TRP D 44 46.65 -36.46 56.94
N GLY D 45 45.92 -35.38 56.70
CA GLY D 45 46.07 -34.19 57.52
C GLY D 45 45.51 -32.97 56.82
N SER D 46 45.55 -31.85 57.56
CA SER D 46 45.06 -30.58 57.07
C SER D 46 45.97 -29.45 57.55
N TYR D 47 46.03 -28.37 56.79
CA TYR D 47 46.82 -27.21 57.18
C TYR D 47 46.14 -25.92 56.72
N ARG D 48 46.19 -24.87 57.55
CA ARG D 48 45.48 -23.63 57.23
C ARG D 48 45.95 -23.07 55.90
N THR D 49 44.98 -22.69 55.05
CA THR D 49 45.24 -22.12 53.74
C THR D 49 44.33 -20.93 53.49
N ALA D 50 44.68 -20.16 52.48
CA ALA D 50 44.01 -18.91 52.13
C ALA D 50 42.60 -19.13 51.59
N PRO D 51 41.54 -18.72 52.31
CA PRO D 51 40.16 -18.93 51.80
C PRO D 51 39.94 -18.25 50.45
N THR D 52 39.21 -18.93 49.58
CA THR D 52 39.14 -18.50 48.20
C THR D 52 37.84 -19.02 47.57
N GLY D 53 37.47 -18.41 46.45
CA GLY D 53 36.30 -18.81 45.68
C GLY D 53 35.24 -17.73 45.63
N SER D 54 34.22 -17.98 44.81
CA SER D 54 33.06 -17.10 44.70
C SER D 54 31.93 -17.81 43.94
N ALA D 55 30.70 -17.56 44.36
CA ALA D 55 29.53 -18.14 43.72
C ALA D 55 28.69 -17.13 42.96
N ALA D 56 29.11 -15.86 42.96
CA ALA D 56 28.38 -14.81 42.28
C ALA D 56 28.68 -14.83 40.79
N SER D 57 27.65 -14.58 39.98
CA SER D 57 27.84 -14.42 38.55
C SER D 57 28.58 -13.13 38.27
N LEU D 58 29.51 -13.18 37.32
CA LEU D 58 30.27 -11.99 36.94
C LEU D 58 30.32 -11.98 35.42
N ILE D 59 29.72 -10.94 34.80
CA ILE D 59 29.30 -10.99 33.40
C ILE D 59 30.12 -10.05 32.54
N ASN D 60 30.34 -10.48 31.29
CA ASN D 60 31.10 -9.72 30.32
C ASN D 60 30.30 -8.54 29.77
N GLY D 61 30.79 -7.34 30.06
CA GLY D 61 30.03 -6.13 29.78
C GLY D 61 29.74 -5.92 28.30
N VAL D 62 30.75 -6.09 27.43
CA VAL D 62 30.45 -5.73 26.05
C VAL D 62 29.62 -6.83 25.40
N VAL D 63 29.87 -8.09 25.77
CA VAL D 63 29.07 -9.18 25.21
C VAL D 63 27.61 -9.02 25.59
N LYS D 64 27.34 -8.58 26.82
CA LYS D 64 25.96 -8.41 27.22
C LYS D 64 25.29 -7.32 26.39
N LEU D 65 25.99 -6.20 26.14
CA LEU D 65 25.44 -5.10 25.35
C LEU D 65 25.10 -5.56 23.93
N LEU D 66 25.98 -6.30 23.30
CA LEU D 66 25.78 -6.62 21.90
C LEU D 66 24.86 -7.81 21.67
N SER D 67 24.45 -8.50 22.72
CA SER D 67 23.65 -9.71 22.60
C SER D 67 22.61 -9.73 23.70
N TRP D 68 21.85 -8.63 23.82
CA TRP D 68 20.97 -8.43 24.98
C TRP D 68 19.71 -9.29 25.04
N PRO D 69 19.15 -9.82 23.93
CA PRO D 69 17.96 -10.66 24.11
C PRO D 69 18.25 -11.93 24.87
N TRP D 70 19.51 -12.32 24.96
CA TRP D 70 19.89 -13.60 25.56
C TRP D 70 19.92 -13.56 27.08
N ASN D 71 19.61 -12.42 27.71
CA ASN D 71 19.57 -12.39 29.16
C ASN D 71 18.36 -13.12 29.71
N ALA D 72 17.29 -13.21 28.91
CA ALA D 72 16.08 -13.92 29.32
C ALA D 72 16.22 -15.43 29.16
N ARG D 73 17.05 -15.89 28.23
CA ARG D 73 17.25 -17.32 28.01
C ARG D 73 17.86 -17.95 29.26
N GLU D 74 17.30 -19.10 29.68
CA GLU D 74 17.71 -19.74 30.93
C GLU D 74 19.04 -20.47 30.80
N ASP D 75 19.40 -20.90 29.59
CA ASP D 75 20.65 -21.61 29.33
C ASP D 75 21.81 -20.68 29.02
N VAL D 76 21.60 -19.37 29.11
CA VAL D 76 22.64 -18.37 28.94
C VAL D 76 23.02 -17.84 30.32
N VAL D 77 22.03 -17.75 31.21
CA VAL D 77 22.27 -17.29 32.58
C VAL D 77 22.73 -18.42 33.50
N ARG D 78 22.31 -19.67 33.23
CA ARG D 78 22.78 -20.83 33.99
C ARG D 78 24.24 -21.17 33.67
N MET D 79 24.84 -20.51 32.67
CA MET D 79 26.20 -20.78 32.22
C MET D 79 27.27 -20.17 33.11
N ALA D 80 26.99 -19.00 33.70
CA ALA D 80 27.75 -18.51 34.84
C ALA D 80 27.12 -19.10 36.10
N MET D 81 27.36 -18.51 37.26
CA MET D 81 26.86 -19.05 38.53
C MET D 81 27.40 -20.46 38.75
N THR D 82 28.70 -20.59 38.62
CA THR D 82 29.40 -21.86 38.81
C THR D 82 30.26 -21.72 40.06
N ASP D 83 29.72 -22.21 41.18
CA ASP D 83 30.33 -22.08 42.49
C ASP D 83 31.77 -22.56 42.56
N THR D 84 32.70 -21.63 42.77
CA THR D 84 34.11 -21.97 42.89
C THR D 84 34.63 -21.75 44.32
N THR D 85 33.74 -21.80 45.32
CA THR D 85 34.14 -21.65 46.70
C THR D 85 34.58 -22.99 47.27
N ALA D 86 35.45 -22.93 48.29
CA ALA D 86 35.91 -24.14 48.96
C ALA D 86 34.75 -25.05 49.33
N PHE D 87 33.59 -24.46 49.60
CA PHE D 87 32.44 -25.24 50.02
C PHE D 87 31.74 -25.89 48.85
N GLY D 88 31.61 -25.16 47.74
CA GLY D 88 30.98 -25.73 46.57
C GLY D 88 31.83 -26.80 45.96
N GLN D 89 33.15 -26.58 45.96
CA GLN D 89 34.10 -27.58 45.48
C GLN D 89 33.98 -28.86 46.29
N GLN D 90 33.79 -28.74 47.60
CA GLN D 90 33.58 -29.92 48.40
C GLN D 90 32.33 -30.64 47.93
N ARG D 91 31.26 -29.87 47.66
CA ARG D 91 30.00 -30.44 47.18
C ARG D 91 30.22 -31.26 45.91
N VAL D 92 30.93 -30.71 44.92
CA VAL D 92 31.14 -31.44 43.67
C VAL D 92 32.11 -32.60 43.88
N PHE D 93 33.13 -32.39 44.71
CA PHE D 93 34.04 -33.48 45.03
C PHE D 93 33.29 -34.64 45.64
N LYS D 94 32.57 -34.38 46.74
CA LYS D 94 31.82 -35.44 47.40
C LYS D 94 30.90 -36.14 46.41
N GLU D 95 30.33 -35.39 45.48
CA GLU D 95 29.35 -35.99 44.60
C GLU D 95 30.04 -36.90 43.60
N LYS D 96 30.75 -36.31 42.65
CA LYS D 96 31.21 -37.00 41.46
C LYS D 96 32.58 -37.68 41.60
N VAL D 97 33.36 -37.37 42.64
CA VAL D 97 34.78 -37.74 42.65
C VAL D 97 35.18 -38.62 43.83
N ASP D 98 34.46 -38.58 44.95
CA ASP D 98 34.70 -39.50 46.07
C ASP D 98 33.87 -40.77 45.84
N THR D 99 34.41 -41.65 45.00
CA THR D 99 33.87 -42.98 44.75
C THR D 99 35.00 -43.89 44.36
N LYS D 100 34.70 -45.20 44.32
CA LYS D 100 35.63 -46.18 43.77
C LYS D 100 34.92 -47.00 42.70
N ALA D 101 35.52 -47.09 41.52
CA ALA D 101 34.92 -47.87 40.47
C ALA D 101 35.18 -49.34 40.71
N GLN D 102 34.17 -50.19 40.43
CA GLN D 102 34.35 -51.63 40.59
C GLN D 102 35.34 -52.12 39.55
N GLU D 103 36.40 -52.79 39.98
CA GLU D 103 37.42 -53.19 39.02
C GLU D 103 36.96 -54.36 38.16
N PRO D 104 37.62 -54.60 37.02
CA PRO D 104 37.15 -55.64 36.11
C PRO D 104 37.50 -57.03 36.60
N GLN D 105 36.63 -57.97 36.26
CA GLN D 105 36.87 -59.37 36.50
C GLN D 105 38.16 -59.83 35.83
N PRO D 106 38.81 -60.85 36.40
CA PRO D 106 40.14 -61.23 35.93
C PRO D 106 40.22 -61.57 34.46
N GLY D 107 39.22 -62.21 33.88
CA GLY D 107 39.29 -62.51 32.46
C GLY D 107 39.24 -61.25 31.62
N THR D 108 38.40 -60.30 32.01
CA THR D 108 38.38 -59.00 31.35
C THR D 108 39.78 -58.42 31.34
N LYS D 109 40.39 -58.35 32.53
CA LYS D 109 41.75 -57.86 32.69
C LYS D 109 42.70 -58.53 31.73
N VAL D 110 42.53 -59.84 31.53
CA VAL D 110 43.36 -60.59 30.59
C VAL D 110 43.12 -60.15 29.16
N ILE D 111 41.84 -60.03 28.79
CA ILE D 111 41.48 -59.55 27.46
C ILE D 111 41.97 -58.13 27.30
N MET D 112 41.87 -57.34 28.38
CA MET D 112 42.28 -55.95 28.36
C MET D 112 43.76 -55.82 28.03
N ARG D 113 44.60 -56.53 28.78
CA ARG D 113 46.03 -56.42 28.48
C ARG D 113 46.37 -56.99 27.10
N ALA D 114 45.57 -57.91 26.59
CA ALA D 114 45.87 -58.45 25.28
C ALA D 114 45.75 -57.38 24.21
N VAL D 115 44.64 -56.62 24.26
CA VAL D 115 44.43 -55.51 23.34
C VAL D 115 45.48 -54.41 23.58
N ASN D 116 45.66 -54.01 24.86
CA ASN D 116 46.60 -52.95 25.22
C ASN D 116 47.97 -53.13 24.60
N ASP D 117 48.59 -54.29 24.86
CA ASP D 117 49.92 -54.60 24.36
C ASP D 117 49.96 -54.62 22.84
N TRP D 118 48.83 -54.93 22.19
CA TRP D 118 48.77 -54.89 20.74
C TRP D 118 48.81 -53.44 20.24
N ILE D 119 48.30 -52.52 21.04
CA ILE D 119 48.30 -51.09 20.72
C ILE D 119 49.67 -50.48 20.97
N LEU D 120 50.18 -50.64 22.21
CA LEU D 120 51.51 -50.14 22.52
C LEU D 120 52.53 -50.65 21.52
N GLU D 121 52.45 -51.94 21.20
CA GLU D 121 53.41 -52.49 20.25
C GLU D 121 53.30 -51.82 18.89
N ARG D 122 52.07 -51.67 18.40
CA ARG D 122 51.86 -51.06 17.09
C ARG D 122 52.42 -49.65 17.05
N LEU D 123 52.23 -48.90 18.14
CA LEU D 123 52.67 -47.52 18.19
C LEU D 123 54.19 -47.43 18.24
N ALA D 124 54.83 -48.23 19.11
CA ALA D 124 56.28 -48.12 19.26
C ALA D 124 57.02 -48.50 17.97
N ARG D 125 56.46 -49.39 17.16
CA ARG D 125 57.07 -49.62 15.87
C ARG D 125 57.03 -48.37 15.01
N LYS D 126 55.94 -47.60 15.10
CA LYS D 126 55.91 -46.38 14.30
C LYS D 126 56.91 -45.37 14.83
N SER D 127 57.07 -45.29 16.16
CA SER D 127 57.98 -44.34 16.79
C SER D 127 58.32 -44.82 18.20
N LYS D 128 59.61 -44.99 18.49
CA LYS D 128 60.04 -45.40 19.81
C LYS D 128 59.83 -44.29 20.83
N PRO D 129 59.50 -44.64 22.10
CA PRO D 129 59.53 -43.66 23.18
C PRO D 129 60.84 -42.89 23.22
N ARG D 130 60.85 -41.72 23.86
CA ARG D 130 62.07 -40.93 23.93
C ARG D 130 61.94 -39.89 25.04
N MET D 131 63.09 -39.31 25.40
CA MET D 131 63.10 -38.22 26.36
C MET D 131 63.02 -36.89 25.62
N CYS D 132 62.31 -35.93 26.21
CA CYS D 132 62.26 -34.57 25.65
C CYS D 132 63.24 -33.68 26.38
N SER D 133 63.90 -32.80 25.62
CA SER D 133 64.91 -31.91 26.19
C SER D 133 64.26 -30.77 26.95
N ARG D 134 65.04 -30.16 27.86
CA ARG D 134 64.60 -28.91 28.46
C ARG D 134 64.42 -27.83 27.40
N GLU D 135 65.26 -27.85 26.35
CA GLU D 135 65.09 -26.93 25.23
C GLU D 135 63.68 -26.98 24.68
N GLU D 136 63.17 -28.20 24.45
CA GLU D 136 61.78 -28.37 24.02
C GLU D 136 60.82 -27.79 25.05
N PHE D 137 61.00 -28.13 26.32
CA PHE D 137 60.11 -27.63 27.37
C PHE D 137 60.10 -26.12 27.38
N ILE D 138 61.28 -25.51 27.30
CA ILE D 138 61.38 -24.06 27.28
C ILE D 138 60.60 -23.51 26.09
N ALA D 139 60.99 -23.93 24.87
CA ALA D 139 60.31 -23.53 23.64
C ALA D 139 58.80 -23.61 23.79
N LYS D 140 58.34 -24.70 24.37
CA LYS D 140 56.91 -24.93 24.52
C LYS D 140 56.30 -23.94 25.49
N VAL D 141 56.95 -23.70 26.64
CA VAL D 141 56.42 -22.69 27.57
C VAL D 141 56.70 -21.28 27.11
N LYS D 142 57.58 -21.10 26.12
CA LYS D 142 57.79 -19.78 25.51
C LYS D 142 56.47 -19.31 24.92
N SER D 143 56.01 -19.99 23.88
CA SER D 143 54.69 -19.70 23.31
C SER D 143 53.61 -20.29 24.22
N ASN D 144 53.24 -19.52 25.24
CA ASN D 144 52.27 -19.92 26.27
C ASN D 144 51.16 -20.88 25.81
N GLN D 154 58.49 -22.86 46.05
CA GLN D 154 57.41 -22.51 45.14
C GLN D 154 57.23 -20.99 45.14
N ASN D 155 56.49 -20.49 44.15
CA ASN D 155 56.13 -19.08 44.02
C ASN D 155 57.31 -18.17 44.40
N ARG D 156 58.39 -18.33 43.64
CA ARG D 156 59.56 -17.46 43.71
C ARG D 156 59.50 -16.37 42.64
N TRP D 157 59.37 -16.77 41.37
CA TRP D 157 59.10 -15.81 40.29
C TRP D 157 57.60 -15.52 40.23
N SER D 158 57.03 -15.31 39.04
CA SER D 158 55.59 -15.10 38.97
C SER D 158 54.95 -15.60 37.67
N SER D 159 55.75 -16.04 36.69
CA SER D 159 55.17 -16.65 35.49
C SER D 159 55.87 -17.94 35.11
N ALA D 160 55.60 -18.42 33.88
CA ALA D 160 56.31 -19.56 33.32
C ALA D 160 57.60 -19.10 32.66
N LYS D 161 57.48 -18.27 31.61
CA LYS D 161 58.65 -17.70 30.95
C LYS D 161 59.65 -17.14 31.96
N GLU D 162 59.17 -16.68 33.12
CA GLU D 162 60.06 -16.13 34.14
C GLU D 162 60.85 -17.24 34.84
N ALA D 163 60.13 -18.17 35.46
CA ALA D 163 60.78 -19.25 36.22
C ALA D 163 61.82 -19.99 35.38
N VAL D 164 61.46 -20.37 34.15
CA VAL D 164 62.29 -21.25 33.34
C VAL D 164 63.59 -20.60 32.85
N GLU D 165 63.70 -19.27 32.90
CA GLU D 165 64.95 -18.61 32.54
C GLU D 165 65.89 -18.56 33.72
N ASP D 166 65.31 -18.38 34.90
CA ASP D 166 66.01 -18.36 36.17
C ASP D 166 66.62 -19.72 36.50
N PRO D 167 67.94 -19.81 36.72
CA PRO D 167 68.55 -21.11 37.04
C PRO D 167 68.29 -21.64 38.45
N ALA D 168 67.70 -20.83 39.35
CA ALA D 168 67.28 -21.35 40.64
C ALA D 168 66.12 -22.33 40.51
N PHE D 169 65.40 -22.28 39.39
CA PHE D 169 64.27 -23.17 39.17
C PHE D 169 64.77 -24.57 38.81
N TRP D 170 65.68 -24.65 37.84
CA TRP D 170 66.26 -25.92 37.44
C TRP D 170 67.03 -26.58 38.58
N GLN D 171 67.53 -25.82 39.54
CA GLN D 171 68.11 -26.45 40.72
C GLN D 171 67.05 -27.30 41.42
N LEU D 172 65.91 -26.69 41.73
CA LEU D 172 64.80 -27.44 42.33
C LEU D 172 64.45 -28.67 41.51
N VAL D 173 64.33 -28.49 40.19
CA VAL D 173 64.03 -29.61 39.30
C VAL D 173 65.04 -30.72 39.46
N ASP D 174 66.32 -30.38 39.28
CA ASP D 174 67.37 -31.40 39.34
C ASP D 174 67.42 -32.09 40.70
N GLU D 175 67.16 -31.35 41.78
CA GLU D 175 67.13 -31.99 43.09
C GLU D 175 66.09 -33.10 43.11
N GLU D 176 64.89 -32.85 42.57
CA GLU D 176 63.86 -33.87 42.61
C GLU D 176 64.01 -34.87 41.47
N ARG D 177 64.52 -34.45 40.32
CA ARG D 177 64.82 -35.43 39.28
C ARG D 177 65.73 -36.54 39.81
N GLU D 178 66.77 -36.16 40.56
CA GLU D 178 67.68 -37.12 41.17
C GLU D 178 66.95 -38.07 42.11
N ARG D 179 65.96 -37.57 42.85
CA ARG D 179 65.08 -38.43 43.63
C ARG D 179 64.42 -39.44 42.72
N HIS D 180 63.87 -38.97 41.61
CA HIS D 180 63.16 -39.84 40.67
C HIS D 180 64.10 -40.90 40.13
N LEU D 181 65.32 -40.52 39.76
CA LEU D 181 66.29 -41.49 39.26
C LEU D 181 66.46 -42.62 40.25
N ALA D 182 66.40 -42.30 41.53
CA ALA D 182 66.50 -43.27 42.60
C ALA D 182 65.16 -43.91 42.95
N GLY D 183 64.10 -43.59 42.21
CA GLY D 183 62.80 -44.15 42.52
C GLY D 183 62.07 -43.55 43.71
N ARG D 184 62.37 -42.32 44.11
CA ARG D 184 61.52 -41.67 45.10
C ARG D 184 61.01 -40.31 44.60
N CYS D 185 59.87 -39.90 45.17
CA CYS D 185 59.23 -38.63 44.84
C CYS D 185 59.00 -37.85 46.10
N ALA D 186 59.47 -36.60 46.13
CA ALA D 186 59.23 -35.70 47.25
C ALA D 186 58.09 -34.74 47.00
N HIS D 187 57.85 -34.39 45.73
CA HIS D 187 57.17 -33.15 45.43
C HIS D 187 56.06 -33.22 44.41
N CYS D 188 55.81 -34.37 43.80
CA CYS D 188 54.85 -34.41 42.71
C CYS D 188 53.44 -34.68 43.27
N VAL D 189 52.93 -33.67 44.00
CA VAL D 189 51.57 -33.67 44.54
C VAL D 189 50.69 -32.76 43.70
N TYR D 190 49.37 -33.01 43.72
CA TYR D 190 48.43 -32.29 42.85
C TYR D 190 47.44 -31.43 43.62
N ASN D 191 47.08 -30.32 42.98
CA ASN D 191 46.16 -29.32 43.52
C ASN D 191 44.84 -29.56 42.80
N MET D 192 43.79 -29.92 43.55
CA MET D 192 42.64 -30.48 42.86
C MET D 192 41.77 -29.42 42.17
N MET D 193 41.43 -28.36 42.89
CA MET D 193 40.55 -27.30 42.37
C MET D 193 39.23 -27.90 41.88
N TRP D 213 42.89 -32.05 38.88
CA TRP D 213 44.32 -31.79 39.03
C TRP D 213 44.78 -30.33 38.74
N TYR D 214 46.02 -29.99 39.16
CA TYR D 214 46.78 -28.80 38.76
C TYR D 214 48.26 -29.19 38.68
N MET D 215 49.19 -28.35 39.16
CA MET D 215 50.60 -28.63 38.87
C MET D 215 51.54 -27.79 39.76
N TRP D 216 52.84 -28.00 39.51
CA TRP D 216 53.95 -27.13 39.92
C TRP D 216 55.00 -27.29 38.83
N LEU D 217 55.30 -26.20 38.11
CA LEU D 217 56.18 -26.25 36.93
C LEU D 217 57.31 -27.27 36.96
N GLY D 218 57.99 -27.42 38.09
CA GLY D 218 59.06 -28.40 38.15
C GLY D 218 58.56 -29.80 37.82
N SER D 219 57.53 -30.26 38.53
CA SER D 219 56.93 -31.56 38.25
C SER D 219 56.40 -31.62 36.83
N ARG D 220 55.72 -30.57 36.38
CA ARG D 220 55.19 -30.58 35.02
C ARG D 220 56.34 -30.78 34.02
N PHE D 221 57.51 -30.22 34.30
CA PHE D 221 58.67 -30.54 33.45
C PHE D 221 59.00 -32.02 33.51
N LEU D 222 59.08 -32.58 34.72
CA LEU D 222 59.52 -33.96 34.82
C LEU D 222 58.59 -34.88 34.06
N GLU D 223 57.26 -34.74 34.26
CA GLU D 223 56.27 -35.41 33.40
C GLU D 223 56.62 -35.26 31.93
N PHE D 224 56.82 -34.03 31.47
CA PHE D 224 57.16 -33.77 30.07
C PHE D 224 58.38 -34.56 29.62
N GLU D 225 59.45 -34.63 30.45
CA GLU D 225 60.69 -35.25 29.98
C GLU D 225 60.47 -36.73 29.70
N ALA D 226 59.81 -37.43 30.64
CA ALA D 226 59.47 -38.85 30.51
C ALA D 226 58.35 -39.12 29.53
N LEU D 227 57.10 -38.92 29.95
CA LEU D 227 55.92 -39.26 29.13
C LEU D 227 55.57 -38.21 28.08
N GLY D 228 56.22 -37.05 28.09
CA GLY D 228 55.84 -36.04 27.13
C GLY D 228 55.96 -36.46 25.67
N PHE D 229 56.70 -37.52 25.38
CA PHE D 229 56.84 -37.90 23.99
C PHE D 229 55.50 -38.30 23.40
N LEU D 230 54.58 -38.82 24.23
CA LEU D 230 53.23 -39.11 23.75
C LEU D 230 52.65 -37.92 23.00
N ASN D 231 52.88 -36.72 23.53
CA ASN D 231 52.33 -35.52 22.94
C ASN D 231 53.19 -34.99 21.80
N GLU D 232 54.50 -34.90 22.01
CA GLU D 232 55.33 -34.27 20.99
C GLU D 232 55.62 -35.20 19.84
N ASP D 233 55.27 -36.47 19.95
CA ASP D 233 55.47 -37.41 18.87
C ASP D 233 54.13 -37.89 18.35
N HIS D 234 53.04 -37.29 18.82
CA HIS D 234 51.73 -37.46 18.24
C HIS D 234 51.32 -38.93 18.21
N TRP D 235 51.35 -39.53 19.40
CA TRP D 235 50.99 -40.92 19.51
C TRP D 235 49.51 -41.11 19.27
N ALA D 236 48.70 -40.19 19.74
CA ALA D 236 47.26 -40.23 19.49
C ALA D 236 46.85 -39.52 18.18
N SER D 237 47.78 -39.21 17.27
CA SER D 237 47.37 -38.70 15.97
C SER D 237 46.69 -39.80 15.20
N ARG D 238 46.04 -39.43 14.10
CA ARG D 238 45.35 -40.47 13.36
C ARG D 238 46.35 -41.37 12.64
N GLY D 239 47.45 -40.79 12.16
CA GLY D 239 48.44 -41.56 11.44
C GLY D 239 49.14 -42.59 12.30
N SER D 240 49.34 -42.30 13.58
CA SER D 240 49.93 -43.29 14.48
C SER D 240 48.88 -44.20 15.11
N SER D 241 47.91 -43.63 15.84
CA SER D 241 47.00 -44.47 16.62
C SER D 241 45.96 -45.16 15.77
N GLY D 242 45.80 -44.75 14.52
CA GLY D 242 44.84 -45.34 13.62
C GLY D 242 43.43 -44.80 13.76
N SER D 243 43.01 -44.60 15.00
CA SER D 243 41.67 -44.14 15.26
C SER D 243 41.58 -42.85 16.08
N GLY D 244 42.70 -42.32 16.54
CA GLY D 244 42.70 -41.01 17.15
C GLY D 244 42.55 -39.89 16.13
N VAL D 245 42.51 -38.67 16.64
CA VAL D 245 42.27 -37.49 15.82
C VAL D 245 43.04 -36.28 16.31
N GLU D 246 44.01 -36.49 17.21
CA GLU D 246 44.85 -35.36 17.62
C GLU D 246 45.37 -34.65 16.38
N GLY D 247 45.36 -33.32 16.40
CA GLY D 247 45.89 -32.54 15.31
C GLY D 247 44.92 -32.12 14.22
N ILE D 248 43.65 -32.47 14.32
CA ILE D 248 42.66 -32.09 13.32
C ILE D 248 41.74 -31.06 13.94
N SER D 249 41.62 -29.88 13.33
CA SER D 249 40.74 -28.88 13.93
C SER D 249 39.30 -29.25 13.66
N LEU D 250 38.42 -28.82 14.56
CA LEU D 250 37.00 -28.77 14.30
C LEU D 250 36.66 -28.55 12.82
N ASN D 251 37.28 -27.55 12.20
CA ASN D 251 36.87 -27.18 10.86
C ASN D 251 37.06 -28.32 9.88
N TYR D 252 38.15 -29.06 10.01
CA TYR D 252 38.41 -30.21 9.15
C TYR D 252 37.80 -31.51 9.67
N LEU D 253 37.52 -31.60 10.96
CA LEU D 253 37.12 -32.85 11.55
C LEU D 253 35.85 -33.40 10.89
N GLY D 254 35.02 -32.52 10.34
CA GLY D 254 33.76 -32.98 9.76
C GLY D 254 33.93 -33.95 8.59
N TRP D 255 34.92 -33.70 7.74
CA TRP D 255 35.19 -34.61 6.63
C TRP D 255 35.47 -36.05 7.10
N TYR D 256 35.92 -36.22 8.34
CA TYR D 256 36.23 -37.54 8.85
C TYR D 256 34.95 -38.29 9.21
N LEU D 257 34.06 -37.62 9.95
CA LEU D 257 32.73 -38.17 10.16
C LEU D 257 32.07 -38.64 8.87
N LYS D 258 32.13 -37.81 7.83
CA LYS D 258 31.49 -38.18 6.56
C LYS D 258 32.13 -39.45 6.00
N GLY D 259 33.45 -39.51 6.01
CA GLY D 259 34.14 -40.69 5.51
C GLY D 259 33.70 -41.97 6.19
N LEU D 260 33.45 -41.91 7.50
CA LEU D 260 32.98 -43.12 8.18
C LEU D 260 31.65 -43.64 7.64
N SER D 261 30.84 -42.81 6.98
CA SER D 261 29.63 -43.36 6.39
C SER D 261 29.89 -44.14 5.11
N THR D 262 31.04 -44.00 4.48
CA THR D 262 31.25 -44.76 3.26
C THR D 262 31.71 -46.19 3.52
N LEU D 263 31.84 -46.60 4.78
CA LEU D 263 32.25 -47.98 5.06
C LEU D 263 31.01 -48.83 5.24
N GLU D 264 31.14 -50.11 4.92
CA GLU D 264 30.12 -51.06 5.33
C GLU D 264 30.08 -51.15 6.84
N GLY D 265 28.92 -51.48 7.36
CA GLY D 265 28.76 -51.63 8.79
C GLY D 265 27.37 -51.23 9.20
N GLY D 266 27.16 -51.20 10.51
CA GLY D 266 25.89 -50.82 11.08
C GLY D 266 25.78 -49.33 11.22
N LEU D 267 25.02 -48.90 12.21
CA LEU D 267 24.84 -47.48 12.49
C LEU D 267 26.07 -46.86 13.14
N PHE D 268 26.12 -45.54 13.13
CA PHE D 268 27.04 -44.80 13.98
C PHE D 268 26.62 -44.98 15.43
N TYR D 269 27.59 -45.15 16.32
CA TYR D 269 27.32 -45.17 17.75
C TYR D 269 28.16 -44.08 18.43
N ALA D 270 27.59 -43.40 19.42
CA ALA D 270 28.34 -42.29 20.01
C ALA D 270 28.00 -42.12 21.47
N ASP D 271 27.91 -43.24 22.18
CA ASP D 271 27.70 -43.26 23.62
C ASP D 271 28.81 -42.45 24.32
N ASP D 272 28.45 -41.78 25.40
CA ASP D 272 29.41 -40.92 26.08
C ASP D 272 29.49 -41.37 27.53
N THR D 273 30.70 -41.59 28.04
CA THR D 273 30.86 -42.10 29.39
C THR D 273 30.64 -40.99 30.41
N ALA D 274 29.73 -41.23 31.34
CA ALA D 274 29.52 -40.31 32.44
C ALA D 274 30.76 -40.26 33.33
N GLY D 275 31.50 -39.15 33.30
CA GLY D 275 32.59 -38.97 34.25
C GLY D 275 33.78 -39.91 34.08
N TRP D 276 34.39 -39.86 32.90
CA TRP D 276 35.35 -40.90 32.50
C TRP D 276 36.57 -40.90 33.40
N ASP D 277 37.03 -39.74 33.82
CA ASP D 277 38.28 -39.71 34.56
C ASP D 277 38.18 -40.46 35.88
N THR D 278 37.02 -40.42 36.57
CA THR D 278 36.84 -41.18 37.80
C THR D 278 36.55 -42.64 37.54
N LYS D 279 36.58 -43.09 36.29
CA LYS D 279 36.32 -44.46 35.93
C LYS D 279 37.51 -45.19 35.31
N VAL D 280 38.63 -44.49 35.05
CA VAL D 280 39.91 -45.10 34.74
C VAL D 280 40.25 -45.97 35.94
N THR D 281 40.28 -47.30 35.73
CA THR D 281 40.46 -48.28 36.81
C THR D 281 41.93 -48.58 37.04
N ASN D 282 42.20 -49.27 38.15
CA ASN D 282 43.56 -49.64 38.45
C ASN D 282 44.07 -50.57 37.38
N ALA D 283 43.18 -51.45 36.90
CA ALA D 283 43.43 -52.25 35.71
C ALA D 283 43.89 -51.38 34.56
N ASP D 284 43.17 -50.28 34.29
CA ASP D 284 43.55 -49.37 33.21
C ASP D 284 44.95 -48.80 33.42
N LEU D 285 45.25 -48.34 34.65
CA LEU D 285 46.54 -47.69 34.90
C LEU D 285 47.71 -48.66 34.71
N GLU D 286 47.62 -49.85 35.33
CA GLU D 286 48.60 -50.91 35.10
C GLU D 286 48.72 -51.25 33.61
N ASP D 287 47.63 -51.11 32.85
CA ASP D 287 47.70 -51.30 31.41
C ASP D 287 48.53 -50.20 30.76
N GLU D 288 48.33 -48.95 31.20
CA GLU D 288 49.06 -47.83 30.62
C GLU D 288 50.51 -47.86 31.06
N GLU D 289 50.77 -48.35 32.29
CA GLU D 289 52.13 -48.48 32.78
C GLU D 289 52.99 -49.38 31.89
N GLN D 290 52.38 -50.13 31.03
CA GLN D 290 53.23 -50.96 30.21
C GLN D 290 53.95 -50.22 29.21
N LEU D 291 53.92 -48.89 29.17
CA LEU D 291 54.83 -48.18 28.28
C LEU D 291 56.27 -48.42 28.66
N LEU D 292 56.55 -48.67 29.94
CA LEU D 292 57.94 -48.74 30.38
C LEU D 292 58.68 -49.87 29.67
N ARG D 293 58.03 -50.99 29.41
CA ARG D 293 58.55 -52.05 28.57
C ARG D 293 59.37 -51.53 27.38
N TYR D 294 58.92 -50.44 26.74
CA TYR D 294 59.58 -49.92 25.55
C TYR D 294 60.58 -48.82 25.86
N MET D 295 60.99 -48.69 27.10
CA MET D 295 61.94 -47.68 27.52
C MET D 295 63.17 -48.37 28.08
N GLU D 296 64.29 -47.65 28.10
CA GLU D 296 65.53 -48.20 28.63
C GLU D 296 66.25 -47.13 29.43
N GLY D 297 67.34 -47.53 30.08
CA GLY D 297 68.27 -46.50 30.54
C GLY D 297 67.67 -45.70 31.66
N GLU D 298 68.10 -44.43 31.76
CA GLU D 298 67.51 -43.59 32.80
C GLU D 298 66.05 -43.37 32.52
N HIS D 299 65.71 -43.12 31.24
CA HIS D 299 64.33 -42.89 30.79
C HIS D 299 63.32 -43.77 31.50
N LYS D 300 63.44 -45.10 31.30
CA LYS D 300 62.56 -46.02 32.00
C LYS D 300 62.44 -45.66 33.48
N GLN D 301 63.57 -45.47 34.15
CA GLN D 301 63.48 -45.16 35.56
C GLN D 301 62.75 -43.85 35.79
N LEU D 302 62.94 -42.89 34.88
CA LEU D 302 62.31 -41.58 35.03
C LEU D 302 60.80 -41.68 34.85
N ALA D 303 60.38 -42.24 33.69
CA ALA D 303 58.97 -42.48 33.41
C ALA D 303 58.30 -43.32 34.49
N ALA D 304 58.90 -44.47 34.81
CA ALA D 304 58.44 -45.32 35.90
C ALA D 304 58.03 -44.52 37.11
N THR D 305 58.85 -43.56 37.52
CA THR D 305 58.55 -42.88 38.77
C THR D 305 57.31 -42.02 38.62
N ILE D 306 57.18 -41.34 37.48
CA ILE D 306 55.99 -40.54 37.21
C ILE D 306 54.76 -41.44 37.23
N MET D 307 54.80 -42.50 36.38
CA MET D 307 53.64 -43.38 36.26
C MET D 307 53.33 -44.07 37.56
N GLN D 308 54.32 -44.72 38.15
CA GLN D 308 54.04 -45.59 39.27
C GLN D 308 53.88 -44.79 40.55
N LYS D 309 54.58 -43.67 40.68
CA LYS D 309 54.50 -42.97 41.95
C LYS D 309 53.71 -41.68 41.84
N ALA D 310 53.98 -40.85 40.82
CA ALA D 310 53.21 -39.61 40.66
C ALA D 310 51.77 -39.88 40.27
N TYR D 311 51.57 -40.65 39.18
CA TYR D 311 50.23 -40.94 38.69
C TYR D 311 49.52 -42.03 39.49
N HIS D 312 50.20 -43.11 39.87
CA HIS D 312 49.50 -44.23 40.46
C HIS D 312 49.53 -44.25 41.98
N ALA D 313 50.25 -43.31 42.62
CA ALA D 313 50.21 -43.14 44.08
C ALA D 313 49.85 -41.67 44.33
N LYS D 314 48.58 -41.34 44.17
CA LYS D 314 48.21 -39.93 44.14
C LYS D 314 48.22 -39.29 45.52
N VAL D 315 48.89 -38.14 45.60
CA VAL D 315 48.92 -37.30 46.78
C VAL D 315 48.27 -35.98 46.36
N VAL D 316 47.06 -35.71 46.85
CA VAL D 316 46.27 -34.57 46.39
C VAL D 316 46.01 -33.54 47.49
N LYS D 317 46.06 -32.26 47.11
CA LYS D 317 45.67 -31.13 47.96
C LYS D 317 44.27 -30.67 47.58
N VAL D 318 43.35 -30.63 48.57
CA VAL D 318 41.95 -30.26 48.37
C VAL D 318 41.55 -29.29 49.46
N ALA D 319 40.92 -28.17 49.08
CA ALA D 319 40.43 -27.19 50.04
C ALA D 319 39.07 -27.59 50.60
N ARG D 320 38.78 -27.09 51.79
CA ARG D 320 37.61 -27.53 52.55
C ARG D 320 37.38 -26.53 53.66
N PRO D 321 36.18 -25.96 53.80
CA PRO D 321 36.00 -24.90 54.81
C PRO D 321 36.24 -25.41 56.23
N SER D 322 36.99 -24.62 56.99
CA SER D 322 37.25 -24.85 58.39
C SER D 322 36.04 -24.48 59.25
N ARG D 323 36.08 -24.88 60.51
CA ARG D 323 35.06 -24.44 61.46
C ARG D 323 35.51 -23.23 62.25
N ASP D 324 36.08 -22.23 61.60
CA ASP D 324 36.65 -21.13 62.36
C ASP D 324 36.77 -19.81 61.58
N GLY D 325 36.35 -19.80 60.31
CA GLY D 325 36.27 -18.57 59.53
C GLY D 325 37.22 -18.48 58.34
N GLY D 326 38.17 -19.38 58.22
CA GLY D 326 38.92 -19.53 56.98
C GLY D 326 38.68 -20.94 56.54
N CYS D 327 39.53 -21.48 55.68
CA CYS D 327 39.43 -22.89 55.39
C CYS D 327 40.79 -23.53 55.50
N VAL D 328 40.78 -24.82 55.79
CA VAL D 328 41.98 -25.61 55.84
C VAL D 328 42.17 -26.28 54.47
N MET D 329 43.35 -26.85 54.22
CA MET D 329 43.62 -27.62 53.01
C MET D 329 43.94 -29.06 53.40
N ASP D 330 43.35 -30.03 52.69
CA ASP D 330 43.44 -31.43 53.04
C ASP D 330 44.45 -32.14 52.14
N VAL D 331 45.20 -33.07 52.73
CA VAL D 331 46.11 -33.93 51.98
C VAL D 331 45.50 -35.33 51.98
N ILE D 332 45.21 -35.84 50.78
CA ILE D 332 44.54 -37.13 50.62
C ILE D 332 45.25 -37.94 49.55
N THR D 333 45.02 -39.26 49.60
CA THR D 333 45.68 -40.18 48.68
C THR D 333 44.72 -41.24 48.18
N ARG D 334 44.98 -41.71 46.97
CA ARG D 334 44.23 -42.81 46.39
C ARG D 334 45.08 -43.42 45.30
N ARG D 335 44.60 -44.56 44.79
CA ARG D 335 45.32 -45.34 43.80
C ARG D 335 44.78 -45.12 42.39
N ASP D 336 43.48 -45.40 42.17
CA ASP D 336 42.90 -45.30 40.84
C ASP D 336 42.38 -43.90 40.53
N GLN D 337 41.63 -43.79 39.42
CA GLN D 337 41.12 -42.61 38.74
C GLN D 337 42.24 -41.96 37.96
N ARG D 338 41.93 -40.90 37.21
CA ARG D 338 42.91 -40.19 36.39
C ARG D 338 42.92 -38.73 36.81
N GLY D 339 44.07 -38.26 37.30
CA GLY D 339 44.26 -36.84 37.51
C GLY D 339 43.94 -36.15 36.21
N SER D 340 42.99 -35.21 36.24
CA SER D 340 42.47 -34.66 35.00
C SER D 340 43.47 -33.72 34.33
N GLY D 341 44.32 -33.06 35.12
CA GLY D 341 45.26 -32.10 34.57
C GLY D 341 46.66 -32.62 34.23
N GLN D 342 46.80 -33.92 34.02
CA GLN D 342 48.13 -34.48 33.81
C GLN D 342 48.63 -34.13 32.41
N VAL D 343 49.94 -34.19 32.23
CA VAL D 343 50.55 -33.82 30.95
C VAL D 343 50.13 -34.77 29.84
N VAL D 344 49.71 -36.00 30.17
CA VAL D 344 49.41 -37.00 29.15
C VAL D 344 47.96 -37.46 29.21
N THR D 345 47.10 -36.74 29.95
CA THR D 345 45.72 -37.18 30.14
C THR D 345 44.98 -37.37 28.81
N TYR D 346 45.19 -36.45 27.86
CA TYR D 346 44.55 -36.62 26.56
C TYR D 346 44.99 -37.91 25.90
N ALA D 347 46.31 -38.10 25.79
CA ALA D 347 46.82 -39.24 25.03
C ALA D 347 46.48 -40.54 25.72
N LEU D 348 46.69 -40.61 27.03
CA LEU D 348 46.43 -41.85 27.75
C LEU D 348 44.93 -42.19 27.72
N ASN D 349 44.07 -41.20 27.89
CA ASN D 349 42.64 -41.47 27.74
C ASN D 349 42.32 -41.93 26.32
N THR D 350 43.05 -41.42 25.32
CA THR D 350 42.67 -41.75 23.95
C THR D 350 43.04 -43.19 23.64
N LEU D 351 44.28 -43.57 23.93
CA LEU D 351 44.67 -44.97 23.82
C LEU D 351 43.78 -45.87 24.66
N THR D 352 43.57 -45.55 25.95
CA THR D 352 42.73 -46.39 26.79
C THR D 352 41.33 -46.57 26.22
N ASN D 353 40.74 -45.48 25.71
CA ASN D 353 39.40 -45.54 25.13
C ASN D 353 39.39 -46.37 23.85
N ILE D 354 40.41 -46.20 22.98
CA ILE D 354 40.56 -47.10 21.83
C ILE D 354 40.47 -48.55 22.28
N LYS D 355 41.24 -48.90 23.32
CA LYS D 355 41.19 -50.25 23.86
C LYS D 355 39.75 -50.62 24.22
N VAL D 356 39.13 -49.81 25.07
CA VAL D 356 37.73 -50.05 25.47
C VAL D 356 36.85 -50.28 24.24
N GLN D 357 36.97 -49.47 23.21
CA GLN D 357 35.99 -49.68 22.13
C GLN D 357 36.39 -50.89 21.29
N LEU D 358 37.68 -51.08 21.08
CA LEU D 358 38.18 -52.26 20.40
C LEU D 358 37.68 -53.53 21.08
N ILE D 359 37.53 -53.48 22.41
CA ILE D 359 37.01 -54.61 23.19
C ILE D 359 35.50 -54.75 22.99
N ARG D 360 34.78 -53.64 23.16
CA ARG D 360 33.34 -53.71 22.96
C ARG D 360 33.01 -54.21 21.56
N MET D 361 33.84 -53.84 20.57
CA MET D 361 33.61 -54.32 19.21
C MET D 361 33.63 -55.84 19.17
N MET D 362 34.60 -56.43 19.86
CA MET D 362 34.77 -57.88 19.90
C MET D 362 33.57 -58.58 20.52
N GLU D 363 33.04 -58.05 21.62
CA GLU D 363 31.84 -58.66 22.21
C GLU D 363 30.71 -58.68 21.19
N GLY D 364 30.53 -57.59 20.45
CA GLY D 364 29.47 -57.55 19.47
C GLY D 364 29.73 -58.46 18.29
N GLU D 365 30.98 -58.57 17.85
CA GLU D 365 31.25 -59.46 16.72
C GLU D 365 31.24 -60.92 17.12
N GLY D 366 31.05 -61.20 18.41
CA GLY D 366 31.07 -62.54 18.93
C GLY D 366 32.43 -63.11 19.22
N VAL D 367 33.48 -62.29 19.20
CA VAL D 367 34.79 -62.85 19.48
C VAL D 367 34.85 -63.26 20.95
N ILE D 368 34.27 -62.47 21.83
CA ILE D 368 34.27 -62.80 23.24
C ILE D 368 32.83 -62.73 23.73
N GLU D 369 32.60 -63.34 24.89
CA GLU D 369 31.30 -63.26 25.55
C GLU D 369 31.52 -63.31 27.05
N ALA D 370 30.41 -63.29 27.80
CA ALA D 370 30.53 -63.13 29.24
C ALA D 370 31.29 -64.28 29.88
N SER D 371 31.23 -65.46 29.28
CA SER D 371 32.04 -66.58 29.72
C SER D 371 33.52 -66.19 29.77
N ASP D 372 33.97 -65.38 28.82
CA ASP D 372 35.36 -65.00 28.78
C ASP D 372 35.74 -63.98 29.82
N ALA D 373 34.76 -63.43 30.54
CA ALA D 373 35.10 -62.55 31.65
C ALA D 373 35.73 -63.32 32.77
N HIS D 374 35.58 -64.65 32.75
CA HIS D 374 36.03 -65.57 33.79
C HIS D 374 37.04 -66.59 33.30
N ASN D 375 37.09 -66.86 32.03
CA ASN D 375 37.96 -67.90 31.52
C ASN D 375 38.38 -67.52 30.12
N PRO D 376 39.05 -66.40 29.96
CA PRO D 376 39.16 -65.76 28.64
C PRO D 376 39.78 -66.68 27.60
N ARG D 377 39.46 -66.41 26.34
CA ARG D 377 40.00 -67.22 25.26
C ARG D 377 40.95 -66.40 24.38
N LEU D 378 42.08 -65.97 24.95
CA LEU D 378 43.02 -65.10 24.21
C LEU D 378 43.19 -65.39 22.73
N LEU D 379 43.29 -66.67 22.37
CA LEU D 379 43.55 -66.99 20.98
C LEU D 379 42.48 -66.42 20.05
N ARG D 380 41.23 -66.50 20.52
CA ARG D 380 40.13 -65.76 19.91
C ARG D 380 40.47 -64.27 19.72
N VAL D 381 40.84 -63.57 20.82
CA VAL D 381 41.01 -62.10 20.71
C VAL D 381 42.31 -61.77 20.01
N GLU D 382 43.31 -62.63 20.11
CA GLU D 382 44.60 -62.34 19.50
C GLU D 382 44.52 -62.51 17.99
N ARG D 383 43.81 -63.56 17.54
CA ARG D 383 43.64 -63.74 16.10
C ARG D 383 42.89 -62.55 15.53
N TRP D 384 41.91 -62.05 16.28
CA TRP D 384 41.13 -60.88 15.87
C TRP D 384 42.02 -59.69 15.60
N LEU D 385 42.80 -59.29 16.62
CA LEU D 385 43.72 -58.16 16.44
C LEU D 385 44.63 -58.39 15.23
N ARG D 386 45.00 -59.65 15.00
CA ARG D 386 45.90 -59.98 13.90
C ARG D 386 45.24 -59.71 12.56
N ASP D 387 44.06 -60.30 12.34
CA ASP D 387 43.47 -60.31 11.01
C ASP D 387 42.45 -59.21 10.80
N HIS D 388 42.08 -58.48 11.84
CA HIS D 388 41.08 -57.43 11.72
C HIS D 388 41.44 -56.13 12.41
N GLY D 389 42.43 -56.14 13.30
CA GLY D 389 42.60 -55.02 14.21
C GLY D 389 42.86 -53.72 13.47
N GLU D 390 43.72 -53.76 12.48
CA GLU D 390 44.05 -52.49 11.86
C GLU D 390 42.86 -51.93 11.10
N GLU D 391 42.04 -52.79 10.47
CA GLU D 391 40.82 -52.28 9.87
C GLU D 391 39.94 -51.64 10.93
N ARG D 392 39.56 -52.41 11.94
CA ARG D 392 38.74 -51.89 13.02
C ARG D 392 39.22 -50.53 13.51
N LEU D 393 40.53 -50.30 13.45
CA LEU D 393 41.04 -49.06 14.00
C LEU D 393 40.54 -47.88 13.19
N GLY D 394 40.48 -48.01 11.87
CA GLY D 394 39.98 -46.94 11.02
C GLY D 394 38.48 -46.77 10.97
N ARG D 395 37.76 -47.41 11.87
CA ARG D 395 36.32 -47.38 11.92
C ARG D 395 35.81 -46.49 13.04
N MET D 396 36.71 -45.87 13.78
CA MET D 396 36.31 -45.03 14.89
C MET D 396 37.11 -43.73 14.86
N LEU D 397 36.53 -42.71 15.50
CA LEU D 397 37.22 -41.47 15.82
C LEU D 397 37.26 -41.43 17.34
N VAL D 398 38.47 -41.29 17.92
CA VAL D 398 38.61 -41.24 19.37
C VAL D 398 39.39 -40.01 19.76
N SER D 399 38.81 -39.21 20.65
CA SER D 399 39.40 -37.99 21.16
C SER D 399 39.27 -38.04 22.67
N GLY D 400 40.34 -38.41 23.36
CA GLY D 400 40.18 -38.69 24.77
C GLY D 400 38.98 -39.58 25.03
N ASP D 401 38.03 -39.11 25.82
CA ASP D 401 36.95 -39.98 26.23
C ASP D 401 35.79 -39.94 25.27
N ASP D 402 35.84 -39.09 24.26
CA ASP D 402 34.76 -39.02 23.30
C ASP D 402 35.10 -39.94 22.13
N CYS D 403 34.07 -40.56 21.56
CA CYS D 403 34.33 -41.37 20.38
C CYS D 403 33.10 -41.40 19.48
N VAL D 404 33.33 -41.97 18.30
CA VAL D 404 32.33 -42.25 17.29
C VAL D 404 32.75 -43.61 16.74
N VAL D 405 31.96 -44.64 16.96
CA VAL D 405 32.25 -45.99 16.47
C VAL D 405 31.30 -46.35 15.35
N ARG D 406 31.83 -47.01 14.34
CA ARG D 406 31.02 -47.45 13.23
C ARG D 406 31.29 -48.94 13.06
N PRO D 407 30.64 -49.77 13.89
CA PRO D 407 30.97 -51.20 13.96
C PRO D 407 30.51 -51.97 12.74
N VAL D 408 30.89 -53.24 12.70
CA VAL D 408 30.65 -54.03 11.51
C VAL D 408 29.17 -54.34 11.34
N ASP D 409 28.40 -54.31 12.41
CA ASP D 409 26.94 -54.32 12.32
C ASP D 409 26.38 -53.97 13.69
N ASP D 410 25.05 -53.90 13.77
CA ASP D 410 24.42 -53.33 14.94
C ASP D 410 24.29 -54.30 16.10
N ARG D 411 24.97 -55.43 16.03
CA ARG D 411 25.10 -56.26 17.22
C ARG D 411 25.71 -55.44 18.36
N PHE D 412 26.66 -54.55 17.99
CA PHE D 412 27.27 -53.56 18.88
C PHE D 412 26.31 -52.96 19.88
N SER D 413 25.11 -52.60 19.42
CA SER D 413 24.13 -52.00 20.32
C SER D 413 23.92 -52.81 21.58
N ARG D 414 23.66 -54.11 21.43
CA ARG D 414 23.39 -54.96 22.58
C ARG D 414 24.65 -55.32 23.34
N ALA D 415 25.83 -55.02 22.78
CA ALA D 415 27.11 -55.58 23.23
C ALA D 415 27.71 -54.81 24.39
N LEU D 416 27.10 -54.92 25.55
CA LEU D 416 27.58 -54.06 26.62
C LEU D 416 27.87 -54.82 27.89
N TYR D 417 28.45 -56.02 27.81
CA TYR D 417 28.83 -56.73 29.04
C TYR D 417 30.19 -56.27 29.53
N PHE D 418 31.20 -56.33 28.65
CA PHE D 418 32.54 -55.90 29.02
C PHE D 418 32.63 -54.39 29.19
N LEU D 419 31.77 -53.62 28.52
CA LEU D 419 31.76 -52.19 28.80
C LEU D 419 31.41 -51.91 30.26
N ASN D 420 30.33 -52.52 30.78
CA ASN D 420 30.06 -52.27 32.18
C ASN D 420 31.05 -52.96 33.08
N ASP D 421 31.64 -54.08 32.66
CA ASP D 421 32.57 -54.68 33.60
C ASP D 421 33.77 -53.75 33.81
N MET D 422 34.28 -53.13 32.73
CA MET D 422 35.46 -52.28 32.87
C MET D 422 35.18 -50.95 33.53
N ALA D 423 33.94 -50.75 33.98
CA ALA D 423 33.41 -49.63 34.74
C ALA D 423 33.00 -48.43 33.87
N LYS D 424 33.11 -48.50 32.53
CA LYS D 424 32.84 -47.32 31.70
C LYS D 424 31.33 -47.19 31.41
N THR D 425 30.59 -46.89 32.49
CA THR D 425 29.14 -46.75 32.40
C THR D 425 28.71 -45.61 31.48
N ARG D 426 27.77 -45.90 30.56
CA ARG D 426 27.26 -44.89 29.62
C ARG D 426 26.34 -43.89 30.31
N LYS D 427 26.45 -42.61 29.94
CA LYS D 427 25.61 -41.57 30.54
C LYS D 427 24.18 -41.65 30.03
N ASP D 428 23.22 -41.42 30.93
CA ASP D 428 21.85 -41.06 30.57
C ASP D 428 21.17 -42.18 29.79
N ILE D 429 21.21 -43.37 30.35
CA ILE D 429 20.66 -44.59 29.76
C ILE D 429 20.88 -45.73 30.74
N GLY D 430 19.93 -46.67 30.78
CA GLY D 430 20.01 -47.75 31.73
C GLY D 430 21.21 -48.64 31.49
N GLU D 431 21.78 -49.14 32.60
CA GLU D 431 23.02 -49.90 32.54
C GLU D 431 22.98 -50.98 31.47
N TRP D 432 21.82 -51.60 31.26
CA TRP D 432 21.76 -52.78 30.39
C TRP D 432 20.85 -52.58 29.19
N GLU D 433 20.49 -51.33 28.91
CA GLU D 433 19.60 -50.96 27.82
C GLU D 433 20.44 -50.78 26.57
N HIS D 434 19.98 -51.32 25.44
CA HIS D 434 20.69 -51.18 24.17
C HIS D 434 21.09 -49.74 23.86
N SER D 435 22.03 -49.54 22.95
CA SER D 435 22.50 -48.19 22.62
C SER D 435 21.78 -47.71 21.36
N VAL D 436 21.34 -46.47 21.38
N VAL D 436 21.34 -46.47 21.37
CA VAL D 436 20.66 -45.90 20.21
CA VAL D 436 20.66 -45.91 20.21
C VAL D 436 21.71 -45.40 19.23
C VAL D 436 21.71 -45.40 19.23
N GLY D 437 21.53 -45.75 17.95
CA GLY D 437 22.48 -45.41 16.92
C GLY D 437 22.01 -44.26 16.06
N PHE D 438 22.75 -44.02 14.98
CA PHE D 438 22.46 -42.94 14.07
C PHE D 438 22.76 -43.42 12.67
N SER D 439 21.82 -43.24 11.75
CA SER D 439 22.05 -43.59 10.36
C SER D 439 22.63 -42.44 9.55
N ASN D 440 22.48 -41.22 10.05
CA ASN D 440 22.93 -40.01 9.38
C ASN D 440 24.12 -39.45 10.13
N TRP D 441 25.29 -39.43 9.50
CA TRP D 441 26.45 -38.85 10.13
C TRP D 441 26.22 -37.40 10.59
N GLU D 442 25.38 -36.65 9.90
CA GLU D 442 25.17 -35.29 10.35
C GLU D 442 24.43 -35.27 11.67
N GLU D 443 23.78 -36.38 12.02
CA GLU D 443 23.07 -36.47 13.30
C GLU D 443 23.96 -36.92 14.45
N VAL D 444 25.22 -37.27 14.17
CA VAL D 444 26.18 -37.82 15.13
C VAL D 444 26.93 -36.74 15.91
N PRO D 445 26.88 -36.76 17.24
CA PRO D 445 27.66 -35.84 18.06
C PRO D 445 29.10 -36.29 18.29
N PHE D 446 30.00 -35.30 18.40
CA PHE D 446 31.42 -35.57 18.62
C PHE D 446 32.08 -34.28 19.09
N CYS D 447 32.84 -34.35 20.17
CA CYS D 447 33.62 -33.20 20.59
C CYS D 447 32.72 -31.98 20.80
N SER D 448 31.54 -32.23 21.34
CA SER D 448 30.55 -31.20 21.65
C SER D 448 29.95 -30.54 20.42
N HIS D 449 29.98 -31.18 19.26
CA HIS D 449 29.50 -30.55 18.04
C HIS D 449 28.73 -31.56 17.21
N HIS D 450 28.02 -31.04 16.22
CA HIS D 450 27.46 -31.81 15.14
C HIS D 450 28.14 -31.33 13.88
N PHE D 451 27.98 -32.06 12.77
CA PHE D 451 28.56 -31.55 11.55
C PHE D 451 27.52 -31.54 10.45
N HIS D 452 27.67 -30.59 9.53
CA HIS D 452 26.63 -30.30 8.56
C HIS D 452 27.32 -29.98 7.26
N GLU D 453 26.85 -30.56 6.18
CA GLU D 453 27.41 -30.24 4.89
C GLU D 453 26.70 -29.00 4.37
N LEU D 454 27.44 -28.15 3.64
CA LEU D 454 27.01 -26.84 3.18
C LEU D 454 27.56 -26.65 1.78
N VAL D 455 26.72 -26.49 0.81
CA VAL D 455 27.26 -26.27 -0.52
C VAL D 455 27.31 -24.78 -0.79
N MET D 456 28.43 -24.33 -1.34
CA MET D 456 28.59 -22.90 -1.52
C MET D 456 27.88 -22.44 -2.79
N LYS D 457 27.80 -21.12 -2.99
CA LYS D 457 27.14 -20.64 -4.19
C LYS D 457 27.91 -21.08 -5.44
N ASP D 458 29.22 -21.31 -5.34
CA ASP D 458 30.03 -21.74 -6.48
C ASP D 458 30.17 -23.27 -6.61
N GLY D 459 29.50 -24.07 -5.80
CA GLY D 459 29.46 -25.50 -6.04
C GLY D 459 30.43 -26.35 -5.24
N ARG D 460 31.32 -25.73 -4.49
CA ARG D 460 32.20 -26.45 -3.58
C ARG D 460 31.51 -26.70 -2.25
N ALA D 461 31.86 -27.80 -1.59
CA ALA D 461 31.20 -28.15 -0.35
C ALA D 461 32.11 -27.96 0.85
N LEU D 462 31.50 -27.55 1.96
CA LEU D 462 32.16 -27.41 3.23
C LEU D 462 31.43 -28.29 4.22
N ILE D 463 32.13 -28.71 5.27
CA ILE D 463 31.50 -29.49 6.32
C ILE D 463 31.79 -28.74 7.61
N VAL D 464 30.78 -28.07 8.15
CA VAL D 464 31.00 -27.10 9.21
C VAL D 464 30.63 -27.67 10.58
N PRO D 465 31.33 -27.26 11.64
CA PRO D 465 30.97 -27.69 12.99
C PRO D 465 29.91 -26.75 13.56
N CYS D 466 28.97 -27.32 14.29
CA CYS D 466 27.89 -26.49 14.79
C CYS D 466 27.56 -26.95 16.20
N ARG D 467 26.97 -26.05 16.96
CA ARG D 467 26.76 -26.22 18.39
C ARG D 467 25.53 -25.41 18.77
N ASP D 468 25.08 -25.57 20.01
CA ASP D 468 23.94 -24.77 20.46
C ASP D 468 24.32 -23.30 20.49
N GLN D 469 23.48 -22.44 19.88
CA GLN D 469 23.83 -21.03 19.83
C GLN D 469 23.95 -20.45 21.24
N ASP D 470 23.01 -20.80 22.13
CA ASP D 470 22.99 -20.22 23.46
C ASP D 470 24.18 -20.67 24.28
N GLU D 471 24.56 -21.94 24.14
CA GLU D 471 25.76 -22.41 24.79
C GLU D 471 26.97 -21.57 24.39
N LEU D 472 27.11 -21.30 23.09
CA LEU D 472 28.27 -20.59 22.58
C LEU D 472 28.30 -19.15 23.06
N VAL D 473 27.17 -18.45 23.03
CA VAL D 473 27.09 -17.09 23.57
C VAL D 473 27.20 -17.11 25.08
N GLY D 474 26.55 -18.09 25.72
CA GLY D 474 26.66 -18.22 27.17
C GLY D 474 28.10 -18.23 27.66
N ARG D 475 28.97 -19.05 27.04
CA ARG D 475 30.35 -19.12 27.51
C ARG D 475 31.06 -17.77 27.31
N ALA D 476 30.72 -17.08 26.22
CA ALA D 476 31.33 -15.78 25.93
C ALA D 476 30.92 -14.75 26.95
N ARG D 477 29.65 -14.77 27.34
CA ARG D 477 29.04 -13.72 28.12
C ARG D 477 29.32 -13.98 29.60
N VAL D 478 30.41 -14.67 29.89
CA VAL D 478 30.86 -14.93 31.25
C VAL D 478 32.19 -14.22 31.43
N SER D 479 32.24 -13.29 32.39
CA SER D 479 33.47 -12.56 32.62
C SER D 479 34.55 -13.51 33.11
N PRO D 480 35.77 -13.37 32.63
CA PRO D 480 36.86 -14.27 33.09
C PRO D 480 37.04 -14.20 34.59
N GLY D 481 37.40 -13.02 35.08
CA GLY D 481 37.46 -12.79 36.51
C GLY D 481 36.97 -11.40 36.86
N CYS D 482 37.29 -10.95 38.07
CA CYS D 482 37.06 -9.57 38.49
C CYS D 482 38.34 -8.76 38.32
N GLY D 483 38.20 -7.44 38.39
CA GLY D 483 39.30 -6.54 38.10
C GLY D 483 39.61 -6.36 36.63
N TRP D 484 38.82 -6.97 35.75
CA TRP D 484 39.06 -6.87 34.32
C TRP D 484 38.59 -5.50 33.82
N SER D 485 39.46 -4.80 33.11
CA SER D 485 39.21 -3.43 32.64
C SER D 485 38.22 -3.45 31.49
N VAL D 486 38.06 -2.31 30.84
CA VAL D 486 37.32 -2.33 29.58
C VAL D 486 38.21 -2.89 28.47
N ARG D 487 39.50 -2.55 28.47
CA ARG D 487 40.38 -3.03 27.42
C ARG D 487 40.42 -4.55 27.40
N GLU D 488 40.73 -5.16 28.54
CA GLU D 488 40.81 -6.62 28.57
C GLU D 488 39.47 -7.25 28.27
N THR D 489 38.36 -6.64 28.73
CA THR D 489 37.05 -7.22 28.45
C THR D 489 36.74 -7.17 26.96
N ALA D 490 37.05 -6.07 26.31
CA ALA D 490 36.80 -5.97 24.87
C ALA D 490 37.71 -6.90 24.10
N CYS D 491 38.97 -6.98 24.52
CA CYS D 491 39.92 -7.88 23.86
C CYS D 491 39.46 -9.32 23.93
N LEU D 492 39.01 -9.77 25.11
CA LEU D 492 38.47 -11.11 25.22
C LEU D 492 37.30 -11.33 24.28
N SER D 493 36.35 -10.40 24.26
CA SER D 493 35.19 -10.56 23.39
C SER D 493 35.59 -10.76 21.95
N LYS D 494 36.51 -9.93 21.45
CA LYS D 494 37.06 -10.10 20.11
C LYS D 494 37.48 -11.54 19.85
N ALA D 495 38.27 -12.12 20.75
CA ALA D 495 38.60 -13.55 20.64
C ALA D 495 37.35 -14.40 20.40
N TYR D 496 36.26 -14.11 21.11
CA TYR D 496 35.06 -14.89 20.91
C TYR D 496 34.45 -14.58 19.55
N GLY D 497 34.42 -13.30 19.17
CA GLY D 497 33.76 -12.92 17.94
C GLY D 497 34.46 -13.43 16.70
N GLN D 498 35.78 -13.33 16.68
CA GLN D 498 36.68 -13.95 15.71
C GLN D 498 36.61 -15.48 15.68
N MET D 499 36.46 -16.14 16.83
CA MET D 499 36.23 -17.57 16.74
C MET D 499 34.89 -17.87 16.05
N TRP D 500 33.80 -17.18 16.43
CA TRP D 500 32.53 -17.44 15.79
C TRP D 500 32.59 -17.21 14.27
N LEU D 501 33.31 -16.17 13.84
CA LEU D 501 33.40 -15.88 12.42
C LEU D 501 34.12 -16.99 11.67
N LEU D 502 35.13 -17.58 12.28
CA LEU D 502 35.89 -18.65 11.63
C LEU D 502 35.15 -19.98 11.65
N SER D 503 34.38 -20.28 12.69
CA SER D 503 33.83 -21.62 12.84
C SER D 503 32.31 -21.73 12.79
N TYR D 504 31.58 -20.69 13.18
CA TYR D 504 30.13 -20.76 13.21
C TYR D 504 29.49 -19.70 12.32
N PHE D 505 30.18 -19.30 11.26
CA PHE D 505 29.68 -18.30 10.33
C PHE D 505 28.34 -18.70 9.72
N HIS D 506 28.05 -19.99 9.61
CA HIS D 506 26.80 -20.47 9.02
C HIS D 506 25.60 -20.14 9.89
N ARG D 507 25.81 -19.63 11.09
CA ARG D 507 24.76 -19.24 12.02
C ARG D 507 24.53 -17.74 11.87
N ARG D 508 23.40 -17.37 11.27
CA ARG D 508 23.08 -15.96 11.03
C ARG D 508 23.33 -15.09 12.26
N ASP D 509 22.91 -15.55 13.42
CA ASP D 509 23.03 -14.65 14.54
C ASP D 509 24.45 -14.55 15.03
N LEU D 510 25.22 -15.63 14.93
CA LEU D 510 26.59 -15.55 15.39
C LEU D 510 27.43 -14.72 14.44
N ARG D 511 27.17 -14.84 13.13
CA ARG D 511 27.86 -13.98 12.16
C ARG D 511 27.58 -12.53 12.45
N THR D 512 26.30 -12.17 12.63
CA THR D 512 25.96 -10.80 13.01
C THR D 512 26.65 -10.40 14.30
N LEU D 513 26.51 -11.22 15.33
CA LEU D 513 27.07 -10.84 16.63
C LEU D 513 28.59 -10.75 16.56
N GLY D 514 29.22 -11.64 15.79
CA GLY D 514 30.67 -11.58 15.67
C GLY D 514 31.13 -10.40 14.85
N LEU D 515 30.43 -10.10 13.76
CA LEU D 515 30.74 -8.93 12.97
C LEU D 515 30.54 -7.66 13.78
N ALA D 516 29.46 -7.58 14.55
CA ALA D 516 29.25 -6.44 15.44
C ALA D 516 30.37 -6.31 16.45
N ILE D 517 30.74 -7.42 17.08
CA ILE D 517 31.83 -7.40 18.04
C ILE D 517 33.07 -6.82 17.39
N CYS D 518 33.34 -7.25 16.16
CA CYS D 518 34.53 -6.76 15.51
C CYS D 518 34.41 -5.29 15.13
N SER D 519 33.20 -4.78 14.92
CA SER D 519 33.03 -3.37 14.60
C SER D 519 33.04 -2.47 15.83
N ALA D 520 33.17 -3.06 17.01
CA ALA D 520 33.04 -2.33 18.24
C ALA D 520 34.31 -2.34 19.07
N VAL D 521 35.31 -3.11 18.66
CA VAL D 521 36.57 -3.24 19.36
C VAL D 521 37.68 -2.72 18.45
N PRO D 522 38.58 -1.90 18.95
CA PRO D 522 39.67 -1.36 18.13
C PRO D 522 40.31 -2.37 17.18
N ILE D 523 40.55 -1.90 15.97
CA ILE D 523 40.98 -2.77 14.90
C ILE D 523 42.38 -3.31 15.16
N ASP D 524 43.20 -2.55 15.90
CA ASP D 524 44.57 -2.96 16.16
C ASP D 524 44.75 -3.47 17.58
N TRP D 525 43.69 -3.98 18.19
CA TRP D 525 43.76 -4.55 19.53
C TRP D 525 43.84 -6.07 19.37
N VAL D 526 45.01 -6.63 19.67
CA VAL D 526 45.18 -8.08 19.60
C VAL D 526 44.24 -8.75 20.60
N PRO D 527 43.49 -9.77 20.19
CA PRO D 527 42.57 -10.44 21.12
C PRO D 527 43.31 -11.31 22.12
N THR D 528 42.81 -11.35 23.36
CA THR D 528 43.46 -12.09 24.44
C THR D 528 42.45 -12.96 25.18
N GLY D 529 42.83 -14.20 25.48
CA GLY D 529 42.01 -15.00 26.38
C GLY D 529 41.68 -16.37 25.85
N ARG D 530 41.41 -17.31 26.76
CA ARG D 530 40.97 -18.64 26.37
C ARG D 530 39.49 -18.55 26.03
N THR D 531 39.18 -18.92 24.80
CA THR D 531 37.83 -18.96 24.25
C THR D 531 37.19 -20.34 24.39
N THR D 532 37.92 -21.40 24.05
CA THR D 532 37.50 -22.77 24.34
C THR D 532 38.71 -23.57 24.82
N TRP D 533 38.44 -24.69 25.48
CA TRP D 533 39.48 -25.55 26.02
C TRP D 533 39.71 -26.84 25.22
N SER D 534 38.97 -27.04 24.11
CA SER D 534 39.04 -28.30 23.36
C SER D 534 40.32 -28.36 22.51
N ILE D 535 40.80 -29.59 22.31
CA ILE D 535 42.09 -29.92 21.71
C ILE D 535 42.06 -29.66 20.20
N HIS D 536 40.90 -29.25 19.70
CA HIS D 536 40.73 -29.05 18.27
C HIS D 536 40.53 -27.60 17.90
N ALA D 537 40.61 -26.69 18.87
CA ALA D 537 40.62 -25.26 18.61
C ALA D 537 41.86 -24.87 17.80
N SER D 538 41.65 -24.47 16.53
CA SER D 538 42.75 -24.02 15.66
C SER D 538 43.62 -23.00 16.36
N GLY D 539 42.99 -22.12 17.16
CA GLY D 539 43.57 -20.89 17.63
C GLY D 539 43.60 -19.77 16.61
N ALA D 540 43.33 -20.06 15.32
CA ALA D 540 43.65 -19.17 14.20
C ALA D 540 43.03 -17.79 14.31
N TRP D 541 42.16 -17.56 15.28
CA TRP D 541 41.37 -16.35 15.34
C TRP D 541 41.96 -15.29 16.26
N MET D 542 42.91 -15.64 17.13
CA MET D 542 43.53 -14.66 18.04
C MET D 542 44.53 -13.77 17.33
N THR D 543 44.23 -13.44 16.08
CA THR D 543 45.00 -12.58 15.23
C THR D 543 44.32 -11.22 15.20
N THR D 544 45.07 -10.21 14.76
CA THR D 544 44.45 -9.02 14.21
C THR D 544 44.53 -9.00 12.69
N GLU D 545 44.42 -10.18 12.06
CA GLU D 545 44.36 -10.24 10.61
C GLU D 545 42.92 -10.01 10.14
N ASP D 546 42.73 -9.79 8.83
CA ASP D 546 41.38 -9.70 8.30
C ASP D 546 40.72 -11.07 8.42
N MET D 547 39.56 -11.12 9.08
CA MET D 547 38.99 -12.39 9.47
C MET D 547 38.41 -13.17 8.30
N LEU D 548 38.02 -12.48 7.21
CA LEU D 548 37.71 -13.21 5.98
C LEU D 548 38.98 -13.74 5.32
N ASP D 549 40.13 -13.11 5.55
CA ASP D 549 41.38 -13.63 5.01
C ASP D 549 41.77 -14.92 5.70
N VAL D 550 41.74 -14.93 7.03
CA VAL D 550 42.03 -16.17 7.77
C VAL D 550 40.99 -17.22 7.45
N TRP D 551 39.71 -16.80 7.29
CA TRP D 551 38.68 -17.73 6.81
C TRP D 551 39.09 -18.43 5.51
N ASN D 552 39.55 -17.66 4.51
CA ASN D 552 40.01 -18.30 3.28
C ASN D 552 41.14 -19.26 3.53
N ARG D 553 42.09 -18.86 4.38
CA ARG D 553 43.25 -19.72 4.60
C ARG D 553 42.82 -21.07 5.21
N VAL D 554 41.89 -21.07 6.16
CA VAL D 554 41.63 -22.33 6.84
C VAL D 554 40.64 -23.15 6.06
N TRP D 555 39.66 -22.51 5.41
CA TRP D 555 38.59 -23.26 4.78
C TRP D 555 38.87 -23.57 3.33
N ILE D 556 39.85 -22.94 2.72
CA ILE D 556 40.09 -23.17 1.30
C ILE D 556 41.58 -23.44 1.02
N LEU D 557 42.42 -22.44 1.29
CA LEU D 557 43.83 -22.56 0.95
C LEU D 557 44.46 -23.76 1.63
N ASP D 558 44.45 -23.79 2.95
CA ASP D 558 45.09 -24.87 3.69
C ASP D 558 44.15 -26.05 3.90
N ASN D 559 43.02 -26.07 3.23
CA ASN D 559 42.10 -27.19 3.40
C ASN D 559 42.51 -28.38 2.56
N PRO D 560 42.89 -29.49 3.22
CA PRO D 560 43.23 -30.70 2.46
C PRO D 560 42.08 -31.19 1.62
N PHE D 561 40.85 -30.89 2.00
CA PHE D 561 39.71 -31.43 1.30
C PHE D 561 39.14 -30.49 0.25
N MET D 562 39.74 -29.32 0.05
CA MET D 562 39.27 -28.34 -0.93
C MET D 562 40.19 -28.31 -2.12
N HIS D 563 39.76 -28.92 -3.23
CA HIS D 563 40.74 -29.05 -4.30
C HIS D 563 40.84 -27.81 -5.17
N SER D 564 39.75 -27.10 -5.39
CA SER D 564 39.80 -25.80 -6.08
C SER D 564 40.11 -24.73 -5.05
N LYS D 565 41.20 -23.98 -5.29
CA LYS D 565 41.66 -23.01 -4.32
C LYS D 565 41.25 -21.58 -4.61
N GLU D 566 40.18 -21.39 -5.38
CA GLU D 566 39.71 -20.04 -5.64
C GLU D 566 39.21 -19.43 -4.34
N LYS D 567 39.77 -18.27 -3.97
CA LYS D 567 39.41 -17.57 -2.74
C LYS D 567 38.07 -16.88 -2.87
N ILE D 568 37.48 -16.55 -1.73
CA ILE D 568 36.15 -15.96 -1.65
C ILE D 568 36.28 -14.50 -1.25
N VAL D 569 35.69 -13.60 -2.04
CA VAL D 569 36.03 -12.19 -1.90
C VAL D 569 35.07 -11.41 -1.01
N GLU D 570 33.94 -11.97 -0.61
CA GLU D 570 33.01 -11.20 0.21
C GLU D 570 32.32 -12.10 1.23
N TRP D 571 32.08 -11.58 2.44
CA TRP D 571 31.33 -12.40 3.39
C TRP D 571 29.99 -12.82 2.82
N ARG D 572 29.39 -11.97 1.98
CA ARG D 572 28.12 -12.29 1.35
C ARG D 572 28.16 -13.61 0.60
N ASP D 573 29.35 -14.12 0.27
CA ASP D 573 29.47 -15.37 -0.48
C ASP D 573 29.74 -16.59 0.38
N VAL D 574 30.00 -16.41 1.67
CA VAL D 574 30.20 -17.52 2.60
C VAL D 574 28.84 -18.02 3.03
N PRO D 575 28.51 -19.32 2.85
CA PRO D 575 27.12 -19.78 3.03
C PRO D 575 26.58 -19.74 4.45
N TYR D 576 25.31 -20.14 4.59
CA TYR D 576 24.58 -20.14 5.85
C TYR D 576 23.95 -21.51 6.04
N LEU D 577 23.69 -21.89 7.27
CA LEU D 577 22.89 -23.08 7.48
C LEU D 577 21.52 -22.85 6.88
N PRO D 578 20.85 -23.88 6.38
CA PRO D 578 19.43 -23.72 6.04
C PRO D 578 18.64 -23.24 7.24
N LYS D 579 17.82 -22.21 7.03
CA LYS D 579 17.12 -21.52 8.12
C LYS D 579 16.31 -22.49 9.00
N SER D 580 16.03 -23.69 8.50
CA SER D 580 15.46 -24.75 9.31
C SER D 580 16.42 -25.18 10.42
N HIS D 581 17.61 -25.64 10.03
CA HIS D 581 18.61 -26.13 10.99
C HIS D 581 19.10 -25.02 11.90
N ASP D 582 19.18 -23.79 11.39
CA ASP D 582 19.58 -22.65 12.21
C ASP D 582 18.59 -22.44 13.34
N MET D 583 17.29 -22.41 13.03
CA MET D 583 16.24 -22.15 14.01
C MET D 583 15.89 -23.36 14.87
N LEU D 584 16.23 -24.58 14.41
CA LEU D 584 16.13 -25.77 15.25
C LEU D 584 17.25 -25.84 16.28
N CYS D 585 18.47 -25.40 15.94
CA CYS D 585 19.52 -25.25 16.94
C CYS D 585 19.36 -23.94 17.71
N SER D 586 18.10 -23.58 18.02
CA SER D 586 17.69 -22.42 18.82
C SER D 586 18.28 -21.12 18.25
N SER D 587 17.79 -20.78 17.04
CA SER D 587 18.41 -19.70 16.25
C SER D 587 18.13 -18.34 16.82
N LEU D 588 16.90 -18.12 17.28
CA LEU D 588 16.37 -16.81 17.60
C LEU D 588 16.17 -15.97 16.35
N VAL D 589 15.92 -16.55 15.15
CA VAL D 589 15.85 -15.70 13.97
C VAL D 589 14.38 -15.55 13.52
N GLY D 590 13.43 -16.04 14.33
CA GLY D 590 12.01 -15.76 14.14
C GLY D 590 11.44 -14.98 15.31
N ARG D 591 11.95 -15.25 16.51
CA ARG D 591 11.51 -14.60 17.74
C ARG D 591 11.54 -13.09 17.53
N LYS D 592 10.38 -12.43 17.56
CA LYS D 592 10.25 -11.01 17.24
C LYS D 592 11.36 -10.18 17.88
N GLU D 593 11.81 -10.61 19.06
CA GLU D 593 12.98 -10.02 19.72
C GLU D 593 14.23 -10.03 18.84
N ARG D 594 14.33 -10.94 17.86
CA ARG D 594 15.48 -10.98 16.96
C ARG D 594 15.55 -9.72 16.11
N ALA D 595 14.52 -9.50 15.28
CA ALA D 595 14.50 -8.32 14.44
C ALA D 595 14.71 -7.06 15.26
N GLU D 596 14.12 -7.00 16.46
CA GLU D 596 14.44 -5.91 17.37
C GLU D 596 15.95 -5.79 17.51
N TRP D 597 16.56 -6.85 18.06
CA TRP D 597 18.01 -6.86 18.29
C TRP D 597 18.78 -6.56 17.01
N ALA D 598 18.55 -7.40 15.99
CA ALA D 598 19.32 -7.31 14.76
C ALA D 598 19.23 -5.93 14.13
N LYS D 599 18.03 -5.35 14.09
CA LYS D 599 17.88 -4.04 13.47
C LYS D 599 18.70 -2.97 14.19
N ASN D 600 18.60 -2.90 15.51
CA ASN D 600 19.24 -1.79 16.19
C ASN D 600 20.59 -2.16 16.77
N ILE D 601 21.27 -3.14 16.18
CA ILE D 601 22.52 -3.58 16.80
C ILE D 601 23.55 -2.47 16.69
N TRP D 602 23.48 -1.68 15.62
CA TRP D 602 24.46 -0.62 15.47
C TRP D 602 24.40 0.36 16.66
N GLY D 603 23.23 0.53 17.26
CA GLY D 603 23.15 1.37 18.43
C GLY D 603 24.02 0.87 19.56
N ALA D 604 24.04 -0.46 19.77
CA ALA D 604 24.88 -1.00 20.83
C ALA D 604 26.35 -0.94 20.44
N VAL D 605 26.65 -1.14 19.17
CA VAL D 605 28.04 -1.04 18.73
C VAL D 605 28.58 0.35 19.07
N GLU D 606 27.81 1.40 18.72
CA GLU D 606 28.20 2.77 19.02
C GLU D 606 28.42 2.98 20.52
N LYS D 607 27.59 2.35 21.35
CA LYS D 607 27.72 2.49 22.79
C LYS D 607 29.07 1.98 23.27
N VAL D 608 29.43 0.77 22.87
CA VAL D 608 30.70 0.20 23.30
C VAL D 608 31.88 0.87 22.62
N ARG D 609 31.68 1.47 21.45
CA ARG D 609 32.70 2.35 20.90
C ARG D 609 32.94 3.51 21.85
N LYS D 610 31.86 4.16 22.28
CA LYS D 610 32.01 5.32 23.16
C LYS D 610 32.61 4.94 24.48
N MET D 611 32.27 3.77 24.98
CA MET D 611 32.81 3.28 26.24
C MET D 611 34.30 2.92 26.16
N ILE D 612 34.89 2.87 24.97
CA ILE D 612 36.25 2.35 24.84
C ILE D 612 37.20 3.52 24.64
N GLY D 613 36.70 4.59 24.04
CA GLY D 613 37.50 5.76 23.78
C GLY D 613 37.50 6.11 22.32
N GLN D 614 38.35 7.08 21.98
CA GLN D 614 38.62 7.42 20.58
C GLN D 614 39.82 6.57 20.17
N GLU D 615 39.56 5.42 19.56
CA GLU D 615 40.55 4.51 18.96
C GLU D 615 40.11 4.22 17.54
N LYS D 616 40.90 3.46 16.79
CA LYS D 616 40.49 3.25 15.41
C LYS D 616 39.49 2.09 15.34
N PHE D 617 38.33 2.34 14.73
CA PHE D 617 37.31 1.32 14.54
C PHE D 617 37.05 1.16 13.04
N LYS D 618 36.50 0.00 12.66
CA LYS D 618 36.05 -0.18 11.30
C LYS D 618 34.66 -0.80 11.35
N ASP D 619 33.94 -0.70 10.22
CA ASP D 619 32.56 -1.17 10.07
C ASP D 619 32.54 -2.49 9.32
N TYR D 620 32.32 -3.58 10.04
CA TYR D 620 32.18 -4.88 9.40
C TYR D 620 30.74 -5.35 9.27
N LEU D 621 29.79 -4.74 9.96
CA LEU D 621 28.39 -5.09 9.80
C LEU D 621 27.82 -4.76 8.43
N SER D 622 28.44 -3.88 7.68
CA SER D 622 27.83 -3.55 6.40
C SER D 622 28.17 -4.55 5.31
N CYS D 623 29.09 -5.48 5.59
CA CYS D 623 29.25 -6.67 4.76
C CYS D 623 27.91 -7.32 4.48
N MET D 624 27.14 -7.57 5.53
CA MET D 624 25.86 -8.23 5.39
C MET D 624 24.80 -7.40 4.68
N ASP D 625 25.13 -6.19 4.21
CA ASP D 625 24.16 -5.20 3.69
C ASP D 625 23.18 -4.73 4.78
N LYS E 9 0.60 -10.80 79.86
CA LYS E 9 0.32 -12.23 79.71
C LYS E 9 1.07 -13.02 80.77
N VAL E 10 2.26 -13.50 80.41
CA VAL E 10 3.24 -14.02 81.37
C VAL E 10 4.44 -13.07 81.51
N LYS E 11 4.49 -11.99 80.73
CA LYS E 11 5.54 -10.99 80.79
C LYS E 11 4.92 -9.58 80.84
N GLU E 12 5.17 -8.84 81.93
CA GLU E 12 4.42 -7.63 82.27
C GLU E 12 5.32 -6.44 82.54
N LYS E 13 4.77 -5.24 82.42
CA LYS E 13 5.30 -4.06 83.09
C LYS E 13 4.80 -4.07 84.54
N ASP E 14 5.15 -3.02 85.33
CA ASP E 14 4.94 -3.02 86.79
C ASP E 14 4.60 -1.64 87.42
N VAL E 15 5.54 -0.70 87.53
CA VAL E 15 5.30 0.55 88.25
C VAL E 15 5.81 1.77 87.49
N GLN E 16 6.41 1.58 86.30
CA GLN E 16 6.77 2.65 85.38
C GLN E 16 5.56 3.06 84.54
N GLU E 17 4.65 2.12 84.30
CA GLU E 17 3.31 2.39 83.80
C GLU E 17 2.50 3.24 84.77
N ARG E 18 2.66 3.01 86.09
CA ARG E 18 1.72 3.54 87.10
C ARG E 18 1.58 5.07 87.07
N ILE E 19 2.68 5.83 87.14
CA ILE E 19 2.55 7.29 87.00
C ILE E 19 2.01 7.67 85.62
N SER E 20 2.40 6.92 84.56
CA SER E 20 1.96 7.20 83.19
C SER E 20 0.47 6.94 83.02
N ALA E 21 0.06 5.66 83.14
CA ALA E 21 -1.35 5.26 83.03
C ALA E 21 -2.21 5.94 84.05
N LEU E 22 -1.63 6.64 85.05
CA LEU E 22 -2.52 7.43 85.90
C LEU E 22 -2.66 8.84 85.32
N ARG E 23 -2.61 9.14 84.03
CA ARG E 23 -3.38 10.33 83.64
C ARG E 23 -4.74 9.81 83.15
N GLU E 24 -5.62 9.60 84.13
CA GLU E 24 -7.08 9.49 83.96
C GLU E 24 -7.65 10.91 83.88
N GLN E 25 -7.06 11.68 82.97
CA GLN E 25 -7.57 12.97 82.51
C GLN E 25 -8.84 12.82 81.70
N TYR E 26 -9.06 11.64 81.14
CA TYR E 26 -10.30 11.29 80.46
C TYR E 26 -11.31 10.70 81.46
N GLY E 27 -11.35 11.29 82.66
CA GLY E 27 -12.18 10.73 83.72
C GLY E 27 -13.66 10.71 83.37
N GLU E 28 -14.14 11.74 82.65
CA GLU E 28 -15.54 11.79 82.25
C GLU E 28 -15.96 10.51 81.52
N THR E 29 -15.02 9.81 80.92
CA THR E 29 -15.37 8.61 80.19
C THR E 29 -14.57 7.38 80.61
N TRP E 30 -13.66 7.51 81.57
CA TRP E 30 -12.81 6.38 81.93
C TRP E 30 -13.67 5.25 82.48
N HIS E 31 -13.49 4.06 81.92
CA HIS E 31 -14.24 2.90 82.34
C HIS E 31 -13.38 1.69 82.05
N MET E 32 -13.94 0.49 82.17
CA MET E 32 -13.06 -0.67 82.08
C MET E 32 -13.81 -1.88 81.52
N ASP E 33 -13.78 -1.99 80.20
CA ASP E 33 -14.49 -3.00 79.42
C ASP E 33 -14.10 -4.41 79.83
N ARG E 34 -15.00 -5.14 80.48
CA ARG E 34 -14.68 -6.50 80.86
C ARG E 34 -14.53 -7.44 79.66
N GLU E 35 -14.68 -6.96 78.42
CA GLU E 35 -14.69 -7.81 77.24
C GLU E 35 -13.66 -7.39 76.18
N HIS E 36 -12.53 -6.81 76.59
CA HIS E 36 -11.46 -6.38 75.69
C HIS E 36 -10.74 -7.62 75.20
N PRO E 37 -9.92 -7.51 74.12
CA PRO E 37 -9.42 -8.72 73.45
C PRO E 37 -7.93 -8.94 73.62
N TYR E 38 -7.27 -8.11 74.42
CA TYR E 38 -5.82 -8.18 74.56
C TYR E 38 -5.41 -9.46 75.29
N ARG E 39 -4.43 -10.15 74.72
CA ARG E 39 -3.98 -11.46 75.17
C ARG E 39 -2.53 -11.48 75.65
N THR E 40 -1.67 -10.59 75.17
CA THR E 40 -0.32 -10.43 75.70
C THR E 40 -0.06 -8.99 76.08
N TRP E 41 -0.98 -8.09 75.81
CA TRP E 41 -0.90 -6.73 76.32
C TRP E 41 -1.74 -6.67 77.60
N GLN E 42 -1.43 -5.72 78.46
CA GLN E 42 -2.21 -5.53 79.68
C GLN E 42 -3.27 -4.46 79.47
N TYR E 43 -4.49 -4.76 79.88
CA TYR E 43 -5.59 -3.81 79.74
C TYR E 43 -5.62 -2.93 80.98
N TRP E 44 -5.74 -1.62 80.79
CA TRP E 44 -5.79 -0.69 81.91
C TRP E 44 -7.05 0.17 81.91
N GLY E 45 -7.89 0.08 80.89
CA GLY E 45 -9.10 0.87 80.85
C GLY E 45 -9.24 1.58 79.51
N SER E 46 -10.43 2.15 79.29
CA SER E 46 -10.81 2.73 78.02
C SER E 46 -11.43 4.09 78.23
N TYR E 47 -11.60 4.83 77.14
CA TYR E 47 -12.23 6.14 77.22
C TYR E 47 -12.76 6.51 75.84
N ARG E 48 -13.90 7.20 75.80
CA ARG E 48 -14.52 7.49 74.51
C ARG E 48 -13.66 8.46 73.72
N THR E 49 -13.69 8.29 72.40
CA THR E 49 -12.95 9.10 71.46
C THR E 49 -13.78 9.21 70.20
N ALA E 50 -13.62 10.31 69.49
CA ALA E 50 -14.38 10.48 68.25
C ALA E 50 -13.91 9.47 67.22
N PRO E 51 -14.83 8.81 66.51
CA PRO E 51 -14.42 7.74 65.59
C PRO E 51 -13.95 8.32 64.26
N THR E 52 -12.95 7.67 63.69
CA THR E 52 -12.41 8.11 62.43
C THR E 52 -12.04 6.88 61.60
N GLY E 53 -11.44 7.11 60.43
CA GLY E 53 -11.01 6.05 59.55
C GLY E 53 -12.05 5.67 58.50
N SER E 54 -11.57 5.05 57.42
CA SER E 54 -12.46 4.58 56.37
C SER E 54 -11.80 3.43 55.65
N ALA E 55 -12.62 2.66 54.91
CA ALA E 55 -12.19 1.50 54.14
C ALA E 55 -12.53 1.64 52.66
N ALA E 56 -13.03 2.80 52.24
CA ALA E 56 -13.33 3.10 50.86
C ALA E 56 -12.12 3.75 50.20
N SER E 57 -12.07 3.62 48.88
CA SER E 57 -11.02 4.21 48.06
C SER E 57 -11.32 5.69 47.78
N LEU E 58 -10.28 6.51 47.87
CA LEU E 58 -10.33 7.89 47.41
C LEU E 58 -9.39 7.99 46.23
N ILE E 59 -9.92 7.73 45.04
CA ILE E 59 -9.07 7.62 43.84
C ILE E 59 -8.69 9.02 43.37
N ASN E 60 -7.37 9.31 43.36
CA ASN E 60 -6.83 10.52 42.74
C ASN E 60 -7.34 10.67 41.30
N GLY E 61 -8.26 11.62 41.13
CA GLY E 61 -8.92 11.78 39.85
C GLY E 61 -7.98 12.01 38.69
N VAL E 62 -7.05 13.00 38.80
CA VAL E 62 -6.27 13.35 37.62
C VAL E 62 -5.40 12.18 37.20
N VAL E 63 -4.77 11.48 38.16
CA VAL E 63 -3.97 10.32 37.77
C VAL E 63 -4.84 9.25 37.12
N LYS E 64 -6.08 9.10 37.57
CA LYS E 64 -6.99 8.15 36.91
C LYS E 64 -7.15 8.51 35.44
N LEU E 65 -7.41 9.80 35.19
CA LEU E 65 -7.73 10.26 33.85
C LEU E 65 -6.55 10.07 32.90
N LEU E 66 -5.33 10.22 33.41
CA LEU E 66 -4.16 10.11 32.55
C LEU E 66 -3.59 8.69 32.49
N SER E 67 -4.24 7.71 33.10
CA SER E 67 -3.66 6.36 33.04
C SER E 67 -4.74 5.30 32.76
N TRP E 68 -5.76 5.65 31.94
CA TRP E 68 -6.94 4.83 31.62
C TRP E 68 -6.69 3.32 31.72
N PRO E 69 -5.79 2.73 30.94
CA PRO E 69 -5.79 1.25 30.82
C PRO E 69 -5.46 0.52 32.09
N TRP E 70 -5.12 1.24 33.14
CA TRP E 70 -4.68 0.59 34.37
C TRP E 70 -5.82 0.23 35.28
N ASN E 71 -7.06 0.62 34.95
CA ASN E 71 -8.18 0.37 35.86
C ASN E 71 -8.50 -1.11 35.97
N ALA E 72 -8.54 -1.82 34.83
CA ALA E 72 -8.91 -3.24 34.85
C ALA E 72 -7.88 -4.09 35.58
N ARG E 73 -6.61 -3.67 35.60
CA ARG E 73 -5.58 -4.41 36.30
C ARG E 73 -5.86 -4.46 37.80
N GLU E 74 -5.63 -5.63 38.40
CA GLU E 74 -6.00 -5.86 39.79
C GLU E 74 -4.89 -5.55 40.80
N ASP E 75 -3.63 -5.40 40.35
CA ASP E 75 -2.53 -5.05 41.24
C ASP E 75 -2.38 -3.54 41.41
N VAL E 76 -3.21 -2.74 40.71
CA VAL E 76 -3.26 -1.29 40.92
C VAL E 76 -4.51 -0.86 41.68
N VAL E 77 -5.64 -1.59 41.54
CA VAL E 77 -6.89 -1.27 42.25
C VAL E 77 -6.90 -1.87 43.66
N ARG E 78 -6.42 -3.11 43.81
CA ARG E 78 -6.26 -3.77 45.12
C ARG E 78 -4.97 -3.26 45.79
N MET E 79 -4.96 -1.94 46.01
CA MET E 79 -3.80 -1.27 46.57
C MET E 79 -4.26 -0.04 47.34
N ALA E 80 -5.57 0.27 47.31
CA ALA E 80 -6.23 1.37 48.01
C ALA E 80 -7.34 0.87 48.92
N MET E 81 -7.12 -0.31 49.49
CA MET E 81 -8.06 -1.02 50.35
C MET E 81 -7.70 -0.83 51.83
N THR E 82 -6.89 0.19 52.09
CA THR E 82 -6.42 0.52 53.42
C THR E 82 -7.60 0.71 54.37
N ASP E 83 -7.76 -0.20 55.33
CA ASP E 83 -8.81 -0.04 56.33
C ASP E 83 -8.20 0.72 57.49
N THR E 84 -8.51 2.01 57.61
CA THR E 84 -8.05 2.76 58.77
C THR E 84 -9.18 2.95 59.80
N THR E 85 -10.22 2.12 59.74
CA THR E 85 -11.27 2.16 60.75
C THR E 85 -10.76 1.42 61.97
N ALA E 86 -11.15 1.91 63.14
CA ALA E 86 -10.83 1.21 64.38
C ALA E 86 -11.04 -0.29 64.30
N PHE E 87 -12.13 -0.74 63.67
CA PHE E 87 -12.30 -2.17 63.45
C PHE E 87 -11.20 -2.73 62.57
N GLY E 88 -10.70 -1.93 61.64
CA GLY E 88 -9.62 -2.40 60.79
C GLY E 88 -8.33 -2.56 61.55
N GLN E 89 -7.86 -1.44 62.12
CA GLN E 89 -6.68 -1.47 62.99
C GLN E 89 -6.77 -2.60 64.02
N GLN E 90 -7.94 -2.80 64.63
CA GLN E 90 -8.05 -3.85 65.64
C GLN E 90 -7.85 -5.23 65.05
N ARG E 91 -8.35 -5.49 63.84
CA ARG E 91 -8.10 -6.80 63.24
C ARG E 91 -6.61 -7.00 62.99
N VAL E 92 -5.92 -5.94 62.55
CA VAL E 92 -4.48 -6.05 62.31
C VAL E 92 -3.74 -6.28 63.61
N PHE E 93 -4.04 -5.47 64.63
CA PHE E 93 -3.45 -5.63 65.96
C PHE E 93 -3.68 -7.05 66.48
N LYS E 94 -4.93 -7.51 66.46
CA LYS E 94 -5.20 -8.87 66.93
C LYS E 94 -4.41 -9.90 66.13
N GLU E 95 -4.19 -9.69 64.83
CA GLU E 95 -3.53 -10.76 64.09
C GLU E 95 -2.00 -10.70 64.14
N LYS E 96 -1.40 -9.53 64.32
CA LYS E 96 0.06 -9.42 64.31
C LYS E 96 0.71 -8.76 65.54
N VAL E 97 0.05 -7.77 66.17
CA VAL E 97 0.75 -6.99 67.18
C VAL E 97 0.44 -7.54 68.58
N ASP E 98 -0.17 -8.71 68.66
CA ASP E 98 -0.59 -9.28 69.95
C ASP E 98 0.01 -10.66 70.09
N THR E 99 1.32 -10.72 70.25
CA THR E 99 2.02 -11.98 70.46
C THR E 99 3.24 -11.73 71.33
N LYS E 100 3.83 -12.84 71.77
CA LYS E 100 5.10 -12.82 72.49
C LYS E 100 6.11 -13.64 71.70
N ALA E 101 7.21 -13.01 71.33
CA ALA E 101 8.30 -13.75 70.71
C ALA E 101 8.97 -14.64 71.74
N GLN E 102 9.12 -15.93 71.42
CA GLN E 102 9.87 -16.81 72.29
C GLN E 102 11.21 -16.18 72.57
N GLU E 103 11.54 -16.02 73.84
CA GLU E 103 12.81 -15.37 74.14
C GLU E 103 13.95 -16.34 73.91
N PRO E 104 15.15 -15.84 73.62
CA PRO E 104 16.24 -16.72 73.26
C PRO E 104 16.83 -17.36 74.51
N GLN E 105 17.27 -18.64 74.35
CA GLN E 105 17.99 -19.41 75.36
C GLN E 105 19.20 -18.64 75.91
N PRO E 106 19.75 -19.02 77.07
CA PRO E 106 20.71 -18.10 77.72
C PRO E 106 22.05 -18.07 77.02
N GLY E 107 22.43 -19.16 76.35
CA GLY E 107 23.61 -19.11 75.49
C GLY E 107 23.45 -18.14 74.35
N THR E 108 22.34 -18.28 73.60
CA THR E 108 21.99 -17.27 72.61
C THR E 108 22.11 -15.87 73.21
N LYS E 109 21.61 -15.70 74.44
CA LYS E 109 21.56 -14.38 75.05
C LYS E 109 22.95 -13.75 75.13
N VAL E 110 23.96 -14.56 75.41
CA VAL E 110 25.26 -13.95 75.67
C VAL E 110 26.03 -13.70 74.40
N ILE E 111 26.00 -14.66 73.45
CA ILE E 111 26.47 -14.45 72.08
C ILE E 111 25.92 -13.12 71.60
N MET E 112 24.60 -12.97 71.70
CA MET E 112 23.95 -11.70 71.39
C MET E 112 24.62 -10.55 72.14
N ARG E 113 24.84 -10.73 73.44
CA ARG E 113 25.44 -9.65 74.19
C ARG E 113 26.88 -9.41 73.73
N ALA E 114 27.59 -10.49 73.40
CA ALA E 114 28.96 -10.34 72.94
C ALA E 114 29.01 -9.54 71.63
N VAL E 115 28.34 -10.08 70.60
CA VAL E 115 28.28 -9.40 69.32
C VAL E 115 27.80 -7.97 69.50
N ASN E 116 26.89 -7.73 70.45
CA ASN E 116 26.29 -6.41 70.57
C ASN E 116 27.30 -5.37 71.03
N ASP E 117 27.97 -5.61 72.17
CA ASP E 117 28.86 -4.57 72.68
C ASP E 117 30.07 -4.38 71.78
N TRP E 118 30.48 -5.45 71.08
CA TRP E 118 31.40 -5.31 69.95
C TRP E 118 30.93 -4.21 69.01
N ILE E 119 29.64 -4.24 68.64
CA ILE E 119 29.08 -3.28 67.71
C ILE E 119 29.12 -1.89 68.33
N LEU E 120 28.65 -1.78 69.58
CA LEU E 120 28.54 -0.46 70.20
C LEU E 120 29.90 0.15 70.49
N GLU E 121 30.85 -0.67 70.94
CA GLU E 121 32.20 -0.17 71.18
C GLU E 121 32.79 0.44 69.93
N ARG E 122 32.77 -0.31 68.82
CA ARG E 122 33.21 0.20 67.53
C ARG E 122 32.59 1.57 67.27
N LEU E 123 31.28 1.68 67.44
CA LEU E 123 30.59 2.91 67.04
C LEU E 123 30.94 4.05 67.98
N ALA E 124 31.01 3.77 69.28
CA ALA E 124 31.29 4.81 70.25
C ALA E 124 32.73 5.30 70.14
N ARG E 125 33.65 4.40 69.79
CA ARG E 125 35.00 4.82 69.41
C ARG E 125 34.96 5.91 68.34
N LYS E 126 34.06 5.76 67.35
CA LYS E 126 34.05 6.71 66.24
C LYS E 126 33.30 8.00 66.56
N SER E 127 32.24 7.90 67.36
CA SER E 127 31.48 9.06 67.83
C SER E 127 31.03 8.81 69.26
N LYS E 128 31.24 9.81 70.12
CA LYS E 128 30.74 9.60 71.47
C LYS E 128 29.24 9.88 71.49
N PRO E 129 28.46 9.09 72.27
CA PRO E 129 27.09 9.49 72.59
C PRO E 129 27.02 10.91 73.08
N ARG E 130 26.23 11.79 72.47
CA ARG E 130 26.05 13.14 72.98
C ARG E 130 24.56 13.45 73.16
N MET E 131 24.26 14.56 73.85
CA MET E 131 22.90 15.10 73.90
C MET E 131 22.74 16.14 72.80
N CYS E 132 21.50 16.36 72.38
CA CYS E 132 21.26 17.32 71.32
C CYS E 132 20.39 18.45 71.84
N SER E 133 20.57 19.61 71.24
CA SER E 133 20.07 20.87 71.75
C SER E 133 18.72 21.21 71.16
N ARG E 134 17.96 22.01 71.90
CA ARG E 134 16.65 22.47 71.42
C ARG E 134 16.76 23.23 70.12
N GLU E 135 17.91 23.85 69.88
CA GLU E 135 18.13 24.52 68.59
C GLU E 135 18.17 23.48 67.48
N GLU E 136 18.90 22.39 67.70
CA GLU E 136 18.90 21.28 66.76
C GLU E 136 17.47 20.79 66.50
N PHE E 137 16.71 20.52 67.57
CA PHE E 137 15.30 20.18 67.42
C PHE E 137 14.52 21.27 66.70
N ILE E 138 14.62 22.52 67.19
CA ILE E 138 13.92 23.62 66.51
C ILE E 138 14.38 23.76 65.07
N ALA E 139 15.67 23.49 64.80
CA ALA E 139 16.14 23.41 63.43
C ALA E 139 15.30 22.42 62.62
N LYS E 140 15.27 21.15 63.07
CA LYS E 140 14.57 20.11 62.34
C LYS E 140 13.12 20.51 62.08
N VAL E 141 12.34 20.70 63.16
CA VAL E 141 10.90 20.93 63.05
C VAL E 141 10.59 22.13 62.15
N LYS E 142 11.59 23.00 61.94
CA LYS E 142 11.36 24.11 61.03
C LYS E 142 11.30 23.68 59.57
N SER E 143 11.21 22.38 59.27
CA SER E 143 11.15 21.90 57.89
C SER E 143 10.55 20.49 57.82
N ASN E 144 9.26 20.37 58.17
CA ASN E 144 8.52 19.10 58.23
C ASN E 144 9.34 17.93 58.80
N GLN E 154 -2.66 20.28 76.17
CA GLN E 154 -1.99 19.71 75.02
C GLN E 154 -2.39 20.30 73.65
N ASN E 155 -3.67 20.19 73.24
CA ASN E 155 -4.13 20.62 71.91
C ASN E 155 -4.31 22.14 71.85
N ARG E 156 -3.20 22.85 71.69
CA ARG E 156 -3.20 24.30 71.60
C ARG E 156 -2.61 24.80 70.27
N SER E 159 0.10 24.22 65.20
CA SER E 159 0.68 23.41 64.12
C SER E 159 2.10 22.94 64.44
N ALA E 160 2.84 22.61 63.37
CA ALA E 160 4.20 22.11 63.49
C ALA E 160 5.10 23.14 64.17
N LYS E 161 5.36 24.25 63.46
CA LYS E 161 6.32 25.24 63.97
C LYS E 161 5.74 26.07 65.09
N GLU E 162 4.41 26.24 65.15
CA GLU E 162 3.80 27.12 66.14
C GLU E 162 4.22 26.73 67.55
N ALA E 163 4.18 25.44 67.85
CA ALA E 163 4.34 25.00 69.24
C ALA E 163 5.73 25.31 69.78
N VAL E 164 6.75 25.19 68.94
CA VAL E 164 8.13 25.35 69.40
C VAL E 164 8.49 26.80 69.65
N GLU E 165 7.67 27.76 69.20
CA GLU E 165 7.87 29.20 69.42
C GLU E 165 7.27 29.68 70.74
N ASP E 166 5.95 29.58 70.90
CA ASP E 166 5.32 29.92 72.16
C ASP E 166 6.00 29.18 73.32
N PRO E 167 6.29 29.85 74.42
CA PRO E 167 7.07 29.22 75.50
C PRO E 167 6.26 28.36 76.46
N ALA E 168 4.94 28.29 76.31
CA ALA E 168 4.16 27.41 77.17
C ALA E 168 4.58 25.95 76.98
N PHE E 169 4.69 25.55 75.71
CA PHE E 169 5.26 24.27 75.29
C PHE E 169 6.47 23.87 76.13
N TRP E 170 7.49 24.73 76.14
CA TRP E 170 8.74 24.39 76.78
C TRP E 170 8.64 24.34 78.30
N GLN E 171 7.62 24.96 78.89
CA GLN E 171 7.40 24.72 80.31
C GLN E 171 6.88 23.31 80.52
N LEU E 172 6.13 22.79 79.55
CA LEU E 172 5.73 21.40 79.61
C LEU E 172 6.93 20.50 79.40
N VAL E 173 7.65 20.70 78.28
CA VAL E 173 8.88 19.94 78.03
C VAL E 173 9.71 19.91 79.30
N ASP E 174 10.02 21.09 79.83
CA ASP E 174 10.83 21.21 81.02
C ASP E 174 10.19 20.50 82.20
N GLU E 175 8.87 20.65 82.37
CA GLU E 175 8.17 20.01 83.50
C GLU E 175 8.22 18.49 83.39
N GLU E 176 8.05 17.95 82.19
CA GLU E 176 8.21 16.51 82.02
C GLU E 176 9.69 16.13 82.02
N ARG E 177 10.58 17.02 81.54
CA ARG E 177 12.01 16.78 81.63
C ARG E 177 12.46 16.53 83.07
N GLU E 178 12.13 17.46 83.97
CA GLU E 178 12.50 17.29 85.37
C GLU E 178 12.04 15.93 85.90
N ARG E 179 10.80 15.54 85.57
CA ARG E 179 10.32 14.22 85.95
C ARG E 179 11.28 13.14 85.51
N HIS E 180 11.70 13.19 84.22
CA HIS E 180 12.58 12.15 83.69
C HIS E 180 13.87 12.11 84.48
N LEU E 181 14.37 13.30 84.87
CA LEU E 181 15.60 13.38 85.67
C LEU E 181 15.51 12.62 86.98
N ALA E 182 14.32 12.50 87.55
CA ALA E 182 14.17 11.74 88.77
C ALA E 182 13.84 10.27 88.52
N GLY E 183 13.88 9.79 87.28
CA GLY E 183 13.35 8.47 86.98
C GLY E 183 11.83 8.40 87.04
N ARG E 184 11.15 9.48 86.70
CA ARG E 184 9.70 9.53 86.61
C ARG E 184 9.30 9.80 85.15
N CYS E 185 8.21 9.14 84.69
CA CYS E 185 7.53 9.42 83.42
C CYS E 185 6.04 9.61 83.59
N ALA E 186 5.51 10.69 83.01
CA ALA E 186 4.08 10.92 82.98
C ALA E 186 3.49 10.86 81.57
N HIS E 187 3.99 11.68 80.61
CA HIS E 187 3.28 11.99 79.35
C HIS E 187 3.85 11.26 78.11
N CYS E 188 4.66 10.21 78.27
CA CYS E 188 5.34 9.58 77.12
C CYS E 188 4.59 8.29 76.75
N VAL E 189 3.47 8.50 76.02
CA VAL E 189 2.56 7.47 75.54
C VAL E 189 2.47 7.52 74.03
N TYR E 190 2.28 6.33 73.47
CA TYR E 190 2.11 6.11 72.04
C TYR E 190 0.64 6.21 71.66
N ASN E 191 0.34 6.76 70.48
CA ASN E 191 -0.99 6.60 69.90
C ASN E 191 -0.84 5.70 68.67
N MET E 192 -0.69 4.40 68.92
CA MET E 192 -0.53 3.44 67.84
C MET E 192 -1.79 3.47 66.98
N MET E 193 -1.68 4.00 65.76
CA MET E 193 -2.84 4.10 64.88
C MET E 193 -2.88 2.92 63.88
N ILE E 212 2.73 2.11 62.39
CA ILE E 212 1.41 2.18 63.03
C ILE E 212 1.47 2.92 64.40
N TRP E 213 2.68 3.18 64.93
CA TRP E 213 2.93 3.79 66.25
C TRP E 213 3.02 5.33 66.11
N TYR E 214 3.32 6.06 67.21
CA TYR E 214 3.19 7.54 67.27
C TYR E 214 3.56 8.07 68.67
N MET E 215 3.63 9.42 68.78
CA MET E 215 3.97 10.13 70.04
C MET E 215 3.77 11.65 69.90
N TRP E 216 3.66 12.32 71.07
CA TRP E 216 3.36 13.75 71.21
C TRP E 216 4.62 14.62 71.29
N LEU E 217 4.55 15.84 70.69
CA LEU E 217 5.72 16.68 70.44
C LEU E 217 6.71 16.75 71.59
N GLY E 218 6.27 17.24 72.74
CA GLY E 218 7.19 17.42 73.84
C GLY E 218 7.92 16.13 74.20
N SER E 219 7.18 15.03 74.30
CA SER E 219 7.81 13.77 74.64
C SER E 219 8.72 13.27 73.53
N ARG E 220 8.54 13.77 72.30
CA ARG E 220 9.49 13.46 71.23
C ARG E 220 10.77 14.25 71.39
N PHE E 221 10.68 15.51 71.80
CA PHE E 221 11.91 16.25 72.07
C PHE E 221 12.77 15.54 73.07
N LEU E 222 12.15 15.07 74.15
CA LEU E 222 12.92 14.37 75.15
C LEU E 222 13.62 13.17 74.52
N GLU E 223 12.87 12.35 73.79
CA GLU E 223 13.48 11.28 73.00
C GLU E 223 14.60 11.84 72.11
N PHE E 224 14.31 12.86 71.31
CA PHE E 224 15.34 13.44 70.45
C PHE E 224 16.57 13.82 71.25
N GLU E 225 16.39 14.25 72.49
CA GLU E 225 17.48 14.88 73.22
C GLU E 225 18.49 13.86 73.72
N ALA E 226 18.02 12.86 74.46
CA ALA E 226 18.91 11.79 74.87
C ALA E 226 19.45 11.03 73.67
N LEU E 227 18.56 10.42 72.89
CA LEU E 227 19.00 9.43 71.90
C LEU E 227 19.04 9.96 70.48
N GLY E 228 18.57 11.18 70.22
CA GLY E 228 18.58 11.65 68.85
C GLY E 228 19.96 11.73 68.24
N PHE E 229 21.01 11.62 69.06
CA PHE E 229 22.34 11.59 68.49
C PHE E 229 22.45 10.46 67.46
N LEU E 230 21.88 9.29 67.77
CA LEU E 230 21.98 8.15 66.84
C LEU E 230 21.62 8.54 65.41
N ASN E 231 20.68 9.47 65.24
CA ASN E 231 20.36 9.92 63.89
C ASN E 231 21.34 10.98 63.43
N GLU E 232 21.54 12.01 64.23
CA GLU E 232 22.22 13.21 63.73
C GLU E 232 23.73 13.06 63.64
N ASP E 233 24.29 12.13 64.40
CA ASP E 233 25.68 11.73 64.35
C ASP E 233 25.88 10.53 63.42
N HIS E 234 24.79 10.03 62.83
CA HIS E 234 24.79 9.10 61.71
C HIS E 234 25.36 7.73 62.10
N TRP E 235 24.93 7.20 63.25
CA TRP E 235 25.44 5.93 63.73
C TRP E 235 25.11 4.76 62.79
N ALA E 236 24.15 4.91 61.88
CA ALA E 236 23.80 3.82 60.98
C ALA E 236 24.21 4.10 59.55
N SER E 237 25.10 5.07 59.33
CA SER E 237 25.68 5.30 58.01
C SER E 237 26.70 4.20 57.71
N ARG E 238 27.03 4.06 56.42
CA ARG E 238 27.98 3.00 56.11
C ARG E 238 29.35 3.29 56.70
N GLY E 239 29.75 4.57 56.80
CA GLY E 239 31.02 4.94 57.36
C GLY E 239 31.19 4.61 58.84
N SER E 240 30.09 4.48 59.58
CA SER E 240 30.16 4.22 61.00
C SER E 240 29.89 2.76 61.31
N SER E 241 28.68 2.30 61.06
CA SER E 241 28.30 0.92 61.35
C SER E 241 28.94 -0.09 60.42
N GLY E 242 29.46 0.36 59.26
CA GLY E 242 30.16 -0.56 58.38
C GLY E 242 29.31 -1.34 57.41
N SER E 243 28.12 -1.78 57.84
CA SER E 243 27.13 -2.35 56.93
C SER E 243 25.87 -1.50 56.78
N GLY E 244 25.76 -0.38 57.48
CA GLY E 244 24.59 0.48 57.32
C GLY E 244 24.56 1.09 55.93
N VAL E 245 23.42 1.69 55.60
CA VAL E 245 23.36 2.44 54.35
C VAL E 245 22.62 3.75 54.54
N GLU E 246 22.56 4.24 55.78
CA GLU E 246 21.94 5.53 56.03
C GLU E 246 22.63 6.61 55.21
N GLY E 247 21.84 7.44 54.50
CA GLY E 247 22.40 8.48 53.67
C GLY E 247 22.42 8.20 52.17
N ILE E 248 22.68 6.95 51.77
CA ILE E 248 22.70 6.62 50.35
C ILE E 248 21.30 6.84 49.79
N SER E 249 21.16 7.72 48.80
CA SER E 249 19.92 7.78 48.06
C SER E 249 19.67 6.47 47.32
N LEU E 250 18.40 6.22 46.97
CA LEU E 250 18.12 5.08 46.10
C LEU E 250 18.99 5.11 44.86
N ASN E 251 19.06 6.29 44.24
CA ASN E 251 19.71 6.44 42.95
C ASN E 251 21.15 5.95 42.97
N TYR E 252 21.76 5.89 44.14
CA TYR E 252 23.12 5.40 44.27
C TYR E 252 23.21 4.04 44.96
N LEU E 253 22.14 3.56 45.59
CA LEU E 253 22.19 2.25 46.24
C LEU E 253 22.70 1.19 45.28
N GLY E 254 22.35 1.29 43.99
CA GLY E 254 22.71 0.25 43.05
C GLY E 254 24.20 -0.05 43.02
N TRP E 255 25.02 1.00 43.02
CA TRP E 255 26.47 0.82 43.01
C TRP E 255 26.93 -0.06 44.16
N TYR E 256 26.33 0.11 45.34
CA TYR E 256 26.79 -0.68 46.48
C TYR E 256 26.46 -2.14 46.26
N LEU E 257 25.24 -2.40 45.82
CA LEU E 257 24.88 -3.76 45.46
C LEU E 257 25.91 -4.38 44.51
N LYS E 258 26.12 -3.74 43.35
CA LYS E 258 27.05 -4.29 42.39
C LYS E 258 28.45 -4.41 42.97
N GLY E 259 28.80 -3.54 43.92
CA GLY E 259 30.10 -3.65 44.54
C GLY E 259 30.28 -4.96 45.28
N LEU E 260 29.25 -5.39 46.01
CA LEU E 260 29.32 -6.63 46.77
C LEU E 260 29.69 -7.83 45.91
N SER E 261 29.28 -7.84 44.63
CA SER E 261 29.52 -9.00 43.76
C SER E 261 31.00 -9.25 43.48
N THR E 262 31.84 -8.23 43.55
CA THR E 262 33.28 -8.46 43.44
C THR E 262 33.91 -8.99 44.72
N LEU E 263 33.12 -9.42 45.69
CA LEU E 263 33.68 -10.03 46.88
C LEU E 263 33.85 -11.51 46.62
N GLU E 264 34.85 -12.10 47.25
CA GLU E 264 34.91 -13.54 47.28
C GLU E 264 33.90 -14.01 48.32
N GLY E 265 33.18 -15.06 47.97
CA GLY E 265 32.15 -15.57 48.85
C GLY E 265 31.05 -16.25 48.06
N GLY E 266 30.08 -16.79 48.79
CA GLY E 266 28.96 -17.49 48.19
C GLY E 266 27.89 -16.57 47.64
N LEU E 267 26.65 -17.02 47.73
CA LEU E 267 25.51 -16.38 47.07
C LEU E 267 25.05 -15.12 47.82
N PHE E 268 24.38 -14.25 47.08
CA PHE E 268 23.65 -13.15 47.70
C PHE E 268 22.45 -13.72 48.43
N TYR E 269 22.17 -13.21 49.63
CA TYR E 269 20.99 -13.62 50.38
C TYR E 269 20.28 -12.37 50.84
N ALA E 270 18.95 -12.38 50.79
CA ALA E 270 18.20 -11.23 51.27
C ALA E 270 16.85 -11.69 51.81
N ASP E 271 16.90 -12.64 52.74
CA ASP E 271 15.73 -13.03 53.52
C ASP E 271 15.14 -11.79 54.17
N ASP E 272 13.82 -11.78 54.31
CA ASP E 272 13.12 -10.67 54.94
C ASP E 272 12.37 -11.18 56.16
N THR E 273 12.43 -10.43 57.25
CA THR E 273 11.75 -10.87 58.44
C THR E 273 10.31 -10.39 58.44
N ALA E 274 9.44 -11.25 58.96
CA ALA E 274 7.99 -11.07 58.96
C ALA E 274 7.57 -10.20 60.14
N GLY E 275 7.34 -8.92 59.91
CA GLY E 275 6.93 -8.06 61.01
C GLY E 275 8.01 -7.97 62.06
N TRP E 276 9.15 -7.37 61.68
CA TRP E 276 10.31 -7.22 62.55
C TRP E 276 9.93 -6.62 63.90
N ASP E 277 9.30 -5.44 63.89
CA ASP E 277 9.09 -4.69 65.12
C ASP E 277 8.37 -5.50 66.19
N THR E 278 7.54 -6.47 65.81
CA THR E 278 6.90 -7.35 66.76
C THR E 278 7.79 -8.51 67.13
N LYS E 279 9.08 -8.35 67.01
CA LYS E 279 10.00 -9.44 67.23
C LYS E 279 11.30 -8.99 67.84
N VAL E 280 11.52 -7.68 67.98
CA VAL E 280 12.54 -7.15 68.86
C VAL E 280 12.18 -7.70 70.22
N THR E 281 13.05 -8.55 70.80
CA THR E 281 12.74 -9.24 72.06
C THR E 281 13.22 -8.41 73.25
N ASN E 282 13.09 -8.98 74.44
CA ASN E 282 13.53 -8.29 75.64
C ASN E 282 15.04 -8.25 75.67
N ALA E 283 15.66 -9.40 75.34
CA ALA E 283 17.07 -9.49 75.02
C ALA E 283 17.53 -8.34 74.15
N ASP E 284 17.08 -8.31 72.90
CA ASP E 284 17.41 -7.23 71.97
C ASP E 284 17.23 -5.86 72.59
N LEU E 285 16.22 -5.67 73.43
CA LEU E 285 16.04 -4.36 74.06
C LEU E 285 17.10 -4.11 75.12
N GLU E 286 17.40 -5.12 75.93
CA GLU E 286 18.45 -4.95 76.93
C GLU E 286 19.83 -4.92 76.30
N ASP E 287 20.08 -5.69 75.24
CA ASP E 287 21.26 -5.47 74.42
C ASP E 287 21.35 -4.01 73.99
N GLU E 288 20.26 -3.45 73.48
CA GLU E 288 20.27 -2.06 73.09
C GLU E 288 20.52 -1.14 74.27
N GLU E 289 20.24 -1.61 75.49
CA GLU E 289 20.34 -0.77 76.67
C GLU E 289 21.79 -0.58 77.14
N GLN E 290 22.72 -1.39 76.64
CA GLN E 290 24.14 -1.17 76.89
C GLN E 290 24.58 0.19 76.41
N LEU E 291 23.92 0.73 75.38
CA LEU E 291 24.24 2.07 74.90
C LEU E 291 24.26 3.08 76.03
N LEU E 292 23.69 2.75 77.20
CA LEU E 292 23.75 3.67 78.33
C LEU E 292 25.15 3.72 78.94
N ARG E 293 25.82 2.57 79.06
CA ARG E 293 27.17 2.50 79.60
C ARG E 293 28.01 3.63 79.02
N TYR E 294 27.92 3.86 77.71
CA TYR E 294 28.76 4.82 76.99
C TYR E 294 28.29 6.25 77.14
N MET E 295 27.55 6.57 78.21
CA MET E 295 27.23 7.96 78.53
C MET E 295 27.31 8.18 80.03
N GLU E 296 27.48 9.45 80.40
CA GLU E 296 27.57 9.83 81.80
C GLU E 296 26.91 11.18 81.99
N GLY E 297 26.35 11.37 83.19
CA GLY E 297 25.92 12.70 83.60
C GLY E 297 24.43 12.84 83.64
N GLU E 298 23.95 14.04 83.29
CA GLU E 298 22.53 14.24 83.05
C GLU E 298 22.06 13.34 81.91
N HIS E 299 22.73 13.43 80.76
CA HIS E 299 22.58 12.50 79.65
C HIS E 299 22.24 11.10 80.12
N LYS E 300 23.13 10.44 80.87
CA LYS E 300 22.92 9.03 81.21
C LYS E 300 21.57 8.80 81.87
N GLN E 301 21.00 9.80 82.53
CA GLN E 301 19.69 9.59 83.15
C GLN E 301 18.54 9.81 82.17
N LEU E 302 18.45 11.00 81.56
CA LEU E 302 17.47 11.29 80.52
C LEU E 302 17.31 10.12 79.58
N ALA E 303 18.45 9.54 79.20
CA ALA E 303 18.46 8.39 78.30
C ALA E 303 17.83 7.18 78.96
N ALA E 304 18.35 6.76 80.13
CA ALA E 304 17.84 5.54 80.75
C ALA E 304 16.36 5.65 81.08
N THR E 305 15.86 6.86 81.36
CA THR E 305 14.43 7.07 81.45
C THR E 305 13.74 6.60 80.18
N ILE E 306 14.14 7.19 79.05
CA ILE E 306 13.51 6.92 77.77
C ILE E 306 13.64 5.46 77.40
N MET E 307 14.84 4.90 77.50
CA MET E 307 15.02 3.54 77.01
C MET E 307 14.36 2.52 77.90
N GLN E 308 14.20 2.82 79.18
CA GLN E 308 13.75 1.82 80.13
C GLN E 308 12.35 2.07 80.65
N LYS E 309 11.90 3.33 80.65
CA LYS E 309 10.52 3.71 80.93
C LYS E 309 9.76 3.69 79.61
N ALA E 310 9.91 4.75 78.81
CA ALA E 310 9.23 4.87 77.53
C ALA E 310 9.40 3.67 76.60
N TYR E 311 10.63 3.40 76.14
CA TYR E 311 10.84 2.36 75.14
C TYR E 311 10.65 0.95 75.68
N HIS E 312 10.77 0.73 76.99
CA HIS E 312 10.79 -0.63 77.52
C HIS E 312 9.66 -0.90 78.54
N ALA E 313 8.91 0.14 78.96
CA ALA E 313 7.67 0.00 79.73
C ALA E 313 6.65 0.78 78.92
N LYS E 314 6.21 0.16 77.83
CA LYS E 314 5.38 0.84 76.84
C LYS E 314 4.00 1.02 77.41
N VAL E 315 3.51 2.24 77.33
CA VAL E 315 2.12 2.54 77.57
C VAL E 315 1.60 3.05 76.23
N VAL E 316 0.44 2.54 75.79
CA VAL E 316 0.00 2.70 74.41
C VAL E 316 -1.51 2.93 74.35
N LYS E 317 -1.92 3.73 73.36
CA LYS E 317 -3.32 4.05 73.09
C LYS E 317 -3.72 3.49 71.72
N VAL E 318 -4.51 2.42 71.70
CA VAL E 318 -5.07 1.87 70.47
C VAL E 318 -6.56 2.18 70.42
N ALA E 319 -7.09 2.43 69.22
CA ALA E 319 -8.52 2.62 69.12
C ALA E 319 -9.26 1.28 68.97
N ARG E 320 -10.55 1.28 69.28
CA ARG E 320 -11.37 0.06 69.22
C ARG E 320 -12.83 0.44 69.14
N PRO E 321 -13.62 -0.20 68.28
CA PRO E 321 -15.05 0.08 68.24
C PRO E 321 -15.74 -0.33 69.54
N SER E 322 -16.58 0.58 70.05
CA SER E 322 -17.52 0.28 71.13
C SER E 322 -18.73 -0.48 70.60
N ARG E 323 -19.53 -1.00 71.53
CA ARG E 323 -20.78 -1.69 71.20
C ARG E 323 -21.98 -0.77 71.37
N ASP E 324 -21.77 0.55 71.42
CA ASP E 324 -22.86 1.50 71.38
C ASP E 324 -22.83 2.34 70.11
N GLY E 325 -21.95 2.02 69.17
CA GLY E 325 -21.88 2.75 67.92
C GLY E 325 -20.90 3.90 67.89
N GLY E 326 -19.92 3.89 68.76
CA GLY E 326 -18.89 4.90 68.76
C GLY E 326 -17.52 4.27 68.86
N CYS E 327 -16.62 4.99 69.49
CA CYS E 327 -15.22 4.57 69.49
C CYS E 327 -14.61 4.79 70.85
N VAL E 328 -13.86 3.80 71.31
CA VAL E 328 -13.21 3.88 72.59
C VAL E 328 -11.71 3.78 72.35
N MET E 329 -10.93 4.27 73.32
CA MET E 329 -9.47 4.16 73.31
C MET E 329 -9.02 3.32 74.48
N ASP E 330 -8.34 2.22 74.19
CA ASP E 330 -7.81 1.35 75.23
C ASP E 330 -6.40 1.77 75.58
N VAL E 331 -6.08 1.71 76.87
CA VAL E 331 -4.73 2.00 77.33
C VAL E 331 -4.12 0.69 77.75
N ILE E 332 -3.09 0.28 77.02
CA ILE E 332 -2.48 -1.03 77.16
C ILE E 332 -0.97 -0.86 77.29
N THR E 333 -0.34 -1.89 77.85
CA THR E 333 1.08 -1.87 78.15
C THR E 333 1.69 -3.20 77.75
N ARG E 334 2.99 -3.17 77.50
CA ARG E 334 3.82 -4.38 77.44
C ARG E 334 5.26 -3.93 77.56
N ARG E 335 6.16 -4.91 77.70
CA ARG E 335 7.59 -4.60 77.78
C ARG E 335 8.18 -4.59 76.38
N ASP E 336 8.18 -5.74 75.69
CA ASP E 336 9.02 -5.81 74.51
C ASP E 336 8.28 -5.29 73.27
N GLN E 337 8.75 -5.73 72.10
CA GLN E 337 8.54 -5.17 70.77
C GLN E 337 9.11 -3.76 70.65
N ARG E 338 9.12 -3.21 69.43
CA ARG E 338 9.50 -1.82 69.23
C ARG E 338 8.31 -1.04 68.72
N GLY E 339 8.15 0.18 69.21
CA GLY E 339 7.29 1.12 68.53
C GLY E 339 7.91 1.51 67.20
N SER E 340 7.06 1.60 66.16
CA SER E 340 7.54 2.01 64.86
C SER E 340 7.78 3.51 64.77
N GLY E 341 7.14 4.29 65.64
CA GLY E 341 7.31 5.73 65.64
C GLY E 341 8.40 6.25 66.53
N GLN E 342 9.07 5.38 67.31
CA GLN E 342 10.15 5.81 68.18
C GLN E 342 11.16 6.58 67.34
N VAL E 343 11.78 7.59 67.93
CA VAL E 343 12.56 8.53 67.11
C VAL E 343 13.79 7.88 66.52
N VAL E 344 14.21 6.74 67.06
CA VAL E 344 15.42 6.08 66.63
C VAL E 344 15.11 4.64 66.26
N THR E 345 13.91 4.40 65.76
CA THR E 345 13.58 3.05 65.33
C THR E 345 14.52 2.58 64.21
N TYR E 346 14.72 3.42 63.19
CA TYR E 346 15.57 3.02 62.08
C TYR E 346 16.97 2.63 62.56
N ALA E 347 17.66 3.56 63.21
CA ALA E 347 19.04 3.27 63.60
C ALA E 347 19.09 2.10 64.58
N LEU E 348 18.19 2.05 65.56
CA LEU E 348 18.19 0.93 66.48
C LEU E 348 17.96 -0.37 65.73
N ASN E 349 17.01 -0.36 64.80
CA ASN E 349 16.68 -1.59 64.11
C ASN E 349 17.84 -2.08 63.27
N THR E 350 18.46 -1.17 62.51
CA THR E 350 19.67 -1.45 61.74
C THR E 350 20.73 -2.18 62.55
N LEU E 351 21.25 -1.52 63.59
CA LEU E 351 22.22 -2.16 64.49
C LEU E 351 21.75 -3.52 65.00
N THR E 352 20.52 -3.60 65.51
CA THR E 352 20.05 -4.85 66.04
C THR E 352 19.98 -5.92 64.97
N ASN E 353 19.73 -5.53 63.72
CA ASN E 353 19.67 -6.49 62.63
C ASN E 353 21.06 -6.87 62.16
N ILE E 354 22.01 -5.93 62.23
CA ILE E 354 23.42 -6.25 61.99
C ILE E 354 23.89 -7.37 62.94
N LYS E 355 23.58 -7.22 64.23
CA LYS E 355 23.96 -8.25 65.19
C LYS E 355 23.35 -9.59 64.82
N VAL E 356 22.12 -9.59 64.33
CA VAL E 356 21.48 -10.85 63.93
C VAL E 356 22.24 -11.47 62.76
N GLN E 357 22.60 -10.67 61.76
CA GLN E 357 23.24 -11.26 60.60
C GLN E 357 24.65 -11.72 60.96
N LEU E 358 25.34 -10.98 61.84
CA LEU E 358 26.63 -11.44 62.33
C LEU E 358 26.51 -12.77 63.05
N ILE E 359 25.57 -12.87 64.00
CA ILE E 359 25.31 -14.14 64.68
C ILE E 359 25.07 -15.25 63.67
N ARG E 360 24.32 -14.94 62.59
CA ARG E 360 23.97 -15.99 61.64
C ARG E 360 25.18 -16.43 60.84
N MET E 361 25.96 -15.46 60.34
CA MET E 361 27.22 -15.77 59.68
C MET E 361 28.04 -16.74 60.51
N MET E 362 28.25 -16.39 61.77
CA MET E 362 28.97 -17.23 62.72
C MET E 362 28.39 -18.63 62.78
N GLU E 363 27.08 -18.74 62.98
CA GLU E 363 26.50 -20.08 62.96
C GLU E 363 26.91 -20.84 61.72
N GLY E 364 26.78 -20.19 60.55
CA GLY E 364 27.04 -20.90 59.31
C GLY E 364 28.50 -21.17 59.08
N GLU E 365 29.36 -20.23 59.48
CA GLU E 365 30.80 -20.41 59.29
C GLU E 365 31.34 -21.57 60.10
N GLY E 366 30.60 -22.00 61.12
CA GLY E 366 31.01 -23.08 61.99
C GLY E 366 31.50 -22.66 63.35
N VAL E 367 31.53 -21.36 63.64
CA VAL E 367 31.99 -20.91 64.95
C VAL E 367 31.13 -21.52 66.04
N ILE E 368 29.84 -21.14 66.10
CA ILE E 368 28.90 -21.61 67.11
C ILE E 368 28.02 -22.71 66.52
N GLU E 369 27.66 -23.68 67.36
CA GLU E 369 26.73 -24.76 67.04
C GLU E 369 25.49 -24.62 67.90
N ALA E 370 24.50 -25.48 67.65
CA ALA E 370 23.28 -25.48 68.46
C ALA E 370 23.61 -25.67 69.92
N SER E 371 24.59 -26.53 70.19
CA SER E 371 25.12 -26.73 71.54
C SER E 371 25.34 -25.41 72.29
N ASP E 372 25.83 -24.38 71.61
CA ASP E 372 26.19 -23.12 72.27
C ASP E 372 25.00 -22.33 72.79
N ALA E 373 23.78 -22.81 72.53
CA ALA E 373 22.57 -22.18 73.07
C ALA E 373 22.48 -22.38 74.58
N HIS E 374 23.02 -23.51 75.06
CA HIS E 374 23.02 -23.87 76.48
C HIS E 374 24.22 -23.22 77.16
N ASN E 375 25.41 -23.75 76.90
CA ASN E 375 26.66 -23.12 77.37
C ASN E 375 27.47 -22.65 76.18
N PRO E 376 27.56 -21.35 75.96
CA PRO E 376 28.27 -20.82 74.79
C PRO E 376 29.78 -20.87 74.95
N ARG E 377 30.48 -21.38 73.94
CA ARG E 377 31.93 -21.21 73.92
C ARG E 377 32.24 -19.77 73.56
N LEU E 378 32.10 -18.87 74.54
CA LEU E 378 32.21 -17.44 74.22
C LEU E 378 33.58 -17.11 73.64
N LEU E 379 34.61 -17.89 74.00
CA LEU E 379 35.92 -17.67 73.43
C LEU E 379 35.89 -17.68 71.92
N ARG E 380 35.19 -18.65 71.33
CA ARG E 380 35.08 -18.78 69.89
C ARG E 380 34.49 -17.52 69.24
N VAL E 381 33.48 -16.91 69.87
CA VAL E 381 32.87 -15.75 69.23
C VAL E 381 33.73 -14.51 69.47
N GLU E 382 34.32 -14.40 70.66
CA GLU E 382 35.09 -13.21 70.97
C GLU E 382 36.32 -13.13 70.06
N ARG E 383 36.78 -14.29 69.56
CA ARG E 383 37.90 -14.36 68.62
C ARG E 383 37.45 -14.07 67.20
N TRP E 384 36.44 -14.79 66.71
CA TRP E 384 35.81 -14.53 65.42
C TRP E 384 35.56 -13.05 65.19
N LEU E 385 35.07 -12.37 66.23
CA LEU E 385 34.87 -10.93 66.11
C LEU E 385 36.19 -10.19 65.95
N ARG E 386 37.23 -10.62 66.68
CA ARG E 386 38.51 -9.91 66.67
C ARG E 386 39.16 -9.98 65.30
N ASP E 387 39.19 -11.16 64.72
CA ASP E 387 39.80 -11.38 63.42
C ASP E 387 38.87 -10.97 62.28
N HIS E 388 37.92 -11.83 61.97
CA HIS E 388 37.12 -11.65 60.78
C HIS E 388 36.07 -10.55 60.89
N GLY E 389 35.63 -10.20 62.09
CA GLY E 389 34.56 -9.22 62.30
C GLY E 389 34.44 -8.02 61.37
N GLU E 390 35.43 -7.14 61.36
CA GLU E 390 35.25 -5.90 60.63
C GLU E 390 35.14 -6.10 59.14
N GLU E 391 35.59 -7.24 58.63
CA GLU E 391 35.45 -7.52 57.20
C GLU E 391 34.07 -8.06 56.91
N ARG E 392 33.63 -9.04 57.72
CA ARG E 392 32.25 -9.52 57.67
C ARG E 392 31.28 -8.35 57.66
N LEU E 393 31.55 -7.34 58.49
CA LEU E 393 30.71 -6.15 58.53
C LEU E 393 30.49 -5.55 57.15
N GLY E 394 31.54 -5.48 56.34
CA GLY E 394 31.42 -4.79 55.07
C GLY E 394 30.91 -5.65 53.95
N ARG E 395 30.44 -6.84 54.31
CA ARG E 395 29.94 -7.87 53.43
C ARG E 395 28.41 -7.87 53.39
N MET E 396 27.78 -6.87 54.01
CA MET E 396 26.34 -6.76 54.15
C MET E 396 25.88 -5.36 53.78
N LEU E 397 24.68 -5.27 53.23
CA LEU E 397 23.94 -4.00 53.14
C LEU E 397 22.76 -4.12 54.10
N VAL E 398 22.70 -3.24 55.10
CA VAL E 398 21.62 -3.32 56.10
C VAL E 398 20.95 -1.98 56.23
N SER E 399 19.64 -1.96 56.04
CA SER E 399 18.83 -0.78 56.27
C SER E 399 17.61 -1.23 57.08
N GLY E 400 17.47 -0.70 58.29
CA GLY E 400 16.44 -1.19 59.18
C GLY E 400 16.36 -2.70 59.19
N ASP E 401 15.17 -3.26 59.01
CA ASP E 401 15.02 -4.70 59.02
C ASP E 401 15.40 -5.36 57.70
N ASP E 402 15.46 -4.59 56.61
CA ASP E 402 15.87 -5.12 55.32
C ASP E 402 17.38 -5.29 55.33
N CYS E 403 17.86 -6.35 54.67
CA CYS E 403 19.30 -6.52 54.54
C CYS E 403 19.63 -7.34 53.31
N VAL E 404 20.86 -7.16 52.84
CA VAL E 404 21.47 -7.99 51.81
C VAL E 404 22.76 -8.55 52.38
N VAL E 405 22.87 -9.87 52.42
CA VAL E 405 24.06 -10.54 52.96
C VAL E 405 24.77 -11.31 51.87
N ARG E 406 26.08 -11.13 51.81
CA ARG E 406 26.94 -11.81 50.86
C ARG E 406 27.89 -12.73 51.63
N PRO E 407 27.42 -13.83 52.22
CA PRO E 407 28.23 -14.57 53.19
C PRO E 407 29.47 -15.21 52.57
N VAL E 408 30.30 -15.74 53.47
CA VAL E 408 31.59 -16.31 53.08
C VAL E 408 31.43 -17.54 52.21
N ASP E 409 30.49 -18.42 52.53
CA ASP E 409 30.10 -19.45 51.59
C ASP E 409 28.67 -19.85 51.90
N ASP E 410 28.14 -20.74 51.08
CA ASP E 410 26.70 -20.98 51.04
C ASP E 410 26.18 -21.82 52.22
N ARG E 411 27.02 -22.14 53.20
CA ARG E 411 26.51 -22.76 54.42
C ARG E 411 25.49 -21.87 55.10
N PHE E 412 25.56 -20.56 54.86
CA PHE E 412 24.58 -19.60 55.36
C PHE E 412 23.14 -20.06 55.15
N SER E 413 22.88 -20.81 54.07
CA SER E 413 21.49 -21.13 53.75
C SER E 413 20.84 -21.92 54.85
N ARG E 414 21.56 -22.89 55.40
CA ARG E 414 21.00 -23.76 56.43
C ARG E 414 21.34 -23.31 57.85
N ALA E 415 21.95 -22.13 58.01
CA ALA E 415 22.29 -21.59 59.33
C ALA E 415 21.10 -20.87 59.98
N LEU E 416 20.06 -21.66 60.26
CA LEU E 416 18.80 -21.12 60.75
C LEU E 416 18.59 -21.27 62.26
N TYR E 417 19.45 -22.01 62.97
CA TYR E 417 19.16 -22.29 64.38
C TYR E 417 19.14 -21.00 65.21
N PHE E 418 20.25 -20.29 65.27
CA PHE E 418 20.23 -19.10 66.11
C PHE E 418 19.38 -18.00 65.52
N LEU E 419 19.16 -18.02 64.20
CA LEU E 419 18.25 -17.06 63.59
C LEU E 419 16.84 -17.28 64.07
N ASN E 420 16.35 -18.51 63.96
CA ASN E 420 15.03 -18.85 64.47
C ASN E 420 14.94 -18.62 65.98
N ASP E 421 15.97 -19.03 66.72
CA ASP E 421 15.95 -18.93 68.18
C ASP E 421 15.81 -17.49 68.64
N MET E 422 16.33 -16.53 67.87
CA MET E 422 16.24 -15.13 68.26
C MET E 422 14.90 -14.52 67.87
N ALA E 423 13.98 -15.38 67.38
CA ALA E 423 12.61 -15.06 67.01
C ALA E 423 12.53 -14.21 65.74
N LYS E 424 13.57 -14.17 64.94
CA LYS E 424 13.53 -13.40 63.70
C LYS E 424 13.17 -14.32 62.54
N THR E 425 11.94 -14.83 62.57
CA THR E 425 11.50 -15.78 61.54
C THR E 425 11.52 -15.16 60.15
N ARG E 426 12.00 -15.93 59.19
CA ARG E 426 12.03 -15.47 57.81
C ARG E 426 10.62 -15.53 57.21
N LYS E 427 10.27 -14.47 56.48
CA LYS E 427 8.99 -14.38 55.79
C LYS E 427 8.88 -15.42 54.67
N ASP E 428 7.68 -15.94 54.48
CA ASP E 428 7.34 -16.70 53.28
C ASP E 428 8.27 -17.89 53.05
N ILE E 429 8.55 -18.64 54.12
CA ILE E 429 9.37 -19.83 54.05
C ILE E 429 9.32 -20.54 55.39
N GLY E 430 9.41 -21.87 55.37
CA GLY E 430 9.23 -22.63 56.59
C GLY E 430 10.46 -22.59 57.48
N GLU E 431 10.19 -22.62 58.79
CA GLU E 431 11.21 -22.33 59.80
C GLU E 431 12.54 -23.02 59.54
N TRP E 432 12.48 -24.27 59.08
CA TRP E 432 13.70 -25.08 58.98
C TRP E 432 14.07 -25.34 57.54
N GLU E 433 13.45 -24.62 56.62
CA GLU E 433 13.75 -24.72 55.20
C GLU E 433 14.95 -23.86 54.84
N HIS E 434 15.81 -24.37 53.97
CA HIS E 434 17.00 -23.63 53.60
C HIS E 434 16.62 -22.34 52.87
N SER E 435 17.28 -21.26 53.23
CA SER E 435 17.15 -20.00 52.50
C SER E 435 17.59 -20.18 51.05
N VAL E 436 17.06 -19.33 50.16
CA VAL E 436 17.51 -19.28 48.77
C VAL E 436 18.21 -17.95 48.52
N GLY E 437 19.34 -18.02 47.82
CA GLY E 437 20.10 -16.85 47.44
C GLY E 437 20.17 -16.72 45.93
N PHE E 438 20.79 -15.63 45.50
CA PHE E 438 20.84 -15.27 44.09
C PHE E 438 22.29 -15.13 43.65
N SER E 439 22.56 -15.51 42.40
CA SER E 439 23.90 -15.31 41.84
C SER E 439 24.06 -13.96 41.15
N ASN E 440 22.97 -13.38 40.66
CA ASN E 440 23.05 -12.10 39.97
C ASN E 440 22.63 -11.00 40.91
N TRP E 441 23.49 -10.00 41.09
CA TRP E 441 23.17 -8.87 41.95
C TRP E 441 21.98 -8.09 41.46
N GLU E 442 21.74 -8.08 40.14
CA GLU E 442 20.60 -7.39 39.56
C GLU E 442 19.28 -8.11 39.82
N GLU E 443 19.32 -9.27 40.47
CA GLU E 443 18.14 -10.00 40.90
C GLU E 443 17.85 -9.81 42.39
N VAL E 444 18.87 -9.51 43.19
CA VAL E 444 18.79 -9.31 44.64
C VAL E 444 17.87 -8.15 44.96
N PRO E 445 16.90 -8.33 45.83
CA PRO E 445 15.99 -7.25 46.16
C PRO E 445 16.35 -6.52 47.46
N PHE E 446 16.28 -5.20 47.43
CA PHE E 446 16.67 -4.40 48.59
C PHE E 446 15.83 -3.12 48.59
N CYS E 447 15.26 -2.78 49.75
CA CYS E 447 14.49 -1.55 49.96
C CYS E 447 13.37 -1.41 48.93
N SER E 448 12.66 -2.52 48.72
CA SER E 448 11.54 -2.62 47.78
C SER E 448 11.95 -2.42 46.31
N HIS E 449 13.22 -2.62 45.97
CA HIS E 449 13.67 -2.39 44.61
C HIS E 449 14.63 -3.45 44.13
N HIS E 450 14.63 -3.64 42.80
CA HIS E 450 15.70 -4.27 42.06
C HIS E 450 16.58 -3.20 41.45
N PHE E 451 17.81 -3.58 41.09
CA PHE E 451 18.75 -2.62 40.50
C PHE E 451 19.34 -3.15 39.21
N HIS E 452 19.43 -2.28 38.19
CA HIS E 452 19.85 -2.70 36.85
C HIS E 452 20.86 -1.74 36.26
N GLU E 453 21.91 -2.29 35.65
CA GLU E 453 22.92 -1.47 35.01
C GLU E 453 22.45 -1.08 33.61
N LEU E 454 22.51 0.22 33.34
CA LEU E 454 22.06 0.82 32.09
C LEU E 454 23.26 1.52 31.50
N VAL E 455 23.50 1.38 30.20
CA VAL E 455 24.58 2.13 29.57
C VAL E 455 23.96 3.15 28.62
N MET E 456 24.40 4.40 28.73
CA MET E 456 23.74 5.46 27.97
C MET E 456 24.31 5.55 26.55
N LYS E 457 23.65 6.34 25.71
CA LYS E 457 24.11 6.53 24.35
C LYS E 457 25.57 6.99 24.29
N ASP E 458 26.06 7.74 25.29
CA ASP E 458 27.44 8.23 25.27
C ASP E 458 28.41 7.30 25.97
N GLY E 459 27.98 6.11 26.37
CA GLY E 459 28.90 5.12 26.92
C GLY E 459 29.11 5.14 28.43
N ARG E 460 28.40 6.00 29.16
CA ARG E 460 28.50 6.06 30.62
C ARG E 460 27.48 5.13 31.26
N ALA E 461 27.83 4.59 32.43
CA ALA E 461 26.99 3.59 33.09
C ALA E 461 26.20 4.22 34.23
N LEU E 462 24.91 3.92 34.26
CA LEU E 462 24.01 4.25 35.35
C LEU E 462 23.54 2.95 35.97
N ILE E 463 23.31 2.92 37.27
CA ILE E 463 22.61 1.80 37.91
C ILE E 463 21.30 2.33 38.46
N VAL E 464 20.18 1.82 37.96
CA VAL E 464 18.90 2.45 38.25
C VAL E 464 18.01 1.61 39.15
N PRO E 465 17.21 2.23 40.02
CA PRO E 465 16.27 1.45 40.85
C PRO E 465 15.05 1.11 40.02
N CYS E 466 14.55 -0.09 40.22
CA CYS E 466 13.39 -0.56 39.49
C CYS E 466 12.46 -1.26 40.48
N ARG E 467 11.17 -1.00 40.35
CA ARG E 467 10.18 -1.78 41.07
C ARG E 467 8.96 -1.92 40.19
N ASP E 468 7.93 -2.59 40.70
CA ASP E 468 6.78 -2.91 39.88
C ASP E 468 6.06 -1.67 39.38
N GLN E 469 5.86 -1.59 38.06
CA GLN E 469 5.17 -0.45 37.47
C GLN E 469 3.76 -0.31 38.01
N ASP E 470 3.06 -1.44 38.13
CA ASP E 470 1.69 -1.42 38.64
C ASP E 470 1.68 -0.92 40.07
N GLU E 471 2.57 -1.45 40.91
CA GLU E 471 2.68 -0.98 42.28
C GLU E 471 2.92 0.53 42.33
N LEU E 472 3.86 1.04 41.51
CA LEU E 472 4.20 2.46 41.51
C LEU E 472 3.01 3.33 41.09
N VAL E 473 2.26 2.91 40.07
CA VAL E 473 1.13 3.72 39.62
C VAL E 473 -0.04 3.58 40.58
N GLY E 474 -0.36 2.34 40.95
CA GLY E 474 -1.44 2.11 41.88
C GLY E 474 -1.36 2.97 43.13
N ARG E 475 -0.13 3.24 43.59
CA ARG E 475 0.01 4.07 44.77
C ARG E 475 -0.34 5.52 44.46
N ALA E 476 -0.07 5.98 43.24
CA ALA E 476 -0.38 7.35 42.89
C ALA E 476 -1.86 7.56 42.60
N ARG E 477 -2.60 6.47 42.35
CA ARG E 477 -4.05 6.54 42.25
C ARG E 477 -4.72 6.76 43.59
N VAL E 478 -3.99 6.56 44.69
CA VAL E 478 -4.55 6.72 46.02
C VAL E 478 -4.49 8.20 46.38
N SER E 479 -5.63 8.81 46.44
CA SER E 479 -5.50 10.14 47.02
C SER E 479 -5.68 10.03 48.52
N PRO E 480 -4.78 10.62 49.34
CA PRO E 480 -4.92 10.50 50.79
C PRO E 480 -6.01 11.43 51.31
N GLY E 481 -7.14 10.84 51.69
CA GLY E 481 -8.28 11.62 52.16
C GLY E 481 -9.14 12.20 51.06
N CYS E 482 -10.42 12.41 51.36
CA CYS E 482 -11.40 12.87 50.37
C CYS E 482 -11.61 14.38 50.49
N GLY E 483 -12.63 14.88 49.79
CA GLY E 483 -12.93 16.31 49.78
C GLY E 483 -11.68 17.11 49.49
N TRP E 484 -11.13 16.91 48.30
CA TRP E 484 -9.86 17.50 47.92
C TRP E 484 -10.05 18.35 46.68
N SER E 485 -9.53 19.57 46.73
CA SER E 485 -9.64 20.50 45.62
C SER E 485 -8.93 19.92 44.42
N VAL E 486 -9.33 20.37 43.22
CA VAL E 486 -8.63 19.86 42.04
C VAL E 486 -7.20 20.35 42.07
N ARG E 487 -6.95 21.50 42.69
CA ARG E 487 -5.56 21.94 42.78
C ARG E 487 -4.75 21.00 43.66
N GLU E 488 -5.29 20.63 44.82
CA GLU E 488 -4.49 19.83 45.74
C GLU E 488 -4.18 18.47 45.14
N THR E 489 -5.16 17.82 44.52
CA THR E 489 -4.88 16.52 43.93
C THR E 489 -3.89 16.65 42.78
N ALA E 490 -4.00 17.73 41.99
CA ALA E 490 -3.04 17.94 40.92
C ALA E 490 -1.62 18.11 41.47
N CYS E 491 -1.46 18.97 42.46
CA CYS E 491 -0.14 19.15 43.04
C CYS E 491 0.42 17.83 43.55
N LEU E 492 -0.44 16.99 44.12
CA LEU E 492 0.03 15.67 44.52
C LEU E 492 0.45 14.86 43.31
N SER E 493 -0.29 14.97 42.22
CA SER E 493 0.03 14.20 41.03
C SER E 493 1.36 14.60 40.44
N LYS E 494 1.59 15.92 40.36
CA LYS E 494 2.88 16.40 39.92
C LYS E 494 3.99 15.83 40.80
N ALA E 495 3.77 15.73 42.12
CA ALA E 495 4.75 15.04 42.97
C ALA E 495 5.08 13.65 42.45
N TYR E 496 4.07 12.87 42.07
CA TYR E 496 4.36 11.51 41.62
C TYR E 496 5.06 11.49 40.27
N GLY E 497 4.62 12.36 39.34
CA GLY E 497 5.30 12.45 38.05
C GLY E 497 6.79 12.77 38.17
N GLN E 498 7.12 13.87 38.87
CA GLN E 498 8.51 14.26 39.08
C GLN E 498 9.33 13.17 39.74
N MET E 499 8.73 12.42 40.66
CA MET E 499 9.52 11.38 41.29
C MET E 499 9.82 10.30 40.27
N TRP E 500 8.80 9.89 39.51
CA TRP E 500 9.03 8.89 38.49
C TRP E 500 10.12 9.35 37.52
N LEU E 501 10.08 10.62 37.09
CA LEU E 501 11.09 11.11 36.17
C LEU E 501 12.48 11.14 36.80
N LEU E 502 12.65 11.36 38.11
CA LEU E 502 13.99 11.17 38.68
C LEU E 502 14.42 9.73 38.67
N SER E 503 13.54 8.82 39.09
CA SER E 503 14.03 7.53 39.54
C SER E 503 13.57 6.37 38.70
N TYR E 504 12.52 6.51 37.92
CA TYR E 504 12.01 5.43 37.09
C TYR E 504 11.85 5.90 35.65
N PHE E 505 12.60 6.93 35.26
CA PHE E 505 12.68 7.44 33.89
C PHE E 505 12.98 6.37 32.85
N HIS E 506 13.53 5.23 33.26
CA HIS E 506 13.96 4.15 32.36
C HIS E 506 12.82 3.20 32.04
N ARG E 507 11.61 3.51 32.47
CA ARG E 507 10.43 2.75 32.16
C ARG E 507 9.62 3.60 31.20
N ARG E 508 9.42 3.12 29.98
CA ARG E 508 8.75 3.93 28.97
C ARG E 508 7.41 4.44 29.48
N ASP E 509 6.60 3.55 30.02
CA ASP E 509 5.26 3.93 30.44
C ASP E 509 5.33 5.01 31.52
N LEU E 510 6.17 4.81 32.51
CA LEU E 510 6.28 5.77 33.59
C LEU E 510 6.76 7.13 33.08
N ARG E 511 7.76 7.14 32.19
CA ARG E 511 8.20 8.42 31.65
C ARG E 511 7.09 9.11 30.87
N THR E 512 6.34 8.35 30.07
CA THR E 512 5.21 8.94 29.38
C THR E 512 4.21 9.53 30.35
N LEU E 513 3.80 8.74 31.35
CA LEU E 513 2.85 9.23 32.33
C LEU E 513 3.40 10.45 33.08
N GLY E 514 4.68 10.41 33.43
CA GLY E 514 5.32 11.53 34.10
C GLY E 514 5.28 12.80 33.29
N LEU E 515 5.83 12.76 32.08
CA LEU E 515 5.74 13.92 31.20
C LEU E 515 4.30 14.35 30.99
N ALA E 516 3.36 13.41 30.97
CA ALA E 516 1.96 13.77 30.73
C ALA E 516 1.36 14.49 31.93
N ILE E 517 1.65 14.02 33.13
CA ILE E 517 1.15 14.69 34.32
C ILE E 517 1.70 16.10 34.36
N CYS E 518 3.00 16.24 34.11
CA CYS E 518 3.62 17.56 34.16
C CYS E 518 3.12 18.49 33.07
N SER E 519 2.54 17.97 31.99
CA SER E 519 1.96 18.81 30.95
C SER E 519 0.53 19.20 31.25
N ALA E 520 -0.08 18.58 32.25
CA ALA E 520 -1.45 18.86 32.60
C ALA E 520 -1.57 19.71 33.86
N VAL E 521 -0.52 19.77 34.66
CA VAL E 521 -0.53 20.59 35.87
C VAL E 521 0.19 21.91 35.61
N PRO E 522 -0.29 23.01 36.17
CA PRO E 522 0.40 24.30 35.96
C PRO E 522 1.88 24.26 36.32
N ILE E 523 2.66 25.06 35.59
CA ILE E 523 4.11 25.10 35.76
C ILE E 523 4.49 25.66 37.11
N ASP E 524 3.72 26.61 37.63
CA ASP E 524 4.09 27.33 38.83
C ASP E 524 3.56 26.68 40.09
N TRP E 525 2.80 25.59 39.99
CA TRP E 525 2.32 24.91 41.18
C TRP E 525 3.42 24.00 41.71
N VAL E 526 3.87 24.28 42.91
CA VAL E 526 4.78 23.42 43.65
C VAL E 526 4.12 22.05 43.79
N PRO E 527 4.88 20.96 43.78
CA PRO E 527 4.34 19.68 44.26
C PRO E 527 4.20 19.63 45.78
N THR E 528 3.22 18.86 46.25
CA THR E 528 3.00 18.67 47.69
C THR E 528 2.55 17.24 47.96
N GLY E 529 3.04 16.69 49.08
CA GLY E 529 2.60 15.38 49.52
C GLY E 529 3.69 14.34 49.55
N ARG E 530 3.56 13.34 50.40
CA ARG E 530 4.53 12.25 50.42
C ARG E 530 4.22 11.30 49.27
N THR E 531 5.26 10.93 48.53
CA THR E 531 5.15 9.93 47.49
C THR E 531 5.84 8.61 47.85
N THR E 532 6.56 8.57 48.97
CA THR E 532 7.00 7.30 49.55
C THR E 532 7.32 7.51 51.03
N TRP E 533 7.44 6.39 51.74
CA TRP E 533 7.88 6.40 53.12
C TRP E 533 9.36 6.04 53.26
N SER E 534 9.98 5.44 52.24
CA SER E 534 11.36 4.94 52.31
C SER E 534 12.30 6.01 52.85
N ILE E 535 13.22 5.59 53.74
CA ILE E 535 14.26 6.47 54.25
C ILE E 535 15.29 6.81 53.16
N HIS E 536 15.13 6.22 51.98
CA HIS E 536 16.06 6.47 50.90
C HIS E 536 15.50 7.40 49.83
N ALA E 537 14.36 8.03 50.09
CA ALA E 537 13.81 9.00 49.16
C ALA E 537 14.63 10.28 49.18
N SER E 538 15.19 10.66 48.01
CA SER E 538 15.88 11.94 47.89
C SER E 538 14.96 13.10 48.25
N GLY E 539 13.67 12.97 47.94
CA GLY E 539 12.77 14.11 47.99
C GLY E 539 13.01 15.14 46.92
N ALA E 540 14.06 14.97 46.10
CA ALA E 540 14.52 16.00 45.18
C ALA E 540 13.47 16.41 44.16
N TRP E 541 12.43 15.60 43.99
CA TRP E 541 11.42 15.86 42.98
C TRP E 541 10.39 16.90 43.43
N MET E 542 10.29 17.18 44.74
CA MET E 542 9.35 18.16 45.28
C MET E 542 9.90 19.57 45.03
N THR E 543 9.64 20.08 43.84
CA THR E 543 10.32 21.27 43.35
C THR E 543 9.63 21.76 42.11
N THR E 544 9.89 23.01 41.80
CA THR E 544 9.46 23.62 40.56
C THR E 544 10.62 23.75 39.57
N GLU E 545 11.83 23.34 39.97
CA GLU E 545 12.94 23.36 39.01
C GLU E 545 12.68 22.35 37.91
N ASP E 546 13.24 22.64 36.72
CA ASP E 546 13.12 21.75 35.56
C ASP E 546 13.57 20.34 35.93
N MET E 547 12.78 19.34 35.54
CA MET E 547 13.08 18.00 35.99
C MET E 547 14.36 17.47 35.35
N LEU E 548 14.51 17.68 34.04
CA LEU E 548 15.75 17.33 33.37
C LEU E 548 16.95 17.98 34.06
N ASP E 549 16.82 19.25 34.45
CA ASP E 549 17.88 19.91 35.23
C ASP E 549 18.20 19.14 36.49
N VAL E 550 17.16 18.76 37.25
CA VAL E 550 17.45 18.06 38.49
C VAL E 550 17.93 16.65 38.21
N TRP E 551 17.43 16.02 37.14
CA TRP E 551 18.00 14.76 36.67
C TRP E 551 19.53 14.84 36.52
N ASN E 552 20.05 15.87 35.82
CA ASN E 552 21.51 15.95 35.65
C ASN E 552 22.21 16.13 36.98
N ARG E 553 21.62 16.90 37.89
CA ARG E 553 22.30 17.14 39.16
C ARG E 553 22.45 15.84 39.94
N VAL E 554 21.38 15.06 40.04
CA VAL E 554 21.43 13.84 40.85
C VAL E 554 22.17 12.73 40.14
N TRP E 555 21.96 12.56 38.84
CA TRP E 555 22.52 11.40 38.17
C TRP E 555 23.95 11.61 37.71
N ILE E 556 24.38 12.86 37.52
CA ILE E 556 25.68 13.12 36.89
C ILE E 556 26.58 14.00 37.75
N LEU E 557 26.16 15.25 38.04
CA LEU E 557 27.05 16.13 38.81
C LEU E 557 27.24 15.62 40.23
N ASP E 558 26.16 15.48 40.99
CA ASP E 558 26.33 15.02 42.36
C ASP E 558 26.66 13.53 42.46
N ASN E 559 26.79 12.85 41.34
CA ASN E 559 26.94 11.40 41.37
C ASN E 559 28.37 11.00 41.65
N PRO E 560 28.65 10.35 42.79
CA PRO E 560 30.02 9.93 43.07
C PRO E 560 30.57 9.02 42.00
N PHE E 561 29.73 8.15 41.47
CA PHE E 561 30.22 7.13 40.58
C PHE E 561 30.25 7.58 39.14
N MET E 562 30.13 8.88 38.89
CA MET E 562 30.09 9.38 37.53
C MET E 562 31.22 10.38 37.35
N HIS E 563 32.30 9.95 36.73
CA HIS E 563 33.49 10.78 36.70
C HIS E 563 33.51 11.77 35.55
N SER E 564 32.84 11.48 34.46
CA SER E 564 32.65 12.46 33.40
C SER E 564 31.35 13.21 33.63
N LYS E 565 31.44 14.54 33.80
CA LYS E 565 30.25 15.29 34.18
C LYS E 565 29.56 15.99 33.02
N GLU E 566 29.60 15.46 31.80
CA GLU E 566 28.88 16.15 30.74
C GLU E 566 27.37 16.01 30.98
N LYS E 567 26.65 17.11 30.83
CA LYS E 567 25.22 17.07 31.09
C LYS E 567 24.48 16.53 29.87
N ILE E 568 23.19 16.27 30.04
CA ILE E 568 22.40 15.60 29.02
C ILE E 568 21.39 16.61 28.48
N VAL E 569 21.55 16.99 27.22
CA VAL E 569 20.75 18.08 26.66
C VAL E 569 19.27 17.76 26.73
N GLU E 570 18.83 16.69 26.08
CA GLU E 570 17.42 16.40 26.07
C GLU E 570 17.10 15.07 26.76
N TRP E 571 15.78 14.81 26.88
CA TRP E 571 15.31 13.55 27.47
C TRP E 571 15.56 12.40 26.51
N ARG E 572 15.43 12.67 25.20
CA ARG E 572 15.69 11.64 24.20
C ARG E 572 17.02 10.93 24.45
N ASP E 573 17.95 11.56 25.17
CA ASP E 573 19.27 11.00 25.42
C ASP E 573 19.37 10.27 26.75
N VAL E 574 18.32 10.26 27.56
CA VAL E 574 18.31 9.50 28.80
C VAL E 574 17.87 8.07 28.45
N PRO E 575 18.56 7.05 28.93
CA PRO E 575 18.33 5.68 28.44
C PRO E 575 17.12 5.00 29.07
N TYR E 576 16.78 3.84 28.49
CA TYR E 576 15.64 3.03 28.90
C TYR E 576 16.14 1.66 29.35
N LEU E 577 15.25 0.88 29.93
CA LEU E 577 15.56 -0.52 30.12
C LEU E 577 15.47 -1.23 28.77
N PRO E 578 16.05 -2.41 28.65
CA PRO E 578 15.72 -3.27 27.50
C PRO E 578 14.22 -3.54 27.48
N LYS E 579 13.58 -3.26 26.34
CA LYS E 579 12.12 -3.39 26.24
C LYS E 579 11.66 -4.74 26.78
N SER E 580 12.55 -5.75 26.68
CA SER E 580 12.38 -7.04 27.34
C SER E 580 12.13 -6.88 28.84
N HIS E 581 13.08 -6.24 29.55
CA HIS E 581 12.98 -6.00 31.00
C HIS E 581 11.78 -5.11 31.34
N ASP E 582 11.54 -4.09 30.50
CA ASP E 582 10.40 -3.21 30.72
C ASP E 582 9.11 -4.03 30.72
N MET E 583 8.82 -4.69 29.60
CA MET E 583 7.61 -5.53 29.46
C MET E 583 7.57 -6.69 30.46
N LEU E 584 8.71 -7.09 31.06
CA LEU E 584 8.77 -8.17 32.03
C LEU E 584 8.81 -7.72 33.51
N CYS E 585 9.05 -6.43 33.81
CA CYS E 585 8.76 -5.90 35.15
C CYS E 585 7.36 -5.30 35.25
N SER E 586 6.39 -5.86 34.50
CA SER E 586 4.97 -5.46 34.58
C SER E 586 4.64 -4.28 33.65
N SER E 587 5.33 -4.13 32.51
CA SER E 587 4.95 -3.04 31.62
C SER E 587 3.81 -3.48 30.69
N LEU E 588 3.49 -2.58 29.75
CA LEU E 588 2.35 -2.71 28.87
C LEU E 588 2.79 -2.62 27.39
N ARG E 591 1.56 -4.21 24.05
CA ARG E 591 0.19 -4.64 24.33
C ARG E 591 -0.82 -3.66 23.73
N LYS E 592 -1.84 -4.21 23.03
CA LYS E 592 -2.73 -3.38 22.23
C LYS E 592 -3.43 -2.34 23.10
N GLU E 593 -3.79 -2.71 24.32
CA GLU E 593 -4.46 -1.76 25.21
C GLU E 593 -3.60 -0.50 25.41
N ARG E 594 -2.32 -0.68 25.79
CA ARG E 594 -1.47 0.47 26.08
C ARG E 594 -1.11 1.27 24.84
N ALA E 595 -1.18 0.66 23.65
CA ALA E 595 -0.95 1.41 22.42
C ALA E 595 -1.94 2.58 22.31
N GLU E 596 -3.24 2.29 22.36
CA GLU E 596 -4.26 3.33 22.31
C GLU E 596 -3.99 4.41 23.34
N TRP E 597 -3.65 4.01 24.57
CA TRP E 597 -3.37 4.94 25.65
C TRP E 597 -2.36 5.99 25.24
N ALA E 598 -1.12 5.54 24.97
CA ALA E 598 -0.06 6.44 24.54
C ALA E 598 -0.45 7.24 23.32
N LYS E 599 -1.37 6.71 22.50
CA LYS E 599 -1.79 7.40 21.30
C LYS E 599 -2.74 8.56 21.61
N ASN E 600 -3.65 8.39 22.54
CA ASN E 600 -4.63 9.44 22.83
C ASN E 600 -4.39 10.07 24.19
N ILE E 601 -3.13 10.18 24.61
CA ILE E 601 -2.91 10.67 25.96
C ILE E 601 -3.03 12.17 26.00
N TRP E 602 -2.79 12.88 24.89
CA TRP E 602 -3.01 14.31 24.87
C TRP E 602 -4.44 14.64 25.24
N GLY E 603 -5.40 13.98 24.60
CA GLY E 603 -6.79 14.28 24.86
C GLY E 603 -7.13 14.20 26.32
N ALA E 604 -6.41 13.36 27.06
CA ALA E 604 -6.58 13.28 28.50
C ALA E 604 -5.94 14.48 29.18
N VAL E 605 -4.72 14.81 28.77
CA VAL E 605 -4.03 15.98 29.32
C VAL E 605 -4.89 17.21 29.13
N GLU E 606 -5.41 17.39 27.93
CA GLU E 606 -6.34 18.49 27.64
C GLU E 606 -7.51 18.49 28.63
N LYS E 607 -8.08 17.32 28.91
CA LYS E 607 -9.20 17.24 29.83
C LYS E 607 -8.81 17.74 31.21
N VAL E 608 -7.64 17.31 31.70
CA VAL E 608 -7.15 17.78 32.99
C VAL E 608 -6.92 19.28 32.96
N ARG E 609 -6.39 19.79 31.84
CA ARG E 609 -6.12 21.23 31.73
C ARG E 609 -7.40 22.04 31.85
N LYS E 610 -8.45 21.62 31.15
CA LYS E 610 -9.74 22.31 31.25
C LYS E 610 -10.26 22.30 32.69
N MET E 611 -10.21 21.14 33.34
CA MET E 611 -10.60 21.03 34.74
C MET E 611 -9.85 22.03 35.61
N ILE E 612 -8.52 22.09 35.45
CA ILE E 612 -7.71 22.92 36.32
C ILE E 612 -7.97 24.40 36.07
N GLY E 613 -8.24 24.77 34.83
CA GLY E 613 -8.60 26.14 34.56
C GLY E 613 -7.70 26.87 33.60
N GLN E 614 -7.75 28.20 33.65
CA GLN E 614 -6.93 29.06 32.80
C GLN E 614 -5.66 29.36 33.59
N GLU E 615 -4.60 28.58 33.35
CA GLU E 615 -3.31 28.72 34.02
C GLU E 615 -2.20 28.56 32.97
N LYS E 616 -0.94 28.55 33.42
CA LYS E 616 0.21 28.40 32.52
C LYS E 616 0.59 26.93 32.42
N PHE E 617 0.44 26.35 31.23
CA PHE E 617 0.86 24.98 30.99
C PHE E 617 1.96 24.95 29.94
N LYS E 618 2.82 23.94 30.00
CA LYS E 618 3.81 23.68 28.96
C LYS E 618 3.64 22.24 28.47
N ASP E 619 4.21 21.94 27.31
CA ASP E 619 4.02 20.65 26.64
C ASP E 619 5.32 19.86 26.75
N TYR E 620 5.48 19.14 27.87
CA TYR E 620 6.65 18.30 28.06
C TYR E 620 6.53 16.95 27.40
N LEU E 621 5.34 16.58 26.94
CA LEU E 621 5.20 15.29 26.29
C LEU E 621 5.96 15.26 24.98
N SER E 622 5.78 16.28 24.14
CA SER E 622 6.24 16.17 22.77
C SER E 622 7.74 16.31 22.62
N CYS E 623 8.43 16.74 23.69
CA CYS E 623 9.88 16.64 23.70
C CYS E 623 10.38 15.17 23.82
N MET E 624 9.49 14.19 23.75
CA MET E 624 9.83 12.78 23.94
C MET E 624 9.72 11.96 22.66
N ASP E 625 8.78 12.29 21.78
CA ASP E 625 8.52 11.64 20.48
C ASP E 625 9.36 10.40 20.10
N LYS F 9 -32.76 29.26 -67.91
CA LYS F 9 -31.45 29.54 -68.48
C LYS F 9 -31.43 29.23 -69.97
N VAL F 10 -30.50 28.36 -70.38
CA VAL F 10 -30.24 28.10 -71.78
C VAL F 10 -30.77 26.74 -72.24
N LYS F 11 -30.84 25.73 -71.35
CA LYS F 11 -31.30 24.39 -71.74
C LYS F 11 -32.66 24.06 -71.11
N GLU F 12 -33.73 24.45 -71.78
CA GLU F 12 -35.05 24.26 -71.23
C GLU F 12 -35.63 22.88 -71.58
N LYS F 13 -36.80 22.60 -71.05
CA LYS F 13 -37.62 21.48 -71.47
C LYS F 13 -38.59 22.01 -72.51
N ASP F 14 -39.64 21.26 -72.84
CA ASP F 14 -40.46 21.66 -73.99
C ASP F 14 -41.98 21.43 -73.85
N VAL F 15 -42.48 20.28 -74.27
CA VAL F 15 -43.91 20.02 -74.29
C VAL F 15 -44.30 18.82 -73.44
N GLN F 16 -43.34 18.07 -72.88
CA GLN F 16 -43.64 17.06 -71.86
C GLN F 16 -44.07 17.71 -70.55
N GLU F 17 -43.36 18.78 -70.15
CA GLU F 17 -43.80 19.65 -69.08
C GLU F 17 -45.27 19.98 -69.24
N ARG F 18 -45.70 20.29 -70.47
CA ARG F 18 -47.01 20.88 -70.75
C ARG F 18 -48.16 20.15 -70.06
N ILE F 19 -48.30 18.84 -70.31
CA ILE F 19 -49.34 18.05 -69.66
C ILE F 19 -49.14 17.94 -68.15
N SER F 20 -47.93 17.58 -67.70
CA SER F 20 -47.66 17.50 -66.27
C SER F 20 -48.08 18.81 -65.59
N ALA F 21 -47.52 19.94 -66.04
CA ALA F 21 -47.90 21.24 -65.51
C ALA F 21 -49.37 21.58 -65.81
N LEU F 22 -49.99 20.95 -66.81
CA LEU F 22 -51.34 21.34 -67.23
C LEU F 22 -52.40 20.93 -66.21
N ARG F 23 -52.18 19.87 -65.44
CA ARG F 23 -53.09 19.63 -64.34
C ARG F 23 -53.02 20.84 -63.43
N GLU F 24 -54.18 21.33 -63.01
CA GLU F 24 -54.24 22.52 -62.17
C GLU F 24 -55.52 22.38 -61.38
N GLN F 25 -55.46 21.45 -60.43
CA GLN F 25 -56.32 21.35 -59.27
C GLN F 25 -55.96 22.36 -58.20
N TYR F 26 -55.05 23.29 -58.47
CA TYR F 26 -54.69 24.31 -57.49
C TYR F 26 -55.01 25.70 -58.02
N GLY F 27 -56.07 25.81 -58.81
CA GLY F 27 -56.36 27.05 -59.49
C GLY F 27 -56.61 28.22 -58.56
N GLU F 28 -57.21 27.97 -57.39
CA GLU F 28 -57.56 29.06 -56.48
C GLU F 28 -56.34 29.89 -56.17
N THR F 29 -55.27 29.24 -55.77
CA THR F 29 -54.10 29.93 -55.28
C THR F 29 -52.98 30.02 -56.32
N TRP F 30 -53.20 29.52 -57.55
CA TRP F 30 -52.14 29.56 -58.56
C TRP F 30 -51.82 30.99 -58.95
N HIS F 31 -50.54 31.27 -59.18
CA HIS F 31 -50.13 32.60 -59.60
C HIS F 31 -48.74 32.52 -60.21
N MET F 32 -48.03 33.65 -60.23
CA MET F 32 -46.76 33.75 -60.95
C MET F 32 -45.88 34.78 -60.24
N ASP F 33 -45.35 34.40 -59.08
CA ASP F 33 -44.43 35.27 -58.36
C ASP F 33 -43.30 35.73 -59.27
N ARG F 34 -43.35 36.98 -59.71
CA ARG F 34 -42.37 37.48 -60.67
C ARG F 34 -41.00 37.75 -60.05
N GLU F 35 -40.81 37.53 -58.75
CA GLU F 35 -39.53 37.77 -58.09
C GLU F 35 -38.94 36.46 -57.54
N HIS F 36 -39.12 35.37 -58.30
CA HIS F 36 -38.68 34.04 -57.88
C HIS F 36 -37.17 33.92 -58.05
N PRO F 37 -36.54 32.94 -57.36
CA PRO F 37 -35.08 32.93 -57.28
C PRO F 37 -34.42 32.07 -58.34
N TYR F 38 -35.24 31.31 -59.06
CA TYR F 38 -34.72 30.27 -59.93
C TYR F 38 -33.95 30.84 -61.10
N ARG F 39 -32.81 30.20 -61.38
CA ARG F 39 -31.92 30.60 -62.46
C ARG F 39 -31.95 29.51 -63.53
N THR F 40 -31.26 28.41 -63.30
CA THR F 40 -31.16 27.38 -64.32
C THR F 40 -32.33 26.42 -64.29
N TRP F 41 -33.41 26.77 -63.60
CA TRP F 41 -34.61 25.94 -63.63
C TRP F 41 -35.73 26.80 -64.18
N GLN F 42 -36.70 26.14 -64.79
CA GLN F 42 -37.78 26.84 -65.46
C GLN F 42 -38.94 27.07 -64.49
N TYR F 43 -39.24 28.33 -64.21
CA TYR F 43 -40.31 28.66 -63.28
C TYR F 43 -41.65 28.61 -63.99
N TRP F 44 -42.53 27.71 -63.55
CA TRP F 44 -43.85 27.58 -64.14
C TRP F 44 -44.97 28.01 -63.22
N GLY F 45 -44.69 28.80 -62.18
CA GLY F 45 -45.75 29.29 -61.33
C GLY F 45 -45.76 28.62 -59.95
N SER F 46 -46.43 29.29 -59.00
CA SER F 46 -46.52 28.87 -57.60
C SER F 46 -47.97 28.61 -57.18
N TYR F 47 -48.13 27.94 -56.04
CA TYR F 47 -49.41 27.75 -55.38
C TYR F 47 -49.17 27.53 -53.88
N ARG F 48 -50.04 28.10 -53.04
CA ARG F 48 -49.80 28.11 -51.59
C ARG F 48 -49.99 26.73 -51.00
N THR F 49 -49.25 26.47 -49.91
CA THR F 49 -49.30 25.19 -49.20
C THR F 49 -48.91 25.39 -47.74
N ALA F 50 -49.03 24.29 -46.97
CA ALA F 50 -48.86 24.30 -45.53
C ALA F 50 -47.39 24.37 -45.16
N PRO F 51 -46.98 25.35 -44.35
CA PRO F 51 -45.58 25.40 -43.92
C PRO F 51 -45.25 24.22 -43.02
N THR F 52 -43.95 24.00 -42.82
CA THR F 52 -43.49 22.85 -42.05
C THR F 52 -41.98 22.97 -41.88
N GLY F 53 -41.41 22.02 -41.14
CA GLY F 53 -39.98 21.96 -40.92
C GLY F 53 -39.53 22.82 -39.77
N SER F 54 -38.33 22.52 -39.27
CA SER F 54 -37.79 23.23 -38.12
C SER F 54 -36.28 23.16 -38.16
N ALA F 55 -35.65 24.12 -37.50
CA ALA F 55 -34.21 24.10 -37.28
C ALA F 55 -33.86 23.97 -35.79
N ALA F 56 -34.84 23.59 -34.97
CA ALA F 56 -34.59 23.22 -33.58
C ALA F 56 -34.34 21.73 -33.50
N SER F 57 -33.16 21.34 -33.01
CA SER F 57 -32.83 19.93 -32.85
C SER F 57 -33.59 19.34 -31.67
N LEU F 58 -34.01 18.09 -31.80
CA LEU F 58 -34.63 17.33 -30.71
C LEU F 58 -33.71 16.18 -30.35
N ILE F 59 -33.03 16.30 -29.21
CA ILE F 59 -31.97 15.38 -28.82
C ILE F 59 -32.57 14.14 -28.17
N ASN F 60 -32.15 12.95 -28.61
CA ASN F 60 -32.63 11.70 -28.01
C ASN F 60 -32.16 11.59 -26.56
N GLY F 61 -33.11 11.48 -25.65
CA GLY F 61 -32.79 11.58 -24.24
C GLY F 61 -32.09 10.34 -23.70
N VAL F 62 -32.46 9.15 -24.18
CA VAL F 62 -31.91 8.00 -23.49
C VAL F 62 -30.46 7.83 -23.95
N VAL F 63 -30.17 8.16 -25.21
CA VAL F 63 -28.79 8.14 -25.67
C VAL F 63 -28.00 9.28 -25.01
N LYS F 64 -28.65 10.43 -24.78
CA LYS F 64 -27.97 11.48 -24.03
C LYS F 64 -27.57 11.00 -22.65
N LEU F 65 -28.46 10.26 -21.97
CA LEU F 65 -28.20 9.79 -20.61
C LEU F 65 -27.01 8.84 -20.54
N LEU F 66 -26.94 7.87 -21.47
CA LEU F 66 -25.89 6.87 -21.37
C LEU F 66 -24.57 7.29 -21.98
N SER F 67 -24.50 8.43 -22.64
CA SER F 67 -23.25 8.90 -23.25
C SER F 67 -23.16 10.41 -23.03
N TRP F 68 -22.77 10.80 -21.83
CA TRP F 68 -22.80 12.21 -21.45
C TRP F 68 -21.47 12.97 -21.59
N PRO F 69 -20.32 12.33 -21.87
CA PRO F 69 -19.14 13.16 -22.16
C PRO F 69 -19.23 13.78 -23.55
N TRP F 70 -19.92 13.10 -24.45
CA TRP F 70 -20.14 13.58 -25.82
C TRP F 70 -20.97 14.85 -25.87
N ASN F 71 -21.48 15.31 -24.72
CA ASN F 71 -22.26 16.54 -24.66
C ASN F 71 -21.38 17.77 -24.91
N ALA F 72 -20.15 17.77 -24.36
CA ALA F 72 -19.18 18.83 -24.63
C ALA F 72 -18.35 18.45 -25.85
N ARG F 73 -19.01 18.44 -27.01
CA ARG F 73 -18.40 18.09 -28.28
C ARG F 73 -19.06 18.89 -29.39
N GLU F 74 -18.28 19.22 -30.42
CA GLU F 74 -18.79 19.90 -31.61
C GLU F 74 -18.89 18.99 -32.83
N ASP F 75 -18.15 17.87 -32.85
CA ASP F 75 -18.34 16.82 -33.85
C ASP F 75 -19.51 15.90 -33.53
N VAL F 76 -20.07 16.01 -32.32
CA VAL F 76 -21.25 15.26 -31.89
C VAL F 76 -22.53 16.09 -32.05
N VAL F 77 -22.47 17.39 -31.77
CA VAL F 77 -23.63 18.24 -31.91
C VAL F 77 -23.79 18.83 -33.31
N ARG F 78 -22.80 18.65 -34.20
CA ARG F 78 -22.92 19.13 -35.59
C ARG F 78 -24.02 18.40 -36.35
N MET F 79 -24.28 17.14 -36.00
CA MET F 79 -25.22 16.26 -36.71
C MET F 79 -26.69 16.60 -36.45
N ALA F 80 -26.98 17.64 -35.66
CA ALA F 80 -28.34 18.01 -35.31
C ALA F 80 -28.71 19.40 -35.79
N MET F 81 -27.79 20.13 -36.42
CA MET F 81 -28.07 21.45 -36.97
C MET F 81 -28.98 21.39 -38.19
N THR F 82 -29.42 20.21 -38.60
CA THR F 82 -30.14 20.06 -39.86
C THR F 82 -31.44 20.87 -39.89
N ASP F 83 -31.69 21.50 -41.03
CA ASP F 83 -32.73 22.52 -41.20
C ASP F 83 -33.73 22.06 -42.25
N THR F 84 -34.91 21.68 -41.82
CA THR F 84 -35.94 21.24 -42.74
C THR F 84 -36.99 22.32 -43.04
N THR F 85 -36.67 23.60 -42.81
CA THR F 85 -37.67 24.62 -43.12
C THR F 85 -37.64 24.97 -44.60
N ALA F 86 -38.74 25.55 -45.09
CA ALA F 86 -38.79 26.01 -46.48
C ALA F 86 -37.70 27.01 -46.77
N PHE F 87 -37.42 27.92 -45.85
CA PHE F 87 -36.33 28.85 -46.09
C PHE F 87 -34.99 28.11 -46.12
N GLY F 88 -34.88 27.01 -45.39
CA GLY F 88 -33.64 26.27 -45.36
C GLY F 88 -33.46 25.46 -46.61
N GLN F 89 -34.55 24.86 -47.10
CA GLN F 89 -34.55 24.24 -48.42
C GLN F 89 -33.94 25.17 -49.46
N GLN F 90 -34.51 26.37 -49.58
CA GLN F 90 -34.03 27.35 -50.56
C GLN F 90 -32.55 27.64 -50.40
N ARG F 91 -32.10 27.85 -49.17
CA ARG F 91 -30.68 28.06 -48.92
C ARG F 91 -29.85 26.95 -49.54
N VAL F 92 -30.38 25.72 -49.52
CA VAL F 92 -29.70 24.60 -50.15
C VAL F 92 -29.86 24.65 -51.66
N PHE F 93 -31.12 24.65 -52.14
CA PHE F 93 -31.43 24.66 -53.56
C PHE F 93 -30.59 25.68 -54.31
N LYS F 94 -30.65 26.94 -53.88
CA LYS F 94 -29.87 27.98 -54.53
C LYS F 94 -28.38 27.64 -54.51
N GLU F 95 -27.85 27.24 -53.35
CA GLU F 95 -26.40 27.07 -53.26
C GLU F 95 -25.90 25.76 -53.87
N LYS F 96 -26.74 24.74 -54.06
CA LYS F 96 -26.17 23.46 -54.48
C LYS F 96 -26.92 22.79 -55.63
N VAL F 97 -28.20 23.08 -55.79
CA VAL F 97 -29.02 22.37 -56.76
C VAL F 97 -29.34 23.19 -58.00
N ASP F 98 -29.25 24.52 -57.93
CA ASP F 98 -29.60 25.35 -59.07
C ASP F 98 -28.34 25.81 -59.79
N THR F 99 -27.72 24.86 -60.49
CA THR F 99 -26.62 25.11 -61.41
C THR F 99 -26.83 24.24 -62.64
N LYS F 100 -25.95 24.42 -63.63
CA LYS F 100 -25.96 23.58 -64.81
C LYS F 100 -24.54 23.13 -65.08
N ALA F 101 -24.32 21.81 -65.07
CA ALA F 101 -22.99 21.28 -65.30
C ALA F 101 -22.60 21.45 -66.75
N GLN F 102 -21.38 21.91 -66.99
CA GLN F 102 -20.87 22.07 -68.35
C GLN F 102 -20.82 20.72 -69.05
N GLU F 103 -21.58 20.56 -70.13
CA GLU F 103 -21.68 19.25 -70.75
C GLU F 103 -20.41 18.92 -71.51
N PRO F 104 -20.19 17.66 -71.81
CA PRO F 104 -18.88 17.25 -72.34
C PRO F 104 -18.75 17.51 -73.84
N GLN F 105 -17.50 17.60 -74.28
CA GLN F 105 -17.21 17.77 -75.69
C GLN F 105 -17.61 16.52 -76.47
N PRO F 106 -17.66 16.61 -77.79
CA PRO F 106 -18.35 15.57 -78.55
C PRO F 106 -17.48 14.34 -78.72
N GLY F 107 -16.16 14.48 -78.70
CA GLY F 107 -15.35 13.27 -78.73
C GLY F 107 -15.44 12.53 -77.42
N THR F 108 -15.42 13.28 -76.32
CA THR F 108 -15.68 12.72 -75.02
C THR F 108 -16.97 11.91 -75.03
N LYS F 109 -18.06 12.53 -75.53
CA LYS F 109 -19.35 11.85 -75.61
C LYS F 109 -19.27 10.59 -76.45
N VAL F 110 -18.43 10.60 -77.48
CA VAL F 110 -18.25 9.39 -78.27
C VAL F 110 -17.62 8.32 -77.41
N ILE F 111 -16.61 8.70 -76.64
CA ILE F 111 -15.91 7.74 -75.82
C ILE F 111 -16.85 7.20 -74.75
N MET F 112 -17.50 8.12 -74.03
CA MET F 112 -18.55 7.77 -73.08
C MET F 112 -19.48 6.73 -73.66
N ARG F 113 -20.14 7.06 -74.77
CA ARG F 113 -21.08 6.08 -75.30
C ARG F 113 -20.41 4.77 -75.68
N ALA F 114 -19.12 4.80 -75.95
CA ALA F 114 -18.44 3.57 -76.35
C ALA F 114 -18.32 2.66 -75.16
N VAL F 115 -17.89 3.24 -74.03
CA VAL F 115 -17.78 2.52 -72.77
C VAL F 115 -19.16 2.13 -72.27
N ASN F 116 -20.10 3.09 -72.28
CA ASN F 116 -21.44 2.80 -71.82
C ASN F 116 -22.07 1.63 -72.53
N ASP F 117 -21.95 1.57 -73.87
CA ASP F 117 -22.62 0.50 -74.59
C ASP F 117 -21.94 -0.82 -74.28
N TRP F 118 -20.63 -0.79 -74.05
CA TRP F 118 -19.88 -1.99 -73.63
C TRP F 118 -20.40 -2.52 -72.31
N ILE F 119 -20.61 -1.63 -71.32
CA ILE F 119 -21.16 -2.03 -70.02
C ILE F 119 -22.52 -2.72 -70.20
N LEU F 120 -23.48 -1.99 -70.81
CA LEU F 120 -24.83 -2.53 -70.98
C LEU F 120 -24.85 -3.82 -71.77
N GLU F 121 -23.95 -3.99 -72.76
CA GLU F 121 -23.99 -5.24 -73.49
C GLU F 121 -23.53 -6.38 -72.60
N ARG F 122 -22.57 -6.12 -71.72
CA ARG F 122 -22.19 -7.16 -70.76
C ARG F 122 -23.37 -7.57 -69.90
N LEU F 123 -24.17 -6.58 -69.47
CA LEU F 123 -25.22 -6.83 -68.49
C LEU F 123 -26.41 -7.54 -69.11
N ALA F 124 -26.75 -7.20 -70.35
CA ALA F 124 -27.91 -7.82 -70.97
C ALA F 124 -27.61 -9.25 -71.42
N ARG F 125 -26.37 -9.57 -71.78
CA ARG F 125 -26.07 -10.97 -72.11
C ARG F 125 -26.13 -11.87 -70.86
N LYS F 126 -25.98 -11.30 -69.67
CA LYS F 126 -26.17 -12.07 -68.45
C LYS F 126 -27.63 -12.17 -68.07
N SER F 127 -28.38 -11.07 -68.19
CA SER F 127 -29.81 -11.04 -67.88
C SER F 127 -30.49 -9.98 -68.72
N LYS F 128 -31.46 -10.39 -69.54
CA LYS F 128 -32.21 -9.44 -70.33
C LYS F 128 -33.00 -8.51 -69.41
N PRO F 129 -33.26 -7.27 -69.84
CA PRO F 129 -34.22 -6.45 -69.10
C PRO F 129 -35.59 -7.09 -69.13
N ARG F 130 -36.44 -6.69 -68.19
CA ARG F 130 -37.74 -7.33 -68.09
C ARG F 130 -38.68 -6.44 -67.32
N MET F 131 -39.92 -6.87 -67.26
CA MET F 131 -40.96 -6.11 -66.60
C MET F 131 -41.21 -6.73 -65.23
N CYS F 132 -41.57 -5.91 -64.24
CA CYS F 132 -41.87 -6.36 -62.89
C CYS F 132 -43.37 -6.40 -62.65
N SER F 133 -43.86 -7.53 -62.14
CA SER F 133 -45.30 -7.69 -61.97
C SER F 133 -45.79 -6.88 -60.78
N ARG F 134 -47.11 -6.69 -60.74
CA ARG F 134 -47.73 -6.07 -59.57
C ARG F 134 -47.50 -6.93 -58.35
N GLU F 135 -47.65 -8.26 -58.49
CA GLU F 135 -47.43 -9.17 -57.39
C GLU F 135 -46.06 -8.95 -56.75
N GLU F 136 -45.04 -8.71 -57.56
CA GLU F 136 -43.74 -8.29 -57.04
C GLU F 136 -43.87 -7.01 -56.24
N PHE F 137 -44.44 -5.97 -56.84
CA PHE F 137 -44.53 -4.66 -56.18
C PHE F 137 -45.31 -4.75 -54.88
N ILE F 138 -46.37 -5.56 -54.86
CA ILE F 138 -47.16 -5.86 -53.68
C ILE F 138 -46.22 -6.26 -52.55
N ALA F 139 -45.56 -7.41 -52.74
CA ALA F 139 -44.66 -7.97 -51.75
C ALA F 139 -43.63 -6.94 -51.27
N LYS F 140 -42.93 -6.30 -52.21
CA LYS F 140 -41.93 -5.30 -51.85
C LYS F 140 -42.52 -4.23 -50.93
N VAL F 141 -43.75 -3.76 -51.24
CA VAL F 141 -44.47 -2.80 -50.40
C VAL F 141 -44.70 -3.38 -49.00
N LYS F 142 -44.90 -4.69 -48.88
CA LYS F 142 -45.04 -5.36 -47.58
C LYS F 142 -43.66 -5.54 -46.93
N SER F 143 -43.13 -4.41 -46.44
CA SER F 143 -41.82 -4.36 -45.77
C SER F 143 -41.46 -2.94 -45.36
N GLN F 154 -53.01 12.99 -54.09
CA GLN F 154 -52.22 11.80 -53.79
C GLN F 154 -52.50 11.33 -52.36
N ASN F 155 -53.61 11.83 -51.82
CA ASN F 155 -53.92 11.72 -50.39
C ASN F 155 -55.17 10.91 -50.11
N SER F 159 -51.69 5.19 -45.27
CA SER F 159 -50.57 4.26 -45.31
C SER F 159 -50.29 3.73 -46.72
N ALA F 160 -49.03 3.42 -46.99
CA ALA F 160 -48.65 2.84 -48.27
C ALA F 160 -48.94 1.34 -48.32
N LYS F 161 -48.91 0.65 -47.17
CA LYS F 161 -49.29 -0.75 -47.14
C LYS F 161 -50.80 -0.92 -47.32
N GLU F 162 -51.58 -0.01 -46.72
CA GLU F 162 -53.02 -0.02 -46.95
C GLU F 162 -53.33 0.27 -48.41
N ALA F 163 -52.80 1.38 -48.92
CA ALA F 163 -53.08 1.97 -50.23
C ALA F 163 -53.15 0.96 -51.36
N VAL F 164 -52.21 0.01 -51.34
CA VAL F 164 -52.06 -0.89 -52.46
C VAL F 164 -53.09 -2.00 -52.45
N GLU F 165 -53.90 -2.10 -51.39
CA GLU F 165 -54.97 -3.09 -51.28
C GLU F 165 -56.34 -2.57 -51.72
N ASP F 166 -56.45 -1.25 -51.98
CA ASP F 166 -57.70 -0.60 -52.38
C ASP F 166 -57.72 -0.48 -53.89
N PRO F 167 -58.52 -1.27 -54.62
CA PRO F 167 -58.47 -1.23 -56.09
C PRO F 167 -58.84 0.09 -56.75
N ALA F 168 -59.09 1.14 -55.98
CA ALA F 168 -59.22 2.46 -56.59
C ALA F 168 -57.85 3.06 -56.92
N PHE F 169 -56.85 2.77 -56.10
CA PHE F 169 -55.46 3.11 -56.40
C PHE F 169 -55.02 2.46 -57.72
N TRP F 170 -55.10 1.12 -57.80
CA TRP F 170 -54.69 0.43 -59.03
C TRP F 170 -55.45 0.93 -60.24
N GLN F 171 -56.67 1.39 -60.05
CA GLN F 171 -57.37 2.06 -61.14
C GLN F 171 -56.60 3.30 -61.57
N LEU F 172 -56.18 4.12 -60.61
CA LEU F 172 -55.50 5.37 -60.94
C LEU F 172 -54.14 5.14 -61.60
N VAL F 173 -53.46 4.03 -61.28
CA VAL F 173 -52.18 3.74 -61.94
C VAL F 173 -52.40 3.19 -63.34
N ASP F 174 -53.56 2.57 -63.60
CA ASP F 174 -53.90 2.18 -64.95
C ASP F 174 -54.21 3.39 -65.82
N GLU F 175 -54.69 4.48 -65.21
CA GLU F 175 -55.00 5.68 -65.97
C GLU F 175 -53.73 6.33 -66.48
N GLU F 176 -52.67 6.34 -65.65
CA GLU F 176 -51.37 6.84 -66.08
C GLU F 176 -50.58 5.81 -66.86
N ARG F 177 -50.74 4.52 -66.54
CA ARG F 177 -50.08 3.50 -67.34
C ARG F 177 -50.53 3.58 -68.80
N GLU F 178 -51.84 3.74 -69.03
CA GLU F 178 -52.33 3.98 -70.37
C GLU F 178 -51.76 5.28 -70.94
N ARG F 179 -51.90 6.37 -70.18
CA ARG F 179 -51.30 7.65 -70.57
C ARG F 179 -49.84 7.49 -70.96
N HIS F 180 -49.10 6.64 -70.23
CA HIS F 180 -47.70 6.41 -70.56
C HIS F 180 -47.58 5.67 -71.88
N LEU F 181 -48.31 4.54 -72.00
CA LEU F 181 -48.23 3.71 -73.20
C LEU F 181 -48.41 4.52 -74.48
N ALA F 182 -49.18 5.60 -74.39
CA ALA F 182 -49.19 6.61 -75.44
C ALA F 182 -47.83 7.29 -75.55
N GLY F 183 -47.37 7.91 -74.47
CA GLY F 183 -46.15 8.68 -74.50
C GLY F 183 -46.42 10.09 -74.01
N ARG F 184 -47.26 10.18 -73.00
CA ARG F 184 -47.56 11.42 -72.30
C ARG F 184 -47.72 11.05 -70.83
N CYS F 185 -47.35 11.96 -69.93
CA CYS F 185 -47.67 11.68 -68.54
C CYS F 185 -48.16 12.97 -67.91
N ALA F 186 -49.12 12.83 -67.00
CA ALA F 186 -49.70 13.96 -66.30
C ALA F 186 -49.29 14.04 -64.83
N HIS F 187 -48.92 12.91 -64.22
CA HIS F 187 -48.80 12.84 -62.77
C HIS F 187 -47.40 12.52 -62.27
N CYS F 188 -46.56 11.86 -63.06
CA CYS F 188 -45.22 11.53 -62.58
C CYS F 188 -44.39 12.78 -62.40
N VAL F 189 -44.51 13.42 -61.23
CA VAL F 189 -43.69 14.57 -60.83
C VAL F 189 -42.98 14.24 -59.52
N TYR F 190 -42.05 15.11 -59.14
CA TYR F 190 -41.20 14.93 -57.99
C TYR F 190 -41.59 15.92 -56.91
N ASN F 191 -41.15 15.61 -55.68
CA ASN F 191 -41.46 16.39 -54.49
C ASN F 191 -40.19 16.74 -53.72
N MET F 192 -39.21 17.31 -54.42
CA MET F 192 -37.87 17.58 -53.89
C MET F 192 -37.84 18.37 -52.59
N MET F 193 -37.49 17.71 -51.50
CA MET F 193 -37.49 18.32 -50.18
C MET F 193 -36.15 19.00 -49.86
N TRP F 213 -35.68 14.15 -53.07
CA TRP F 213 -36.33 14.27 -54.37
C TRP F 213 -37.18 13.01 -54.69
N TYR F 214 -38.35 12.88 -54.03
CA TYR F 214 -39.19 11.68 -54.04
C TYR F 214 -40.58 11.94 -54.65
N MET F 215 -41.36 10.85 -54.85
CA MET F 215 -42.64 10.90 -55.58
C MET F 215 -43.81 10.14 -54.91
N TRP F 216 -44.96 10.09 -55.61
CA TRP F 216 -46.22 9.51 -55.15
C TRP F 216 -46.37 8.06 -55.63
N LEU F 217 -46.95 7.20 -54.77
CA LEU F 217 -47.02 5.76 -55.02
C LEU F 217 -47.35 5.29 -56.43
N GLY F 218 -48.33 5.91 -57.07
CA GLY F 218 -48.74 5.47 -58.38
C GLY F 218 -47.58 5.49 -59.37
N SER F 219 -47.00 6.68 -59.53
CA SER F 219 -45.76 6.84 -60.29
C SER F 219 -44.72 5.80 -59.89
N ARG F 220 -44.38 5.74 -58.58
CA ARG F 220 -43.29 4.86 -58.14
C ARG F 220 -43.50 3.43 -58.58
N PHE F 221 -44.75 2.97 -58.67
CA PHE F 221 -44.96 1.64 -59.22
C PHE F 221 -44.64 1.61 -60.70
N LEU F 222 -45.01 2.66 -61.43
CA LEU F 222 -44.76 2.68 -62.87
C LEU F 222 -43.27 2.55 -63.15
N GLU F 223 -42.46 3.46 -62.60
CA GLU F 223 -41.01 3.25 -62.51
C GLU F 223 -40.64 1.80 -62.22
N PHE F 224 -41.12 1.26 -61.11
CA PHE F 224 -40.73 -0.08 -60.71
C PHE F 224 -41.07 -1.11 -61.78
N GLU F 225 -42.05 -0.82 -62.62
CA GLU F 225 -42.47 -1.81 -63.60
C GLU F 225 -41.50 -1.82 -64.77
N ALA F 226 -41.11 -0.64 -65.23
CA ALA F 226 -40.27 -0.50 -66.39
C ALA F 226 -38.78 -0.66 -66.07
N LEU F 227 -38.29 0.09 -65.10
CA LEU F 227 -36.88 0.11 -64.75
C LEU F 227 -36.57 -0.75 -63.54
N GLY F 228 -37.57 -1.40 -62.94
CA GLY F 228 -37.35 -2.16 -61.74
C GLY F 228 -36.33 -3.27 -61.87
N PHE F 229 -36.12 -3.79 -63.07
CA PHE F 229 -35.24 -4.94 -63.24
C PHE F 229 -33.83 -4.66 -62.76
N LEU F 230 -33.36 -3.40 -62.87
CA LEU F 230 -32.00 -3.05 -62.46
C LEU F 230 -31.71 -3.41 -61.02
N ASN F 231 -32.76 -3.40 -60.20
CA ASN F 231 -32.67 -3.73 -58.80
C ASN F 231 -32.98 -5.19 -58.58
N GLU F 232 -34.16 -5.63 -59.00
CA GLU F 232 -34.55 -7.00 -58.67
C GLU F 232 -33.69 -8.04 -59.37
N ASP F 233 -33.02 -7.66 -60.45
CA ASP F 233 -32.12 -8.60 -61.10
C ASP F 233 -30.66 -8.35 -60.74
N HIS F 234 -30.38 -7.25 -60.04
CA HIS F 234 -29.08 -7.01 -59.42
C HIS F 234 -28.03 -6.66 -60.48
N TRP F 235 -28.37 -5.69 -61.31
CA TRP F 235 -27.43 -5.26 -62.32
C TRP F 235 -26.22 -4.59 -61.70
N ALA F 236 -26.34 -4.05 -60.48
CA ALA F 236 -25.20 -3.40 -59.81
C ALA F 236 -24.42 -4.34 -58.89
N SER F 237 -24.76 -5.63 -58.87
CA SER F 237 -23.99 -6.56 -58.07
C SER F 237 -22.61 -6.80 -58.69
N ARG F 238 -21.69 -7.29 -57.86
CA ARG F 238 -20.33 -7.57 -58.33
C ARG F 238 -20.33 -8.63 -59.41
N GLY F 239 -21.28 -9.58 -59.36
CA GLY F 239 -21.23 -10.67 -60.30
C GLY F 239 -21.64 -10.24 -61.70
N SER F 240 -22.72 -9.45 -61.78
CA SER F 240 -23.16 -8.91 -63.05
C SER F 240 -22.22 -7.81 -63.53
N SER F 241 -22.12 -6.71 -62.80
CA SER F 241 -21.44 -5.52 -63.29
C SER F 241 -19.93 -5.56 -63.16
N GLY F 242 -19.37 -6.61 -62.56
CA GLY F 242 -17.93 -6.68 -62.44
C GLY F 242 -17.26 -5.87 -61.35
N SER F 243 -17.65 -4.60 -61.19
CA SER F 243 -17.06 -3.78 -60.14
C SER F 243 -18.08 -3.14 -59.21
N GLY F 244 -19.35 -3.50 -59.34
CA GLY F 244 -20.31 -3.13 -58.33
C GLY F 244 -20.11 -3.93 -57.06
N VAL F 245 -20.81 -3.50 -56.02
CA VAL F 245 -20.73 -4.19 -54.74
C VAL F 245 -22.13 -4.36 -54.14
N GLU F 246 -23.16 -4.30 -54.97
CA GLU F 246 -24.50 -4.29 -54.42
C GLU F 246 -24.82 -5.64 -53.81
N GLY F 247 -25.46 -5.61 -52.63
CA GLY F 247 -25.81 -6.80 -51.87
C GLY F 247 -24.70 -7.36 -51.00
N ILE F 248 -23.54 -6.75 -51.01
CA ILE F 248 -22.45 -7.10 -50.12
C ILE F 248 -22.59 -6.21 -48.90
N SER F 249 -22.79 -6.82 -47.73
CA SER F 249 -23.03 -5.96 -46.59
C SER F 249 -21.73 -5.34 -46.11
N LEU F 250 -21.88 -4.22 -45.42
CA LEU F 250 -20.74 -3.44 -45.00
C LEU F 250 -19.76 -4.25 -44.17
N ASN F 251 -20.20 -5.41 -43.67
CA ASN F 251 -19.41 -6.33 -42.86
C ASN F 251 -18.55 -7.25 -43.69
N TYR F 252 -18.72 -7.28 -45.00
CA TYR F 252 -17.88 -8.09 -45.87
C TYR F 252 -17.07 -7.25 -46.88
N LEU F 253 -17.40 -5.97 -47.02
CA LEU F 253 -16.70 -5.15 -47.99
C LEU F 253 -15.20 -5.19 -47.76
N GLY F 254 -14.78 -5.13 -46.50
CA GLY F 254 -13.36 -5.07 -46.23
C GLY F 254 -12.57 -6.21 -46.83
N TRP F 255 -13.17 -7.41 -46.93
CA TRP F 255 -12.47 -8.49 -47.60
C TRP F 255 -12.17 -8.13 -49.05
N TYR F 256 -13.11 -7.44 -49.69
CA TYR F 256 -12.97 -7.04 -51.09
C TYR F 256 -11.90 -5.97 -51.26
N LEU F 257 -11.95 -4.92 -50.43
CA LEU F 257 -10.84 -3.97 -50.37
C LEU F 257 -9.50 -4.67 -50.26
N LYS F 258 -9.43 -5.72 -49.45
CA LYS F 258 -8.12 -6.34 -49.25
C LYS F 258 -7.71 -7.13 -50.48
N GLY F 259 -8.68 -7.66 -51.22
CA GLY F 259 -8.34 -8.40 -52.43
C GLY F 259 -7.61 -7.54 -53.43
N LEU F 260 -8.07 -6.30 -53.61
CA LEU F 260 -7.44 -5.35 -54.52
C LEU F 260 -5.96 -5.17 -54.24
N SER F 261 -5.53 -5.29 -53.00
CA SER F 261 -4.13 -5.07 -52.66
C SER F 261 -3.22 -6.20 -53.12
N THR F 262 -3.76 -7.37 -53.46
CA THR F 262 -2.95 -8.44 -54.01
C THR F 262 -2.77 -8.30 -55.51
N LEU F 263 -3.22 -7.19 -56.08
CA LEU F 263 -3.13 -6.93 -57.50
C LEU F 263 -1.83 -6.18 -57.81
N GLU F 264 -1.23 -6.48 -58.97
CA GLU F 264 -0.20 -5.60 -59.49
C GLU F 264 -0.85 -4.27 -59.83
N GLY F 265 -0.14 -3.18 -59.60
CA GLY F 265 -0.73 -1.89 -59.85
C GLY F 265 -0.08 -0.81 -59.02
N GLY F 266 -0.74 0.34 -58.99
CA GLY F 266 -0.25 1.48 -58.27
C GLY F 266 -0.92 1.60 -56.93
N LEU F 267 -1.06 2.84 -56.47
CA LEU F 267 -1.75 3.06 -55.22
C LEU F 267 -3.25 2.82 -55.35
N PHE F 268 -3.92 2.86 -54.20
CA PHE F 268 -5.36 2.86 -54.17
C PHE F 268 -5.80 4.31 -54.34
N TYR F 269 -6.84 4.53 -55.13
CA TYR F 269 -7.37 5.86 -55.29
C TYR F 269 -8.82 5.85 -54.83
N ALA F 270 -9.27 6.92 -54.18
CA ALA F 270 -10.66 6.95 -53.71
C ALA F 270 -11.21 8.38 -53.67
N ASP F 271 -11.12 9.07 -54.81
CA ASP F 271 -11.60 10.44 -54.91
C ASP F 271 -13.12 10.46 -54.82
N ASP F 272 -13.66 11.46 -54.12
CA ASP F 272 -15.10 11.56 -53.92
C ASP F 272 -15.59 12.76 -54.73
N THR F 273 -16.77 12.62 -55.33
CA THR F 273 -17.33 13.67 -56.17
C THR F 273 -18.30 14.52 -55.36
N ALA F 274 -17.96 15.81 -55.24
CA ALA F 274 -18.84 16.86 -54.76
C ALA F 274 -20.21 16.86 -55.44
N GLY F 275 -21.26 16.48 -54.73
CA GLY F 275 -22.60 16.61 -55.27
C GLY F 275 -22.86 15.89 -56.58
N TRP F 276 -22.50 14.61 -56.62
CA TRP F 276 -22.59 13.82 -57.84
C TRP F 276 -23.93 13.97 -58.53
N ASP F 277 -25.02 13.90 -57.78
CA ASP F 277 -26.33 13.87 -58.44
C ASP F 277 -26.56 15.09 -59.32
N THR F 278 -26.00 16.25 -58.96
CA THR F 278 -26.15 17.44 -59.78
C THR F 278 -25.11 17.53 -60.86
N LYS F 279 -24.46 16.43 -61.20
CA LYS F 279 -23.46 16.45 -62.26
C LYS F 279 -23.70 15.33 -63.23
N VAL F 280 -24.78 14.58 -63.05
CA VAL F 280 -25.27 13.70 -64.09
C VAL F 280 -25.77 14.61 -65.21
N THR F 281 -25.06 14.59 -66.33
CA THR F 281 -25.31 15.47 -67.47
C THR F 281 -26.32 14.84 -68.42
N ASN F 282 -26.73 15.64 -69.41
CA ASN F 282 -27.59 15.11 -70.47
C ASN F 282 -26.89 14.00 -71.22
N ALA F 283 -25.57 14.17 -71.46
CA ALA F 283 -24.74 13.08 -71.96
C ALA F 283 -24.93 11.80 -71.17
N ASP F 284 -24.79 11.90 -69.84
CA ASP F 284 -24.96 10.78 -68.93
C ASP F 284 -26.35 10.16 -69.07
N LEU F 285 -27.38 11.00 -69.07
CA LEU F 285 -28.74 10.50 -69.14
C LEU F 285 -29.01 9.85 -70.49
N GLU F 286 -28.48 10.45 -71.56
CA GLU F 286 -28.69 9.88 -72.89
C GLU F 286 -27.94 8.56 -73.04
N ASP F 287 -26.74 8.48 -72.47
CA ASP F 287 -26.03 7.18 -72.37
C ASP F 287 -26.90 6.13 -71.69
N GLU F 288 -27.62 6.53 -70.64
CA GLU F 288 -28.41 5.59 -69.88
C GLU F 288 -29.69 5.22 -70.60
N GLU F 289 -30.31 6.18 -71.29
CA GLU F 289 -31.51 5.84 -72.05
C GLU F 289 -31.23 4.74 -73.07
N GLN F 290 -29.95 4.50 -73.39
CA GLN F 290 -29.64 3.41 -74.30
C GLN F 290 -30.02 2.06 -73.74
N LEU F 291 -30.33 2.00 -72.45
CA LEU F 291 -30.98 0.83 -71.87
C LEU F 291 -32.18 0.39 -72.71
N LEU F 292 -32.85 1.33 -73.39
CA LEU F 292 -34.11 1.03 -74.08
C LEU F 292 -33.91 0.11 -75.27
N ARG F 293 -32.75 0.17 -75.92
CA ARG F 293 -32.46 -0.76 -77.00
C ARG F 293 -32.63 -2.20 -76.54
N TYR F 294 -32.30 -2.50 -75.30
CA TYR F 294 -32.30 -3.90 -74.90
C TYR F 294 -33.68 -4.37 -74.43
N MET F 295 -34.74 -3.63 -74.72
CA MET F 295 -36.09 -4.06 -74.43
C MET F 295 -36.97 -3.81 -75.65
N GLU F 296 -38.10 -4.49 -75.70
CA GLU F 296 -39.07 -4.24 -76.74
C GLU F 296 -40.46 -4.66 -76.28
N GLY F 297 -41.45 -3.97 -76.81
CA GLY F 297 -42.82 -4.25 -76.51
C GLY F 297 -43.49 -3.07 -75.83
N GLU F 298 -44.59 -3.38 -75.14
CA GLU F 298 -45.09 -2.43 -74.16
C GLU F 298 -43.96 -2.03 -73.22
N HIS F 299 -43.14 -3.01 -72.82
CA HIS F 299 -42.01 -2.78 -71.94
C HIS F 299 -41.24 -1.56 -72.39
N LYS F 300 -40.81 -1.58 -73.65
CA LYS F 300 -39.96 -0.52 -74.16
C LYS F 300 -40.68 0.82 -74.18
N GLN F 301 -42.02 0.83 -74.29
CA GLN F 301 -42.72 2.11 -74.22
C GLN F 301 -42.71 2.66 -72.82
N LEU F 302 -43.23 1.86 -71.87
CA LEU F 302 -43.30 2.30 -70.49
C LEU F 302 -41.95 2.81 -69.99
N ALA F 303 -40.90 2.03 -70.24
CA ALA F 303 -39.54 2.45 -69.89
C ALA F 303 -39.17 3.75 -70.57
N ALA F 304 -39.47 3.88 -71.86
CA ALA F 304 -39.18 5.12 -72.56
C ALA F 304 -39.89 6.29 -71.88
N THR F 305 -41.15 6.09 -71.51
CA THR F 305 -41.93 7.18 -70.92
C THR F 305 -41.37 7.60 -69.57
N ILE F 306 -40.96 6.64 -68.75
CA ILE F 306 -40.27 6.97 -67.49
C ILE F 306 -38.96 7.69 -67.79
N MET F 307 -38.09 7.07 -68.60
CA MET F 307 -36.71 7.56 -68.76
C MET F 307 -36.63 8.93 -69.41
N GLN F 308 -37.64 9.30 -70.21
CA GLN F 308 -37.55 10.50 -71.02
C GLN F 308 -38.53 11.56 -70.59
N LYS F 309 -39.77 11.18 -70.28
CA LYS F 309 -40.68 12.19 -69.76
C LYS F 309 -40.40 12.45 -68.28
N ALA F 310 -40.36 11.39 -67.46
CA ALA F 310 -40.21 11.55 -66.02
C ALA F 310 -38.77 11.92 -65.61
N TYR F 311 -37.82 11.01 -65.88
CA TYR F 311 -36.44 11.24 -65.45
C TYR F 311 -35.80 12.39 -66.23
N HIS F 312 -36.06 12.47 -67.54
CA HIS F 312 -35.31 13.41 -68.37
C HIS F 312 -36.02 14.73 -68.64
N ALA F 313 -37.33 14.80 -68.44
CA ALA F 313 -38.05 16.07 -68.47
C ALA F 313 -38.69 16.27 -67.11
N LYS F 314 -37.88 16.70 -66.15
CA LYS F 314 -38.30 16.70 -64.76
C LYS F 314 -39.27 17.82 -64.50
N VAL F 315 -40.32 17.49 -63.75
CA VAL F 315 -41.31 18.44 -63.28
C VAL F 315 -41.23 18.36 -61.76
N VAL F 316 -40.68 19.40 -61.11
CA VAL F 316 -40.30 19.33 -59.69
C VAL F 316 -41.03 20.39 -58.88
N LYS F 317 -41.59 19.96 -57.73
CA LYS F 317 -42.28 20.81 -56.75
C LYS F 317 -41.32 21.18 -55.62
N VAL F 318 -40.93 22.45 -55.55
CA VAL F 318 -40.18 22.99 -54.43
C VAL F 318 -41.12 23.81 -53.56
N ALA F 319 -40.68 24.10 -52.35
CA ALA F 319 -41.38 24.99 -51.46
C ALA F 319 -40.51 26.22 -51.22
N ARG F 320 -41.17 27.34 -50.90
CA ARG F 320 -40.49 28.61 -50.75
C ARG F 320 -41.37 29.46 -49.85
N PRO F 321 -40.79 30.08 -48.83
CA PRO F 321 -41.58 30.95 -47.96
C PRO F 321 -42.18 32.12 -48.72
N SER F 322 -43.43 32.42 -48.39
CA SER F 322 -44.17 33.53 -48.97
C SER F 322 -43.99 34.80 -48.15
N ARG F 323 -44.26 35.93 -48.79
CA ARG F 323 -44.20 37.24 -48.14
C ARG F 323 -45.46 37.59 -47.36
N ASP F 324 -46.28 36.60 -46.99
CA ASP F 324 -47.55 36.84 -46.30
C ASP F 324 -47.65 36.15 -44.94
N GLY F 325 -46.57 35.52 -44.47
CA GLY F 325 -46.62 34.71 -43.26
C GLY F 325 -46.97 33.25 -43.47
N GLY F 326 -46.73 32.71 -44.67
CA GLY F 326 -47.05 31.32 -44.96
C GLY F 326 -46.03 30.65 -45.86
N CYS F 327 -46.49 29.99 -46.92
CA CYS F 327 -45.58 29.19 -47.72
C CYS F 327 -46.20 28.88 -49.07
N VAL F 328 -45.45 29.14 -50.13
CA VAL F 328 -45.89 28.82 -51.47
C VAL F 328 -45.02 27.69 -52.04
N MET F 329 -45.57 26.98 -53.02
CA MET F 329 -44.99 25.76 -53.58
C MET F 329 -44.73 25.99 -55.08
N ASP F 330 -43.47 26.11 -55.46
CA ASP F 330 -43.12 26.37 -56.87
C ASP F 330 -43.07 25.10 -57.70
N VAL F 331 -43.60 25.17 -58.91
CA VAL F 331 -43.50 24.09 -59.88
C VAL F 331 -42.44 24.48 -60.90
N ILE F 332 -41.32 23.75 -60.96
CA ILE F 332 -40.22 24.06 -61.87
C ILE F 332 -39.81 22.82 -62.66
N THR F 333 -39.15 23.07 -63.81
CA THR F 333 -38.64 22.00 -64.67
C THR F 333 -37.17 22.20 -64.99
N ARG F 334 -36.57 21.14 -65.54
CA ARG F 334 -35.17 21.11 -65.98
C ARG F 334 -34.91 19.76 -66.62
N ARG F 335 -33.78 19.67 -67.33
CA ARG F 335 -33.48 18.51 -68.15
C ARG F 335 -32.55 17.52 -67.45
N ASP F 336 -31.33 17.96 -67.06
CA ASP F 336 -30.29 17.05 -66.58
C ASP F 336 -30.40 16.84 -65.07
N GLN F 337 -29.34 16.29 -64.47
CA GLN F 337 -29.24 15.91 -63.06
C GLN F 337 -30.05 14.66 -62.75
N ARG F 338 -29.87 14.10 -61.56
CA ARG F 338 -30.64 12.93 -61.15
C ARG F 338 -31.55 13.24 -59.97
N GLY F 339 -32.82 12.87 -60.09
CA GLY F 339 -33.68 12.85 -58.92
C GLY F 339 -33.11 11.85 -57.93
N SER F 340 -32.86 12.25 -56.69
CA SER F 340 -32.25 11.31 -55.77
C SER F 340 -33.20 10.19 -55.36
N GLY F 341 -34.52 10.39 -55.49
CA GLY F 341 -35.46 9.39 -55.03
C GLY F 341 -35.89 8.37 -56.05
N GLN F 342 -35.49 8.55 -57.31
CA GLN F 342 -35.88 7.63 -58.37
C GLN F 342 -35.60 6.20 -57.96
N VAL F 343 -36.48 5.29 -58.38
CA VAL F 343 -36.38 3.88 -58.04
C VAL F 343 -35.03 3.29 -58.43
N VAL F 344 -34.32 3.91 -59.35
CA VAL F 344 -33.09 3.31 -59.87
C VAL F 344 -31.90 4.27 -59.78
N THR F 345 -31.94 5.26 -58.89
CA THR F 345 -30.77 6.12 -58.71
C THR F 345 -29.54 5.30 -58.38
N TYR F 346 -29.64 4.41 -57.41
CA TYR F 346 -28.43 3.68 -57.02
C TYR F 346 -27.85 2.92 -58.20
N ALA F 347 -28.69 2.21 -58.97
CA ALA F 347 -28.15 1.38 -60.05
C ALA F 347 -27.61 2.22 -61.19
N LEU F 348 -28.32 3.29 -61.53
CA LEU F 348 -27.86 4.16 -62.61
C LEU F 348 -26.65 4.97 -62.18
N ASN F 349 -26.69 5.57 -61.00
CA ASN F 349 -25.49 6.28 -60.58
C ASN F 349 -24.34 5.27 -60.41
N THR F 350 -24.61 4.00 -60.16
CA THR F 350 -23.52 3.02 -60.05
C THR F 350 -22.93 2.68 -61.41
N LEU F 351 -23.75 2.10 -62.30
CA LEU F 351 -23.34 1.83 -63.68
C LEU F 351 -22.57 2.98 -64.32
N THR F 352 -23.11 4.20 -64.29
CA THR F 352 -22.39 5.23 -65.02
C THR F 352 -21.19 5.77 -64.26
N ASN F 353 -21.06 5.49 -62.98
CA ASN F 353 -19.79 5.88 -62.36
C ASN F 353 -18.74 4.81 -62.62
N ILE F 354 -19.15 3.55 -62.77
CA ILE F 354 -18.27 2.54 -63.35
C ILE F 354 -17.70 3.07 -64.66
N LYS F 355 -18.53 3.72 -65.48
CA LYS F 355 -18.06 4.13 -66.78
C LYS F 355 -17.07 5.29 -66.66
N VAL F 356 -17.36 6.29 -65.82
CA VAL F 356 -16.41 7.38 -65.56
C VAL F 356 -15.05 6.83 -65.18
N GLN F 357 -15.03 5.83 -64.31
CA GLN F 357 -13.73 5.41 -63.80
C GLN F 357 -13.00 4.52 -64.81
N LEU F 358 -13.76 3.71 -65.53
CA LEU F 358 -13.21 2.99 -66.66
C LEU F 358 -12.57 3.97 -67.64
N ILE F 359 -13.27 5.07 -67.95
CA ILE F 359 -12.69 6.13 -68.77
C ILE F 359 -11.45 6.70 -68.10
N ARG F 360 -11.56 7.09 -66.84
CA ARG F 360 -10.41 7.76 -66.24
C ARG F 360 -9.20 6.85 -66.21
N MET F 361 -9.40 5.55 -66.01
CA MET F 361 -8.31 4.58 -66.16
C MET F 361 -7.66 4.73 -67.53
N MET F 362 -8.49 4.75 -68.58
CA MET F 362 -8.00 4.80 -69.95
C MET F 362 -7.09 6.01 -70.17
N GLU F 363 -7.48 7.18 -69.67
CA GLU F 363 -6.64 8.35 -69.88
C GLU F 363 -5.27 8.15 -69.24
N GLY F 364 -5.24 7.73 -67.99
CA GLY F 364 -3.97 7.57 -67.33
C GLY F 364 -3.13 6.48 -67.98
N GLU F 365 -3.79 5.50 -68.59
CA GLU F 365 -3.01 4.44 -69.21
C GLU F 365 -2.43 4.81 -70.56
N GLY F 366 -2.75 5.99 -71.10
CA GLY F 366 -2.36 6.32 -72.43
C GLY F 366 -3.33 5.92 -73.51
N VAL F 367 -4.45 5.26 -73.19
CA VAL F 367 -5.37 4.89 -74.26
C VAL F 367 -5.94 6.14 -74.91
N ILE F 368 -6.33 7.15 -74.11
CA ILE F 368 -6.83 8.40 -74.66
C ILE F 368 -6.06 9.61 -74.11
N GLU F 369 -6.05 10.69 -74.89
CA GLU F 369 -5.48 11.97 -74.50
C GLU F 369 -6.53 13.06 -74.62
N ALA F 370 -6.13 14.28 -74.31
CA ALA F 370 -7.06 15.40 -74.46
C ALA F 370 -7.48 15.57 -75.89
N SER F 371 -6.58 15.25 -76.83
CA SER F 371 -6.86 15.30 -78.26
C SER F 371 -8.12 14.53 -78.60
N ASP F 372 -8.45 13.52 -77.81
CA ASP F 372 -9.54 12.66 -78.20
C ASP F 372 -10.88 13.33 -77.93
N ALA F 373 -10.90 14.45 -77.17
CA ALA F 373 -12.12 15.20 -76.92
C ALA F 373 -12.73 15.70 -78.22
N HIS F 374 -11.86 15.99 -79.20
CA HIS F 374 -12.22 16.43 -80.55
C HIS F 374 -12.23 15.27 -81.53
N ASN F 375 -11.07 14.66 -81.75
CA ASN F 375 -10.93 13.53 -82.65
C ASN F 375 -10.82 12.21 -81.91
N PRO F 376 -11.93 11.56 -81.59
CA PRO F 376 -11.86 10.38 -80.71
C PRO F 376 -11.30 9.16 -81.41
N ARG F 377 -10.35 8.49 -80.75
CA ARG F 377 -9.71 7.34 -81.35
C ARG F 377 -10.44 6.07 -80.91
N LEU F 378 -11.71 6.00 -81.32
CA LEU F 378 -12.61 4.96 -80.85
C LEU F 378 -12.03 3.56 -80.92
N LEU F 379 -11.35 3.18 -82.01
CA LEU F 379 -10.83 1.80 -82.08
C LEU F 379 -9.78 1.53 -81.02
N ARG F 380 -9.13 2.58 -80.55
CA ARG F 380 -8.18 2.46 -79.47
C ARG F 380 -8.91 2.12 -78.16
N VAL F 381 -10.04 2.77 -77.89
CA VAL F 381 -10.80 2.43 -76.69
C VAL F 381 -11.52 1.10 -76.89
N GLU F 382 -11.99 0.81 -78.11
CA GLU F 382 -12.63 -0.47 -78.28
C GLU F 382 -11.62 -1.60 -78.10
N ARG F 383 -10.37 -1.35 -78.46
CA ARG F 383 -9.38 -2.39 -78.30
C ARG F 383 -9.15 -2.65 -76.84
N TRP F 384 -9.11 -1.55 -76.07
CA TRP F 384 -8.85 -1.64 -74.64
C TRP F 384 -9.96 -2.38 -73.93
N LEU F 385 -11.22 -2.05 -74.24
CA LEU F 385 -12.29 -2.80 -73.63
C LEU F 385 -12.17 -4.28 -73.97
N ARG F 386 -11.82 -4.57 -75.22
CA ARG F 386 -11.79 -5.96 -75.66
C ARG F 386 -10.67 -6.72 -74.97
N ASP F 387 -9.47 -6.14 -74.96
CA ASP F 387 -8.31 -6.84 -74.42
C ASP F 387 -8.21 -6.75 -72.90
N HIS F 388 -8.92 -5.80 -72.27
CA HIS F 388 -8.66 -5.45 -70.88
C HIS F 388 -9.92 -5.20 -70.04
N GLY F 389 -11.08 -4.99 -70.65
CA GLY F 389 -12.26 -4.62 -69.89
C GLY F 389 -12.49 -5.43 -68.64
N GLU F 390 -12.70 -6.76 -68.81
CA GLU F 390 -13.03 -7.60 -67.68
C GLU F 390 -11.96 -7.56 -66.60
N GLU F 391 -10.68 -7.45 -66.99
CA GLU F 391 -9.67 -7.28 -65.94
C GLU F 391 -9.86 -5.95 -65.23
N ARG F 392 -9.94 -4.85 -65.97
CA ARG F 392 -10.04 -3.56 -65.27
C ARG F 392 -11.32 -3.47 -64.44
N LEU F 393 -12.35 -4.23 -64.80
CA LEU F 393 -13.57 -4.13 -64.02
C LEU F 393 -13.34 -4.61 -62.58
N GLY F 394 -12.46 -5.58 -62.41
CA GLY F 394 -12.20 -6.09 -61.07
C GLY F 394 -11.21 -5.29 -60.27
N ARG F 395 -10.69 -4.22 -60.81
CA ARG F 395 -9.70 -3.39 -60.15
C ARG F 395 -10.33 -2.30 -59.32
N MET F 396 -11.64 -2.33 -59.13
CA MET F 396 -12.32 -1.17 -58.56
C MET F 396 -13.59 -1.63 -57.87
N LEU F 397 -14.00 -0.89 -56.84
CA LEU F 397 -15.25 -1.16 -56.11
C LEU F 397 -16.11 0.07 -56.30
N VAL F 398 -17.31 -0.10 -56.84
CA VAL F 398 -18.15 1.06 -57.16
C VAL F 398 -19.52 0.84 -56.55
N SER F 399 -19.86 1.68 -55.57
CA SER F 399 -21.19 1.78 -54.99
C SER F 399 -21.71 3.17 -55.28
N GLY F 400 -22.77 3.24 -56.07
CA GLY F 400 -23.30 4.52 -56.47
C GLY F 400 -22.22 5.48 -56.91
N ASP F 401 -22.07 6.61 -56.22
CA ASP F 401 -21.13 7.64 -56.60
C ASP F 401 -19.82 7.52 -55.84
N ASP F 402 -19.61 6.42 -55.12
CA ASP F 402 -18.39 6.23 -54.38
C ASP F 402 -17.61 5.09 -55.03
N CYS F 403 -16.29 5.23 -55.09
CA CYS F 403 -15.46 4.20 -55.68
C CYS F 403 -14.16 4.04 -54.90
N VAL F 404 -13.49 2.93 -55.21
CA VAL F 404 -12.09 2.66 -54.90
C VAL F 404 -11.49 2.10 -56.18
N VAL F 405 -10.47 2.74 -56.70
CA VAL F 405 -9.79 2.27 -57.91
C VAL F 405 -8.38 1.85 -57.59
N ARG F 406 -8.01 0.65 -58.06
CA ARG F 406 -6.62 0.22 -58.06
C ARG F 406 -6.08 0.18 -59.49
N PRO F 407 -5.60 1.32 -60.01
CA PRO F 407 -5.17 1.38 -61.41
C PRO F 407 -3.87 0.61 -61.61
N VAL F 408 -3.53 0.40 -62.90
CA VAL F 408 -2.38 -0.44 -63.19
C VAL F 408 -1.07 0.24 -62.85
N ASP F 409 -1.10 1.53 -62.55
CA ASP F 409 0.09 2.24 -62.10
C ASP F 409 -0.30 3.66 -61.76
N ASP F 410 0.64 4.44 -61.24
CA ASP F 410 0.24 5.68 -60.60
C ASP F 410 0.03 6.83 -61.58
N ARG F 411 -0.01 6.56 -62.88
CA ARG F 411 -0.33 7.64 -63.81
C ARG F 411 -1.75 8.12 -63.59
N PHE F 412 -2.59 7.26 -62.99
CA PHE F 412 -3.97 7.60 -62.72
C PHE F 412 -4.11 8.88 -61.90
N SER F 413 -3.08 9.26 -61.15
CA SER F 413 -3.30 10.39 -60.26
C SER F 413 -3.39 11.68 -61.03
N ARG F 414 -2.80 11.74 -62.24
CA ARG F 414 -2.78 12.96 -63.05
C ARG F 414 -3.86 12.96 -64.13
N ALA F 415 -4.51 11.82 -64.35
CA ALA F 415 -5.53 11.69 -65.39
C ALA F 415 -6.80 12.49 -65.12
N LEU F 416 -6.76 13.82 -65.21
CA LEU F 416 -7.91 14.61 -64.76
C LEU F 416 -8.74 15.25 -65.87
N TYR F 417 -8.22 15.32 -67.09
CA TYR F 417 -9.04 15.63 -68.26
C TYR F 417 -10.10 14.56 -68.41
N PHE F 418 -11.25 14.90 -68.96
CA PHE F 418 -12.32 13.88 -69.11
C PHE F 418 -13.00 13.58 -67.79
N LEU F 419 -12.24 13.25 -66.76
CA LEU F 419 -12.83 13.37 -65.45
C LEU F 419 -13.39 14.76 -65.27
N ASN F 420 -12.58 15.80 -65.55
CA ASN F 420 -13.13 17.15 -65.48
C ASN F 420 -14.06 17.46 -66.65
N ASP F 421 -13.77 16.96 -67.85
CA ASP F 421 -14.66 17.32 -68.94
C ASP F 421 -16.04 16.71 -68.74
N MET F 422 -16.11 15.55 -68.09
CA MET F 422 -17.40 14.94 -67.83
C MET F 422 -18.14 15.56 -66.66
N ALA F 423 -17.56 16.58 -66.02
CA ALA F 423 -18.13 17.43 -64.99
C ALA F 423 -17.95 16.78 -63.62
N LYS F 424 -17.35 15.59 -63.56
CA LYS F 424 -17.21 14.88 -62.30
C LYS F 424 -16.04 15.48 -61.50
N THR F 425 -16.26 16.71 -61.04
CA THR F 425 -15.27 17.40 -60.23
C THR F 425 -15.01 16.67 -58.92
N ARG F 426 -13.74 16.68 -58.50
CA ARG F 426 -13.34 16.00 -57.28
C ARG F 426 -13.53 16.92 -56.08
N LYS F 427 -14.09 16.39 -54.98
CA LYS F 427 -14.29 17.19 -53.76
C LYS F 427 -12.96 17.47 -53.08
N ASP F 428 -12.81 18.71 -52.60
CA ASP F 428 -11.69 19.13 -51.77
C ASP F 428 -10.34 18.89 -52.45
N ILE F 429 -10.21 19.44 -53.65
CA ILE F 429 -8.94 19.44 -54.38
C ILE F 429 -9.01 20.36 -55.60
N GLY F 430 -7.90 21.00 -55.94
CA GLY F 430 -7.86 21.82 -57.12
C GLY F 430 -8.19 21.03 -58.38
N GLU F 431 -8.84 21.70 -59.32
CA GLU F 431 -9.38 21.01 -60.49
C GLU F 431 -8.31 20.22 -61.22
N TRP F 432 -7.09 20.73 -61.28
CA TRP F 432 -6.03 20.07 -62.02
C TRP F 432 -4.95 19.55 -61.08
N GLU F 433 -5.22 19.55 -59.78
CA GLU F 433 -4.26 19.08 -58.81
C GLU F 433 -4.25 17.56 -58.78
N HIS F 434 -3.07 16.97 -58.71
CA HIS F 434 -3.00 15.51 -58.75
C HIS F 434 -3.81 14.88 -57.62
N SER F 435 -4.51 13.78 -57.91
CA SER F 435 -5.16 13.02 -56.84
C SER F 435 -4.12 12.39 -55.93
N VAL F 436 -4.53 12.16 -54.70
CA VAL F 436 -3.65 11.63 -53.67
C VAL F 436 -4.12 10.23 -53.27
N GLY F 437 -3.21 9.26 -53.34
CA GLY F 437 -3.55 7.86 -53.24
C GLY F 437 -3.04 7.26 -51.94
N PHE F 438 -3.33 5.98 -51.77
CA PHE F 438 -2.96 5.26 -50.55
C PHE F 438 -2.27 3.94 -50.86
N SER F 439 -1.09 3.74 -50.28
CA SER F 439 -0.41 2.45 -50.38
C SER F 439 -1.03 1.36 -49.50
N ASN F 440 -1.80 1.75 -48.50
CA ASN F 440 -2.25 0.85 -47.45
C ASN F 440 -3.75 0.63 -47.54
N TRP F 441 -4.17 -0.58 -47.88
CA TRP F 441 -5.60 -0.80 -48.08
C TRP F 441 -6.41 -0.44 -46.84
N GLU F 442 -5.82 -0.61 -45.65
CA GLU F 442 -6.53 -0.29 -44.43
C GLU F 442 -6.75 1.21 -44.25
N GLU F 443 -6.11 2.06 -45.05
CA GLU F 443 -6.29 3.49 -44.95
C GLU F 443 -7.22 4.06 -46.01
N VAL F 444 -7.76 3.21 -46.86
CA VAL F 444 -8.64 3.64 -47.93
C VAL F 444 -10.07 3.82 -47.44
N PRO F 445 -10.71 4.95 -47.72
CA PRO F 445 -12.13 5.14 -47.37
C PRO F 445 -13.09 4.64 -48.43
N PHE F 446 -14.15 3.98 -47.94
CA PHE F 446 -15.22 3.47 -48.79
C PHE F 446 -16.51 3.46 -47.99
N CYS F 447 -17.57 4.03 -48.55
CA CYS F 447 -18.87 4.01 -47.91
C CYS F 447 -18.82 4.52 -46.46
N SER F 448 -18.06 5.60 -46.24
CA SER F 448 -17.92 6.25 -44.94
C SER F 448 -17.15 5.42 -43.94
N HIS F 449 -16.39 4.43 -44.37
CA HIS F 449 -15.70 3.56 -43.44
C HIS F 449 -14.26 3.37 -43.86
N HIS F 450 -13.40 3.10 -42.89
CA HIS F 450 -12.16 2.42 -43.14
C HIS F 450 -12.36 0.95 -42.79
N PHE F 451 -11.40 0.11 -43.12
CA PHE F 451 -11.55 -1.31 -42.81
C PHE F 451 -10.24 -1.82 -42.25
N HIS F 452 -10.30 -2.46 -41.10
CA HIS F 452 -9.10 -2.94 -40.43
C HIS F 452 -9.21 -4.45 -40.28
N GLU F 453 -8.05 -5.09 -40.20
CA GLU F 453 -8.00 -6.52 -40.04
C GLU F 453 -7.74 -6.85 -38.58
N LEU F 454 -8.59 -7.69 -38.00
CA LEU F 454 -8.52 -8.17 -36.62
C LEU F 454 -8.31 -9.67 -36.59
N VAL F 455 -7.36 -10.14 -35.78
CA VAL F 455 -7.24 -11.57 -35.49
C VAL F 455 -7.88 -11.89 -34.14
N MET F 456 -8.66 -12.97 -34.10
CA MET F 456 -9.28 -13.35 -32.86
C MET F 456 -8.33 -14.20 -31.99
N LYS F 457 -8.80 -14.53 -30.78
CA LYS F 457 -8.05 -15.38 -29.86
C LYS F 457 -7.83 -16.77 -30.45
N ASP F 458 -8.78 -17.27 -31.22
CA ASP F 458 -8.64 -18.59 -31.84
C ASP F 458 -7.95 -18.52 -33.18
N GLY F 459 -7.28 -17.42 -33.51
CA GLY F 459 -6.47 -17.35 -34.70
C GLY F 459 -7.17 -17.01 -36.00
N ARG F 460 -8.50 -16.97 -35.99
CA ARG F 460 -9.26 -16.64 -37.18
C ARG F 460 -9.29 -15.13 -37.36
N ALA F 461 -9.33 -14.68 -38.60
CA ALA F 461 -9.23 -13.25 -38.85
C ALA F 461 -10.53 -12.66 -39.40
N LEU F 462 -10.78 -11.41 -39.03
CA LEU F 462 -11.93 -10.65 -39.47
C LEU F 462 -11.46 -9.33 -40.06
N ILE F 463 -12.27 -8.75 -40.93
CA ILE F 463 -11.98 -7.42 -41.45
C ILE F 463 -13.19 -6.56 -41.08
N VAL F 464 -13.03 -5.68 -40.11
CA VAL F 464 -14.19 -5.04 -39.53
C VAL F 464 -14.30 -3.62 -40.06
N PRO F 465 -15.50 -3.09 -40.24
CA PRO F 465 -15.64 -1.71 -40.68
C PRO F 465 -15.49 -0.78 -39.51
N CYS F 466 -14.96 0.40 -39.79
CA CYS F 466 -14.70 1.40 -38.79
C CYS F 466 -15.16 2.77 -39.27
N ARG F 467 -15.56 3.60 -38.33
CA ARG F 467 -16.07 4.93 -38.63
C ARG F 467 -15.86 5.74 -37.37
N ASP F 468 -15.78 7.05 -37.53
CA ASP F 468 -15.52 7.92 -36.40
C ASP F 468 -16.59 7.78 -35.33
N GLN F 469 -16.17 7.38 -34.15
CA GLN F 469 -17.06 7.18 -33.02
C GLN F 469 -18.00 8.36 -32.84
N ASP F 470 -17.45 9.57 -32.82
CA ASP F 470 -18.26 10.74 -32.51
C ASP F 470 -19.34 10.96 -33.57
N GLU F 471 -18.99 10.74 -34.85
CA GLU F 471 -20.01 10.81 -35.89
C GLU F 471 -21.03 9.69 -35.73
N LEU F 472 -20.56 8.51 -35.34
CA LEU F 472 -21.43 7.37 -35.09
C LEU F 472 -22.42 7.65 -33.98
N VAL F 473 -21.94 8.17 -32.85
CA VAL F 473 -22.81 8.45 -31.69
C VAL F 473 -23.71 9.65 -31.97
N GLY F 474 -23.11 10.72 -32.51
CA GLY F 474 -23.86 11.94 -32.81
C GLY F 474 -25.11 11.69 -33.62
N ARG F 475 -25.03 10.81 -34.60
CA ARG F 475 -26.25 10.53 -35.35
C ARG F 475 -27.26 9.80 -34.48
N ALA F 476 -26.79 8.93 -33.58
CA ALA F 476 -27.71 8.22 -32.71
C ALA F 476 -28.36 9.17 -31.72
N ARG F 477 -27.59 10.11 -31.22
CA ARG F 477 -28.01 11.05 -30.22
C ARG F 477 -28.98 12.15 -30.79
N VAL F 478 -29.57 11.94 -31.98
CA VAL F 478 -30.51 12.90 -32.55
C VAL F 478 -31.79 12.17 -32.94
N SER F 479 -32.90 12.89 -32.84
CA SER F 479 -34.19 12.24 -32.92
C SER F 479 -35.04 12.84 -34.03
N PRO F 480 -35.81 12.01 -34.71
CA PRO F 480 -36.72 12.51 -35.77
C PRO F 480 -37.71 13.60 -35.36
N GLY F 481 -38.09 13.73 -34.09
CA GLY F 481 -38.90 14.88 -33.72
C GLY F 481 -39.56 14.73 -32.38
N CYS F 482 -40.20 15.82 -31.96
CA CYS F 482 -41.03 15.85 -30.76
C CYS F 482 -42.36 15.16 -31.04
N GLY F 483 -43.32 15.32 -30.13
CA GLY F 483 -44.51 14.48 -30.17
C GLY F 483 -44.17 13.00 -30.12
N TRP F 484 -43.00 12.67 -29.57
CA TRP F 484 -42.49 11.31 -29.61
C TRP F 484 -42.43 10.74 -28.21
N SER F 485 -42.91 9.51 -28.05
CA SER F 485 -43.08 8.87 -26.76
C SER F 485 -41.74 8.55 -26.11
N VAL F 486 -41.80 8.05 -24.88
CA VAL F 486 -40.59 7.51 -24.28
C VAL F 486 -40.34 6.11 -24.78
N ARG F 487 -41.41 5.36 -25.08
CA ARG F 487 -41.21 4.02 -25.58
C ARG F 487 -40.63 4.03 -26.97
N GLU F 488 -41.11 4.93 -27.83
CA GLU F 488 -40.57 4.99 -29.18
C GLU F 488 -39.13 5.47 -29.17
N THR F 489 -38.79 6.47 -28.33
CA THR F 489 -37.41 6.93 -28.29
C THR F 489 -36.50 5.88 -27.68
N ALA F 490 -37.01 5.03 -26.81
CA ALA F 490 -36.23 3.90 -26.35
C ALA F 490 -35.95 2.95 -27.48
N CYS F 491 -37.02 2.56 -28.20
CA CYS F 491 -36.91 1.60 -29.28
C CYS F 491 -35.89 2.03 -30.31
N LEU F 492 -35.86 3.32 -30.64
CA LEU F 492 -34.87 3.80 -31.59
C LEU F 492 -33.47 3.59 -31.03
N SER F 493 -33.30 3.85 -29.74
CA SER F 493 -31.97 3.73 -29.20
C SER F 493 -31.49 2.30 -29.22
N LYS F 494 -32.40 1.34 -29.03
CA LYS F 494 -32.04 -0.06 -29.17
C LYS F 494 -31.47 -0.35 -30.56
N ALA F 495 -32.18 0.10 -31.60
CA ALA F 495 -31.72 -0.09 -32.96
C ALA F 495 -30.29 0.43 -33.17
N TYR F 496 -29.98 1.63 -32.67
CA TYR F 496 -28.62 2.10 -32.78
C TYR F 496 -27.66 1.19 -32.03
N GLY F 497 -27.93 0.94 -30.76
CA GLY F 497 -27.00 0.16 -29.95
C GLY F 497 -26.80 -1.24 -30.50
N GLN F 498 -27.87 -1.86 -30.96
CA GLN F 498 -27.73 -3.20 -31.49
C GLN F 498 -26.95 -3.19 -32.79
N MET F 499 -27.05 -2.11 -33.56
CA MET F 499 -26.26 -2.05 -34.79
C MET F 499 -24.77 -1.89 -34.45
N TRP F 500 -24.46 -1.01 -33.50
CA TRP F 500 -23.08 -0.86 -33.09
C TRP F 500 -22.48 -2.18 -32.67
N LEU F 501 -23.29 -3.03 -31.99
CA LEU F 501 -22.80 -4.33 -31.55
C LEU F 501 -22.45 -5.23 -32.72
N LEU F 502 -23.22 -5.12 -33.83
CA LEU F 502 -22.91 -5.90 -35.03
C LEU F 502 -21.65 -5.46 -35.73
N SER F 503 -21.40 -4.15 -35.81
CA SER F 503 -20.40 -3.65 -36.74
C SER F 503 -19.29 -2.86 -36.10
N TYR F 504 -19.47 -2.36 -34.89
CA TYR F 504 -18.43 -1.58 -34.25
C TYR F 504 -18.09 -2.13 -32.87
N PHE F 505 -18.48 -3.39 -32.62
CA PHE F 505 -18.08 -4.11 -31.43
C PHE F 505 -16.60 -4.00 -31.14
N HIS F 506 -15.77 -3.73 -32.15
CA HIS F 506 -14.33 -3.70 -31.95
C HIS F 506 -13.87 -2.39 -31.30
N ARG F 507 -14.78 -1.44 -31.13
CA ARG F 507 -14.50 -0.20 -30.44
C ARG F 507 -14.89 -0.34 -28.97
N ARG F 508 -13.96 -0.02 -28.07
CA ARG F 508 -14.25 -0.22 -26.65
C ARG F 508 -15.48 0.57 -26.22
N ASP F 509 -15.51 1.87 -26.51
CA ASP F 509 -16.60 2.67 -26.00
C ASP F 509 -17.92 2.24 -26.62
N LEU F 510 -17.93 1.93 -27.91
CA LEU F 510 -19.19 1.60 -28.57
C LEU F 510 -19.74 0.29 -28.03
N ARG F 511 -18.85 -0.69 -27.79
CA ARG F 511 -19.24 -1.94 -27.16
C ARG F 511 -19.91 -1.71 -25.83
N THR F 512 -19.31 -0.84 -25.03
CA THR F 512 -19.87 -0.49 -23.74
C THR F 512 -21.22 0.19 -23.92
N LEU F 513 -21.23 1.28 -24.67
CA LEU F 513 -22.48 2.03 -24.81
C LEU F 513 -23.56 1.19 -25.47
N GLY F 514 -23.17 0.28 -26.36
CA GLY F 514 -24.18 -0.56 -27.01
C GLY F 514 -24.81 -1.53 -26.03
N LEU F 515 -23.98 -2.17 -25.21
CA LEU F 515 -24.51 -3.09 -24.21
C LEU F 515 -25.35 -2.35 -23.19
N ALA F 516 -24.90 -1.17 -22.75
CA ALA F 516 -25.66 -0.38 -21.79
C ALA F 516 -27.03 -0.03 -22.31
N ILE F 517 -27.12 0.39 -23.56
CA ILE F 517 -28.42 0.66 -24.17
C ILE F 517 -29.28 -0.60 -24.09
N CYS F 518 -28.70 -1.72 -24.50
CA CYS F 518 -29.42 -2.97 -24.48
C CYS F 518 -29.81 -3.37 -23.08
N SER F 519 -29.13 -2.86 -22.07
CA SER F 519 -29.48 -3.17 -20.69
C SER F 519 -30.54 -2.26 -20.14
N ALA F 520 -30.70 -1.06 -20.71
CA ALA F 520 -31.68 -0.07 -20.30
C ALA F 520 -33.02 -0.18 -21.02
N VAL F 521 -33.13 -0.96 -22.08
CA VAL F 521 -34.35 -1.00 -22.89
C VAL F 521 -34.96 -2.39 -22.75
N PRO F 522 -36.27 -2.48 -22.48
CA PRO F 522 -36.95 -3.77 -22.38
C PRO F 522 -36.55 -4.79 -23.43
N ILE F 523 -36.52 -6.04 -23.00
CA ILE F 523 -36.23 -7.15 -23.88
C ILE F 523 -37.37 -7.47 -24.84
N ASP F 524 -38.60 -7.11 -24.53
CA ASP F 524 -39.72 -7.34 -25.43
C ASP F 524 -39.83 -6.28 -26.51
N TRP F 525 -39.16 -5.14 -26.34
CA TRP F 525 -39.37 -4.02 -27.23
C TRP F 525 -38.57 -4.24 -28.50
N VAL F 526 -39.29 -4.42 -29.59
CA VAL F 526 -38.64 -4.57 -30.89
C VAL F 526 -38.08 -3.21 -31.32
N PRO F 527 -36.86 -3.16 -31.84
CA PRO F 527 -36.33 -1.89 -32.38
C PRO F 527 -37.14 -1.36 -33.58
N THR F 528 -37.09 -0.03 -33.77
CA THR F 528 -37.75 0.65 -34.89
C THR F 528 -36.86 1.78 -35.43
N GLY F 529 -37.23 2.29 -36.60
CA GLY F 529 -36.54 3.44 -37.16
C GLY F 529 -35.35 3.08 -38.04
N ARG F 530 -34.73 4.11 -38.60
CA ARG F 530 -33.59 3.96 -39.49
C ARG F 530 -32.33 4.40 -38.76
N THR F 531 -31.35 3.50 -38.68
CA THR F 531 -30.07 3.80 -38.05
C THR F 531 -29.02 4.28 -39.04
N THR F 532 -29.20 3.99 -40.34
CA THR F 532 -28.33 4.48 -41.40
C THR F 532 -29.08 4.36 -42.71
N TRP F 533 -28.57 5.05 -43.73
CA TRP F 533 -29.16 4.99 -45.06
C TRP F 533 -28.38 4.08 -46.01
N SER F 534 -27.18 3.61 -45.61
CA SER F 534 -26.28 2.87 -46.50
C SER F 534 -27.00 1.73 -47.20
N ILE F 535 -26.58 1.47 -48.43
CA ILE F 535 -27.18 0.41 -49.22
C ILE F 535 -26.43 -0.85 -48.84
N HIS F 536 -25.59 -0.75 -47.80
CA HIS F 536 -24.87 -1.93 -47.29
C HIS F 536 -25.22 -2.30 -45.86
N ALA F 537 -26.18 -1.60 -45.25
CA ALA F 537 -26.66 -1.96 -43.92
C ALA F 537 -27.42 -3.28 -43.98
N SER F 538 -26.88 -4.32 -43.34
CA SER F 538 -27.59 -5.61 -43.26
C SER F 538 -29.03 -5.45 -42.79
N GLY F 539 -29.30 -4.42 -41.98
CA GLY F 539 -30.54 -4.31 -41.24
C GLY F 539 -30.72 -5.34 -40.14
N ALA F 540 -29.75 -6.27 -40.01
CA ALA F 540 -29.84 -7.50 -39.22
C ALA F 540 -30.05 -7.25 -37.74
N TRP F 541 -29.85 -6.00 -37.28
CA TRP F 541 -29.87 -5.68 -35.88
C TRP F 541 -31.26 -5.34 -35.36
N MET F 542 -32.21 -5.03 -36.23
CA MET F 542 -33.55 -4.70 -35.75
C MET F 542 -34.33 -5.98 -35.42
N THR F 543 -33.75 -6.80 -34.57
CA THR F 543 -34.37 -8.02 -34.12
C THR F 543 -34.50 -7.93 -32.61
N THR F 544 -35.18 -8.90 -32.04
CA THR F 544 -35.07 -9.08 -30.60
C THR F 544 -34.52 -10.46 -30.30
N GLU F 545 -33.70 -10.96 -31.22
CA GLU F 545 -32.88 -12.14 -31.03
C GLU F 545 -31.66 -11.75 -30.20
N ASP F 546 -31.00 -12.75 -29.62
CA ASP F 546 -29.75 -12.47 -28.91
C ASP F 546 -28.74 -11.81 -29.86
N MET F 547 -28.08 -10.72 -29.43
CA MET F 547 -27.19 -10.07 -30.37
C MET F 547 -25.94 -10.91 -30.67
N LEU F 548 -25.36 -11.57 -29.67
CA LEU F 548 -24.36 -12.59 -29.98
C LEU F 548 -24.87 -13.61 -30.97
N ASP F 549 -26.13 -14.00 -30.85
CA ASP F 549 -26.62 -15.00 -31.78
C ASP F 549 -26.58 -14.49 -33.21
N VAL F 550 -26.90 -13.21 -33.43
CA VAL F 550 -26.84 -12.67 -34.79
C VAL F 550 -25.39 -12.43 -35.17
N TRP F 551 -24.58 -11.95 -34.22
CA TRP F 551 -23.17 -11.71 -34.49
C TRP F 551 -22.50 -12.97 -35.02
N ASN F 552 -22.71 -14.11 -34.36
CA ASN F 552 -22.13 -15.35 -34.88
C ASN F 552 -22.67 -15.69 -36.26
N ARG F 553 -23.92 -15.32 -36.53
CA ARG F 553 -24.49 -15.64 -37.83
C ARG F 553 -23.79 -14.85 -38.91
N VAL F 554 -23.76 -13.52 -38.76
CA VAL F 554 -23.24 -12.69 -39.82
C VAL F 554 -21.71 -12.73 -39.89
N TRP F 555 -21.01 -12.86 -38.76
CA TRP F 555 -19.56 -12.85 -38.84
C TRP F 555 -18.95 -14.22 -39.04
N ILE F 556 -19.71 -15.29 -38.90
CA ILE F 556 -19.08 -16.61 -38.95
C ILE F 556 -19.89 -17.57 -39.82
N LEU F 557 -21.15 -17.80 -39.48
CA LEU F 557 -21.91 -18.84 -40.16
C LEU F 557 -22.17 -18.48 -41.62
N ASP F 558 -22.75 -17.31 -41.87
CA ASP F 558 -23.03 -16.79 -43.21
C ASP F 558 -21.87 -16.00 -43.79
N ASN F 559 -20.74 -15.92 -43.12
CA ASN F 559 -19.61 -15.23 -43.71
C ASN F 559 -18.90 -16.15 -44.69
N PRO F 560 -18.94 -15.86 -45.99
CA PRO F 560 -18.27 -16.72 -46.96
C PRO F 560 -16.76 -16.71 -46.81
N PHE F 561 -16.20 -15.65 -46.24
CA PHE F 561 -14.78 -15.55 -45.98
C PHE F 561 -14.33 -16.28 -44.72
N MET F 562 -15.20 -17.06 -44.08
CA MET F 562 -14.88 -17.73 -42.83
C MET F 562 -14.86 -19.23 -43.07
N HIS F 563 -13.68 -19.83 -43.06
CA HIS F 563 -13.62 -21.26 -43.40
C HIS F 563 -14.13 -22.12 -42.25
N SER F 564 -13.64 -21.86 -41.04
CA SER F 564 -14.03 -22.59 -39.84
C SER F 564 -15.23 -21.94 -39.19
N LYS F 565 -16.27 -22.73 -38.92
CA LYS F 565 -17.50 -22.15 -38.39
C LYS F 565 -17.78 -22.47 -36.93
N GLU F 566 -16.74 -22.65 -36.12
CA GLU F 566 -16.95 -22.76 -34.69
C GLU F 566 -17.54 -21.45 -34.20
N LYS F 567 -18.67 -21.52 -33.49
CA LYS F 567 -19.35 -20.34 -32.98
C LYS F 567 -18.60 -19.78 -31.77
N ILE F 568 -18.71 -18.51 -31.58
CA ILE F 568 -18.07 -17.88 -30.43
C ILE F 568 -19.05 -17.73 -29.30
N VAL F 569 -18.59 -18.02 -28.09
CA VAL F 569 -19.52 -18.29 -27.00
C VAL F 569 -19.89 -17.06 -26.19
N GLU F 570 -19.03 -16.05 -26.14
CA GLU F 570 -19.30 -14.92 -25.27
C GLU F 570 -18.62 -13.66 -25.82
N TRP F 571 -19.26 -12.51 -25.57
CA TRP F 571 -18.68 -11.23 -26.01
C TRP F 571 -17.22 -11.11 -25.60
N ARG F 572 -16.84 -11.70 -24.47
CA ARG F 572 -15.47 -11.61 -23.98
C ARG F 572 -14.46 -12.11 -25.01
N ASP F 573 -14.92 -12.91 -25.97
CA ASP F 573 -14.07 -13.51 -27.00
C ASP F 573 -14.04 -12.73 -28.31
N VAL F 574 -14.94 -11.79 -28.49
CA VAL F 574 -14.96 -10.98 -29.70
C VAL F 574 -13.92 -9.88 -29.55
N PRO F 575 -13.04 -9.70 -30.52
CA PRO F 575 -11.85 -8.87 -30.28
C PRO F 575 -12.11 -7.37 -30.28
N TYR F 576 -11.03 -6.63 -30.13
CA TYR F 576 -11.03 -5.19 -30.06
C TYR F 576 -9.98 -4.68 -31.05
N LEU F 577 -10.20 -3.49 -31.61
CA LEU F 577 -9.13 -2.85 -32.35
C LEU F 577 -7.90 -2.82 -31.47
N PRO F 578 -6.69 -2.83 -32.02
CA PRO F 578 -5.53 -2.43 -31.22
C PRO F 578 -5.77 -1.11 -30.49
N LYS F 579 -5.53 -1.12 -29.16
CA LYS F 579 -5.77 0.04 -28.29
C LYS F 579 -5.54 1.40 -28.94
N SER F 580 -4.43 1.55 -29.66
CA SER F 580 -4.02 2.85 -30.18
C SER F 580 -4.89 3.29 -31.36
N HIS F 581 -5.26 2.35 -32.24
CA HIS F 581 -6.21 2.65 -33.29
C HIS F 581 -7.55 3.15 -32.72
N ASP F 582 -7.97 2.58 -31.58
CA ASP F 582 -9.24 2.96 -30.91
C ASP F 582 -9.22 4.41 -30.45
N MET F 583 -8.21 4.78 -29.66
CA MET F 583 -8.00 6.17 -29.24
C MET F 583 -7.65 7.10 -30.40
N LEU F 584 -7.02 6.59 -31.47
CA LEU F 584 -6.65 7.39 -32.65
C LEU F 584 -7.70 7.24 -33.74
N CYS F 585 -8.98 7.35 -33.39
CA CYS F 585 -10.09 7.15 -34.33
C CYS F 585 -11.31 7.72 -33.62
N SER F 586 -11.06 8.76 -32.81
CA SER F 586 -12.00 9.43 -31.91
C SER F 586 -12.63 8.46 -30.90
N LEU F 588 -12.46 7.75 -26.99
CA LEU F 588 -12.38 8.35 -25.65
C LEU F 588 -11.64 7.45 -24.63
N VAL F 589 -11.35 6.20 -24.99
CA VAL F 589 -10.75 5.23 -24.05
C VAL F 589 -9.48 5.77 -23.41
N ARG F 591 -8.42 9.03 -22.30
CA ARG F 591 -9.06 10.21 -21.73
C ARG F 591 -9.47 9.94 -20.29
N LYS F 592 -9.42 10.99 -19.46
CA LYS F 592 -9.80 10.85 -18.06
C LYS F 592 -11.31 10.68 -17.90
N GLU F 593 -12.08 11.27 -18.80
CA GLU F 593 -13.53 11.33 -18.64
C GLU F 593 -14.19 10.02 -19.05
N ARG F 594 -13.63 9.31 -20.02
CA ARG F 594 -14.15 7.98 -20.31
C ARG F 594 -13.70 6.95 -19.28
N ALA F 595 -13.19 7.38 -18.12
CA ALA F 595 -13.13 6.51 -16.95
C ALA F 595 -14.29 6.78 -16.02
N GLU F 596 -14.56 8.05 -15.73
CA GLU F 596 -15.73 8.41 -14.94
C GLU F 596 -17.01 7.90 -15.61
N TRP F 597 -17.14 8.12 -16.92
CA TRP F 597 -18.31 7.64 -17.66
C TRP F 597 -18.48 6.13 -17.51
N ALA F 598 -17.48 5.36 -17.96
CA ALA F 598 -17.58 3.91 -17.97
C ALA F 598 -17.77 3.35 -16.57
N LYS F 599 -17.09 3.94 -15.58
CA LYS F 599 -17.23 3.47 -14.21
C LYS F 599 -18.67 3.58 -13.76
N ASN F 600 -19.29 4.74 -13.94
CA ASN F 600 -20.62 5.02 -13.41
C ASN F 600 -21.73 4.86 -14.44
N ILE F 601 -21.52 4.06 -15.48
CA ILE F 601 -22.56 3.98 -16.49
C ILE F 601 -23.76 3.18 -16.00
N TRP F 602 -23.57 2.34 -14.98
CA TRP F 602 -24.71 1.60 -14.45
C TRP F 602 -25.74 2.54 -13.87
N GLY F 603 -25.30 3.63 -13.25
CA GLY F 603 -26.23 4.63 -12.80
C GLY F 603 -27.12 5.08 -13.93
N ALA F 604 -26.53 5.32 -15.10
CA ALA F 604 -27.30 5.76 -16.25
C ALA F 604 -28.35 4.73 -16.64
N VAL F 605 -27.94 3.47 -16.77
CA VAL F 605 -28.90 2.44 -17.15
C VAL F 605 -30.08 2.46 -16.20
N GLU F 606 -29.80 2.54 -14.89
CA GLU F 606 -30.85 2.47 -13.88
C GLU F 606 -31.85 3.61 -14.06
N LYS F 607 -31.34 4.83 -14.24
CA LYS F 607 -32.22 5.97 -14.52
C LYS F 607 -33.14 5.66 -15.69
N VAL F 608 -32.56 5.21 -16.81
CA VAL F 608 -33.35 4.97 -18.00
C VAL F 608 -34.42 3.93 -17.71
N ARG F 609 -34.06 2.87 -16.99
CA ARG F 609 -35.07 1.85 -16.69
C ARG F 609 -36.19 2.45 -15.85
N LYS F 610 -35.86 3.37 -14.94
CA LYS F 610 -36.88 4.04 -14.14
C LYS F 610 -37.82 4.86 -15.01
N MET F 611 -37.28 5.63 -15.97
CA MET F 611 -38.16 6.32 -16.91
C MET F 611 -39.08 5.34 -17.60
N ILE F 612 -38.52 4.23 -18.08
CA ILE F 612 -39.32 3.30 -18.86
C ILE F 612 -40.34 2.61 -17.98
N GLY F 613 -39.93 2.24 -16.78
CA GLY F 613 -40.85 1.72 -15.78
C GLY F 613 -40.75 0.20 -15.61
N GLN F 614 -41.89 -0.45 -15.62
CA GLN F 614 -42.04 -1.77 -15.04
C GLN F 614 -41.98 -2.85 -16.13
N GLU F 615 -40.81 -3.00 -16.74
CA GLU F 615 -40.66 -3.97 -17.81
C GLU F 615 -39.52 -4.92 -17.51
N LYS F 616 -39.28 -5.81 -18.45
CA LYS F 616 -38.35 -6.92 -18.28
C LYS F 616 -36.99 -6.47 -18.81
N PHE F 617 -36.06 -6.18 -17.93
CA PHE F 617 -34.72 -5.82 -18.37
C PHE F 617 -33.76 -6.96 -18.06
N LYS F 618 -32.79 -7.15 -18.94
CA LYS F 618 -31.64 -7.97 -18.60
C LYS F 618 -30.40 -7.07 -18.51
N ASP F 619 -29.31 -7.67 -18.06
CA ASP F 619 -28.07 -6.98 -17.73
C ASP F 619 -26.99 -7.50 -18.67
N TYR F 620 -26.72 -6.77 -19.74
CA TYR F 620 -25.70 -7.22 -20.66
C TYR F 620 -24.36 -6.57 -20.41
N LEU F 621 -24.31 -5.51 -19.61
CA LEU F 621 -23.03 -4.88 -19.36
C LEU F 621 -22.10 -5.78 -18.57
N SER F 622 -22.65 -6.65 -17.73
CA SER F 622 -21.83 -7.39 -16.77
C SER F 622 -21.11 -8.55 -17.42
N CYS F 623 -21.60 -9.02 -18.56
CA CYS F 623 -20.88 -9.99 -19.37
C CYS F 623 -19.81 -9.25 -20.16
N MET F 624 -19.08 -8.36 -19.50
CA MET F 624 -17.99 -7.58 -20.10
C MET F 624 -16.78 -7.55 -19.19
N ASP F 625 -16.56 -8.62 -18.42
CA ASP F 625 -15.55 -8.57 -17.36
C ASP F 625 -14.78 -9.90 -17.26
N LYS G 9 23.07 11.13 -76.63
CA LYS G 9 24.29 10.96 -75.82
C LYS G 9 25.45 11.90 -76.26
N VAL G 10 26.65 11.67 -75.71
CA VAL G 10 27.89 12.27 -76.23
C VAL G 10 28.99 11.21 -76.19
N LYS G 11 28.74 10.11 -75.50
CA LYS G 11 29.67 8.98 -75.45
C LYS G 11 28.86 7.70 -75.56
N GLU G 12 29.36 6.72 -76.31
CA GLU G 12 28.46 5.63 -76.68
C GLU G 12 29.19 4.39 -77.15
N LYS G 13 28.51 3.26 -77.04
CA LYS G 13 28.92 2.02 -77.69
C LYS G 13 28.88 2.19 -79.20
N ASP G 14 29.09 1.11 -79.99
CA ASP G 14 29.12 1.25 -81.45
C ASP G 14 28.93 -0.05 -82.24
N VAL G 15 29.77 -1.05 -82.01
CA VAL G 15 29.81 -2.20 -82.90
C VAL G 15 29.96 -3.44 -82.03
N GLN G 16 30.12 -3.23 -80.72
CA GLN G 16 30.08 -4.32 -79.77
C GLN G 16 28.64 -4.59 -79.31
N GLU G 17 27.86 -3.52 -79.20
CA GLU G 17 26.42 -3.67 -79.06
C GLU G 17 25.83 -4.40 -80.26
N ARG G 18 26.35 -4.12 -81.46
CA ARG G 18 25.72 -4.50 -82.73
C ARG G 18 25.25 -5.95 -82.76
N ILE G 19 26.16 -6.90 -82.58
CA ILE G 19 25.75 -8.30 -82.62
C ILE G 19 24.77 -8.61 -81.49
N SER G 20 24.99 -8.00 -80.31
CA SER G 20 24.25 -8.34 -79.09
C SER G 20 22.80 -7.80 -79.17
N ALA G 21 22.65 -6.50 -79.49
CA ALA G 21 21.35 -5.85 -79.65
C ALA G 21 20.52 -6.43 -80.79
N LEU G 22 21.14 -7.24 -81.66
CA LEU G 22 20.40 -7.93 -82.69
C LEU G 22 19.83 -9.23 -82.13
N ARG G 23 18.86 -9.07 -81.25
CA ARG G 23 18.09 -10.21 -80.76
C ARG G 23 16.62 -9.74 -80.71
N GLU G 24 16.20 -9.39 -81.91
CA GLU G 24 14.79 -9.30 -82.27
C GLU G 24 14.27 -10.73 -82.48
N GLN G 25 14.55 -11.58 -81.47
CA GLN G 25 13.79 -12.76 -81.10
C GLN G 25 12.48 -12.35 -80.46
N TYR G 26 12.30 -11.05 -80.31
CA TYR G 26 11.12 -10.39 -79.83
C TYR G 26 10.47 -9.72 -81.02
N GLY G 27 10.71 -10.32 -82.20
CA GLY G 27 10.58 -9.57 -83.44
C GLY G 27 9.15 -9.21 -83.76
N GLU G 28 8.19 -10.06 -83.35
CA GLU G 28 6.79 -9.78 -83.60
C GLU G 28 6.38 -8.42 -83.06
N THR G 29 7.03 -7.94 -82.00
CA THR G 29 6.70 -6.66 -81.41
C THR G 29 7.81 -5.62 -81.42
N TRP G 30 9.00 -5.93 -81.96
CA TRP G 30 10.09 -4.96 -81.91
C TRP G 30 9.73 -3.71 -82.70
N HIS G 31 9.71 -2.56 -82.05
CA HIS G 31 9.48 -1.30 -82.74
C HIS G 31 10.48 -0.24 -82.29
N MET G 32 10.10 1.03 -82.42
CA MET G 32 11.09 2.06 -82.20
C MET G 32 10.44 3.33 -81.65
N ASP G 33 9.73 3.16 -80.53
CA ASP G 33 8.99 4.22 -79.83
C ASP G 33 9.72 5.55 -79.91
N ARG G 34 9.06 6.53 -80.53
CA ARG G 34 9.71 7.77 -80.89
C ARG G 34 9.93 8.70 -79.70
N GLU G 35 9.24 8.47 -78.58
CA GLU G 35 9.24 9.45 -77.49
C GLU G 35 10.03 9.03 -76.26
N HIS G 36 10.83 7.96 -76.36
CA HIS G 36 11.65 7.42 -75.29
C HIS G 36 12.36 8.52 -74.51
N PRO G 37 12.55 8.35 -73.20
CA PRO G 37 13.06 9.43 -72.35
C PRO G 37 14.57 9.49 -72.12
N TYR G 38 15.36 8.56 -72.66
CA TYR G 38 16.77 8.48 -72.29
C TYR G 38 17.60 9.61 -72.93
N ARG G 39 18.49 10.19 -72.13
CA ARG G 39 19.34 11.30 -72.53
C ARG G 39 20.81 10.93 -72.66
N THR G 40 21.31 10.04 -71.85
CA THR G 40 22.70 9.66 -71.96
C THR G 40 22.85 8.17 -72.19
N TRP G 41 21.75 7.48 -72.34
CA TRP G 41 21.73 6.12 -72.84
C TRP G 41 21.28 6.21 -74.29
N GLN G 42 21.61 5.20 -75.06
CA GLN G 42 21.27 5.20 -76.48
C GLN G 42 20.03 4.36 -76.66
N TYR G 43 18.97 4.93 -77.18
CA TYR G 43 17.78 4.12 -77.41
C TYR G 43 17.96 3.28 -78.66
N TRP G 44 17.74 1.98 -78.55
CA TRP G 44 17.87 1.10 -79.71
C TRP G 44 16.57 0.44 -80.14
N GLY G 45 15.55 0.41 -79.30
CA GLY G 45 14.34 -0.31 -79.64
C GLY G 45 13.55 -0.67 -78.41
N SER G 46 12.31 -1.08 -78.65
CA SER G 46 11.37 -1.46 -77.62
C SER G 46 10.68 -2.75 -78.04
N TYR G 47 10.18 -3.50 -77.08
CA TYR G 47 9.41 -4.70 -77.41
C TYR G 47 8.43 -4.97 -76.26
N ARG G 48 7.25 -5.49 -76.59
CA ARG G 48 6.23 -5.66 -75.57
C ARG G 48 6.53 -6.84 -74.65
N THR G 49 6.35 -6.63 -73.35
CA THR G 49 6.51 -7.64 -72.32
C THR G 49 5.34 -7.56 -71.37
N ALA G 50 5.22 -8.56 -70.52
CA ALA G 50 4.09 -8.60 -69.59
C ALA G 50 4.32 -7.58 -68.47
N PRO G 51 3.33 -6.74 -68.15
CA PRO G 51 3.54 -5.74 -67.11
C PRO G 51 3.49 -6.36 -65.71
N THR G 52 4.37 -5.86 -64.86
CA THR G 52 4.52 -6.41 -63.53
C THR G 52 4.79 -5.26 -62.56
N GLY G 53 4.99 -5.58 -61.28
CA GLY G 53 5.30 -4.59 -60.28
C GLY G 53 4.07 -4.16 -59.50
N SER G 54 4.32 -3.52 -58.36
CA SER G 54 3.20 -2.99 -57.58
C SER G 54 3.68 -1.91 -56.65
N ALA G 55 2.78 -0.96 -56.35
CA ALA G 55 3.05 0.11 -55.42
C ALA G 55 2.35 -0.08 -54.07
N ALA G 56 1.42 -1.03 -53.97
CA ALA G 56 0.82 -1.41 -52.70
C ALA G 56 1.85 -2.02 -51.78
N SER G 57 1.67 -1.74 -50.49
CA SER G 57 2.47 -2.36 -49.44
C SER G 57 1.80 -3.65 -48.97
N LEU G 58 2.54 -4.76 -49.01
CA LEU G 58 2.10 -6.06 -48.48
C LEU G 58 2.85 -6.30 -47.16
N ILE G 59 2.12 -6.32 -46.05
CA ILE G 59 2.76 -6.31 -44.73
C ILE G 59 2.88 -7.76 -44.25
N ASN G 60 3.87 -8.02 -43.39
CA ASN G 60 4.07 -9.35 -42.77
C ASN G 60 3.12 -9.58 -41.61
N GLY G 61 2.24 -10.57 -41.74
CA GLY G 61 1.17 -10.73 -40.77
C GLY G 61 1.65 -11.11 -39.38
N VAL G 62 2.58 -12.05 -39.29
CA VAL G 62 3.00 -12.45 -37.95
C VAL G 62 3.85 -11.35 -37.32
N VAL G 63 4.67 -10.66 -38.10
CA VAL G 63 5.50 -9.60 -37.51
C VAL G 63 4.64 -8.40 -37.11
N LYS G 64 3.59 -8.09 -37.89
CA LYS G 64 2.70 -7.01 -37.50
C LYS G 64 2.00 -7.35 -36.20
N LEU G 65 1.46 -8.57 -36.15
CA LEU G 65 0.73 -9.07 -35.00
C LEU G 65 1.56 -8.99 -33.73
N LEU G 66 2.87 -9.23 -33.83
CA LEU G 66 3.74 -9.32 -32.65
C LEU G 66 4.43 -8.02 -32.30
N SER G 67 4.11 -6.93 -32.97
CA SER G 67 4.90 -5.71 -32.79
C SER G 67 4.06 -4.45 -32.90
N TRP G 68 2.80 -4.49 -32.47
CA TRP G 68 1.82 -3.43 -32.74
C TRP G 68 2.14 -2.01 -32.25
N PRO G 69 3.12 -1.76 -31.36
CA PRO G 69 3.51 -0.36 -31.14
C PRO G 69 3.91 0.32 -32.42
N TRP G 70 4.64 -0.38 -33.24
CA TRP G 70 5.22 0.09 -34.48
C TRP G 70 4.15 0.22 -35.63
N ASN G 71 2.87 0.14 -35.25
CA ASN G 71 1.78 0.32 -36.21
C ASN G 71 1.84 1.71 -36.83
N ALA G 72 1.86 2.76 -36.00
CA ALA G 72 1.78 4.14 -36.47
C ALA G 72 3.13 4.83 -36.53
N ARG G 73 4.21 4.14 -36.19
CA ARG G 73 5.53 4.76 -36.22
C ARG G 73 5.88 5.14 -37.65
N GLU G 74 6.38 6.37 -37.83
CA GLU G 74 6.49 6.92 -39.18
C GLU G 74 7.52 6.17 -40.03
N ASP G 75 8.68 5.81 -39.45
CA ASP G 75 9.80 5.25 -40.22
C ASP G 75 9.79 3.72 -40.35
N VAL G 76 8.71 3.04 -39.94
CA VAL G 76 8.55 1.60 -40.18
C VAL G 76 7.54 1.44 -41.31
N VAL G 77 6.57 2.36 -41.39
CA VAL G 77 5.63 2.34 -42.50
C VAL G 77 6.24 2.92 -43.77
N ARG G 78 7.25 3.80 -43.64
CA ARG G 78 7.92 4.36 -44.80
C ARG G 78 8.58 3.29 -45.67
N MET G 79 8.93 2.14 -45.08
CA MET G 79 9.75 1.15 -45.77
C MET G 79 8.95 0.14 -46.58
N ALA G 80 7.62 0.12 -46.47
CA ALA G 80 6.80 -0.72 -47.32
C ALA G 80 6.14 0.04 -48.45
N MET G 81 6.29 1.37 -48.48
CA MET G 81 5.86 2.20 -49.60
C MET G 81 6.93 2.14 -50.69
N THR G 82 7.06 0.96 -51.29
CA THR G 82 8.02 0.70 -52.37
C THR G 82 7.28 0.42 -53.67
N ASP G 83 7.63 1.15 -54.72
CA ASP G 83 6.97 1.12 -56.02
C ASP G 83 7.86 0.36 -57.02
N THR G 84 7.40 -0.82 -57.44
CA THR G 84 8.10 -1.59 -58.45
C THR G 84 7.34 -1.63 -59.77
N THR G 85 6.36 -0.74 -59.94
CA THR G 85 5.68 -0.61 -61.22
C THR G 85 6.65 -0.06 -62.25
N ALA G 86 6.51 -0.53 -63.49
CA ALA G 86 7.35 0.02 -64.55
C ALA G 86 7.35 1.53 -64.51
N PHE G 87 6.19 2.11 -64.21
CA PHE G 87 6.10 3.56 -64.09
C PHE G 87 6.96 4.09 -62.96
N GLY G 88 7.19 3.28 -61.93
CA GLY G 88 7.95 3.75 -60.79
C GLY G 88 9.42 3.50 -60.99
N GLN G 89 9.75 2.33 -61.53
CA GLN G 89 11.11 2.07 -61.97
C GLN G 89 11.61 3.22 -62.85
N GLN G 90 10.80 3.62 -63.84
CA GLN G 90 11.17 4.71 -64.74
C GLN G 90 11.48 6.01 -63.98
N ARG G 91 10.62 6.38 -63.03
CA ARG G 91 10.89 7.57 -62.23
C ARG G 91 12.28 7.51 -61.63
N VAL G 92 12.65 6.34 -61.10
CA VAL G 92 13.91 6.18 -60.38
C VAL G 92 15.08 6.22 -61.33
N PHE G 93 14.94 5.53 -62.48
CA PHE G 93 15.93 5.54 -63.54
C PHE G 93 16.27 6.97 -63.95
N LYS G 94 15.24 7.72 -64.35
CA LYS G 94 15.49 9.07 -64.84
C LYS G 94 16.24 9.89 -63.79
N GLU G 95 15.85 9.80 -62.53
CA GLU G 95 16.42 10.71 -61.54
C GLU G 95 17.85 10.34 -61.19
N LYS G 96 18.10 9.07 -60.90
CA LYS G 96 19.41 8.64 -60.41
C LYS G 96 20.34 8.11 -61.51
N VAL G 97 19.82 7.38 -62.50
CA VAL G 97 20.63 6.56 -63.41
C VAL G 97 20.94 7.20 -64.78
N ASP G 98 20.15 8.17 -65.22
CA ASP G 98 20.37 8.83 -66.49
C ASP G 98 21.21 10.09 -66.32
N THR G 99 22.50 9.91 -66.07
CA THR G 99 23.46 11.02 -66.12
C THR G 99 24.82 10.51 -66.56
N LYS G 100 25.74 11.45 -66.77
CA LYS G 100 27.13 11.08 -67.04
C LYS G 100 28.06 11.83 -66.10
N ALA G 101 28.91 11.07 -65.41
CA ALA G 101 29.96 11.67 -64.58
C ALA G 101 30.98 12.42 -65.44
N GLN G 102 31.47 13.54 -64.93
CA GLN G 102 32.55 14.18 -65.65
C GLN G 102 33.82 13.36 -65.45
N GLU G 103 34.44 12.93 -66.55
CA GLU G 103 35.62 12.09 -66.42
C GLU G 103 36.80 12.94 -65.97
N PRO G 104 37.85 12.32 -65.44
CA PRO G 104 38.88 13.11 -64.75
C PRO G 104 39.90 13.68 -65.73
N GLN G 105 40.55 14.75 -65.31
CA GLN G 105 41.60 15.37 -66.10
C GLN G 105 42.77 14.41 -66.32
N PRO G 106 43.52 14.56 -67.43
CA PRO G 106 44.43 13.49 -67.85
C PRO G 106 45.62 13.29 -66.91
N GLY G 107 46.08 14.35 -66.25
CA GLY G 107 47.06 14.18 -65.18
C GLY G 107 46.54 13.20 -64.15
N THR G 108 45.42 13.57 -63.50
CA THR G 108 44.71 12.70 -62.58
C THR G 108 44.70 11.26 -63.04
N LYS G 109 44.19 11.05 -64.26
CA LYS G 109 44.05 9.71 -64.82
C LYS G 109 45.37 8.96 -64.86
N VAL G 110 46.50 9.67 -64.87
CA VAL G 110 47.80 9.03 -64.72
C VAL G 110 48.04 8.63 -63.27
N ILE G 111 47.77 9.55 -62.35
CA ILE G 111 47.88 9.24 -60.93
C ILE G 111 47.05 8.01 -60.64
N MET G 112 45.81 8.03 -61.13
CA MET G 112 44.89 6.92 -60.98
C MET G 112 45.51 5.64 -61.49
N ARG G 113 45.95 5.66 -62.75
CA ARG G 113 46.50 4.43 -63.33
C ARG G 113 47.73 3.98 -62.58
N ALA G 114 48.51 4.95 -62.08
CA ALA G 114 49.70 4.63 -61.30
C ALA G 114 49.34 3.84 -60.05
N VAL G 115 48.43 4.38 -59.23
CA VAL G 115 48.04 3.74 -57.98
C VAL G 115 47.36 2.41 -58.23
N ASN G 116 46.50 2.35 -59.27
CA ASN G 116 45.83 1.11 -59.61
C ASN G 116 46.79 -0.04 -59.85
N ASP G 117 47.73 0.18 -60.76
CA ASP G 117 48.76 -0.82 -61.05
C ASP G 117 49.46 -1.27 -59.79
N TRP G 118 49.80 -0.33 -58.90
CA TRP G 118 50.42 -0.67 -57.62
C TRP G 118 49.58 -1.69 -56.86
N ILE G 119 48.26 -1.45 -56.77
CA ILE G 119 47.37 -2.33 -56.00
C ILE G 119 47.29 -3.71 -56.63
N LEU G 120 47.11 -3.77 -57.96
CA LEU G 120 46.96 -5.05 -58.64
C LEU G 120 48.27 -5.82 -58.63
N GLU G 121 49.37 -5.14 -59.02
CA GLU G 121 50.72 -5.72 -58.95
C GLU G 121 50.95 -6.40 -57.60
N ARG G 122 50.72 -5.67 -56.52
CA ARG G 122 50.84 -6.22 -55.17
C ARG G 122 49.88 -7.37 -54.90
N LEU G 123 48.69 -7.35 -55.49
CA LEU G 123 47.67 -8.40 -55.37
C LEU G 123 48.00 -9.64 -56.20
N ALA G 124 48.49 -9.40 -57.42
CA ALA G 124 48.89 -10.48 -58.31
C ALA G 124 50.06 -11.26 -57.76
N ARG G 125 51.00 -10.58 -57.10
CA ARG G 125 52.02 -11.29 -56.33
C ARG G 125 51.37 -12.24 -55.31
N LYS G 126 50.50 -11.72 -54.45
CA LYS G 126 49.87 -12.56 -53.44
C LYS G 126 49.18 -13.78 -54.06
N SER G 127 48.15 -13.57 -54.87
CA SER G 127 47.50 -14.64 -55.62
C SER G 127 47.48 -14.32 -57.11
N LYS G 128 47.31 -15.36 -57.93
CA LYS G 128 47.40 -15.16 -59.37
C LYS G 128 46.06 -15.39 -60.04
N PRO G 129 45.65 -14.46 -60.95
CA PRO G 129 44.42 -14.64 -61.73
C PRO G 129 44.25 -16.02 -62.34
N ARG G 130 43.31 -16.81 -61.83
CA ARG G 130 43.03 -18.12 -62.40
C ARG G 130 41.69 -18.08 -63.15
N MET G 131 41.24 -19.24 -63.61
CA MET G 131 39.89 -19.47 -64.08
C MET G 131 39.17 -20.34 -63.07
N CYS G 132 37.85 -20.44 -63.20
CA CYS G 132 37.09 -21.20 -62.22
C CYS G 132 36.40 -22.38 -62.89
N SER G 133 36.39 -23.48 -62.14
CA SER G 133 35.84 -24.74 -62.63
C SER G 133 34.35 -24.59 -62.83
N ARG G 134 33.87 -25.06 -63.97
CA ARG G 134 32.43 -25.26 -64.09
C ARG G 134 31.89 -25.98 -62.87
N GLU G 135 32.69 -26.87 -62.25
CA GLU G 135 32.23 -27.60 -61.08
C GLU G 135 32.09 -26.69 -59.87
N GLU G 136 33.02 -25.73 -59.71
CA GLU G 136 32.90 -24.73 -58.63
C GLU G 136 31.54 -24.05 -58.65
N PHE G 137 31.12 -23.58 -59.83
CA PHE G 137 29.80 -22.96 -59.98
C PHE G 137 28.67 -23.90 -59.56
N ILE G 138 28.78 -25.20 -59.87
CA ILE G 138 27.70 -26.10 -59.51
C ILE G 138 27.54 -26.17 -57.99
N ALA G 139 28.65 -26.35 -57.27
CA ALA G 139 28.61 -26.31 -55.82
C ALA G 139 28.05 -24.98 -55.34
N LYS G 140 28.46 -23.89 -56.01
CA LYS G 140 28.01 -22.57 -55.60
C LYS G 140 26.50 -22.45 -55.59
N VAL G 141 25.77 -23.23 -56.41
CA VAL G 141 24.40 -22.76 -56.59
C VAL G 141 23.81 -23.30 -55.27
N LYS G 142 23.73 -22.43 -54.31
CA LYS G 142 23.24 -22.73 -52.98
C LYS G 142 22.45 -21.55 -52.42
N SER G 143 22.93 -20.32 -52.67
CA SER G 143 22.20 -19.07 -52.50
C SER G 143 20.90 -18.97 -53.32
N GLN G 154 15.70 -16.64 -70.26
CA GLN G 154 15.83 -17.94 -69.60
C GLN G 154 14.87 -19.00 -70.19
N ASN G 155 13.76 -19.27 -69.49
CA ASN G 155 12.77 -20.29 -69.88
C ASN G 155 13.40 -21.67 -69.96
N SER G 159 13.99 -22.83 -61.09
CA SER G 159 15.06 -22.51 -60.14
C SER G 159 16.47 -22.82 -60.67
N ALA G 160 17.46 -22.15 -60.09
CA ALA G 160 18.84 -22.37 -60.50
C ALA G 160 19.34 -23.73 -60.10
N LYS G 161 18.69 -24.37 -59.13
CA LYS G 161 19.01 -25.76 -58.80
C LYS G 161 18.61 -26.69 -59.93
N GLU G 162 17.48 -26.40 -60.59
CA GLU G 162 17.03 -27.23 -61.71
C GLU G 162 17.92 -27.02 -62.94
N ALA G 163 18.00 -25.79 -63.44
CA ALA G 163 18.63 -25.56 -64.73
C ALA G 163 20.13 -25.78 -64.71
N VAL G 164 20.75 -25.86 -63.54
CA VAL G 164 22.19 -26.14 -63.52
C VAL G 164 22.45 -27.55 -64.03
N GLU G 165 21.61 -28.52 -63.61
CA GLU G 165 21.77 -29.90 -64.07
C GLU G 165 21.49 -30.05 -65.57
N ASP G 166 20.43 -29.39 -66.05
CA ASP G 166 19.88 -29.68 -67.37
C ASP G 166 20.91 -29.51 -68.48
N PRO G 167 21.08 -30.49 -69.36
CA PRO G 167 22.11 -30.37 -70.40
C PRO G 167 21.81 -29.29 -71.42
N ALA G 168 20.55 -28.93 -71.64
CA ALA G 168 20.25 -27.89 -72.62
C ALA G 168 20.84 -26.57 -72.17
N PHE G 169 20.79 -26.32 -70.86
CA PHE G 169 21.34 -25.11 -70.26
C PHE G 169 22.82 -24.92 -70.63
N TRP G 170 23.61 -25.99 -70.56
CA TRP G 170 25.04 -25.87 -70.78
C TRP G 170 25.36 -25.69 -72.26
N GLN G 171 24.65 -26.37 -73.16
CA GLN G 171 24.91 -26.18 -74.59
C GLN G 171 24.75 -24.71 -74.96
N LEU G 172 23.87 -23.99 -74.26
CA LEU G 172 23.76 -22.55 -74.45
C LEU G 172 25.02 -21.83 -73.99
N VAL G 173 25.57 -22.24 -72.84
CA VAL G 173 26.78 -21.63 -72.29
C VAL G 173 27.92 -21.70 -73.30
N ASP G 174 28.23 -22.90 -73.80
CA ASP G 174 29.26 -23.04 -74.82
C ASP G 174 28.87 -22.31 -76.09
N GLU G 175 27.60 -22.45 -76.49
CA GLU G 175 27.12 -21.75 -77.68
C GLU G 175 27.60 -20.31 -77.65
N GLU G 176 27.47 -19.64 -76.50
CA GLU G 176 27.87 -18.25 -76.42
C GLU G 176 29.27 -18.09 -75.86
N ARG G 177 29.79 -19.10 -75.16
CA ARG G 177 31.19 -19.04 -74.69
C ARG G 177 32.15 -18.89 -75.87
N GLU G 178 31.98 -19.73 -76.89
CA GLU G 178 32.97 -19.74 -77.95
C GLU G 178 32.92 -18.47 -78.79
N ARG G 179 31.77 -17.79 -78.84
CA ARG G 179 31.75 -16.46 -79.44
C ARG G 179 32.55 -15.48 -78.60
N HIS G 180 32.53 -15.67 -77.28
CA HIS G 180 33.38 -14.85 -76.41
C HIS G 180 34.83 -15.04 -76.79
N LEU G 181 35.25 -16.31 -76.89
CA LEU G 181 36.60 -16.64 -77.35
C LEU G 181 36.91 -15.94 -78.65
N ALA G 182 35.94 -15.89 -79.55
CA ALA G 182 36.11 -15.14 -80.80
C ALA G 182 36.34 -13.65 -80.55
N GLY G 183 35.78 -13.12 -79.47
CA GLY G 183 35.76 -11.69 -79.27
C GLY G 183 34.47 -11.03 -79.67
N ARG G 184 33.35 -11.74 -79.59
CA ARG G 184 32.04 -11.15 -79.81
C ARG G 184 31.13 -11.60 -78.68
N CYS G 185 29.90 -11.11 -78.71
CA CYS G 185 28.94 -11.27 -77.64
C CYS G 185 27.55 -11.03 -78.19
N ALA G 186 26.61 -11.91 -77.83
CA ALA G 186 25.23 -11.65 -78.17
C ALA G 186 24.30 -12.39 -77.22
N HIS G 187 24.63 -12.41 -75.93
CA HIS G 187 23.71 -12.95 -74.95
C HIS G 187 23.92 -12.31 -73.59
N CYS G 188 24.97 -11.50 -73.45
CA CYS G 188 25.30 -10.90 -72.15
C CYS G 188 24.65 -9.53 -72.06
N VAL G 189 23.34 -9.56 -71.79
CA VAL G 189 22.49 -8.40 -71.57
C VAL G 189 22.11 -8.31 -70.10
N TYR G 190 21.85 -7.09 -69.62
CA TYR G 190 21.46 -6.83 -68.24
C TYR G 190 19.95 -6.67 -68.15
N ASN G 191 19.37 -7.07 -67.01
CA ASN G 191 17.95 -6.85 -66.73
C ASN G 191 17.83 -5.93 -65.52
N MET G 192 17.65 -4.64 -65.78
CA MET G 192 17.85 -3.63 -64.74
C MET G 192 16.93 -3.84 -63.55
N MET G 193 15.62 -3.72 -63.76
CA MET G 193 14.65 -3.99 -62.71
C MET G 193 14.84 -3.04 -61.52
N TYR G 214 21.24 -7.68 -62.48
CA TYR G 214 20.80 -9.06 -62.71
C TYR G 214 21.11 -9.54 -64.15
N MET G 215 21.25 -10.86 -64.30
CA MET G 215 21.52 -11.46 -65.59
C MET G 215 20.99 -12.91 -65.61
N TRP G 216 21.01 -13.49 -66.81
CA TRP G 216 20.63 -14.86 -67.08
C TRP G 216 21.74 -15.85 -66.76
N LEU G 217 21.39 -16.88 -65.97
CA LEU G 217 22.33 -17.85 -65.37
C LEU G 217 23.51 -18.17 -66.27
N GLY G 218 23.23 -18.41 -67.55
CA GLY G 218 24.32 -18.65 -68.48
C GLY G 218 25.35 -17.54 -68.47
N SER G 219 24.90 -16.30 -68.67
CA SER G 219 25.85 -15.19 -68.71
C SER G 219 26.50 -14.97 -67.35
N ARG G 220 25.77 -15.20 -66.26
CA ARG G 220 26.40 -15.11 -64.95
C ARG G 220 27.52 -16.12 -64.80
N PHE G 221 27.38 -17.32 -65.39
CA PHE G 221 28.46 -18.31 -65.34
C PHE G 221 29.71 -17.83 -66.03
N LEU G 222 29.56 -17.29 -67.24
CA LEU G 222 30.74 -16.85 -67.97
C LEU G 222 31.51 -15.81 -67.18
N GLU G 223 30.79 -14.93 -66.47
CA GLU G 223 31.39 -13.97 -65.54
C GLU G 223 32.22 -14.73 -64.50
N PHE G 224 31.55 -15.57 -63.71
CA PHE G 224 32.16 -16.36 -62.64
C PHE G 224 33.50 -16.95 -63.05
N GLU G 225 33.49 -17.71 -64.13
CA GLU G 225 34.69 -18.29 -64.73
C GLU G 225 35.80 -17.27 -64.95
N ALA G 226 35.59 -16.35 -65.87
CA ALA G 226 36.67 -15.47 -66.31
C ALA G 226 37.14 -14.49 -65.25
N LEU G 227 36.35 -14.27 -64.19
CA LEU G 227 36.63 -13.19 -63.23
C LEU G 227 36.38 -13.55 -61.77
N GLY G 228 35.72 -14.66 -61.49
CA GLY G 228 35.34 -14.93 -60.12
C GLY G 228 36.48 -15.39 -59.26
N PHE G 229 37.70 -15.28 -59.74
CA PHE G 229 38.80 -15.49 -58.82
C PHE G 229 38.77 -14.40 -57.76
N LEU G 230 38.49 -13.15 -58.17
CA LEU G 230 38.43 -12.04 -57.23
C LEU G 230 37.53 -12.35 -56.04
N ASN G 231 36.54 -13.23 -56.21
CA ASN G 231 35.70 -13.62 -55.10
C ASN G 231 36.17 -14.89 -54.40
N GLU G 232 36.35 -15.98 -55.16
CA GLU G 232 36.66 -17.25 -54.52
C GLU G 232 38.10 -17.32 -54.04
N ASP G 233 38.94 -16.42 -54.54
CA ASP G 233 40.32 -16.25 -54.12
C ASP G 233 40.52 -15.06 -53.19
N HIS G 234 39.43 -14.36 -52.85
CA HIS G 234 39.39 -13.38 -51.74
C HIS G 234 40.32 -12.19 -51.94
N TRP G 235 40.27 -11.60 -53.13
CA TRP G 235 41.14 -10.47 -53.41
C TRP G 235 40.75 -9.26 -52.58
N ALA G 236 39.54 -9.21 -52.07
CA ALA G 236 39.10 -8.06 -51.31
C ALA G 236 39.16 -8.31 -49.82
N SER G 237 39.91 -9.31 -49.38
CA SER G 237 39.95 -9.55 -47.96
C SER G 237 41.05 -8.73 -47.29
N ARG G 238 40.90 -8.55 -45.98
CA ARG G 238 41.91 -7.86 -45.18
C ARG G 238 43.30 -8.39 -45.49
N GLY G 239 43.46 -9.73 -45.48
CA GLY G 239 44.76 -10.30 -45.74
C GLY G 239 45.33 -9.88 -47.08
N SER G 240 44.54 -10.05 -48.14
CA SER G 240 45.09 -9.89 -49.48
C SER G 240 45.14 -8.43 -49.95
N SER G 241 44.16 -7.61 -49.57
CA SER G 241 44.10 -6.24 -50.05
C SER G 241 44.61 -5.22 -49.03
N GLY G 242 44.93 -5.65 -47.83
CA GLY G 242 45.35 -4.70 -46.80
C GLY G 242 44.29 -3.84 -46.15
N SER G 243 43.36 -3.31 -46.92
CA SER G 243 42.29 -2.50 -46.36
C SER G 243 40.89 -3.01 -46.69
N GLY G 244 40.77 -4.20 -47.29
CA GLY G 244 39.48 -4.80 -47.48
C GLY G 244 38.98 -5.50 -46.22
N VAL G 245 37.70 -5.89 -46.22
CA VAL G 245 37.19 -6.64 -45.08
C VAL G 245 36.29 -7.79 -45.53
N GLU G 246 36.40 -8.19 -46.80
CA GLU G 246 35.63 -9.33 -47.27
C GLU G 246 35.90 -10.56 -46.41
N GLY G 247 34.83 -11.13 -45.89
CA GLY G 247 34.90 -12.32 -45.08
C GLY G 247 34.85 -12.07 -43.60
N ILE G 248 34.93 -10.82 -43.15
CA ILE G 248 34.82 -10.52 -41.73
C ILE G 248 33.35 -10.30 -41.43
N SER G 249 32.77 -11.12 -40.56
CA SER G 249 31.34 -10.92 -40.41
C SER G 249 31.10 -9.66 -39.63
N LEU G 250 29.84 -9.22 -39.70
CA LEU G 250 29.49 -7.96 -39.10
C LEU G 250 29.64 -8.00 -37.59
N ASN G 251 29.57 -9.19 -36.98
CA ASN G 251 29.75 -9.31 -35.53
C ASN G 251 31.19 -9.11 -35.08
N TYR G 252 32.17 -9.17 -36.00
CA TYR G 252 33.57 -8.98 -35.64
C TYR G 252 34.12 -7.66 -36.15
N LEU G 253 33.46 -7.03 -37.12
CA LEU G 253 33.94 -5.79 -37.70
C LEU G 253 34.36 -4.80 -36.62
N GLY G 254 33.55 -4.68 -35.58
CA GLY G 254 33.81 -3.66 -34.57
C GLY G 254 35.18 -3.76 -33.93
N TRP G 255 35.73 -4.96 -33.77
CA TRP G 255 37.08 -5.04 -33.23
C TRP G 255 38.05 -4.32 -34.16
N TYR G 256 37.83 -4.40 -35.47
CA TYR G 256 38.71 -3.73 -36.41
C TYR G 256 38.62 -2.22 -36.27
N LEU G 257 37.41 -1.68 -36.22
CA LEU G 257 37.21 -0.25 -35.96
C LEU G 257 37.93 0.21 -34.72
N LYS G 258 37.68 -0.45 -33.57
CA LYS G 258 38.40 -0.10 -32.36
C LYS G 258 39.91 -0.17 -32.59
N GLY G 259 40.35 -1.16 -33.36
CA GLY G 259 41.77 -1.27 -33.65
C GLY G 259 42.36 -0.03 -34.29
N LEU G 260 41.64 0.57 -35.25
CA LEU G 260 42.13 1.75 -35.94
C LEU G 260 42.41 2.91 -34.99
N SER G 261 41.71 2.98 -33.86
CA SER G 261 41.87 4.12 -32.95
C SER G 261 43.24 4.14 -32.30
N THR G 262 43.91 3.00 -32.24
CA THR G 262 45.24 2.95 -31.63
C THR G 262 46.32 3.52 -32.54
N LEU G 263 46.03 3.70 -33.82
CA LEU G 263 47.01 4.25 -34.73
C LEU G 263 47.20 5.74 -34.46
N GLU G 264 48.42 6.23 -34.73
CA GLU G 264 48.68 7.66 -34.73
C GLU G 264 48.05 8.29 -35.95
N GLY G 265 47.52 9.51 -35.81
CA GLY G 265 46.93 10.19 -36.93
C GLY G 265 45.75 11.03 -36.51
N GLY G 266 45.04 11.56 -37.50
CA GLY G 266 43.90 12.42 -37.25
C GLY G 266 42.62 11.66 -36.92
N LEU G 267 41.47 12.30 -37.22
CA LEU G 267 40.19 11.70 -36.91
C LEU G 267 39.84 10.59 -37.88
N PHE G 268 38.85 9.79 -37.48
CA PHE G 268 38.22 8.87 -38.41
C PHE G 268 37.42 9.68 -39.42
N TYR G 269 37.63 9.44 -40.69
CA TYR G 269 36.74 9.98 -41.71
C TYR G 269 35.95 8.83 -42.32
N ALA G 270 34.68 9.07 -42.59
CA ALA G 270 33.84 8.01 -43.14
C ALA G 270 32.80 8.64 -44.07
N ASP G 271 33.27 9.43 -45.03
CA ASP G 271 32.36 10.01 -45.99
C ASP G 271 31.78 8.89 -46.85
N ASP G 272 30.61 9.15 -47.41
CA ASP G 272 29.88 8.20 -48.22
C ASP G 272 29.59 8.87 -49.53
N THR G 273 29.87 8.17 -50.61
CA THR G 273 29.61 8.70 -51.94
C THR G 273 28.16 8.48 -52.31
N ALA G 274 27.56 9.48 -52.95
CA ALA G 274 26.19 9.34 -53.43
C ALA G 274 26.16 8.53 -54.72
N GLY G 275 25.47 7.40 -54.70
CA GLY G 275 25.22 6.71 -55.95
C GLY G 275 26.49 6.25 -56.64
N TRP G 276 27.38 5.65 -55.86
CA TRP G 276 28.68 5.19 -56.36
C TRP G 276 28.58 4.54 -57.73
N ASP G 277 27.73 3.52 -57.89
CA ASP G 277 27.80 2.75 -59.13
C ASP G 277 27.57 3.62 -60.37
N THR G 278 26.86 4.73 -60.24
CA THR G 278 26.74 5.58 -61.40
C THR G 278 27.95 6.46 -61.59
N LYS G 279 28.78 6.64 -60.57
CA LYS G 279 29.93 7.51 -60.71
C LYS G 279 31.19 6.74 -61.04
N VAL G 280 31.07 5.45 -61.35
CA VAL G 280 32.21 4.69 -61.85
C VAL G 280 32.48 5.14 -63.28
N THR G 281 33.66 5.73 -63.50
CA THR G 281 33.95 6.39 -64.76
C THR G 281 34.48 5.39 -65.78
N ASN G 282 34.57 5.87 -67.02
CA ASN G 282 35.25 5.11 -68.05
C ASN G 282 36.71 4.95 -67.73
N ALA G 283 37.33 6.01 -67.21
CA ALA G 283 38.63 5.94 -66.59
C ALA G 283 38.71 4.79 -65.59
N ASP G 284 37.84 4.79 -64.58
CA ASP G 284 37.91 3.77 -63.54
C ASP G 284 37.80 2.38 -64.16
N LEU G 285 37.00 2.25 -65.22
CA LEU G 285 36.80 0.93 -65.81
C LEU G 285 38.03 0.46 -66.58
N GLU G 286 38.74 1.38 -67.24
CA GLU G 286 39.94 0.98 -67.93
C GLU G 286 41.06 0.59 -66.96
N ASP G 287 41.26 1.36 -65.88
CA ASP G 287 42.18 0.92 -64.83
C ASP G 287 41.85 -0.51 -64.43
N GLU G 288 40.58 -0.76 -64.09
CA GLU G 288 40.14 -2.10 -63.71
C GLU G 288 40.45 -3.11 -64.80
N GLU G 289 40.35 -2.67 -66.06
CA GLU G 289 40.56 -3.53 -67.20
C GLU G 289 42.00 -4.03 -67.31
N GLN G 290 42.92 -3.56 -66.46
CA GLN G 290 44.29 -4.05 -66.55
C GLN G 290 44.49 -5.35 -65.79
N LEU G 291 43.47 -5.85 -65.09
CA LEU G 291 43.51 -7.23 -64.65
C LEU G 291 43.78 -8.18 -65.81
N LEU G 292 43.55 -7.73 -67.06
CA LEU G 292 43.81 -8.53 -68.25
C LEU G 292 45.30 -8.80 -68.43
N ARG G 293 46.14 -7.78 -68.24
CA ARG G 293 47.59 -7.94 -68.33
C ARG G 293 48.09 -9.13 -67.51
N TYR G 294 47.50 -9.38 -66.34
CA TYR G 294 48.01 -10.37 -65.42
C TYR G 294 47.42 -11.75 -65.68
N MET G 295 47.08 -12.06 -66.93
CA MET G 295 46.61 -13.39 -67.26
C MET G 295 46.89 -13.70 -68.72
N GLU G 296 46.60 -14.94 -69.11
CA GLU G 296 47.02 -15.45 -70.40
C GLU G 296 46.24 -16.71 -70.73
N GLY G 297 46.40 -17.17 -71.96
CA GLY G 297 45.68 -18.33 -72.42
C GLY G 297 44.39 -17.92 -73.09
N GLU G 298 43.47 -18.88 -73.18
CA GLU G 298 42.09 -18.51 -73.49
C GLU G 298 41.56 -17.55 -72.42
N HIS G 299 41.93 -17.80 -71.14
CA HIS G 299 41.44 -16.97 -70.04
C HIS G 299 41.60 -15.50 -70.37
N LYS G 300 42.79 -15.05 -70.76
CA LYS G 300 42.95 -13.64 -71.05
C LYS G 300 41.96 -13.16 -72.10
N GLN G 301 41.58 -14.01 -73.06
CA GLN G 301 40.57 -13.60 -74.03
C GLN G 301 39.14 -13.80 -73.55
N LEU G 302 38.86 -14.78 -72.70
CA LEU G 302 37.53 -14.88 -72.14
C LEU G 302 37.22 -13.62 -71.34
N ALA G 303 38.03 -13.35 -70.33
CA ALA G 303 37.78 -12.19 -69.49
C ALA G 303 38.05 -10.88 -70.20
N ALA G 304 38.68 -10.88 -71.37
CA ALA G 304 38.69 -9.63 -72.13
C ALA G 304 37.29 -9.30 -72.62
N THR G 305 36.55 -10.29 -73.13
CA THR G 305 35.23 -10.02 -73.70
C THR G 305 34.26 -9.55 -72.64
N ILE G 306 34.14 -10.33 -71.55
CA ILE G 306 33.34 -9.96 -70.39
C ILE G 306 33.69 -8.55 -69.91
N MET G 307 34.97 -8.30 -69.64
CA MET G 307 35.37 -7.05 -69.01
C MET G 307 35.25 -5.84 -69.91
N GLN G 308 35.19 -6.01 -71.23
CA GLN G 308 35.08 -4.83 -72.09
C GLN G 308 34.02 -4.93 -73.18
N LYS G 309 33.43 -6.10 -73.42
CA LYS G 309 32.18 -6.13 -74.16
C LYS G 309 31.02 -6.01 -73.17
N ALA G 310 30.92 -6.99 -72.27
CA ALA G 310 29.77 -7.04 -71.36
C ALA G 310 29.79 -5.91 -70.34
N TYR G 311 30.94 -5.69 -69.67
CA TYR G 311 30.99 -4.66 -68.64
C TYR G 311 31.19 -3.26 -69.21
N HIS G 312 31.92 -3.11 -70.30
CA HIS G 312 32.24 -1.76 -70.74
C HIS G 312 31.39 -1.29 -71.92
N ALA G 313 30.71 -2.20 -72.60
CA ALA G 313 29.72 -1.83 -73.63
C ALA G 313 28.41 -2.49 -73.23
N LYS G 314 27.66 -1.76 -72.41
CA LYS G 314 26.47 -2.28 -71.74
C LYS G 314 25.28 -2.28 -72.67
N VAL G 315 24.57 -3.40 -72.73
CA VAL G 315 23.24 -3.46 -73.34
C VAL G 315 22.31 -3.90 -72.23
N VAL G 316 21.34 -3.04 -71.87
CA VAL G 316 20.49 -3.30 -70.71
C VAL G 316 19.02 -3.14 -71.12
N LYS G 317 18.20 -4.07 -70.67
CA LYS G 317 16.74 -4.02 -70.84
C LYS G 317 16.15 -3.27 -69.64
N VAL G 318 15.41 -2.20 -69.89
CA VAL G 318 14.70 -1.49 -68.82
C VAL G 318 13.23 -1.36 -69.24
N ALA G 319 12.32 -1.46 -68.28
CA ALA G 319 10.92 -1.45 -68.65
C ALA G 319 10.35 -0.06 -68.48
N ARG G 320 9.36 0.28 -69.31
CA ARG G 320 8.72 1.58 -69.33
C ARG G 320 7.29 1.31 -69.74
N PRO G 321 6.30 1.97 -69.13
CA PRO G 321 4.91 1.61 -69.41
C PRO G 321 4.51 1.92 -70.85
N SER G 322 3.65 1.07 -71.41
CA SER G 322 3.15 1.31 -72.76
C SER G 322 1.92 2.20 -72.72
N ARG G 323 1.63 2.82 -73.85
CA ARG G 323 0.44 3.65 -73.99
C ARG G 323 -0.78 2.86 -74.42
N ASP G 324 -0.71 1.54 -74.44
CA ASP G 324 -1.88 0.76 -74.85
C ASP G 324 -2.35 -0.19 -73.75
N GLY G 325 -2.07 0.16 -72.49
CA GLY G 325 -2.53 -0.65 -71.38
C GLY G 325 -1.68 -1.85 -71.04
N GLY G 326 -0.43 -1.87 -71.51
CA GLY G 326 0.49 -2.95 -71.19
C GLY G 326 1.89 -2.40 -70.97
N CYS G 327 2.91 -3.22 -71.21
CA CYS G 327 4.27 -2.85 -70.84
C CYS G 327 5.26 -3.15 -71.95
N VAL G 328 6.17 -2.22 -72.18
CA VAL G 328 7.19 -2.40 -73.20
C VAL G 328 8.54 -2.41 -72.50
N MET G 329 9.52 -3.03 -73.16
CA MET G 329 10.89 -3.07 -72.68
C MET G 329 11.78 -2.32 -73.64
N ASP G 330 12.52 -1.35 -73.13
CA ASP G 330 13.46 -0.63 -73.95
C ASP G 330 14.83 -1.30 -73.91
N VAL G 331 15.56 -1.20 -75.00
CA VAL G 331 16.88 -1.79 -75.11
C VAL G 331 17.83 -0.61 -75.26
N ILE G 332 18.61 -0.33 -74.22
CA ILE G 332 19.46 0.85 -74.21
C ILE G 332 20.89 0.43 -73.89
N THR G 333 21.82 1.31 -74.25
CA THR G 333 23.25 1.06 -74.04
C THR G 333 23.93 2.28 -73.48
N ARG G 334 25.12 2.05 -72.95
CA ARG G 334 26.00 3.14 -72.52
C ARG G 334 27.37 2.54 -72.27
N ARG G 335 28.32 3.41 -71.95
CA ARG G 335 29.70 2.97 -71.85
C ARG G 335 30.20 2.89 -70.41
N ASP G 336 30.00 3.91 -69.57
CA ASP G 336 30.54 3.83 -68.22
C ASP G 336 29.46 3.39 -67.23
N GLN G 337 29.70 3.68 -65.93
CA GLN G 337 28.91 3.30 -64.76
C GLN G 337 29.19 1.85 -64.42
N ARG G 338 28.71 1.35 -63.29
CA ARG G 338 28.83 -0.06 -62.95
C ARG G 338 27.45 -0.69 -62.81
N GLY G 339 27.29 -1.89 -63.37
CA GLY G 339 26.10 -2.68 -63.08
C GLY G 339 26.16 -3.18 -61.64
N SER G 340 25.05 -3.05 -60.92
CA SER G 340 25.02 -3.41 -59.51
C SER G 340 24.78 -4.89 -59.27
N GLY G 341 24.57 -5.67 -60.33
CA GLY G 341 24.34 -7.09 -60.20
C GLY G 341 25.43 -7.91 -60.83
N GLN G 342 26.51 -7.23 -61.27
CA GLN G 342 27.68 -7.88 -61.86
C GLN G 342 28.25 -8.88 -60.83
N VAL G 343 28.95 -9.91 -61.28
CA VAL G 343 29.48 -10.89 -60.34
C VAL G 343 30.66 -10.38 -59.52
N VAL G 344 31.29 -9.31 -59.94
CA VAL G 344 32.46 -8.88 -59.20
C VAL G 344 32.34 -7.42 -58.76
N THR G 345 31.10 -6.90 -58.72
CA THR G 345 30.87 -5.53 -58.30
C THR G 345 31.47 -5.26 -56.92
N TYR G 346 31.19 -6.14 -55.96
CA TYR G 346 31.76 -5.94 -54.64
C TYR G 346 33.28 -5.86 -54.70
N ALA G 347 33.91 -6.86 -55.30
CA ALA G 347 35.36 -6.86 -55.42
C ALA G 347 35.85 -5.65 -56.19
N LEU G 348 35.32 -5.44 -57.40
CA LEU G 348 35.82 -4.34 -58.21
C LEU G 348 35.63 -3.02 -57.50
N ASN G 349 34.50 -2.86 -56.80
CA ASN G 349 34.22 -1.59 -56.14
C ASN G 349 35.17 -1.38 -54.99
N THR G 350 35.43 -2.43 -54.20
CA THR G 350 36.39 -2.33 -53.10
C THR G 350 37.73 -1.84 -53.57
N LEU G 351 38.36 -2.60 -54.47
CA LEU G 351 39.67 -2.23 -55.01
C LEU G 351 39.65 -0.79 -55.55
N THR G 352 38.74 -0.49 -56.48
CA THR G 352 38.66 0.86 -57.03
C THR G 352 38.51 1.91 -55.93
N ASN G 353 37.85 1.54 -54.83
CA ASN G 353 37.62 2.49 -53.76
C ASN G 353 38.86 2.64 -52.88
N ILE G 354 39.62 1.55 -52.72
CA ILE G 354 40.94 1.65 -52.10
C ILE G 354 41.78 2.66 -52.86
N LYS G 355 41.78 2.53 -54.19
CA LYS G 355 42.56 3.46 -55.00
C LYS G 355 42.12 4.90 -54.75
N VAL G 356 40.80 5.15 -54.77
CA VAL G 356 40.31 6.52 -54.57
C VAL G 356 40.78 7.08 -53.23
N GLN G 357 40.66 6.31 -52.18
CA GLN G 357 41.02 6.87 -50.89
C GLN G 357 42.54 7.01 -50.75
N LEU G 358 43.30 6.02 -51.23
CA LEU G 358 44.76 6.13 -51.30
C LEU G 358 45.18 7.39 -52.04
N ILE G 359 44.53 7.67 -53.17
CA ILE G 359 44.76 8.93 -53.88
C ILE G 359 44.49 10.09 -52.95
N ARG G 360 43.31 10.10 -52.33
CA ARG G 360 42.94 11.23 -51.48
C ARG G 360 43.94 11.41 -50.36
N MET G 361 44.45 10.29 -49.82
CA MET G 361 45.45 10.40 -48.76
C MET G 361 46.63 11.21 -49.24
N MET G 362 47.15 10.88 -50.42
CA MET G 362 48.22 11.65 -51.05
C MET G 362 47.89 13.14 -51.14
N GLU G 363 46.74 13.50 -51.71
CA GLU G 363 46.43 14.92 -51.87
C GLU G 363 46.57 15.67 -50.54
N GLY G 364 45.95 15.18 -49.49
CA GLY G 364 46.06 15.87 -48.22
C GLY G 364 47.40 15.71 -47.54
N GLU G 365 48.17 14.71 -47.94
CA GLU G 365 49.52 14.59 -47.40
C GLU G 365 50.48 15.56 -48.07
N GLY G 366 50.03 16.25 -49.12
CA GLY G 366 50.85 17.14 -49.93
C GLY G 366 51.60 16.47 -51.06
N VAL G 367 51.52 15.14 -51.20
CA VAL G 367 52.26 14.43 -52.22
C VAL G 367 51.90 14.94 -53.61
N ILE G 368 50.60 15.16 -53.87
CA ILE G 368 50.15 15.68 -55.16
C ILE G 368 49.22 16.86 -54.92
N GLU G 369 49.00 17.65 -55.96
CA GLU G 369 48.03 18.74 -55.86
C GLU G 369 47.47 19.10 -57.23
N ALA G 370 46.60 20.11 -57.24
CA ALA G 370 45.74 20.32 -58.38
C ALA G 370 46.54 20.52 -59.66
N SER G 371 47.76 21.07 -59.53
CA SER G 371 48.65 21.23 -60.67
C SER G 371 48.93 19.92 -61.40
N ASP G 372 48.89 18.80 -60.68
CA ASP G 372 49.23 17.51 -61.27
C ASP G 372 48.05 16.86 -61.96
N ALA G 373 46.86 17.43 -61.82
CA ALA G 373 45.79 17.10 -62.74
C ALA G 373 46.14 17.53 -64.15
N HIS G 374 47.01 18.54 -64.28
CA HIS G 374 47.46 19.05 -65.58
C HIS G 374 48.76 18.36 -65.97
N ASN G 375 49.82 18.57 -65.19
CA ASN G 375 51.10 17.92 -65.46
C ASN G 375 51.53 17.09 -64.25
N PRO G 376 51.30 15.77 -64.26
CA PRO G 376 51.44 14.97 -63.03
C PRO G 376 52.88 14.66 -62.67
N ARG G 377 53.30 15.04 -61.46
CA ARG G 377 54.64 14.73 -60.99
C ARG G 377 54.73 13.27 -60.57
N LEU G 378 54.59 12.38 -61.57
CA LEU G 378 54.47 10.94 -61.33
C LEU G 378 55.59 10.34 -60.48
N LEU G 379 56.73 11.00 -60.38
CA LEU G 379 57.79 10.35 -59.61
C LEU G 379 57.47 10.41 -58.13
N ARG G 380 56.75 11.44 -57.71
CA ARG G 380 56.34 11.55 -56.31
C ARG G 380 55.43 10.40 -55.89
N VAL G 381 54.43 10.06 -56.71
CA VAL G 381 53.47 9.07 -56.27
C VAL G 381 54.07 7.68 -56.34
N GLU G 382 54.98 7.45 -57.28
CA GLU G 382 55.71 6.19 -57.34
C GLU G 382 56.53 6.00 -56.08
N ARG G 383 57.17 7.09 -55.64
CA ARG G 383 57.93 7.08 -54.39
C ARG G 383 57.03 6.84 -53.20
N TRP G 384 55.88 7.53 -53.16
CA TRP G 384 54.97 7.40 -52.03
C TRP G 384 54.52 5.94 -51.84
N LEU G 385 54.01 5.31 -52.90
CA LEU G 385 53.62 3.91 -52.81
C LEU G 385 54.79 3.03 -52.39
N ARG G 386 56.02 3.48 -52.70
CA ARG G 386 57.20 2.70 -52.37
C ARG G 386 57.43 2.67 -50.86
N ASP G 387 57.44 3.86 -50.23
CA ASP G 387 57.84 4.05 -48.84
C ASP G 387 56.68 3.89 -47.85
N HIS G 388 55.54 4.53 -48.11
CA HIS G 388 54.45 4.55 -47.15
C HIS G 388 53.27 3.67 -47.51
N GLY G 389 53.11 3.32 -48.80
CA GLY G 389 51.82 2.82 -49.28
C GLY G 389 51.35 1.56 -48.60
N GLU G 390 52.28 0.74 -48.12
CA GLU G 390 51.84 -0.46 -47.43
C GLU G 390 51.25 -0.12 -46.08
N GLU G 391 51.90 0.77 -45.33
CA GLU G 391 51.32 1.18 -44.05
C GLU G 391 49.97 1.85 -44.29
N ARG G 392 49.86 2.59 -45.38
CA ARG G 392 48.64 3.36 -45.62
C ARG G 392 47.44 2.47 -45.91
N LEU G 393 47.65 1.28 -46.50
CA LEU G 393 46.55 0.34 -46.67
C LEU G 393 45.99 -0.09 -45.34
N GLY G 394 46.77 0.01 -44.25
CA GLY G 394 46.35 -0.45 -42.94
C GLY G 394 45.53 0.52 -42.17
N ARG G 395 45.45 1.76 -42.64
CA ARG G 395 44.71 2.83 -42.00
C ARG G 395 43.25 2.88 -42.42
N MET G 396 42.78 1.94 -43.22
CA MET G 396 41.43 2.06 -43.73
C MET G 396 40.72 0.71 -43.77
N LEU G 397 39.40 0.76 -43.60
CA LEU G 397 38.49 -0.36 -43.73
C LEU G 397 37.66 -0.02 -44.96
N VAL G 398 37.75 -0.84 -46.00
CA VAL G 398 36.99 -0.59 -47.22
C VAL G 398 36.20 -1.83 -47.57
N SER G 399 34.88 -1.66 -47.71
CA SER G 399 34.07 -2.73 -48.28
C SER G 399 33.16 -2.08 -49.29
N GLY G 400 33.26 -2.51 -50.56
CA GLY G 400 32.48 -1.88 -51.61
C GLY G 400 32.71 -0.38 -51.60
N ASP G 401 31.62 0.38 -51.57
CA ASP G 401 31.79 1.82 -51.61
C ASP G 401 32.04 2.38 -50.21
N ASP G 402 31.58 1.73 -49.15
CA ASP G 402 31.76 2.29 -47.81
C ASP G 402 33.24 2.24 -47.41
N CYS G 403 33.67 3.25 -46.66
CA CYS G 403 35.02 3.18 -46.12
C CYS G 403 35.06 3.88 -44.77
N VAL G 404 36.13 3.61 -44.04
CA VAL G 404 36.46 4.23 -42.77
C VAL G 404 37.97 4.49 -42.83
N VAL G 405 38.38 5.75 -42.82
CA VAL G 405 39.76 6.16 -43.08
C VAL G 405 40.34 6.86 -41.85
N ARG G 406 41.60 6.51 -41.54
CA ARG G 406 42.36 7.14 -40.47
C ARG G 406 43.60 7.76 -41.09
N PRO G 407 43.51 8.97 -41.65
CA PRO G 407 44.66 9.55 -42.34
C PRO G 407 45.78 9.90 -41.37
N VAL G 408 46.88 10.43 -41.92
CA VAL G 408 48.01 10.86 -41.12
C VAL G 408 47.66 12.06 -40.27
N ASP G 409 46.69 12.87 -40.73
CA ASP G 409 46.26 14.05 -39.99
C ASP G 409 45.10 14.69 -40.74
N ASP G 410 44.35 15.54 -40.03
CA ASP G 410 43.11 16.12 -40.58
C ASP G 410 43.32 16.99 -41.82
N ARG G 411 44.51 17.09 -42.41
CA ARG G 411 44.61 17.72 -43.72
C ARG G 411 43.71 17.03 -44.71
N PHE G 412 43.65 15.70 -44.62
CA PHE G 412 42.70 14.85 -45.33
C PHE G 412 41.32 15.47 -45.36
N SER G 413 40.94 16.19 -44.30
CA SER G 413 39.62 16.82 -44.28
C SER G 413 39.38 17.69 -45.50
N ARG G 414 40.38 18.52 -45.84
CA ARG G 414 40.27 19.57 -46.85
C ARG G 414 40.79 19.13 -48.21
N ALA G 415 41.07 17.84 -48.39
CA ALA G 415 41.71 17.33 -49.59
C ALA G 415 40.67 16.83 -50.61
N LEU G 416 39.95 17.78 -51.19
CA LEU G 416 38.78 17.44 -51.99
C LEU G 416 38.95 17.70 -53.47
N TYR G 417 40.16 17.97 -53.94
CA TYR G 417 40.30 18.27 -55.36
C TYR G 417 40.20 17.00 -56.21
N PHE G 418 41.15 16.08 -56.03
CA PHE G 418 41.15 14.85 -56.82
C PHE G 418 39.95 13.96 -56.53
N LEU G 419 39.31 14.10 -55.37
CA LEU G 419 38.07 13.38 -55.14
C LEU G 419 36.97 13.86 -56.05
N ASN G 420 36.76 15.17 -56.11
CA ASN G 420 35.77 15.68 -57.04
C ASN G 420 36.20 15.42 -58.47
N ASP G 421 37.50 15.37 -58.75
CA ASP G 421 37.90 15.19 -60.14
C ASP G 421 37.59 13.77 -60.63
N MET G 422 37.62 12.76 -59.75
CA MET G 422 37.24 11.42 -60.16
C MET G 422 35.75 11.16 -59.98
N ALA G 423 34.95 12.19 -59.69
CA ALA G 423 33.49 12.19 -59.61
C ALA G 423 32.95 11.49 -58.38
N LYS G 424 33.80 11.19 -57.40
CA LYS G 424 33.35 10.57 -56.14
C LYS G 424 32.77 11.62 -55.19
N THR G 425 31.74 12.31 -55.69
CA THR G 425 31.02 13.37 -55.01
C THR G 425 30.40 12.91 -53.70
N ARG G 426 30.88 13.41 -52.57
CA ARG G 426 30.35 12.95 -51.31
C ARG G 426 28.91 13.43 -51.16
N LYS G 427 28.09 12.63 -50.49
CA LYS G 427 26.67 12.92 -50.35
C LYS G 427 26.42 13.69 -49.06
N ASP G 428 25.31 14.42 -49.07
CA ASP G 428 24.84 15.17 -47.91
C ASP G 428 25.85 16.23 -47.51
N ILE G 429 26.54 16.79 -48.50
CA ILE G 429 27.50 17.86 -48.27
C ILE G 429 27.72 18.62 -49.56
N GLY G 430 28.23 19.86 -49.44
CA GLY G 430 28.52 20.65 -50.61
C GLY G 430 29.83 20.26 -51.27
N GLU G 431 29.95 20.61 -52.56
CA GLU G 431 31.05 20.07 -53.33
C GLU G 431 32.41 20.40 -52.74
N TRP G 432 32.56 21.57 -52.09
CA TRP G 432 33.88 21.98 -51.62
C TRP G 432 33.93 22.16 -50.11
N GLU G 433 32.89 21.73 -49.40
CA GLU G 433 32.81 21.86 -47.94
C GLU G 433 33.74 20.86 -47.27
N HIS G 434 34.46 21.33 -46.26
CA HIS G 434 35.33 20.43 -45.50
C HIS G 434 34.55 19.29 -44.88
N SER G 435 35.14 18.09 -44.90
CA SER G 435 34.48 16.89 -44.41
C SER G 435 34.64 16.78 -42.90
N VAL G 436 33.62 16.25 -42.24
CA VAL G 436 33.60 16.16 -40.77
C VAL G 436 34.06 14.78 -40.30
N GLY G 437 35.10 14.77 -39.48
CA GLY G 437 35.59 13.54 -38.89
C GLY G 437 34.87 13.17 -37.61
N PHE G 438 35.39 12.14 -36.96
CA PHE G 438 34.83 11.59 -35.74
C PHE G 438 35.99 11.34 -34.80
N SER G 439 35.89 11.85 -33.58
CA SER G 439 36.95 11.72 -32.59
C SER G 439 36.94 10.34 -31.92
N ASN G 440 35.79 9.69 -31.84
CA ASN G 440 35.58 8.45 -31.10
C ASN G 440 35.07 7.38 -32.05
N TRP G 441 35.70 6.21 -32.04
CA TRP G 441 35.35 5.20 -33.02
C TRP G 441 33.91 4.73 -32.87
N GLU G 442 33.35 4.79 -31.66
CA GLU G 442 31.99 4.27 -31.54
C GLU G 442 30.96 5.18 -32.18
N GLU G 443 31.35 6.37 -32.60
CA GLU G 443 30.46 7.26 -33.33
C GLU G 443 30.65 7.16 -34.84
N VAL G 444 31.60 6.33 -35.29
CA VAL G 444 31.94 6.17 -36.71
C VAL G 444 30.98 5.16 -37.35
N PRO G 445 30.34 5.49 -38.46
CA PRO G 445 29.43 4.56 -39.13
C PRO G 445 30.03 3.75 -40.28
N PHE G 446 29.71 2.45 -40.30
CA PHE G 446 30.29 1.56 -41.29
C PHE G 446 29.34 0.43 -41.63
N CYS G 447 29.20 0.13 -42.91
CA CYS G 447 28.33 -0.94 -43.37
C CYS G 447 26.96 -0.85 -42.71
N SER G 448 26.45 0.38 -42.61
CA SER G 448 25.11 0.72 -42.14
C SER G 448 24.93 0.58 -40.65
N HIS G 449 25.99 0.30 -39.89
CA HIS G 449 25.91 0.17 -38.45
C HIS G 449 26.85 1.12 -37.74
N HIS G 450 26.62 1.30 -36.45
CA HIS G 450 27.61 1.82 -35.51
C HIS G 450 28.04 0.67 -34.61
N PHE G 451 29.13 0.85 -33.88
CA PHE G 451 29.61 -0.26 -33.06
C PHE G 451 29.83 0.18 -31.63
N HIS G 452 29.36 -0.64 -30.69
CA HIS G 452 29.44 -0.30 -29.27
C HIS G 452 30.11 -1.45 -28.53
N GLU G 453 30.83 -1.10 -27.47
CA GLU G 453 31.54 -2.07 -26.62
C GLU G 453 30.72 -2.34 -25.39
N LEU G 454 30.44 -3.62 -25.15
CA LEU G 454 29.66 -4.12 -24.03
C LEU G 454 30.55 -4.95 -23.14
N VAL G 455 30.43 -4.80 -21.82
CA VAL G 455 31.16 -5.66 -20.90
C VAL G 455 30.18 -6.64 -20.25
N MET G 456 30.54 -7.92 -20.21
CA MET G 456 29.68 -8.95 -19.65
C MET G 456 29.88 -9.07 -18.15
N LYS G 457 28.84 -9.55 -17.45
CA LYS G 457 28.93 -9.72 -15.99
C LYS G 457 30.19 -10.51 -15.60
N ASP G 458 30.66 -11.42 -16.47
CA ASP G 458 31.92 -12.11 -16.20
C ASP G 458 33.13 -11.32 -16.64
N GLY G 459 32.98 -10.05 -17.00
CA GLY G 459 34.12 -9.21 -17.29
C GLY G 459 34.68 -9.30 -18.70
N ARG G 460 34.22 -10.25 -19.49
CA ARG G 460 34.66 -10.31 -20.88
C ARG G 460 33.97 -9.22 -21.68
N ALA G 461 34.61 -8.78 -22.76
CA ALA G 461 34.10 -7.69 -23.55
C ALA G 461 33.75 -8.16 -24.95
N LEU G 462 32.65 -7.62 -25.47
CA LEU G 462 32.19 -7.81 -26.83
C LEU G 462 32.11 -6.44 -27.49
N ILE G 463 32.13 -6.43 -28.81
CA ILE G 463 31.88 -5.21 -29.56
C ILE G 463 30.75 -5.55 -30.50
N VAL G 464 29.58 -4.94 -30.28
CA VAL G 464 28.39 -5.38 -30.99
C VAL G 464 27.96 -4.34 -32.01
N PRO G 465 27.30 -4.75 -33.07
CA PRO G 465 26.79 -3.80 -34.07
C PRO G 465 25.39 -3.33 -33.73
N CYS G 466 25.09 -2.10 -34.14
CA CYS G 466 23.79 -1.54 -33.88
C CYS G 466 23.30 -0.78 -35.12
N ARG G 467 22.01 -0.86 -35.37
CA ARG G 467 21.33 -0.12 -36.42
C ARG G 467 20.13 0.53 -35.78
N ASP G 468 19.41 1.35 -36.52
CA ASP G 468 18.19 1.91 -35.96
C ASP G 468 17.16 0.82 -35.75
N GLN G 469 16.52 0.83 -34.58
CA GLN G 469 15.56 -0.22 -34.30
C GLN G 469 14.41 -0.18 -35.29
N ASP G 470 13.93 1.03 -35.61
CA ASP G 470 12.78 1.15 -36.49
C ASP G 470 13.09 0.65 -37.89
N GLU G 471 14.31 0.87 -38.35
CA GLU G 471 14.74 0.36 -39.65
C GLU G 471 14.63 -1.15 -39.67
N LEU G 472 15.28 -1.80 -38.69
CA LEU G 472 15.33 -3.26 -38.55
C LEU G 472 13.93 -3.87 -38.44
N VAL G 473 13.14 -3.43 -37.46
CA VAL G 473 11.75 -3.88 -37.37
C VAL G 473 11.05 -3.66 -38.70
N GLY G 474 11.16 -2.45 -39.23
CA GLY G 474 10.40 -2.09 -40.42
C GLY G 474 10.67 -3.02 -41.58
N ARG G 475 11.95 -3.29 -41.84
CA ARG G 475 12.31 -4.16 -42.95
C ARG G 475 11.71 -5.55 -42.76
N ALA G 476 11.48 -5.96 -41.52
CA ALA G 476 10.84 -7.23 -41.25
C ALA G 476 9.34 -7.17 -41.44
N ARG G 477 8.73 -5.99 -41.37
CA ARG G 477 7.28 -5.91 -41.56
C ARG G 477 6.86 -5.87 -43.02
N VAL G 478 7.78 -5.91 -44.00
CA VAL G 478 7.38 -5.94 -45.40
C VAL G 478 7.45 -7.37 -45.92
N SER G 479 6.34 -7.80 -46.53
CA SER G 479 6.21 -9.14 -47.06
C SER G 479 7.04 -9.27 -48.33
N PRO G 480 7.55 -10.46 -48.60
CA PRO G 480 8.28 -10.65 -49.86
C PRO G 480 7.38 -10.51 -51.07
N GLY G 481 6.11 -10.88 -50.92
CA GLY G 481 5.15 -10.73 -52.00
C GLY G 481 3.80 -11.23 -51.56
N CYS G 482 2.86 -11.20 -52.49
CA CYS G 482 1.58 -11.83 -52.27
C CYS G 482 1.67 -13.30 -52.67
N GLY G 483 0.67 -14.07 -52.27
CA GLY G 483 0.73 -15.50 -52.45
C GLY G 483 1.65 -16.20 -51.48
N TRP G 484 2.07 -15.49 -50.43
CA TRP G 484 2.86 -16.11 -49.38
C TRP G 484 1.91 -16.77 -48.39
N SER G 485 2.15 -18.06 -48.13
CA SER G 485 1.33 -18.85 -47.22
C SER G 485 1.56 -18.41 -45.78
N VAL G 486 0.70 -18.90 -44.90
CA VAL G 486 0.93 -18.70 -43.47
C VAL G 486 2.29 -19.28 -43.08
N ARG G 487 2.60 -20.48 -43.58
CA ARG G 487 3.85 -21.11 -43.20
C ARG G 487 5.05 -20.34 -43.74
N GLU G 488 5.03 -20.04 -45.05
CA GLU G 488 6.14 -19.31 -45.63
C GLU G 488 6.34 -17.96 -44.94
N THR G 489 5.26 -17.31 -44.50
CA THR G 489 5.44 -16.06 -43.78
C THR G 489 6.11 -16.29 -42.43
N ALA G 490 5.68 -17.30 -41.69
CA ALA G 490 6.24 -17.54 -40.36
C ALA G 490 7.73 -17.81 -40.45
N CYS G 491 8.15 -18.66 -41.39
CA CYS G 491 9.57 -18.96 -41.54
C CYS G 491 10.39 -17.69 -41.77
N LEU G 492 9.90 -16.81 -42.64
CA LEU G 492 10.59 -15.55 -42.85
C LEU G 492 10.76 -14.79 -41.54
N SER G 493 9.68 -14.68 -40.78
CA SER G 493 9.77 -13.95 -39.53
C SER G 493 10.79 -14.58 -38.59
N LYS G 494 10.74 -15.91 -38.46
CA LYS G 494 11.74 -16.60 -37.65
C LYS G 494 13.13 -16.20 -38.09
N ALA G 495 13.38 -16.26 -39.41
CA ALA G 495 14.67 -15.83 -39.94
C ALA G 495 15.04 -14.44 -39.43
N TYR G 496 14.09 -13.51 -39.43
CA TYR G 496 14.39 -12.20 -38.85
C TYR G 496 14.66 -12.31 -37.35
N GLY G 497 13.85 -13.12 -36.65
CA GLY G 497 14.00 -13.26 -35.21
C GLY G 497 15.36 -13.79 -34.82
N GLN G 498 15.76 -14.91 -35.43
CA GLN G 498 17.09 -15.48 -35.17
C GLN G 498 18.18 -14.45 -35.42
N MET G 499 18.08 -13.70 -36.51
CA MET G 499 19.13 -12.74 -36.83
C MET G 499 19.22 -11.67 -35.77
N TRP G 500 18.08 -11.15 -35.34
CA TRP G 500 18.08 -10.13 -34.28
C TRP G 500 18.72 -10.69 -33.02
N LEU G 501 18.33 -11.92 -32.62
CA LEU G 501 18.93 -12.49 -31.44
C LEU G 501 20.43 -12.61 -31.58
N LEU G 502 20.94 -12.81 -32.81
CA LEU G 502 22.37 -13.03 -32.96
C LEU G 502 23.16 -11.73 -33.00
N SER G 503 22.62 -10.65 -33.58
CA SER G 503 23.41 -9.43 -33.76
C SER G 503 22.87 -8.20 -33.05
N TYR G 504 21.62 -8.21 -32.61
CA TYR G 504 21.05 -7.04 -31.96
C TYR G 504 20.39 -7.43 -30.65
N PHE G 505 20.83 -8.54 -30.05
CA PHE G 505 20.39 -8.96 -28.73
C PHE G 505 20.60 -7.92 -27.64
N HIS G 506 21.43 -6.92 -27.89
CA HIS G 506 21.70 -5.86 -26.93
C HIS G 506 20.60 -4.81 -26.91
N ARG G 507 19.58 -4.98 -27.75
CA ARG G 507 18.43 -4.08 -27.86
C ARG G 507 17.25 -4.75 -27.16
N ARG G 508 16.80 -4.19 -26.03
CA ARG G 508 15.77 -4.87 -25.24
C ARG G 508 14.56 -5.24 -26.09
N ASP G 509 14.06 -4.31 -26.90
CA ASP G 509 12.88 -4.62 -27.70
C ASP G 509 13.17 -5.72 -28.72
N LEU G 510 14.36 -5.73 -29.29
CA LEU G 510 14.63 -6.71 -30.34
C LEU G 510 14.75 -8.11 -29.75
N ARG G 511 15.33 -8.24 -28.56
CA ARG G 511 15.40 -9.54 -27.90
C ARG G 511 14.03 -10.05 -27.51
N THR G 512 13.21 -9.19 -26.87
CA THR G 512 11.82 -9.54 -26.62
C THR G 512 11.11 -9.99 -27.89
N LEU G 513 11.25 -9.21 -28.95
CA LEU G 513 10.56 -9.50 -30.19
C LEU G 513 11.10 -10.77 -30.82
N GLY G 514 12.41 -10.91 -30.81
CA GLY G 514 13.01 -12.11 -31.38
C GLY G 514 12.66 -13.37 -30.60
N LEU G 515 12.70 -13.30 -29.27
CA LEU G 515 12.31 -14.46 -28.48
C LEU G 515 10.82 -14.75 -28.63
N ALA G 516 10.00 -13.69 -28.74
CA ALA G 516 8.57 -13.86 -28.98
C ALA G 516 8.29 -14.51 -30.33
N ILE G 517 8.97 -14.06 -31.39
CA ILE G 517 8.77 -14.67 -32.69
C ILE G 517 9.10 -16.15 -32.63
N CYS G 518 10.25 -16.49 -32.05
CA CYS G 518 10.63 -17.88 -31.93
C CYS G 518 9.69 -18.69 -31.05
N SER G 519 8.94 -18.05 -30.16
CA SER G 519 7.96 -18.84 -29.43
C SER G 519 6.70 -19.11 -30.24
N ALA G 520 6.52 -18.42 -31.37
CA ALA G 520 5.28 -18.48 -32.12
C ALA G 520 5.41 -19.26 -33.42
N VAL G 521 6.62 -19.63 -33.81
CA VAL G 521 6.82 -20.44 -35.01
C VAL G 521 7.23 -21.85 -34.59
N PRO G 522 6.81 -22.88 -35.31
CA PRO G 522 7.23 -24.24 -34.97
C PRO G 522 8.73 -24.38 -34.77
N ILE G 523 9.08 -25.30 -33.88
CA ILE G 523 10.48 -25.53 -33.56
C ILE G 523 11.21 -26.13 -34.75
N ASP G 524 10.55 -27.08 -35.43
CA ASP G 524 11.20 -27.81 -36.51
C ASP G 524 11.10 -27.08 -37.84
N TRP G 525 10.40 -25.95 -37.93
CA TRP G 525 10.35 -25.21 -39.18
C TRP G 525 11.67 -24.47 -39.35
N VAL G 526 12.46 -24.95 -40.29
CA VAL G 526 13.65 -24.22 -40.72
C VAL G 526 13.23 -22.88 -41.30
N PRO G 527 13.82 -21.78 -40.87
CA PRO G 527 13.51 -20.48 -41.48
C PRO G 527 14.16 -20.30 -42.87
N THR G 528 13.47 -19.51 -43.71
CA THR G 528 13.83 -19.27 -45.10
C THR G 528 13.70 -17.78 -45.41
N GLY G 529 14.71 -17.22 -46.06
CA GLY G 529 14.53 -15.90 -46.67
C GLY G 529 15.85 -15.15 -46.74
N ARG G 530 15.78 -14.01 -47.44
CA ARG G 530 16.85 -13.02 -47.40
C ARG G 530 16.43 -11.93 -46.42
N THR G 531 17.07 -11.92 -45.25
CA THR G 531 16.83 -10.90 -44.23
C THR G 531 17.73 -9.69 -44.41
N THR G 532 18.83 -9.85 -45.15
CA THR G 532 19.80 -8.79 -45.35
C THR G 532 20.67 -9.12 -46.56
N TRP G 533 20.94 -8.10 -47.38
CA TRP G 533 21.82 -8.21 -48.53
C TRP G 533 23.20 -7.60 -48.28
N SER G 534 23.53 -7.23 -47.03
CA SER G 534 24.91 -6.93 -46.69
C SER G 534 25.78 -8.16 -46.87
N ILE G 535 27.02 -7.93 -47.35
CA ILE G 535 27.91 -9.06 -47.67
C ILE G 535 28.60 -9.56 -46.41
N HIS G 536 28.27 -9.01 -45.24
CA HIS G 536 28.79 -9.48 -43.97
C HIS G 536 27.76 -10.31 -43.20
N ALA G 537 26.62 -10.61 -43.84
CA ALA G 537 25.64 -11.53 -43.31
C ALA G 537 26.23 -12.93 -43.18
N SER G 538 26.53 -13.34 -41.94
CA SER G 538 26.82 -14.75 -41.64
C SER G 538 25.75 -15.67 -42.20
N GLY G 539 24.48 -15.42 -41.85
CA GLY G 539 23.41 -16.37 -42.04
C GLY G 539 23.34 -17.50 -41.02
N ALA G 540 24.22 -17.51 -40.02
CA ALA G 540 24.28 -18.55 -38.99
C ALA G 540 22.94 -18.75 -38.32
N TRP G 541 22.00 -17.83 -38.56
CA TRP G 541 20.63 -17.85 -38.08
C TRP G 541 19.66 -18.56 -39.01
N MET G 542 20.03 -18.82 -40.27
CA MET G 542 19.20 -19.63 -41.16
C MET G 542 19.46 -21.11 -40.85
N THR G 543 18.90 -21.53 -39.73
CA THR G 543 19.23 -22.79 -39.08
C THR G 543 18.04 -23.16 -38.21
N THR G 544 18.20 -24.25 -37.48
CA THR G 544 17.22 -24.67 -36.50
C THR G 544 17.94 -25.07 -35.21
N GLU G 545 19.19 -24.67 -35.06
CA GLU G 545 19.84 -24.97 -33.78
C GLU G 545 19.29 -24.04 -32.70
N ASP G 546 19.52 -24.39 -31.42
CA ASP G 546 19.20 -23.47 -30.33
C ASP G 546 19.95 -22.15 -30.52
N MET G 547 19.22 -21.03 -30.43
CA MET G 547 19.87 -19.75 -30.73
C MET G 547 20.93 -19.37 -29.69
N LEU G 548 20.73 -19.69 -28.41
CA LEU G 548 21.84 -19.53 -27.47
C LEU G 548 23.05 -20.35 -27.85
N ASP G 549 22.83 -21.55 -28.36
CA ASP G 549 23.99 -22.36 -28.69
C ASP G 549 24.74 -21.77 -29.89
N VAL G 550 24.04 -21.16 -30.85
CA VAL G 550 24.76 -20.53 -31.96
C VAL G 550 25.35 -19.20 -31.54
N TRP G 551 24.63 -18.44 -30.69
CA TRP G 551 25.21 -17.24 -30.05
C TRP G 551 26.58 -17.53 -29.44
N ASN G 552 26.65 -18.55 -28.56
CA ASN G 552 27.95 -18.91 -27.96
C ASN G 552 28.99 -19.25 -29.02
N ARG G 553 28.58 -19.85 -30.14
CA ARG G 553 29.56 -20.23 -31.14
C ARG G 553 30.18 -19.00 -31.78
N VAL G 554 29.36 -18.03 -32.15
CA VAL G 554 29.90 -16.91 -32.93
C VAL G 554 30.52 -15.87 -32.03
N TRP G 555 29.94 -15.63 -30.85
CA TRP G 555 30.49 -14.59 -30.00
C TRP G 555 31.65 -15.08 -29.15
N ILE G 556 31.75 -16.37 -28.87
CA ILE G 556 32.73 -16.84 -27.91
C ILE G 556 33.63 -17.89 -28.53
N LEU G 557 33.07 -19.01 -28.92
CA LEU G 557 33.88 -20.11 -29.42
C LEU G 557 34.65 -19.71 -30.67
N ASP G 558 33.96 -19.47 -31.78
CA ASP G 558 34.69 -19.15 -32.99
C ASP G 558 35.17 -17.68 -33.03
N ASN G 559 35.19 -16.99 -31.88
CA ASN G 559 35.51 -15.57 -31.84
C ASN G 559 37.00 -15.38 -31.69
N PRO G 560 37.69 -14.84 -32.71
CA PRO G 560 39.16 -14.73 -32.63
C PRO G 560 39.62 -13.86 -31.50
N PHE G 561 38.90 -12.77 -31.28
CA PHE G 561 39.23 -11.75 -30.29
C PHE G 561 38.80 -12.11 -28.88
N MET G 562 38.16 -13.25 -28.67
CA MET G 562 37.68 -13.58 -27.34
C MET G 562 38.51 -14.75 -26.80
N HIS G 563 39.33 -14.47 -25.77
CA HIS G 563 40.44 -15.35 -25.45
C HIS G 563 40.11 -16.37 -24.38
N SER G 564 38.85 -16.51 -23.99
CA SER G 564 38.48 -17.46 -22.95
C SER G 564 37.11 -17.99 -23.30
N LYS G 565 37.02 -19.25 -23.73
CA LYS G 565 35.81 -19.77 -24.34
C LYS G 565 34.81 -20.33 -23.34
N GLU G 566 34.76 -19.80 -22.12
CA GLU G 566 33.71 -20.16 -21.18
C GLU G 566 32.35 -19.76 -21.74
N LYS G 567 31.48 -20.75 -21.95
CA LYS G 567 30.19 -20.52 -22.59
C LYS G 567 29.23 -19.79 -21.64
N ILE G 568 28.10 -19.36 -22.17
CA ILE G 568 27.12 -18.57 -21.44
C ILE G 568 25.88 -19.41 -21.35
N VAL G 569 25.42 -19.73 -20.13
CA VAL G 569 24.46 -20.81 -20.04
C VAL G 569 23.03 -20.33 -20.28
N GLU G 570 22.73 -19.05 -20.02
CA GLU G 570 21.37 -18.56 -20.24
C GLU G 570 21.37 -17.17 -20.88
N TRP G 571 20.18 -16.79 -21.39
CA TRP G 571 20.05 -15.49 -22.01
C TRP G 571 20.16 -14.40 -20.98
N ARG G 572 19.70 -14.66 -19.75
CA ARG G 572 19.76 -13.66 -18.68
C ARG G 572 21.18 -13.16 -18.46
N ASP G 573 22.18 -13.88 -18.97
CA ASP G 573 23.60 -13.61 -18.83
C ASP G 573 24.21 -12.81 -19.98
N VAL G 574 23.42 -12.44 -20.97
CA VAL G 574 23.92 -11.82 -22.20
C VAL G 574 23.64 -10.32 -22.12
N PRO G 575 24.65 -9.47 -22.25
CA PRO G 575 24.49 -8.06 -21.89
C PRO G 575 23.51 -7.32 -22.78
N TYR G 576 23.13 -6.15 -22.30
CA TYR G 576 22.30 -5.19 -23.01
C TYR G 576 23.12 -3.93 -23.26
N LEU G 577 22.69 -3.13 -24.23
CA LEU G 577 23.20 -1.77 -24.30
C LEU G 577 22.74 -1.04 -23.04
N PRO G 578 23.43 0.03 -22.65
CA PRO G 578 22.90 0.89 -21.60
C PRO G 578 21.52 1.43 -21.97
N LYS G 579 20.62 1.50 -20.98
CA LYS G 579 19.26 1.95 -21.25
C LYS G 579 19.22 3.27 -22.02
N SER G 580 20.19 4.16 -21.79
CA SER G 580 20.23 5.45 -22.50
C SER G 580 20.57 5.24 -23.97
N HIS G 581 21.65 4.50 -24.26
CA HIS G 581 21.99 4.14 -25.63
C HIS G 581 20.80 3.49 -26.35
N ASP G 582 20.12 2.54 -25.66
CA ASP G 582 18.96 1.84 -26.24
C ASP G 582 17.89 2.85 -26.68
N MET G 583 17.45 3.71 -25.76
CA MET G 583 16.44 4.73 -26.09
C MET G 583 16.97 5.72 -27.12
N LEU G 584 18.25 6.12 -27.01
CA LEU G 584 18.84 7.04 -27.98
C LEU G 584 18.83 6.46 -29.39
N CYS G 585 19.21 5.18 -29.54
CA CYS G 585 19.21 4.45 -30.82
C CYS G 585 17.84 3.99 -31.32
N SER G 586 16.76 4.61 -30.80
CA SER G 586 15.37 4.45 -31.26
C SER G 586 14.60 3.37 -30.50
N SER G 587 14.88 3.18 -29.20
CA SER G 587 14.13 2.15 -28.47
C SER G 587 12.80 2.70 -27.99
N LEU G 588 11.96 1.77 -27.54
CA LEU G 588 10.64 2.05 -27.04
C LEU G 588 10.57 1.90 -25.53
N VAL G 589 11.70 1.72 -24.86
CA VAL G 589 11.68 1.13 -23.51
C VAL G 589 10.97 2.05 -22.51
N GLY G 590 11.31 3.35 -22.50
CA GLY G 590 10.66 4.26 -21.57
C GLY G 590 9.19 4.48 -21.88
N ARG G 591 8.83 4.44 -23.17
CA ARG G 591 7.48 4.66 -23.65
C ARG G 591 6.45 3.80 -22.89
N LYS G 592 5.37 4.44 -22.47
CA LYS G 592 4.30 3.70 -21.83
C LYS G 592 3.71 2.67 -22.78
N GLU G 593 3.63 3.00 -24.08
CA GLU G 593 3.06 2.07 -25.05
C GLU G 593 3.84 0.76 -25.10
N ARG G 594 5.17 0.79 -24.93
CA ARG G 594 5.94 -0.44 -24.98
C ARG G 594 5.62 -1.36 -23.82
N ALA G 595 5.72 -0.84 -22.60
CA ALA G 595 5.41 -1.66 -21.44
C ALA G 595 4.05 -2.31 -21.61
N GLU G 596 3.05 -1.56 -22.06
CA GLU G 596 1.79 -2.15 -22.49
C GLU G 596 2.01 -3.33 -23.43
N TRP G 597 2.74 -3.09 -24.54
CA TRP G 597 3.05 -4.16 -25.49
C TRP G 597 3.73 -5.32 -24.79
N ALA G 598 4.93 -5.06 -24.26
CA ALA G 598 5.73 -6.10 -23.63
C ALA G 598 4.98 -6.84 -22.54
N LYS G 599 4.00 -6.21 -21.89
CA LYS G 599 3.19 -6.92 -20.92
C LYS G 599 2.46 -8.04 -21.61
N ASN G 600 1.49 -7.72 -22.45
CA ASN G 600 0.62 -8.73 -23.04
C ASN G 600 1.06 -9.16 -24.43
N ILE G 601 2.37 -9.42 -24.57
CA ILE G 601 2.87 -9.93 -25.84
C ILE G 601 2.56 -11.41 -25.99
N TRP G 602 2.48 -12.13 -24.87
CA TRP G 602 2.24 -13.56 -24.99
C TRP G 602 0.88 -13.83 -25.63
N GLY G 603 -0.06 -12.91 -25.49
CA GLY G 603 -1.35 -13.11 -26.11
C GLY G 603 -1.25 -13.05 -27.62
N ALA G 604 -0.42 -12.14 -28.13
CA ALA G 604 -0.11 -12.15 -29.56
C ALA G 604 0.55 -13.47 -29.96
N VAL G 605 1.50 -13.94 -29.16
CA VAL G 605 2.16 -15.21 -29.46
C VAL G 605 1.13 -16.32 -29.58
N GLU G 606 0.11 -16.31 -28.71
CA GLU G 606 -0.88 -17.37 -28.77
C GLU G 606 -1.69 -17.30 -30.05
N LYS G 607 -2.09 -16.08 -30.45
CA LYS G 607 -2.79 -15.87 -31.72
C LYS G 607 -1.98 -16.43 -32.90
N VAL G 608 -0.68 -16.11 -32.96
CA VAL G 608 0.15 -16.61 -34.06
C VAL G 608 0.19 -18.13 -34.04
N ARG G 609 0.31 -18.70 -32.85
CA ARG G 609 0.34 -20.15 -32.72
C ARG G 609 -0.98 -20.78 -33.20
N LYS G 610 -2.12 -20.20 -32.79
CA LYS G 610 -3.41 -20.75 -33.20
C LYS G 610 -3.60 -20.63 -34.69
N MET G 611 -3.28 -19.45 -35.24
CA MET G 611 -3.21 -19.25 -36.68
C MET G 611 -2.41 -20.36 -37.36
N ILE G 612 -1.24 -20.70 -36.82
CA ILE G 612 -0.38 -21.69 -37.47
C ILE G 612 -0.93 -23.10 -37.29
N GLY G 613 -1.51 -23.39 -36.13
CA GLY G 613 -2.15 -24.68 -35.96
C GLY G 613 -1.49 -25.65 -35.00
N GLN G 614 -1.50 -26.94 -35.33
CA GLN G 614 -1.13 -27.99 -34.40
C GLN G 614 0.29 -28.46 -34.68
N GLU G 615 1.26 -27.65 -34.26
CA GLU G 615 2.67 -27.92 -34.47
C GLU G 615 3.42 -27.78 -33.14
N LYS G 616 4.73 -28.04 -33.19
CA LYS G 616 5.56 -28.11 -32.00
C LYS G 616 6.15 -26.74 -31.68
N PHE G 617 5.76 -26.17 -30.54
CA PHE G 617 6.24 -24.88 -30.06
C PHE G 617 6.98 -25.05 -28.75
N LYS G 618 8.11 -24.38 -28.61
CA LYS G 618 8.69 -24.15 -27.29
C LYS G 618 8.46 -22.69 -26.89
N ASP G 619 8.81 -22.35 -25.66
CA ASP G 619 8.48 -21.07 -25.06
C ASP G 619 9.79 -20.38 -24.70
N TYR G 620 10.30 -19.61 -25.64
CA TYR G 620 11.58 -18.96 -25.42
C TYR G 620 11.44 -17.63 -24.71
N LEU G 621 10.23 -17.13 -24.57
CA LEU G 621 10.08 -15.82 -23.95
C LEU G 621 10.38 -15.90 -22.45
N SER G 622 10.01 -17.03 -21.82
CA SER G 622 9.98 -17.10 -20.35
C SER G 622 11.36 -17.05 -19.74
N CYS G 623 12.40 -17.50 -20.46
CA CYS G 623 13.75 -17.22 -20.01
C CYS G 623 14.10 -15.75 -20.27
N MET G 624 13.54 -14.84 -19.48
CA MET G 624 13.79 -13.41 -19.61
C MET G 624 13.53 -12.82 -18.23
N ASP G 625 14.60 -12.38 -17.56
CA ASP G 625 14.56 -12.02 -16.13
C ASP G 625 13.84 -13.09 -15.26
N LYS H 9 -30.10 70.17 -25.33
CA LYS H 9 -31.38 69.50 -25.59
C LYS H 9 -31.91 69.89 -26.98
N VAL H 10 -32.87 69.12 -27.49
CA VAL H 10 -33.56 69.40 -28.75
C VAL H 10 -35.02 69.01 -28.59
N LYS H 11 -35.29 68.07 -27.69
CA LYS H 11 -36.65 67.62 -27.39
C LYS H 11 -36.89 67.79 -25.90
N GLU H 12 -37.30 68.99 -25.49
CA GLU H 12 -37.49 69.34 -24.08
C GLU H 12 -38.91 69.01 -23.59
N LYS H 13 -39.12 69.18 -22.28
CA LYS H 13 -40.45 69.09 -21.68
C LYS H 13 -41.09 70.47 -21.79
N ASP H 14 -42.01 70.85 -20.87
CA ASP H 14 -42.56 72.21 -20.91
C ASP H 14 -43.17 72.79 -19.62
N VAL H 15 -44.43 72.49 -19.32
CA VAL H 15 -45.13 73.16 -18.24
C VAL H 15 -45.65 72.20 -17.20
N GLN H 16 -45.44 70.90 -17.35
CA GLN H 16 -45.76 69.97 -16.27
C GLN H 16 -44.60 69.93 -15.29
N GLU H 17 -43.37 70.02 -15.82
CA GLU H 17 -42.17 70.35 -15.10
C GLU H 17 -42.38 71.52 -14.14
N ARG H 18 -43.11 72.55 -14.60
CA ARG H 18 -43.14 73.83 -13.90
C ARG H 18 -43.63 73.70 -12.45
N ILE H 19 -44.79 73.07 -12.24
CA ILE H 19 -45.35 73.02 -10.89
C ILE H 19 -44.57 72.05 -9.99
N SER H 20 -44.02 70.95 -10.54
CA SER H 20 -43.20 70.04 -9.76
C SER H 20 -41.83 70.65 -9.46
N ALA H 21 -41.08 71.01 -10.51
CA ALA H 21 -39.76 71.64 -10.32
C ALA H 21 -39.85 72.89 -9.46
N LEU H 22 -40.97 73.62 -9.52
CA LEU H 22 -41.08 74.83 -8.73
C LEU H 22 -41.39 74.53 -7.27
N ARG H 23 -41.17 73.31 -6.79
CA ARG H 23 -41.01 73.07 -5.36
C ARG H 23 -39.53 73.24 -5.02
N GLU H 24 -39.13 74.50 -5.01
CA GLU H 24 -37.86 74.97 -4.46
C GLU H 24 -37.99 75.01 -2.94
N GLN H 25 -38.49 73.92 -2.34
CA GLN H 25 -38.42 73.67 -0.90
C GLN H 25 -36.98 73.48 -0.39
N TYR H 26 -36.01 73.40 -1.30
CA TYR H 26 -34.60 73.42 -0.94
C TYR H 26 -33.95 74.76 -1.28
N GLY H 27 -34.75 75.84 -1.30
CA GLY H 27 -34.28 77.12 -1.79
C GLY H 27 -33.18 77.75 -0.95
N GLU H 28 -33.01 77.29 0.30
CA GLU H 28 -32.00 77.89 1.18
C GLU H 28 -30.60 77.73 0.61
N THR H 29 -30.39 76.67 -0.18
CA THR H 29 -29.16 76.44 -0.91
C THR H 29 -29.36 76.42 -2.42
N TRP H 30 -30.60 76.55 -2.91
CA TRP H 30 -30.86 76.44 -4.34
C TRP H 30 -29.99 77.43 -5.10
N HIS H 31 -29.58 77.03 -6.29
CA HIS H 31 -28.68 77.86 -7.10
C HIS H 31 -28.59 77.25 -8.48
N MET H 32 -27.91 77.93 -9.38
CA MET H 32 -27.91 77.56 -10.79
C MET H 32 -26.47 77.41 -11.30
N ASP H 33 -25.81 76.33 -10.90
CA ASP H 33 -24.47 76.03 -11.41
C ASP H 33 -24.47 76.00 -12.94
N ARG H 34 -23.81 76.98 -13.53
CA ARG H 34 -23.68 77.04 -14.98
C ARG H 34 -22.79 75.97 -15.57
N GLU H 35 -22.01 75.29 -14.74
CA GLU H 35 -21.05 74.36 -15.30
C GLU H 35 -21.48 72.91 -15.16
N HIS H 36 -22.77 72.70 -15.34
CA HIS H 36 -23.39 71.40 -15.34
C HIS H 36 -22.97 70.67 -16.62
N PRO H 37 -23.30 69.35 -16.72
CA PRO H 37 -22.88 68.56 -17.89
C PRO H 37 -24.01 67.89 -18.67
N TYR H 38 -25.26 68.27 -18.43
CA TYR H 38 -26.42 67.57 -18.99
C TYR H 38 -26.71 68.06 -20.41
N ARG H 39 -26.47 67.18 -21.39
CA ARG H 39 -26.62 67.53 -22.81
C ARG H 39 -28.01 67.28 -23.35
N THR H 40 -28.66 66.16 -23.00
CA THR H 40 -30.01 65.88 -23.47
C THR H 40 -31.05 66.03 -22.38
N TRP H 41 -30.64 66.23 -21.14
CA TRP H 41 -31.54 66.55 -20.06
C TRP H 41 -31.62 68.07 -19.96
N GLN H 42 -32.45 68.57 -19.06
CA GLN H 42 -32.58 70.02 -18.90
C GLN H 42 -32.18 70.38 -17.48
N TYR H 43 -31.25 71.33 -17.33
CA TYR H 43 -30.82 71.69 -15.99
C TYR H 43 -31.82 72.73 -15.46
N TRP H 44 -32.29 72.54 -14.24
CA TRP H 44 -33.24 73.45 -13.59
C TRP H 44 -32.76 73.92 -12.22
N GLY H 45 -31.52 73.66 -11.85
CA GLY H 45 -31.13 74.04 -10.51
C GLY H 45 -30.58 72.93 -9.63
N SER H 46 -29.78 73.33 -8.65
CA SER H 46 -29.13 72.44 -7.72
C SER H 46 -29.43 72.85 -6.29
N TYR H 47 -28.94 72.05 -5.35
CA TYR H 47 -28.98 72.37 -3.93
C TYR H 47 -28.04 71.42 -3.21
N ARG H 48 -27.69 71.77 -1.99
CA ARG H 48 -26.71 70.98 -1.25
C ARG H 48 -27.43 69.83 -0.59
N THR H 49 -26.86 68.64 -0.70
CA THR H 49 -27.34 67.45 -0.03
C THR H 49 -26.15 66.79 0.64
N ALA H 50 -26.46 65.95 1.63
CA ALA H 50 -25.40 65.24 2.33
C ALA H 50 -24.63 64.36 1.34
N PRO H 51 -23.29 64.38 1.35
CA PRO H 51 -22.54 63.56 0.40
C PRO H 51 -22.58 62.11 0.86
N THR H 52 -22.85 61.22 -0.08
CA THR H 52 -23.01 59.81 0.23
C THR H 52 -22.40 59.00 -0.89
N GLY H 53 -22.27 57.71 -0.66
CA GLY H 53 -21.67 56.81 -1.62
C GLY H 53 -20.31 56.31 -1.15
N SER H 54 -19.85 55.25 -1.80
CA SER H 54 -18.54 54.75 -1.48
C SER H 54 -18.01 53.86 -2.59
N ALA H 55 -16.70 53.88 -2.76
CA ALA H 55 -16.02 53.04 -3.71
C ALA H 55 -15.19 51.94 -3.06
N ALA H 56 -15.07 51.96 -1.72
CA ALA H 56 -14.49 50.82 -1.03
C ALA H 56 -15.42 49.64 -1.15
N SER H 57 -14.84 48.45 -1.16
CA SER H 57 -15.60 47.23 -1.13
C SER H 57 -15.68 46.76 0.31
N LEU H 58 -16.84 46.28 0.71
CA LEU H 58 -17.09 45.73 2.04
C LEU H 58 -17.49 44.28 1.86
N ILE H 59 -16.66 43.37 2.34
CA ILE H 59 -16.94 41.96 2.08
C ILE H 59 -17.72 41.38 3.24
N ASN H 60 -18.62 40.46 2.91
CA ASN H 60 -19.33 39.68 3.92
C ASN H 60 -18.35 38.75 4.61
N GLY H 61 -18.13 39.01 5.90
CA GLY H 61 -17.15 38.22 6.64
C GLY H 61 -17.42 36.73 6.63
N VAL H 62 -18.69 36.32 6.81
CA VAL H 62 -18.92 34.90 6.97
C VAL H 62 -18.75 34.19 5.63
N VAL H 63 -19.37 34.73 4.59
CA VAL H 63 -19.23 34.10 3.28
C VAL H 63 -17.77 33.99 2.88
N LYS H 64 -16.94 34.98 3.25
CA LYS H 64 -15.52 34.86 2.97
C LYS H 64 -14.92 33.67 3.70
N LEU H 65 -15.28 33.51 4.97
CA LEU H 65 -14.75 32.42 5.77
C LEU H 65 -15.09 31.06 5.16
N LEU H 66 -16.35 30.84 4.81
CA LEU H 66 -16.77 29.53 4.35
C LEU H 66 -16.34 29.24 2.91
N SER H 67 -16.03 30.26 2.10
CA SER H 67 -15.69 30.08 0.69
C SER H 67 -14.32 30.65 0.36
N TRP H 68 -13.33 30.41 1.22
CA TRP H 68 -12.06 31.12 1.12
C TRP H 68 -11.30 30.94 -0.20
N PRO H 69 -11.26 29.78 -0.85
CA PRO H 69 -10.38 29.67 -2.02
C PRO H 69 -10.77 30.62 -3.12
N TRP H 70 -12.03 31.05 -3.13
CA TRP H 70 -12.49 32.08 -4.05
C TRP H 70 -11.87 33.45 -3.78
N ASN H 71 -10.94 33.56 -2.82
CA ASN H 71 -10.49 34.88 -2.38
C ASN H 71 -9.81 35.65 -3.52
N ALA H 72 -9.06 34.95 -4.37
CA ALA H 72 -8.44 35.55 -5.55
C ALA H 72 -9.07 34.90 -6.79
N ARG H 73 -10.16 35.48 -7.28
CA ARG H 73 -10.83 34.96 -8.46
C ARG H 73 -11.10 36.01 -9.53
N GLU H 74 -10.96 37.31 -9.21
CA GLU H 74 -11.10 38.39 -10.16
C GLU H 74 -12.51 38.49 -10.75
N ASP H 75 -13.35 37.46 -10.52
CA ASP H 75 -14.77 37.52 -10.86
C ASP H 75 -15.67 37.55 -9.62
N VAL H 76 -15.16 37.14 -8.45
CA VAL H 76 -15.82 37.36 -7.17
C VAL H 76 -15.36 38.67 -6.51
N VAL H 77 -14.38 39.35 -7.09
CA VAL H 77 -13.87 40.62 -6.56
C VAL H 77 -14.28 41.82 -7.42
N ARG H 78 -14.59 41.63 -8.70
CA ARG H 78 -15.16 42.69 -9.51
C ARG H 78 -16.59 43.02 -9.10
N MET H 79 -17.22 42.16 -8.29
CA MET H 79 -18.61 42.36 -7.88
C MET H 79 -18.71 43.35 -6.73
N ALA H 80 -17.70 43.37 -5.85
CA ALA H 80 -17.65 44.31 -4.74
C ALA H 80 -17.15 45.69 -5.15
N MET H 81 -16.55 45.80 -6.33
CA MET H 81 -16.03 47.06 -6.86
C MET H 81 -17.11 47.82 -7.63
N THR H 82 -18.19 48.14 -6.91
CA THR H 82 -19.21 49.08 -7.37
C THR H 82 -19.02 50.45 -6.70
N ASP H 83 -19.20 51.51 -7.48
CA ASP H 83 -18.93 52.88 -7.08
C ASP H 83 -20.24 53.63 -6.94
N THR H 84 -20.62 53.95 -5.72
CA THR H 84 -21.86 54.66 -5.45
C THR H 84 -21.63 56.10 -5.03
N THR H 85 -20.41 56.62 -5.21
CA THR H 85 -20.15 58.01 -4.89
C THR H 85 -20.82 58.91 -5.91
N ALA H 86 -21.07 60.17 -5.52
CA ALA H 86 -21.65 61.10 -6.47
C ALA H 86 -20.77 61.22 -7.71
N PHE H 87 -19.45 61.14 -7.55
CA PHE H 87 -18.57 61.22 -8.71
C PHE H 87 -18.72 60.00 -9.60
N GLY H 88 -18.79 58.81 -9.00
CA GLY H 88 -18.78 57.59 -9.79
C GLY H 88 -20.08 57.40 -10.55
N GLN H 89 -21.22 57.60 -9.88
CA GLN H 89 -22.46 57.40 -10.59
C GLN H 89 -22.78 58.55 -11.53
N GLN H 90 -22.24 59.74 -11.29
CA GLN H 90 -22.31 60.81 -12.28
C GLN H 90 -21.57 60.41 -13.55
N ARG H 91 -20.45 59.70 -13.40
CA ARG H 91 -19.70 59.21 -14.54
C ARG H 91 -20.50 58.16 -15.31
N VAL H 92 -21.29 57.35 -14.62
CA VAL H 92 -22.13 56.36 -15.30
C VAL H 92 -23.26 57.05 -16.05
N PHE H 93 -23.94 57.98 -15.37
CA PHE H 93 -25.04 58.73 -15.98
C PHE H 93 -24.62 59.33 -17.30
N LYS H 94 -23.49 60.05 -17.29
CA LYS H 94 -23.01 60.83 -18.42
C LYS H 94 -22.25 59.95 -19.39
N GLU H 95 -22.63 58.68 -19.51
CA GLU H 95 -22.04 57.79 -20.51
C GLU H 95 -23.01 56.68 -20.85
N LYS H 96 -24.16 56.66 -20.14
CA LYS H 96 -25.18 55.65 -20.40
C LYS H 96 -26.62 56.17 -20.39
N VAL H 97 -26.97 57.24 -19.67
CA VAL H 97 -28.34 57.74 -19.70
C VAL H 97 -28.47 59.16 -20.23
N ASP H 98 -27.38 59.86 -20.51
CA ASP H 98 -27.47 61.23 -21.05
C ASP H 98 -27.29 61.20 -22.56
N THR H 99 -28.15 60.44 -23.23
CA THR H 99 -28.20 60.43 -24.68
C THR H 99 -29.66 60.46 -25.09
N LYS H 100 -29.90 60.50 -26.40
CA LYS H 100 -31.25 60.49 -26.92
C LYS H 100 -31.40 59.45 -28.03
N ALA H 101 -32.46 58.66 -27.95
CA ALA H 101 -32.71 57.68 -28.99
C ALA H 101 -33.31 58.35 -30.22
N GLN H 102 -32.96 57.84 -31.39
CA GLN H 102 -33.49 58.36 -32.65
C GLN H 102 -34.90 57.84 -32.82
N GLU H 103 -35.88 58.73 -32.70
CA GLU H 103 -37.26 58.30 -32.77
C GLU H 103 -37.57 57.73 -34.14
N PRO H 104 -38.52 56.81 -34.23
CA PRO H 104 -38.73 56.07 -35.47
C PRO H 104 -39.37 56.94 -36.55
N GLN H 105 -39.39 56.38 -37.76
CA GLN H 105 -39.94 57.07 -38.91
C GLN H 105 -41.46 57.09 -38.80
N PRO H 106 -42.12 57.94 -39.60
CA PRO H 106 -43.57 58.12 -39.39
C PRO H 106 -44.39 56.88 -39.68
N GLY H 107 -44.02 56.09 -40.70
CA GLY H 107 -44.81 54.92 -41.05
C GLY H 107 -44.55 53.76 -40.11
N THR H 108 -43.28 53.62 -39.72
CA THR H 108 -42.90 52.78 -38.60
C THR H 108 -43.89 52.99 -37.47
N LYS H 109 -43.94 54.23 -36.98
CA LYS H 109 -44.82 54.61 -35.89
C LYS H 109 -46.25 54.15 -36.12
N VAL H 110 -46.66 54.04 -37.39
CA VAL H 110 -48.02 53.59 -37.71
C VAL H 110 -48.16 52.10 -37.45
N ILE H 111 -47.18 51.31 -37.90
CA ILE H 111 -47.21 49.88 -37.62
C ILE H 111 -47.17 49.65 -36.12
N MET H 112 -46.25 50.34 -35.45
CA MET H 112 -46.16 50.42 -33.99
C MET H 112 -47.52 50.73 -33.39
N ARG H 113 -48.03 51.94 -33.63
CA ARG H 113 -49.28 52.36 -33.00
C ARG H 113 -50.44 51.45 -33.40
N ALA H 114 -50.20 50.50 -34.30
CA ALA H 114 -51.26 49.60 -34.75
C ALA H 114 -51.12 48.21 -34.19
N VAL H 115 -49.93 47.61 -34.28
CA VAL H 115 -49.65 46.37 -33.57
C VAL H 115 -49.96 46.54 -32.10
N ASN H 116 -49.55 47.67 -31.52
CA ASN H 116 -49.77 47.95 -30.11
C ASN H 116 -51.26 47.87 -29.74
N ASP H 117 -52.10 48.58 -30.48
CA ASP H 117 -53.52 48.58 -30.15
C ASP H 117 -54.13 47.18 -30.25
N TRP H 118 -53.60 46.35 -31.15
CA TRP H 118 -54.02 44.95 -31.22
C TRP H 118 -53.75 44.26 -29.88
N ILE H 119 -52.53 44.45 -29.35
CA ILE H 119 -52.16 43.92 -28.04
C ILE H 119 -53.12 44.42 -26.97
N LEU H 120 -53.33 45.73 -26.89
CA LEU H 120 -54.14 46.28 -25.82
C LEU H 120 -55.60 45.90 -25.95
N GLU H 121 -56.14 45.85 -27.17
CA GLU H 121 -57.53 45.47 -27.30
C GLU H 121 -57.72 44.03 -26.84
N ARG H 122 -56.84 43.14 -27.31
CA ARG H 122 -56.73 41.77 -26.82
C ARG H 122 -56.73 41.75 -25.30
N LEU H 123 -55.73 42.41 -24.69
CA LEU H 123 -55.59 42.37 -23.23
C LEU H 123 -56.80 42.94 -22.53
N ALA H 124 -57.41 43.98 -23.12
CA ALA H 124 -58.56 44.65 -22.50
C ALA H 124 -59.79 43.76 -22.50
N ARG H 125 -60.00 43.01 -23.58
CA ARG H 125 -61.15 42.12 -23.61
C ARG H 125 -61.04 41.03 -22.54
N LYS H 126 -59.82 40.63 -22.18
CA LYS H 126 -59.66 39.62 -21.14
C LYS H 126 -60.04 40.20 -19.77
N SER H 127 -59.48 41.35 -19.42
CA SER H 127 -59.84 42.02 -18.18
C SER H 127 -59.66 43.52 -18.37
N LYS H 128 -60.73 44.27 -18.13
CA LYS H 128 -60.71 45.72 -18.28
C LYS H 128 -59.83 46.35 -17.20
N PRO H 129 -59.23 47.50 -17.50
CA PRO H 129 -58.50 48.24 -16.46
C PRO H 129 -59.41 48.56 -15.29
N ARG H 130 -58.83 48.67 -14.11
CA ARG H 130 -59.62 48.99 -12.95
C ARG H 130 -58.77 49.83 -12.00
N MET H 131 -59.37 50.19 -10.86
CA MET H 131 -58.64 50.92 -9.85
C MET H 131 -58.26 49.97 -8.73
N CYS H 132 -57.19 50.28 -8.03
CA CYS H 132 -56.74 49.47 -6.90
C CYS H 132 -56.96 50.24 -5.61
N SER H 133 -57.60 49.59 -4.64
CA SER H 133 -57.99 50.23 -3.39
C SER H 133 -56.77 50.64 -2.57
N ARG H 134 -57.02 51.43 -1.53
CA ARG H 134 -55.95 51.70 -0.57
C ARG H 134 -55.71 50.48 0.32
N GLU H 135 -56.74 49.65 0.53
CA GLU H 135 -56.59 48.41 1.28
C GLU H 135 -55.69 47.41 0.54
N GLU H 136 -55.77 47.42 -0.80
CA GLU H 136 -54.86 46.61 -1.62
C GLU H 136 -53.43 47.08 -1.45
N PHE H 137 -53.20 48.40 -1.53
CA PHE H 137 -51.88 48.95 -1.26
C PHE H 137 -51.48 48.68 0.19
N ILE H 138 -52.47 48.54 1.06
CA ILE H 138 -52.19 48.16 2.45
C ILE H 138 -51.60 46.75 2.52
N ALA H 139 -52.27 45.78 1.88
CA ALA H 139 -51.80 44.39 1.92
C ALA H 139 -50.36 44.29 1.44
N LYS H 140 -50.07 44.94 0.31
CA LYS H 140 -48.75 44.81 -0.28
C LYS H 140 -47.65 45.50 0.53
N VAL H 141 -47.97 46.40 1.46
CA VAL H 141 -46.85 47.06 2.15
C VAL H 141 -46.28 46.18 3.23
N LYS H 142 -46.97 45.09 3.62
CA LYS H 142 -46.41 44.13 4.58
C LYS H 142 -45.10 43.55 4.07
N SER H 143 -45.06 43.11 2.81
CA SER H 143 -43.87 42.51 2.22
C SER H 143 -42.63 43.40 2.39
N SER H 159 -39.96 52.61 8.31
CA SER H 159 -40.63 51.49 7.64
C SER H 159 -41.95 51.93 7.02
N ALA H 160 -42.19 51.49 5.79
CA ALA H 160 -43.41 51.85 5.08
C ALA H 160 -44.65 51.27 5.75
N LYS H 161 -44.49 50.22 6.57
CA LYS H 161 -45.64 49.69 7.32
C LYS H 161 -46.09 50.68 8.39
N GLU H 162 -45.12 51.27 9.11
CA GLU H 162 -45.47 52.28 10.11
C GLU H 162 -46.07 53.51 9.45
N ALA H 163 -45.41 54.00 8.39
CA ALA H 163 -45.82 55.26 7.77
C ALA H 163 -47.21 55.18 7.16
N VAL H 164 -47.66 53.99 6.75
CA VAL H 164 -48.96 53.88 6.11
C VAL H 164 -50.07 53.83 7.15
N GLU H 165 -49.72 53.65 8.43
CA GLU H 165 -50.69 53.69 9.52
C GLU H 165 -50.95 55.09 10.04
N ASP H 166 -49.99 56.01 9.88
CA ASP H 166 -50.03 57.40 10.33
C ASP H 166 -50.91 58.24 9.43
N PRO H 167 -52.12 58.62 9.86
CA PRO H 167 -53.09 59.22 8.92
C PRO H 167 -52.62 60.55 8.35
N ALA H 168 -51.49 61.08 8.81
CA ALA H 168 -50.91 62.25 8.17
C ALA H 168 -50.35 61.92 6.80
N PHE H 169 -49.87 60.68 6.62
CA PHE H 169 -49.42 60.24 5.31
C PHE H 169 -50.52 60.33 4.27
N TRP H 170 -51.70 59.81 4.59
CA TRP H 170 -52.82 59.85 3.66
C TRP H 170 -53.40 61.25 3.50
N GLN H 171 -53.21 62.14 4.48
CA GLN H 171 -53.48 63.54 4.21
C GLN H 171 -52.63 64.03 3.05
N LEU H 172 -51.32 63.79 3.12
CA LEU H 172 -50.43 64.16 2.02
C LEU H 172 -50.85 63.53 0.70
N VAL H 173 -51.50 62.37 0.76
CA VAL H 173 -51.90 61.66 -0.46
C VAL H 173 -53.04 62.40 -1.16
N ASP H 174 -54.18 62.60 -0.46
CA ASP H 174 -55.32 63.30 -1.05
C ASP H 174 -54.92 64.65 -1.63
N GLU H 175 -54.08 65.40 -0.90
CA GLU H 175 -53.61 66.70 -1.38
C GLU H 175 -53.12 66.56 -2.83
N GLU H 176 -52.22 65.61 -3.05
CA GLU H 176 -51.71 65.33 -4.38
C GLU H 176 -52.65 64.49 -5.23
N ARG H 177 -53.56 63.71 -4.62
CA ARG H 177 -54.52 62.96 -5.42
C ARG H 177 -55.54 63.90 -6.05
N GLU H 178 -56.09 64.83 -5.24
CA GLU H 178 -57.00 65.84 -5.78
C GLU H 178 -56.30 66.72 -6.80
N ARG H 179 -55.00 66.92 -6.62
CA ARG H 179 -54.20 67.62 -7.63
C ARG H 179 -54.14 66.82 -8.93
N HIS H 180 -53.96 65.49 -8.83
CA HIS H 180 -53.88 64.66 -10.03
C HIS H 180 -55.21 64.66 -10.76
N LEU H 181 -56.32 64.75 -10.00
CA LEU H 181 -57.66 64.77 -10.60
C LEU H 181 -57.85 65.96 -11.53
N ALA H 182 -57.17 67.08 -11.26
CA ALA H 182 -57.19 68.24 -12.14
C ALA H 182 -56.14 68.18 -13.24
N GLY H 183 -55.36 67.10 -13.31
CA GLY H 183 -54.28 67.04 -14.27
C GLY H 183 -52.98 67.70 -13.85
N ARG H 184 -52.89 68.15 -12.60
CA ARG H 184 -51.72 68.86 -12.09
C ARG H 184 -50.94 67.91 -11.18
N CYS H 185 -49.63 67.75 -11.46
CA CYS H 185 -48.69 67.10 -10.56
C CYS H 185 -47.79 68.10 -9.86
N ALA H 186 -47.54 67.85 -8.59
CA ALA H 186 -46.65 68.66 -7.77
C ALA H 186 -45.42 67.92 -7.26
N HIS H 187 -45.58 66.64 -6.88
CA HIS H 187 -44.58 65.95 -6.07
C HIS H 187 -43.96 64.73 -6.71
N CYS H 188 -44.54 64.20 -7.79
CA CYS H 188 -44.11 62.90 -8.30
C CYS H 188 -42.75 63.05 -8.97
N VAL H 189 -41.70 63.01 -8.16
CA VAL H 189 -40.33 63.18 -8.64
C VAL H 189 -39.53 61.91 -8.37
N TYR H 190 -38.57 61.64 -9.24
CA TYR H 190 -37.70 60.48 -9.16
C TYR H 190 -36.39 60.87 -8.51
N ASN H 191 -35.90 60.04 -7.59
CA ASN H 191 -34.54 60.19 -7.08
C ASN H 191 -33.78 59.02 -7.70
N MET H 192 -33.27 59.23 -8.92
CA MET H 192 -32.50 58.21 -9.62
C MET H 192 -31.07 58.22 -9.09
N MET H 193 -30.61 57.06 -8.62
CA MET H 193 -29.37 57.00 -7.86
C MET H 193 -28.20 56.45 -8.69
N TYR H 214 -36.09 55.78 -7.98
CA TYR H 214 -36.86 55.62 -6.75
C TYR H 214 -38.02 56.63 -6.66
N MET H 215 -38.95 56.39 -5.72
CA MET H 215 -40.07 57.29 -5.50
C MET H 215 -40.44 57.29 -4.02
N TRP H 216 -41.07 58.38 -3.60
CA TRP H 216 -41.60 58.58 -2.26
C TRP H 216 -42.96 57.87 -2.12
N LEU H 217 -43.25 57.39 -0.90
CA LEU H 217 -44.31 56.40 -0.67
C LEU H 217 -45.63 56.70 -1.36
N GLY H 218 -46.24 57.85 -1.04
CA GLY H 218 -47.58 58.12 -1.54
C GLY H 218 -47.61 58.33 -3.04
N SER H 219 -46.57 58.98 -3.58
CA SER H 219 -46.41 59.04 -5.02
C SER H 219 -46.42 57.65 -5.63
N ARG H 220 -45.74 56.68 -4.98
CA ARG H 220 -45.82 55.30 -5.41
C ARG H 220 -47.25 54.76 -5.30
N PHE H 221 -47.97 55.12 -4.24
CA PHE H 221 -49.36 54.68 -4.14
C PHE H 221 -50.17 55.19 -5.33
N LEU H 222 -49.87 56.40 -5.79
CA LEU H 222 -50.72 56.99 -6.81
C LEU H 222 -50.57 56.25 -8.13
N GLU H 223 -49.33 55.93 -8.51
CA GLU H 223 -49.11 55.04 -9.64
C GLU H 223 -49.86 53.72 -9.44
N PHE H 224 -49.87 53.21 -8.21
CA PHE H 224 -50.46 51.90 -7.97
C PHE H 224 -51.97 51.94 -8.15
N GLU H 225 -52.63 52.94 -7.54
CA GLU H 225 -54.07 53.09 -7.70
C GLU H 225 -54.45 53.24 -9.18
N ALA H 226 -53.64 54.00 -9.92
CA ALA H 226 -53.95 54.39 -11.29
C ALA H 226 -53.60 53.31 -12.30
N LEU H 227 -52.44 52.68 -12.15
CA LEU H 227 -51.93 51.73 -13.12
C LEU H 227 -51.62 50.38 -12.51
N GLY H 228 -51.80 50.22 -11.21
CA GLY H 228 -51.37 49.00 -10.56
C GLY H 228 -52.11 47.77 -11.02
N PHE H 229 -53.14 47.93 -11.83
CA PHE H 229 -53.86 46.75 -12.29
C PHE H 229 -52.97 45.90 -13.19
N LEU H 230 -52.19 46.54 -14.08
CA LEU H 230 -51.27 45.78 -14.93
C LEU H 230 -50.46 44.76 -14.13
N ASN H 231 -50.12 45.10 -12.89
CA ASN H 231 -49.38 44.20 -12.02
C ASN H 231 -50.33 43.21 -11.36
N GLU H 232 -51.38 43.73 -10.69
CA GLU H 232 -52.26 42.92 -9.83
C GLU H 232 -53.33 42.17 -10.60
N ASP H 233 -53.54 42.53 -11.86
CA ASP H 233 -54.39 41.78 -12.77
C ASP H 233 -53.56 40.91 -13.71
N HIS H 234 -52.23 40.98 -13.60
CA HIS H 234 -51.30 40.13 -14.35
C HIS H 234 -51.49 40.29 -15.85
N TRP H 235 -51.28 41.51 -16.30
CA TRP H 235 -51.38 41.72 -17.73
C TRP H 235 -50.16 41.17 -18.45
N ALA H 236 -49.04 40.98 -17.75
CA ALA H 236 -47.85 40.43 -18.38
C ALA H 236 -47.72 38.95 -18.12
N SER H 237 -48.75 38.31 -17.59
CA SER H 237 -48.71 36.88 -17.42
C SER H 237 -48.85 36.20 -18.78
N ARG H 238 -48.58 34.88 -18.79
CA ARG H 238 -48.66 34.15 -20.04
C ARG H 238 -50.11 33.94 -20.47
N GLY H 239 -51.00 33.63 -19.52
CA GLY H 239 -52.38 33.40 -19.89
C GLY H 239 -53.05 34.60 -20.54
N SER H 240 -52.58 35.81 -20.23
CA SER H 240 -53.21 37.04 -20.69
C SER H 240 -52.53 37.65 -21.91
N SER H 241 -51.20 37.66 -21.95
CA SER H 241 -50.46 38.33 -23.01
C SER H 241 -49.92 37.37 -24.06
N GLY H 242 -50.13 36.07 -23.90
CA GLY H 242 -49.61 35.10 -24.85
C GLY H 242 -48.12 34.89 -24.78
N SER H 243 -47.35 35.98 -24.72
CA SER H 243 -45.89 35.90 -24.73
C SER H 243 -45.27 36.07 -23.35
N GLY H 244 -45.98 36.64 -22.40
CA GLY H 244 -45.40 36.98 -21.11
C GLY H 244 -45.08 35.77 -20.25
N VAL H 245 -44.30 36.01 -19.20
CA VAL H 245 -43.93 34.93 -18.29
C VAL H 245 -44.02 35.39 -16.84
N GLU H 246 -44.79 36.45 -16.58
CA GLU H 246 -44.91 36.94 -15.21
C GLU H 246 -45.58 35.88 -14.34
N GLY H 247 -45.01 35.64 -13.14
CA GLY H 247 -45.53 34.64 -12.25
C GLY H 247 -44.93 33.25 -12.38
N ILE H 248 -44.36 32.91 -13.54
CA ILE H 248 -43.56 31.68 -13.64
C ILE H 248 -42.35 31.87 -12.75
N SER H 249 -42.16 30.96 -11.80
CA SER H 249 -40.93 30.97 -11.03
C SER H 249 -39.75 30.69 -11.95
N LEU H 250 -38.58 31.18 -11.55
CA LEU H 250 -37.35 30.77 -12.23
C LEU H 250 -37.32 29.25 -12.33
N ASN H 251 -37.58 28.56 -11.23
CA ASN H 251 -37.48 27.10 -11.20
C ASN H 251 -38.47 26.42 -12.14
N TYR H 252 -39.35 27.17 -12.81
CA TYR H 252 -40.25 26.53 -13.77
C TYR H 252 -40.03 26.99 -15.20
N LEU H 253 -39.35 28.11 -15.41
CA LEU H 253 -39.11 28.66 -16.74
C LEU H 253 -38.66 27.61 -17.73
N GLY H 254 -37.69 26.79 -17.34
CA GLY H 254 -37.04 25.90 -18.29
C GLY H 254 -38.03 25.05 -19.07
N TRP H 255 -39.05 24.53 -18.38
CA TRP H 255 -40.09 23.79 -19.08
C TRP H 255 -40.71 24.62 -20.21
N TYR H 256 -40.68 25.96 -20.10
CA TYR H 256 -41.25 26.82 -21.12
C TYR H 256 -40.26 26.99 -22.26
N LEU H 257 -39.00 27.28 -21.94
CA LEU H 257 -37.94 27.18 -22.92
C LEU H 257 -38.06 25.91 -23.72
N LYS H 258 -38.09 24.78 -23.02
CA LYS H 258 -38.00 23.52 -23.72
C LYS H 258 -39.23 23.30 -24.59
N GLY H 259 -40.42 23.58 -24.06
CA GLY H 259 -41.61 23.40 -24.86
C GLY H 259 -41.60 24.22 -26.14
N LEU H 260 -40.86 25.33 -26.14
CA LEU H 260 -40.80 26.19 -27.32
C LEU H 260 -40.20 25.47 -28.52
N SER H 261 -39.29 24.52 -28.28
CA SER H 261 -38.64 23.83 -29.38
C SER H 261 -39.50 22.74 -29.99
N THR H 262 -40.64 22.39 -29.39
CA THR H 262 -41.57 21.50 -30.05
C THR H 262 -42.38 22.18 -31.15
N LEU H 263 -42.10 23.45 -31.41
CA LEU H 263 -42.72 24.20 -32.49
C LEU H 263 -41.97 23.96 -33.79
N GLU H 264 -42.56 24.39 -34.90
CA GLU H 264 -41.81 24.44 -36.15
C GLU H 264 -41.28 25.86 -36.35
N GLY H 265 -40.09 25.96 -36.92
CA GLY H 265 -39.61 27.29 -37.26
C GLY H 265 -38.09 27.31 -37.33
N GLY H 266 -37.54 28.49 -37.04
CA GLY H 266 -36.12 28.71 -37.13
C GLY H 266 -35.38 28.40 -35.84
N LEU H 267 -34.22 29.02 -35.70
CA LEU H 267 -33.47 28.91 -34.46
C LEU H 267 -34.13 29.68 -33.34
N PHE H 268 -33.70 29.36 -32.12
CA PHE H 268 -34.01 30.20 -30.99
C PHE H 268 -33.22 31.49 -31.15
N TYR H 269 -33.91 32.63 -31.00
CA TYR H 269 -33.28 33.93 -31.05
C TYR H 269 -33.42 34.59 -29.69
N ALA H 270 -32.29 35.07 -29.16
CA ALA H 270 -32.21 35.58 -27.80
C ALA H 270 -31.37 36.83 -27.77
N ASP H 271 -31.48 37.62 -28.83
CA ASP H 271 -30.88 38.95 -28.88
C ASP H 271 -31.32 39.75 -27.65
N ASP H 272 -30.41 40.55 -27.10
CA ASP H 272 -30.70 41.32 -25.89
C ASP H 272 -30.26 42.76 -26.11
N THR H 273 -31.20 43.69 -25.89
CA THR H 273 -30.96 45.10 -26.17
C THR H 273 -29.99 45.73 -25.18
N ALA H 274 -29.10 46.57 -25.69
CA ALA H 274 -28.26 47.38 -24.82
C ALA H 274 -29.05 48.57 -24.28
N GLY H 275 -28.91 48.84 -22.98
CA GLY H 275 -29.58 49.96 -22.34
C GLY H 275 -31.04 50.18 -22.70
N TRP H 276 -31.87 49.14 -22.59
CA TRP H 276 -33.24 49.22 -23.09
C TRP H 276 -34.01 50.37 -22.47
N ASP H 277 -33.85 50.61 -21.18
CA ASP H 277 -34.67 51.65 -20.60
C ASP H 277 -34.35 53.02 -21.18
N THR H 278 -33.10 53.24 -21.61
CA THR H 278 -32.78 54.52 -22.25
C THR H 278 -33.23 54.58 -23.70
N LYS H 279 -33.66 53.47 -24.29
CA LYS H 279 -34.04 53.47 -25.70
C LYS H 279 -35.54 53.32 -25.86
N VAL H 280 -36.31 53.58 -24.81
CA VAL H 280 -37.77 53.63 -24.96
C VAL H 280 -38.12 55.00 -25.52
N THR H 281 -38.70 55.02 -26.71
CA THR H 281 -38.88 56.28 -27.42
C THR H 281 -40.16 56.95 -26.98
N ASN H 282 -40.28 58.21 -27.38
CA ASN H 282 -41.54 58.90 -27.23
C ASN H 282 -42.61 58.17 -27.99
N ALA H 283 -42.24 57.61 -29.15
CA ALA H 283 -43.18 56.79 -29.90
C ALA H 283 -43.73 55.67 -29.03
N ASP H 284 -42.82 54.93 -28.39
CA ASP H 284 -43.19 53.84 -27.50
C ASP H 284 -44.12 54.31 -26.38
N LEU H 285 -43.72 55.37 -25.66
CA LEU H 285 -44.54 55.82 -24.53
C LEU H 285 -45.94 56.23 -24.99
N GLU H 286 -46.04 56.91 -26.13
CA GLU H 286 -47.34 57.36 -26.63
C GLU H 286 -48.24 56.20 -27.02
N ASP H 287 -47.68 55.10 -27.55
CA ASP H 287 -48.45 53.86 -27.67
C ASP H 287 -48.92 53.37 -26.31
N GLU H 288 -48.06 53.48 -25.30
CA GLU H 288 -48.40 53.04 -23.95
C GLU H 288 -49.56 53.85 -23.37
N GLU H 289 -49.61 55.16 -23.67
CA GLU H 289 -50.69 55.99 -23.13
C GLU H 289 -52.03 55.61 -23.71
N GLN H 290 -52.06 54.96 -24.87
CA GLN H 290 -53.31 54.58 -25.50
C GLN H 290 -54.03 53.56 -24.64
N LEU H 291 -53.35 53.10 -23.60
CA LEU H 291 -54.03 52.43 -22.50
C LEU H 291 -55.22 53.24 -22.02
N LEU H 292 -55.07 54.57 -21.95
CA LEU H 292 -56.10 55.41 -21.35
C LEU H 292 -57.41 55.32 -22.11
N ARG H 293 -57.35 55.11 -23.44
CA ARG H 293 -58.55 54.93 -24.25
C ARG H 293 -59.50 53.87 -23.65
N TYR H 294 -59.02 53.05 -22.72
CA TYR H 294 -59.77 51.92 -22.18
C TYR H 294 -60.24 52.14 -20.74
N MET H 295 -60.05 53.34 -20.19
CA MET H 295 -60.55 53.66 -18.85
C MET H 295 -61.44 54.90 -18.91
N GLU H 296 -62.53 54.86 -18.14
CA GLU H 296 -63.50 55.94 -18.03
C GLU H 296 -63.44 56.55 -16.63
N GLY H 297 -64.01 57.75 -16.50
CA GLY H 297 -64.23 58.34 -15.18
C GLY H 297 -62.96 58.91 -14.56
N GLU H 298 -62.88 58.81 -13.23
CA GLU H 298 -61.71 59.31 -12.52
C GLU H 298 -60.47 58.51 -12.91
N HIS H 299 -60.62 57.20 -13.11
CA HIS H 299 -59.49 56.36 -13.49
C HIS H 299 -58.73 56.95 -14.66
N LYS H 300 -59.45 57.33 -15.72
CA LYS H 300 -58.77 57.91 -16.88
C LYS H 300 -58.01 59.15 -16.48
N GLN H 301 -58.65 60.04 -15.71
CA GLN H 301 -57.96 61.26 -15.31
C GLN H 301 -56.78 60.93 -14.41
N LEU H 302 -57.01 60.08 -13.39
CA LEU H 302 -55.96 59.71 -12.45
C LEU H 302 -54.77 59.11 -13.18
N ALA H 303 -55.03 58.13 -14.06
CA ALA H 303 -53.96 57.51 -14.83
C ALA H 303 -53.41 58.42 -15.91
N ALA H 304 -54.23 59.29 -16.49
CA ALA H 304 -53.70 60.18 -17.53
C ALA H 304 -52.67 61.15 -16.98
N THR H 305 -52.70 61.44 -15.68
CA THR H 305 -51.71 62.33 -15.08
C THR H 305 -50.41 61.58 -14.84
N ILE H 306 -50.51 60.34 -14.33
CA ILE H 306 -49.33 59.51 -14.12
C ILE H 306 -48.59 59.28 -15.43
N MET H 307 -49.28 58.74 -16.43
CA MET H 307 -48.62 58.33 -17.66
C MET H 307 -48.06 59.50 -18.46
N GLN H 308 -48.58 60.71 -18.24
CA GLN H 308 -48.27 61.83 -19.11
C GLN H 308 -47.55 62.95 -18.43
N LYS H 309 -47.74 63.14 -17.11
CA LYS H 309 -46.93 64.07 -16.36
C LYS H 309 -45.78 63.36 -15.63
N ALA H 310 -46.07 62.29 -14.89
CA ALA H 310 -45.03 61.60 -14.14
C ALA H 310 -44.11 60.80 -15.05
N TYR H 311 -44.67 59.88 -15.84
CA TYR H 311 -43.85 59.00 -16.65
C TYR H 311 -43.28 59.70 -17.88
N HIS H 312 -43.95 60.71 -18.42
CA HIS H 312 -43.56 61.31 -19.69
C HIS H 312 -42.96 62.70 -19.55
N ALA H 313 -43.24 63.40 -18.45
CA ALA H 313 -42.65 64.69 -18.14
C ALA H 313 -41.80 64.51 -16.89
N LYS H 314 -40.58 64.01 -17.10
CA LYS H 314 -39.78 63.48 -15.98
C LYS H 314 -39.02 64.59 -15.27
N VAL H 315 -39.25 64.71 -13.97
CA VAL H 315 -38.46 65.53 -13.06
C VAL H 315 -37.63 64.59 -12.21
N VAL H 316 -36.31 64.79 -12.19
CA VAL H 316 -35.39 63.79 -11.65
C VAL H 316 -34.30 64.47 -10.82
N LYS H 317 -34.20 64.10 -9.55
CA LYS H 317 -33.06 64.47 -8.73
C LYS H 317 -31.86 63.59 -9.09
N VAL H 318 -30.67 64.17 -9.07
CA VAL H 318 -29.44 63.45 -9.44
C VAL H 318 -28.27 64.09 -8.70
N ALA H 319 -27.49 63.28 -7.99
CA ALA H 319 -26.36 63.79 -7.23
C ALA H 319 -25.18 64.11 -8.14
N ARG H 320 -24.37 65.09 -7.73
CA ARG H 320 -23.16 65.50 -8.48
C ARG H 320 -22.20 66.08 -7.44
N PRO H 321 -20.90 65.85 -7.56
CA PRO H 321 -19.98 66.33 -6.53
C PRO H 321 -19.79 67.85 -6.59
N SER H 322 -19.87 68.48 -5.43
CA SER H 322 -19.66 69.92 -5.32
C SER H 322 -18.17 70.29 -5.45
N ARG H 323 -17.94 71.55 -5.88
CA ARG H 323 -16.63 72.21 -5.86
C ARG H 323 -16.22 72.82 -4.54
N ASP H 324 -16.69 72.29 -3.43
CA ASP H 324 -16.27 72.85 -2.16
C ASP H 324 -16.17 71.81 -1.05
N GLY H 325 -16.17 70.51 -1.37
CA GLY H 325 -16.11 69.48 -0.35
C GLY H 325 -17.43 68.82 0.00
N GLY H 326 -18.52 69.23 -0.63
CA GLY H 326 -19.83 68.67 -0.34
C GLY H 326 -20.51 68.12 -1.58
N CYS H 327 -21.84 68.03 -1.51
CA CYS H 327 -22.61 67.43 -2.58
C CYS H 327 -23.76 68.34 -2.99
N VAL H 328 -24.28 68.00 -4.16
CA VAL H 328 -25.20 68.84 -4.91
C VAL H 328 -26.20 67.91 -5.57
N MET H 329 -27.46 68.35 -5.66
CA MET H 329 -28.51 67.59 -6.32
C MET H 329 -29.14 68.40 -7.44
N ASP H 330 -28.94 67.96 -8.67
CA ASP H 330 -29.44 68.65 -9.84
C ASP H 330 -30.83 68.17 -10.21
N VAL H 331 -31.73 69.11 -10.49
CA VAL H 331 -33.12 68.81 -10.81
C VAL H 331 -33.26 68.91 -12.32
N ILE H 332 -33.35 67.75 -13.00
CA ILE H 332 -33.27 67.69 -14.45
C ILE H 332 -34.55 67.08 -15.04
N THR H 333 -34.82 67.41 -16.30
CA THR H 333 -36.02 66.92 -16.96
C THR H 333 -35.69 66.32 -18.32
N ARG H 334 -36.66 65.58 -18.84
CA ARG H 334 -36.53 64.72 -20.01
C ARG H 334 -37.93 64.30 -20.41
N ARG H 335 -38.08 63.94 -21.69
CA ARG H 335 -39.36 63.40 -22.17
C ARG H 335 -39.34 61.88 -22.31
N ASP H 336 -38.41 61.31 -23.09
CA ASP H 336 -38.46 59.88 -23.32
C ASP H 336 -37.66 59.15 -22.24
N GLN H 337 -37.33 57.89 -22.50
CA GLN H 337 -36.75 56.92 -21.58
C GLN H 337 -37.78 56.46 -20.56
N ARG H 338 -37.40 55.46 -19.78
CA ARG H 338 -38.24 54.81 -18.79
C ARG H 338 -37.50 54.81 -17.47
N GLY H 339 -38.19 55.22 -16.41
CA GLY H 339 -37.61 55.13 -15.08
C GLY H 339 -37.64 53.68 -14.61
N SER H 340 -36.52 53.22 -14.08
CA SER H 340 -36.39 51.80 -13.81
C SER H 340 -37.04 51.36 -12.50
N GLY H 341 -37.71 52.28 -11.80
CA GLY H 341 -38.45 51.95 -10.61
C GLY H 341 -39.88 52.42 -10.65
N GLN H 342 -40.43 52.57 -11.84
CA GLN H 342 -41.86 52.84 -11.98
C GLN H 342 -42.62 51.59 -11.59
N VAL H 343 -43.77 51.77 -10.93
CA VAL H 343 -44.52 50.63 -10.39
C VAL H 343 -44.87 49.59 -11.45
N VAL H 344 -44.85 49.98 -12.72
CA VAL H 344 -45.19 49.08 -13.82
C VAL H 344 -44.09 49.00 -14.87
N THR H 345 -42.83 49.29 -14.49
CA THR H 345 -41.73 49.23 -15.45
C THR H 345 -41.64 47.85 -16.08
N TYR H 346 -41.78 46.79 -15.28
CA TYR H 346 -41.77 45.44 -15.85
C TYR H 346 -42.92 45.25 -16.83
N ALA H 347 -44.13 45.57 -16.41
CA ALA H 347 -45.31 45.25 -17.22
C ALA H 347 -45.30 45.99 -18.56
N LEU H 348 -45.02 47.28 -18.54
CA LEU H 348 -45.02 48.07 -19.77
C LEU H 348 -43.84 47.69 -20.66
N ASN H 349 -42.68 47.40 -20.05
CA ASN H 349 -41.57 46.91 -20.85
C ASN H 349 -41.94 45.60 -21.53
N THR H 350 -42.63 44.71 -20.81
CA THR H 350 -43.03 43.44 -21.39
C THR H 350 -43.97 43.67 -22.58
N LEU H 351 -44.96 44.52 -22.40
CA LEU H 351 -45.88 44.80 -23.50
C LEU H 351 -45.16 45.49 -24.66
N THR H 352 -44.29 46.46 -24.39
CA THR H 352 -43.60 47.15 -25.49
C THR H 352 -42.70 46.19 -26.27
N ASN H 353 -41.93 45.36 -25.56
CA ASN H 353 -41.03 44.40 -26.21
C ASN H 353 -41.80 43.32 -26.98
N ILE H 354 -42.99 42.94 -26.50
CA ILE H 354 -43.84 42.07 -27.32
C ILE H 354 -44.12 42.72 -28.66
N LYS H 355 -44.56 43.98 -28.64
CA LYS H 355 -44.71 44.76 -29.85
C LYS H 355 -43.45 44.71 -30.71
N VAL H 356 -42.33 45.16 -30.14
CA VAL H 356 -41.07 45.19 -30.88
C VAL H 356 -40.82 43.88 -31.61
N GLN H 357 -40.94 42.76 -30.89
CA GLN H 357 -40.62 41.48 -31.53
C GLN H 357 -41.74 41.01 -32.44
N LEU H 358 -42.97 41.40 -32.17
CA LEU H 358 -44.06 41.06 -33.08
C LEU H 358 -43.85 41.76 -34.42
N ILE H 359 -43.31 42.99 -34.38
CA ILE H 359 -42.97 43.71 -35.59
C ILE H 359 -41.79 43.05 -36.28
N ARG H 360 -40.69 42.83 -35.54
CA ARG H 360 -39.50 42.22 -36.13
C ARG H 360 -39.82 40.87 -36.74
N MET H 361 -40.82 40.18 -36.22
CA MET H 361 -41.29 38.97 -36.88
C MET H 361 -41.85 39.30 -38.24
N MET H 362 -42.85 40.17 -38.27
CA MET H 362 -43.47 40.71 -39.48
C MET H 362 -42.43 41.10 -40.56
N GLU H 363 -41.39 41.86 -40.18
CA GLU H 363 -40.37 42.24 -41.14
C GLU H 363 -39.73 41.01 -41.78
N GLY H 364 -39.26 40.06 -40.96
CA GLY H 364 -38.60 38.87 -41.50
C GLY H 364 -39.54 38.02 -42.33
N GLU H 365 -40.82 37.99 -41.99
CA GLU H 365 -41.79 37.21 -42.76
C GLU H 365 -42.12 37.85 -44.10
N GLY H 366 -41.68 39.09 -44.33
CA GLY H 366 -41.97 39.81 -45.56
C GLY H 366 -43.29 40.54 -45.58
N VAL H 367 -43.95 40.67 -44.44
CA VAL H 367 -45.23 41.35 -44.34
C VAL H 367 -44.97 42.83 -44.22
N ILE H 368 -43.70 43.22 -44.38
CA ILE H 368 -43.30 44.60 -44.20
C ILE H 368 -41.96 44.74 -44.91
N GLU H 369 -41.75 45.86 -45.60
CA GLU H 369 -40.43 46.15 -46.14
C GLU H 369 -39.97 47.49 -45.60
N ALA H 370 -38.67 47.77 -45.77
CA ALA H 370 -38.15 49.09 -45.43
C ALA H 370 -38.98 50.18 -46.11
N SER H 371 -39.56 49.86 -47.26
CA SER H 371 -40.50 50.67 -48.02
C SER H 371 -41.84 50.84 -47.34
N ASP H 372 -41.97 50.51 -46.08
CA ASP H 372 -43.16 50.90 -45.34
C ASP H 372 -42.77 51.86 -44.24
N ALA H 373 -41.48 52.22 -44.18
CA ALA H 373 -40.98 53.08 -43.11
C ALA H 373 -41.62 54.45 -43.17
N HIS H 374 -41.85 54.95 -44.37
CA HIS H 374 -42.84 55.99 -44.66
C HIS H 374 -43.66 55.52 -45.85
N ASN H 375 -44.97 55.82 -45.81
CA ASN H 375 -45.98 55.27 -46.73
C ASN H 375 -46.11 53.76 -46.53
N PRO H 376 -46.73 53.33 -45.43
CA PRO H 376 -46.75 51.90 -45.09
C PRO H 376 -48.04 51.19 -45.45
N ARG H 377 -47.96 49.95 -45.92
CA ARG H 377 -49.15 49.20 -46.33
C ARG H 377 -49.81 48.55 -45.10
N LEU H 378 -50.47 49.35 -44.26
CA LEU H 378 -50.96 48.67 -43.06
C LEU H 378 -52.17 47.79 -43.30
N LEU H 379 -52.64 47.65 -44.55
CA LEU H 379 -53.64 46.62 -44.77
C LEU H 379 -52.99 45.24 -44.67
N ARG H 380 -51.69 45.14 -44.99
CA ARG H 380 -50.96 43.90 -44.79
C ARG H 380 -50.81 43.59 -43.30
N VAL H 381 -50.34 44.57 -42.51
CA VAL H 381 -50.09 44.31 -41.10
C VAL H 381 -51.41 44.18 -40.35
N GLU H 382 -52.48 44.83 -40.81
CA GLU H 382 -53.77 44.61 -40.19
C GLU H 382 -54.26 43.18 -40.46
N ARG H 383 -53.93 42.62 -41.63
CA ARG H 383 -54.31 41.24 -41.97
C ARG H 383 -53.44 40.22 -41.24
N TRP H 384 -52.19 40.58 -40.91
CA TRP H 384 -51.28 39.65 -40.26
C TRP H 384 -51.75 39.32 -38.85
N LEU H 385 -52.11 40.36 -38.08
CA LEU H 385 -52.58 40.12 -36.71
C LEU H 385 -53.90 39.39 -36.72
N ARG H 386 -54.77 39.72 -37.68
CA ARG H 386 -56.08 39.06 -37.73
C ARG H 386 -55.93 37.55 -37.91
N ASP H 387 -55.09 37.14 -38.85
CA ASP H 387 -55.04 35.76 -39.28
C ASP H 387 -54.01 34.93 -38.52
N HIS H 388 -52.84 35.52 -38.25
CA HIS H 388 -51.70 34.86 -37.65
C HIS H 388 -51.39 35.25 -36.18
N GLY H 389 -51.59 36.51 -35.79
CA GLY H 389 -50.88 37.09 -34.64
C GLY H 389 -50.86 36.27 -33.35
N GLU H 390 -52.02 35.71 -33.02
CA GLU H 390 -52.14 34.93 -31.81
C GLU H 390 -51.22 33.73 -31.80
N GLU H 391 -51.05 33.04 -32.94
CA GLU H 391 -50.09 31.95 -32.94
C GLU H 391 -48.70 32.49 -32.66
N ARG H 392 -48.39 33.65 -33.23
CA ARG H 392 -47.08 34.26 -33.10
C ARG H 392 -46.81 34.75 -31.70
N LEU H 393 -47.83 34.87 -30.86
CA LEU H 393 -47.63 35.23 -29.46
C LEU H 393 -46.96 34.08 -28.71
N GLY H 394 -47.52 32.86 -28.80
CA GLY H 394 -47.04 31.68 -28.09
C GLY H 394 -45.67 31.19 -28.51
N ARG H 395 -45.07 31.85 -29.50
CA ARG H 395 -43.74 31.59 -30.03
C ARG H 395 -42.65 32.35 -29.29
N MET H 396 -43.01 33.06 -28.23
CA MET H 396 -42.10 33.99 -27.59
C MET H 396 -42.15 33.80 -26.10
N LEU H 397 -41.03 34.08 -25.46
CA LEU H 397 -40.95 34.21 -24.02
C LEU H 397 -40.42 35.62 -23.78
N VAL H 398 -41.28 36.53 -23.35
CA VAL H 398 -40.88 37.91 -23.13
C VAL H 398 -41.03 38.20 -21.64
N SER H 399 -39.93 38.64 -21.02
CA SER H 399 -39.91 39.12 -19.64
C SER H 399 -39.15 40.44 -19.66
N GLY H 400 -39.85 41.55 -19.44
CA GLY H 400 -39.15 42.83 -19.41
C GLY H 400 -38.44 43.13 -20.72
N ASP H 401 -37.16 43.49 -20.63
CA ASP H 401 -36.42 43.75 -21.86
C ASP H 401 -35.89 42.46 -22.49
N ASP H 402 -35.86 41.37 -21.73
CA ASP H 402 -35.28 40.13 -22.20
C ASP H 402 -36.33 39.26 -22.89
N CYS H 403 -35.93 38.59 -23.95
CA CYS H 403 -36.87 37.76 -24.68
C CYS H 403 -36.17 36.53 -25.26
N VAL H 404 -36.99 35.53 -25.56
CA VAL H 404 -36.61 34.39 -26.38
C VAL H 404 -37.74 34.26 -27.40
N VAL H 405 -37.39 34.37 -28.67
CA VAL H 405 -38.36 34.27 -29.75
C VAL H 405 -37.87 33.23 -30.75
N ARG H 406 -38.77 32.35 -31.15
CA ARG H 406 -38.49 31.26 -32.07
C ARG H 406 -39.37 31.46 -33.29
N PRO H 407 -38.89 32.21 -34.29
CA PRO H 407 -39.69 32.68 -35.43
C PRO H 407 -40.10 31.53 -36.35
N VAL H 408 -40.67 31.90 -37.50
CA VAL H 408 -41.13 30.87 -38.43
C VAL H 408 -39.96 30.33 -39.27
N ASP H 409 -38.91 31.13 -39.45
CA ASP H 409 -37.65 30.71 -40.06
C ASP H 409 -36.66 31.85 -39.96
N ASP H 410 -35.40 31.54 -40.25
CA ASP H 410 -34.30 32.43 -39.89
C ASP H 410 -34.20 33.64 -40.74
N ARG H 411 -35.17 33.92 -41.62
CA ARG H 411 -35.27 35.26 -42.18
C ARG H 411 -35.17 36.31 -41.09
N PHE H 412 -35.69 35.96 -39.90
CA PHE H 412 -35.60 36.77 -38.69
C PHE H 412 -34.18 37.27 -38.38
N SER H 413 -33.14 36.48 -38.72
CA SER H 413 -31.79 36.91 -38.37
C SER H 413 -31.39 38.16 -39.14
N ARG H 414 -31.97 38.33 -40.33
CA ARG H 414 -31.65 39.44 -41.21
C ARG H 414 -32.68 40.56 -41.14
N ALA H 415 -33.74 40.40 -40.36
CA ALA H 415 -34.83 41.39 -40.29
C ALA H 415 -34.52 42.45 -39.22
N LEU H 416 -33.68 43.43 -39.59
CA LEU H 416 -33.24 44.42 -38.61
C LEU H 416 -33.52 45.86 -38.99
N TYR H 417 -34.32 46.10 -40.04
CA TYR H 417 -34.60 47.48 -40.42
C TYR H 417 -35.36 48.18 -39.30
N PHE H 418 -36.50 47.62 -38.91
CA PHE H 418 -37.32 48.21 -37.87
C PHE H 418 -36.76 48.00 -36.49
N LEU H 419 -35.92 47.00 -36.30
CA LEU H 419 -35.30 46.88 -35.00
C LEU H 419 -34.40 48.08 -34.74
N ASN H 420 -33.60 48.46 -35.73
CA ASN H 420 -32.78 49.64 -35.58
C ASN H 420 -33.55 50.92 -35.75
N ASP H 421 -34.73 50.85 -36.37
CA ASP H 421 -35.53 52.05 -36.55
C ASP H 421 -36.14 52.49 -35.22
N MET H 422 -36.69 51.56 -34.44
CA MET H 422 -37.27 51.88 -33.14
C MET H 422 -36.23 51.97 -32.04
N ALA H 423 -34.95 52.01 -32.41
CA ALA H 423 -33.79 52.33 -31.57
C ALA H 423 -33.37 51.15 -30.72
N LYS H 424 -34.02 50.00 -30.85
CA LYS H 424 -33.73 48.83 -30.03
C LYS H 424 -32.43 48.19 -30.53
N THR H 425 -31.32 48.86 -30.24
CA THR H 425 -30.00 48.45 -30.70
C THR H 425 -29.60 47.16 -29.99
N ARG H 426 -29.35 46.09 -30.74
CA ARG H 426 -28.88 44.87 -30.10
C ARG H 426 -27.44 45.08 -29.65
N LYS H 427 -27.05 44.38 -28.59
CA LYS H 427 -25.75 44.62 -27.97
C LYS H 427 -24.70 43.61 -28.41
N ASP H 428 -23.44 44.04 -28.30
CA ASP H 428 -22.27 43.21 -28.56
C ASP H 428 -22.32 42.61 -29.98
N ILE H 429 -22.87 43.37 -30.92
CA ILE H 429 -22.96 42.98 -32.32
C ILE H 429 -23.00 44.24 -33.18
N GLY H 430 -22.76 44.08 -34.47
CA GLY H 430 -22.73 45.23 -35.37
C GLY H 430 -24.12 45.58 -35.85
N GLU H 431 -24.37 46.90 -35.97
CA GLU H 431 -25.73 47.41 -36.17
C GLU H 431 -26.46 46.66 -37.27
N TRP H 432 -25.76 46.28 -38.34
CA TRP H 432 -26.41 45.66 -39.49
C TRP H 432 -25.95 44.23 -39.70
N GLU H 433 -25.31 43.64 -38.70
CA GLU H 433 -24.81 42.28 -38.74
C GLU H 433 -25.93 41.31 -38.36
N HIS H 434 -25.96 40.15 -39.02
CA HIS H 434 -27.07 39.24 -38.82
C HIS H 434 -27.04 38.63 -37.41
N SER H 435 -28.20 38.19 -36.96
CA SER H 435 -28.36 37.71 -35.59
C SER H 435 -28.05 36.23 -35.55
N VAL H 436 -27.28 35.82 -34.53
CA VAL H 436 -26.85 34.43 -34.37
C VAL H 436 -27.93 33.67 -33.60
N GLY H 437 -28.33 32.52 -34.13
CA GLY H 437 -29.36 31.71 -33.50
C GLY H 437 -28.82 30.64 -32.58
N PHE H 438 -29.71 29.74 -32.19
CA PHE H 438 -29.34 28.56 -31.41
C PHE H 438 -30.25 27.43 -31.81
N SER H 439 -29.69 26.25 -31.99
CA SER H 439 -30.50 25.10 -32.37
C SER H 439 -30.94 24.27 -31.18
N ASN H 440 -30.21 24.35 -30.07
CA ASN H 440 -30.49 23.59 -28.86
C ASN H 440 -31.03 24.53 -27.80
N TRP H 441 -32.24 24.23 -27.28
CA TRP H 441 -32.83 25.10 -26.27
C TRP H 441 -32.00 25.18 -25.00
N GLU H 442 -31.28 24.12 -24.64
CA GLU H 442 -30.46 24.20 -23.44
C GLU H 442 -29.32 25.20 -23.58
N GLU H 443 -29.15 25.79 -24.75
CA GLU H 443 -28.07 26.75 -24.98
C GLU H 443 -28.58 28.20 -25.05
N VAL H 444 -29.90 28.40 -24.96
CA VAL H 444 -30.52 29.71 -25.08
C VAL H 444 -30.48 30.44 -23.75
N PRO H 445 -29.87 31.62 -23.68
CA PRO H 445 -29.92 32.41 -22.44
C PRO H 445 -31.23 33.18 -22.26
N PHE H 446 -31.59 33.35 -20.98
CA PHE H 446 -32.85 33.96 -20.58
C PHE H 446 -32.89 34.25 -19.09
N CYS H 447 -33.16 35.49 -18.73
CA CYS H 447 -33.26 35.92 -17.34
C CYS H 447 -31.98 35.57 -16.61
N SER H 448 -30.85 35.76 -17.28
CA SER H 448 -29.50 35.61 -16.74
C SER H 448 -29.12 34.17 -16.50
N HIS H 449 -29.89 33.23 -17.02
CA HIS H 449 -29.71 31.82 -16.72
C HIS H 449 -29.74 31.04 -18.02
N HIS H 450 -29.15 29.85 -17.99
CA HIS H 450 -29.34 28.79 -18.96
C HIS H 450 -30.18 27.73 -18.27
N PHE H 451 -30.73 26.78 -19.01
CA PHE H 451 -31.61 25.79 -18.38
C PHE H 451 -31.28 24.39 -18.87
N HIS H 452 -30.86 23.50 -17.95
CA HIS H 452 -30.44 22.15 -18.28
C HIS H 452 -31.40 21.10 -17.76
N GLU H 453 -31.55 20.01 -18.51
CA GLU H 453 -32.45 18.92 -18.12
C GLU H 453 -31.70 17.87 -17.32
N LEU H 454 -32.28 17.47 -16.19
CA LEU H 454 -31.69 16.50 -15.26
C LEU H 454 -32.67 15.38 -15.03
N VAL H 455 -32.17 14.15 -14.93
CA VAL H 455 -33.02 13.01 -14.60
C VAL H 455 -32.59 12.50 -13.24
N MET H 456 -33.56 12.26 -12.36
CA MET H 456 -33.17 11.81 -11.03
C MET H 456 -33.11 10.29 -10.99
N LYS H 457 -32.47 9.78 -9.93
CA LYS H 457 -32.39 8.35 -9.67
C LYS H 457 -33.73 7.67 -9.88
N ASP H 458 -34.84 8.34 -9.50
CA ASP H 458 -36.12 7.68 -9.73
C ASP H 458 -36.64 7.83 -11.15
N GLY H 459 -35.90 8.51 -12.03
CA GLY H 459 -36.28 8.64 -13.43
C GLY H 459 -37.21 9.78 -13.73
N ARG H 460 -37.43 10.70 -12.79
CA ARG H 460 -38.17 11.90 -13.11
C ARG H 460 -37.21 13.01 -13.54
N ALA H 461 -37.73 13.93 -14.34
CA ALA H 461 -36.91 14.94 -14.98
C ALA H 461 -37.17 16.31 -14.38
N LEU H 462 -36.10 17.08 -14.27
CA LEU H 462 -36.08 18.41 -13.71
C LEU H 462 -35.38 19.28 -14.73
N ILE H 463 -35.91 20.47 -14.98
CA ILE H 463 -35.22 21.44 -15.81
C ILE H 463 -34.74 22.54 -14.87
N VAL H 464 -33.45 22.54 -14.57
CA VAL H 464 -32.94 23.37 -13.48
C VAL H 464 -32.30 24.62 -14.06
N PRO H 465 -32.39 25.75 -13.38
CA PRO H 465 -31.72 26.96 -13.86
C PRO H 465 -30.26 26.97 -13.48
N CYS H 466 -29.42 27.35 -14.42
CA CYS H 466 -27.99 27.41 -14.17
C CYS H 466 -27.48 28.81 -14.45
N ARG H 467 -26.31 29.11 -13.90
CA ARG H 467 -25.69 30.42 -13.97
C ARG H 467 -24.25 30.28 -13.53
N ASP H 468 -23.44 31.30 -13.84
CA ASP H 468 -22.03 31.17 -13.50
C ASP H 468 -21.86 31.17 -11.99
N GLN H 469 -21.13 30.17 -11.51
CA GLN H 469 -20.92 29.99 -10.08
C GLN H 469 -20.21 31.18 -9.44
N ASP H 470 -19.31 31.86 -10.16
CA ASP H 470 -18.52 32.93 -9.55
C ASP H 470 -19.30 34.24 -9.50
N GLU H 471 -20.18 34.49 -10.48
CA GLU H 471 -21.13 35.60 -10.37
C GLU H 471 -22.03 35.41 -9.14
N LEU H 472 -22.36 34.16 -8.83
CA LEU H 472 -23.25 33.85 -7.71
C LEU H 472 -22.57 34.05 -6.37
N VAL H 473 -21.33 33.58 -6.24
CA VAL H 473 -20.57 33.73 -4.99
C VAL H 473 -20.07 35.16 -4.82
N GLY H 474 -19.84 35.90 -5.91
CA GLY H 474 -19.53 37.30 -5.77
C GLY H 474 -20.64 38.06 -5.08
N ARG H 475 -21.87 37.96 -5.61
CA ARG H 475 -22.99 38.72 -5.05
C ARG H 475 -23.16 38.45 -3.57
N ALA H 476 -22.94 37.20 -3.15
CA ALA H 476 -23.06 36.86 -1.74
C ALA H 476 -21.88 37.41 -0.94
N ARG H 477 -20.70 37.43 -1.55
CA ARG H 477 -19.49 37.89 -0.89
C ARG H 477 -19.54 39.38 -0.59
N VAL H 478 -20.63 40.05 -0.97
CA VAL H 478 -20.76 41.49 -0.84
C VAL H 478 -21.76 41.82 0.26
N SER H 479 -21.33 42.66 1.21
CA SER H 479 -22.18 43.11 2.29
C SER H 479 -23.03 44.27 1.80
N PRO H 480 -24.28 44.38 2.26
CA PRO H 480 -25.14 45.45 1.74
C PRO H 480 -24.68 46.83 2.17
N GLY H 481 -24.06 46.94 3.34
CA GLY H 481 -23.49 48.20 3.78
C GLY H 481 -22.48 47.97 4.88
N CYS H 482 -22.04 49.06 5.49
CA CYS H 482 -21.13 48.97 6.63
C CYS H 482 -21.93 48.90 7.93
N GLY H 483 -21.26 48.46 8.99
CA GLY H 483 -21.88 48.42 10.29
C GLY H 483 -22.94 47.36 10.45
N TRP H 484 -23.12 46.49 9.45
CA TRP H 484 -23.99 45.34 9.62
C TRP H 484 -23.46 44.46 10.76
N SER H 485 -24.36 44.12 11.70
CA SER H 485 -24.02 43.28 12.84
C SER H 485 -23.46 41.94 12.39
N VAL H 486 -22.85 41.19 13.32
CA VAL H 486 -22.51 39.81 13.00
C VAL H 486 -23.80 39.04 12.74
N ARG H 487 -24.80 39.19 13.59
CA ARG H 487 -26.05 38.49 13.36
C ARG H 487 -26.67 38.87 12.02
N GLU H 488 -26.55 40.14 11.62
CA GLU H 488 -27.19 40.55 10.39
C GLU H 488 -26.46 40.04 9.16
N THR H 489 -25.12 39.95 9.20
CA THR H 489 -24.48 39.36 8.02
C THR H 489 -24.61 37.84 8.01
N ALA H 490 -24.68 37.21 9.19
CA ALA H 490 -25.01 35.78 9.27
C ALA H 490 -26.39 35.53 8.67
N CYS H 491 -27.34 36.39 8.98
CA CYS H 491 -28.69 36.21 8.45
C CYS H 491 -28.74 36.44 6.96
N LEU H 492 -27.94 37.37 6.44
CA LEU H 492 -27.90 37.57 5.01
C LEU H 492 -27.31 36.36 4.31
N SER H 493 -26.24 35.81 4.86
CA SER H 493 -25.61 34.64 4.27
C SER H 493 -26.57 33.46 4.20
N LYS H 494 -27.28 33.20 5.29
CA LYS H 494 -28.27 32.14 5.25
C LYS H 494 -29.29 32.40 4.15
N ALA H 495 -29.61 33.67 3.88
CA ALA H 495 -30.52 33.93 2.76
C ALA H 495 -29.92 33.43 1.46
N TYR H 496 -28.62 33.68 1.25
CA TYR H 496 -27.97 33.24 0.02
C TYR H 496 -27.88 31.73 -0.05
N GLY H 497 -27.36 31.11 1.01
CA GLY H 497 -27.19 29.67 1.04
C GLY H 497 -28.49 28.92 0.84
N GLN H 498 -29.59 29.45 1.36
CA GLN H 498 -30.85 28.75 1.16
C GLN H 498 -31.33 28.91 -0.28
N MET H 499 -31.15 30.09 -0.87
CA MET H 499 -31.50 30.27 -2.27
C MET H 499 -30.73 29.30 -3.13
N TRP H 500 -29.41 29.20 -2.89
CA TRP H 500 -28.59 28.28 -3.67
C TRP H 500 -29.11 26.85 -3.56
N LEU H 501 -29.50 26.42 -2.35
CA LEU H 501 -30.01 25.06 -2.18
C LEU H 501 -31.28 24.83 -2.98
N LEU H 502 -32.12 25.86 -3.12
CA LEU H 502 -33.40 25.69 -3.81
C LEU H 502 -33.24 25.64 -5.32
N SER H 503 -32.31 26.41 -5.88
CA SER H 503 -32.18 26.52 -7.33
C SER H 503 -30.83 26.11 -7.90
N TYR H 504 -29.77 26.09 -7.11
CA TYR H 504 -28.47 25.74 -7.63
C TYR H 504 -27.93 24.51 -6.97
N PHE H 505 -28.82 23.73 -6.34
CA PHE H 505 -28.43 22.49 -5.68
C PHE H 505 -27.61 21.58 -6.59
N HIS H 506 -27.79 21.68 -7.90
CA HIS H 506 -27.18 20.78 -8.86
C HIS H 506 -25.72 21.11 -9.10
N ARG H 507 -25.23 22.18 -8.48
CA ARG H 507 -23.84 22.60 -8.58
C ARG H 507 -23.15 22.11 -7.32
N ARG H 508 -22.10 21.28 -7.48
CA ARG H 508 -21.54 20.63 -6.29
C ARG H 508 -20.93 21.65 -5.31
N ASP H 509 -20.35 22.74 -5.78
CA ASP H 509 -19.78 23.64 -4.81
C ASP H 509 -20.82 24.51 -4.14
N LEU H 510 -21.86 24.88 -4.85
CA LEU H 510 -22.89 25.68 -4.24
C LEU H 510 -23.64 24.90 -3.16
N ARG H 511 -23.90 23.60 -3.39
CA ARG H 511 -24.56 22.77 -2.38
C ARG H 511 -23.69 22.62 -1.13
N THR H 512 -22.39 22.36 -1.31
CA THR H 512 -21.51 22.34 -0.14
C THR H 512 -21.54 23.66 0.60
N LEU H 513 -21.32 24.74 -0.14
CA LEU H 513 -21.26 26.05 0.50
C LEU H 513 -22.59 26.39 1.17
N GLY H 514 -23.69 25.87 0.65
CA GLY H 514 -25.00 26.24 1.13
C GLY H 514 -25.31 25.49 2.39
N LEU H 515 -24.96 24.20 2.41
CA LEU H 515 -25.16 23.43 3.62
C LEU H 515 -24.20 23.91 4.70
N ALA H 516 -22.94 24.23 4.33
CA ALA H 516 -21.98 24.78 5.29
C ALA H 516 -22.52 26.07 5.94
N ILE H 517 -23.10 26.95 5.14
CA ILE H 517 -23.64 28.20 5.67
C ILE H 517 -24.78 27.90 6.62
N CYS H 518 -25.67 27.01 6.20
CA CYS H 518 -26.78 26.62 7.06
C CYS H 518 -26.32 25.88 8.30
N SER H 519 -25.16 25.24 8.27
CA SER H 519 -24.64 24.64 9.49
C SER H 519 -23.88 25.64 10.38
N ALA H 520 -23.64 26.87 9.90
CA ALA H 520 -22.88 27.84 10.68
C ALA H 520 -23.73 28.94 11.27
N VAL H 521 -24.94 29.14 10.76
CA VAL H 521 -25.91 30.10 11.27
C VAL H 521 -26.90 29.41 12.20
N PRO H 522 -27.30 30.05 13.29
CA PRO H 522 -28.31 29.46 14.18
C PRO H 522 -29.60 29.07 13.47
N ILE H 523 -30.20 27.98 13.94
CA ILE H 523 -31.40 27.46 13.31
C ILE H 523 -32.55 28.46 13.42
N ASP H 524 -32.69 29.11 14.57
CA ASP H 524 -33.87 29.92 14.83
C ASP H 524 -33.79 31.28 14.15
N TRP H 525 -32.72 31.57 13.41
CA TRP H 525 -32.53 32.90 12.85
C TRP H 525 -33.23 33.00 11.50
N VAL H 526 -34.15 33.95 11.41
CA VAL H 526 -34.82 34.25 10.14
C VAL H 526 -33.78 34.74 9.13
N PRO H 527 -33.80 34.24 7.90
CA PRO H 527 -33.02 34.89 6.83
C PRO H 527 -33.67 36.19 6.34
N THR H 528 -32.85 37.20 6.04
CA THR H 528 -33.35 38.51 5.59
C THR H 528 -32.42 39.07 4.53
N GLY H 529 -33.00 39.84 3.60
CA GLY H 529 -32.21 40.58 2.65
C GLY H 529 -32.53 40.24 1.20
N ARG H 530 -32.18 41.13 0.27
CA ARG H 530 -32.36 40.84 -1.15
C ARG H 530 -31.16 40.02 -1.64
N THR H 531 -31.44 38.85 -2.20
CA THR H 531 -30.43 37.97 -2.80
C THR H 531 -30.40 38.02 -4.33
N THR H 532 -31.54 38.32 -4.96
CA THR H 532 -31.61 38.47 -6.40
C THR H 532 -32.65 39.53 -6.73
N TRP H 533 -32.37 40.30 -7.80
CA TRP H 533 -33.26 41.33 -8.31
C TRP H 533 -34.15 40.82 -9.45
N SER H 534 -33.99 39.56 -9.86
CA SER H 534 -34.88 38.97 -10.86
C SER H 534 -36.31 38.93 -10.33
N ILE H 535 -37.28 39.25 -11.19
CA ILE H 535 -38.68 39.17 -10.76
C ILE H 535 -39.19 37.74 -10.75
N HIS H 536 -38.32 36.76 -11.02
CA HIS H 536 -38.69 35.35 -10.98
C HIS H 536 -38.17 34.65 -9.72
N ALA H 537 -37.63 35.42 -8.78
CA ALA H 537 -37.35 34.92 -7.44
C ALA H 537 -38.65 34.60 -6.73
N SER H 538 -38.81 33.34 -6.30
CA SER H 538 -39.98 32.98 -5.51
C SER H 538 -39.86 33.45 -4.07
N GLY H 539 -38.64 33.77 -3.62
CA GLY H 539 -38.37 34.14 -2.24
C GLY H 539 -38.49 33.01 -1.24
N ALA H 540 -38.92 31.82 -1.70
CA ALA H 540 -39.23 30.68 -0.84
C ALA H 540 -38.11 30.35 0.14
N TRP H 541 -36.91 30.85 -0.10
CA TRP H 541 -35.75 30.54 0.73
C TRP H 541 -35.64 31.44 1.95
N MET H 542 -36.55 32.38 2.14
CA MET H 542 -36.52 33.30 3.28
C MET H 542 -37.40 32.80 4.41
N THR H 543 -37.19 31.52 4.72
CA THR H 543 -37.91 30.80 5.76
C THR H 543 -36.89 30.24 6.73
N THR H 544 -37.38 29.82 7.87
CA THR H 544 -36.66 28.90 8.73
C THR H 544 -37.30 27.50 8.68
N GLU H 545 -37.94 27.16 7.56
CA GLU H 545 -38.32 25.78 7.36
C GLU H 545 -37.09 24.98 6.91
N ASP H 546 -37.21 23.64 6.94
CA ASP H 546 -36.15 22.79 6.42
C ASP H 546 -36.01 22.96 4.91
N MET H 547 -34.77 23.08 4.43
CA MET H 547 -34.65 23.38 3.00
C MET H 547 -35.01 22.19 2.11
N LEU H 548 -34.93 20.95 2.60
CA LEU H 548 -35.46 19.84 1.82
C LEU H 548 -36.97 19.92 1.75
N ASP H 549 -37.61 20.29 2.84
CA ASP H 549 -39.06 20.38 2.81
C ASP H 549 -39.54 21.45 1.83
N VAL H 550 -38.78 22.53 1.63
CA VAL H 550 -39.21 23.52 0.64
C VAL H 550 -38.80 23.06 -0.75
N TRP H 551 -37.68 22.32 -0.86
CA TRP H 551 -37.31 21.69 -2.12
C TRP H 551 -38.49 20.88 -2.66
N ASN H 552 -39.00 19.93 -1.86
CA ASN H 552 -40.12 19.13 -2.35
C ASN H 552 -41.34 19.98 -2.66
N ARG H 553 -41.58 21.01 -1.86
CA ARG H 553 -42.73 21.83 -2.15
C ARG H 553 -42.62 22.41 -3.56
N VAL H 554 -41.43 22.96 -3.92
CA VAL H 554 -41.38 23.70 -5.19
C VAL H 554 -41.14 22.75 -6.35
N TRP H 555 -40.28 21.76 -6.19
CA TRP H 555 -39.87 20.98 -7.36
C TRP H 555 -40.82 19.85 -7.68
N ILE H 556 -41.68 19.48 -6.74
CA ILE H 556 -42.48 18.27 -6.89
C ILE H 556 -43.95 18.53 -6.59
N LEU H 557 -44.23 18.92 -5.35
CA LEU H 557 -45.62 19.04 -4.88
C LEU H 557 -46.35 20.15 -5.60
N ASP H 558 -45.82 21.36 -5.54
CA ASP H 558 -46.41 22.51 -6.22
C ASP H 558 -46.12 22.51 -7.74
N ASN H 559 -44.98 21.95 -8.16
CA ASN H 559 -44.57 21.86 -9.57
C ASN H 559 -45.64 21.29 -10.48
N PRO H 560 -46.18 22.10 -11.40
CA PRO H 560 -47.25 21.60 -12.29
C PRO H 560 -46.76 20.61 -13.34
N PHE H 561 -45.47 20.61 -13.65
CA PHE H 561 -44.93 19.77 -14.72
C PHE H 561 -44.49 18.42 -14.21
N MET H 562 -44.66 18.14 -12.92
CA MET H 562 -44.15 16.94 -12.29
C MET H 562 -45.33 16.10 -11.85
N HIS H 563 -45.57 14.98 -12.53
CA HIS H 563 -46.88 14.37 -12.35
C HIS H 563 -46.92 13.39 -11.19
N SER H 564 -45.88 12.62 -10.95
CA SER H 564 -45.80 11.88 -9.69
C SER H 564 -45.33 12.80 -8.56
N LYS H 565 -46.12 12.90 -7.48
CA LYS H 565 -45.81 13.76 -6.35
C LYS H 565 -45.05 13.04 -5.22
N GLU H 566 -44.26 12.05 -5.54
CA GLU H 566 -43.47 11.32 -4.57
C GLU H 566 -42.34 12.21 -4.00
N LYS H 567 -42.38 12.50 -2.70
CA LYS H 567 -41.36 13.38 -2.14
C LYS H 567 -40.01 12.64 -2.03
N ILE H 568 -38.92 13.40 -2.08
CA ILE H 568 -37.55 12.91 -2.07
C ILE H 568 -37.06 12.98 -0.63
N VAL H 569 -36.50 11.88 -0.07
CA VAL H 569 -36.29 11.90 1.38
C VAL H 569 -34.90 12.32 1.86
N GLU H 570 -33.89 12.43 1.00
CA GLU H 570 -32.66 13.01 1.53
C GLU H 570 -31.89 13.75 0.45
N TRP H 571 -30.92 14.57 0.87
CA TRP H 571 -30.19 15.35 -0.12
C TRP H 571 -29.45 14.46 -1.07
N ARG H 572 -28.93 13.33 -0.59
CA ARG H 572 -28.13 12.48 -1.46
C ARG H 572 -28.92 12.07 -2.70
N ASP H 573 -30.25 12.22 -2.69
CA ASP H 573 -31.14 11.81 -3.78
C ASP H 573 -31.52 12.93 -4.74
N VAL H 574 -31.20 14.20 -4.41
CA VAL H 574 -31.36 15.33 -5.31
C VAL H 574 -30.16 15.32 -6.24
N PRO H 575 -30.37 15.47 -7.55
CA PRO H 575 -29.31 15.25 -8.52
C PRO H 575 -28.39 16.44 -8.63
N TYR H 576 -27.26 16.18 -9.26
CA TYR H 576 -26.20 17.11 -9.59
C TYR H 576 -26.10 17.30 -11.10
N LEU H 577 -25.43 18.36 -11.51
CA LEU H 577 -25.14 18.52 -12.91
C LEU H 577 -24.05 17.52 -13.27
N PRO H 578 -23.95 17.10 -14.54
CA PRO H 578 -22.81 16.26 -14.93
C PRO H 578 -21.49 16.98 -14.64
N LYS H 579 -20.49 16.24 -14.13
CA LYS H 579 -19.26 16.88 -13.63
C LYS H 579 -18.55 17.67 -14.72
N SER H 580 -18.68 17.23 -15.98
CA SER H 580 -18.20 18.02 -17.12
C SER H 580 -18.83 19.42 -17.11
N HIS H 581 -20.16 19.47 -17.13
CA HIS H 581 -20.91 20.72 -17.13
C HIS H 581 -20.71 21.52 -15.83
N ASP H 582 -20.35 20.85 -14.73
CA ASP H 582 -20.07 21.53 -13.46
C ASP H 582 -18.84 22.43 -13.62
N MET H 583 -17.68 21.83 -13.91
CA MET H 583 -16.46 22.59 -14.18
C MET H 583 -16.63 23.64 -15.28
N LEU H 584 -17.34 23.27 -16.36
CA LEU H 584 -17.47 24.18 -17.51
C LEU H 584 -18.14 25.49 -17.11
N CYS H 585 -19.11 25.44 -16.19
CA CYS H 585 -19.76 26.64 -15.67
C CYS H 585 -19.02 27.24 -14.46
N SER H 586 -17.69 27.16 -14.44
CA SER H 586 -16.80 27.77 -13.44
C SER H 586 -16.80 27.04 -12.09
N SER H 587 -17.16 25.75 -12.01
CA SER H 587 -17.31 25.06 -10.73
C SER H 587 -16.10 24.16 -10.51
N LEU H 588 -15.08 24.81 -10.02
CA LEU H 588 -13.75 24.33 -9.72
C LEU H 588 -13.75 23.01 -8.96
N VAL H 589 -14.32 21.91 -9.51
CA VAL H 589 -14.30 20.68 -8.71
C VAL H 589 -13.12 19.78 -9.16
N GLY H 590 -12.23 20.32 -10.01
CA GLY H 590 -11.02 19.64 -10.43
C GLY H 590 -9.75 20.35 -9.99
N ARG H 591 -9.90 21.51 -9.34
CA ARG H 591 -8.74 22.27 -8.91
C ARG H 591 -8.38 21.70 -7.54
N LYS H 592 -7.08 21.62 -7.27
CA LYS H 592 -6.58 21.24 -5.96
C LYS H 592 -7.28 22.01 -4.84
N GLU H 593 -7.34 23.34 -4.95
CA GLU H 593 -7.91 24.16 -3.88
C GLU H 593 -9.26 23.61 -3.41
N ARG H 594 -10.17 23.34 -4.36
CA ARG H 594 -11.52 22.87 -4.02
C ARG H 594 -11.45 21.68 -3.09
N ALA H 595 -10.89 20.57 -3.59
CA ALA H 595 -10.75 19.38 -2.75
C ALA H 595 -10.10 19.70 -1.41
N GLU H 596 -9.17 20.67 -1.35
CA GLU H 596 -8.60 21.05 -0.06
C GLU H 596 -9.61 21.84 0.76
N TRP H 597 -10.21 22.87 0.15
CA TRP H 597 -11.28 23.64 0.79
C TRP H 597 -12.34 22.73 1.39
N ALA H 598 -12.90 21.86 0.55
CA ALA H 598 -13.95 20.95 1.00
C ALA H 598 -13.48 19.99 2.07
N LYS H 599 -12.18 19.75 2.18
CA LYS H 599 -11.67 18.91 3.27
C LYS H 599 -11.86 19.65 4.58
N ASN H 600 -11.08 20.70 4.83
CA ASN H 600 -11.17 21.39 6.11
C ASN H 600 -12.26 22.49 6.15
N ILE H 601 -13.40 22.29 5.48
CA ILE H 601 -14.43 23.32 5.50
C ILE H 601 -15.11 23.34 6.85
N TRP H 602 -15.10 22.21 7.55
CA TRP H 602 -15.81 22.18 8.81
C TRP H 602 -15.15 23.11 9.82
N GLY H 603 -13.82 23.23 9.77
CA GLY H 603 -13.15 24.19 10.63
C GLY H 603 -13.63 25.61 10.40
N ALA H 604 -13.95 25.95 9.16
CA ALA H 604 -14.60 27.22 8.90
C ALA H 604 -15.91 27.32 9.65
N VAL H 605 -16.76 26.29 9.51
CA VAL H 605 -18.09 26.32 10.10
C VAL H 605 -17.97 26.54 11.61
N GLU H 606 -17.06 25.80 12.26
CA GLU H 606 -16.83 25.96 13.69
C GLU H 606 -16.43 27.39 14.02
N LYS H 607 -15.50 27.96 13.24
CA LYS H 607 -15.08 29.35 13.44
C LYS H 607 -16.26 30.31 13.36
N VAL H 608 -17.12 30.16 12.36
CA VAL H 608 -18.27 31.06 12.26
C VAL H 608 -19.17 30.85 13.45
N ARG H 609 -19.30 29.61 13.92
CA ARG H 609 -20.17 29.33 15.06
C ARG H 609 -19.70 30.03 16.32
N LYS H 610 -18.39 30.03 16.57
CA LYS H 610 -17.92 30.64 17.81
C LYS H 610 -18.02 32.16 17.75
N MET H 611 -17.79 32.76 16.57
CA MET H 611 -18.07 34.18 16.42
C MET H 611 -19.49 34.52 16.82
N ILE H 612 -20.42 33.60 16.58
CA ILE H 612 -21.82 33.88 16.80
C ILE H 612 -22.23 33.56 18.24
N GLY H 613 -21.53 32.64 18.88
CA GLY H 613 -21.79 32.35 20.28
C GLY H 613 -22.67 31.15 20.63
N GLN H 614 -23.44 31.32 21.69
CA GLN H 614 -24.13 30.23 22.35
C GLN H 614 -25.55 30.15 21.79
N GLU H 615 -25.66 29.59 20.59
CA GLU H 615 -26.93 29.45 19.88
C GLU H 615 -27.10 28.00 19.42
N LYS H 616 -28.21 27.74 18.73
CA LYS H 616 -28.57 26.38 18.35
C LYS H 616 -28.21 26.08 16.90
N PHE H 617 -27.34 25.10 16.70
CA PHE H 617 -26.88 24.72 15.38
C PHE H 617 -27.24 23.27 15.05
N LYS H 618 -27.52 23.00 13.80
CA LYS H 618 -27.63 21.63 13.32
C LYS H 618 -26.50 21.36 12.33
N ASP H 619 -26.40 20.13 11.84
CA ASP H 619 -25.25 19.75 11.01
C ASP H 619 -25.75 19.21 9.69
N TYR H 620 -25.96 20.12 8.74
CA TYR H 620 -26.42 19.77 7.41
C TYR H 620 -25.28 19.38 6.48
N LEU H 621 -24.06 19.71 6.84
CA LEU H 621 -22.99 19.30 5.96
C LEU H 621 -22.81 17.79 6.00
N SER H 622 -22.86 17.16 7.19
CA SER H 622 -22.46 15.76 7.32
C SER H 622 -23.41 14.81 6.64
N CYS H 623 -24.57 15.28 6.18
CA CYS H 623 -25.45 14.46 5.35
C CYS H 623 -25.04 14.59 3.88
N MET H 624 -23.73 14.43 3.67
CA MET H 624 -23.11 14.49 2.36
C MET H 624 -23.11 13.12 1.69
N ASP H 625 -23.73 12.13 2.32
CA ASP H 625 -23.79 10.68 1.97
C ASP H 625 -22.40 10.04 2.09
N LYS I 9 26.18 76.27 -7.76
CA LYS I 9 25.04 76.39 -6.88
C LYS I 9 24.29 77.71 -7.13
N VAL I 10 23.01 77.77 -6.72
CA VAL I 10 22.18 78.96 -6.91
C VAL I 10 21.54 79.36 -5.58
N LYS I 11 20.84 78.42 -4.94
CA LYS I 11 20.42 78.57 -3.55
C LYS I 11 21.59 78.27 -2.61
N GLU I 12 21.66 79.00 -1.49
CA GLU I 12 22.94 79.02 -0.81
C GLU I 12 23.00 79.60 0.59
N LYS I 13 23.54 78.85 1.54
CA LYS I 13 23.79 79.36 2.88
C LYS I 13 24.81 80.51 2.81
N ASP I 14 25.12 81.14 3.98
CA ASP I 14 25.94 82.37 3.96
C ASP I 14 26.87 82.69 5.15
N VAL I 15 26.36 82.78 6.38
CA VAL I 15 27.13 83.36 7.49
C VAL I 15 26.83 82.59 8.77
N GLN I 16 25.91 81.64 8.67
CA GLN I 16 25.66 80.74 9.79
C GLN I 16 26.68 79.61 9.78
N GLU I 17 26.95 79.12 8.57
CA GLU I 17 28.06 78.23 8.26
C GLU I 17 29.36 78.72 8.89
N ARG I 18 29.61 80.04 8.84
CA ARG I 18 30.95 80.57 9.08
C ARG I 18 31.49 80.22 10.47
N ILE I 19 30.70 80.41 11.54
CA ILE I 19 31.28 80.13 12.87
C ILE I 19 31.55 78.63 13.04
N SER I 20 30.71 77.77 12.41
CA SER I 20 30.88 76.31 12.24
C SER I 20 32.03 75.98 11.27
N ALA I 21 31.88 76.29 9.96
CA ALA I 21 32.89 75.93 8.97
C ALA I 21 34.28 76.35 9.42
N LEU I 22 34.39 77.49 10.09
CA LEU I 22 35.69 77.96 10.54
C LEU I 22 36.09 77.34 11.87
N ARG I 23 36.06 76.02 11.98
CA ARG I 23 36.84 75.33 13.00
C ARG I 23 37.94 74.52 12.28
N GLU I 24 39.19 74.87 12.57
CA GLU I 24 40.32 74.13 12.04
C GLU I 24 41.03 73.44 13.20
N GLN I 25 40.29 72.61 13.93
CA GLN I 25 40.93 71.51 14.62
C GLN I 25 41.57 70.55 13.62
N TYR I 26 41.00 70.48 12.41
CA TYR I 26 41.55 69.69 11.33
C TYR I 26 42.36 70.56 10.38
N GLY I 27 43.03 71.57 10.91
CA GLY I 27 43.76 72.47 10.03
C GLY I 27 44.99 71.84 9.45
N GLU I 28 45.61 70.91 10.19
CA GLU I 28 46.85 70.29 9.77
C GLU I 28 46.78 69.88 8.31
N THR I 29 45.86 68.97 8.01
CA THR I 29 45.68 68.50 6.64
C THR I 29 44.69 69.33 5.84
N TRP I 30 44.13 70.39 6.42
CA TRP I 30 43.10 71.15 5.69
C TRP I 30 43.70 71.62 4.37
N HIS I 31 42.95 71.44 3.30
CA HIS I 31 43.38 71.89 1.98
C HIS I 31 42.12 72.24 1.20
N MET I 32 42.22 72.30 -0.13
CA MET I 32 41.02 72.62 -0.89
C MET I 32 41.15 72.11 -2.33
N ASP I 33 40.79 70.84 -2.51
CA ASP I 33 40.63 70.19 -3.81
C ASP I 33 39.90 71.08 -4.81
N ARG I 34 40.47 71.19 -6.00
CA ARG I 34 39.81 71.95 -7.04
C ARG I 34 38.92 71.08 -7.92
N GLU I 35 39.06 69.76 -7.87
CA GLU I 35 38.32 68.88 -8.76
C GLU I 35 37.07 68.32 -8.13
N HIS I 36 36.74 68.72 -6.87
CA HIS I 36 35.62 68.24 -6.03
C HIS I 36 34.34 68.10 -6.85
N PRO I 37 33.45 67.18 -6.47
CA PRO I 37 32.33 66.81 -7.36
C PRO I 37 31.01 67.52 -7.07
N TYR I 38 30.94 68.40 -6.08
CA TYR I 38 29.64 68.88 -5.61
C TYR I 38 29.05 69.95 -6.50
N ARG I 39 27.82 69.72 -6.97
CA ARG I 39 27.19 70.57 -7.94
C ARG I 39 26.06 71.43 -7.37
N THR I 40 25.42 71.03 -6.26
CA THR I 40 24.41 71.87 -5.63
C THR I 40 24.63 72.07 -4.15
N TRP I 41 25.63 71.43 -3.56
CA TRP I 41 26.16 71.83 -2.26
C TRP I 41 27.33 72.77 -2.49
N GLN I 42 27.71 73.50 -1.46
CA GLN I 42 28.82 74.44 -1.57
C GLN I 42 30.05 73.79 -0.93
N TYR I 43 31.14 73.71 -1.69
CA TYR I 43 32.39 73.13 -1.18
C TYR I 43 33.14 74.14 -0.33
N TRP I 44 33.67 73.68 0.79
CA TRP I 44 34.32 74.57 1.74
C TRP I 44 35.72 74.11 2.10
N GLY I 45 36.28 73.15 1.37
CA GLY I 45 37.57 72.60 1.74
C GLY I 45 37.44 71.19 2.30
N SER I 46 38.52 70.42 2.18
CA SER I 46 38.59 69.07 2.73
C SER I 46 39.72 68.95 3.74
N TYR I 47 39.73 67.85 4.49
CA TYR I 47 40.82 67.49 5.37
C TYR I 47 40.93 65.97 5.45
N ARG I 48 42.14 65.48 5.73
CA ARG I 48 42.43 64.05 5.63
C ARG I 48 41.84 63.28 6.80
N THR I 49 41.24 62.12 6.49
CA THR I 49 40.63 61.26 7.49
C THR I 49 40.93 59.79 7.18
N ALA I 50 40.93 58.99 8.26
CA ALA I 50 41.28 57.57 8.16
C ALA I 50 40.26 56.84 7.31
N PRO I 51 40.69 56.03 6.34
CA PRO I 51 39.74 55.38 5.44
C PRO I 51 38.91 54.33 6.16
N THR I 52 37.74 54.05 5.60
CA THR I 52 36.87 53.06 6.23
C THR I 52 35.80 52.62 5.25
N GLY I 53 35.07 51.57 5.65
CA GLY I 53 33.96 51.01 4.91
C GLY I 53 34.33 49.72 4.18
N SER I 54 33.32 48.98 3.76
CA SER I 54 33.60 47.80 2.97
C SER I 54 32.45 47.49 2.04
N ALA I 55 32.76 46.75 0.98
CA ALA I 55 31.74 46.24 0.08
C ALA I 55 31.67 44.71 0.12
N ALA I 56 32.35 44.10 1.09
CA ALA I 56 32.26 42.66 1.33
C ALA I 56 30.96 42.34 2.04
N SER I 57 30.15 41.50 1.40
CA SER I 57 29.07 40.83 2.08
C SER I 57 29.62 39.93 3.17
N LEU I 58 29.30 40.24 4.42
CA LEU I 58 29.57 39.36 5.56
C LEU I 58 28.24 38.75 6.00
N ILE I 59 28.22 37.42 6.14
CA ILE I 59 26.96 36.72 6.25
C ILE I 59 26.79 36.20 7.68
N ASN I 60 25.53 36.04 8.07
CA ASN I 60 25.18 35.48 9.37
C ASN I 60 25.25 33.96 9.30
N GLY I 61 26.16 33.38 10.09
CA GLY I 61 26.37 31.95 10.02
C GLY I 61 25.15 31.16 10.44
N VAL I 62 24.62 31.44 11.63
CA VAL I 62 23.60 30.54 12.15
C VAL I 62 22.30 30.68 11.38
N VAL I 63 21.95 31.89 10.95
CA VAL I 63 20.72 32.02 10.17
C VAL I 63 20.87 31.34 8.82
N LYS I 64 22.06 31.45 8.21
CA LYS I 64 22.28 30.77 6.94
C LYS I 64 22.08 29.27 7.11
N LEU I 65 22.72 28.71 8.15
CA LEU I 65 22.76 27.27 8.37
C LEU I 65 21.37 26.69 8.67
N LEU I 66 20.48 27.49 9.25
CA LEU I 66 19.12 27.06 9.57
C LEU I 66 18.11 27.37 8.47
N SER I 67 18.58 27.77 7.29
CA SER I 67 17.69 28.29 6.27
C SER I 67 18.29 28.17 4.88
N TRP I 68 18.90 27.01 4.57
CA TRP I 68 19.77 26.81 3.40
C TRP I 68 19.12 26.76 2.01
N PRO I 69 17.78 26.72 1.83
CA PRO I 69 17.26 26.83 0.46
C PRO I 69 17.16 28.27 0.02
N TRP I 70 17.40 29.20 0.93
CA TRP I 70 17.35 30.62 0.61
C TRP I 70 18.67 31.13 0.05
N ASN I 71 19.70 30.27 -0.06
CA ASN I 71 20.91 30.65 -0.77
C ASN I 71 20.62 30.96 -2.24
N ALA I 72 19.79 30.12 -2.88
CA ALA I 72 19.46 30.31 -4.29
C ALA I 72 18.68 31.60 -4.53
N ARG I 73 17.86 32.02 -3.55
CA ARG I 73 16.89 33.10 -3.76
C ARG I 73 17.56 34.39 -4.24
N GLU I 74 16.89 35.05 -5.19
CA GLU I 74 17.45 36.23 -5.86
C GLU I 74 17.28 37.49 -5.03
N ASP I 75 16.14 37.61 -4.33
CA ASP I 75 15.87 38.77 -3.49
C ASP I 75 16.36 38.58 -2.06
N VAL I 76 16.86 37.38 -1.72
CA VAL I 76 17.61 37.17 -0.48
C VAL I 76 19.06 37.64 -0.64
N VAL I 77 19.65 37.46 -1.82
CA VAL I 77 21.02 37.87 -2.05
C VAL I 77 21.14 39.36 -2.41
N ARG I 78 20.03 40.00 -2.82
CA ARG I 78 20.05 41.43 -3.16
C ARG I 78 20.39 42.29 -1.95
N MET I 79 19.93 41.88 -0.76
CA MET I 79 20.21 42.60 0.47
C MET I 79 21.69 42.57 0.84
N ALA I 80 22.48 41.73 0.17
CA ALA I 80 23.86 41.50 0.56
C ALA I 80 24.73 42.72 0.27
N MET I 81 24.80 43.13 -1.01
CA MET I 81 25.72 44.18 -1.47
C MET I 81 25.21 45.56 -1.07
N THR I 82 25.71 46.07 0.07
CA THR I 82 25.55 47.47 0.49
C THR I 82 26.94 48.03 0.72
N ASP I 83 27.32 48.99 -0.12
CA ASP I 83 28.67 49.52 -0.17
C ASP I 83 28.79 50.64 0.87
N THR I 84 29.65 50.46 1.86
CA THR I 84 29.87 51.49 2.87
C THR I 84 31.23 52.16 2.76
N THR I 85 31.92 52.00 1.63
CA THR I 85 33.18 52.70 1.45
C THR I 85 32.93 54.14 1.03
N ALA I 86 33.92 55.00 1.30
CA ALA I 86 33.92 56.35 0.77
C ALA I 86 33.47 56.39 -0.67
N PHE I 87 34.09 55.57 -1.52
CA PHE I 87 33.69 55.52 -2.92
C PHE I 87 32.23 55.14 -3.08
N GLY I 88 31.68 54.40 -2.12
CA GLY I 88 30.28 53.99 -2.20
C GLY I 88 29.32 55.11 -1.90
N GLN I 89 29.40 55.64 -0.68
CA GLN I 89 28.85 56.95 -0.31
C GLN I 89 28.88 57.95 -1.45
N GLN I 90 30.08 58.35 -1.88
CA GLN I 90 30.21 59.33 -2.95
C GLN I 90 29.39 58.96 -4.18
N ARG I 91 29.26 57.66 -4.47
CA ARG I 91 28.47 57.23 -5.61
C ARG I 91 26.99 57.51 -5.39
N VAL I 92 26.42 57.05 -4.25
CA VAL I 92 25.00 57.30 -3.96
C VAL I 92 24.73 58.78 -3.74
N PHE I 93 25.58 59.46 -2.98
CA PHE I 93 25.43 60.90 -2.75
C PHE I 93 25.30 61.65 -4.08
N LYS I 94 26.16 61.34 -5.03
CA LYS I 94 26.15 62.09 -6.29
C LYS I 94 24.98 61.73 -7.19
N GLU I 95 24.21 60.68 -6.87
CA GLU I 95 23.08 60.28 -7.71
C GLU I 95 21.73 60.51 -7.05
N LYS I 96 21.67 60.50 -5.72
CA LYS I 96 20.45 60.74 -4.98
C LYS I 96 20.43 62.11 -4.30
N VAL I 97 21.47 62.44 -3.52
CA VAL I 97 21.43 63.58 -2.60
C VAL I 97 21.89 64.92 -3.19
N ASP I 98 22.68 64.93 -4.24
CA ASP I 98 23.25 66.16 -4.77
C ASP I 98 22.31 66.66 -5.87
N THR I 99 21.18 67.25 -5.46
CA THR I 99 20.23 67.91 -6.35
C THR I 99 19.60 69.11 -5.63
N LYS I 100 18.75 69.82 -6.35
CA LYS I 100 17.90 70.89 -5.82
C LYS I 100 16.50 70.67 -6.36
N ALA I 101 15.48 70.72 -5.51
CA ALA I 101 14.11 70.55 -5.99
C ALA I 101 13.50 71.90 -6.39
N GLN I 102 12.73 71.91 -7.49
CA GLN I 102 11.99 73.12 -7.86
C GLN I 102 11.10 73.56 -6.71
N GLU I 103 11.23 74.82 -6.33
CA GLU I 103 10.40 75.33 -5.25
C GLU I 103 9.01 75.65 -5.76
N PRO I 104 8.03 75.65 -4.89
CA PRO I 104 6.66 75.86 -5.35
C PRO I 104 6.38 77.31 -5.68
N GLN I 105 5.53 77.51 -6.72
CA GLN I 105 4.99 78.82 -7.12
C GLN I 105 4.46 79.61 -5.92
N PRO I 106 4.32 80.93 -6.05
CA PRO I 106 3.93 81.72 -4.87
C PRO I 106 2.48 81.50 -4.46
N GLY I 107 1.57 81.37 -5.42
CA GLY I 107 0.24 80.87 -5.10
C GLY I 107 0.29 79.62 -4.25
N THR I 108 1.09 78.64 -4.68
CA THR I 108 1.27 77.41 -3.91
C THR I 108 1.81 77.69 -2.51
N LYS I 109 2.88 78.49 -2.42
CA LYS I 109 3.50 78.76 -1.12
C LYS I 109 2.49 79.30 -0.13
N VAL I 110 1.60 80.19 -0.59
CA VAL I 110 0.61 80.78 0.30
C VAL I 110 -0.35 79.72 0.82
N ILE I 111 -0.93 78.95 -0.11
CA ILE I 111 -1.81 77.85 0.26
C ILE I 111 -1.13 76.97 1.30
N MET I 112 0.11 76.58 1.02
CA MET I 112 0.87 75.75 1.95
C MET I 112 0.89 76.36 3.35
N ARG I 113 1.19 77.65 3.46
CA ARG I 113 1.28 78.25 4.79
C ARG I 113 -0.08 78.34 5.47
N ALA I 114 -1.16 78.44 4.68
CA ALA I 114 -2.48 78.44 5.28
C ALA I 114 -2.77 77.08 5.91
N VAL I 115 -2.73 76.02 5.10
CA VAL I 115 -2.89 74.67 5.64
C VAL I 115 -1.94 74.45 6.79
N ASN I 116 -0.66 74.76 6.59
CA ASN I 116 0.36 74.50 7.61
C ASN I 116 -0.01 75.18 8.93
N ASP I 117 -0.33 76.47 8.89
CA ASP I 117 -0.68 77.20 10.11
C ASP I 117 -1.94 76.63 10.76
N TRP I 118 -2.87 76.11 9.95
CA TRP I 118 -4.08 75.46 10.46
C TRP I 118 -3.73 74.24 11.30
N ILE I 119 -2.78 73.43 10.81
CA ILE I 119 -2.31 72.23 11.52
C ILE I 119 -1.60 72.62 12.82
N LEU I 120 -0.75 73.65 12.75
CA LEU I 120 0.05 74.04 13.89
C LEU I 120 -0.77 74.73 14.96
N GLU I 121 -1.85 75.39 14.56
CA GLU I 121 -2.78 75.99 15.51
C GLU I 121 -3.50 74.90 16.28
N ARG I 122 -4.18 74.03 15.51
CA ARG I 122 -4.87 72.84 16.01
C ARG I 122 -4.02 72.09 17.02
N LEU I 123 -2.76 71.87 16.66
CA LEU I 123 -1.86 71.05 17.47
C LEU I 123 -1.45 71.77 18.74
N ALA I 124 -1.19 73.07 18.64
CA ALA I 124 -0.71 73.82 19.79
C ALA I 124 -1.79 73.95 20.84
N ARG I 125 -3.05 74.01 20.41
CA ARG I 125 -4.15 73.94 21.35
C ARG I 125 -4.03 72.69 22.22
N LYS I 126 -3.70 71.54 21.62
CA LYS I 126 -3.69 70.30 22.37
C LYS I 126 -2.53 70.28 23.38
N SER I 127 -1.33 70.68 22.96
CA SER I 127 -0.18 70.80 23.86
C SER I 127 0.70 71.97 23.43
N LYS I 128 1.01 72.86 24.38
CA LYS I 128 1.90 73.94 23.95
C LYS I 128 3.35 73.43 23.93
N PRO I 129 4.16 73.92 22.99
CA PRO I 129 5.60 73.60 22.97
C PRO I 129 6.24 73.80 24.32
N ARG I 130 7.34 73.08 24.58
CA ARG I 130 7.97 73.14 25.89
C ARG I 130 9.41 72.63 25.84
N MET I 131 10.25 73.16 26.73
CA MET I 131 11.63 72.68 26.83
C MET I 131 11.68 71.35 27.56
N CYS I 132 12.28 70.38 26.92
CA CYS I 132 12.59 69.12 27.57
C CYS I 132 13.82 69.31 28.44
N SER I 133 13.89 68.53 29.51
CA SER I 133 14.88 68.70 30.54
C SER I 133 16.17 67.95 30.24
N ARG I 134 17.21 68.26 31.00
CA ARG I 134 18.41 67.43 30.98
C ARG I 134 18.16 66.13 31.73
N GLU I 135 17.28 66.16 32.73
CA GLU I 135 16.92 64.91 33.41
C GLU I 135 16.21 63.95 32.45
N GLU I 136 15.28 64.48 31.65
CA GLU I 136 14.64 63.70 30.59
C GLU I 136 15.69 63.00 29.74
N PHE I 137 16.41 63.78 28.94
CA PHE I 137 17.50 63.28 28.10
C PHE I 137 18.33 62.20 28.78
N ILE I 138 18.71 62.43 30.05
CA ILE I 138 19.52 61.48 30.79
C ILE I 138 18.81 60.13 30.88
N ALA I 139 17.55 60.14 31.30
CA ALA I 139 16.75 58.92 31.30
C ALA I 139 16.73 58.25 29.92
N LYS I 140 16.45 59.04 28.88
CA LYS I 140 16.28 58.45 27.56
C LYS I 140 17.59 57.89 27.00
N VAL I 141 18.74 58.48 27.32
CA VAL I 141 20.01 57.91 26.85
C VAL I 141 20.35 56.61 27.59
N LYS I 142 19.65 56.32 28.69
CA LYS I 142 19.80 55.03 29.39
C LYS I 142 18.85 54.01 28.75
N SER I 143 19.21 53.62 27.54
CA SER I 143 18.34 52.83 26.68
C SER I 143 19.05 52.46 25.38
N GLN I 154 35.21 66.29 21.87
CA GLN I 154 34.62 65.31 20.99
C GLN I 154 34.69 63.93 21.65
N ASN I 155 35.40 63.00 21.03
CA ASN I 155 35.54 61.63 21.52
C ASN I 155 36.39 61.64 22.79
N ARG I 156 35.73 61.51 23.94
CA ARG I 156 36.41 61.47 25.24
C ARG I 156 35.75 60.46 26.16
N SER I 159 31.06 55.34 25.07
CA SER I 159 29.72 55.02 25.57
C SER I 159 28.82 56.26 25.67
N ALA I 160 27.51 56.04 25.57
CA ALA I 160 26.54 57.13 25.62
C ALA I 160 26.13 57.49 27.05
N LYS I 161 25.91 56.48 27.90
CA LYS I 161 25.60 56.71 29.31
C LYS I 161 26.84 57.12 30.11
N GLU I 162 28.01 56.61 29.75
CA GLU I 162 29.23 57.07 30.40
C GLU I 162 29.40 58.57 30.23
N ALA I 163 29.19 59.06 29.01
CA ALA I 163 29.39 60.47 28.69
C ALA I 163 28.54 61.37 29.58
N VAL I 164 27.23 61.20 29.53
CA VAL I 164 26.31 62.06 30.26
C VAL I 164 26.48 61.97 31.76
N GLU I 165 27.24 61.00 32.26
CA GLU I 165 27.65 60.95 33.65
C GLU I 165 28.98 61.64 33.90
N ASP I 166 29.34 62.64 33.07
CA ASP I 166 30.68 63.22 33.07
C ASP I 166 30.59 64.75 32.97
N PRO I 167 30.80 65.46 34.08
CA PRO I 167 30.66 66.92 34.05
C PRO I 167 31.38 67.61 32.91
N ALA I 168 32.48 67.04 32.41
CA ALA I 168 33.17 67.69 31.30
C ALA I 168 32.35 67.62 30.02
N PHE I 169 31.49 66.61 29.89
CA PHE I 169 30.56 66.58 28.76
C PHE I 169 29.57 67.72 28.83
N TRP I 170 29.04 68.00 30.03
CA TRP I 170 28.07 69.07 30.20
C TRP I 170 28.73 70.44 30.21
N GLN I 171 29.99 70.54 30.62
CA GLN I 171 30.74 71.77 30.40
C GLN I 171 30.71 72.13 28.91
N LEU I 172 30.99 71.15 28.04
CA LEU I 172 31.00 71.43 26.61
C LEU I 172 29.61 71.71 26.06
N VAL I 173 28.58 71.08 26.63
CA VAL I 173 27.21 71.34 26.19
C VAL I 173 26.83 72.78 26.52
N ASP I 174 27.04 73.18 27.79
CA ASP I 174 26.79 74.54 28.24
C ASP I 174 27.37 75.56 27.27
N GLU I 175 28.63 75.35 26.89
CA GLU I 175 29.32 76.34 26.07
C GLU I 175 28.62 76.53 24.74
N GLU I 176 28.07 75.45 24.18
CA GLU I 176 27.45 75.53 22.86
C GLU I 176 25.99 75.94 22.96
N ARG I 177 25.37 75.71 24.12
CA ARG I 177 24.06 76.28 24.42
C ARG I 177 24.12 77.80 24.39
N GLU I 178 25.05 78.36 25.15
CA GLU I 178 25.33 79.78 25.13
C GLU I 178 25.36 80.36 23.72
N ARG I 179 26.16 79.76 22.84
CA ARG I 179 26.19 80.26 21.46
C ARG I 179 24.82 80.20 20.83
N HIS I 180 24.06 79.13 21.14
CA HIS I 180 22.72 78.94 20.58
C HIS I 180 21.77 79.99 21.13
N LEU I 181 21.95 80.32 22.42
CA LEU I 181 21.16 81.33 23.11
C LEU I 181 21.37 82.71 22.51
N ALA I 182 22.50 82.94 21.86
CA ALA I 182 22.75 84.15 21.13
C ALA I 182 22.47 83.99 19.64
N GLY I 183 21.99 82.82 19.23
CA GLY I 183 21.74 82.56 17.83
C GLY I 183 22.99 82.37 17.01
N ARG I 184 23.95 81.62 17.52
CA ARG I 184 25.07 81.20 16.69
C ARG I 184 25.46 79.78 17.05
N CYS I 185 26.09 79.11 16.07
CA CYS I 185 26.42 77.69 16.15
C CYS I 185 27.91 77.45 15.96
N ALA I 186 28.52 76.82 16.95
CA ALA I 186 29.90 76.38 16.79
C ALA I 186 30.02 74.95 16.26
N HIS I 187 29.13 74.02 16.66
CA HIS I 187 29.46 72.60 16.61
C HIS I 187 28.47 71.69 15.90
N CYS I 188 27.32 72.17 15.44
CA CYS I 188 26.25 71.28 14.97
C CYS I 188 26.42 70.98 13.49
N VAL I 189 27.45 70.17 13.22
CA VAL I 189 27.77 69.59 11.91
C VAL I 189 27.30 68.15 11.87
N TYR I 190 26.92 67.67 10.67
CA TYR I 190 26.37 66.34 10.52
C TYR I 190 27.31 65.46 9.71
N ASN I 191 27.56 64.24 10.22
CA ASN I 191 28.35 63.21 9.55
C ASN I 191 27.44 62.40 8.64
N MET I 192 27.51 62.61 7.33
CA MET I 192 26.47 62.07 6.47
C MET I 192 26.45 60.54 6.50
N MET I 193 27.57 59.91 6.11
CA MET I 193 27.67 58.45 6.08
C MET I 193 26.61 57.80 5.18
N TRP I 213 23.15 63.79 8.06
CA TRP I 213 22.39 62.65 8.55
C TRP I 213 22.80 62.06 9.94
N TYR I 214 23.97 62.41 10.50
CA TYR I 214 24.37 61.90 11.83
C TYR I 214 24.30 62.99 12.89
N MET I 215 25.19 62.92 13.89
CA MET I 215 24.91 63.49 15.21
C MET I 215 26.21 63.77 15.94
N TRP I 216 26.08 64.24 17.19
CA TRP I 216 27.12 64.35 18.21
C TRP I 216 26.40 64.59 19.52
N LEU I 217 26.69 63.79 20.56
CA LEU I 217 25.87 63.81 21.78
C LEU I 217 25.40 65.19 22.20
N GLY I 218 26.35 66.11 22.37
CA GLY I 218 26.00 67.43 22.87
C GLY I 218 25.07 68.19 21.95
N SER I 219 25.37 68.20 20.66
CA SER I 219 24.49 68.86 19.69
C SER I 219 23.14 68.17 19.60
N ARG I 220 23.09 66.87 19.89
CA ARG I 220 21.84 66.14 19.87
C ARG I 220 21.00 66.44 21.10
N PHE I 221 21.65 66.63 22.25
CA PHE I 221 20.92 67.07 23.45
C PHE I 221 20.19 68.39 23.22
N LEU I 222 20.78 69.29 22.42
CA LEU I 222 20.20 70.61 22.28
C LEU I 222 18.96 70.54 21.39
N GLU I 223 19.04 69.84 20.27
CA GLU I 223 17.82 69.40 19.58
C GLU I 223 16.74 68.91 20.55
N PHE I 224 17.07 67.89 21.34
CA PHE I 224 16.11 67.36 22.30
C PHE I 224 15.54 68.46 23.20
N GLU I 225 16.41 69.32 23.75
CA GLU I 225 15.96 70.35 24.65
C GLU I 225 14.95 71.26 23.99
N ALA I 226 15.27 71.75 22.79
CA ALA I 226 14.33 72.58 22.05
C ALA I 226 13.20 71.76 21.47
N LEU I 227 13.43 71.15 20.31
CA LEU I 227 12.40 70.48 19.51
C LEU I 227 11.98 69.12 20.06
N GLY I 228 12.57 68.68 21.18
CA GLY I 228 12.23 67.37 21.71
C GLY I 228 10.76 67.19 22.02
N PHE I 229 10.05 68.29 22.31
CA PHE I 229 8.63 68.16 22.63
C PHE I 229 7.87 67.52 21.48
N LEU I 230 8.27 67.80 20.24
CA LEU I 230 7.55 67.22 19.12
C LEU I 230 7.40 65.72 19.31
N ASN I 231 8.40 65.10 19.90
CA ASN I 231 8.50 63.66 19.99
C ASN I 231 7.85 63.17 21.26
N GLU I 232 8.24 63.79 22.36
CA GLU I 232 7.96 63.40 23.73
C GLU I 232 6.56 63.83 24.17
N ASP I 233 5.87 64.63 23.37
CA ASP I 233 4.51 65.07 23.66
C ASP I 233 3.61 64.49 22.58
N HIS I 234 4.17 63.62 21.75
CA HIS I 234 3.49 62.88 20.70
C HIS I 234 2.63 63.81 19.85
N TRP I 235 3.31 64.75 19.21
CA TRP I 235 2.59 65.64 18.33
C TRP I 235 2.17 64.95 17.04
N ALA I 236 2.84 63.85 16.68
CA ALA I 236 2.46 63.08 15.50
C ALA I 236 1.62 61.85 15.84
N SER I 237 1.30 61.65 17.12
CA SER I 237 0.35 60.63 17.51
C SER I 237 -1.01 60.88 16.84
N ARG I 238 -1.84 59.83 16.76
CA ARG I 238 -3.12 60.01 16.09
C ARG I 238 -4.05 60.94 16.87
N GLY I 239 -3.99 60.89 18.21
CA GLY I 239 -4.90 61.72 19.00
C GLY I 239 -4.68 63.20 18.75
N SER I 240 -3.42 63.58 18.58
CA SER I 240 -3.07 64.98 18.36
C SER I 240 -3.22 65.39 16.89
N SER I 241 -2.43 64.78 16.00
CA SER I 241 -2.41 65.23 14.62
C SER I 241 -3.64 64.81 13.84
N GLY I 242 -4.42 63.86 14.33
CA GLY I 242 -5.60 63.42 13.61
C GLY I 242 -5.40 62.32 12.58
N SER I 243 -4.41 62.50 11.69
CA SER I 243 -4.05 61.47 10.73
C SER I 243 -2.68 60.87 10.96
N GLY I 244 -1.97 61.25 12.01
CA GLY I 244 -0.74 60.57 12.34
C GLY I 244 -0.99 59.24 13.02
N VAL I 245 0.05 58.42 13.10
CA VAL I 245 -0.07 57.09 13.70
C VAL I 245 1.07 56.77 14.64
N GLU I 246 1.76 57.79 15.14
CA GLU I 246 2.85 57.53 16.08
C GLU I 246 2.31 56.87 17.34
N GLY I 247 3.10 55.91 17.85
CA GLY I 247 2.72 55.17 19.04
C GLY I 247 2.29 53.77 18.63
N ILE I 248 1.23 53.72 17.82
CA ILE I 248 0.65 52.49 17.29
C ILE I 248 1.71 51.57 16.69
N SER I 249 1.81 50.34 17.21
CA SER I 249 2.82 49.44 16.66
C SER I 249 2.27 48.71 15.44
N LEU I 250 3.15 47.98 14.78
CA LEU I 250 2.76 47.19 13.61
C LEU I 250 1.59 46.27 13.92
N ASN I 251 1.64 45.61 15.08
CA ASN I 251 0.69 44.55 15.38
C ASN I 251 -0.72 45.08 15.58
N TYR I 252 -0.90 46.38 15.79
CA TYR I 252 -2.23 46.98 15.90
C TYR I 252 -2.61 47.86 14.72
N LEU I 253 -1.64 48.33 13.93
CA LEU I 253 -1.90 49.25 12.84
C LEU I 253 -2.98 48.75 11.89
N GLY I 254 -3.09 47.41 11.73
CA GLY I 254 -4.01 46.88 10.74
C GLY I 254 -5.43 47.29 10.99
N TRP I 255 -5.82 47.39 12.27
CA TRP I 255 -7.18 47.79 12.62
C TRP I 255 -7.51 49.18 12.07
N TYR I 256 -6.57 50.13 12.20
CA TYR I 256 -6.79 51.48 11.68
C TYR I 256 -6.92 51.46 10.18
N LEU I 257 -6.17 50.62 9.51
CA LEU I 257 -6.32 50.60 8.06
C LEU I 257 -7.70 50.06 7.71
N LYS I 258 -8.18 49.06 8.48
CA LYS I 258 -9.53 48.54 8.25
C LYS I 258 -10.59 49.61 8.54
N GLY I 259 -10.43 50.35 9.63
CA GLY I 259 -11.40 51.39 9.94
C GLY I 259 -11.62 52.37 8.82
N LEU I 260 -10.60 52.66 8.04
CA LEU I 260 -10.76 53.62 6.96
C LEU I 260 -11.78 53.15 5.93
N SER I 261 -11.93 51.84 5.74
CA SER I 261 -12.77 51.37 4.63
C SER I 261 -14.25 51.56 4.88
N THR I 262 -14.65 51.71 6.15
CA THR I 262 -16.04 51.93 6.50
C THR I 262 -16.45 53.39 6.36
N LEU I 263 -15.49 54.30 6.20
CA LEU I 263 -15.77 55.67 5.79
C LEU I 263 -16.35 55.72 4.37
N GLU I 264 -17.36 56.57 4.18
CA GLU I 264 -17.80 56.91 2.83
C GLU I 264 -16.68 57.60 2.05
N GLY I 265 -16.56 57.29 0.76
CA GLY I 265 -15.49 57.93 0.00
C GLY I 265 -15.19 57.17 -1.28
N GLY I 266 -14.02 57.45 -1.84
CA GLY I 266 -13.50 56.79 -3.02
C GLY I 266 -12.57 55.64 -2.68
N LEU I 267 -11.60 55.39 -3.55
CA LEU I 267 -10.67 54.30 -3.33
C LEU I 267 -9.64 54.64 -2.27
N PHE I 268 -8.93 53.61 -1.83
CA PHE I 268 -7.72 53.81 -1.05
C PHE I 268 -6.61 54.25 -1.99
N TYR I 269 -5.86 55.27 -1.59
CA TYR I 269 -4.66 55.68 -2.34
C TYR I 269 -3.46 55.62 -1.40
N ALA I 270 -2.32 55.16 -1.92
CA ALA I 270 -1.14 55.03 -1.08
C ALA I 270 0.11 55.33 -1.89
N ASP I 271 0.11 56.50 -2.54
CA ASP I 271 1.21 56.94 -3.39
C ASP I 271 2.47 57.16 -2.54
N ASP I 272 3.60 56.72 -3.06
CA ASP I 272 4.87 56.79 -2.34
C ASP I 272 5.74 57.85 -2.99
N THR I 273 6.31 58.73 -2.20
CA THR I 273 7.14 59.78 -2.76
C THR I 273 8.57 59.28 -2.90
N ALA I 274 9.08 59.37 -4.11
CA ALA I 274 10.43 58.97 -4.44
C ALA I 274 11.45 59.72 -3.60
N GLY I 275 12.01 59.07 -2.59
CA GLY I 275 13.08 59.71 -1.82
C GLY I 275 12.71 61.06 -1.25
N TRP I 276 11.90 61.04 -0.19
CA TRP I 276 11.29 62.25 0.39
C TRP I 276 12.31 63.26 0.87
N ASP I 277 13.23 62.83 1.74
CA ASP I 277 14.07 63.78 2.44
C ASP I 277 14.82 64.76 1.54
N THR I 278 15.10 64.40 0.28
CA THR I 278 15.69 65.36 -0.65
C THR I 278 14.60 66.02 -1.47
N LYS I 279 13.49 66.34 -0.82
CA LYS I 279 12.42 67.04 -1.53
C LYS I 279 11.62 67.90 -0.58
N VAL I 280 11.91 67.90 0.72
CA VAL I 280 11.40 68.95 1.59
C VAL I 280 12.04 70.26 1.11
N THR I 281 11.21 71.12 0.49
CA THR I 281 11.64 72.33 -0.19
C THR I 281 12.01 73.39 0.83
N ASN I 282 12.49 74.51 0.34
CA ASN I 282 12.82 75.59 1.25
C ASN I 282 11.54 76.15 1.84
N ALA I 283 10.53 76.34 0.98
CA ALA I 283 9.15 76.57 1.39
C ALA I 283 8.81 75.69 2.57
N ASP I 284 8.88 74.36 2.38
CA ASP I 284 8.48 73.41 3.42
C ASP I 284 9.13 73.74 4.77
N LEU I 285 10.42 74.08 4.78
CA LEU I 285 11.11 74.28 6.06
C LEU I 285 10.65 75.55 6.76
N GLU I 286 10.41 76.60 5.98
CA GLU I 286 9.94 77.85 6.56
C GLU I 286 8.53 77.67 7.13
N ASP I 287 7.67 76.93 6.43
CA ASP I 287 6.42 76.44 7.01
C ASP I 287 6.68 75.74 8.35
N GLU I 288 7.56 74.75 8.37
CA GLU I 288 7.84 74.06 9.63
C GLU I 288 8.42 75.00 10.67
N GLU I 289 9.04 76.09 10.23
CA GLU I 289 9.67 77.02 11.18
C GLU I 289 8.65 77.86 11.98
N GLN I 290 7.35 77.75 11.69
CA GLN I 290 6.34 78.51 12.42
C GLN I 290 6.17 78.03 13.86
N LEU I 291 6.54 76.80 14.16
CA LEU I 291 6.56 76.37 15.55
C LEU I 291 7.12 77.43 16.47
N LEU I 292 8.14 78.13 15.98
CA LEU I 292 8.72 79.22 16.75
C LEU I 292 7.65 80.19 17.24
N ARG I 293 6.64 80.49 16.39
CA ARG I 293 5.55 81.36 16.81
C ARG I 293 4.96 80.91 18.15
N TYR I 294 4.71 79.62 18.29
CA TYR I 294 4.13 79.10 19.52
C TYR I 294 5.13 78.97 20.63
N MET I 295 6.23 79.71 20.55
CA MET I 295 7.28 79.62 21.55
C MET I 295 7.53 80.99 22.16
N GLU I 296 8.00 80.97 23.40
CA GLU I 296 8.28 82.18 24.14
C GLU I 296 9.52 81.94 24.98
N GLY I 297 10.37 82.95 25.09
CA GLY I 297 11.42 82.95 26.08
C GLY I 297 12.74 82.47 25.54
N GLU I 298 13.60 82.03 26.48
CA GLU I 298 14.84 81.33 26.13
C GLU I 298 14.59 80.27 25.07
N HIS I 299 13.64 79.38 25.38
CA HIS I 299 13.16 78.34 24.46
C HIS I 299 13.03 78.82 23.02
N LYS I 300 12.34 79.96 22.79
CA LYS I 300 12.18 80.40 21.41
C LYS I 300 13.54 80.67 20.78
N GLN I 301 14.45 81.28 21.53
CA GLN I 301 15.78 81.52 20.97
C GLN I 301 16.51 80.19 20.77
N LEU I 302 16.48 79.33 21.79
CA LEU I 302 17.17 78.03 21.77
C LEU I 302 16.72 77.19 20.58
N ALA I 303 15.41 77.10 20.35
CA ALA I 303 14.86 76.39 19.21
C ALA I 303 15.02 77.14 17.89
N ALA I 304 15.23 78.45 17.91
CA ALA I 304 15.39 79.18 16.65
C ALA I 304 16.75 78.89 16.05
N THR I 305 17.79 78.81 16.90
CA THR I 305 19.11 78.41 16.42
C THR I 305 19.04 77.08 15.70
N ILE I 306 18.49 76.06 16.37
CA ILE I 306 18.38 74.70 15.83
C ILE I 306 17.63 74.70 14.50
N MET I 307 16.37 75.15 14.50
CA MET I 307 15.55 75.06 13.30
C MET I 307 16.11 75.82 12.13
N GLN I 308 16.97 76.80 12.38
CA GLN I 308 17.29 77.80 11.39
C GLN I 308 18.75 77.83 10.99
N LYS I 309 19.63 77.60 11.96
CA LYS I 309 21.05 77.44 11.67
C LYS I 309 21.33 75.97 11.39
N ALA I 310 21.20 75.13 12.43
CA ALA I 310 21.45 73.69 12.32
C ALA I 310 20.66 73.05 11.18
N TYR I 311 19.33 73.21 11.15
CA TYR I 311 18.53 72.49 10.16
C TYR I 311 18.44 73.21 8.83
N HIS I 312 18.45 74.55 8.80
CA HIS I 312 18.22 75.25 7.53
C HIS I 312 19.49 75.83 6.90
N ALA I 313 20.63 75.82 7.62
CA ALA I 313 21.94 76.17 7.05
C ALA I 313 22.88 75.04 7.42
N LYS I 314 22.88 74.02 6.57
CA LYS I 314 23.39 72.73 6.96
C LYS I 314 24.88 72.68 6.62
N VAL I 315 25.69 72.28 7.60
CA VAL I 315 27.15 72.08 7.48
C VAL I 315 27.38 70.58 7.61
N VAL I 316 27.75 69.92 6.51
CA VAL I 316 27.77 68.46 6.44
C VAL I 316 29.15 67.94 6.10
N LYS I 317 29.66 67.05 6.95
CA LYS I 317 30.93 66.35 6.79
C LYS I 317 30.66 65.07 5.99
N VAL I 318 31.20 64.97 4.78
CA VAL I 318 31.01 63.77 3.96
C VAL I 318 32.39 63.35 3.45
N ALA I 319 32.58 62.05 3.24
CA ALA I 319 33.88 61.53 2.83
C ALA I 319 33.94 61.28 1.33
N ARG I 320 35.16 61.33 0.77
CA ARG I 320 35.41 61.17 -0.66
C ARG I 320 36.80 60.59 -0.80
N PRO I 321 37.04 59.66 -1.75
CA PRO I 321 38.37 59.07 -1.88
C PRO I 321 39.39 60.03 -2.48
N SER I 322 40.60 59.98 -1.93
CA SER I 322 41.69 60.85 -2.33
C SER I 322 42.72 60.10 -3.17
N ARG I 323 43.38 60.85 -4.05
CA ARG I 323 44.35 60.28 -4.99
C ARG I 323 45.71 60.04 -4.32
N ASP I 324 45.73 59.18 -3.30
CA ASP I 324 46.95 58.98 -2.50
C ASP I 324 47.04 57.63 -1.78
N GLY I 325 45.92 56.91 -1.65
CA GLY I 325 45.86 55.71 -0.84
C GLY I 325 45.03 55.82 0.42
N GLY I 326 44.68 57.03 0.85
CA GLY I 326 43.76 57.23 1.97
C GLY I 326 42.50 57.92 1.50
N CYS I 327 41.78 58.62 2.37
CA CYS I 327 40.67 59.43 1.90
C CYS I 327 40.54 60.68 2.76
N VAL I 328 39.58 61.51 2.37
CA VAL I 328 39.49 62.88 2.83
C VAL I 328 38.04 63.17 3.17
N MET I 329 37.83 64.15 4.05
CA MET I 329 36.50 64.59 4.48
C MET I 329 36.16 65.94 3.89
N ASP I 330 35.03 66.02 3.21
CA ASP I 330 34.59 67.28 2.67
C ASP I 330 33.67 67.98 3.65
N VAL I 331 33.69 69.31 3.60
CA VAL I 331 32.81 70.12 4.43
C VAL I 331 31.97 70.89 3.44
N ILE I 332 30.68 70.58 3.38
CA ILE I 332 29.85 71.14 2.35
C ILE I 332 28.56 71.61 3.01
N THR I 333 27.89 72.55 2.35
CA THR I 333 26.73 73.22 2.94
C THR I 333 25.62 73.29 1.93
N ARG I 334 24.41 73.41 2.46
CA ARG I 334 23.25 73.76 1.65
C ARG I 334 22.17 74.25 2.60
N ARG I 335 21.08 74.69 1.99
CA ARG I 335 19.94 75.23 2.71
C ARG I 335 18.86 74.19 2.82
N ASP I 336 18.67 73.44 1.72
CA ASP I 336 17.52 72.58 1.49
C ASP I 336 17.48 71.29 2.30
N GLN I 337 16.55 70.43 1.88
CA GLN I 337 16.36 69.04 2.27
C GLN I 337 16.33 68.81 3.78
N ARG I 338 16.02 67.57 4.18
CA ARG I 338 15.93 67.21 5.59
C ARG I 338 17.08 66.28 5.95
N GLY I 339 17.82 66.63 7.00
CA GLY I 339 18.76 65.68 7.55
C GLY I 339 18.01 64.48 8.08
N SER I 340 18.41 63.30 7.63
CA SER I 340 17.69 62.08 8.01
C SER I 340 17.91 61.76 9.48
N GLY I 341 19.02 62.21 10.06
CA GLY I 341 19.26 61.89 11.44
C GLY I 341 18.70 62.86 12.44
N GLN I 342 17.95 63.86 12.01
CA GLN I 342 17.54 64.92 12.93
C GLN I 342 16.58 64.35 13.98
N VAL I 343 16.81 64.70 15.25
CA VAL I 343 15.92 64.25 16.33
C VAL I 343 14.44 64.36 16.00
N VAL I 344 14.03 65.26 15.14
CA VAL I 344 12.61 65.38 14.88
C VAL I 344 12.32 65.15 13.39
N THR I 345 13.09 64.28 12.75
CA THR I 345 12.84 64.00 11.34
C THR I 345 11.50 63.30 11.15
N TYR I 346 11.16 62.34 12.01
CA TYR I 346 9.87 61.66 11.89
C TYR I 346 8.73 62.64 12.10
N ALA I 347 8.75 63.34 13.25
CA ALA I 347 7.63 64.21 13.60
C ALA I 347 7.42 65.31 12.58
N LEU I 348 8.50 65.88 12.04
CA LEU I 348 8.33 66.96 11.08
C LEU I 348 7.98 66.46 9.67
N ASN I 349 8.51 65.31 9.24
CA ASN I 349 8.12 64.87 7.90
C ASN I 349 6.65 64.38 7.91
N THR I 350 6.12 63.87 9.06
CA THR I 350 4.65 63.64 9.23
C THR I 350 3.77 64.87 9.00
N LEU I 351 3.88 65.83 9.93
CA LEU I 351 3.19 67.12 9.81
C LEU I 351 3.36 67.75 8.42
N THR I 352 4.60 67.86 7.94
CA THR I 352 4.79 68.34 6.57
C THR I 352 4.00 67.50 5.55
N ASN I 353 3.93 66.16 5.75
CA ASN I 353 3.26 65.29 4.79
C ASN I 353 1.74 65.39 4.93
N ILE I 354 1.24 65.54 6.17
CA ILE I 354 -0.18 65.77 6.37
C ILE I 354 -0.63 66.98 5.57
N LYS I 355 0.18 68.05 5.62
CA LYS I 355 -0.14 69.25 4.86
C LYS I 355 -0.18 68.95 3.36
N VAL I 356 0.85 68.29 2.84
CA VAL I 356 0.88 67.93 1.42
C VAL I 356 -0.39 67.17 1.04
N GLN I 357 -0.74 66.13 1.79
CA GLN I 357 -1.85 65.30 1.35
C GLN I 357 -3.15 66.08 1.47
N LEU I 358 -3.27 66.86 2.56
CA LEU I 358 -4.41 67.74 2.81
C LEU I 358 -4.62 68.71 1.66
N ILE I 359 -3.53 69.28 1.13
CA ILE I 359 -3.61 70.14 -0.04
C ILE I 359 -4.09 69.35 -1.24
N ARG I 360 -3.63 68.11 -1.37
CA ARG I 360 -4.00 67.35 -2.55
C ARG I 360 -5.49 67.05 -2.53
N MET I 361 -6.03 66.73 -1.35
CA MET I 361 -7.47 66.51 -1.24
C MET I 361 -8.19 67.71 -1.80
N MET I 362 -7.79 68.89 -1.32
CA MET I 362 -8.33 70.17 -1.76
C MET I 362 -8.37 70.27 -3.28
N GLU I 363 -7.22 70.08 -3.96
CA GLU I 363 -7.17 70.22 -5.41
C GLU I 363 -8.17 69.30 -6.11
N GLY I 364 -8.35 68.07 -5.61
CA GLY I 364 -9.29 67.12 -6.20
C GLY I 364 -10.73 67.26 -5.74
N GLU I 365 -10.99 68.02 -4.68
CA GLU I 365 -12.36 68.30 -4.28
C GLU I 365 -12.93 69.52 -5.00
N GLY I 366 -12.12 70.19 -5.83
CA GLY I 366 -12.53 71.40 -6.52
C GLY I 366 -12.26 72.68 -5.76
N VAL I 367 -11.53 72.64 -4.66
CA VAL I 367 -11.37 73.83 -3.86
C VAL I 367 -10.31 74.74 -4.46
N ILE I 368 -9.20 74.18 -4.97
CA ILE I 368 -8.18 74.98 -5.64
C ILE I 368 -7.79 74.33 -6.95
N GLU I 369 -7.42 75.14 -7.93
CA GLU I 369 -6.97 74.64 -9.22
C GLU I 369 -5.64 75.27 -9.59
N ALA I 370 -5.10 74.85 -10.74
CA ALA I 370 -3.80 75.36 -11.19
C ALA I 370 -3.78 76.88 -11.25
N SER I 371 -4.93 77.48 -11.62
CA SER I 371 -5.05 78.92 -11.60
C SER I 371 -4.73 79.51 -10.23
N ASP I 372 -4.84 78.73 -9.15
CA ASP I 372 -4.60 79.27 -7.82
C ASP I 372 -3.13 79.29 -7.44
N ALA I 373 -2.26 78.70 -8.28
CA ALA I 373 -0.82 78.79 -8.05
C ALA I 373 -0.28 80.17 -8.40
N HIS I 374 -0.99 80.90 -9.26
CA HIS I 374 -0.78 82.32 -9.51
C HIS I 374 -1.44 83.13 -8.38
N ASN I 375 -2.77 83.25 -8.42
CA ASN I 375 -3.53 84.08 -7.48
C ASN I 375 -4.24 83.22 -6.45
N PRO I 376 -3.69 83.06 -5.25
CA PRO I 376 -4.32 82.24 -4.20
C PRO I 376 -5.69 82.77 -3.84
N ARG I 377 -6.69 81.90 -3.96
CA ARG I 377 -8.04 82.20 -3.49
C ARG I 377 -8.21 81.72 -2.04
N LEU I 378 -7.36 82.20 -1.12
CA LEU I 378 -7.34 81.65 0.25
C LEU I 378 -8.70 81.32 0.84
N LEU I 379 -9.59 82.30 0.95
CA LEU I 379 -10.89 82.14 1.58
C LEU I 379 -11.52 80.81 1.19
N ARG I 380 -11.26 80.37 -0.05
CA ARG I 380 -11.64 79.03 -0.48
C ARG I 380 -10.94 77.97 0.36
N VAL I 381 -9.60 78.04 0.47
CA VAL I 381 -8.90 77.05 1.29
C VAL I 381 -9.15 77.29 2.77
N GLU I 382 -9.73 78.43 3.11
CA GLU I 382 -9.97 78.73 4.52
C GLU I 382 -11.33 78.23 4.96
N ARG I 383 -12.33 78.38 4.08
CA ARG I 383 -13.64 77.82 4.38
C ARG I 383 -13.54 76.33 4.56
N TRP I 384 -12.86 75.65 3.62
CA TRP I 384 -12.67 74.21 3.64
C TRP I 384 -12.04 73.72 4.94
N LEU I 385 -10.99 74.39 5.41
CA LEU I 385 -10.37 73.95 6.66
C LEU I 385 -11.36 74.05 7.81
N ARG I 386 -12.07 75.18 7.93
CA ARG I 386 -13.06 75.32 9.00
C ARG I 386 -14.16 74.28 8.86
N ASP I 387 -14.76 74.22 7.67
CA ASP I 387 -15.86 73.32 7.39
C ASP I 387 -15.44 71.86 7.58
N HIS I 388 -14.39 71.43 6.88
CA HIS I 388 -14.05 70.03 6.67
C HIS I 388 -12.71 69.57 7.24
N GLY I 389 -11.88 70.47 7.78
CA GLY I 389 -10.52 70.08 8.15
C GLY I 389 -10.48 68.86 9.06
N GLU I 390 -11.27 68.87 10.12
CA GLU I 390 -11.20 67.76 11.06
C GLU I 390 -11.67 66.47 10.41
N GLU I 391 -12.69 66.54 9.56
CA GLU I 391 -13.14 65.32 8.91
C GLU I 391 -12.10 64.80 7.95
N ARG I 392 -11.48 65.70 7.19
CA ARG I 392 -10.46 65.28 6.25
C ARG I 392 -9.26 64.71 6.97
N LEU I 393 -9.01 65.16 8.19
CA LEU I 393 -7.84 64.68 8.91
C LEU I 393 -7.94 63.19 9.17
N GLY I 394 -9.11 62.72 9.58
CA GLY I 394 -9.28 61.33 9.98
C GLY I 394 -9.39 60.33 8.86
N ARG I 395 -9.38 60.83 7.64
CA ARG I 395 -9.49 60.06 6.43
C ARG I 395 -8.18 59.44 6.00
N MET I 396 -7.11 59.60 6.77
CA MET I 396 -5.82 59.18 6.27
C MET I 396 -4.91 58.70 7.40
N LEU I 397 -3.98 57.82 7.03
CA LEU I 397 -2.94 57.32 7.93
C LEU I 397 -1.64 57.90 7.40
N VAL I 398 -0.91 58.61 8.25
CA VAL I 398 0.32 59.28 7.83
C VAL I 398 1.39 58.95 8.85
N SER I 399 2.46 58.31 8.37
CA SER I 399 3.65 58.05 9.15
C SER I 399 4.85 58.52 8.33
N GLY I 400 5.50 59.58 8.78
CA GLY I 400 6.63 60.08 8.01
C GLY I 400 6.26 60.37 6.57
N ASP I 401 7.09 59.88 5.65
CA ASP I 401 6.82 60.10 4.24
C ASP I 401 5.75 59.20 3.67
N ASP I 402 5.41 58.09 4.34
CA ASP I 402 4.38 57.19 3.84
C ASP I 402 3.00 57.57 4.35
N CYS I 403 2.00 57.32 3.53
CA CYS I 403 0.64 57.61 3.94
C CYS I 403 -0.31 56.63 3.28
N VAL I 404 -1.52 56.56 3.85
CA VAL I 404 -2.70 56.01 3.21
C VAL I 404 -3.76 57.11 3.25
N VAL I 405 -4.35 57.43 2.10
CA VAL I 405 -5.38 58.44 1.99
C VAL I 405 -6.64 57.79 1.48
N ARG I 406 -7.77 58.12 2.10
CA ARG I 406 -9.08 57.68 1.66
C ARG I 406 -9.93 58.91 1.35
N PRO I 407 -9.90 59.43 0.09
CA PRO I 407 -10.48 60.75 -0.19
C PRO I 407 -11.99 60.75 -0.24
N VAL I 408 -12.59 61.92 -0.48
CA VAL I 408 -14.03 62.01 -0.58
C VAL I 408 -14.55 61.29 -1.82
N ASP I 409 -13.80 61.32 -2.91
CA ASP I 409 -14.03 60.41 -4.02
C ASP I 409 -12.81 60.44 -4.94
N ASP I 410 -12.95 59.83 -6.11
CA ASP I 410 -11.79 59.43 -6.89
C ASP I 410 -11.30 60.51 -7.83
N ARG I 411 -11.77 61.75 -7.68
CA ARG I 411 -11.05 62.84 -8.34
C ARG I 411 -9.64 62.96 -7.79
N PHE I 412 -9.38 62.38 -6.63
CA PHE I 412 -8.06 62.43 -6.03
C PHE I 412 -6.99 61.83 -6.92
N SER I 413 -7.38 61.00 -7.89
CA SER I 413 -6.36 60.33 -8.70
C SER I 413 -5.81 61.25 -9.78
N ARG I 414 -6.67 62.10 -10.32
CA ARG I 414 -6.32 63.07 -11.35
C ARG I 414 -5.77 64.37 -10.77
N ALA I 415 -5.59 64.47 -9.45
CA ALA I 415 -5.29 65.74 -8.80
C ALA I 415 -3.80 65.85 -8.50
N LEU I 416 -3.02 66.17 -9.53
CA LEU I 416 -1.57 66.14 -9.41
C LEU I 416 -0.88 67.48 -9.56
N TYR I 417 -1.60 68.57 -9.75
CA TYR I 417 -0.90 69.81 -10.03
C TYR I 417 -0.15 70.31 -8.80
N PHE I 418 -0.83 70.42 -7.68
CA PHE I 418 -0.08 70.98 -6.56
C PHE I 418 0.89 69.97 -5.96
N LEU I 419 0.56 68.67 -6.05
CA LEU I 419 1.53 67.67 -5.62
C LEU I 419 2.82 67.80 -6.41
N ASN I 420 2.70 67.89 -7.73
CA ASN I 420 3.89 68.03 -8.56
C ASN I 420 4.62 69.33 -8.27
N ASP I 421 3.89 70.40 -7.96
CA ASP I 421 4.52 71.69 -7.76
C ASP I 421 5.25 71.79 -6.42
N MET I 422 4.86 70.99 -5.41
CA MET I 422 5.64 71.00 -4.17
C MET I 422 6.82 70.04 -4.23
N ALA I 423 7.07 69.46 -5.41
CA ALA I 423 8.18 68.60 -5.73
C ALA I 423 7.98 67.18 -5.20
N LYS I 424 6.82 66.83 -4.68
CA LYS I 424 6.60 65.50 -4.11
C LYS I 424 6.28 64.49 -5.19
N THR I 425 7.23 64.34 -6.12
CA THR I 425 7.06 63.48 -7.28
C THR I 425 6.75 62.06 -6.83
N ARG I 426 5.69 61.49 -7.38
CA ARG I 426 5.34 60.14 -7.01
C ARG I 426 6.32 59.15 -7.62
N LYS I 427 6.57 58.07 -6.88
CA LYS I 427 7.54 57.03 -7.23
C LYS I 427 7.00 56.06 -8.27
N ASP I 428 7.84 55.70 -9.23
CA ASP I 428 7.56 54.60 -10.17
C ASP I 428 6.27 54.85 -10.94
N ILE I 429 6.06 56.08 -11.38
CA ILE I 429 4.89 56.42 -12.17
C ILE I 429 5.19 57.68 -12.97
N GLY I 430 4.50 57.84 -14.10
CA GLY I 430 4.66 59.04 -14.87
C GLY I 430 4.12 60.25 -14.13
N GLU I 431 4.76 61.40 -14.39
CA GLU I 431 4.44 62.63 -13.65
C GLU I 431 2.97 62.98 -13.74
N TRP I 432 2.43 63.07 -14.94
CA TRP I 432 1.03 63.45 -15.08
C TRP I 432 0.16 62.25 -15.37
N GLU I 433 0.54 61.09 -14.81
CA GLU I 433 -0.20 59.84 -14.94
C GLU I 433 -1.11 59.71 -13.74
N HIS I 434 -2.37 59.41 -13.97
CA HIS I 434 -3.31 59.33 -12.86
C HIS I 434 -2.83 58.32 -11.83
N SER I 435 -2.99 58.64 -10.55
CA SER I 435 -2.67 57.65 -9.52
C SER I 435 -3.66 56.50 -9.58
N VAL I 436 -3.25 55.40 -9.00
CA VAL I 436 -4.02 54.17 -9.03
C VAL I 436 -4.32 53.75 -7.59
N GLY I 437 -5.57 53.41 -7.33
CA GLY I 437 -6.05 53.19 -5.97
C GLY I 437 -6.56 51.77 -5.78
N PHE I 438 -6.84 51.43 -4.53
CA PHE I 438 -7.23 50.08 -4.18
C PHE I 438 -8.63 50.02 -3.58
N SER I 439 -9.39 48.97 -3.94
CA SER I 439 -10.72 48.77 -3.38
C SER I 439 -10.67 48.06 -2.02
N ASN I 440 -9.84 47.03 -1.91
CA ASN I 440 -9.76 46.22 -0.71
C ASN I 440 -8.64 46.72 0.17
N TRP I 441 -8.94 47.01 1.43
CA TRP I 441 -7.90 47.49 2.33
C TRP I 441 -6.76 46.50 2.53
N GLU I 442 -6.96 45.21 2.25
CA GLU I 442 -5.83 44.32 2.36
C GLU I 442 -4.87 44.40 1.19
N GLU I 443 -5.24 45.12 0.14
CA GLU I 443 -4.34 45.43 -0.96
C GLU I 443 -3.39 46.58 -0.61
N VAL I 444 -3.74 47.40 0.38
CA VAL I 444 -3.10 48.69 0.62
C VAL I 444 -1.78 48.48 1.34
N PRO I 445 -0.72 49.05 0.85
CA PRO I 445 0.57 48.88 1.48
C PRO I 445 0.94 50.12 2.29
N PHE I 446 1.55 49.90 3.44
CA PHE I 446 1.78 50.97 4.39
C PHE I 446 2.88 50.53 5.33
N CYS I 447 3.92 51.34 5.47
CA CYS I 447 4.97 51.01 6.43
C CYS I 447 5.58 49.65 6.11
N SER I 448 5.81 49.40 4.82
CA SER I 448 6.50 48.23 4.30
C SER I 448 5.68 46.95 4.38
N HIS I 449 4.42 47.04 4.76
CA HIS I 449 3.65 45.86 5.05
C HIS I 449 2.32 45.91 4.31
N HIS I 450 1.67 44.76 4.29
CA HIS I 450 0.24 44.65 4.02
C HIS I 450 -0.42 44.11 5.28
N PHE I 451 -1.73 44.24 5.38
CA PHE I 451 -2.40 43.76 6.59
C PHE I 451 -3.53 42.80 6.23
N HIS I 452 -3.54 41.66 6.90
CA HIS I 452 -4.49 40.59 6.62
C HIS I 452 -5.29 40.31 7.89
N GLU I 453 -6.52 39.84 7.70
CA GLU I 453 -7.43 39.53 8.81
C GLU I 453 -7.48 38.03 9.00
N LEU I 454 -7.07 37.57 10.17
CA LEU I 454 -7.15 36.17 10.60
C LEU I 454 -8.33 35.98 11.54
N VAL I 455 -8.91 34.78 11.54
CA VAL I 455 -9.88 34.41 12.56
C VAL I 455 -9.37 33.15 13.24
N MET I 456 -9.26 33.19 14.56
CA MET I 456 -8.65 32.08 15.26
C MET I 456 -9.63 30.92 15.43
N LYS I 457 -9.11 29.79 15.91
CA LYS I 457 -9.97 28.65 16.22
C LYS I 457 -11.17 29.07 17.04
N ASP I 458 -11.00 30.04 17.95
CA ASP I 458 -12.02 30.41 18.91
C ASP I 458 -12.86 31.61 18.49
N GLY I 459 -12.79 32.01 17.22
CA GLY I 459 -13.70 32.98 16.65
C GLY I 459 -13.33 34.44 16.79
N ARG I 460 -12.14 34.76 17.28
CA ARG I 460 -11.74 36.14 17.48
C ARG I 460 -10.86 36.59 16.31
N ALA I 461 -10.96 37.88 15.97
CA ALA I 461 -10.24 38.40 14.81
C ALA I 461 -8.89 38.96 15.20
N LEU I 462 -7.89 38.68 14.38
CA LEU I 462 -6.59 39.30 14.42
C LEU I 462 -6.37 40.04 13.09
N ILE I 463 -5.70 41.18 13.12
CA ILE I 463 -5.29 41.81 11.86
C ILE I 463 -3.76 41.87 11.86
N VAL I 464 -3.13 41.03 11.04
CA VAL I 464 -1.70 40.79 11.16
C VAL I 464 -0.87 41.50 10.09
N PRO I 465 0.33 41.89 10.39
CA PRO I 465 1.15 42.55 9.38
C PRO I 465 1.95 41.56 8.58
N CYS I 466 1.90 41.62 7.26
CA CYS I 466 2.67 40.68 6.47
C CYS I 466 3.58 41.44 5.51
N ARG I 467 4.60 40.72 5.04
CA ARG I 467 5.70 41.27 4.27
C ARG I 467 6.38 40.11 3.54
N ASP I 468 7.11 40.43 2.48
CA ASP I 468 7.83 39.41 1.73
C ASP I 468 8.69 38.55 2.65
N GLN I 469 8.49 37.23 2.57
CA GLN I 469 9.31 36.29 3.34
C GLN I 469 10.79 36.40 3.02
N ASP I 470 11.14 36.56 1.74
CA ASP I 470 12.55 36.64 1.37
C ASP I 470 13.17 37.94 1.87
N GLU I 471 12.41 39.04 1.80
CA GLU I 471 12.90 40.28 2.37
C GLU I 471 13.26 40.09 3.83
N LEU I 472 12.41 39.38 4.59
CA LEU I 472 12.62 39.21 6.03
C LEU I 472 13.82 38.32 6.33
N VAL I 473 13.92 37.16 5.67
CA VAL I 473 15.07 36.29 5.89
C VAL I 473 16.34 36.98 5.43
N GLY I 474 16.28 37.66 4.28
CA GLY I 474 17.41 38.41 3.77
C GLY I 474 18.00 39.35 4.77
N ARG I 475 17.18 40.27 5.30
CA ARG I 475 17.66 41.17 6.34
C ARG I 475 18.38 40.38 7.42
N ALA I 476 17.87 39.18 7.73
CA ALA I 476 18.40 38.39 8.83
C ALA I 476 19.74 37.75 8.49
N ARG I 477 19.96 37.37 7.22
CA ARG I 477 21.19 36.71 6.79
C ARG I 477 22.38 37.65 6.69
N VAL I 478 22.28 38.89 7.15
CA VAL I 478 23.37 39.84 6.99
C VAL I 478 23.93 40.15 8.38
N SER I 479 25.18 39.75 8.59
CA SER I 479 25.87 40.02 9.84
C SER I 479 26.21 41.49 9.94
N PRO I 480 26.17 42.06 11.13
CA PRO I 480 26.32 43.51 11.26
C PRO I 480 27.77 43.98 11.38
N GLY I 481 28.70 43.18 10.88
CA GLY I 481 30.10 43.55 10.89
C GLY I 481 30.98 42.31 10.86
N CYS I 482 32.24 42.50 11.22
CA CYS I 482 33.20 41.42 11.34
C CYS I 482 33.59 41.25 12.81
N GLY I 483 34.31 40.17 13.08
CA GLY I 483 34.77 39.86 14.41
C GLY I 483 33.69 39.46 15.39
N TRP I 484 32.42 39.44 14.97
CA TRP I 484 31.37 38.90 15.81
C TRP I 484 31.72 37.46 16.15
N SER I 485 31.65 37.11 17.43
CA SER I 485 31.90 35.74 17.83
C SER I 485 30.72 34.87 17.42
N VAL I 486 30.80 33.59 17.76
CA VAL I 486 29.59 32.78 17.71
C VAL I 486 28.55 33.36 18.66
N ARG I 487 28.97 33.75 19.87
CA ARG I 487 27.99 34.15 20.86
C ARG I 487 27.21 35.37 20.42
N GLU I 488 27.86 36.32 19.74
CA GLU I 488 27.12 37.49 19.29
C GLU I 488 26.19 37.15 18.15
N THR I 489 26.62 36.27 17.25
CA THR I 489 25.78 35.97 16.10
C THR I 489 24.54 35.18 16.52
N ALA I 490 24.72 34.28 17.49
CA ALA I 490 23.60 33.58 18.14
C ALA I 490 22.59 34.56 18.73
N CYS I 491 23.07 35.43 19.61
CA CYS I 491 22.20 36.39 20.28
C CYS I 491 21.49 37.30 19.29
N LEU I 492 22.16 37.68 18.19
CA LEU I 492 21.47 38.51 17.19
C LEU I 492 20.40 37.72 16.47
N SER I 493 20.67 36.44 16.17
CA SER I 493 19.67 35.63 15.50
C SER I 493 18.43 35.47 16.36
N LYS I 494 18.63 35.26 17.67
CA LYS I 494 17.49 35.18 18.58
C LYS I 494 16.59 36.37 18.42
N ALA I 495 17.16 37.58 18.31
CA ALA I 495 16.35 38.77 18.06
C ALA I 495 15.46 38.58 16.84
N TYR I 496 16.02 38.13 15.73
CA TYR I 496 15.22 38.05 14.51
C TYR I 496 14.14 36.99 14.65
N GLY I 497 14.48 35.86 15.26
CA GLY I 497 13.52 34.78 15.35
C GLY I 497 12.37 35.13 16.27
N GLN I 498 12.70 35.62 17.48
CA GLN I 498 11.71 36.11 18.43
C GLN I 498 10.82 37.18 17.81
N MET I 499 11.39 38.00 16.93
CA MET I 499 10.56 39.01 16.30
C MET I 499 9.59 38.36 15.32
N TRP I 500 10.08 37.40 14.54
CA TRP I 500 9.19 36.75 13.58
C TRP I 500 8.05 36.07 14.31
N LEU I 501 8.34 35.46 15.47
CA LEU I 501 7.31 34.82 16.29
C LEU I 501 6.25 35.81 16.76
N LEU I 502 6.66 37.03 17.13
CA LEU I 502 5.71 37.99 17.66
C LEU I 502 4.76 38.51 16.59
N SER I 503 5.22 38.74 15.37
CA SER I 503 4.39 39.48 14.43
C SER I 503 4.29 38.89 13.03
N TYR I 504 5.00 37.81 12.72
CA TYR I 504 4.80 37.12 11.44
C TYR I 504 4.56 35.63 11.65
N PHE I 505 4.18 35.22 12.87
CA PHE I 505 3.83 33.84 13.17
C PHE I 505 2.89 33.22 12.16
N HIS I 506 2.05 34.04 11.49
CA HIS I 506 1.04 33.56 10.54
C HIS I 506 1.64 33.04 9.26
N ARG I 507 2.95 33.00 9.17
CA ARG I 507 3.68 32.55 8.01
C ARG I 507 4.34 31.22 8.36
N ARG I 508 3.81 30.14 7.81
CA ARG I 508 4.36 28.80 8.03
C ARG I 508 5.88 28.77 8.12
N ASP I 509 6.57 29.27 7.09
CA ASP I 509 8.02 29.12 7.09
C ASP I 509 8.67 29.93 8.20
N LEU I 510 8.05 31.03 8.61
CA LEU I 510 8.74 31.90 9.54
C LEU I 510 8.64 31.38 10.96
N ARG I 511 7.53 30.76 11.32
CA ARG I 511 7.42 30.08 12.61
C ARG I 511 8.47 28.99 12.77
N THR I 512 8.52 28.09 11.79
CA THR I 512 9.54 27.04 11.77
C THR I 512 10.90 27.63 12.02
N LEU I 513 11.28 28.60 11.18
CA LEU I 513 12.61 29.19 11.30
C LEU I 513 12.77 29.84 12.66
N GLY I 514 11.76 30.58 13.11
CA GLY I 514 11.88 31.29 14.36
C GLY I 514 11.97 30.33 15.54
N LEU I 515 11.03 29.39 15.60
CA LEU I 515 11.08 28.37 16.64
C LEU I 515 12.41 27.61 16.59
N ALA I 516 12.86 27.26 15.38
CA ALA I 516 14.15 26.58 15.23
C ALA I 516 15.29 27.41 15.79
N ILE I 517 15.35 28.70 15.42
CA ILE I 517 16.40 29.56 15.96
C ILE I 517 16.42 29.46 17.47
N CYS I 518 15.24 29.53 18.09
CA CYS I 518 15.16 29.55 19.55
C CYS I 518 15.53 28.21 20.15
N SER I 519 15.35 27.13 19.40
CA SER I 519 15.91 25.86 19.85
C SER I 519 17.42 25.83 19.72
N ALA I 520 18.00 26.72 18.91
CA ALA I 520 19.42 26.62 18.61
C ALA I 520 20.27 27.48 19.52
N VAL I 521 19.71 28.55 20.07
CA VAL I 521 20.38 29.56 20.89
C VAL I 521 20.05 29.38 22.37
N PRO I 522 21.02 29.50 23.27
CA PRO I 522 20.75 29.24 24.69
C PRO I 522 19.58 30.05 25.22
N ILE I 523 18.95 29.51 26.24
CA ILE I 523 17.79 30.14 26.85
C ILE I 523 18.16 31.39 27.58
N ASP I 524 19.18 31.29 28.45
CA ASP I 524 19.66 32.39 29.26
C ASP I 524 20.36 33.43 28.47
N TRP I 525 20.43 33.37 27.15
CA TRP I 525 21.11 34.40 26.38
C TRP I 525 20.09 35.46 25.98
N VAL I 526 20.37 36.69 26.35
CA VAL I 526 19.51 37.82 25.97
C VAL I 526 19.78 38.16 24.50
N PRO I 527 18.76 38.37 23.70
CA PRO I 527 18.98 38.87 22.33
C PRO I 527 19.57 40.29 22.32
N THR I 528 20.06 40.69 21.14
CA THR I 528 20.76 41.96 20.93
C THR I 528 20.73 42.32 19.46
N GLY I 529 20.68 43.61 19.15
CA GLY I 529 20.90 44.05 17.80
C GLY I 529 19.64 44.66 17.17
N ARG I 530 19.87 45.48 16.14
CA ARG I 530 18.82 46.30 15.51
C ARG I 530 18.14 45.47 14.43
N THR I 531 16.97 44.94 14.76
CA THR I 531 16.25 43.98 13.93
C THR I 531 15.31 44.63 12.89
N THR I 532 14.83 45.85 13.15
CA THR I 532 14.19 46.68 12.14
C THR I 532 14.42 48.15 12.50
N TRP I 533 13.89 49.04 11.66
CA TRP I 533 14.12 50.47 11.85
C TRP I 533 12.88 51.34 11.62
N SER I 534 11.67 50.79 11.72
CA SER I 534 10.48 51.62 11.70
C SER I 534 10.07 52.02 13.11
N ILE I 535 9.35 53.15 13.21
CA ILE I 535 8.93 53.69 14.50
C ILE I 535 7.65 52.97 14.90
N HIS I 536 7.40 51.83 14.25
CA HIS I 536 6.33 50.91 14.61
C HIS I 536 6.85 49.56 15.10
N ALA I 537 8.17 49.41 15.23
CA ALA I 537 8.76 48.23 15.86
C ALA I 537 8.53 48.28 17.37
N SER I 538 7.78 47.31 17.90
CA SER I 538 7.61 47.19 19.34
C SER I 538 8.96 47.12 20.04
N GLY I 539 9.85 46.26 19.53
CA GLY I 539 10.99 45.77 20.27
C GLY I 539 10.66 44.78 21.35
N ALA I 540 9.37 44.44 21.53
CA ALA I 540 8.88 43.61 22.63
C ALA I 540 9.54 42.24 22.69
N TRP I 541 10.21 41.83 21.62
CA TRP I 541 10.80 40.52 21.46
C TRP I 541 12.24 40.42 21.95
N MET I 542 12.87 41.55 22.29
CA MET I 542 14.22 41.56 22.85
C MET I 542 14.09 41.24 24.33
N THR I 543 14.11 39.95 24.65
CA THR I 543 13.70 39.49 25.96
C THR I 543 14.12 38.04 26.08
N THR I 544 14.32 37.59 27.30
CA THR I 544 14.43 36.16 27.58
C THR I 544 13.19 35.65 28.32
N GLU I 545 12.04 36.25 28.00
CA GLU I 545 10.72 35.78 28.42
C GLU I 545 10.19 34.80 27.39
N ASP I 546 9.28 33.92 27.83
CA ASP I 546 8.68 32.96 26.91
C ASP I 546 7.82 33.65 25.88
N MET I 547 8.03 33.31 24.61
CA MET I 547 7.47 34.13 23.57
C MET I 547 5.98 33.90 23.36
N LEU I 548 5.44 32.75 23.77
CA LEU I 548 3.97 32.66 23.85
C LEU I 548 3.43 33.68 24.82
N ASP I 549 4.12 33.88 25.92
CA ASP I 549 3.61 34.82 26.90
C ASP I 549 3.60 36.23 26.32
N VAL I 550 4.68 36.65 25.67
CA VAL I 550 4.66 38.00 25.12
C VAL I 550 3.71 38.05 23.92
N TRP I 551 3.56 36.94 23.20
CA TRP I 551 2.53 36.87 22.16
C TRP I 551 1.16 37.16 22.76
N ASN I 552 0.81 36.46 23.85
CA ASN I 552 -0.49 36.66 24.47
C ASN I 552 -0.64 38.08 24.95
N ARG I 553 0.46 38.72 25.33
CA ARG I 553 0.37 40.06 25.89
C ARG I 553 0.17 41.11 24.80
N VAL I 554 0.94 41.05 23.70
CA VAL I 554 0.73 42.06 22.67
C VAL I 554 -0.63 41.86 22.00
N TRP I 555 -1.01 40.62 21.75
CA TRP I 555 -2.13 40.36 20.86
C TRP I 555 -3.47 40.25 21.56
N ILE I 556 -3.51 40.04 22.87
CA ILE I 556 -4.77 39.79 23.55
C ILE I 556 -4.92 40.68 24.79
N LEU I 557 -4.03 40.51 25.75
CA LEU I 557 -4.12 41.25 27.01
C LEU I 557 -4.13 42.75 26.75
N ASP I 558 -3.07 43.27 26.16
CA ASP I 558 -2.90 44.69 25.96
C ASP I 558 -3.44 45.17 24.62
N ASN I 559 -4.30 44.41 23.97
CA ASN I 559 -4.73 44.73 22.62
C ASN I 559 -6.06 45.44 22.68
N PRO I 560 -6.11 46.75 22.44
CA PRO I 560 -7.37 47.51 22.56
C PRO I 560 -8.50 46.97 21.73
N PHE I 561 -8.22 46.23 20.68
CA PHE I 561 -9.24 45.76 19.75
C PHE I 561 -9.74 44.35 20.06
N MET I 562 -9.30 43.78 21.19
CA MET I 562 -9.54 42.38 21.54
C MET I 562 -10.37 42.36 22.82
N HIS I 563 -11.68 42.29 22.69
CA HIS I 563 -12.56 42.57 23.83
C HIS I 563 -12.78 41.37 24.72
N SER I 564 -12.07 40.27 24.49
CA SER I 564 -12.13 39.10 25.34
C SER I 564 -10.73 38.56 25.53
N LYS I 565 -10.26 38.50 26.78
CA LYS I 565 -8.85 38.27 27.01
C LYS I 565 -8.47 36.83 27.34
N GLU I 566 -9.25 35.83 26.92
CA GLU I 566 -8.85 34.46 27.19
C GLU I 566 -7.51 34.17 26.50
N LYS I 567 -6.51 33.78 27.30
CA LYS I 567 -5.19 33.59 26.72
C LYS I 567 -5.12 32.32 25.87
N ILE I 568 -4.18 32.30 24.94
CA ILE I 568 -3.94 31.13 24.09
C ILE I 568 -2.83 30.28 24.69
N VAL I 569 -3.10 29.00 24.94
CA VAL I 569 -2.12 28.19 25.68
C VAL I 569 -1.05 27.58 24.79
N GLU I 570 -1.25 27.53 23.49
CA GLU I 570 -0.41 26.67 22.69
C GLU I 570 -0.12 27.30 21.32
N TRP I 571 1.15 27.31 20.92
CA TRP I 571 1.46 27.79 19.57
C TRP I 571 0.60 27.09 18.54
N ARG I 572 0.27 25.82 18.76
CA ARG I 572 -0.63 25.11 17.86
C ARG I 572 -1.95 25.84 17.67
N ASP I 573 -2.35 26.69 18.64
CA ASP I 573 -3.62 27.40 18.60
C ASP I 573 -3.55 28.76 17.94
N VAL I 574 -2.37 29.22 17.52
CA VAL I 574 -2.20 30.53 16.91
C VAL I 574 -2.32 30.35 15.40
N PRO I 575 -3.23 31.06 14.74
CA PRO I 575 -3.54 30.78 13.34
C PRO I 575 -2.43 31.01 12.33
N TYR I 576 -2.79 30.84 11.06
CA TYR I 576 -1.89 31.02 9.93
C TYR I 576 -2.65 31.79 8.86
N LEU I 577 -1.89 32.43 7.99
CA LEU I 577 -2.49 32.91 6.76
C LEU I 577 -3.00 31.70 5.99
N PRO I 578 -4.03 31.86 5.16
CA PRO I 578 -4.40 30.77 4.25
C PRO I 578 -3.18 30.28 3.48
N LYS I 579 -3.15 28.97 3.19
CA LYS I 579 -2.04 28.43 2.39
C LYS I 579 -1.97 29.13 1.03
N SER I 580 -3.14 29.49 0.47
CA SER I 580 -3.20 30.30 -0.74
C SER I 580 -2.43 31.60 -0.57
N HIS I 581 -2.76 32.36 0.49
CA HIS I 581 -2.12 33.65 0.75
C HIS I 581 -0.68 33.51 1.20
N ASP I 582 -0.29 32.34 1.76
CA ASP I 582 1.09 32.15 2.21
C ASP I 582 2.05 32.09 1.03
N MET I 583 1.74 31.28 0.01
CA MET I 583 2.60 31.18 -1.15
C MET I 583 2.58 32.46 -2.01
N LEU I 584 1.47 33.19 -2.00
CA LEU I 584 1.35 34.41 -2.81
C LEU I 584 2.35 35.49 -2.38
N CYS I 585 2.70 35.55 -1.09
CA CYS I 585 3.74 36.45 -0.59
C CYS I 585 5.13 35.81 -0.55
N SER I 586 5.43 34.93 -1.53
CA SER I 586 6.77 34.35 -1.82
C SER I 586 7.25 33.34 -0.77
N SER I 587 6.33 32.51 -0.26
CA SER I 587 6.66 31.47 0.71
C SER I 587 6.93 30.14 0.02
N LEU I 588 7.85 29.37 0.62
CA LEU I 588 8.17 28.03 0.16
C LEU I 588 7.27 26.96 0.78
N VAL I 589 6.06 27.33 1.23
CA VAL I 589 5.17 26.41 1.96
C VAL I 589 4.71 25.25 1.08
N GLY I 590 4.67 25.45 -0.24
CA GLY I 590 4.30 24.36 -1.14
C GLY I 590 5.49 23.67 -1.76
N ARG I 591 6.58 24.42 -1.97
CA ARG I 591 7.74 23.98 -2.73
C ARG I 591 8.36 22.71 -2.16
N LYS I 592 8.95 21.90 -3.05
CA LYS I 592 9.57 20.64 -2.64
C LYS I 592 10.93 20.86 -2.00
N GLU I 593 11.72 21.79 -2.55
CA GLU I 593 13.05 22.07 -2.01
C GLU I 593 13.00 22.54 -0.56
N ARG I 594 11.87 23.11 -0.13
CA ARG I 594 11.68 23.54 1.25
C ARG I 594 10.99 22.50 2.11
N ALA I 595 10.26 21.56 1.50
CA ALA I 595 9.82 20.42 2.28
C ALA I 595 11.03 19.69 2.87
N GLU I 596 12.06 19.46 2.04
CA GLU I 596 13.30 18.88 2.53
C GLU I 596 13.91 19.74 3.63
N TRP I 597 13.90 21.07 3.47
CA TRP I 597 14.48 21.95 4.49
C TRP I 597 13.83 21.72 5.85
N ALA I 598 12.50 21.63 5.88
CA ALA I 598 11.81 21.49 7.15
C ALA I 598 11.92 20.07 7.72
N LYS I 599 12.05 19.07 6.85
CA LYS I 599 12.03 17.69 7.32
C LYS I 599 13.21 17.41 8.23
N ASN I 600 14.38 17.95 7.90
CA ASN I 600 15.55 17.78 8.74
C ASN I 600 16.17 19.14 9.11
N ILE I 601 15.31 20.13 9.38
CA ILE I 601 15.81 21.35 9.99
C ILE I 601 16.48 21.04 11.31
N TRP I 602 15.90 20.10 12.09
CA TRP I 602 16.45 19.81 13.40
C TRP I 602 17.92 19.40 13.31
N GLY I 603 18.34 18.79 12.20
CA GLY I 603 19.74 18.43 12.06
C GLY I 603 20.65 19.65 12.06
N ALA I 604 20.18 20.75 11.46
CA ALA I 604 20.94 22.00 11.51
C ALA I 604 20.87 22.64 12.89
N VAL I 605 19.74 22.48 13.59
CA VAL I 605 19.69 22.90 14.98
C VAL I 605 20.80 22.23 15.78
N GLU I 606 20.91 20.90 15.67
CA GLU I 606 21.93 20.19 16.44
C GLU I 606 23.33 20.72 16.14
N LYS I 607 23.63 21.02 14.88
CA LYS I 607 24.93 21.60 14.54
C LYS I 607 25.21 22.86 15.35
N VAL I 608 24.34 23.87 15.21
CA VAL I 608 24.61 25.15 15.85
C VAL I 608 24.60 25.02 17.36
N ARG I 609 23.88 24.03 17.91
CA ARG I 609 24.04 23.73 19.33
C ARG I 609 25.44 23.23 19.63
N LYS I 610 25.92 22.28 18.82
CA LYS I 610 27.28 21.76 19.01
C LYS I 610 28.31 22.83 18.77
N MET I 611 28.04 23.70 17.78
CA MET I 611 28.91 24.84 17.52
C MET I 611 28.90 25.81 18.69
N ILE I 612 27.74 26.00 19.33
CA ILE I 612 27.66 26.95 20.45
C ILE I 612 28.24 26.37 21.73
N GLY I 613 28.08 25.08 21.96
CA GLY I 613 28.74 24.49 23.11
C GLY I 613 27.81 23.83 24.12
N GLN I 614 28.32 23.62 25.33
CA GLN I 614 27.58 22.91 26.38
C GLN I 614 26.82 23.94 27.22
N GLU I 615 25.70 24.38 26.68
CA GLU I 615 24.79 25.32 27.31
C GLU I 615 23.40 24.69 27.44
N LYS I 616 22.48 25.44 28.01
CA LYS I 616 21.13 24.92 28.29
C LYS I 616 20.21 25.34 27.15
N PHE I 617 19.85 24.38 26.30
CA PHE I 617 18.90 24.60 25.22
C PHE I 617 17.57 23.95 25.57
N LYS I 618 16.51 24.48 24.99
CA LYS I 618 15.20 23.87 25.06
C LYS I 618 14.72 23.62 23.64
N ASP I 619 13.75 22.72 23.51
CA ASP I 619 13.27 22.28 22.21
C ASP I 619 11.94 22.95 21.92
N TYR I 620 11.99 24.15 21.36
CA TYR I 620 10.76 24.86 21.04
C TYR I 620 10.15 24.42 19.73
N LEU I 621 10.80 23.53 18.99
CA LEU I 621 10.35 23.23 17.65
C LEU I 621 9.23 22.20 17.65
N SER I 622 9.28 21.23 18.57
CA SER I 622 8.22 20.24 18.71
C SER I 622 6.91 20.84 19.13
N CYS I 623 6.91 22.12 19.55
CA CYS I 623 5.67 22.86 19.79
C CYS I 623 4.64 22.55 18.73
N MET I 624 5.03 22.64 17.47
CA MET I 624 4.08 22.40 16.38
C MET I 624 4.04 20.93 15.95
N ASP I 625 4.18 20.02 16.93
CA ASP I 625 4.24 18.55 16.77
C ASP I 625 5.37 18.08 15.87
N LYS J 9 59.69 39.02 -37.28
CA LYS J 9 59.99 39.90 -38.41
C LYS J 9 60.56 41.25 -37.91
N VAL J 10 59.97 41.79 -36.84
CA VAL J 10 60.45 43.01 -36.17
C VAL J 10 60.77 42.66 -34.72
N LYS J 11 61.95 43.09 -34.26
CA LYS J 11 62.54 42.72 -32.96
C LYS J 11 62.90 41.23 -32.88
N GLU J 12 64.02 40.81 -33.44
CA GLU J 12 64.31 39.38 -33.36
C GLU J 12 65.39 39.15 -32.32
N LYS J 13 65.96 37.95 -32.27
CA LYS J 13 67.14 37.63 -31.49
C LYS J 13 68.34 38.01 -32.37
N ASP J 14 69.54 37.47 -32.09
CA ASP J 14 70.74 37.87 -32.84
C ASP J 14 71.95 36.91 -32.89
N VAL J 15 72.63 36.65 -31.76
CA VAL J 15 73.91 35.92 -31.81
C VAL J 15 74.01 34.97 -30.63
N GLN J 16 73.02 34.99 -29.74
CA GLN J 16 72.91 33.93 -28.74
C GLN J 16 72.31 32.68 -29.36
N GLU J 17 71.26 32.87 -30.17
CA GLU J 17 70.77 31.82 -31.05
C GLU J 17 71.87 31.22 -31.92
N ARG J 18 72.87 32.02 -32.33
CA ARG J 18 73.81 31.59 -33.38
C ARG J 18 74.56 30.31 -33.02
N ILE J 19 75.24 30.27 -31.86
CA ILE J 19 75.97 29.05 -31.48
C ILE J 19 75.00 27.90 -31.20
N SER J 20 73.88 28.20 -30.51
CA SER J 20 72.85 27.22 -30.17
C SER J 20 72.25 26.61 -31.45
N ALA J 21 71.75 27.47 -32.36
CA ALA J 21 71.13 27.04 -33.62
C ALA J 21 72.16 26.47 -34.58
N LEU J 22 73.42 26.34 -34.15
CA LEU J 22 74.45 25.92 -35.09
C LEU J 22 74.79 24.44 -34.95
N ARG J 23 74.29 23.76 -33.91
CA ARG J 23 74.45 22.31 -33.84
C ARG J 23 73.64 21.61 -34.93
N GLU J 24 74.35 20.81 -35.73
CA GLU J 24 73.81 20.19 -36.93
C GLU J 24 74.02 18.68 -36.91
N GLN J 25 73.78 18.07 -35.75
CA GLN J 25 73.56 16.63 -35.71
C GLN J 25 72.44 16.23 -36.63
N TYR J 26 71.55 17.16 -36.99
CA TYR J 26 70.52 16.94 -37.98
C TYR J 26 70.92 17.49 -39.35
N GLY J 27 72.22 17.50 -39.66
CA GLY J 27 72.69 18.07 -40.90
C GLY J 27 72.32 17.24 -42.12
N GLU J 28 72.28 15.91 -41.97
CA GLU J 28 71.93 15.02 -43.07
C GLU J 28 70.59 15.39 -43.70
N THR J 29 69.67 15.98 -42.92
CA THR J 29 68.36 16.36 -43.43
C THR J 29 68.16 17.86 -43.54
N TRP J 30 69.05 18.66 -42.94
CA TRP J 30 68.79 20.08 -42.77
C TRP J 30 68.48 20.74 -44.09
N HIS J 31 67.32 21.37 -44.18
CA HIS J 31 66.94 22.12 -45.36
C HIS J 31 66.28 23.40 -44.89
N MET J 32 65.91 24.25 -45.84
CA MET J 32 65.45 25.59 -45.53
C MET J 32 64.16 25.81 -46.30
N ASP J 33 63.04 25.48 -45.67
CA ASP J 33 61.73 25.66 -46.30
C ASP J 33 61.44 27.12 -46.62
N ARG J 34 60.80 27.34 -47.77
CA ARG J 34 60.37 28.69 -48.16
C ARG J 34 58.91 28.93 -47.91
N GLU J 35 58.10 27.89 -47.77
CA GLU J 35 56.66 28.02 -47.56
C GLU J 35 56.26 27.97 -46.08
N HIS J 36 57.19 28.24 -45.17
CA HIS J 36 56.96 28.09 -43.74
C HIS J 36 55.94 29.12 -43.26
N PRO J 37 55.29 28.89 -42.11
CA PRO J 37 54.16 29.73 -41.74
C PRO J 37 54.45 30.84 -40.75
N TYR J 38 55.61 30.84 -40.09
CA TYR J 38 55.86 31.75 -38.98
C TYR J 38 55.76 33.20 -39.43
N ARG J 39 55.15 34.03 -38.56
CA ARG J 39 55.00 35.46 -38.79
C ARG J 39 55.55 36.34 -37.66
N THR J 40 55.89 35.78 -36.50
CA THR J 40 56.53 36.50 -35.38
C THR J 40 57.76 35.78 -34.89
N TRP J 41 57.89 34.49 -35.17
CA TRP J 41 59.09 33.74 -34.85
C TRP J 41 60.05 33.82 -36.03
N GLN J 42 61.32 33.67 -35.74
CA GLN J 42 62.35 33.65 -36.77
C GLN J 42 62.55 32.24 -37.26
N TYR J 43 62.44 32.02 -38.57
CA TYR J 43 62.62 30.67 -39.13
C TYR J 43 64.09 30.47 -39.50
N TRP J 44 64.69 29.40 -38.99
CA TRP J 44 66.11 29.10 -39.18
C TRP J 44 66.39 27.86 -40.02
N GLY J 45 65.45 26.93 -40.11
CA GLY J 45 65.67 25.69 -40.82
C GLY J 45 64.78 24.59 -40.29
N SER J 46 64.81 23.48 -41.02
CA SER J 46 63.93 22.33 -40.85
C SER J 46 64.73 21.05 -41.07
N TYR J 47 64.33 19.97 -40.41
CA TYR J 47 64.92 18.66 -40.64
C TYR J 47 63.87 17.57 -40.43
N ARG J 48 64.11 16.40 -41.01
CA ARG J 48 63.12 15.31 -40.97
C ARG J 48 63.12 14.62 -39.61
N THR J 49 61.93 14.39 -39.07
CA THR J 49 61.74 13.71 -37.80
C THR J 49 60.54 12.79 -37.92
N ALA J 50 60.47 11.82 -37.00
CA ALA J 50 59.40 10.83 -37.01
C ALA J 50 58.06 11.47 -36.68
N PRO J 51 57.05 11.37 -37.54
CA PRO J 51 55.73 11.93 -37.22
C PRO J 51 55.09 11.22 -36.04
N THR J 52 54.27 11.97 -35.31
CA THR J 52 53.66 11.40 -34.13
C THR J 52 52.39 12.19 -33.80
N GLY J 53 51.62 11.64 -32.87
CA GLY J 53 50.42 12.28 -32.37
C GLY J 53 49.16 11.50 -32.71
N SER J 54 48.05 12.00 -32.16
CA SER J 54 46.75 11.41 -32.48
C SER J 54 45.65 12.41 -32.17
N ALA J 55 44.59 12.34 -32.97
CA ALA J 55 43.35 13.05 -32.73
C ALA J 55 42.24 12.09 -32.29
N ALA J 56 42.57 10.85 -31.96
CA ALA J 56 41.61 9.87 -31.49
C ALA J 56 41.39 10.02 -30.00
N SER J 57 40.15 9.76 -29.58
CA SER J 57 39.77 9.73 -28.17
C SER J 57 40.05 8.34 -27.61
N LEU J 58 40.87 8.27 -26.58
CA LEU J 58 41.19 7.01 -25.90
C LEU J 58 40.58 7.06 -24.51
N ILE J 59 39.48 6.32 -24.32
CA ILE J 59 38.64 6.44 -23.12
C ILE J 59 39.03 5.39 -22.10
N ASN J 60 39.43 5.85 -20.90
CA ASN J 60 39.74 4.99 -19.76
C ASN J 60 38.59 4.04 -19.46
N GLY J 61 38.87 2.74 -19.55
CA GLY J 61 37.82 1.76 -19.54
C GLY J 61 37.11 1.65 -18.19
N VAL J 62 37.88 1.51 -17.11
CA VAL J 62 37.23 1.21 -15.84
C VAL J 62 36.37 2.39 -15.41
N VAL J 63 36.77 3.62 -15.76
CA VAL J 63 35.99 4.78 -15.34
C VAL J 63 34.71 4.88 -16.18
N LYS J 64 34.78 4.61 -17.48
CA LYS J 64 33.55 4.69 -18.25
C LYS J 64 32.52 3.71 -17.73
N LEU J 65 32.97 2.58 -17.18
CA LEU J 65 32.09 1.51 -16.71
C LEU J 65 31.41 1.83 -15.39
N LEU J 66 32.10 2.54 -14.48
CA LEU J 66 31.53 2.90 -13.19
C LEU J 66 30.84 4.26 -13.17
N SER J 67 30.63 4.90 -14.31
CA SER J 67 30.02 6.22 -14.35
C SER J 67 29.28 6.39 -15.66
N TRP J 68 28.47 5.38 -16.03
CA TRP J 68 27.92 5.24 -17.38
C TRP J 68 26.92 6.30 -17.82
N PRO J 69 26.20 7.01 -16.94
CA PRO J 69 25.28 8.04 -17.46
C PRO J 69 25.99 9.25 -18.02
N TRP J 70 27.29 9.40 -17.75
CA TRP J 70 28.00 10.58 -18.20
C TRP J 70 28.32 10.54 -19.69
N ASN J 71 28.07 9.40 -20.36
CA ASN J 71 28.26 9.34 -21.80
C ASN J 71 27.39 10.37 -22.51
N ALA J 72 26.16 10.58 -22.03
CA ALA J 72 25.26 11.53 -22.68
C ALA J 72 25.82 12.95 -22.66
N ARG J 73 26.49 13.33 -21.55
CA ARG J 73 26.98 14.69 -21.42
C ARG J 73 28.04 15.00 -22.47
N GLU J 74 27.91 16.16 -23.12
CA GLU J 74 28.90 16.68 -24.06
C GLU J 74 29.86 17.66 -23.41
N ASP J 75 29.84 17.79 -22.07
CA ASP J 75 30.87 18.49 -21.31
C ASP J 75 31.90 17.54 -20.70
N VAL J 76 31.67 16.23 -20.77
CA VAL J 76 32.68 15.22 -20.49
C VAL J 76 33.31 14.67 -21.77
N VAL J 77 32.51 14.53 -22.84
CA VAL J 77 32.98 13.83 -24.04
C VAL J 77 33.76 14.75 -24.98
N ARG J 78 33.52 16.06 -24.93
CA ARG J 78 34.40 17.00 -25.63
C ARG J 78 35.80 17.00 -25.03
N MET J 79 35.94 16.54 -23.78
CA MET J 79 37.19 16.68 -23.01
C MET J 79 38.34 15.88 -23.63
N ALA J 80 38.03 14.82 -24.37
CA ALA J 80 39.07 14.02 -25.02
C ALA J 80 39.34 14.46 -26.46
N MET J 81 39.10 15.74 -26.78
CA MET J 81 39.43 16.32 -28.08
C MET J 81 40.86 16.87 -28.09
N THR J 82 41.79 16.04 -27.62
CA THR J 82 43.20 16.41 -27.46
C THR J 82 43.95 15.96 -28.71
N ASP J 83 44.20 16.91 -29.61
CA ASP J 83 44.77 16.66 -30.94
C ASP J 83 46.27 16.92 -30.92
N THR J 84 47.07 15.89 -30.71
CA THR J 84 48.51 16.10 -30.61
C THR J 84 49.24 15.78 -31.92
N THR J 85 48.58 15.94 -33.06
CA THR J 85 49.28 15.73 -34.32
C THR J 85 50.25 16.88 -34.57
N ALA J 86 51.11 16.70 -35.57
CA ALA J 86 51.84 17.84 -36.12
C ALA J 86 50.88 18.88 -36.66
N PHE J 87 49.94 18.46 -37.50
CA PHE J 87 48.97 19.41 -38.04
C PHE J 87 48.10 20.02 -36.96
N GLY J 88 48.00 19.37 -35.81
CA GLY J 88 47.26 19.92 -34.70
C GLY J 88 48.08 20.92 -33.90
N GLN J 89 49.23 20.46 -33.38
CA GLN J 89 50.19 21.35 -32.74
C GLN J 89 50.34 22.64 -33.53
N GLN J 90 50.58 22.52 -34.83
CA GLN J 90 50.69 23.68 -35.72
C GLN J 90 49.50 24.64 -35.59
N ARG J 91 48.28 24.13 -35.77
CA ARG J 91 47.12 25.03 -35.83
C ARG J 91 46.97 25.82 -34.53
N VAL J 92 47.27 25.19 -33.40
CA VAL J 92 47.25 25.90 -32.12
C VAL J 92 48.32 26.98 -32.11
N PHE J 93 49.55 26.61 -32.49
CA PHE J 93 50.65 27.57 -32.56
C PHE J 93 50.28 28.80 -33.38
N LYS J 94 49.76 28.58 -34.58
CA LYS J 94 49.42 29.71 -35.43
C LYS J 94 48.44 30.64 -34.73
N GLU J 95 47.41 30.09 -34.11
CA GLU J 95 46.39 30.96 -33.55
C GLU J 95 46.79 31.50 -32.18
N LYS J 96 47.40 30.67 -31.32
CA LYS J 96 47.59 31.04 -29.92
C LYS J 96 48.97 31.58 -29.58
N VAL J 97 50.01 31.20 -30.30
CA VAL J 97 51.39 31.43 -29.85
C VAL J 97 52.17 32.35 -30.77
N ASP J 98 51.81 32.48 -32.04
CA ASP J 98 52.60 33.25 -32.99
C ASP J 98 52.04 34.66 -33.04
N THR J 99 52.39 35.44 -32.03
CA THR J 99 51.93 36.82 -31.92
C THR J 99 53.00 37.63 -31.21
N LYS J 100 52.84 38.95 -31.23
CA LYS J 100 53.71 39.86 -30.49
C LYS J 100 52.87 40.78 -29.63
N ALA J 101 53.03 40.64 -28.32
CA ALA J 101 52.43 41.58 -27.38
C ALA J 101 52.95 42.98 -27.66
N GLN J 102 52.05 43.94 -27.82
CA GLN J 102 52.50 45.32 -27.84
C GLN J 102 53.20 45.66 -26.53
N GLU J 103 54.49 46.29 -26.64
CA GLU J 103 55.28 46.51 -25.43
C GLU J 103 54.92 47.85 -24.78
N PRO J 104 55.13 48.01 -23.49
CA PRO J 104 54.56 49.16 -22.80
C PRO J 104 55.27 50.47 -23.15
N GLN J 105 54.60 51.56 -22.84
CA GLN J 105 55.19 52.87 -23.07
C GLN J 105 56.35 53.09 -22.11
N PRO J 106 57.26 54.01 -22.44
CA PRO J 106 58.43 54.22 -21.57
C PRO J 106 58.10 54.71 -20.17
N GLY J 107 56.97 55.40 -19.97
CA GLY J 107 56.58 55.79 -18.61
C GLY J 107 56.02 54.63 -17.82
N THR J 108 55.13 53.87 -18.47
CA THR J 108 54.68 52.60 -17.93
C THR J 108 55.86 51.75 -17.52
N LYS J 109 56.83 51.63 -18.43
CA LYS J 109 58.00 50.78 -18.24
C LYS J 109 58.77 51.16 -16.98
N VAL J 110 58.82 52.45 -16.66
CA VAL J 110 59.66 52.86 -15.54
C VAL J 110 58.94 52.69 -14.22
N ILE J 111 57.60 52.78 -14.22
CA ILE J 111 56.83 52.40 -13.03
C ILE J 111 57.02 50.91 -12.74
N MET J 112 57.03 50.10 -13.80
CA MET J 112 57.23 48.66 -13.70
C MET J 112 58.55 48.33 -12.99
N ARG J 113 59.67 48.85 -13.52
CA ARG J 113 60.96 48.53 -12.88
C ARG J 113 61.02 49.09 -11.48
N ALA J 114 60.35 50.23 -11.26
CA ALA J 114 60.28 50.80 -9.92
C ALA J 114 59.55 49.86 -8.98
N VAL J 115 58.32 49.48 -9.35
CA VAL J 115 57.54 48.54 -8.54
C VAL J 115 58.27 47.21 -8.40
N ASN J 116 58.61 46.58 -9.54
CA ASN J 116 59.38 45.33 -9.54
C ASN J 116 60.55 45.38 -8.56
N ASP J 117 61.43 46.37 -8.74
CA ASP J 117 62.64 46.42 -7.95
C ASP J 117 62.34 46.46 -6.47
N TRP J 118 61.14 46.97 -6.10
CA TRP J 118 60.76 46.97 -4.70
C TRP J 118 60.51 45.55 -4.18
N ILE J 119 59.87 44.71 -5.01
CA ILE J 119 59.55 43.34 -4.59
C ILE J 119 60.83 42.52 -4.45
N LEU J 120 61.75 42.61 -5.43
CA LEU J 120 62.97 41.81 -5.35
C LEU J 120 63.81 42.22 -4.16
N GLU J 121 63.84 43.51 -3.85
CA GLU J 121 64.57 43.96 -2.68
C GLU J 121 63.99 43.31 -1.42
N ARG J 122 62.66 43.44 -1.26
CA ARG J 122 61.93 42.79 -0.18
C ARG J 122 62.29 41.31 -0.06
N LEU J 123 62.22 40.57 -1.17
CA LEU J 123 62.46 39.13 -1.13
C LEU J 123 63.91 38.82 -0.76
N ALA J 124 64.86 39.48 -1.43
CA ALA J 124 66.27 39.22 -1.17
C ALA J 124 66.64 39.54 0.27
N ARG J 125 66.10 40.62 0.83
CA ARG J 125 66.33 40.92 2.24
C ARG J 125 65.90 39.77 3.15
N LYS J 126 64.89 38.99 2.74
CA LYS J 126 64.45 37.87 3.59
C LYS J 126 65.27 36.61 3.37
N SER J 127 65.70 36.35 2.13
CA SER J 127 66.57 35.21 1.82
C SER J 127 67.42 35.56 0.61
N LYS J 128 68.75 35.33 0.72
CA LYS J 128 69.69 35.70 -0.35
C LYS J 128 69.73 34.63 -1.41
N PRO J 129 69.59 34.99 -2.71
CA PRO J 129 69.79 34.03 -3.80
C PRO J 129 71.00 33.14 -3.60
N ARG J 130 70.88 31.85 -3.92
CA ARG J 130 71.97 30.92 -3.70
C ARG J 130 72.04 29.96 -4.87
N MET J 131 73.04 29.10 -4.84
CA MET J 131 73.25 28.07 -5.85
C MET J 131 72.68 26.77 -5.32
N CYS J 132 71.99 26.02 -6.17
CA CYS J 132 71.48 24.73 -5.74
C CYS J 132 72.48 23.63 -6.07
N SER J 133 72.93 22.93 -5.02
CA SER J 133 73.94 21.89 -5.12
C SER J 133 73.51 20.79 -6.08
N ARG J 134 74.49 20.18 -6.75
CA ARG J 134 74.18 19.08 -7.64
C ARG J 134 73.44 17.98 -6.89
N GLU J 135 73.78 17.77 -5.62
CA GLU J 135 73.16 16.72 -4.80
C GLU J 135 71.67 16.95 -4.57
N GLU J 136 71.25 18.22 -4.43
CA GLU J 136 69.83 18.54 -4.41
C GLU J 136 69.14 18.09 -5.70
N PHE J 137 69.79 18.28 -6.85
CA PHE J 137 69.18 17.87 -8.10
C PHE J 137 68.90 16.38 -8.13
N ILE J 138 69.90 15.53 -7.82
CA ILE J 138 69.66 14.10 -7.83
C ILE J 138 68.55 13.74 -6.85
N ALA J 139 68.65 14.26 -5.62
CA ALA J 139 67.64 13.99 -4.61
C ALA J 139 66.24 14.28 -5.14
N LYS J 140 66.09 15.39 -5.86
CA LYS J 140 64.78 15.82 -6.34
C LYS J 140 64.10 14.78 -7.24
N VAL J 141 64.84 13.84 -7.84
CA VAL J 141 64.24 12.97 -8.84
C VAL J 141 63.54 11.79 -8.15
N LYS J 142 62.19 11.82 -8.17
CA LYS J 142 61.32 10.76 -7.65
C LYS J 142 60.35 10.23 -8.69
N SER J 143 60.55 10.51 -9.98
CA SER J 143 59.56 10.14 -11.02
C SER J 143 60.23 10.25 -12.39
N ASN J 144 60.85 9.17 -12.84
CA ASN J 144 61.66 9.13 -14.08
C ASN J 144 60.94 9.69 -15.30
N GLN J 154 72.24 12.65 -25.80
CA GLN J 154 70.80 12.67 -25.57
C GLN J 154 70.28 11.33 -25.06
N ASN J 155 70.03 10.41 -26.00
CA ASN J 155 69.46 9.11 -25.67
C ASN J 155 70.46 8.24 -24.91
N ARG J 156 70.02 7.73 -23.75
CA ARG J 156 70.83 6.83 -22.91
C ARG J 156 69.93 5.82 -22.19
N SER J 159 65.53 5.92 -18.94
CA SER J 159 64.93 6.68 -17.85
C SER J 159 65.84 7.78 -17.29
N ALA J 160 65.27 8.64 -16.45
CA ALA J 160 65.97 9.82 -15.96
C ALA J 160 66.60 9.64 -14.59
N LYS J 161 66.01 8.83 -13.71
CA LYS J 161 66.71 8.51 -12.47
C LYS J 161 68.05 7.84 -12.77
N GLU J 162 68.10 7.04 -13.84
CA GLU J 162 69.35 6.38 -14.24
C GLU J 162 70.39 7.35 -14.74
N ALA J 163 69.96 8.47 -15.33
CA ALA J 163 70.89 9.38 -15.99
C ALA J 163 71.83 10.03 -14.97
N VAL J 164 71.29 10.49 -13.85
CA VAL J 164 72.06 11.20 -12.83
C VAL J 164 73.13 10.33 -12.18
N GLU J 165 73.16 9.04 -12.47
CA GLU J 165 74.14 8.12 -11.88
C GLU J 165 75.39 8.03 -12.76
N ASP J 166 75.23 7.46 -13.94
CA ASP J 166 76.26 7.32 -14.96
C ASP J 166 77.01 8.63 -15.16
N PRO J 167 78.33 8.68 -14.91
CA PRO J 167 79.05 9.96 -14.94
C PRO J 167 79.26 10.53 -16.33
N ALA J 168 79.01 9.76 -17.39
CA ALA J 168 79.02 10.32 -18.73
C ALA J 168 78.04 11.48 -18.86
N PHE J 169 76.89 11.38 -18.18
CA PHE J 169 75.90 12.46 -18.19
C PHE J 169 76.53 13.74 -17.71
N TRP J 170 77.03 13.74 -16.48
CA TRP J 170 77.59 14.97 -15.92
C TRP J 170 78.75 15.49 -16.75
N GLN J 171 79.40 14.63 -17.55
CA GLN J 171 80.41 15.13 -18.48
C GLN J 171 79.78 16.03 -19.53
N LEU J 172 78.61 15.65 -20.04
CA LEU J 172 77.88 16.52 -20.97
C LEU J 172 77.43 17.80 -20.28
N VAL J 173 76.94 17.69 -19.05
CA VAL J 173 76.52 18.87 -18.31
C VAL J 173 77.71 19.78 -18.06
N ASP J 174 78.79 19.23 -17.50
CA ASP J 174 79.99 20.03 -17.26
C ASP J 174 80.48 20.69 -18.55
N GLU J 175 80.35 19.98 -19.68
CA GLU J 175 80.77 20.53 -20.95
C GLU J 175 80.03 21.82 -21.27
N GLU J 176 78.70 21.82 -21.14
CA GLU J 176 78.01 23.07 -21.44
C GLU J 176 77.93 24.00 -20.23
N ARG J 177 78.23 23.53 -19.03
CA ARG J 177 78.36 24.46 -17.90
C ARG J 177 79.48 25.47 -18.15
N GLU J 178 80.68 24.93 -18.36
CA GLU J 178 81.86 25.68 -18.78
C GLU J 178 81.50 26.62 -19.91
N ARG J 179 80.66 26.13 -20.85
CA ARG J 179 80.16 26.99 -21.93
C ARG J 179 79.31 28.13 -21.38
N HIS J 180 78.40 27.83 -20.45
CA HIS J 180 77.57 28.87 -19.84
C HIS J 180 78.45 29.82 -19.03
N LEU J 181 79.40 29.27 -18.27
CA LEU J 181 80.28 30.09 -17.45
C LEU J 181 80.94 31.19 -18.24
N ALA J 182 81.11 31.00 -19.55
CA ALA J 182 81.65 32.01 -20.43
C ALA J 182 80.59 32.61 -21.34
N GLY J 183 79.32 32.37 -21.08
CA GLY J 183 78.30 33.08 -21.79
C GLY J 183 77.92 32.54 -23.14
N ARG J 184 78.46 31.39 -23.56
CA ARG J 184 77.97 30.75 -24.79
C ARG J 184 76.92 29.70 -24.44
N CYS J 185 76.07 29.38 -25.40
CA CYS J 185 75.11 28.29 -25.22
C CYS J 185 74.89 27.58 -26.55
N ALA J 186 75.10 26.27 -26.51
CA ALA J 186 74.97 25.40 -27.66
C ALA J 186 73.76 24.49 -27.60
N HIS J 187 73.26 24.18 -26.40
CA HIS J 187 72.35 23.06 -26.21
C HIS J 187 71.01 23.39 -25.54
N CYS J 188 70.80 24.60 -25.05
CA CYS J 188 69.60 24.87 -24.26
C CYS J 188 68.52 25.31 -25.25
N VAL J 189 67.77 24.33 -25.77
CA VAL J 189 66.71 24.54 -26.74
C VAL J 189 65.43 23.91 -26.19
N TYR J 190 64.28 24.44 -26.59
CA TYR J 190 63.00 23.93 -26.12
C TYR J 190 62.37 23.03 -27.16
N ASN J 191 61.56 22.09 -26.69
CA ASN J 191 60.77 21.20 -27.53
C ASN J 191 59.32 21.56 -27.28
N MET J 192 58.75 22.43 -28.13
CA MET J 192 57.42 23.00 -27.91
C MET J 192 56.36 22.05 -28.41
N MET J 193 55.67 21.40 -27.48
CA MET J 193 54.77 20.32 -27.83
C MET J 193 53.33 20.84 -27.75
N ILE J 212 53.99 22.40 -22.16
CA ILE J 212 54.08 22.10 -23.59
C ILE J 212 55.48 22.42 -24.15
N TRP J 213 56.34 23.06 -23.33
CA TRP J 213 57.71 23.40 -23.74
C TRP J 213 58.68 22.59 -22.88
N TYR J 214 59.38 21.64 -23.49
CA TYR J 214 60.22 20.66 -22.79
C TYR J 214 61.70 20.91 -23.06
N MET J 215 62.55 20.48 -22.12
CA MET J 215 63.99 20.70 -22.23
C MET J 215 64.72 19.40 -21.89
N TRP J 216 65.92 19.26 -22.45
CA TRP J 216 66.78 18.12 -22.18
C TRP J 216 67.29 18.18 -20.74
N LEU J 217 67.52 17.00 -20.15
CA LEU J 217 67.75 16.91 -18.71
C LEU J 217 68.93 17.76 -18.26
N GLY J 218 70.02 17.76 -19.03
CA GLY J 218 71.20 18.50 -18.59
C GLY J 218 70.93 19.98 -18.47
N SER J 219 70.43 20.58 -19.56
CA SER J 219 69.92 21.95 -19.53
C SER J 219 68.99 22.18 -18.34
N ARG J 220 68.05 21.27 -18.12
CA ARG J 220 67.16 21.45 -16.99
C ARG J 220 67.92 21.44 -15.68
N PHE J 221 69.04 20.73 -15.59
CA PHE J 221 69.83 20.87 -14.36
C PHE J 221 70.47 22.26 -14.27
N LEU J 222 71.02 22.76 -15.37
CA LEU J 222 71.70 24.05 -15.32
C LEU J 222 70.72 25.14 -14.92
N GLU J 223 69.55 25.14 -15.55
CA GLU J 223 68.49 26.03 -15.11
C GLU J 223 68.20 25.87 -13.62
N PHE J 224 68.19 24.64 -13.11
CA PHE J 224 67.89 24.48 -11.69
C PHE J 224 69.00 25.02 -10.79
N GLU J 225 70.27 24.80 -11.14
CA GLU J 225 71.33 25.19 -10.23
C GLU J 225 71.42 26.70 -10.09
N ALA J 226 71.25 27.41 -11.21
CA ALA J 226 71.25 28.86 -11.28
C ALA J 226 70.09 29.48 -10.51
N LEU J 227 68.86 29.29 -11.00
CA LEU J 227 67.69 29.96 -10.46
C LEU J 227 66.84 29.05 -9.59
N GLY J 228 67.31 27.85 -9.27
CA GLY J 228 66.46 26.93 -8.54
C GLY J 228 66.07 27.39 -7.15
N PHE J 229 66.72 28.43 -6.64
CA PHE J 229 66.39 28.86 -5.29
C PHE J 229 65.00 29.46 -5.22
N LEU J 230 64.55 30.11 -6.31
CA LEU J 230 63.18 30.61 -6.37
C LEU J 230 62.19 29.56 -5.87
N ASN J 231 62.33 28.34 -6.40
CA ASN J 231 61.47 27.23 -6.02
C ASN J 231 61.89 26.65 -4.68
N GLU J 232 63.15 26.28 -4.55
CA GLU J 232 63.59 25.52 -3.39
C GLU J 232 63.77 26.37 -2.13
N ASP J 233 63.67 27.69 -2.24
CA ASP J 233 63.64 28.56 -1.07
C ASP J 233 62.33 29.33 -1.00
N HIS J 234 61.34 28.91 -1.79
CA HIS J 234 59.95 29.36 -1.65
C HIS J 234 59.83 30.87 -1.74
N TRP J 235 60.36 31.42 -2.83
CA TRP J 235 60.25 32.85 -3.05
C TRP J 235 58.82 33.27 -3.35
N ALA J 236 57.96 32.37 -3.82
CA ALA J 236 56.56 32.74 -3.99
C ALA J 236 55.67 32.14 -2.90
N SER J 237 56.26 31.76 -1.76
CA SER J 237 55.46 31.42 -0.61
C SER J 237 54.80 32.66 -0.03
N ARG J 238 53.70 32.46 0.71
CA ARG J 238 52.97 33.60 1.25
C ARG J 238 53.82 34.37 2.28
N GLY J 239 54.62 33.65 3.07
CA GLY J 239 55.40 34.32 4.09
C GLY J 239 56.58 35.10 3.55
N SER J 240 56.97 34.86 2.29
CA SER J 240 58.06 35.59 1.67
C SER J 240 57.57 36.67 0.74
N SER J 241 56.71 36.32 -0.21
CA SER J 241 56.26 37.29 -1.20
C SER J 241 55.17 38.20 -0.69
N GLY J 242 54.64 37.94 0.50
CA GLY J 242 53.49 38.68 0.93
C GLY J 242 52.18 38.15 0.39
N SER J 243 51.97 38.21 -0.92
CA SER J 243 50.67 37.85 -1.49
C SER J 243 50.65 36.55 -2.31
N GLY J 244 51.78 35.89 -2.51
CA GLY J 244 51.77 34.60 -3.16
C GLY J 244 51.21 33.54 -2.23
N VAL J 245 51.00 32.33 -2.78
CA VAL J 245 50.39 31.28 -1.99
C VAL J 245 51.08 29.93 -2.18
N GLU J 246 52.31 29.91 -2.68
CA GLU J 246 52.94 28.62 -3.00
C GLU J 246 53.06 27.78 -1.74
N GLY J 247 52.69 26.49 -1.86
CA GLY J 247 52.84 25.56 -0.77
C GLY J 247 51.63 25.42 0.10
N ILE J 248 50.59 26.21 -0.13
CA ILE J 248 49.30 26.02 0.52
C ILE J 248 48.58 24.92 -0.25
N SER J 249 48.15 23.87 0.46
CA SER J 249 47.34 22.87 -0.22
C SER J 249 45.99 23.47 -0.63
N LEU J 250 45.51 23.05 -1.79
CA LEU J 250 44.20 23.48 -2.27
C LEU J 250 43.07 23.17 -1.30
N ASN J 251 43.25 22.21 -0.36
CA ASN J 251 42.25 22.04 0.68
C ASN J 251 42.29 23.16 1.70
N TYR J 252 43.45 23.75 1.91
CA TYR J 252 43.59 24.82 2.88
C TYR J 252 43.46 26.21 2.27
N LEU J 253 43.40 26.32 0.94
CA LEU J 253 43.35 27.65 0.34
C LEU J 253 42.12 28.43 0.82
N GLY J 254 40.98 27.75 0.95
CA GLY J 254 39.74 28.48 1.19
C GLY J 254 39.75 29.35 2.43
N TRP J 255 40.50 28.93 3.46
CA TRP J 255 40.57 29.76 4.66
C TRP J 255 41.21 31.11 4.37
N TYR J 256 42.06 31.18 3.34
CA TYR J 256 42.68 32.45 3.00
C TYR J 256 41.69 33.34 2.26
N LEU J 257 40.99 32.79 1.28
CA LEU J 257 39.93 33.55 0.61
C LEU J 257 38.98 34.18 1.62
N LYS J 258 38.42 33.35 2.52
CA LYS J 258 37.49 33.85 3.52
C LYS J 258 38.10 34.99 4.33
N GLY J 259 39.33 34.80 4.81
CA GLY J 259 39.99 35.84 5.58
C GLY J 259 40.22 37.13 4.83
N LEU J 260 40.09 37.13 3.51
CA LEU J 260 40.13 38.37 2.76
C LEU J 260 38.89 39.21 3.03
N SER J 261 37.74 38.55 3.27
CA SER J 261 36.51 39.28 3.47
C SER J 261 36.49 40.06 4.79
N THR J 262 37.36 39.72 5.72
CA THR J 262 37.50 40.48 6.96
C THR J 262 38.29 41.76 6.79
N LEU J 263 38.42 42.24 5.56
CA LEU J 263 39.24 43.41 5.26
C LEU J 263 38.34 44.55 4.83
N GLU J 264 38.52 45.70 5.47
CA GLU J 264 38.05 46.95 4.89
C GLU J 264 38.55 47.07 3.47
N GLY J 265 37.63 47.27 2.52
CA GLY J 265 38.04 47.39 1.13
C GLY J 265 36.83 47.37 0.22
N GLY J 266 37.09 47.37 -1.08
CA GLY J 266 36.03 47.35 -2.10
C GLY J 266 35.43 45.98 -2.32
N LEU J 267 35.19 45.57 -3.56
CA LEU J 267 34.66 44.23 -3.78
C LEU J 267 35.76 43.16 -3.79
N PHE J 268 35.51 42.07 -4.52
CA PHE J 268 36.45 40.98 -4.71
C PHE J 268 36.66 40.92 -6.22
N TYR J 269 37.90 41.04 -6.66
CA TYR J 269 38.19 40.96 -8.08
C TYR J 269 39.10 39.79 -8.38
N ALA J 270 38.77 39.10 -9.47
CA ALA J 270 39.51 37.93 -9.89
C ALA J 270 39.47 37.89 -11.41
N ASP J 271 39.94 38.98 -12.01
CA ASP J 271 40.08 39.01 -13.45
C ASP J 271 41.15 38.00 -13.87
N ASP J 272 40.89 37.29 -14.95
CA ASP J 272 41.82 36.28 -15.43
C ASP J 272 42.40 36.74 -16.76
N THR J 273 43.71 36.57 -16.92
CA THR J 273 44.37 37.04 -18.11
C THR J 273 44.38 35.98 -19.20
N ALA J 274 43.89 36.36 -20.37
CA ALA J 274 43.87 35.47 -21.53
C ALA J 274 45.29 35.16 -22.01
N GLY J 275 45.65 33.88 -22.02
CA GLY J 275 46.91 33.47 -22.59
C GLY J 275 48.09 34.22 -22.03
N TRP J 276 48.18 34.20 -20.70
CA TRP J 276 49.13 35.04 -20.01
C TRP J 276 50.55 34.84 -20.48
N ASP J 277 50.95 33.59 -20.74
CA ASP J 277 52.36 33.37 -21.06
C ASP J 277 52.74 34.03 -22.39
N THR J 278 51.76 34.20 -23.29
CA THR J 278 52.02 34.95 -24.51
C THR J 278 52.21 36.43 -24.25
N LYS J 279 51.58 36.96 -23.22
CA LYS J 279 51.65 38.39 -22.96
C LYS J 279 52.78 38.79 -22.02
N VAL J 280 53.72 37.89 -21.72
CA VAL J 280 54.92 38.30 -20.98
C VAL J 280 55.81 39.05 -21.96
N THR J 281 56.08 40.32 -21.65
CA THR J 281 56.76 41.22 -22.57
C THR J 281 58.24 41.34 -22.23
N ASN J 282 58.99 41.89 -23.19
CA ASN J 282 60.43 42.08 -23.06
C ASN J 282 60.71 42.91 -21.81
N ALA J 283 59.87 43.93 -21.57
CA ALA J 283 59.91 44.70 -20.34
C ALA J 283 59.85 43.79 -19.10
N ASP J 284 58.79 42.96 -19.02
CA ASP J 284 58.66 42.05 -17.86
C ASP J 284 59.91 41.19 -17.71
N LEU J 285 60.41 40.66 -18.83
CA LEU J 285 61.63 39.86 -18.80
C LEU J 285 62.82 40.65 -18.24
N GLU J 286 63.06 41.85 -18.76
CA GLU J 286 64.17 42.66 -18.29
C GLU J 286 64.01 43.00 -16.81
N ASP J 287 62.82 43.45 -16.41
CA ASP J 287 62.52 43.56 -14.98
C ASP J 287 62.82 42.26 -14.24
N GLU J 288 62.53 41.13 -14.87
CA GLU J 288 62.74 39.87 -14.19
C GLU J 288 64.23 39.58 -14.05
N GLU J 289 64.99 39.84 -15.12
CA GLU J 289 66.41 39.56 -15.17
C GLU J 289 67.18 40.37 -14.11
N GLN J 290 66.56 41.37 -13.50
CA GLN J 290 67.25 42.08 -12.42
C GLN J 290 67.49 41.22 -11.19
N LEU J 291 66.99 39.98 -11.13
CA LEU J 291 67.44 39.08 -10.07
C LEU J 291 68.95 39.07 -10.02
N LEU J 292 69.58 39.03 -11.19
CA LEU J 292 71.03 38.97 -11.39
C LEU J 292 71.78 39.93 -10.46
N ARG J 293 71.27 41.17 -10.34
CA ARG J 293 71.92 42.19 -9.52
C ARG J 293 71.94 41.81 -8.04
N TYR J 294 71.42 40.63 -7.69
CA TYR J 294 71.45 40.11 -6.32
C TYR J 294 72.29 38.83 -6.22
N MET J 295 73.16 38.59 -7.19
CA MET J 295 73.97 37.38 -7.21
C MET J 295 75.43 37.78 -7.37
N GLU J 296 76.31 36.82 -7.10
CA GLU J 296 77.73 37.14 -6.98
C GLU J 296 78.58 35.95 -7.45
N GLY J 297 79.45 36.22 -8.43
CA GLY J 297 80.46 35.25 -8.81
C GLY J 297 80.06 34.33 -9.92
N GLU J 298 80.37 33.04 -9.77
CA GLU J 298 79.87 32.05 -10.72
C GLU J 298 78.35 32.09 -10.79
N HIS J 299 77.68 32.26 -9.65
CA HIS J 299 76.22 32.37 -9.60
C HIS J 299 75.70 33.36 -10.62
N LYS J 300 76.00 34.65 -10.40
CA LYS J 300 75.57 35.71 -11.31
C LYS J 300 75.88 35.36 -12.76
N GLN J 301 76.97 34.62 -13.00
CA GLN J 301 77.29 34.27 -14.37
C GLN J 301 76.44 33.12 -14.86
N LEU J 302 76.33 32.04 -14.08
CA LEU J 302 75.46 30.95 -14.50
C LEU J 302 74.03 31.42 -14.68
N ALA J 303 73.55 32.24 -13.74
CA ALA J 303 72.18 32.73 -13.82
C ALA J 303 72.00 33.66 -15.01
N ALA J 304 73.00 34.48 -15.31
CA ALA J 304 72.89 35.39 -16.44
C ALA J 304 72.66 34.64 -17.74
N THR J 305 73.33 33.51 -17.93
CA THR J 305 73.19 32.81 -19.20
C THR J 305 71.83 32.16 -19.32
N ILE J 306 71.37 31.50 -18.27
CA ILE J 306 70.03 30.92 -18.28
C ILE J 306 69.00 32.00 -18.61
N MET J 307 69.08 33.14 -17.90
CA MET J 307 68.06 34.17 -18.06
C MET J 307 68.16 34.90 -19.40
N GLN J 308 69.38 35.20 -19.85
CA GLN J 308 69.56 35.97 -21.06
C GLN J 308 69.73 35.12 -22.32
N LYS J 309 70.28 33.92 -22.21
CA LYS J 309 70.42 33.09 -23.40
C LYS J 309 69.19 32.20 -23.59
N ALA J 310 68.88 31.37 -22.58
CA ALA J 310 67.85 30.34 -22.73
C ALA J 310 66.46 30.95 -22.76
N TYR J 311 66.16 31.81 -21.77
CA TYR J 311 64.82 32.37 -21.64
C TYR J 311 64.60 33.51 -22.62
N HIS J 312 65.57 34.42 -22.75
CA HIS J 312 65.34 35.61 -23.54
C HIS J 312 65.74 35.48 -25.00
N ALA J 313 66.58 34.50 -25.35
CA ALA J 313 66.95 34.28 -26.74
C ALA J 313 66.48 32.88 -27.08
N LYS J 314 65.18 32.74 -27.29
CA LYS J 314 64.56 31.43 -27.34
C LYS J 314 64.88 30.69 -28.62
N VAL J 315 65.34 29.47 -28.46
CA VAL J 315 65.52 28.54 -29.57
C VAL J 315 64.51 27.44 -29.36
N VAL J 316 63.58 27.30 -30.29
CA VAL J 316 62.49 26.36 -30.12
C VAL J 316 62.35 25.48 -31.35
N LYS J 317 62.05 24.21 -31.08
CA LYS J 317 61.82 23.14 -32.04
C LYS J 317 60.32 22.88 -32.06
N VAL J 318 59.62 23.16 -33.15
CA VAL J 318 58.26 22.66 -33.31
C VAL J 318 58.25 21.71 -34.50
N ALA J 319 57.18 20.94 -34.61
CA ALA J 319 57.02 20.06 -35.74
C ALA J 319 55.89 20.60 -36.61
N ARG J 320 55.97 20.32 -37.92
CA ARG J 320 55.00 20.84 -38.86
C ARG J 320 54.94 19.84 -40.00
N PRO J 321 53.74 19.60 -40.56
CA PRO J 321 53.58 18.58 -41.60
C PRO J 321 54.21 18.98 -42.94
N SER J 322 55.16 18.16 -43.39
CA SER J 322 55.85 18.35 -44.66
C SER J 322 54.97 17.91 -45.83
N ARG J 323 55.28 18.47 -47.01
CA ARG J 323 54.52 18.13 -48.21
C ARG J 323 55.08 16.89 -48.91
N ASP J 324 55.38 15.81 -48.17
CA ASP J 324 55.82 14.57 -48.83
C ASP J 324 55.48 13.33 -48.00
N GLY J 325 54.46 13.42 -47.15
CA GLY J 325 54.05 12.30 -46.32
C GLY J 325 54.83 12.15 -45.04
N GLY J 326 55.73 13.10 -44.75
CA GLY J 326 56.59 12.99 -43.59
C GLY J 326 56.48 14.24 -42.71
N CYS J 327 57.13 14.14 -41.57
CA CYS J 327 57.13 15.20 -40.58
C CYS J 327 58.48 15.90 -40.55
N VAL J 328 58.46 17.21 -40.53
CA VAL J 328 59.67 18.00 -40.40
C VAL J 328 59.63 18.74 -39.06
N MET J 329 60.81 18.93 -38.46
CA MET J 329 60.98 19.87 -37.37
C MET J 329 61.30 21.26 -37.90
N ASP J 330 61.10 22.26 -37.06
CA ASP J 330 61.41 23.64 -37.38
C ASP J 330 62.20 24.22 -36.22
N VAL J 331 63.26 24.95 -36.52
CA VAL J 331 64.00 25.64 -35.48
C VAL J 331 63.69 27.12 -35.61
N ILE J 332 62.96 27.65 -34.64
CA ILE J 332 62.53 29.03 -34.67
C ILE J 332 63.02 29.73 -33.42
N THR J 333 63.04 31.07 -33.48
CA THR J 333 63.45 31.88 -32.34
C THR J 333 62.45 33.00 -32.12
N ARG J 334 62.61 33.67 -30.97
CA ARG J 334 61.88 34.86 -30.58
C ARG J 334 62.53 35.36 -29.29
N ARG J 335 62.23 36.61 -28.93
CA ARG J 335 62.81 37.11 -27.68
C ARG J 335 61.83 37.05 -26.50
N ASP J 336 60.58 37.54 -26.63
CA ASP J 336 59.69 37.63 -25.46
C ASP J 336 58.84 36.37 -25.21
N GLN J 337 57.73 36.52 -24.48
CA GLN J 337 56.90 35.44 -23.95
C GLN J 337 57.63 34.51 -23.01
N ARG J 338 56.91 33.52 -22.51
CA ARG J 338 57.48 32.60 -21.53
C ARG J 338 57.32 31.15 -21.98
N GLY J 339 58.35 30.34 -21.73
CA GLY J 339 58.17 28.90 -21.83
C GLY J 339 57.36 28.41 -20.64
N SER J 340 56.42 27.50 -20.90
CA SER J 340 55.73 26.89 -19.78
C SER J 340 56.58 25.82 -19.12
N GLY J 341 57.66 25.39 -19.75
CA GLY J 341 58.51 24.37 -19.17
C GLY J 341 59.58 24.87 -18.23
N GLN J 342 59.88 26.17 -18.26
CA GLN J 342 61.00 26.69 -17.47
C GLN J 342 60.82 26.33 -16.00
N VAL J 343 61.90 25.87 -15.38
CA VAL J 343 61.87 25.43 -13.98
C VAL J 343 61.28 26.50 -13.07
N VAL J 344 61.39 27.78 -13.44
CA VAL J 344 60.92 28.84 -12.56
C VAL J 344 59.71 29.57 -13.16
N THR J 345 59.05 28.99 -14.16
CA THR J 345 57.84 29.61 -14.72
C THR J 345 56.85 30.00 -13.62
N TYR J 346 56.58 29.09 -12.68
CA TYR J 346 55.57 29.39 -11.66
C TYR J 346 56.03 30.51 -10.74
N ALA J 347 57.27 30.46 -10.26
CA ALA J 347 57.73 31.52 -9.36
C ALA J 347 57.82 32.86 -10.07
N LEU J 348 58.41 32.88 -11.27
CA LEU J 348 58.52 34.15 -11.99
C LEU J 348 57.14 34.69 -12.34
N ASN J 349 56.24 33.82 -12.79
CA ASN J 349 54.90 34.27 -13.18
C ASN J 349 54.16 34.88 -11.99
N THR J 350 54.32 34.30 -10.81
CA THR J 350 53.75 34.85 -9.60
C THR J 350 54.28 36.26 -9.34
N LEU J 351 55.61 36.40 -9.22
CA LEU J 351 56.21 37.72 -8.96
C LEU J 351 55.76 38.78 -9.95
N THR J 352 55.84 38.50 -11.26
CA THR J 352 55.44 39.50 -12.24
C THR J 352 53.95 39.82 -12.13
N ASN J 353 53.14 38.87 -11.72
CA ASN J 353 51.71 39.11 -11.61
C ASN J 353 51.38 39.89 -10.35
N ILE J 354 52.20 39.77 -9.29
CA ILE J 354 52.08 40.67 -8.15
C ILE J 354 52.35 42.11 -8.57
N LYS J 355 53.47 42.32 -9.27
CA LYS J 355 53.78 43.65 -9.79
C LYS J 355 52.62 44.20 -10.63
N VAL J 356 52.17 43.45 -11.63
CA VAL J 356 51.04 43.92 -12.44
C VAL J 356 49.88 44.35 -11.56
N GLN J 357 49.65 43.66 -10.45
CA GLN J 357 48.50 44.07 -9.64
C GLN J 357 48.82 45.31 -8.80
N LEU J 358 49.93 45.31 -8.07
CA LEU J 358 50.37 46.52 -7.38
C LEU J 358 50.31 47.76 -8.26
N ILE J 359 50.65 47.64 -9.54
CA ILE J 359 50.51 48.77 -10.44
C ILE J 359 49.03 49.12 -10.62
N ARG J 360 48.18 48.12 -10.79
CA ARG J 360 46.77 48.40 -11.07
C ARG J 360 46.08 48.99 -9.86
N MET J 361 46.48 48.54 -8.66
CA MET J 361 45.98 49.19 -7.46
C MET J 361 46.29 50.67 -7.50
N MET J 362 47.54 51.02 -7.84
CA MET J 362 47.95 52.43 -7.90
C MET J 362 47.14 53.22 -8.90
N GLU J 363 46.85 52.66 -10.08
CA GLU J 363 46.05 53.42 -11.04
C GLU J 363 44.66 53.73 -10.47
N GLY J 364 44.00 52.70 -9.93
CA GLY J 364 42.69 52.93 -9.37
C GLY J 364 42.70 53.74 -8.10
N GLU J 365 43.84 53.89 -7.48
CA GLU J 365 43.91 54.64 -6.24
C GLU J 365 44.26 56.10 -6.47
N GLY J 366 44.43 56.50 -7.74
CA GLY J 366 44.89 57.84 -8.06
C GLY J 366 46.37 58.09 -7.90
N VAL J 367 47.18 57.06 -7.64
CA VAL J 367 48.60 57.31 -7.43
C VAL J 367 49.30 57.49 -8.77
N ILE J 368 48.77 56.94 -9.85
CA ILE J 368 49.31 57.13 -11.18
C ILE J 368 48.15 57.17 -12.16
N GLU J 369 48.35 57.82 -13.31
CA GLU J 369 47.29 57.91 -14.32
C GLU J 369 47.90 57.95 -15.71
N ALA J 370 47.04 58.05 -16.72
CA ALA J 370 47.48 57.89 -18.10
C ALA J 370 48.54 58.93 -18.46
N SER J 371 48.58 60.05 -17.73
CA SER J 371 49.64 61.01 -17.91
C SER J 371 51.01 60.36 -17.72
N ASP J 372 51.15 59.51 -16.70
CA ASP J 372 52.44 58.95 -16.33
C ASP J 372 52.91 57.86 -17.26
N ALA J 373 52.15 57.57 -18.32
CA ALA J 373 52.66 56.71 -19.38
C ALA J 373 53.71 57.42 -20.23
N HIS J 374 53.55 58.74 -20.47
CA HIS J 374 54.61 59.56 -21.07
C HIS J 374 55.53 60.06 -19.96
N ASN J 375 55.11 61.06 -19.18
CA ASN J 375 55.98 61.57 -18.11
C ASN J 375 55.58 61.07 -16.75
N PRO J 376 56.38 60.21 -16.11
CA PRO J 376 55.87 59.49 -14.92
C PRO J 376 56.28 60.08 -13.59
N ARG J 377 55.34 60.31 -12.67
CA ARG J 377 55.66 60.94 -11.39
C ARG J 377 56.22 59.89 -10.45
N LEU J 378 57.40 59.40 -10.79
CA LEU J 378 57.90 58.26 -10.04
C LEU J 378 58.02 58.55 -8.54
N LEU J 379 58.08 59.80 -8.12
CA LEU J 379 58.22 60.04 -6.69
C LEU J 379 57.01 59.54 -5.92
N ARG J 380 55.81 59.57 -6.53
CA ARG J 380 54.65 59.03 -5.84
C ARG J 380 54.78 57.53 -5.60
N VAL J 381 55.10 56.79 -6.67
CA VAL J 381 55.11 55.34 -6.57
C VAL J 381 56.12 54.86 -5.56
N GLU J 382 57.24 55.59 -5.38
CA GLU J 382 58.15 55.19 -4.32
C GLU J 382 57.59 55.48 -2.93
N ARG J 383 56.74 56.49 -2.81
CA ARG J 383 56.13 56.75 -1.50
C ARG J 383 55.08 55.71 -1.20
N TRP J 384 54.24 55.40 -2.20
CA TRP J 384 53.14 54.44 -2.08
C TRP J 384 53.63 53.07 -1.62
N LEU J 385 54.78 52.62 -2.10
CA LEU J 385 55.35 51.35 -1.67
C LEU J 385 55.92 51.45 -0.26
N ARG J 386 56.51 52.60 0.08
CA ARG J 386 57.01 52.83 1.43
C ARG J 386 55.86 52.87 2.43
N ASP J 387 54.77 53.53 2.04
CA ASP J 387 53.65 53.87 2.91
C ASP J 387 52.58 52.80 2.97
N HIS J 388 52.36 52.07 1.88
CA HIS J 388 51.27 51.10 1.80
C HIS J 388 51.69 49.74 1.28
N GLY J 389 52.97 49.52 0.98
CA GLY J 389 53.40 48.33 0.30
C GLY J 389 52.87 47.07 0.95
N GLU J 390 53.40 46.76 2.13
CA GLU J 390 53.08 45.50 2.76
C GLU J 390 51.58 45.34 2.97
N GLU J 391 50.85 46.41 3.25
CA GLU J 391 49.43 46.21 3.45
C GLU J 391 48.75 45.81 2.14
N ARG J 392 49.17 46.38 1.01
CA ARG J 392 48.50 46.00 -0.22
C ARG J 392 48.93 44.63 -0.72
N LEU J 393 50.01 44.08 -0.13
CA LEU J 393 50.39 42.70 -0.44
C LEU J 393 49.39 41.74 0.19
N GLY J 394 49.19 41.84 1.50
CA GLY J 394 48.32 40.94 2.24
C GLY J 394 46.86 40.89 1.81
N ARG J 395 46.46 41.73 0.85
CA ARG J 395 45.09 41.70 0.36
C ARG J 395 45.03 41.25 -1.09
N MET J 396 45.99 40.43 -1.48
CA MET J 396 45.94 39.65 -2.71
C MET J 396 46.24 38.19 -2.43
N LEU J 397 45.83 37.38 -3.40
CA LEU J 397 46.18 35.98 -3.50
C LEU J 397 46.71 35.83 -4.91
N VAL J 398 48.02 35.59 -5.07
CA VAL J 398 48.59 35.38 -6.39
C VAL J 398 49.25 34.01 -6.48
N SER J 399 48.84 33.27 -7.51
CA SER J 399 49.37 31.96 -7.84
C SER J 399 49.54 31.94 -9.34
N GLY J 400 50.77 31.88 -9.83
CA GLY J 400 51.01 31.97 -11.25
C GLY J 400 50.27 33.17 -11.81
N ASP J 401 49.42 32.96 -12.80
CA ASP J 401 48.75 34.09 -13.41
C ASP J 401 47.34 34.33 -12.89
N ASP J 402 46.84 33.49 -11.98
CA ASP J 402 45.55 33.77 -11.36
C ASP J 402 45.76 34.57 -10.08
N CYS J 403 44.89 35.54 -9.86
CA CYS J 403 44.92 36.34 -8.66
C CYS J 403 43.51 36.59 -8.17
N VAL J 404 43.40 36.80 -6.86
CA VAL J 404 42.23 37.37 -6.22
C VAL J 404 42.73 38.65 -5.56
N VAL J 405 42.11 39.78 -5.90
CA VAL J 405 42.53 41.09 -5.41
C VAL J 405 41.38 41.66 -4.60
N ARG J 406 41.70 42.20 -3.43
CA ARG J 406 40.72 42.94 -2.64
C ARG J 406 41.18 44.39 -2.48
N PRO J 407 40.77 45.27 -3.40
CA PRO J 407 41.32 46.63 -3.44
C PRO J 407 40.74 47.48 -2.32
N VAL J 408 41.17 48.74 -2.30
CA VAL J 408 40.73 49.65 -1.24
C VAL J 408 39.32 50.13 -1.50
N ASP J 409 38.90 50.10 -2.76
CA ASP J 409 37.50 50.34 -3.09
C ASP J 409 37.32 50.03 -4.55
N ASP J 410 36.07 50.06 -5.00
CA ASP J 410 35.77 49.60 -6.34
C ASP J 410 36.14 50.55 -7.41
N ARG J 411 37.06 51.48 -7.13
CA ARG J 411 37.60 52.36 -8.16
C ARG J 411 38.32 51.51 -9.21
N PHE J 412 39.08 50.51 -8.73
CA PHE J 412 39.74 49.40 -9.41
C PHE J 412 39.06 48.85 -10.67
N SER J 413 37.74 48.67 -10.67
CA SER J 413 37.08 48.12 -11.87
C SER J 413 37.34 48.98 -13.11
N ARG J 414 37.54 50.30 -12.93
CA ARG J 414 37.79 51.24 -14.02
C ARG J 414 39.27 51.40 -14.33
N ALA J 415 40.16 50.92 -13.45
CA ALA J 415 41.60 51.15 -13.53
C ALA J 415 42.29 50.20 -14.51
N LEU J 416 41.99 50.37 -15.79
CA LEU J 416 42.57 49.45 -16.75
C LEU J 416 43.32 50.15 -17.89
N TYR J 417 43.89 51.32 -17.62
CA TYR J 417 44.81 51.89 -18.60
C TYR J 417 46.14 51.15 -18.58
N PHE J 418 46.78 51.08 -17.41
CA PHE J 418 48.09 50.45 -17.32
C PHE J 418 48.01 48.95 -17.52
N LEU J 419 47.00 48.30 -16.96
CA LEU J 419 46.80 46.89 -17.23
C LEU J 419 46.75 46.63 -18.73
N ASN J 420 45.87 47.33 -19.44
CA ASN J 420 45.78 47.14 -20.88
C ASN J 420 47.07 47.51 -21.59
N ASP J 421 47.78 48.53 -21.10
CA ASP J 421 49.00 48.98 -21.78
C ASP J 421 50.14 48.01 -21.52
N MET J 422 50.24 47.53 -20.29
CA MET J 422 51.25 46.59 -19.85
C MET J 422 51.08 45.21 -20.49
N ALA J 423 50.04 45.03 -21.32
CA ALA J 423 49.70 43.92 -22.25
C ALA J 423 48.87 42.81 -21.59
N LYS J 424 48.47 42.96 -20.33
CA LYS J 424 47.71 41.93 -19.65
C LYS J 424 46.22 41.98 -19.96
N THR J 425 45.87 41.90 -21.25
CA THR J 425 44.48 41.95 -21.69
C THR J 425 43.61 40.91 -20.97
N ARG J 426 42.58 41.40 -20.28
CA ARG J 426 41.67 40.54 -19.54
C ARG J 426 40.89 39.61 -20.49
N LYS J 427 40.59 38.42 -19.99
CA LYS J 427 39.83 37.43 -20.75
C LYS J 427 38.34 37.68 -20.72
N ASP J 428 37.66 37.43 -21.85
CA ASP J 428 36.19 37.34 -21.91
C ASP J 428 35.49 38.64 -21.53
N ILE J 429 36.03 39.77 -21.98
CA ILE J 429 35.53 41.09 -21.61
C ILE J 429 36.05 42.11 -22.61
N GLY J 430 35.21 43.09 -22.93
CA GLY J 430 35.65 44.17 -23.80
C GLY J 430 36.88 44.88 -23.24
N GLU J 431 37.72 45.37 -24.15
CA GLU J 431 39.03 45.88 -23.74
C GLU J 431 38.91 46.94 -22.67
N TRP J 432 37.90 47.79 -22.79
CA TRP J 432 37.78 48.93 -21.89
C TRP J 432 36.59 48.83 -20.96
N GLU J 433 35.68 47.87 -21.20
CA GLU J 433 34.55 47.64 -20.32
C GLU J 433 35.02 47.46 -18.88
N HIS J 434 34.16 47.84 -17.94
CA HIS J 434 34.54 47.79 -16.53
C HIS J 434 34.63 46.34 -16.05
N SER J 435 35.46 46.13 -15.03
CA SER J 435 35.60 44.82 -14.40
C SER J 435 34.38 44.54 -13.51
N VAL J 436 34.04 43.27 -13.35
CA VAL J 436 32.88 42.86 -12.58
C VAL J 436 33.37 42.07 -11.37
N GLY J 437 33.20 42.64 -10.18
CA GLY J 437 33.67 42.03 -8.95
C GLY J 437 32.63 41.17 -8.26
N PHE J 438 32.93 40.79 -7.01
CA PHE J 438 32.08 39.86 -6.24
C PHE J 438 32.01 40.29 -4.80
N SER J 439 30.79 40.39 -4.25
CA SER J 439 30.65 40.78 -2.85
C SER J 439 30.85 39.61 -1.89
N ASN J 440 30.62 38.38 -2.32
CA ASN J 440 30.69 37.22 -1.46
C ASN J 440 31.85 36.31 -1.85
N TRP J 441 32.77 36.06 -0.90
CA TRP J 441 33.94 35.24 -1.18
C TRP J 441 33.58 33.83 -1.66
N GLU J 442 32.50 33.25 -1.16
CA GLU J 442 32.13 31.93 -1.67
C GLU J 442 31.80 31.93 -3.15
N GLU J 443 31.74 33.10 -3.79
CA GLU J 443 31.47 33.20 -5.21
C GLU J 443 32.72 33.50 -6.02
N VAL J 444 33.89 33.53 -5.38
CA VAL J 444 35.12 34.00 -6.00
C VAL J 444 35.83 32.81 -6.64
N PRO J 445 36.14 32.85 -7.94
CA PRO J 445 36.94 31.79 -8.55
C PRO J 445 38.44 32.03 -8.44
N PHE J 446 39.18 30.97 -8.10
CA PHE J 446 40.61 31.06 -7.85
C PHE J 446 41.19 29.66 -7.94
N CYS J 447 42.15 29.46 -8.84
CA CYS J 447 42.77 28.15 -9.01
C CYS J 447 41.74 27.13 -9.48
N SER J 448 40.87 27.54 -10.40
CA SER J 448 39.88 26.67 -11.02
C SER J 448 38.95 26.03 -10.02
N HIS J 449 38.64 26.73 -8.93
CA HIS J 449 37.74 26.20 -7.91
C HIS J 449 37.00 27.37 -7.29
N HIS J 450 35.84 27.10 -6.72
CA HIS J 450 35.18 28.00 -5.80
C HIS J 450 35.34 27.40 -4.43
N PHE J 451 35.03 28.14 -3.38
CA PHE J 451 35.22 27.56 -2.06
C PHE J 451 33.96 27.75 -1.22
N HIS J 452 33.64 26.75 -0.42
CA HIS J 452 32.39 26.70 0.30
C HIS J 452 32.66 26.35 1.75
N GLU J 453 31.88 26.92 2.65
CA GLU J 453 32.08 26.68 4.06
C GLU J 453 31.06 25.65 4.51
N LEU J 454 31.55 24.54 5.06
CA LEU J 454 30.74 23.42 5.53
C LEU J 454 30.83 23.32 7.04
N VAL J 455 29.71 23.05 7.69
CA VAL J 455 29.73 22.76 9.12
C VAL J 455 29.51 21.28 9.33
N MET J 456 30.29 20.70 10.23
CA MET J 456 30.21 19.27 10.48
C MET J 456 29.16 18.97 11.55
N LYS J 457 28.70 17.70 11.54
CA LYS J 457 27.75 17.25 12.54
C LYS J 457 28.26 17.56 13.94
N ASP J 458 29.58 17.46 14.14
CA ASP J 458 30.12 17.73 15.47
C ASP J 458 30.22 19.21 15.77
N GLY J 459 30.05 20.06 14.77
CA GLY J 459 30.07 21.49 14.98
C GLY J 459 31.25 22.22 14.36
N ARG J 460 32.37 21.53 14.11
CA ARG J 460 33.51 22.18 13.46
C ARG J 460 33.21 22.51 12.00
N ALA J 461 33.89 23.53 11.49
CA ALA J 461 33.66 24.02 10.15
C ALA J 461 34.84 23.69 9.24
N LEU J 462 34.54 23.43 7.97
CA LEU J 462 35.54 23.18 6.95
C LEU J 462 35.32 24.14 5.81
N ILE J 463 36.38 24.52 5.12
CA ILE J 463 36.26 25.23 3.86
C ILE J 463 36.79 24.29 2.78
N VAL J 464 35.88 23.74 2.01
CA VAL J 464 36.19 22.69 1.05
C VAL J 464 36.30 23.33 -0.33
N PRO J 465 37.17 22.83 -1.20
CA PRO J 465 37.20 23.31 -2.57
C PRO J 465 36.21 22.57 -3.46
N CYS J 466 35.69 23.29 -4.44
CA CYS J 466 34.66 22.71 -5.29
C CYS J 466 34.88 23.17 -6.72
N ARG J 467 34.35 22.37 -7.65
CA ARG J 467 34.61 22.54 -9.08
C ARG J 467 33.67 21.63 -9.86
N ASP J 468 33.33 22.04 -11.09
CA ASP J 468 32.35 21.34 -11.91
C ASP J 468 32.54 19.83 -11.82
N GLN J 469 31.45 19.12 -11.53
CA GLN J 469 31.51 17.67 -11.47
C GLN J 469 31.92 17.09 -12.81
N ASP J 470 31.28 17.55 -13.90
CA ASP J 470 31.52 16.98 -15.22
C ASP J 470 32.97 17.14 -15.64
N GLU J 471 33.51 18.34 -15.48
CA GLU J 471 34.93 18.56 -15.72
C GLU J 471 35.79 17.54 -14.96
N LEU J 472 35.49 17.34 -13.68
CA LEU J 472 36.28 16.46 -12.83
C LEU J 472 36.25 15.01 -13.32
N VAL J 473 35.09 14.54 -13.78
CA VAL J 473 34.92 13.14 -14.19
C VAL J 473 35.43 12.93 -15.60
N GLY J 474 35.10 13.84 -16.53
CA GLY J 474 35.59 13.69 -17.90
C GLY J 474 37.10 13.58 -17.98
N ARG J 475 37.81 14.41 -17.21
CA ARG J 475 39.26 14.35 -17.25
C ARG J 475 39.77 12.99 -16.77
N ALA J 476 39.01 12.32 -15.89
CA ALA J 476 39.36 10.97 -15.46
C ALA J 476 39.01 9.96 -16.53
N ARG J 477 38.00 10.24 -17.34
CA ARG J 477 37.72 9.36 -18.45
C ARG J 477 38.80 9.42 -19.53
N VAL J 478 39.56 10.50 -19.61
CA VAL J 478 40.62 10.55 -20.61
C VAL J 478 41.75 9.60 -20.19
N SER J 479 42.27 8.83 -21.17
CA SER J 479 43.29 7.82 -20.87
C SER J 479 44.62 8.21 -21.48
N PRO J 480 45.75 7.96 -20.78
CA PRO J 480 47.04 8.38 -21.33
C PRO J 480 47.59 7.39 -22.35
N GLY J 481 47.21 7.56 -23.63
CA GLY J 481 47.74 6.74 -24.72
C GLY J 481 47.48 5.26 -24.65
N CYS J 482 47.91 4.53 -25.69
CA CYS J 482 47.74 3.09 -25.78
C CYS J 482 48.90 2.36 -25.12
N GLY J 483 48.77 1.04 -25.04
CA GLY J 483 49.71 0.24 -24.29
C GLY J 483 49.46 0.25 -22.81
N TRP J 484 48.37 0.88 -22.36
CA TRP J 484 47.98 0.86 -20.97
C TRP J 484 47.10 -0.36 -20.72
N SER J 485 47.61 -1.24 -19.86
CA SER J 485 46.98 -2.51 -19.49
C SER J 485 45.80 -2.28 -18.55
N VAL J 486 44.96 -3.31 -18.42
CA VAL J 486 43.89 -3.24 -17.42
C VAL J 486 44.45 -2.89 -16.06
N ARG J 487 45.62 -3.41 -15.72
CA ARG J 487 46.17 -3.04 -14.42
C ARG J 487 46.60 -1.58 -14.41
N GLU J 488 47.25 -1.12 -15.49
CA GLU J 488 47.72 0.26 -15.54
C GLU J 488 46.57 1.24 -15.44
N THR J 489 45.48 1.02 -16.20
CA THR J 489 44.39 1.99 -16.11
C THR J 489 43.52 1.80 -14.85
N ALA J 490 43.57 0.65 -14.18
CA ALA J 490 42.84 0.56 -12.91
C ALA J 490 43.55 1.37 -11.86
N CYS J 491 44.88 1.43 -11.92
CA CYS J 491 45.65 2.19 -10.92
C CYS J 491 45.51 3.68 -11.14
N LEU J 492 45.51 4.14 -12.39
CA LEU J 492 45.21 5.54 -12.65
C LEU J 492 43.85 5.91 -12.08
N SER J 493 42.87 5.04 -12.28
CA SER J 493 41.54 5.30 -11.77
C SER J 493 41.48 5.25 -10.26
N LYS J 494 42.31 4.44 -9.60
CA LYS J 494 42.39 4.58 -8.16
C LYS J 494 42.86 5.98 -7.78
N ALA J 495 43.91 6.48 -8.46
CA ALA J 495 44.46 7.79 -8.16
C ALA J 495 43.39 8.85 -8.20
N TYR J 496 42.47 8.77 -9.16
CA TYR J 496 41.40 9.76 -9.26
C TYR J 496 40.43 9.64 -8.08
N GLY J 497 39.84 8.46 -7.89
CA GLY J 497 38.98 8.20 -6.75
C GLY J 497 39.61 8.61 -5.42
N GLN J 498 40.86 8.23 -5.19
CA GLN J 498 41.54 8.68 -3.97
C GLN J 498 41.61 10.18 -3.89
N MET J 499 41.70 10.86 -5.03
CA MET J 499 41.77 12.30 -4.96
C MET J 499 40.40 12.88 -4.69
N TRP J 500 39.39 12.44 -5.46
CA TRP J 500 38.02 12.88 -5.22
C TRP J 500 37.58 12.64 -3.78
N LEU J 501 38.01 11.53 -3.18
CA LEU J 501 37.64 11.25 -1.79
C LEU J 501 38.27 12.24 -0.82
N LEU J 502 39.35 12.90 -1.20
CA LEU J 502 40.03 13.80 -0.28
C LEU J 502 39.65 15.26 -0.47
N SER J 503 39.36 15.69 -1.68
CA SER J 503 39.05 17.09 -1.87
C SER J 503 37.65 17.33 -2.37
N TYR J 504 36.95 16.32 -2.89
CA TYR J 504 35.60 16.51 -3.44
C TYR J 504 34.60 15.55 -2.79
N PHE J 505 34.93 15.07 -1.59
CA PHE J 505 34.07 14.20 -0.78
C PHE J 505 32.71 14.79 -0.48
N HIS J 506 32.51 16.11 -0.65
CA HIS J 506 31.26 16.77 -0.30
C HIS J 506 30.30 16.74 -1.47
N ARG J 507 30.67 16.06 -2.55
CA ARG J 507 29.84 15.89 -3.74
C ARG J 507 29.27 14.48 -3.70
N ARG J 508 27.94 14.36 -3.63
CA ARG J 508 27.36 13.05 -3.40
C ARG J 508 27.70 12.11 -4.55
N ASP J 509 27.72 12.64 -5.78
CA ASP J 509 28.05 11.79 -6.92
C ASP J 509 29.51 11.36 -6.89
N LEU J 510 30.42 12.27 -6.55
CA LEU J 510 31.85 11.95 -6.63
C LEU J 510 32.28 11.02 -5.52
N ARG J 511 31.76 11.21 -4.30
CA ARG J 511 32.08 10.29 -3.21
C ARG J 511 31.66 8.87 -3.57
N THR J 512 30.40 8.71 -3.99
CA THR J 512 29.96 7.43 -4.52
C THR J 512 30.95 6.90 -5.55
N LEU J 513 31.29 7.73 -6.54
CA LEU J 513 32.18 7.26 -7.60
C LEU J 513 33.54 6.87 -7.05
N GLY J 514 34.10 7.67 -6.15
CA GLY J 514 35.41 7.36 -5.60
C GLY J 514 35.40 6.13 -4.70
N LEU J 515 34.42 6.04 -3.80
CA LEU J 515 34.25 4.82 -3.01
C LEU J 515 34.08 3.61 -3.91
N ALA J 516 33.31 3.75 -5.00
CA ALA J 516 33.06 2.58 -5.83
C ALA J 516 34.33 2.17 -6.57
N ILE J 517 35.09 3.15 -7.07
CA ILE J 517 36.36 2.84 -7.72
C ILE J 517 37.28 2.13 -6.74
N CYS J 518 37.30 2.62 -5.51
CA CYS J 518 38.12 1.98 -4.49
C CYS J 518 37.65 0.57 -4.19
N SER J 519 36.38 0.27 -4.42
CA SER J 519 35.89 -1.11 -4.25
C SER J 519 36.20 -1.98 -5.46
N ALA J 520 36.46 -1.38 -6.62
CA ALA J 520 36.69 -2.16 -7.83
C ALA J 520 38.16 -2.44 -8.11
N VAL J 521 39.09 -1.83 -7.37
CA VAL J 521 40.53 -1.96 -7.59
C VAL J 521 41.19 -2.61 -6.37
N PRO J 522 42.18 -3.48 -6.58
CA PRO J 522 42.79 -4.20 -5.45
C PRO J 522 43.47 -3.28 -4.45
N ILE J 523 43.44 -3.69 -3.17
CA ILE J 523 43.94 -2.83 -2.11
C ILE J 523 45.44 -2.62 -2.18
N ASP J 524 46.18 -3.65 -2.57
CA ASP J 524 47.62 -3.52 -2.56
C ASP J 524 48.14 -2.80 -3.78
N TRP J 525 47.27 -2.32 -4.66
CA TRP J 525 47.70 -1.66 -5.89
C TRP J 525 47.93 -0.20 -5.57
N VAL J 526 49.19 0.16 -5.40
CA VAL J 526 49.54 1.58 -5.27
C VAL J 526 49.03 2.33 -6.49
N PRO J 527 48.30 3.43 -6.32
CA PRO J 527 47.88 4.20 -7.50
C PRO J 527 49.06 4.93 -8.14
N THR J 528 49.03 5.04 -9.47
CA THR J 528 50.08 5.71 -10.22
C THR J 528 49.46 6.59 -11.29
N GLY J 529 50.13 7.70 -11.59
CA GLY J 529 49.64 8.63 -12.58
C GLY J 529 49.33 9.99 -12.01
N ARG J 530 49.28 11.02 -12.85
CA ARG J 530 48.99 12.38 -12.41
C ARG J 530 47.49 12.61 -12.56
N THR J 531 46.85 12.98 -11.46
CA THR J 531 45.43 13.30 -11.46
C THR J 531 45.15 14.80 -11.60
N THR J 532 46.20 15.62 -11.74
CA THR J 532 46.05 17.07 -11.79
C THR J 532 47.40 17.68 -12.14
N TRP J 533 47.35 18.82 -12.83
CA TRP J 533 48.55 19.59 -13.12
C TRP J 533 48.70 20.82 -12.22
N SER J 534 47.67 21.17 -11.42
CA SER J 534 47.75 22.31 -10.49
C SER J 534 48.84 22.12 -9.45
N ILE J 535 49.60 23.20 -9.19
CA ILE J 535 50.68 23.11 -8.23
C ILE J 535 50.20 23.03 -6.79
N HIS J 536 48.89 23.16 -6.57
CA HIS J 536 48.35 23.14 -5.22
C HIS J 536 47.84 21.77 -4.80
N ALA J 537 48.06 20.75 -5.64
CA ALA J 537 47.70 19.38 -5.30
C ALA J 537 48.76 18.79 -4.36
N SER J 538 48.32 18.35 -3.18
CA SER J 538 49.23 17.79 -2.20
C SER J 538 49.80 16.46 -2.67
N GLY J 539 49.04 15.71 -3.47
CA GLY J 539 49.38 14.36 -3.84
C GLY J 539 49.16 13.32 -2.76
N ALA J 540 48.65 13.72 -1.59
CA ALA J 540 48.53 12.83 -0.43
C ALA J 540 47.63 11.63 -0.68
N TRP J 541 46.93 11.61 -1.81
CA TRP J 541 46.02 10.54 -2.16
C TRP J 541 46.70 9.41 -2.92
N MET J 542 47.93 9.61 -3.41
CA MET J 542 48.66 8.56 -4.12
C MET J 542 49.33 7.62 -3.13
N THR J 543 48.49 7.01 -2.29
CA THR J 543 48.91 6.14 -1.22
C THR J 543 48.10 4.84 -1.26
N THR J 544 48.61 3.84 -0.57
CA THR J 544 47.85 2.65 -0.28
C THR J 544 47.19 2.73 1.09
N GLU J 545 47.43 3.81 1.83
CA GLU J 545 46.84 3.98 3.14
C GLU J 545 45.32 4.05 3.04
N ASP J 546 44.65 3.80 4.18
CA ASP J 546 43.20 3.97 4.28
C ASP J 546 42.81 5.41 3.98
N MET J 547 41.76 5.61 3.17
CA MET J 547 41.49 6.98 2.71
C MET J 547 40.87 7.85 3.82
N LEU J 548 40.03 7.27 4.68
CA LEU J 548 39.50 8.06 5.77
C LEU J 548 40.61 8.41 6.75
N ASP J 549 41.62 7.56 6.86
CA ASP J 549 42.77 7.88 7.70
C ASP J 549 43.52 9.09 7.18
N VAL J 550 43.73 9.17 5.87
CA VAL J 550 44.46 10.30 5.34
C VAL J 550 43.56 11.51 5.35
N TRP J 551 42.25 11.32 5.18
CA TRP J 551 41.30 12.43 5.30
C TRP J 551 41.40 13.12 6.65
N ASN J 552 41.37 12.35 7.74
CA ASN J 552 41.50 13.01 9.05
C ASN J 552 42.83 13.71 9.18
N ARG J 553 43.87 13.17 8.55
CA ARG J 553 45.18 13.77 8.73
C ARG J 553 45.24 15.09 7.97
N VAL J 554 44.68 15.13 6.77
CA VAL J 554 44.75 16.39 6.02
C VAL J 554 43.70 17.40 6.50
N TRP J 555 42.51 16.96 6.90
CA TRP J 555 41.50 17.96 7.25
C TRP J 555 41.50 18.34 8.73
N ILE J 556 42.16 17.59 9.60
CA ILE J 556 41.98 17.78 11.03
C ILE J 556 43.31 17.80 11.75
N LEU J 557 44.11 16.74 11.59
CA LEU J 557 45.34 16.63 12.36
C LEU J 557 46.34 17.68 11.94
N ASP J 558 46.50 17.84 10.63
CA ASP J 558 47.49 18.75 10.09
C ASP J 558 46.84 20.01 9.55
N ASN J 559 45.58 20.25 9.87
CA ASN J 559 44.89 21.46 9.45
C ASN J 559 45.24 22.55 10.46
N PRO J 560 45.95 23.57 10.02
CA PRO J 560 46.25 24.70 10.91
C PRO J 560 44.99 25.40 11.40
N PHE J 561 43.93 25.37 10.62
CA PHE J 561 42.72 26.11 10.90
C PHE J 561 41.69 25.28 11.66
N MET J 562 42.12 24.25 12.36
CA MET J 562 41.19 23.33 13.01
C MET J 562 41.79 23.04 14.37
N HIS J 563 41.29 23.72 15.40
CA HIS J 563 41.94 23.63 16.69
C HIS J 563 41.66 22.29 17.37
N SER J 564 40.39 21.87 17.40
CA SER J 564 40.04 20.58 17.98
C SER J 564 40.42 19.43 17.07
N LYS J 565 41.30 18.56 17.54
CA LYS J 565 41.81 17.45 16.74
C LYS J 565 41.08 16.12 16.99
N GLU J 566 39.81 16.15 17.42
CA GLU J 566 39.00 14.94 17.42
C GLU J 566 38.93 14.42 15.99
N LYS J 567 39.07 13.10 15.84
CA LYS J 567 39.07 12.48 14.52
C LYS J 567 37.66 12.06 14.13
N ILE J 568 37.39 12.00 12.83
CA ILE J 568 36.12 11.51 12.32
C ILE J 568 36.19 10.00 12.16
N VAL J 569 35.24 9.28 12.74
CA VAL J 569 35.35 7.83 12.82
C VAL J 569 34.88 7.09 11.56
N GLU J 570 33.85 7.57 10.88
CA GLU J 570 33.44 6.92 9.64
C GLU J 570 33.07 7.95 8.58
N TRP J 571 32.94 7.48 7.34
CA TRP J 571 32.60 8.41 6.27
C TRP J 571 31.25 9.02 6.50
N ARG J 572 30.33 8.28 7.11
CA ARG J 572 28.97 8.78 7.31
C ARG J 572 28.94 10.12 8.02
N ASP J 573 30.01 10.49 8.74
CA ASP J 573 30.10 11.73 9.50
C ASP J 573 30.78 12.85 8.74
N VAL J 574 31.35 12.57 7.58
CA VAL J 574 31.97 13.62 6.77
C VAL J 574 30.87 14.34 5.99
N PRO J 575 30.79 15.66 6.09
CA PRO J 575 29.58 16.37 5.64
C PRO J 575 29.39 16.42 4.14
N TYR J 576 28.30 17.03 3.68
CA TYR J 576 28.00 17.14 2.26
C TYR J 576 27.72 18.60 1.93
N LEU J 577 27.81 18.92 0.64
CA LEU J 577 27.32 20.20 0.19
C LEU J 577 25.81 20.23 0.40
N PRO J 578 25.22 21.40 0.63
CA PRO J 578 23.76 21.47 0.63
C PRO J 578 23.24 21.02 -0.74
N LYS J 579 22.21 20.15 -0.73
CA LYS J 579 21.80 19.49 -1.97
C LYS J 579 21.46 20.48 -3.06
N SER J 580 21.07 21.71 -2.68
CA SER J 580 20.89 22.80 -3.64
C SER J 580 22.20 23.13 -4.36
N HIS J 581 23.28 23.38 -3.60
CA HIS J 581 24.57 23.68 -4.23
C HIS J 581 25.12 22.53 -5.04
N ASP J 582 24.67 21.30 -4.79
CA ASP J 582 25.10 20.19 -5.63
C ASP J 582 24.64 20.44 -7.07
N MET J 583 23.31 20.45 -7.32
CA MET J 583 22.81 20.57 -8.70
C MET J 583 23.26 21.86 -9.40
N LEU J 584 23.39 22.97 -8.66
CA LEU J 584 23.84 24.23 -9.28
C LEU J 584 25.26 24.12 -9.82
N CYS J 585 26.16 23.41 -9.10
CA CYS J 585 27.52 23.15 -9.60
C CYS J 585 27.59 21.90 -10.47
N SER J 586 26.61 21.73 -11.34
CA SER J 586 26.50 20.66 -12.32
C SER J 586 26.18 19.28 -11.74
N SER J 587 25.65 19.17 -10.50
CA SER J 587 25.45 17.81 -10.02
C SER J 587 24.33 17.11 -10.78
N LEU J 588 24.11 15.89 -10.39
CA LEU J 588 23.30 14.93 -11.11
C LEU J 588 22.44 14.18 -10.11
N VAL J 589 22.10 14.87 -9.01
CA VAL J 589 21.25 14.34 -7.96
C VAL J 589 19.87 14.00 -8.52
N GLY J 590 19.10 15.01 -8.93
CA GLY J 590 17.70 14.78 -9.28
C GLY J 590 17.48 13.75 -10.39
N ARG J 591 18.24 13.87 -11.49
CA ARG J 591 18.10 13.04 -12.69
C ARG J 591 17.77 11.59 -12.38
N LYS J 592 16.79 11.05 -13.11
CA LYS J 592 16.47 9.64 -13.00
C LYS J 592 17.60 8.78 -13.53
N GLU J 593 18.36 9.28 -14.51
CA GLU J 593 19.57 8.57 -14.94
C GLU J 593 20.47 8.24 -13.74
N ARG J 594 20.77 9.24 -12.90
CA ARG J 594 21.56 9.05 -11.68
C ARG J 594 20.84 8.25 -10.61
N ALA J 595 19.51 8.21 -10.65
CA ALA J 595 18.78 7.41 -9.68
C ALA J 595 19.25 6.00 -9.89
N GLU J 596 18.95 5.47 -11.08
CA GLU J 596 19.27 4.10 -11.43
C GLU J 596 20.78 3.87 -11.54
N TRP J 597 21.58 4.90 -11.84
CA TRP J 597 23.03 4.71 -11.81
C TRP J 597 23.46 4.28 -10.43
N ALA J 598 23.17 5.12 -9.42
CA ALA J 598 23.62 4.84 -8.07
C ALA J 598 23.09 3.50 -7.59
N LYS J 599 21.89 3.12 -7.99
CA LYS J 599 21.30 1.87 -7.51
C LYS J 599 22.10 0.66 -7.99
N ASN J 600 22.36 0.57 -9.29
CA ASN J 600 23.02 -0.60 -9.85
C ASN J 600 24.51 -0.39 -10.07
N ILE J 601 25.15 0.39 -9.20
CA ILE J 601 26.56 0.57 -9.41
C ILE J 601 27.34 -0.67 -9.00
N TRP J 602 26.83 -1.45 -8.02
CA TRP J 602 27.52 -2.69 -7.65
C TRP J 602 27.73 -3.59 -8.86
N GLY J 603 26.81 -3.59 -9.81
CA GLY J 603 27.03 -4.38 -11.01
C GLY J 603 28.28 -3.94 -11.74
N ALA J 604 28.54 -2.64 -11.80
CA ALA J 604 29.76 -2.16 -12.43
C ALA J 604 30.98 -2.57 -11.62
N VAL J 605 30.91 -2.44 -10.30
CA VAL J 605 32.04 -2.80 -9.45
C VAL J 605 32.41 -4.26 -9.65
N GLU J 606 31.39 -5.12 -9.78
CA GLU J 606 31.64 -6.54 -10.04
C GLU J 606 32.26 -6.74 -11.43
N LYS J 607 31.73 -6.07 -12.45
CA LYS J 607 32.29 -6.22 -13.80
C LYS J 607 33.76 -5.85 -13.83
N VAL J 608 34.16 -4.80 -13.08
CA VAL J 608 35.56 -4.41 -13.08
C VAL J 608 36.41 -5.40 -12.28
N ARG J 609 35.85 -5.96 -11.21
CA ARG J 609 36.59 -6.94 -10.44
C ARG J 609 36.83 -8.20 -11.27
N LYS J 610 35.85 -8.59 -12.08
CA LYS J 610 36.01 -9.77 -12.93
C LYS J 610 37.11 -9.52 -13.97
N MET J 611 37.02 -8.40 -14.68
CA MET J 611 38.10 -7.94 -15.53
C MET J 611 39.42 -8.10 -14.83
N ILE J 612 39.55 -7.50 -13.65
CA ILE J 612 40.86 -7.42 -13.03
C ILE J 612 41.34 -8.79 -12.63
N GLY J 613 40.48 -9.55 -11.94
CA GLY J 613 40.71 -10.95 -11.71
C GLY J 613 40.68 -11.28 -10.23
N GLN J 614 41.58 -12.17 -9.84
CA GLN J 614 41.61 -12.72 -8.48
C GLN J 614 42.58 -11.90 -7.63
N GLU J 615 42.09 -10.84 -7.00
CA GLU J 615 42.94 -10.06 -6.12
C GLU J 615 42.16 -9.74 -4.85
N LYS J 616 42.82 -9.08 -3.90
CA LYS J 616 42.14 -8.73 -2.65
C LYS J 616 41.31 -7.47 -2.88
N PHE J 617 39.99 -7.56 -2.73
CA PHE J 617 39.11 -6.41 -2.84
C PHE J 617 38.40 -6.19 -1.51
N LYS J 618 38.28 -4.93 -1.09
CA LYS J 618 37.49 -4.62 0.08
C LYS J 618 36.27 -3.83 -0.36
N ASP J 619 35.20 -3.87 0.44
CA ASP J 619 33.95 -3.22 0.11
C ASP J 619 33.88 -1.87 0.83
N TYR J 620 34.13 -0.81 0.09
CA TYR J 620 34.09 0.53 0.64
C TYR J 620 32.78 1.23 0.36
N LEU J 621 32.02 0.72 -0.60
CA LEU J 621 30.73 1.32 -0.91
C LEU J 621 29.76 1.14 0.24
N SER J 622 29.85 0.00 0.92
CA SER J 622 28.86 -0.35 1.93
C SER J 622 28.90 0.59 3.12
N CYS J 623 30.07 1.10 3.45
CA CYS J 623 30.29 1.98 4.57
C CYS J 623 29.79 3.40 4.33
N MET J 624 28.88 3.62 3.39
CA MET J 624 28.09 4.84 3.33
C MET J 624 26.60 4.51 3.35
N ASP J 625 26.25 3.54 4.19
CA ASP J 625 24.90 2.96 4.40
C ASP J 625 24.20 2.55 3.09
#